data_8ESZ
#
_entry.id   8ESZ
#
_cell.length_a   1.00
_cell.length_b   1.00
_cell.length_c   1.00
_cell.angle_alpha   90.00
_cell.angle_beta   90.00
_cell.angle_gamma   90.00
#
_symmetry.space_group_name_H-M   'P 1'
#
loop_
_entity.id
_entity.type
_entity.pdbx_description
1 polymer 'NADH dehydrogenase [ubiquinone] 1 alpha subcomplex subunit 12'
2 polymer 'NADH dehydrogenase [ubiquinone] iron-sulfur protein 6, mitochondrial'
3 polymer 'NADH-ubiquinone oxidoreductase 75 kDa subunit, mitochondrial'
4 polymer 'NADH dehydrogenase [ubiquinone] iron-sulfur protein 3, mitochondrial'
5 polymer 'NADH dehydrogenase (Ubiquinone) 24 kDa subunit, isoform A'
6 polymer LD31474p
7 polymer 'NADH dehydrogenase (ubiquinone) 23 kDa subunit'
8 polymer 'NADH-ubiquinone oxidoreductase chain 1'
9 polymer 'NADH-ubiquinone oxidoreductase chain 4'
10 polymer 'NADH-ubiquinone oxidoreductase chain 5'
11 polymer 'NADH dehydrogenase [ubiquinone] 1 alpha subcomplex subunit 8'
12 polymer 'NADH dehydrogenase [ubiquinone] 1 alpha subcomplex subunit 1'
13 polymer 'NADH dehydrogenase [ubiquinone] 1 alpha subcomplex subunit 13'
14 polymer 'NADH dehydrogenase [ubiquinone] iron-sulfur protein 5'
15 polymer 'NADH dehydrogenase [ubiquinone] 1 alpha subcomplex subunit 11'
16 polymer 'NADH dehydrogenase [ubiquinone] 1 beta subcomplex subunit 10'
17 polymer 'NADH dehydrogenase [ubiquinone] 1 beta subcomplex subunit 6'
18 polymer 'NADH dehydrogenase [ubiquinone] 1 beta subcomplex subunit 4'
19 polymer 'NADH dehydrogenase [ubiquinone] 1 beta subcomplex subunit 7'
20 polymer 'NADH dehydrogenase [ubiquinone] 1 beta subcomplex subunit 5, mitochondrial'
21 polymer 'NADH dehydrogenase [ubiquinone] 1 beta subcomplex subunit 9'
22 polymer 'NADH dehydrogenase [ubiquinone] 1 beta subcomplex subunit 11, mitochondrial'
23 polymer 'NADH dehydrogenase [ubiquinone] 1 beta subcomplex subunit 8, mitochondrial'
24 polymer 'NADH dehydrogenase [ubiquinone] 1 beta subcomplex subunit 3'
25 polymer 'Acyl carrier protein, mitochondrial'
26 polymer 'NADH dehydrogenase [ubiquinone] 1 subunit C2'
27 polymer 'NADH dehydrogenase [ubiquinone] 1 beta subcomplex subunit 1'
28 polymer 'NADH dehydrogenase [ubiquinone] iron-sulfur protein 4, mitochondrial'
29 polymer 'NADH dehydrogenase (Ubiquinone) 39 kDa subunit, isoform A'
30 polymer GEO11417p1
31 polymer 'Complex I-49kD'
32 polymer 'NADH dehydrogenase [ubiquinone] flavoprotein 3'
33 polymer 'NADH dehydrogenase [ubiquinone] flavoprotein 1, mitochondrial'
34 polymer 'NADH-ubiquinone oxidoreductase chain 2'
35 polymer 'NADH dehydrogenase [ubiquinone] 1 alpha subcomplex subunit 7'
36 polymer RH45008p
37 polymer 'NADH-ubiquinone oxidoreductase chain 4L'
38 polymer 'NADH-ubiquinone oxidoreductase chain 6'
39 polymer 'NADH-ubiquinone oxidoreductase chain 3'
40 polymer 'NADH dehydrogenase (Ubiquinone) 13 kDa B subunit'
41 polymer 'NADH dehydrogenase [ubiquinone] 1 alpha subcomplex subunit 10, mitochondrial'
42 polymer 'NADH dehydrogenase [ubiquinone] 1 alpha subcomplex subunit 6'
43 non-polymer CARDIOLIPIN
44 non-polymer 1,2-DIACYL-SN-GLYCERO-3-PHOSPHOCHOLINE
45 non-polymer 'ZINC ION'
46 non-polymer 'IRON/SULFUR CLUSTER'
47 non-polymer 'FE2/S2 (INORGANIC) CLUSTER'
48 non-polymer 1,2-Distearoyl-sn-glycerophosphoethanolamine
49 non-polymer UBIQUINONE-10
50 non-polymer TETRADECANE
51 non-polymer 'S-[2-({N-[(2S)-2-hydroxy-3,3-dimethyl-4-(phosphonooxy)butanoyl]-beta-alanyl}amino)ethyl] tetradecanethioate'
52 non-polymer N-OCTANE
53 non-polymer DODECANE
54 non-polymer 'NADPH DIHYDRO-NICOTINAMIDE-ADENINE-DINUCLEOTIDE PHOSPHATE'
55 non-polymer 'FLAVIN MONONUCLEOTIDE'
56 non-polymer '(2R)-3-{[(S)-hydroxy(3-methylbutoxy)phosphoryl]oxy}-2-(octanoyloxy)propyl decanoate'
57 non-polymer "2'-DEOXYGUANOSINE-5'-TRIPHOSPHATE"
#
loop_
_entity_poly.entity_id
_entity_poly.type
_entity_poly.pdbx_seq_one_letter_code
_entity_poly.pdbx_strand_id
1 'polypeptide(L)'
;MAKFLGINRLTKLFQMVREAGGLKQAYLKLYRNDDLKIGTLVGIDKYGNKYFENPYYFYGRNRWIEFAPHVNMDYDGSMI
PAEWYGWMHYKTDLPPIRDGCRPKYKWIADHSENLSGTKEAYYPYSTTPNKVEAWEPKAKKQ
;
AN
2 'polypeptide(L)'
;MASKQLVNNLSKLGLPRQNWMSPLASVRHSSCRGDIEKVTHTGQVFDKEDYRNARFVNAKRYVNENWGIKLIEEVPPKEC
TERVVFCDGGDGPLGHPKVYINLDKPGNHICGYCGLRFVKKDDHHH
;
S6
3 'polypeptide(L)'
;MIRAPLVKALGALGSPTHQMASRAVRTSAMVAQTPAKAPEKIEVFVDDIPVQVVPGTTVLQAAAQIGVEIPRFCYHERLA
VAGNCRMCLVEVEKSPKPVAACAMPVMKGWRIKTNSDLTRKAREGVMEFLLMNHPLDCPICDQGGECDLQDQAMAFGSDR
SRFTDINYTGKRAVEDKDIGPLVKTIMTRCIHCTRCVRFASEIAGVDDLGTTGRGNDMQIGTYVEKLFLTELSGNVIDLC
PVGALTNKPYSFVARPWEIRKVSSIDVLDAVGSNIVVSTRTNEVLRILPRENEDVNEEWLADKSRFACDGLKRQRLVAPM
VRMPNGELQAVEWEGALIAVAKAIKAAGGQIAGISGQLADLEAQVALKDLLNRLGSEVVATEQGFIAGGTDNRANYLLNS
TIAGLEEADAVLLVGTNPRYEAPLVNTRLRKAYVHNELQIASIGPKIDLSYDHENLGADAALVKDVCSGAHAFSKVLEGA
KKPAIIIGADLLERADGAAIHATVAEYCKKLKKPNWNPFNVLQTNAAQVGALDVGYKAGAQTAVKAQPKVLFLLNADAGK
VTREQLPKDCFVVYIGSHGDNGASIADAVLPGAAYTEKQGIYVNTEGRPQQTLPGVSPPGMAREDWKILRALSEVVGKPL
PYDNLDELRNRLEDVAPHLTRLGQLEPAGDAGAAGTISKSIGGGAIDIKLKELRDYFMTDAISRASPTMAKCISAVNKQQ
RENEAKQSVAI
;
S1
4 'polypeptide(L)'
;MAALIRNLGARAAVAALSAKHVVPAAGSTALRMASTTPVEPKKADKPTVRQPDAVARSHLSDFGRYVAECLPKYVQKVQL
TAGDELEVLIAPEGVVPVLQFLKDHHQAQFTNLVDIAGVDVPCRKNRFEVVYNLLSLRYNSRIRVKTYTDELTPLDSACE
VHKAANWYEREIWDMYGVFFANHPDLRRILTDYGFEGHPQRRDFPLSGYVELRYDDEKKRVVCEPLELAQEFRKFDLSAP
WEQFPNFRNANPPAEVVPPQAPAKK
;
S3
5 'polypeptide(L)'
;MLTNCASKTLAAVRANIRAIATSSARASDNLFVHRDTPEDNPNIPFEFTAENKKRVEAILSIYPEGHKRGAMIPLLDLAQ
RQYGWLPISAMHKVAEILQLPNMRVYEVATFYTMFMRKPTGKYHIQVCTTTPCWLRGSDDILETCKKQLGIGVGDTTKDR
KFTISEVECLGACVNAPMVAINDDYYEDLTSKDMQDILNDLKADKISPPGPRNGRFASEPKGEPTSLSEEPKGPGFGLQA
GL
;
V2
6 'polypeptide(L)'
;MLRSAMMSSTLSRALQKATQTPNASISALPALNLALVRQQQTLPVAEVAQNLPKKGYSPFGTKQSSVAEWSLARLDDLLN
WGRKGSIWPLTFGLACCAVEMMHIAAPRYDMDRYGVVFRASPRQADVIIVAGTLTNKMAPALRKVYDQMPEPRWVISMGS
CANGGGYYHYSYSVVRGCDRIIPVDIYVPGCPPTAEALMYGVLQLQKKVKRMKTLQMWYRK
;
S7
7 'polypeptide(L)'
;MSLTMRIFTASRNGQRLFGSHGARLLAAQRAEPKDIVEVPKGYVYVNNKELSMEFADITDRAASTMFFGELLRGFAVTLA
HIFKEPATINYPFEKGPLSPRFRGEHALRRYPSGEERCIACKLCEAICPAQAITIEAEERADGSRRTTRYDIDMTKCIYC
GFCQEACPVDAIVEGPNFEFSTETHEELLYNKEKLLCNGDKWESEIASNLQADHLYR
;
S8
8 'polypeptide(L)'
;MFYMEFILSLIGSLLLIICVLVSVAFLTLLERKVLGYIQIRKGPNKVGLMGIPQPFCDAIKLFTKEQTYPLLSNYLSYYI
SPIFSLFLSLFVWMCMPFFVKLYSFNLGGLFFLCCTSLGVYTVMVAGWSSNSNYALLGGLRAVAQTISYEVSLALILLSF
IFLIGSYNMIYFFFYQVYMWFLIILFPMALVWVSISLAETNRTPFDFAEGESELVSGFNVEYSSGGFALIFMAEYASILF
MSMLFCVIFLGCDVFNLLFYMKLTFISFVFIWVRGTLPRFRYDKLMYLAWKCFLSFSLNYLLFFIGFKILLFSLL
;
1
9 'polypeptide(L)'
;MLKIIFFLLFLIPFCFINNMYWMVQIMMFFISFIFLLMNNFMNYWSEISYFLGCDMLSYGLILLSLWICSLMLLASEMIN
KHNNYKNLFLLNIIILLLLLILTFSSMSLFMFYLFFESSLIPTLFLILGWGYQPERLQAGLYLLFYTLLVSLPMLIGIFY
VMNKIGSMNFYLMNNFMFNYDLLYFCLLCAFLVKMPMFLVHLWLPKAHVEAPVSGSMILAGIMLKLGGYGMLRVISFLQL
MNLKYSFVWISISLVGGVLVSLVCLRQTDLKALIAYSSVAHMGIVLSGLLTMTYWGLCGSYTLMIAHGLCSSGLFCLANV
SYERLGSRSMLINKGLLNFMPSMTLWWFLLSSANMAAPPTLNLLGEISLLNSIVSWSWISMILLSFLSFFSAAYTLYLYS
FSQHGKLFSGVYSFSSGKIREYLLMLLHWLPLNLLILKSESFMLWL
;
4
10 'polypeptide(L)'
;MKYLSICSISFVNLISMSLSCFLLSLYFLLNDMIYFIEWELVSLNSMSIVMTFLFDWMSLLFMSFVLMISSLVIFYSKEY
MMNDNHINRFIMLVLMFVLSMMLLIISPNLISILLGWDGLGLVSYCLVIYFQNIKSYNAGMLTALSNRIGDVALLLSIAW
MLNYGSWNYIFYLEIMQNEFEMLMIGSLVMLAAMTKSAQIPFSSWLPAAMAAPTPVSALVHSSTLVTAGVYLLIRFNIIL
STSWLGQLMLLLSGLTMFMAGLGANFEFDLKKIIALSTLSQLGLMMSILSMGFLKLAMFHLLTHALFKALLFMCAGAIIH
NMNNSQDIRLMGGLSIHMPLTSACFNVSNLALCGMPFLAGFYSKDMILEIVSISNVNMFSFFLYYFSTGLTVSYSFRLVY
YSMTGDLNCGSLNMLNDESWIMLRGMMGLLIMSIIGGSMLNWLIFPFPYMICLPIYMKLLTLFVCIVGGLFGYLISLSNL
FFLNKSLFMYNLSTFLGSMWFMPYISTYGMIFYPLNYGQLVVKSFDQGWSEYFGGQHLYQKLSMYSKTLFLMHNNSLKIY
LLLFVFWILILLILLFL
;
5
11 'polypeptide(L)'
;MVITNNTTLPEESELNVQELNLSSAALRAGAFHLGKQCEQANNEFMLCRQELDDPRACLAEGKAVTSCALDFFRKVKKTC
HEEFTQYATCLDKSSGTMAFSHCRKTQGVFDKCIKDNFDWDRPSYGYFSRAKVIQSAREAPKKEEKVSYPDATPGLPEDY
PKPPAKYGSRFHWLE
;
A8
12 'polypeptide(L)'
;MWFEILPGAVIITTLLSVPIYAMYGLDKLMIGNAFRRNMDERFSRVMYQRDFRLTDNPYKMNGLEQIPDEEVKKEEKDPN
EDSDDPAIVKKREKERKLREKQLKKEEKLREKQLKEEEKQKKN
;
A1
13 'polypeptide(L)'
;MATAVPHCPPKQDLPPPGGYKKIPFARVPPKSYFTGFTTIGTYVVVTAVGLGIYYLTAKKVKRDEIEMRSAQNVIFPILV
AERDREFLRQLRRNRDEEAELMKNVPGWEVGTWYGEPVFKTLPEDTLVTPIFKEFYAHSDWKSYAKRAHLKLWS
;
AO
14 'polypeptide(L)'
;MSLTPFLRLPLTDLTGCLINHQTYDKCGKFEMKMMECFEAYGLERGKRECADLISDFQECVGMQKQLMRFHAMRNERYKQ
WLKGERKGQEFFADPPRVDAY
;
S5
15 'polypeptide(L)'
;MSLLRSKYYDHPDGEDAFGKIVATNKYAVSAGVAWSMFDVLTLSKPQGYLPTLGRFAYNTGPLMGMATAFTLTTLVATNA
RGKDDKINYLIGGFAAGGVFGAWKHNHVAGLCAGLFLGIAGVIKKMSIEQGWEFFPNTPIKQYGGLNIAGNDWTIMADPP
KNWTTEKPKE
;
AM
16 'polypeptide(L)'
;MPEPRSPMASFAESVLNVIDGPITWFRESIVEPNQQKQNWYHQRFRRVPTIDQCYTDDAVCRFEADQQFRRDRMVDNEIV
NILRQRFEDCTLYEAPDHMVKCRPLMDQYEKATENWFIKYGDLGGYANAKTAYMKQKHRLIWERRHGPVGSGMKEEAAH
;
BL
17 'polypeptide(L)'
;MVAGGASETGGVKPMVIAGRMVRERERLIGMSPEERAWRKQWLKDQELHHGPRKVPALELELNNPIKRFYRAPLDKVCNV
LEPVLGFQRAYTVRFWTGKALLALTGIYAGAYYFKYNQNDWTRKGGWRVIHSRKQCVPGDEGYPKVSDRSAPSDYAARGF
NESPLKA
;
B6
18 'polypeptide(L)'
;MVLSNEEQEFIKRKHEATLKLRQEFLKQSSNPYRHATGEGGTVFDAGLARFQAMRVSNYEHFKPTGKSFRTGLFAVVLPI
ALYAWALKAERDGREEKYRTGQVAYKDRQFKFI
;
B4
19 'polypeptide(L)'
;MGNALTHYMKPDVMPGPDVVPTFDPLLGFKSRKERVMIATQEEMESAKLPLEFRDYCAHLAIAYQACRSDTFPFVYKCAH
QKHEYLTCEYEDYVLRMKEFERERRLLERQKRLNKAA
;
B7
20 'polypeptide(L)'
;MVGWSRLLSPAAKFASYRAVLQEPACRNALHQQLRRMGGDHGHHQMIIKPSRFQWDKFKDLLHFYVMLGVIPVTALVLYA
NIFVGPAQLAEIPEGYEPKHWEYEKHPISRFISRYILNSDQQNYEKSLHYLYEENEKAQIRLLEDEVRRKMSERNDYQAY
YYRPSVAKYHRISKEAADELEALRGD
;
B5
21 'polypeptide(L)'
;MAQVPLAIVSHKRQVCSLYKRALRNLESWYDRRNVYRYRAVQLRARFDENRSKDLGEGIRLLACGQRELFETRHFQPRNF
ANSAGGCAFEREVIPPDWVLDYWHPLEKAQYPEYFAKREQRKKEFVTWWEKQYGKPDPKDLGHH
;
B9
22 'polypeptide(L)'
;MSALFRLTNRAVALQRSLVANQAAVVRAINTSPKKDETITAPTSLTTEDFANPSPKNWQSYGFDYKDQVEDRKATKSTFF
VTVTLCLVWGSFYWAYLPDTQFRNWAQREGFLELRRRELAGVDLVSPNYVDPASITLPSDEDLGDTEIII
;
BM
23 'polypeptide(L)'
;MSAFVKTVCLAQKLCAANPVVARQAIRSMAGWNKDYKPGPYPQTEKERLAAAKKYYLLPEEYKPYADDGLGYGDYPKLGY
GLGVEAKDSYYPWDYPEHKRNQHEPISADHDLYSEDRWSQAEPPRYSNAYYFACFLGVMSGCLALYYWLDDKKMYRPVAA
KQYPSPGVKHYTFEK
;
B8
24 'polypeptide(L)'
;MGGHHGEPYTVPHASTYKVESVPQLVEVKEALGRQGLKDPWLRNEVWRYEPKAFGTHRSRLNTFLFRGLGVGFCAFLATV
AVEYALGIGKGQGGHGHGHGHEEHGDKGHH
;
B3
25 'polypeptide(L)'
;MSFTQIARSCSRLAATLAPRRVASGILIQSQASRMMHRIAVPSMTSQLSQECRGRWQTQLVRKYSAKPPLSLKLINERVL
LVLKLYDKIDPSKLNVESHFINDLGLDSLDHVEVIMAMEDEFGFEIPDSDAEKLLKPADIIKYVADKEDVYE
;
AC,AB
26 'polypeptide(L)'
;MSAVNDPLELLTNKGTHEPSFLSPIWNPIACGVAGVGAAIFINWGFRKPVFSGIQKHIAFGAIGVGAGAYFDQKRNEYLA
KRDAVLRHYIELHPDDFPVKERKTYGQVLESWVPVR
;
C2
27 'polypeptide(L)' MVLGLDKRALWGALPLLGFAIGHFLDKKETERMTMFRDKSALYGRPAGSEGKAPSW B1
28 'polypeptide(L)'
;MSALRQVMCRSTASLQLYQANRAAAARWASTATDGGPLDPKTALARPEELEQRNKLSGKITVPTAVNLSPISGVPEEHIR
ERRVRIHIPPKNAMQSGTDNVNTWQIEFDNRERWENPLMGWASSGDPLSNMNVQFGSPEEAITFCERNGWRWYVDGAAKP
KKERVKNYGINFAWNKRTRVSTK
;
S4
29 'polypeptide(L)'
;MAAIVLTRNLQLAKHHGSGVVGVLCLRGYSAAAAPPEDGPRPLKTTNPAAMKRGTGGRSSFNGIVATVFGATGFVGRYVC
NKLGKSGTQMILPYRGDDSDVIRLKVTGDLGQVLFHFYNLEDPASIRDAVKHSNVVINLVGRDFETKNFKFKDVHVNGAE
RIARIAREAGVERLIHLSSLNVEANPKDLYVKGGSEWLKSKYEGELRVRDAFPNATIIRPADIYGSEDRFLRYYAHIWRR
QFRSMPLWHKGEKTVKQPVYVSDVAQAIINAAKDPDSAGRIYQAVGPKRYQLSELVDWFHRLMRKDQKRWGYMRYDMRWD
PTFLLKAKLNSFICPGTPIGGLHPARIEREAVTDKVLTGVPTLEDLGVTLTTMEQQVPWELRPYRAALYYDAELGEFETP
SPPKCIEARDELRLFA
;
A9
30 'polypeptide(L)'
;MSFALRLGSSIGCFHRTILGRDIIQRKSHVVSYRNGPPPHSKATKIGALTVGGAMWWWVIWHLWHEPDHITGEFDYPNSR
KWSNTELGVPKDGF
;
B2
31 'polypeptide(L)'
;MANIMRRTLIPGLSHLRLRPQLVAAGSAALTSQETRRGAAKWYPDPEFMKQFSGPVMYPDEVTSLWTVPPWNSKVTPVEK
SVRNLTLNFGPQHPAAHGVLRLVLELDGETVMRADPHIGLLHRGTEKLIEYKTYTQALPYFDRLDYVSMMCNEQCYSLAV
EKLLNIDVPLRAKYIRTLFAEITRILNHIMAVGTHALDVGALTPFFWLFEEREKMMEFYERVSGARMHAAYIRPGGVSLD
MPLGLMDDIYEFASKFAERLDEVEDVLTTNRIWVQRTEDIGIVTAEEALNYGFSGVMLRGSGIKWDLRKQQPYDAYNLVN
FDVPIGTKGDCYDRYLCRVEEMRQSLRIIDQCLNQMPAGEIKTDDAKVAPPSRSEMKTSMEALIHHFKLFTQGYQVPPGA
TYTAIEAPKGEFGVYLISDGSSRPYRCKIKAPGFAHLAALEKIGKQHMLADVVAIIGTLDVVFGEIDR
;
S2
32 'polypeptide(L)'
;(UNK)(UNK)(UNK)(UNK)(UNK)(UNK)(UNK)(UNK)(UNK)(UNK)(UNK)(UNK)(UNK)(UNK)(UNK)(UNK)
(UNK)(UNK)(UNK)(UNK)(UNK)(UNK)(UNK)(UNK)(UNK)(UNK)(UNK)(UNK)(UNK)(UNK)(UNK)(UNK)
(UNK)(UNK)(UNK)(UNK)(UNK)
;
V3
33 'polypeptide(L)'
;MAAIVRFNLLTKPQIVATLPASLHVQRFQSTQAPPPGTPPPQTKTKFGPLADEDRIFTNLYGRHDWRLKGALKRGDWYKT
KEIVLKGADWIVNEIKTSGLRGRGGAGFPSGMKWSFMNKPGDGRPKYLVVNADEGEPGTCKDREIMRHDPHKLVEGCLIA
GRAMGAQAAYIYIRGEFYNEASNMQLAIAEAYQAGLIGKNACGTGYDFDVFMHRGAGAYICGEETALIESLEGKQGKPRL
KPPFPADVGVFGCPTTVTNVETVAVAPTICRRGGVWFASFGRTRNSGTKLFNISGHVNRPCTVEEEMSIPLKELIERHCG
GVTGGWDNLLGVIPGGSSTPIIPKNVCDDVIMDFDGLIAAQTSLGTAAIIVMDKSTDVIKAIARLISFYKHESCGQCTPC
REGIGWMNKIMTRFVKGDAQPAEIDMLWEISKQIEGHTICALGDGAAWPVQGLIRHFRPEIEKRMQLHAKRVSN
;
V1
34 'polypeptide(L)'
;MFNNSSKILFITIMIIGTLITVTSNSWLGAWMGLEINLLSFIPLLSDNNNLMSTEASLKYFLTQVLASTVLLFSSILLML
KNNMNNEINESFTSMIIMSALLLKSGAAPFHFWFPNMMEGLTWMNALMLMTWQKIAPLMLISYLNIKYLLLISVILSVII
GAIGGLNQTSLRKLMAFSSINHLGWMLSSLMISESIWLIYFFFYSFLSFVLTFMFNIFKLFHLNQLFSWFVNSKILKFTL
FMNFLSLGGLPPFLGFLPKWLVIQQLTLCNQYFMLTLMMMSTLITLFFYLRICYSAFMMNYFENNWIMKMNMNSINYNMY
MIMTFFSIFGLFLISLFYFMF
;
2
35 'polypeptide(L)'
;MSALRRDVSPLIQRIRAFLLGREHNLALRFEDGLADRTQPQPEIPDGPSHLLSANYYCQRDGRREVLPPIDLVEQQKQLA
AEGEAAKAPSSKLPTPGKVYAWD
;
A7
36 'polypeptide(L)' MSASAARGSTSLLKRAWNEIPDIVGGSALALAGIVMATIGVANYYAKDGDNRRYKLGYVVYRHDDPRALKVRNDEDD A3
37 'polypeptide(L)'
;MIMILYWSLPMILFILGLFCFVSNRKHLLSMLLSLEFIVLMLFFMLFIYLNMLNYESYFSMMFLTFSVCEGALGLSILVS
MIRTHGNDYFQSFSIM
;
4L
38 'polypeptide(L)'
;MIQLMLYSLIITTSIIFLNMIHPLALGLTLLIQTIFVCLLTGLMTKSFWYSYILFLIFLGGMLVLFIYVTSLASNEMFNL
SMKLTLFSSLILIFMLILSFIMDKTSSSLFLMNNDMQSIINMNSYFMENSLSLNKLYNFPTNFITILLMNYLLITLIVIV
KITKLFKGPIRMMS
;
6
39 'polypeptide(L)'
;MFSIIFIALLILLITTIVMFLASILSKKALIDREKSSPFECGFDPKSSSRLPFSLRFFLITIIFLIFDVEIALILPMIII
MKYSNIMIWTITSIIFILILLIGLYHEWNQGMLNWSN
;
3
40 'polypeptide(L)'
;MAKIIKASTGLTGLAVSTNPHHTLSALYGKILRAVSKMPQDASYRKYTEQLVKQRADSVAQHKDITALEKAVGCGQVEEL
IVQAENELILARKMLGWKPWEKLVQAAPAKQWDWPPAQIMEPKV
;
A5
41 'polypeptide(L)'
;MTAVFRVGLVRLVSRATQSPNLLQAQTNALPAAFQQRCSISGKTMRGGPRVPKAAPYPYKTKKYSVFNAIFDKTSKRFDE
NSKVICVEGPIAAGKSKFAKELAEELDMEYYPAVDLDLIYINSYGYDMRKLDPQLPPSCRSYDVRNFCLDPSHDLAAQFQ
IRMYMLRYSQYIDALQHVLSTGQGVVLERSPYSDFVFMEAMFRQGYLSRGARSVYNELRQNTIGELLKPHLVIYLDLPVD
AVKKQIKARNVDYEVQSKVFSDAYLSDLEQLYKQQYLKDISTHAELLIYDWTAGGETEVVVEDIERIDFNQFEADIHNKK
MLDWRFPLEAEWCEARIKYCHEKPDLMNYFNVPRFDVPELVRSADDGKVWRDVWFNAPGMKYRPGYNADMGDEGLLTKTK
IGINQGI
;
AL
42 'polypeptide(L)'
;MAGREAVKRAVQQVRPILSVDREEARKRALNLYKAWYRQIPYIVMDYDIPMTVEQCRDKLREEFVKHRNVTDIRVIDMLV
IKGQMELKESVEIWKQKGHIMRYWKESQDPKPTDFLSKFIQGVN
;
A6
#
# COMPACT_ATOMS: atom_id res chain seq x y z
N LYS A 3 -38.61 -66.11 -29.93
CA LYS A 3 -38.78 -65.31 -31.13
C LYS A 3 -37.58 -64.36 -31.24
N PHE A 4 -36.50 -64.71 -30.54
CA PHE A 4 -35.14 -64.14 -30.54
C PHE A 4 -35.09 -62.74 -29.90
N LEU A 5 -36.22 -62.15 -29.49
CA LEU A 5 -36.24 -60.85 -28.87
C LEU A 5 -36.69 -60.90 -27.41
N GLY A 6 -37.09 -62.07 -26.92
CA GLY A 6 -37.51 -62.20 -25.54
C GLY A 6 -38.99 -62.41 -25.32
N ILE A 7 -39.71 -62.96 -26.31
CA ILE A 7 -41.14 -63.26 -26.11
C ILE A 7 -41.29 -64.48 -25.20
N ASN A 8 -40.30 -65.37 -25.21
CA ASN A 8 -40.28 -66.48 -24.26
C ASN A 8 -40.08 -65.99 -22.83
N ARG A 9 -39.42 -64.85 -22.67
CA ARG A 9 -39.33 -64.24 -21.35
C ARG A 9 -40.67 -63.66 -20.90
N LEU A 10 -41.48 -63.19 -21.85
CA LEU A 10 -42.85 -62.79 -21.54
C LEU A 10 -43.71 -64.00 -21.17
N THR A 11 -43.46 -65.14 -21.82
CA THR A 11 -44.12 -66.38 -21.45
C THR A 11 -43.72 -66.83 -20.04
N LYS A 12 -42.43 -66.66 -19.70
CA LYS A 12 -41.96 -66.94 -18.34
C LYS A 12 -42.56 -65.98 -17.32
N LEU A 13 -42.76 -64.71 -17.67
CA LEU A 13 -43.45 -63.75 -16.83
C LEU A 13 -44.91 -64.14 -16.59
N PHE A 14 -45.59 -64.63 -17.63
CA PHE A 14 -46.97 -65.10 -17.46
C PHE A 14 -47.02 -66.37 -16.61
N GLN A 15 -46.01 -67.23 -16.74
CA GLN A 15 -45.90 -68.40 -15.87
C GLN A 15 -45.65 -67.99 -14.42
N MET A 16 -44.86 -66.94 -14.22
CA MET A 16 -44.63 -66.37 -12.89
C MET A 16 -45.91 -65.81 -12.30
N VAL A 17 -46.73 -65.15 -13.13
CA VAL A 17 -48.01 -64.60 -12.69
C VAL A 17 -48.97 -65.72 -12.30
N ARG A 18 -49.05 -66.78 -13.11
CA ARG A 18 -49.95 -67.90 -12.77
C ARG A 18 -49.45 -68.68 -11.56
N GLU A 19 -48.14 -68.79 -11.39
CA GLU A 19 -47.59 -69.47 -10.23
C GLU A 19 -47.72 -68.65 -8.95
N ALA A 20 -47.81 -67.31 -9.07
CA ALA A 20 -47.90 -66.46 -7.89
C ALA A 20 -49.27 -66.56 -7.20
N GLY A 21 -50.30 -67.03 -7.90
CA GLY A 21 -51.62 -67.15 -7.33
C GLY A 21 -52.66 -66.22 -7.90
N GLY A 22 -52.38 -65.56 -9.01
CA GLY A 22 -53.28 -64.60 -9.62
C GLY A 22 -52.62 -63.26 -9.81
N LEU A 23 -53.37 -62.35 -10.44
CA LEU A 23 -52.84 -61.01 -10.69
C LEU A 23 -52.75 -60.22 -9.39
N LYS A 24 -53.75 -60.34 -8.51
CA LYS A 24 -53.72 -59.66 -7.22
C LYS A 24 -52.63 -60.23 -6.32
N GLN A 25 -52.45 -61.56 -6.35
CA GLN A 25 -51.39 -62.17 -5.54
C GLN A 25 -50.00 -61.83 -6.08
N ALA A 26 -49.86 -61.72 -7.40
CA ALA A 26 -48.59 -61.29 -7.98
C ALA A 26 -48.31 -59.83 -7.66
N TYR A 27 -49.36 -58.99 -7.64
CA TYR A 27 -49.21 -57.60 -7.25
C TYR A 27 -48.78 -57.51 -5.78
N LEU A 28 -49.36 -58.33 -4.91
CA LEU A 28 -49.01 -58.34 -3.50
C LEU A 28 -47.59 -58.85 -3.28
N LYS A 29 -47.18 -59.88 -4.03
CA LYS A 29 -45.80 -60.38 -3.94
C LYS A 29 -44.80 -59.37 -4.47
N LEU A 30 -45.13 -58.64 -5.54
CA LEU A 30 -44.26 -57.61 -6.08
C LEU A 30 -44.22 -56.37 -5.19
N TYR A 31 -45.28 -56.12 -4.41
CA TYR A 31 -45.24 -55.03 -3.44
C TYR A 31 -44.41 -55.39 -2.22
N ARG A 32 -44.54 -56.62 -1.72
CA ARG A 32 -43.78 -57.03 -0.55
C ARG A 32 -42.31 -57.27 -0.90
N ASN A 33 -42.04 -58.25 -1.76
CA ASN A 33 -40.70 -58.51 -2.28
C ASN A 33 -40.50 -57.63 -3.50
N ASP A 34 -39.41 -56.87 -3.53
CA ASP A 34 -39.22 -55.86 -4.57
C ASP A 34 -38.89 -56.45 -5.93
N ASP A 35 -38.56 -57.74 -6.00
CA ASP A 35 -38.35 -58.43 -7.26
C ASP A 35 -39.29 -59.63 -7.32
N LEU A 36 -39.83 -59.90 -8.49
CA LEU A 36 -40.71 -61.04 -8.72
C LEU A 36 -39.89 -62.13 -9.39
N LYS A 37 -39.81 -63.30 -8.75
CA LYS A 37 -38.93 -64.36 -9.21
C LYS A 37 -39.60 -65.72 -9.00
N ILE A 38 -39.12 -66.71 -9.74
CA ILE A 38 -39.54 -68.09 -9.59
C ILE A 38 -38.36 -68.93 -9.12
N GLY A 39 -38.67 -70.04 -8.47
CA GLY A 39 -37.64 -70.92 -7.97
C GLY A 39 -38.26 -72.07 -7.21
N THR A 40 -37.47 -73.13 -7.07
CA THR A 40 -37.93 -74.32 -6.37
C THR A 40 -37.95 -74.07 -4.87
N LEU A 41 -39.01 -74.54 -4.21
CA LEU A 41 -39.14 -74.38 -2.77
C LEU A 41 -38.23 -75.39 -2.08
N VAL A 42 -37.24 -74.89 -1.35
CA VAL A 42 -36.32 -75.78 -0.66
C VAL A 42 -36.84 -76.11 0.74
N GLY A 43 -37.20 -75.09 1.52
CA GLY A 43 -37.53 -75.36 2.90
C GLY A 43 -38.58 -74.45 3.50
N ILE A 44 -39.09 -74.84 4.67
CA ILE A 44 -40.03 -73.95 5.41
C ILE A 44 -39.63 -73.99 6.89
N ASP A 45 -39.01 -72.92 7.40
CA ASP A 45 -38.51 -72.89 8.81
C ASP A 45 -39.67 -72.86 9.81
N LYS A 46 -39.46 -73.41 11.01
CA LYS A 46 -40.53 -73.49 12.03
C LYS A 46 -41.34 -72.20 12.09
N TYR A 47 -40.69 -71.04 12.09
CA TYR A 47 -41.40 -69.80 12.28
C TYR A 47 -42.27 -69.41 11.09
N GLY A 48 -42.28 -70.20 10.02
CA GLY A 48 -43.17 -69.99 8.91
C GLY A 48 -42.56 -69.36 7.68
N ASN A 49 -41.28 -69.00 7.71
CA ASN A 49 -40.63 -68.47 6.52
C ASN A 49 -40.37 -69.58 5.50
N LYS A 50 -40.25 -69.19 4.24
CA LYS A 50 -40.01 -70.12 3.15
C LYS A 50 -38.69 -69.78 2.47
N TYR A 51 -37.91 -70.79 2.15
CA TYR A 51 -36.60 -70.63 1.53
C TYR A 51 -36.62 -71.27 0.16
N PHE A 52 -36.36 -70.45 -0.86
CA PHE A 52 -36.30 -70.87 -2.25
C PHE A 52 -34.88 -70.79 -2.76
N GLU A 53 -34.53 -71.69 -3.68
CA GLU A 53 -33.22 -71.67 -4.33
C GLU A 53 -33.40 -71.97 -5.81
N ASN A 54 -32.88 -71.09 -6.66
CA ASN A 54 -32.83 -71.31 -8.10
C ASN A 54 -31.43 -70.94 -8.56
N PRO A 55 -30.67 -71.88 -9.13
CA PRO A 55 -29.31 -71.57 -9.58
C PRO A 55 -29.23 -70.83 -10.91
N TYR A 56 -30.38 -70.49 -11.51
CA TYR A 56 -30.40 -69.75 -12.77
C TYR A 56 -29.97 -68.30 -12.60
N TYR A 57 -30.05 -67.75 -11.40
CA TYR A 57 -29.83 -66.33 -11.18
C TYR A 57 -28.35 -66.05 -10.87
N PHE A 58 -28.06 -64.76 -10.70
CA PHE A 58 -26.72 -64.30 -10.31
C PHE A 58 -26.39 -64.75 -8.90
N TYR A 59 -25.11 -65.05 -8.67
CA TYR A 59 -24.66 -65.56 -7.38
C TYR A 59 -24.80 -64.50 -6.29
N GLY A 60 -25.61 -64.80 -5.28
CA GLY A 60 -26.12 -63.82 -4.35
C GLY A 60 -27.62 -63.67 -4.42
N ARG A 61 -28.22 -63.97 -5.57
CA ARG A 61 -29.67 -64.03 -5.71
C ARG A 61 -30.16 -65.45 -5.95
N ASN A 62 -29.29 -66.45 -5.77
CA ASN A 62 -29.68 -67.84 -6.01
C ASN A 62 -30.67 -68.31 -4.94
N ARG A 63 -30.36 -68.08 -3.67
CA ARG A 63 -31.19 -68.50 -2.56
C ARG A 63 -31.78 -67.28 -1.87
N TRP A 64 -33.10 -67.27 -1.69
CA TRP A 64 -33.76 -66.15 -1.05
C TRP A 64 -34.83 -66.65 -0.10
N ILE A 65 -35.28 -65.74 0.76
CA ILE A 65 -36.30 -66.01 1.77
C ILE A 65 -37.54 -65.19 1.45
N GLU A 66 -38.69 -65.85 1.48
CA GLU A 66 -39.98 -65.17 1.58
C GLU A 66 -40.42 -65.26 3.04
N PHE A 67 -40.70 -64.12 3.64
CA PHE A 67 -40.93 -64.06 5.07
C PHE A 67 -42.32 -64.59 5.42
N ALA A 68 -42.64 -64.57 6.71
CA ALA A 68 -43.91 -65.08 7.18
C ALA A 68 -45.03 -64.13 6.77
N PRO A 69 -46.20 -64.65 6.36
CA PRO A 69 -47.28 -63.78 5.90
C PRO A 69 -47.95 -62.97 7.02
N HIS A 70 -47.75 -63.34 8.28
CA HIS A 70 -48.38 -62.60 9.36
C HIS A 70 -47.68 -61.29 9.68
N VAL A 71 -46.50 -61.05 9.13
CA VAL A 71 -45.82 -59.76 9.25
C VAL A 71 -45.78 -59.09 7.88
N ASN A 72 -45.86 -57.77 7.89
CA ASN A 72 -45.67 -56.97 6.69
C ASN A 72 -45.07 -55.64 7.09
N MET A 73 -44.11 -55.17 6.30
CA MET A 73 -43.32 -53.95 6.49
C MET A 73 -42.58 -53.94 7.84
N ASP A 74 -42.27 -55.12 8.36
CA ASP A 74 -41.50 -55.29 9.58
C ASP A 74 -40.42 -56.35 9.40
N TYR A 75 -40.20 -56.80 8.16
CA TYR A 75 -39.15 -57.76 7.87
C TYR A 75 -37.78 -57.13 8.04
N ASP A 76 -36.84 -57.93 8.54
CA ASP A 76 -35.45 -57.52 8.69
C ASP A 76 -34.58 -58.76 8.63
N GLY A 77 -33.27 -58.55 8.73
CA GLY A 77 -32.33 -59.65 8.60
C GLY A 77 -32.17 -60.51 9.83
N SER A 78 -32.84 -60.19 10.93
CA SER A 78 -32.72 -60.95 12.16
C SER A 78 -33.82 -62.00 12.32
N MET A 79 -34.71 -62.15 11.35
CA MET A 79 -35.76 -63.15 11.44
C MET A 79 -35.29 -64.54 11.01
N ILE A 80 -34.12 -64.64 10.39
CA ILE A 80 -33.62 -65.93 9.93
C ILE A 80 -33.05 -66.70 11.11
N PRO A 81 -33.50 -67.94 11.36
CA PRO A 81 -32.96 -68.72 12.48
C PRO A 81 -31.53 -69.20 12.26
N ALA A 82 -30.98 -69.89 13.27
CA ALA A 82 -29.57 -70.25 13.26
C ALA A 82 -29.26 -71.38 12.28
N GLU A 83 -30.21 -72.26 12.03
CA GLU A 83 -29.95 -73.40 11.15
C GLU A 83 -29.93 -72.98 9.68
N TRP A 84 -30.79 -72.04 9.29
CA TRP A 84 -30.86 -71.57 7.91
C TRP A 84 -29.93 -70.39 7.64
N TYR A 85 -29.20 -69.92 8.66
CA TYR A 85 -28.37 -68.74 8.50
C TYR A 85 -27.15 -69.01 7.62
N GLY A 86 -26.52 -70.19 7.77
CA GLY A 86 -25.41 -70.52 6.91
C GLY A 86 -25.83 -70.91 5.51
N TRP A 87 -27.05 -71.43 5.36
CA TRP A 87 -27.56 -71.74 4.03
C TRP A 87 -27.93 -70.47 3.27
N MET A 88 -28.48 -69.48 3.96
CA MET A 88 -28.81 -68.21 3.30
C MET A 88 -27.58 -67.36 3.01
N HIS A 89 -26.53 -67.50 3.81
CA HIS A 89 -25.32 -66.70 3.65
C HIS A 89 -24.23 -67.44 2.89
N TYR A 90 -24.60 -68.56 2.23
CA TYR A 90 -23.74 -69.36 1.34
C TYR A 90 -22.54 -69.97 2.07
N LYS A 91 -22.68 -70.18 3.38
CA LYS A 91 -21.62 -70.83 4.15
C LYS A 91 -21.57 -72.32 3.85
N THR A 92 -22.74 -72.96 3.81
CA THR A 92 -22.87 -74.36 3.43
C THR A 92 -23.87 -74.50 2.29
N ASP A 93 -23.62 -75.48 1.42
CA ASP A 93 -24.54 -75.83 0.36
C ASP A 93 -25.59 -76.84 0.81
N LEU A 94 -25.56 -77.27 2.08
CA LEU A 94 -26.46 -78.27 2.58
C LEU A 94 -27.61 -77.61 3.33
N PRO A 95 -28.86 -77.79 2.90
CA PRO A 95 -29.99 -77.29 3.69
C PRO A 95 -30.15 -78.09 4.98
N PRO A 96 -30.80 -77.52 6.01
CA PRO A 96 -30.96 -78.25 7.27
C PRO A 96 -31.94 -79.42 7.20
N ILE A 97 -32.63 -79.62 6.08
CA ILE A 97 -33.46 -80.83 5.90
C ILE A 97 -32.57 -82.06 5.85
N ARG A 98 -31.46 -81.99 5.11
CA ARG A 98 -30.55 -83.12 4.97
C ARG A 98 -29.20 -82.88 5.65
N ASP A 99 -29.11 -81.86 6.50
CA ASP A 99 -27.89 -81.62 7.28
C ASP A 99 -28.02 -82.36 8.60
N GLY A 100 -27.51 -83.59 8.65
CA GLY A 100 -27.57 -84.40 9.84
C GLY A 100 -26.49 -84.13 10.87
N CYS A 101 -25.57 -83.21 10.58
CA CYS A 101 -24.49 -82.88 11.48
C CYS A 101 -24.86 -81.77 12.46
N ARG A 102 -25.91 -81.00 12.17
CA ARG A 102 -26.31 -79.91 13.04
C ARG A 102 -26.95 -80.45 14.32
N PRO A 103 -26.48 -80.06 15.49
CA PRO A 103 -27.00 -80.64 16.73
C PRO A 103 -28.34 -80.05 17.13
N LYS A 104 -29.02 -80.77 18.03
CA LYS A 104 -30.29 -80.33 18.60
C LYS A 104 -30.29 -80.76 20.07
N TYR A 105 -30.01 -79.81 20.96
CA TYR A 105 -29.93 -80.07 22.39
C TYR A 105 -31.17 -79.52 23.10
N LYS A 106 -31.30 -79.88 24.38
CA LYS A 106 -32.45 -79.45 25.16
C LYS A 106 -32.38 -77.98 25.56
N TRP A 107 -31.18 -77.40 25.60
CA TRP A 107 -30.99 -76.04 26.09
C TRP A 107 -30.89 -75.01 24.97
N ILE A 108 -31.01 -75.42 23.71
CA ILE A 108 -30.92 -74.49 22.60
C ILE A 108 -32.22 -73.72 22.50
N ALA A 109 -32.15 -72.41 22.69
CA ALA A 109 -33.35 -71.57 22.66
C ALA A 109 -33.76 -71.31 21.21
N ASP A 110 -35.02 -70.90 21.06
CA ASP A 110 -35.52 -70.51 19.75
C ASP A 110 -34.94 -69.16 19.33
N HIS A 111 -35.00 -68.89 18.03
CA HIS A 111 -34.40 -67.68 17.49
C HIS A 111 -35.21 -66.44 17.86
N SER A 112 -34.51 -65.34 18.07
CA SER A 112 -35.12 -64.05 18.38
C SER A 112 -34.54 -62.98 17.47
N GLU A 113 -35.36 -62.00 17.14
CA GLU A 113 -34.92 -60.90 16.31
C GLU A 113 -34.22 -59.84 17.15
N ASN A 114 -33.82 -58.75 16.50
CA ASN A 114 -33.22 -57.63 17.23
C ASN A 114 -34.33 -56.82 17.91
N LEU A 115 -34.25 -56.71 19.23
CA LEU A 115 -35.28 -56.06 20.03
C LEU A 115 -34.88 -54.67 20.50
N SER A 116 -33.98 -54.01 19.78
CA SER A 116 -33.62 -52.64 20.10
C SER A 116 -34.73 -51.68 19.69
N GLY A 117 -34.87 -50.59 20.44
CA GLY A 117 -35.96 -49.67 20.22
C GLY A 117 -37.30 -50.19 20.66
N THR A 118 -37.30 -51.15 21.58
CA THR A 118 -38.50 -51.84 22.02
C THR A 118 -38.42 -51.90 23.55
N LYS A 119 -39.59 -52.01 24.21
CA LYS A 119 -39.66 -52.13 25.66
C LYS A 119 -39.04 -53.42 26.20
N GLU A 120 -38.76 -54.41 25.35
CA GLU A 120 -38.20 -55.69 25.77
C GLU A 120 -36.74 -55.80 25.30
N ALA A 121 -36.00 -54.70 25.37
CA ALA A 121 -34.63 -54.67 24.93
C ALA A 121 -33.69 -55.24 26.00
N TYR A 122 -32.39 -55.21 25.71
CA TYR A 122 -31.36 -55.66 26.63
C TYR A 122 -30.75 -54.44 27.31
N TYR A 123 -30.42 -54.56 28.60
CA TYR A 123 -29.76 -53.45 29.25
C TYR A 123 -28.78 -54.12 30.21
N PRO A 124 -27.51 -53.69 30.25
CA PRO A 124 -26.52 -54.44 31.02
C PRO A 124 -26.55 -54.14 32.51
N TYR A 125 -25.89 -55.01 33.26
CA TYR A 125 -25.78 -54.87 34.70
C TYR A 125 -24.55 -55.62 35.18
N SER A 126 -24.18 -55.38 36.43
CA SER A 126 -23.05 -56.08 37.06
C SER A 126 -23.49 -57.49 37.44
N THR A 127 -22.71 -58.49 37.02
CA THR A 127 -23.08 -59.87 37.30
C THR A 127 -22.53 -60.34 38.64
N THR A 128 -21.40 -59.79 39.08
CA THR A 128 -20.87 -60.12 40.39
C THR A 128 -21.71 -59.46 41.48
N PRO A 129 -21.92 -60.12 42.62
CA PRO A 129 -22.59 -59.49 43.75
C PRO A 129 -21.63 -58.59 44.52
N ASN A 130 -22.12 -58.05 45.63
CA ASN A 130 -21.30 -57.16 46.45
C ASN A 130 -20.24 -57.96 47.20
N LYS A 131 -19.00 -57.49 47.10
CA LYS A 131 -17.86 -58.20 47.68
C LYS A 131 -17.42 -57.65 49.02
N VAL A 132 -17.82 -56.43 49.38
CA VAL A 132 -17.54 -55.85 50.69
C VAL A 132 -18.83 -55.80 51.48
N GLU A 133 -18.87 -56.55 52.58
CA GLU A 133 -20.04 -56.60 53.44
C GLU A 133 -19.91 -55.57 54.57
N ALA A 134 -21.01 -54.90 54.88
CA ALA A 134 -21.02 -53.94 55.97
C ALA A 134 -21.14 -54.65 57.32
N TRP A 135 -21.30 -53.86 58.38
CA TRP A 135 -21.31 -54.41 59.74
C TRP A 135 -22.62 -55.14 60.02
N GLU A 136 -23.70 -54.37 60.11
CA GLU A 136 -25.03 -54.90 60.51
C GLU A 136 -25.03 -54.89 62.05
N PRO A 137 -25.21 -53.72 62.69
CA PRO A 137 -24.93 -53.55 64.11
C PRO A 137 -25.85 -54.47 64.91
N LYS A 138 -27.11 -54.57 64.51
CA LYS A 138 -28.09 -55.43 65.22
C LYS A 138 -27.74 -56.90 64.94
N ARG B 33 -43.62 -57.65 36.84
CA ARG B 33 -42.55 -58.35 36.13
C ARG B 33 -41.63 -59.07 37.10
N GLY B 34 -41.37 -60.34 36.82
CA GLY B 34 -40.58 -61.16 37.73
C GLY B 34 -39.12 -61.27 37.35
N ASP B 35 -38.74 -60.74 36.18
CA ASP B 35 -37.35 -60.79 35.75
C ASP B 35 -36.48 -59.77 36.47
N ILE B 36 -37.08 -58.74 37.07
CA ILE B 36 -36.32 -57.79 37.86
C ILE B 36 -35.83 -58.42 39.15
N GLU B 37 -36.71 -59.19 39.82
CA GLU B 37 -36.38 -59.83 41.08
C GLU B 37 -35.79 -61.22 40.90
N LYS B 38 -35.57 -61.66 39.66
CA LYS B 38 -35.00 -62.97 39.41
C LYS B 38 -33.50 -62.99 39.71
N VAL B 39 -33.03 -64.13 40.21
CA VAL B 39 -31.64 -64.30 40.62
C VAL B 39 -30.91 -65.07 39.52
N THR B 40 -29.75 -64.56 39.12
CA THR B 40 -28.91 -65.23 38.13
C THR B 40 -28.14 -66.38 38.79
N HIS B 41 -27.37 -67.11 37.98
CA HIS B 41 -26.63 -68.26 38.48
C HIS B 41 -25.38 -67.87 39.27
N THR B 42 -25.00 -66.59 39.26
CA THR B 42 -23.91 -66.10 40.09
C THR B 42 -24.41 -65.54 41.43
N GLY B 43 -25.68 -65.74 41.75
CA GLY B 43 -26.25 -65.24 42.99
C GLY B 43 -26.37 -63.74 43.09
N GLN B 44 -26.79 -63.08 42.01
CA GLN B 44 -26.91 -61.64 41.97
C GLN B 44 -28.36 -61.24 41.72
N VAL B 45 -28.86 -60.32 42.54
CA VAL B 45 -30.16 -59.70 42.33
C VAL B 45 -30.09 -58.29 42.92
N PHE B 46 -30.80 -57.36 42.30
CA PHE B 46 -30.86 -56.00 42.82
C PHE B 46 -31.92 -55.92 43.92
N ASP B 47 -31.63 -55.10 44.93
CA ASP B 47 -32.55 -54.95 46.05
C ASP B 47 -33.75 -54.09 45.65
N LYS B 48 -34.79 -54.16 46.48
CA LYS B 48 -36.00 -53.37 46.21
C LYS B 48 -35.77 -51.89 46.47
N GLU B 49 -34.86 -51.56 47.38
CA GLU B 49 -34.55 -50.17 47.69
C GLU B 49 -33.44 -49.60 46.82
N ASP B 50 -32.85 -50.41 45.94
CA ASP B 50 -31.75 -49.96 45.10
C ASP B 50 -32.25 -49.06 43.97
N TYR B 51 -31.43 -48.07 43.61
CA TYR B 51 -31.78 -47.19 42.51
C TYR B 51 -31.52 -47.82 41.15
N ARG B 52 -30.78 -48.93 41.11
CA ARG B 52 -30.38 -49.55 39.87
C ARG B 52 -31.46 -50.44 39.27
N ASN B 53 -32.61 -50.55 39.92
CA ASN B 53 -33.77 -51.17 39.31
C ASN B 53 -34.59 -50.18 38.49
N ALA B 54 -34.19 -48.90 38.46
CA ALA B 54 -34.83 -47.91 37.61
C ALA B 54 -34.35 -47.99 36.17
N ARG B 55 -33.31 -48.78 35.89
CA ARG B 55 -32.88 -49.01 34.53
C ARG B 55 -33.71 -50.07 33.82
N PHE B 56 -34.58 -50.78 34.54
CA PHE B 56 -35.35 -51.88 34.00
C PHE B 56 -36.82 -51.54 33.82
N VAL B 57 -37.17 -50.25 33.87
CA VAL B 57 -38.55 -49.86 33.58
C VAL B 57 -38.83 -49.78 32.10
N ASN B 58 -37.78 -49.74 31.26
CA ASN B 58 -37.93 -49.65 29.82
C ASN B 58 -37.22 -50.76 29.05
N ALA B 59 -36.37 -51.55 29.70
CA ALA B 59 -35.69 -52.67 29.06
C ALA B 59 -35.63 -53.82 30.04
N LYS B 60 -36.04 -55.01 29.61
CA LYS B 60 -36.19 -56.12 30.52
C LYS B 60 -34.84 -56.74 30.89
N ARG B 61 -34.79 -57.32 32.09
CA ARG B 61 -33.57 -57.93 32.60
C ARG B 61 -33.35 -59.28 31.95
N TYR B 62 -32.10 -59.55 31.55
CA TYR B 62 -31.73 -60.81 30.92
C TYR B 62 -31.12 -61.76 31.95
N VAL B 63 -31.88 -62.80 32.29
CA VAL B 63 -31.43 -63.86 33.17
C VAL B 63 -31.47 -65.17 32.38
N ASN B 64 -30.34 -65.86 32.34
CA ASN B 64 -30.26 -67.11 31.58
C ASN B 64 -31.00 -68.22 32.32
N GLU B 65 -31.95 -68.84 31.63
CA GLU B 65 -32.78 -69.89 32.25
C GLU B 65 -32.03 -71.20 32.40
N ASN B 66 -30.98 -71.42 31.60
CA ASN B 66 -30.21 -72.66 31.64
C ASN B 66 -29.01 -72.46 32.56
N TRP B 67 -29.18 -72.79 33.83
CA TRP B 67 -28.07 -72.77 34.77
C TRP B 67 -27.18 -73.97 34.52
N GLY B 68 -25.85 -73.75 34.54
CA GLY B 68 -24.93 -74.83 34.25
C GLY B 68 -24.85 -75.88 35.34
N ILE B 69 -25.15 -75.49 36.58
CA ILE B 69 -25.05 -76.40 37.72
C ILE B 69 -26.09 -77.50 37.63
N LYS B 70 -27.34 -77.13 37.33
CA LYS B 70 -28.41 -78.12 37.22
C LYS B 70 -28.20 -79.05 36.03
N LEU B 71 -27.76 -78.53 34.89
CA LEU B 71 -27.52 -79.37 33.74
C LEU B 71 -26.22 -80.16 33.83
N ILE B 72 -25.34 -79.88 34.81
CA ILE B 72 -24.18 -80.75 34.99
C ILE B 72 -24.41 -81.78 36.10
N GLU B 73 -25.32 -81.52 37.06
CA GLU B 73 -25.73 -82.60 37.95
C GLU B 73 -26.88 -83.45 37.41
N GLU B 74 -27.50 -83.06 36.30
CA GLU B 74 -28.44 -83.97 35.66
C GLU B 74 -27.76 -85.11 34.92
N VAL B 75 -26.50 -84.91 34.51
CA VAL B 75 -25.77 -85.97 33.81
C VAL B 75 -25.31 -87.01 34.83
N PRO B 76 -25.63 -88.29 34.62
CA PRO B 76 -25.23 -89.31 35.59
C PRO B 76 -23.74 -89.57 35.53
N PRO B 77 -23.12 -90.01 36.63
CA PRO B 77 -21.70 -90.37 36.59
C PRO B 77 -21.45 -91.62 35.77
N LYS B 78 -20.24 -91.70 35.23
CA LYS B 78 -19.83 -92.80 34.37
C LYS B 78 -19.03 -93.81 35.18
N GLU B 79 -19.46 -95.06 35.16
CA GLU B 79 -18.78 -96.13 35.87
C GLU B 79 -17.64 -96.68 35.00
N CYS B 80 -16.44 -96.74 35.57
CA CYS B 80 -15.26 -97.17 34.85
C CYS B 80 -14.55 -98.27 35.62
N THR B 81 -13.74 -99.04 34.89
CA THR B 81 -13.00 -100.18 35.42
C THR B 81 -11.53 -99.86 35.65
N GLU B 82 -10.91 -99.10 34.75
CA GLU B 82 -9.49 -98.79 34.81
C GLU B 82 -9.18 -97.85 35.98
N ARG B 83 -7.92 -97.88 36.41
CA ARG B 83 -7.48 -97.05 37.53
C ARG B 83 -7.44 -95.58 37.15
N VAL B 84 -6.98 -95.27 35.94
CA VAL B 84 -7.01 -93.91 35.42
C VAL B 84 -7.87 -93.89 34.17
N VAL B 85 -8.55 -92.76 33.96
CA VAL B 85 -9.38 -92.55 32.78
C VAL B 85 -8.99 -91.24 32.14
N PHE B 86 -9.36 -91.07 30.87
CA PHE B 86 -9.04 -89.87 30.13
C PHE B 86 -10.32 -89.17 29.71
N CYS B 87 -10.28 -87.84 29.75
CA CYS B 87 -11.39 -87.00 29.31
C CYS B 87 -10.88 -86.02 28.27
N ASP B 88 -11.69 -85.82 27.23
CA ASP B 88 -11.35 -84.87 26.17
C ASP B 88 -12.55 -84.04 25.74
N GLY B 89 -13.62 -84.01 26.53
CA GLY B 89 -14.80 -83.23 26.22
C GLY B 89 -15.86 -83.97 25.43
N GLY B 90 -15.58 -85.18 24.95
CA GLY B 90 -16.54 -85.93 24.18
C GLY B 90 -16.63 -85.55 22.72
N ASP B 91 -15.77 -84.66 22.24
CA ASP B 91 -15.79 -84.23 20.85
C ASP B 91 -14.49 -84.46 20.12
N GLY B 92 -13.40 -84.78 20.82
CA GLY B 92 -12.11 -84.94 20.20
C GLY B 92 -11.31 -83.65 20.21
N PRO B 93 -11.02 -83.11 19.02
CA PRO B 93 -10.32 -81.82 18.95
C PRO B 93 -11.19 -80.64 19.32
N LEU B 94 -12.52 -80.79 19.36
CA LEU B 94 -13.43 -79.71 19.66
C LEU B 94 -13.80 -79.63 21.14
N GLY B 95 -13.32 -80.55 21.95
CA GLY B 95 -13.54 -80.53 23.38
C GLY B 95 -12.45 -79.78 24.12
N HIS B 96 -12.26 -80.14 25.37
CA HIS B 96 -11.19 -79.58 26.18
C HIS B 96 -9.90 -80.38 25.95
N PRO B 97 -8.75 -79.86 26.39
CA PRO B 97 -7.53 -80.67 26.41
C PRO B 97 -7.68 -81.95 27.23
N LYS B 98 -7.05 -83.02 26.74
CA LYS B 98 -7.23 -84.35 27.32
C LYS B 98 -6.50 -84.45 28.66
N VAL B 99 -7.23 -84.79 29.71
CA VAL B 99 -6.64 -84.93 31.04
C VAL B 99 -6.97 -86.30 31.60
N TYR B 100 -6.13 -86.76 32.52
CA TYR B 100 -6.23 -88.08 33.10
C TYR B 100 -6.63 -87.95 34.57
N ILE B 101 -7.67 -88.69 34.96
CA ILE B 101 -8.24 -88.65 36.29
C ILE B 101 -7.99 -90.00 36.95
N ASN B 102 -7.50 -89.97 38.19
CA ASN B 102 -7.28 -91.18 38.97
C ASN B 102 -8.56 -91.58 39.70
N LEU B 103 -8.82 -92.89 39.74
CA LEU B 103 -10.06 -93.40 40.31
C LEU B 103 -9.83 -94.36 41.48
N ASP B 104 -8.62 -94.42 42.04
CA ASP B 104 -8.39 -95.30 43.18
C ASP B 104 -9.04 -94.77 44.46
N LYS B 105 -9.16 -93.46 44.60
CA LYS B 105 -9.87 -92.89 45.74
C LYS B 105 -11.37 -93.11 45.56
N PRO B 106 -12.07 -93.64 46.57
CA PRO B 106 -13.52 -93.85 46.43
C PRO B 106 -14.29 -92.55 46.41
N GLY B 107 -15.38 -92.56 45.66
CA GLY B 107 -16.23 -91.39 45.47
C GLY B 107 -16.35 -91.03 44.01
N ASN B 108 -16.91 -89.85 43.76
CA ASN B 108 -17.10 -89.32 42.42
C ASN B 108 -15.98 -88.32 42.12
N HIS B 109 -15.27 -88.55 41.03
CA HIS B 109 -14.18 -87.68 40.61
C HIS B 109 -14.66 -86.78 39.48
N ILE B 110 -14.52 -85.48 39.66
CA ILE B 110 -15.06 -84.49 38.75
C ILE B 110 -13.94 -83.98 37.85
N CYS B 111 -14.16 -84.04 36.54
CA CYS B 111 -13.25 -83.41 35.59
C CYS B 111 -13.32 -81.89 35.76
N GLY B 112 -12.15 -81.26 35.87
CA GLY B 112 -12.10 -79.83 36.16
C GLY B 112 -12.45 -78.95 34.99
N TYR B 113 -12.51 -79.50 33.78
CA TYR B 113 -12.83 -78.74 32.57
C TYR B 113 -14.33 -78.76 32.27
N CYS B 114 -14.89 -79.97 32.09
CA CYS B 114 -16.26 -80.12 31.60
C CYS B 114 -17.25 -80.47 32.69
N GLY B 115 -16.79 -80.93 33.86
CA GLY B 115 -17.68 -81.27 34.94
C GLY B 115 -18.26 -82.66 34.90
N LEU B 116 -17.81 -83.51 33.99
CA LEU B 116 -18.27 -84.89 33.96
C LEU B 116 -17.71 -85.66 35.15
N ARG B 117 -18.52 -86.53 35.72
CA ARG B 117 -18.18 -87.27 36.93
C ARG B 117 -17.89 -88.72 36.58
N PHE B 118 -16.76 -89.23 37.09
CA PHE B 118 -16.36 -90.62 36.89
C PHE B 118 -16.35 -91.32 38.24
N VAL B 119 -16.56 -92.64 38.20
CA VAL B 119 -16.58 -93.44 39.43
C VAL B 119 -16.08 -94.84 39.09
N LYS B 120 -15.37 -95.44 40.04
CA LYS B 120 -14.90 -96.81 39.92
C LYS B 120 -15.48 -97.63 41.07
N LYS B 121 -16.09 -98.76 40.73
CA LYS B 121 -16.72 -99.62 41.74
C LYS B 121 -15.68 -100.44 42.48
N PRO C 39 38.98 -67.56 53.81
CA PRO C 39 40.40 -67.68 53.42
C PRO C 39 40.66 -67.13 52.03
N GLU C 40 41.42 -67.87 51.23
CA GLU C 40 41.78 -67.42 49.89
C GLU C 40 40.60 -67.61 48.93
N LYS C 41 40.70 -66.96 47.77
CA LYS C 41 39.71 -67.05 46.72
C LYS C 41 40.30 -67.79 45.53
N ILE C 42 39.60 -68.80 45.05
CA ILE C 42 40.04 -69.58 43.90
C ILE C 42 39.40 -69.01 42.64
N GLU C 43 40.11 -69.14 41.52
CA GLU C 43 39.66 -68.59 40.24
C GLU C 43 38.93 -69.67 39.45
N VAL C 44 37.69 -69.36 39.05
CA VAL C 44 36.93 -70.23 38.16
C VAL C 44 36.46 -69.42 36.97
N PHE C 45 36.50 -70.04 35.78
CA PHE C 45 36.16 -69.36 34.54
C PHE C 45 34.74 -69.78 34.15
N VAL C 46 33.76 -69.00 34.61
CA VAL C 46 32.36 -69.28 34.33
C VAL C 46 31.97 -68.50 33.08
N ASP C 47 31.51 -69.24 32.05
CA ASP C 47 31.13 -68.72 30.73
C ASP C 47 32.28 -67.94 30.09
N ASP C 48 33.50 -68.48 30.24
CA ASP C 48 34.77 -67.86 29.84
C ASP C 48 34.95 -66.47 30.47
N ILE C 49 34.54 -66.34 31.73
CA ILE C 49 34.72 -65.11 32.50
C ILE C 49 35.39 -65.50 33.80
N PRO C 50 36.58 -64.98 34.12
CA PRO C 50 37.23 -65.34 35.38
C PRO C 50 36.57 -64.65 36.57
N VAL C 51 36.41 -65.40 37.65
CA VAL C 51 35.82 -64.85 38.87
C VAL C 51 36.47 -65.54 40.06
N GLN C 52 36.69 -64.76 41.12
CA GLN C 52 37.29 -65.25 42.36
C GLN C 52 36.17 -65.60 43.33
N VAL C 53 36.14 -66.85 43.77
CA VAL C 53 35.08 -67.35 44.65
C VAL C 53 35.68 -67.98 45.89
N VAL C 54 34.88 -68.04 46.93
CA VAL C 54 35.19 -68.85 48.13
C VAL C 54 35.18 -70.32 47.73
N PRO C 55 36.12 -71.14 48.20
CA PRO C 55 36.13 -72.57 47.82
C PRO C 55 34.93 -73.39 48.28
N GLY C 56 34.18 -72.92 49.27
CA GLY C 56 32.97 -73.62 49.67
C GLY C 56 31.78 -73.41 48.75
N THR C 57 31.84 -72.43 47.86
CA THR C 57 30.72 -72.14 46.97
C THR C 57 30.61 -73.18 45.87
N THR C 58 29.39 -73.36 45.36
CA THR C 58 29.12 -74.31 44.29
C THR C 58 29.22 -73.62 42.93
N VAL C 59 28.79 -74.33 41.89
CA VAL C 59 28.78 -73.78 40.54
C VAL C 59 27.70 -72.71 40.40
N LEU C 60 26.53 -72.95 40.99
CA LEU C 60 25.39 -72.05 40.82
C LEU C 60 25.61 -70.73 41.58
N GLN C 61 26.32 -70.77 42.70
CA GLN C 61 26.61 -69.53 43.43
C GLN C 61 27.61 -68.66 42.68
N ALA C 62 28.60 -69.27 42.03
CA ALA C 62 29.52 -68.51 41.18
C ALA C 62 28.81 -67.99 39.93
N ALA C 63 27.87 -68.76 39.40
CA ALA C 63 27.08 -68.33 38.26
C ALA C 63 26.19 -67.14 38.61
N ALA C 64 25.55 -67.17 39.78
CA ALA C 64 24.79 -66.02 40.25
C ALA C 64 25.69 -64.86 40.65
N GLN C 65 26.95 -65.13 41.00
CA GLN C 65 27.91 -64.07 41.27
C GLN C 65 28.25 -63.30 40.00
N ILE C 66 28.51 -64.01 38.89
CA ILE C 66 28.80 -63.27 37.66
C ILE C 66 27.56 -62.74 36.97
N GLY C 67 26.37 -63.22 37.34
CA GLY C 67 25.12 -62.66 36.85
C GLY C 67 24.21 -63.65 36.15
N VAL C 68 24.73 -64.78 35.65
CA VAL C 68 23.92 -65.72 34.90
C VAL C 68 23.06 -66.55 35.85
N GLU C 69 21.79 -66.74 35.49
CA GLU C 69 20.83 -67.48 36.29
C GLU C 69 20.70 -68.89 35.74
N ILE C 70 21.22 -69.86 36.47
CA ILE C 70 21.09 -71.27 36.09
C ILE C 70 19.71 -71.76 36.51
N PRO C 71 18.96 -72.43 35.61
CA PRO C 71 17.59 -72.86 35.95
C PRO C 71 17.56 -73.94 37.02
N ARG C 72 16.48 -73.94 37.79
CA ARG C 72 16.36 -74.80 38.95
C ARG C 72 14.89 -75.09 39.20
N PHE C 73 14.63 -76.18 39.92
CA PHE C 73 13.29 -76.48 40.38
C PHE C 73 13.29 -76.89 41.85
N CYS C 74 14.42 -77.39 42.35
CA CYS C 74 14.51 -77.84 43.72
C CYS C 74 15.48 -77.04 44.58
N TYR C 75 16.34 -76.22 43.99
CA TYR C 75 17.27 -75.42 44.77
C TYR C 75 16.56 -74.17 45.29
N HIS C 76 16.38 -74.11 46.60
CA HIS C 76 15.98 -72.88 47.29
C HIS C 76 17.08 -72.53 48.28
N GLU C 77 17.47 -71.26 48.30
CA GLU C 77 18.64 -70.85 49.07
C GLU C 77 18.39 -70.82 50.57
N ARG C 78 17.13 -70.91 51.02
CA ARG C 78 16.83 -71.05 52.43
C ARG C 78 16.56 -72.50 52.83
N LEU C 79 16.66 -73.44 51.90
CA LEU C 79 16.46 -74.86 52.17
C LEU C 79 17.75 -75.62 51.93
N ALA C 80 17.73 -76.91 52.28
CA ALA C 80 18.87 -77.78 52.03
C ALA C 80 18.97 -78.10 50.54
N VAL C 81 20.19 -78.35 50.09
CA VAL C 81 20.44 -78.65 48.68
C VAL C 81 20.03 -80.09 48.39
N ALA C 82 19.59 -80.33 47.16
CA ALA C 82 19.17 -81.65 46.73
C ALA C 82 19.37 -81.78 45.23
N GLY C 83 19.42 -83.03 44.77
CA GLY C 83 19.71 -83.31 43.37
C GLY C 83 18.62 -84.05 42.64
N ASN C 84 17.35 -83.69 42.84
CA ASN C 84 16.26 -84.54 42.37
C ASN C 84 15.53 -83.97 41.16
N CYS C 85 15.70 -82.68 40.86
CA CYS C 85 14.99 -82.15 39.69
C CYS C 85 15.87 -82.21 38.45
N ARG C 86 17.19 -82.12 38.63
CA ARG C 86 18.26 -82.40 37.65
C ARG C 86 18.25 -81.36 36.52
N MET C 87 17.61 -80.21 36.74
CA MET C 87 17.52 -79.18 35.71
C MET C 87 18.83 -78.40 35.60
N CYS C 88 19.58 -78.29 36.70
CA CYS C 88 20.72 -77.39 36.76
C CYS C 88 22.00 -77.96 36.16
N LEU C 89 21.91 -78.98 35.30
CA LEU C 89 23.09 -79.63 34.74
C LEU C 89 23.88 -78.69 33.85
N VAL C 90 25.17 -78.57 34.13
CA VAL C 90 26.09 -77.77 33.33
C VAL C 90 27.29 -78.63 32.97
N GLU C 91 27.91 -78.30 31.85
CA GLU C 91 29.06 -79.03 31.35
C GLU C 91 30.33 -78.29 31.75
N VAL C 92 31.16 -78.92 32.57
CA VAL C 92 32.48 -78.42 32.88
C VAL C 92 33.47 -79.13 31.97
N GLU C 93 34.62 -78.49 31.75
CA GLU C 93 35.59 -79.01 30.80
C GLU C 93 36.34 -80.21 31.37
N LYS C 94 36.72 -81.12 30.47
CA LYS C 94 37.45 -82.37 30.76
C LYS C 94 36.68 -83.25 31.76
N SER C 95 35.37 -83.36 31.55
CA SER C 95 34.52 -84.23 32.37
C SER C 95 33.63 -85.05 31.47
N PRO C 96 33.41 -86.34 31.81
CA PRO C 96 32.59 -87.20 30.94
C PRO C 96 31.10 -86.92 31.02
N LYS C 97 30.63 -86.44 32.17
CA LYS C 97 29.22 -86.21 32.40
C LYS C 97 28.98 -84.81 32.92
N PRO C 98 27.82 -84.22 32.63
CA PRO C 98 27.49 -82.91 33.22
C PRO C 98 27.25 -83.01 34.72
N VAL C 99 27.51 -81.91 35.41
CA VAL C 99 27.43 -81.85 36.86
C VAL C 99 26.24 -80.99 37.27
N ALA C 100 25.65 -81.32 38.41
CA ALA C 100 24.56 -80.54 38.98
C ALA C 100 25.15 -79.29 39.62
N ALA C 101 24.75 -78.12 39.12
CA ALA C 101 25.38 -76.88 39.56
C ALA C 101 24.96 -76.46 40.97
N CYS C 102 23.85 -76.97 41.47
CA CYS C 102 23.35 -76.56 42.78
C CYS C 102 24.13 -77.17 43.93
N ALA C 103 24.80 -78.31 43.72
CA ALA C 103 25.42 -79.00 44.84
C ALA C 103 26.80 -79.58 44.53
N MET C 104 27.47 -79.10 43.48
CA MET C 104 28.82 -79.56 43.18
C MET C 104 29.79 -78.41 43.47
N PRO C 105 30.61 -78.50 44.51
CA PRO C 105 31.50 -77.37 44.84
C PRO C 105 32.63 -77.23 43.82
N VAL C 106 33.00 -75.98 43.56
CA VAL C 106 34.00 -75.70 42.53
C VAL C 106 35.40 -75.95 43.08
N MET C 107 36.34 -76.15 42.15
CA MET C 107 37.76 -76.28 42.46
C MET C 107 38.53 -75.33 41.55
N LYS C 108 39.83 -75.22 41.80
CA LYS C 108 40.67 -74.28 41.07
C LYS C 108 40.93 -74.79 39.66
N GLY C 109 40.69 -73.94 38.67
CA GLY C 109 40.97 -74.25 37.29
C GLY C 109 39.80 -74.73 36.46
N TRP C 110 38.59 -74.69 37.00
CA TRP C 110 37.42 -75.13 36.24
C TRP C 110 37.00 -74.07 35.22
N ARG C 111 36.54 -74.55 34.08
CA ARG C 111 35.94 -73.73 33.04
C ARG C 111 34.50 -74.21 32.84
N ILE C 112 33.56 -73.47 33.41
CA ILE C 112 32.14 -73.81 33.34
C ILE C 112 31.52 -73.09 32.15
N LYS C 113 30.85 -73.83 31.28
CA LYS C 113 30.18 -73.28 30.10
C LYS C 113 28.68 -73.41 30.29
N THR C 114 28.03 -72.29 30.60
CA THR C 114 26.59 -72.29 30.82
C THR C 114 25.84 -72.37 29.49
N ASN C 115 26.32 -71.67 28.46
CA ASN C 115 25.67 -71.63 27.16
C ASN C 115 26.23 -72.65 26.18
N SER C 116 26.76 -73.76 26.68
CA SER C 116 27.31 -74.79 25.81
C SER C 116 26.18 -75.60 25.16
N ASP C 117 26.55 -76.39 24.16
CA ASP C 117 25.56 -77.22 23.46
C ASP C 117 25.15 -78.41 24.32
N LEU C 118 26.10 -79.02 25.03
CA LEU C 118 25.79 -80.19 25.85
C LEU C 118 24.93 -79.81 27.06
N THR C 119 25.16 -78.60 27.60
CA THR C 119 24.35 -78.10 28.71
C THR C 119 22.89 -77.89 28.28
N ARG C 120 22.70 -77.29 27.11
CA ARG C 120 21.34 -77.06 26.60
C ARG C 120 20.65 -78.37 26.22
N LYS C 121 21.41 -79.32 25.67
CA LYS C 121 20.85 -80.64 25.33
C LYS C 121 20.43 -81.39 26.59
N ALA C 122 21.25 -81.31 27.65
CA ALA C 122 20.92 -81.95 28.92
C ALA C 122 19.69 -81.32 29.56
N ARG C 123 19.59 -79.98 29.52
CA ARG C 123 18.43 -79.29 30.08
C ARG C 123 17.16 -79.63 29.32
N GLU C 124 17.22 -79.67 27.98
CA GLU C 124 16.06 -80.00 27.17
C GLU C 124 15.60 -81.43 27.39
N GLY C 125 16.55 -82.38 27.48
CA GLY C 125 16.18 -83.77 27.73
C GLY C 125 15.58 -83.99 29.11
N VAL C 126 16.20 -83.38 30.15
CA VAL C 126 15.74 -83.53 31.52
C VAL C 126 14.34 -82.93 31.69
N MET C 127 14.09 -81.77 31.09
CA MET C 127 12.78 -81.20 31.35
C MET C 127 11.73 -81.75 30.36
N GLU C 128 12.15 -82.36 29.25
CA GLU C 128 11.25 -83.19 28.47
C GLU C 128 10.79 -84.40 29.26
N PHE C 129 11.69 -84.99 30.05
CA PHE C 129 11.29 -86.03 31.01
C PHE C 129 10.39 -85.46 32.11
N LEU C 130 10.60 -84.22 32.52
CA LEU C 130 9.72 -83.58 33.50
C LEU C 130 8.31 -83.38 32.94
N LEU C 131 8.22 -83.08 31.65
CA LEU C 131 6.98 -82.71 30.98
C LEU C 131 6.31 -83.86 30.24
N MET C 132 6.84 -85.09 30.30
CA MET C 132 6.11 -86.20 29.68
C MET C 132 4.86 -86.60 30.46
N ASN C 133 4.83 -86.35 31.78
CA ASN C 133 3.73 -86.84 32.62
C ASN C 133 2.98 -85.71 33.29
N HIS C 134 3.25 -84.47 32.91
CA HIS C 134 2.52 -83.34 33.46
C HIS C 134 1.13 -83.30 32.84
N PRO C 135 0.07 -83.09 33.63
CA PRO C 135 -1.27 -83.03 33.05
C PRO C 135 -1.49 -81.73 32.30
N LEU C 136 -2.43 -81.78 31.36
CA LEU C 136 -2.76 -80.61 30.54
C LEU C 136 -3.77 -79.74 31.29
N ASP C 137 -3.27 -79.11 32.36
CA ASP C 137 -4.12 -78.40 33.30
C ASP C 137 -3.83 -76.91 33.37
N CYS C 138 -3.01 -76.38 32.46
CA CYS C 138 -2.62 -74.96 32.45
C CYS C 138 -3.77 -73.93 32.48
N PRO C 139 -4.91 -74.09 31.78
CA PRO C 139 -5.98 -73.12 31.99
C PRO C 139 -6.74 -73.25 33.30
N ILE C 140 -6.66 -74.39 34.00
CA ILE C 140 -7.31 -74.53 35.30
C ILE C 140 -6.28 -74.59 36.44
N CYS C 141 -5.11 -74.01 36.24
CA CYS C 141 -4.03 -74.03 37.22
C CYS C 141 -3.75 -72.60 37.66
N ASP C 142 -3.85 -72.36 38.97
CA ASP C 142 -3.73 -70.99 39.47
C ASP C 142 -2.29 -70.51 39.48
N GLN C 143 -1.32 -71.42 39.37
CA GLN C 143 0.08 -71.03 39.31
C GLN C 143 0.47 -70.61 37.89
N GLY C 144 -0.40 -70.87 36.91
CA GLY C 144 -0.09 -70.53 35.54
C GLY C 144 -0.11 -69.03 35.31
N GLY C 145 0.81 -68.57 34.46
CA GLY C 145 1.15 -67.17 34.37
C GLY C 145 2.37 -66.79 35.20
N GLU C 146 2.68 -67.58 36.23
CA GLU C 146 3.91 -67.45 37.00
C GLU C 146 4.49 -68.81 37.36
N CYS C 147 4.06 -69.88 36.69
CA CYS C 147 4.64 -71.21 36.87
C CYS C 147 6.08 -71.23 36.39
N ASP C 148 6.95 -71.87 37.17
CA ASP C 148 8.34 -72.09 36.77
C ASP C 148 8.46 -73.00 35.56
N LEU C 149 7.58 -73.99 35.42
CA LEU C 149 7.69 -74.94 34.31
C LEU C 149 7.32 -74.28 32.98
N GLN C 150 6.37 -73.34 32.98
CA GLN C 150 6.02 -72.64 31.74
C GLN C 150 7.15 -71.71 31.29
N ASP C 151 7.74 -70.98 32.22
CA ASP C 151 8.82 -70.05 31.87
C ASP C 151 10.10 -70.80 31.51
N GLN C 152 10.32 -71.96 32.14
CA GLN C 152 11.50 -72.74 31.81
C GLN C 152 11.27 -73.66 30.61
N ALA C 153 10.04 -73.70 30.10
CA ALA C 153 9.84 -74.28 28.78
C ALA C 153 10.00 -73.23 27.69
N MET C 154 9.62 -71.98 27.99
CA MET C 154 9.82 -70.92 27.00
C MET C 154 11.27 -70.50 26.92
N ALA C 155 12.03 -70.67 28.00
CA ALA C 155 13.47 -70.41 28.01
C ALA C 155 14.17 -71.67 28.52
N PHE C 156 15.06 -72.22 27.69
CA PHE C 156 15.80 -73.48 27.87
C PHE C 156 14.85 -74.66 27.88
N GLY C 157 13.90 -74.68 26.94
CA GLY C 157 13.01 -75.82 26.77
C GLY C 157 12.83 -76.14 25.31
N SER C 158 12.22 -77.30 25.06
CA SER C 158 11.95 -77.73 23.70
C SER C 158 10.65 -77.14 23.20
N ASP C 159 10.45 -77.21 21.88
CA ASP C 159 9.28 -76.56 21.28
C ASP C 159 8.09 -77.52 21.14
N ARG C 160 8.35 -78.80 20.94
CA ARG C 160 7.28 -79.76 20.73
C ARG C 160 7.50 -80.99 21.61
N SER C 161 6.41 -81.65 21.93
CA SER C 161 6.44 -82.84 22.77
C SER C 161 6.77 -84.06 21.93
N ARG C 162 7.72 -84.85 22.39
CA ARG C 162 8.15 -86.07 21.73
C ARG C 162 7.35 -87.28 22.22
N PHE C 163 6.38 -87.05 23.09
CA PHE C 163 5.60 -88.11 23.74
C PHE C 163 4.54 -88.62 22.77
N THR C 164 4.84 -89.72 22.10
CA THR C 164 3.93 -90.38 21.18
C THR C 164 2.77 -91.07 21.91
N ASP C 165 2.98 -91.48 23.15
CA ASP C 165 2.08 -92.36 23.87
C ASP C 165 0.92 -91.63 24.56
N ILE C 166 0.53 -90.45 24.09
CA ILE C 166 -0.64 -89.79 24.63
C ILE C 166 -1.91 -90.48 24.12
N ASN C 167 -1.83 -91.14 22.96
CA ASN C 167 -3.00 -91.79 22.39
C ASN C 167 -3.37 -93.07 23.15
N TYR C 168 -2.38 -93.88 23.48
CA TYR C 168 -2.59 -95.16 24.15
C TYR C 168 -1.54 -95.33 25.23
N THR C 169 -1.94 -96.05 26.30
CA THR C 169 -1.24 -96.16 27.61
C THR C 169 -0.63 -94.82 28.06
N GLY C 170 -1.52 -93.85 28.28
CA GLY C 170 -1.11 -92.48 28.49
C GLY C 170 -0.51 -92.19 29.85
N LYS C 171 -0.39 -90.90 30.14
CA LYS C 171 0.36 -90.44 31.30
C LYS C 171 -0.37 -90.71 32.61
N ARG C 172 0.38 -90.63 33.70
CA ARG C 172 -0.10 -91.05 35.01
C ARG C 172 -1.08 -90.02 35.60
N ALA C 173 -1.78 -90.45 36.64
CA ALA C 173 -2.65 -89.59 37.43
C ALA C 173 -2.73 -90.18 38.82
N VAL C 174 -2.52 -89.36 39.85
CA VAL C 174 -2.54 -89.83 41.23
C VAL C 174 -3.60 -89.06 42.00
N GLU C 175 -4.07 -89.68 43.08
CA GLU C 175 -5.18 -89.12 43.86
C GLU C 175 -4.72 -87.92 44.68
N ASP C 176 -5.68 -87.07 45.02
CA ASP C 176 -5.44 -85.89 45.82
C ASP C 176 -5.55 -86.21 47.30
N LYS C 177 -4.65 -85.65 48.09
CA LYS C 177 -4.60 -85.87 49.53
C LYS C 177 -5.08 -84.61 50.24
N ASP C 178 -6.00 -84.77 51.20
CA ASP C 178 -6.51 -83.66 51.99
C ASP C 178 -5.48 -83.21 53.04
N ILE C 179 -4.48 -82.47 52.55
CA ILE C 179 -3.38 -82.03 53.39
C ILE C 179 -3.83 -80.95 54.37
N GLY C 180 -4.67 -80.02 53.93
CA GLY C 180 -5.22 -79.03 54.82
C GLY C 180 -6.33 -78.20 54.22
N PRO C 181 -7.01 -77.40 55.04
CA PRO C 181 -8.02 -76.47 54.51
C PRO C 181 -7.43 -75.19 53.96
N LEU C 182 -6.16 -74.89 54.25
CA LEU C 182 -5.50 -73.74 53.67
C LEU C 182 -4.91 -74.03 52.30
N VAL C 183 -4.63 -75.30 51.99
CA VAL C 183 -4.03 -75.68 50.73
C VAL C 183 -5.05 -76.42 49.89
N LYS C 184 -4.85 -76.37 48.57
CA LYS C 184 -5.58 -77.15 47.60
C LYS C 184 -4.57 -78.00 46.86
N THR C 185 -4.72 -79.32 46.97
CA THR C 185 -3.71 -80.26 46.50
C THR C 185 -4.22 -80.95 45.26
N ILE C 186 -3.51 -80.78 44.15
CA ILE C 186 -3.71 -81.59 42.95
C ILE C 186 -2.38 -82.27 42.70
N MET C 187 -2.26 -83.52 43.13
CA MET C 187 -0.98 -84.21 43.14
C MET C 187 -0.53 -84.71 41.77
N THR C 188 -1.39 -84.60 40.75
CA THR C 188 -0.97 -84.96 39.39
C THR C 188 0.06 -83.97 38.86
N ARG C 189 -0.02 -82.71 39.28
CA ARG C 189 0.89 -81.68 38.83
C ARG C 189 2.22 -81.65 39.57
N CYS C 190 2.41 -82.50 40.59
CA CYS C 190 3.66 -82.47 41.34
C CYS C 190 4.79 -83.07 40.53
N ILE C 191 5.96 -82.47 40.64
CA ILE C 191 7.14 -82.89 39.88
C ILE C 191 8.19 -83.54 40.78
N HIS C 192 7.83 -83.84 42.03
CA HIS C 192 8.66 -84.52 43.03
C HIS C 192 9.98 -83.78 43.28
N CYS C 193 9.87 -82.48 43.49
CA CYS C 193 11.07 -81.66 43.71
C CYS C 193 11.52 -81.63 45.16
N THR C 194 10.69 -82.16 46.09
CA THR C 194 10.98 -82.30 47.52
C THR C 194 11.36 -80.97 48.18
N ARG C 195 10.63 -79.92 47.84
CA ARG C 195 10.80 -78.65 48.53
C ARG C 195 9.90 -78.53 49.75
N CYS C 196 8.67 -79.05 49.66
CA CYS C 196 7.73 -78.97 50.77
C CYS C 196 8.17 -79.87 51.93
N VAL C 197 8.73 -81.04 51.62
CA VAL C 197 9.17 -81.96 52.66
C VAL C 197 10.39 -81.40 53.38
N ARG C 198 11.32 -80.78 52.64
CA ARG C 198 12.48 -80.14 53.26
C ARG C 198 12.08 -78.91 54.07
N PHE C 199 11.06 -78.18 53.60
CA PHE C 199 10.56 -77.03 54.36
C PHE C 199 9.88 -77.48 55.65
N ALA C 200 9.15 -78.59 55.61
CA ALA C 200 8.51 -79.10 56.81
C ALA C 200 9.55 -79.62 57.81
N SER C 201 10.50 -80.43 57.36
CA SER C 201 11.45 -81.03 58.27
C SER C 201 12.59 -80.09 58.66
N GLU C 202 12.71 -78.93 58.02
CA GLU C 202 13.80 -78.00 58.33
C GLU C 202 13.33 -76.75 59.04
N ILE C 203 12.30 -76.09 58.52
CA ILE C 203 11.90 -74.76 58.97
C ILE C 203 10.56 -74.79 59.71
N ALA C 204 9.58 -75.49 59.15
CA ALA C 204 8.26 -75.57 59.79
C ALA C 204 8.29 -76.40 61.06
N GLY C 205 9.19 -77.39 61.15
CA GLY C 205 9.43 -78.14 62.35
C GLY C 205 8.72 -79.48 62.42
N VAL C 206 7.47 -79.55 62.01
CA VAL C 206 6.72 -80.80 62.06
C VAL C 206 7.06 -81.61 60.82
N ASP C 207 6.97 -82.93 60.97
CA ASP C 207 7.38 -83.87 59.93
C ASP C 207 6.18 -84.59 59.32
N ASP C 208 5.08 -83.87 59.10
CA ASP C 208 3.87 -84.49 58.59
C ASP C 208 3.98 -84.83 57.10
N LEU C 209 4.74 -84.05 56.33
CA LEU C 209 4.90 -84.30 54.92
C LEU C 209 6.00 -85.32 54.67
N GLY C 210 5.82 -86.13 53.62
CA GLY C 210 6.76 -87.19 53.32
C GLY C 210 6.62 -87.68 51.90
N THR C 211 7.48 -88.63 51.55
CA THR C 211 7.64 -89.12 50.18
C THR C 211 7.26 -90.60 50.15
N THR C 212 6.03 -90.90 49.73
CA THR C 212 5.56 -92.29 49.71
C THR C 212 5.74 -92.89 48.34
N GLY C 213 5.92 -94.20 48.28
CA GLY C 213 6.02 -94.91 47.03
C GLY C 213 7.43 -94.98 46.48
N ARG C 214 7.58 -95.74 45.40
CA ARG C 214 8.86 -95.93 44.77
C ARG C 214 8.72 -95.78 43.26
N GLY C 215 9.60 -94.96 42.68
CA GLY C 215 9.65 -94.90 41.23
C GLY C 215 8.70 -93.88 40.64
N ASN C 216 8.07 -94.27 39.52
CA ASN C 216 7.14 -93.39 38.82
C ASN C 216 5.84 -93.20 39.58
N ASP C 217 5.50 -94.12 40.48
CA ASP C 217 4.30 -93.99 41.31
C ASP C 217 4.59 -93.33 42.66
N MET C 218 5.70 -92.60 42.77
CA MET C 218 6.01 -91.89 44.00
C MET C 218 5.12 -90.68 44.15
N GLN C 219 4.49 -90.54 45.31
CA GLN C 219 3.59 -89.44 45.61
C GLN C 219 4.11 -88.66 46.80
N ILE C 220 4.10 -87.34 46.67
CA ILE C 220 4.63 -86.45 47.71
C ILE C 220 3.42 -86.03 48.53
N GLY C 221 3.15 -86.78 49.58
CA GLY C 221 2.00 -86.45 50.43
C GLY C 221 2.01 -87.32 51.68
N THR C 222 1.09 -87.01 52.58
CA THR C 222 0.94 -87.78 53.80
C THR C 222 0.36 -89.15 53.50
N TYR C 223 0.76 -90.14 54.31
CA TYR C 223 0.32 -91.51 54.09
C TYR C 223 -1.14 -91.70 54.49
N VAL C 224 -1.61 -90.93 55.47
CA VAL C 224 -2.99 -91.02 55.94
C VAL C 224 -3.68 -89.70 55.70
N GLU C 225 -5.00 -89.71 55.88
CA GLU C 225 -5.78 -88.47 55.80
C GLU C 225 -5.53 -87.64 57.05
N LYS C 226 -4.48 -86.81 56.97
CA LYS C 226 -4.13 -85.95 58.12
C LYS C 226 -4.23 -84.49 57.67
N LEU C 227 -4.03 -83.56 58.59
CA LEU C 227 -4.03 -82.13 58.22
C LEU C 227 -2.61 -81.63 58.49
N PHE C 228 -1.99 -80.93 57.55
CA PHE C 228 -0.65 -80.43 57.90
C PHE C 228 -0.88 -79.05 58.50
N LEU C 229 -0.54 -78.90 59.78
CA LEU C 229 -0.85 -77.62 60.44
C LEU C 229 0.44 -76.97 60.93
N THR C 230 0.70 -75.75 60.50
CA THR C 230 1.86 -74.98 61.00
C THR C 230 1.46 -73.51 60.86
N GLU C 231 2.09 -72.63 61.59
CA GLU C 231 1.79 -71.20 61.35
C GLU C 231 2.56 -70.81 60.09
N LEU C 232 2.93 -71.79 59.24
CA LEU C 232 3.78 -71.44 58.11
C LEU C 232 3.40 -72.21 56.86
N SER C 233 2.17 -72.73 56.77
CA SER C 233 1.77 -73.56 55.64
C SER C 233 1.60 -72.77 54.36
N GLY C 234 1.29 -71.46 54.46
CA GLY C 234 1.10 -70.63 53.28
C GLY C 234 2.34 -70.50 52.43
N ASN C 235 3.52 -70.49 53.06
CA ASN C 235 4.79 -70.47 52.36
C ASN C 235 5.04 -71.73 51.54
N VAL C 236 4.35 -72.84 51.87
CA VAL C 236 4.44 -74.04 51.05
C VAL C 236 3.87 -73.79 49.65
N ILE C 237 2.81 -72.97 49.58
CA ILE C 237 2.29 -72.51 48.28
C ILE C 237 3.35 -71.67 47.57
N ASP C 238 4.12 -70.90 48.34
CA ASP C 238 5.24 -70.15 47.77
C ASP C 238 6.35 -71.09 47.31
N LEU C 239 6.50 -72.24 47.97
CA LEU C 239 7.68 -73.07 47.70
C LEU C 239 7.39 -74.13 46.66
N CYS C 240 6.13 -74.34 46.34
CA CYS C 240 5.79 -75.28 45.27
C CYS C 240 6.03 -74.59 43.93
N PRO C 241 6.95 -75.08 43.10
CA PRO C 241 7.28 -74.33 41.87
C PRO C 241 6.24 -74.50 40.79
N VAL C 242 5.51 -75.61 40.79
CA VAL C 242 4.55 -75.87 39.73
C VAL C 242 3.14 -75.49 40.16
N GLY C 243 2.86 -75.50 41.45
CA GLY C 243 1.53 -75.22 41.91
C GLY C 243 0.63 -76.42 42.05
N ALA C 244 1.18 -77.58 42.42
CA ALA C 244 0.35 -78.67 42.90
C ALA C 244 -0.32 -78.30 44.22
N LEU C 245 0.37 -77.49 45.04
CA LEU C 245 -0.16 -76.97 46.28
C LEU C 245 -0.54 -75.52 46.06
N THR C 246 -1.81 -75.18 46.27
CA THR C 246 -2.38 -73.93 45.80
C THR C 246 -3.10 -73.25 46.96
N ASN C 247 -3.08 -71.92 46.98
CA ASN C 247 -3.87 -71.14 47.93
C ASN C 247 -5.36 -71.38 47.72
N LYS C 248 -6.03 -71.97 48.72
CA LYS C 248 -7.47 -72.25 48.63
C LYS C 248 -8.36 -71.01 48.88
N PRO C 249 -8.03 -70.06 49.77
CA PRO C 249 -8.72 -68.75 49.68
C PRO C 249 -8.53 -68.02 48.37
N TYR C 250 -7.39 -68.18 47.71
CA TYR C 250 -7.17 -67.61 46.37
C TYR C 250 -7.44 -68.69 45.33
N SER C 251 -8.70 -69.13 45.30
CA SER C 251 -9.12 -70.22 44.41
C SER C 251 -9.76 -69.59 43.18
N PHE C 252 -9.01 -69.62 42.07
CA PHE C 252 -9.44 -69.23 40.72
C PHE C 252 -9.91 -67.78 40.66
N VAL C 253 -9.36 -66.90 41.50
CA VAL C 253 -9.91 -65.56 41.64
C VAL C 253 -9.35 -64.64 40.55
N ALA C 254 -8.04 -64.66 40.34
CA ALA C 254 -7.43 -63.78 39.36
C ALA C 254 -6.24 -64.47 38.73
N ARG C 255 -5.48 -63.71 37.95
CA ARG C 255 -4.37 -64.20 37.16
C ARG C 255 -3.13 -63.32 37.39
N PRO C 256 -1.93 -63.89 37.33
CA PRO C 256 -0.74 -63.14 37.79
C PRO C 256 -0.30 -62.02 36.87
N TRP C 257 -0.60 -62.07 35.57
CA TRP C 257 -0.28 -60.93 34.71
C TRP C 257 -1.23 -59.76 34.95
N GLU C 258 -2.44 -60.04 35.44
CA GLU C 258 -3.44 -59.01 35.69
C GLU C 258 -3.15 -58.22 36.95
N ILE C 259 -2.36 -58.76 37.85
CA ILE C 259 -2.26 -58.29 39.23
C ILE C 259 -1.43 -57.02 39.29
N ARG C 260 -1.99 -55.99 39.92
CA ARG C 260 -1.19 -54.85 40.35
C ARG C 260 -0.53 -55.19 41.68
N LYS C 261 0.79 -55.26 41.69
CA LYS C 261 1.55 -55.61 42.88
C LYS C 261 1.93 -54.33 43.61
N VAL C 262 1.51 -54.20 44.87
CA VAL C 262 1.86 -53.02 45.67
C VAL C 262 2.60 -53.45 46.93
N SER C 263 3.72 -52.80 47.21
CA SER C 263 4.53 -53.16 48.37
C SER C 263 3.90 -52.61 49.63
N SER C 264 3.78 -53.46 50.66
CA SER C 264 3.17 -53.06 51.92
C SER C 264 3.87 -53.80 53.04
N ILE C 265 3.41 -53.57 54.26
CA ILE C 265 3.93 -54.24 55.46
C ILE C 265 2.74 -54.73 56.27
N ASP C 266 2.73 -56.03 56.57
CA ASP C 266 1.67 -56.64 57.35
C ASP C 266 1.72 -56.15 58.79
N VAL C 267 0.53 -55.97 59.37
CA VAL C 267 0.40 -55.34 60.68
C VAL C 267 -0.19 -56.28 61.73
N LEU C 268 -0.64 -57.47 61.33
CA LEU C 268 -1.29 -58.37 62.25
C LEU C 268 -0.29 -58.99 63.22
N ASP C 269 0.85 -59.43 62.72
CA ASP C 269 1.96 -59.84 63.56
C ASP C 269 2.81 -58.63 63.92
N ALA C 270 3.61 -58.78 64.96
CA ALA C 270 4.49 -57.70 65.39
C ALA C 270 5.87 -57.75 64.75
N VAL C 271 6.10 -58.70 63.83
CA VAL C 271 7.38 -58.78 63.13
C VAL C 271 7.51 -57.63 62.14
N GLY C 272 6.39 -57.15 61.59
CA GLY C 272 6.42 -56.10 60.59
C GLY C 272 6.98 -56.59 59.27
N SER C 273 6.51 -57.77 58.85
CA SER C 273 7.04 -58.43 57.67
C SER C 273 6.67 -57.68 56.40
N ASN C 274 7.63 -57.57 55.49
CA ASN C 274 7.41 -56.90 54.22
C ASN C 274 6.62 -57.82 53.29
N ILE C 275 5.49 -57.34 52.80
CA ILE C 275 4.60 -58.11 51.94
C ILE C 275 4.39 -57.37 50.64
N VAL C 276 3.79 -58.06 49.69
CA VAL C 276 3.26 -57.44 48.48
C VAL C 276 1.79 -57.86 48.35
N VAL C 277 0.94 -56.88 48.08
CA VAL C 277 -0.50 -57.06 48.05
C VAL C 277 -0.93 -57.10 46.59
N SER C 278 -1.77 -58.08 46.26
CA SER C 278 -2.29 -58.23 44.91
C SER C 278 -3.61 -57.48 44.80
N THR C 279 -3.59 -56.34 44.12
CA THR C 279 -4.78 -55.53 43.90
C THR C 279 -5.12 -55.56 42.42
N ARG C 280 -6.37 -55.90 42.10
CA ARG C 280 -6.87 -55.88 40.73
C ARG C 280 -8.30 -55.35 40.74
N THR C 281 -8.52 -54.28 39.98
CA THR C 281 -9.81 -53.60 39.81
C THR C 281 -10.44 -53.21 41.16
N ASN C 282 -9.60 -52.63 42.02
CA ASN C 282 -9.98 -52.03 43.31
C ASN C 282 -10.58 -53.11 44.24
N GLU C 283 -9.78 -54.16 44.48
CA GLU C 283 -10.11 -55.22 45.42
C GLU C 283 -8.84 -55.94 45.82
N VAL C 284 -8.74 -56.30 47.10
CA VAL C 284 -7.62 -57.10 47.57
C VAL C 284 -7.83 -58.56 47.16
N LEU C 285 -6.76 -59.20 46.69
CA LEU C 285 -6.83 -60.60 46.29
C LEU C 285 -6.03 -61.50 47.23
N ARG C 286 -4.73 -61.25 47.38
CA ARG C 286 -3.91 -62.10 48.21
C ARG C 286 -2.70 -61.33 48.71
N ILE C 287 -2.09 -61.89 49.75
CA ILE C 287 -0.90 -61.34 50.40
C ILE C 287 0.25 -62.30 50.11
N LEU C 288 1.35 -61.76 49.60
CA LEU C 288 2.49 -62.57 49.21
C LEU C 288 3.74 -61.99 49.86
N PRO C 289 4.76 -62.80 50.13
CA PRO C 289 5.97 -62.25 50.75
C PRO C 289 6.79 -61.38 49.80
N ARG C 290 7.41 -60.35 50.36
CA ARG C 290 8.39 -59.52 49.67
C ARG C 290 9.70 -59.63 50.44
N GLU C 291 10.80 -59.78 49.71
CA GLU C 291 12.06 -60.21 50.33
C GLU C 291 12.74 -59.05 51.04
N ASN C 292 12.71 -59.07 52.37
CA ASN C 292 13.58 -58.25 53.20
C ASN C 292 14.39 -59.24 54.05
N GLU C 293 15.71 -59.17 53.92
CA GLU C 293 16.57 -60.13 54.61
C GLU C 293 16.59 -59.88 56.11
N ASP C 294 16.41 -58.62 56.52
CA ASP C 294 16.52 -58.28 57.93
C ASP C 294 15.26 -58.67 58.70
N VAL C 295 14.11 -58.65 58.06
CA VAL C 295 12.83 -58.75 58.75
C VAL C 295 12.20 -60.14 58.61
N ASN C 296 11.84 -60.54 57.38
CA ASN C 296 11.07 -61.76 57.19
C ASN C 296 11.77 -62.83 56.38
N GLU C 297 12.55 -62.46 55.36
CA GLU C 297 13.32 -63.37 54.50
C GLU C 297 12.44 -64.39 53.79
N GLU C 298 11.55 -63.90 52.90
CA GLU C 298 10.66 -64.67 52.03
C GLU C 298 9.68 -65.58 52.77
N TRP C 299 9.43 -65.34 54.06
CA TRP C 299 8.56 -66.20 54.85
C TRP C 299 7.43 -65.36 55.43
N LEU C 300 6.23 -65.93 55.47
CA LEU C 300 5.05 -65.23 55.95
C LEU C 300 4.20 -66.19 56.77
N ALA C 301 3.62 -65.70 57.86
CA ALA C 301 2.77 -66.52 58.69
C ALA C 301 1.42 -66.77 58.00
N ASP C 302 0.70 -67.77 58.50
CA ASP C 302 -0.63 -68.07 57.95
C ASP C 302 -1.64 -67.00 58.32
N LYS C 303 -1.50 -66.42 59.51
CA LYS C 303 -2.40 -65.34 59.93
C LYS C 303 -2.15 -64.08 59.12
N SER C 304 -0.89 -63.82 58.76
CA SER C 304 -0.56 -62.64 57.98
C SER C 304 -0.98 -62.80 56.52
N ARG C 305 -1.01 -64.05 56.03
CA ARG C 305 -1.30 -64.28 54.62
C ARG C 305 -2.79 -64.49 54.35
N PHE C 306 -3.46 -65.33 55.14
CA PHE C 306 -4.83 -65.74 54.85
C PHE C 306 -5.87 -64.87 55.55
N ALA C 307 -5.54 -63.61 55.81
CA ALA C 307 -6.49 -62.66 56.37
C ALA C 307 -6.88 -61.58 55.37
N CYS C 308 -6.75 -61.86 54.07
CA CYS C 308 -7.24 -60.94 53.06
C CYS C 308 -8.75 -60.98 52.94
N ASP C 309 -9.39 -62.05 53.44
CA ASP C 309 -10.84 -62.10 53.48
C ASP C 309 -11.41 -61.19 54.56
N GLY C 310 -10.63 -60.92 55.62
CA GLY C 310 -11.10 -60.11 56.73
C GLY C 310 -11.27 -58.65 56.39
N LEU C 311 -10.65 -58.18 55.30
CA LEU C 311 -10.90 -56.85 54.78
C LEU C 311 -12.19 -56.77 53.98
N LYS C 312 -12.86 -57.88 53.75
CA LYS C 312 -14.12 -57.91 53.02
C LYS C 312 -15.33 -58.07 53.92
N ARG C 313 -15.16 -58.65 55.09
CA ARG C 313 -16.27 -58.95 55.99
C ARG C 313 -16.23 -58.05 57.22
N GLN C 314 -17.41 -57.73 57.75
CA GLN C 314 -17.62 -56.96 58.98
C GLN C 314 -16.99 -55.56 58.90
N ARG C 315 -17.02 -54.97 57.72
CA ARG C 315 -16.44 -53.65 57.53
C ARG C 315 -17.41 -52.56 58.01
N LEU C 316 -16.87 -51.36 58.20
CA LEU C 316 -17.65 -50.18 58.55
C LEU C 316 -17.62 -49.24 57.35
N VAL C 317 -18.80 -48.89 56.84
CA VAL C 317 -18.89 -48.08 55.63
C VAL C 317 -19.56 -46.74 55.86
N ALA C 318 -20.31 -46.55 56.95
CA ALA C 318 -21.03 -45.31 57.18
C ALA C 318 -20.77 -44.82 58.60
N PRO C 319 -20.77 -43.50 58.80
CA PRO C 319 -20.67 -42.97 60.18
C PRO C 319 -21.95 -43.23 60.95
N MET C 320 -21.81 -43.80 62.13
CA MET C 320 -22.94 -44.23 62.93
C MET C 320 -22.97 -43.48 64.25
N VAL C 321 -24.16 -43.04 64.65
CA VAL C 321 -24.39 -42.31 65.89
C VAL C 321 -25.50 -43.02 66.65
N ARG C 322 -25.28 -43.25 67.95
CA ARG C 322 -26.30 -43.84 68.80
C ARG C 322 -27.34 -42.78 69.12
N MET C 323 -28.49 -42.86 68.47
CA MET C 323 -29.61 -41.98 68.76
C MET C 323 -30.18 -42.31 70.14
N PRO C 324 -30.80 -41.33 70.83
CA PRO C 324 -31.28 -41.57 72.19
C PRO C 324 -32.46 -42.53 72.32
N ASN C 325 -32.98 -43.12 71.24
CA ASN C 325 -33.96 -44.19 71.38
C ASN C 325 -33.33 -45.53 71.76
N GLY C 326 -32.00 -45.64 71.67
CA GLY C 326 -31.30 -46.85 72.04
C GLY C 326 -30.68 -47.63 70.90
N GLU C 327 -30.65 -47.09 69.68
CA GLU C 327 -30.15 -47.79 68.52
C GLU C 327 -29.07 -46.97 67.83
N LEU C 328 -28.09 -47.67 67.28
CA LEU C 328 -26.98 -47.06 66.55
C LEU C 328 -27.38 -46.95 65.08
N GLN C 329 -27.59 -45.73 64.59
CA GLN C 329 -28.08 -45.49 63.25
C GLN C 329 -27.03 -44.80 62.40
N ALA C 330 -26.95 -45.18 61.13
CA ALA C 330 -25.97 -44.60 60.23
C ALA C 330 -26.38 -43.19 59.82
N VAL C 331 -25.47 -42.23 59.99
CA VAL C 331 -25.75 -40.83 59.69
C VAL C 331 -24.72 -40.30 58.70
N GLU C 332 -24.83 -39.02 58.35
CA GLU C 332 -23.86 -38.36 57.49
C GLU C 332 -22.56 -38.08 58.26
N TRP C 333 -21.54 -37.67 57.52
CA TRP C 333 -20.25 -37.38 58.14
C TRP C 333 -20.29 -36.09 58.95
N GLU C 334 -20.95 -35.06 58.40
CA GLU C 334 -20.97 -33.75 59.06
C GLU C 334 -21.80 -33.78 60.34
N GLY C 335 -22.93 -34.51 60.32
CA GLY C 335 -23.75 -34.65 61.51
C GLY C 335 -23.06 -35.46 62.60
N ALA C 336 -22.33 -36.51 62.21
CA ALA C 336 -21.56 -37.28 63.19
C ALA C 336 -20.42 -36.46 63.78
N LEU C 337 -19.77 -35.64 62.94
CA LEU C 337 -18.68 -34.79 63.42
C LEU C 337 -19.18 -33.71 64.38
N ILE C 338 -20.34 -33.10 64.09
CA ILE C 338 -20.84 -32.09 65.01
C ILE C 338 -21.45 -32.74 66.26
N ALA C 339 -21.91 -33.99 66.17
CA ALA C 339 -22.37 -34.69 67.38
C ALA C 339 -21.22 -35.02 68.31
N VAL C 340 -20.09 -35.48 67.74
CA VAL C 340 -18.90 -35.75 68.55
C VAL C 340 -18.33 -34.45 69.11
N ALA C 341 -18.42 -33.35 68.34
CA ALA C 341 -17.96 -32.04 68.82
C ALA C 341 -18.85 -31.52 69.95
N LYS C 342 -20.16 -31.74 69.87
CA LYS C 342 -21.05 -31.33 70.96
C LYS C 342 -20.82 -32.19 72.21
N ALA C 343 -20.52 -33.48 72.04
CA ALA C 343 -20.18 -34.31 73.20
C ALA C 343 -18.85 -33.89 73.81
N ILE C 344 -17.90 -33.46 72.98
CA ILE C 344 -16.61 -32.96 73.45
C ILE C 344 -16.80 -31.66 74.23
N LYS C 345 -17.64 -30.75 73.72
CA LYS C 345 -17.92 -29.51 74.43
C LYS C 345 -18.72 -29.74 75.70
N ALA C 346 -19.55 -30.78 75.73
CA ALA C 346 -20.24 -31.15 76.95
C ALA C 346 -19.35 -31.87 77.96
N ALA C 347 -18.23 -32.45 77.50
CA ALA C 347 -17.29 -33.09 78.42
C ALA C 347 -16.59 -32.06 79.31
N GLY C 348 -16.01 -31.03 78.70
CA GLY C 348 -15.45 -29.91 79.44
C GLY C 348 -14.25 -30.18 80.32
N GLY C 349 -13.28 -30.94 79.82
CA GLY C 349 -12.02 -31.18 80.53
C GLY C 349 -11.74 -32.64 80.84
N GLN C 350 -12.75 -33.50 80.87
CA GLN C 350 -12.56 -34.92 81.18
C GLN C 350 -12.62 -35.71 79.87
N ILE C 351 -11.48 -35.77 79.19
CA ILE C 351 -11.39 -36.42 77.89
C ILE C 351 -10.20 -37.37 77.95
N ALA C 352 -10.39 -38.61 77.50
CA ALA C 352 -9.31 -39.58 77.42
C ALA C 352 -9.40 -40.33 76.10
N GLY C 353 -8.28 -40.93 75.69
CA GLY C 353 -8.22 -41.66 74.45
C GLY C 353 -7.37 -42.92 74.52
N ILE C 354 -7.84 -43.99 73.88
CA ILE C 354 -7.17 -45.29 73.91
C ILE C 354 -6.77 -45.66 72.49
N SER C 355 -5.50 -45.99 72.29
CA SER C 355 -5.03 -46.51 71.01
C SER C 355 -5.10 -48.03 71.01
N GLY C 356 -5.37 -48.59 69.85
CA GLY C 356 -5.58 -50.02 69.70
C GLY C 356 -4.36 -50.73 69.15
N GLN C 357 -4.61 -51.75 68.33
CA GLN C 357 -3.55 -52.59 67.78
C GLN C 357 -3.34 -52.45 66.29
N LEU C 358 -4.35 -52.00 65.55
CA LEU C 358 -4.23 -51.80 64.12
C LEU C 358 -3.95 -50.35 63.73
N ALA C 359 -3.80 -49.46 64.71
CA ALA C 359 -3.55 -48.06 64.42
C ALA C 359 -2.11 -47.85 63.98
N ASP C 360 -1.91 -46.97 63.00
CA ASP C 360 -0.58 -46.64 62.52
C ASP C 360 0.03 -45.55 63.40
N LEU C 361 1.19 -45.03 62.98
CA LEU C 361 1.86 -43.99 63.75
C LEU C 361 1.13 -42.66 63.61
N GLU C 362 0.59 -42.39 62.43
CA GLU C 362 0.06 -41.07 62.13
C GLU C 362 -1.27 -40.80 62.81
N ALA C 363 -2.14 -41.82 62.90
CA ALA C 363 -3.38 -41.66 63.64
C ALA C 363 -3.14 -41.52 65.14
N GLN C 364 -2.12 -42.21 65.67
CA GLN C 364 -1.76 -42.05 67.07
C GLN C 364 -1.19 -40.66 67.36
N VAL C 365 -0.38 -40.13 66.43
CA VAL C 365 0.14 -38.78 66.56
C VAL C 365 -0.99 -37.75 66.48
N ALA C 366 -1.93 -37.94 65.56
CA ALA C 366 -3.07 -37.03 65.43
C ALA C 366 -3.99 -37.09 66.63
N LEU C 367 -4.20 -38.30 67.18
CA LEU C 367 -5.01 -38.44 68.38
C LEU C 367 -4.36 -37.79 69.59
N LYS C 368 -3.04 -37.96 69.76
CA LYS C 368 -2.34 -37.34 70.89
C LYS C 368 -2.29 -35.83 70.72
N ASP C 369 -2.17 -35.33 69.49
CA ASP C 369 -2.19 -33.90 69.24
C ASP C 369 -3.56 -33.30 69.51
N LEU C 370 -4.64 -34.03 69.16
CA LEU C 370 -5.98 -33.55 69.47
C LEU C 370 -6.24 -33.54 70.97
N LEU C 371 -5.77 -34.57 71.69
CA LEU C 371 -6.00 -34.60 73.13
C LEU C 371 -5.15 -33.57 73.86
N ASN C 372 -3.92 -33.33 73.39
CA ASN C 372 -3.07 -32.33 74.04
C ASN C 372 -3.53 -30.91 73.71
N ARG C 373 -4.10 -30.70 72.53
CA ARG C 373 -4.63 -29.37 72.20
C ARG C 373 -5.92 -29.08 72.96
N LEU C 374 -6.68 -30.11 73.34
CA LEU C 374 -7.91 -29.94 74.09
C LEU C 374 -7.69 -29.94 75.61
N GLY C 375 -6.45 -29.99 76.06
CA GLY C 375 -6.17 -29.93 77.48
C GLY C 375 -6.17 -31.26 78.21
N SER C 376 -6.07 -32.37 77.49
CA SER C 376 -6.07 -33.70 78.09
C SER C 376 -4.66 -34.27 78.00
N GLU C 377 -4.07 -34.60 79.14
CA GLU C 377 -2.72 -35.12 79.20
C GLU C 377 -2.69 -36.64 79.32
N VAL C 378 -3.83 -37.31 79.19
CA VAL C 378 -3.91 -38.76 79.31
C VAL C 378 -4.22 -39.37 77.95
N VAL C 379 -3.39 -40.34 77.56
CA VAL C 379 -3.59 -41.18 76.39
C VAL C 379 -3.35 -42.63 76.83
N ALA C 380 -3.89 -43.57 76.07
CA ALA C 380 -3.83 -44.97 76.47
C ALA C 380 -3.52 -45.86 75.28
N THR C 381 -2.96 -47.02 75.60
CA THR C 381 -2.67 -48.08 74.64
C THR C 381 -3.25 -49.37 75.23
N GLU C 382 -3.78 -50.24 74.34
CA GLU C 382 -4.53 -51.41 74.78
C GLU C 382 -3.66 -52.42 75.51
N GLN C 383 -2.49 -52.73 74.97
CA GLN C 383 -1.59 -53.67 75.63
C GLN C 383 -0.76 -52.95 76.68
N GLY C 384 -0.76 -53.49 77.90
CA GLY C 384 -0.10 -52.83 79.01
C GLY C 384 1.42 -52.98 78.98
N PHE C 385 2.06 -52.25 79.89
CA PHE C 385 3.51 -52.22 79.99
C PHE C 385 3.88 -51.80 81.40
N ILE C 386 5.17 -51.91 81.72
CA ILE C 386 5.72 -51.54 83.02
C ILE C 386 5.67 -50.03 83.21
N ALA C 387 5.85 -49.59 84.45
CA ALA C 387 5.85 -48.17 84.77
C ALA C 387 7.28 -47.62 84.69
N GLY C 388 7.44 -46.56 83.92
CA GLY C 388 8.75 -45.93 83.76
C GLY C 388 9.60 -46.46 82.63
N GLY C 389 9.11 -47.44 81.86
CA GLY C 389 9.83 -47.97 80.73
C GLY C 389 9.61 -47.24 79.42
N THR C 390 8.87 -46.13 79.44
CA THR C 390 8.57 -45.39 78.22
C THR C 390 9.76 -44.57 77.74
N ASP C 391 10.56 -44.03 78.67
CA ASP C 391 11.60 -43.07 78.33
C ASP C 391 12.78 -43.69 77.58
N ASN C 392 13.12 -44.95 77.89
CA ASN C 392 14.19 -45.66 77.19
C ASN C 392 13.58 -46.69 76.26
N ARG C 393 14.10 -46.73 75.02
CA ARG C 393 13.55 -47.61 73.99
C ARG C 393 13.79 -49.08 74.30
N ALA C 394 14.94 -49.39 74.91
CA ALA C 394 15.41 -50.76 75.09
C ALA C 394 14.54 -51.58 76.02
N ASN C 395 13.70 -50.94 76.85
CA ASN C 395 12.77 -51.70 77.67
C ASN C 395 11.63 -52.31 76.87
N TYR C 396 11.33 -51.79 75.67
CA TYR C 396 10.23 -52.32 74.86
C TYR C 396 10.68 -52.69 73.46
N LEU C 397 11.95 -52.99 73.27
CA LEU C 397 12.50 -53.21 71.94
C LEU C 397 13.16 -54.57 71.86
N LEU C 398 12.99 -55.23 70.72
CA LEU C 398 13.76 -56.42 70.38
C LEU C 398 15.14 -55.93 69.96
N ASN C 399 16.02 -55.75 70.94
CA ASN C 399 17.28 -55.03 70.72
C ASN C 399 18.25 -55.85 69.87
N SER C 400 18.29 -57.16 70.07
CA SER C 400 18.96 -58.02 69.11
C SER C 400 18.13 -58.07 67.83
N THR C 401 18.81 -57.95 66.70
CA THR C 401 18.15 -57.89 65.40
C THR C 401 17.55 -59.25 65.07
N ILE C 402 16.41 -59.25 64.36
CA ILE C 402 15.78 -60.48 63.90
C ILE C 402 16.71 -61.24 62.95
N ALA C 403 17.45 -60.50 62.12
CA ALA C 403 18.50 -61.12 61.32
C ALA C 403 19.70 -61.54 62.17
N GLY C 404 19.87 -60.95 63.35
CA GLY C 404 20.97 -61.31 64.23
C GLY C 404 20.63 -62.47 65.15
N LEU C 405 19.33 -62.75 65.32
CA LEU C 405 18.89 -63.84 66.18
C LEU C 405 19.19 -65.21 65.61
N GLU C 406 19.51 -65.31 64.32
CA GLU C 406 20.01 -66.55 63.75
C GLU C 406 21.47 -66.81 64.11
N GLU C 407 22.17 -65.82 64.69
CA GLU C 407 23.54 -65.99 65.13
C GLU C 407 23.64 -66.20 66.64
N ALA C 408 22.51 -66.32 67.33
CA ALA C 408 22.52 -66.53 68.77
C ALA C 408 22.95 -67.95 69.12
N ASP C 409 23.64 -68.07 70.26
CA ASP C 409 24.15 -69.36 70.71
C ASP C 409 23.30 -70.00 71.78
N ALA C 410 22.70 -69.21 72.66
CA ALA C 410 21.82 -69.72 73.71
C ALA C 410 20.82 -68.64 74.09
N VAL C 411 19.53 -68.93 73.95
CA VAL C 411 18.50 -67.97 74.28
C VAL C 411 17.66 -68.53 75.43
N LEU C 412 17.01 -67.61 76.14
CA LEU C 412 16.11 -67.95 77.24
C LEU C 412 14.77 -67.26 77.01
N LEU C 413 13.69 -68.04 77.05
CA LEU C 413 12.36 -67.51 76.86
C LEU C 413 11.69 -67.36 78.23
N VAL C 414 11.32 -66.14 78.58
CA VAL C 414 10.63 -65.90 79.84
C VAL C 414 9.15 -65.67 79.56
N GLY C 415 8.37 -66.75 79.56
CA GLY C 415 6.93 -66.68 79.40
C GLY C 415 6.45 -66.20 78.04
N THR C 416 7.06 -66.67 76.97
CA THR C 416 6.62 -66.33 75.63
C THR C 416 6.56 -67.59 74.78
N ASN C 417 5.71 -67.55 73.77
CA ASN C 417 5.58 -68.62 72.78
C ASN C 417 5.81 -67.99 71.42
N PRO C 418 7.07 -67.93 70.95
CA PRO C 418 7.35 -67.26 69.68
C PRO C 418 6.88 -68.02 68.45
N ARG C 419 6.42 -69.27 68.59
CA ARG C 419 5.82 -69.96 67.45
C ARG C 419 4.51 -69.33 67.03
N TYR C 420 3.75 -68.76 67.98
CA TYR C 420 2.46 -68.15 67.68
C TYR C 420 2.43 -66.64 67.87
N GLU C 421 3.25 -66.10 68.78
CA GLU C 421 3.23 -64.65 69.01
C GLU C 421 3.91 -63.90 67.88
N ALA C 422 5.04 -64.42 67.39
CA ALA C 422 5.79 -63.78 66.31
C ALA C 422 6.56 -64.86 65.58
N PRO C 423 5.93 -65.50 64.58
CA PRO C 423 6.45 -66.78 64.06
C PRO C 423 7.73 -66.68 63.26
N LEU C 424 8.04 -65.53 62.66
CA LEU C 424 9.28 -65.41 61.91
C LEU C 424 10.49 -65.33 62.83
N VAL C 425 10.29 -64.84 64.07
CA VAL C 425 11.31 -64.95 65.09
C VAL C 425 11.55 -66.42 65.45
N ASN C 426 10.48 -67.23 65.43
CA ASN C 426 10.65 -68.67 65.64
C ASN C 426 11.35 -69.34 64.46
N THR C 427 11.16 -68.84 63.24
CA THR C 427 11.94 -69.35 62.11
C THR C 427 13.41 -69.01 62.24
N ARG C 428 13.72 -67.81 62.73
CA ARG C 428 15.11 -67.43 62.98
C ARG C 428 15.73 -68.28 64.09
N LEU C 429 14.95 -68.57 65.14
CA LEU C 429 15.43 -69.43 66.21
C LEU C 429 15.59 -70.88 65.75
N ARG C 430 14.73 -71.34 64.83
CA ARG C 430 14.87 -72.67 64.26
C ARG C 430 16.11 -72.76 63.38
N LYS C 431 16.40 -71.70 62.61
CA LYS C 431 17.62 -71.65 61.80
C LYS C 431 18.87 -71.63 62.68
N ALA C 432 18.83 -70.92 63.80
CA ALA C 432 19.96 -70.91 64.72
C ALA C 432 20.08 -72.23 65.47
N TYR C 433 18.96 -72.92 65.70
CA TYR C 433 19.01 -74.24 66.33
C TYR C 433 19.60 -75.28 65.38
N VAL C 434 19.26 -75.19 64.09
CA VAL C 434 19.76 -76.14 63.11
C VAL C 434 21.25 -75.89 62.84
N HIS C 435 21.61 -74.63 62.60
CA HIS C 435 22.95 -74.33 62.11
C HIS C 435 23.93 -73.99 63.22
N ASN C 436 23.55 -73.11 64.14
CA ASN C 436 24.47 -72.57 65.13
C ASN C 436 24.48 -73.37 66.44
N GLU C 437 23.79 -74.51 66.47
CA GLU C 437 23.71 -75.42 67.63
C GLU C 437 23.18 -74.72 68.88
N LEU C 438 22.06 -74.03 68.71
CA LEU C 438 21.48 -73.27 69.81
C LEU C 438 20.79 -74.21 70.80
N GLN C 439 21.04 -73.97 72.08
CA GLN C 439 20.35 -74.63 73.17
C GLN C 439 19.48 -73.62 73.89
N ILE C 440 18.22 -73.97 74.13
CA ILE C 440 17.20 -73.02 74.55
C ILE C 440 16.47 -73.57 75.77
N ALA C 441 16.31 -72.72 76.79
CA ALA C 441 15.49 -73.02 77.95
C ALA C 441 14.33 -72.04 78.01
N SER C 442 13.19 -72.51 78.46
CA SER C 442 11.97 -71.72 78.52
C SER C 442 11.40 -71.75 79.93
N ILE C 443 10.72 -70.67 80.30
CA ILE C 443 10.09 -70.53 81.61
C ILE C 443 8.59 -70.41 81.39
N GLY C 444 7.81 -71.29 82.03
CA GLY C 444 6.38 -71.25 81.92
C GLY C 444 5.79 -72.63 81.73
N PRO C 445 4.63 -72.70 81.08
CA PRO C 445 3.99 -74.00 80.83
C PRO C 445 4.67 -74.74 79.68
N LYS C 446 4.22 -75.97 79.47
CA LYS C 446 4.76 -76.78 78.39
C LYS C 446 4.26 -76.30 77.04
N ILE C 447 5.20 -75.98 76.15
CA ILE C 447 4.88 -75.49 74.82
C ILE C 447 5.71 -76.25 73.80
N ASP C 448 5.22 -76.28 72.56
CA ASP C 448 5.94 -76.87 71.44
C ASP C 448 6.46 -75.73 70.57
N LEU C 449 7.78 -75.61 70.49
CA LEU C 449 8.42 -74.53 69.75
C LEU C 449 8.91 -74.96 68.38
N SER C 450 8.49 -76.13 67.90
CA SER C 450 8.90 -76.84 66.67
C SER C 450 10.37 -77.24 66.71
N TYR C 451 10.99 -77.29 67.88
CA TYR C 451 12.33 -77.85 68.05
C TYR C 451 12.46 -78.36 69.48
N ASP C 452 13.53 -79.11 69.72
CA ASP C 452 13.77 -79.65 71.05
C ASP C 452 14.21 -78.55 72.01
N HIS C 453 13.56 -78.50 73.17
CA HIS C 453 13.86 -77.49 74.18
C HIS C 453 13.51 -78.05 75.55
N GLU C 454 14.06 -77.42 76.58
CA GLU C 454 13.86 -77.83 77.96
C GLU C 454 13.09 -76.73 78.70
N ASN C 455 12.04 -77.11 79.41
CA ASN C 455 11.30 -76.18 80.25
C ASN C 455 11.82 -76.24 81.68
N LEU C 456 12.26 -75.09 82.20
CA LEU C 456 12.81 -75.04 83.55
C LEU C 456 11.70 -75.13 84.60
N GLY C 457 10.57 -74.50 84.35
CA GLY C 457 9.46 -74.54 85.28
C GLY C 457 8.46 -73.44 84.97
N ALA C 458 7.47 -73.33 85.85
CA ALA C 458 6.44 -72.31 85.72
C ALA C 458 6.52 -71.22 86.78
N ASP C 459 7.34 -71.40 87.82
CA ASP C 459 7.46 -70.39 88.87
C ASP C 459 8.31 -69.23 88.38
N ALA C 460 8.00 -68.02 88.87
CA ALA C 460 8.78 -66.84 88.52
C ALA C 460 10.07 -66.72 89.31
N ALA C 461 10.18 -67.43 90.44
CA ALA C 461 11.35 -67.31 91.31
C ALA C 461 12.60 -67.85 90.66
N LEU C 462 12.48 -68.87 89.80
CA LEU C 462 13.63 -69.35 89.05
C LEU C 462 14.07 -68.37 87.97
N VAL C 463 13.20 -67.42 87.60
CA VAL C 463 13.62 -66.28 86.78
C VAL C 463 14.68 -65.47 87.52
N LYS C 464 14.55 -65.36 88.84
CA LYS C 464 15.61 -64.80 89.66
C LYS C 464 16.85 -65.69 89.64
N ASP C 465 16.66 -67.02 89.62
CA ASP C 465 17.77 -67.96 89.79
C ASP C 465 18.73 -67.95 88.62
N VAL C 466 18.20 -67.82 87.40
CA VAL C 466 19.03 -67.61 86.22
C VAL C 466 19.75 -66.27 86.32
N CYS C 467 19.09 -65.26 86.91
CA CYS C 467 19.78 -64.02 87.22
C CYS C 467 20.66 -64.12 88.46
N SER C 468 20.51 -65.19 89.25
CA SER C 468 21.34 -65.33 90.44
C SER C 468 22.62 -66.10 90.15
N GLY C 469 22.60 -67.02 89.19
CA GLY C 469 23.76 -67.82 88.86
C GLY C 469 23.77 -69.22 89.43
N ALA C 470 22.78 -69.56 90.26
CA ALA C 470 22.75 -70.90 90.86
C ALA C 470 22.29 -71.97 89.86
N HIS C 471 21.41 -71.62 88.93
CA HIS C 471 20.91 -72.57 87.95
C HIS C 471 21.98 -72.81 86.89
N ALA C 472 21.98 -74.03 86.33
CA ALA C 472 22.99 -74.41 85.35
C ALA C 472 22.83 -73.67 84.03
N PHE C 473 21.60 -73.27 83.68
CA PHE C 473 21.41 -72.50 82.46
C PHE C 473 21.95 -71.08 82.58
N SER C 474 22.12 -70.57 83.80
CA SER C 474 22.86 -69.32 83.97
C SER C 474 24.33 -69.49 83.57
N LYS C 475 24.92 -70.65 83.90
CA LYS C 475 26.27 -70.95 83.43
C LYS C 475 26.31 -71.19 81.93
N VAL C 476 25.23 -71.74 81.36
CA VAL C 476 25.14 -71.90 79.91
C VAL C 476 25.10 -70.53 79.22
N LEU C 477 24.29 -69.61 79.76
CA LEU C 477 24.19 -68.27 79.20
C LEU C 477 25.47 -67.46 79.39
N GLU C 478 26.17 -67.65 80.51
CA GLU C 478 27.43 -66.95 80.72
C GLU C 478 28.54 -67.53 79.85
N GLY C 479 28.51 -68.83 79.58
CA GLY C 479 29.50 -69.44 78.71
C GLY C 479 29.21 -69.32 77.22
N ALA C 480 28.02 -68.84 76.86
CA ALA C 480 27.66 -68.70 75.45
C ALA C 480 28.33 -67.47 74.85
N LYS C 481 28.64 -67.57 73.55
CA LYS C 481 29.28 -66.46 72.86
C LYS C 481 28.31 -65.32 72.59
N LYS C 482 27.09 -65.64 72.16
CA LYS C 482 26.07 -64.64 71.85
C LYS C 482 24.77 -65.01 72.56
N PRO C 483 24.62 -64.65 73.83
CA PRO C 483 23.40 -64.98 74.56
C PRO C 483 22.31 -63.93 74.37
N ALA C 484 21.08 -64.34 74.67
CA ALA C 484 19.93 -63.46 74.59
C ALA C 484 18.87 -63.94 75.57
N ILE C 485 18.02 -63.02 76.00
CA ILE C 485 16.87 -63.34 76.86
C ILE C 485 15.64 -62.67 76.26
N ILE C 486 14.65 -63.48 75.90
CA ILE C 486 13.43 -63.00 75.24
C ILE C 486 12.30 -63.02 76.25
N ILE C 487 11.65 -61.88 76.44
CA ILE C 487 10.55 -61.72 77.39
C ILE C 487 9.29 -61.37 76.61
N GLY C 488 8.22 -62.11 76.88
CA GLY C 488 6.93 -61.76 76.32
C GLY C 488 6.35 -60.52 76.99
N ALA C 489 5.48 -59.83 76.24
CA ALA C 489 4.91 -58.59 76.75
C ALA C 489 3.79 -58.81 77.76
N ASP C 490 3.22 -60.02 77.82
CA ASP C 490 2.12 -60.25 78.76
C ASP C 490 2.61 -60.39 80.20
N LEU C 491 3.88 -60.71 80.42
CA LEU C 491 4.45 -60.59 81.76
C LEU C 491 4.71 -59.14 82.12
N LEU C 492 5.03 -58.30 81.14
CA LEU C 492 5.20 -56.86 81.39
C LEU C 492 3.85 -56.16 81.55
N GLU C 493 2.76 -56.81 81.14
CA GLU C 493 1.43 -56.32 81.50
C GLU C 493 1.19 -56.41 83.00
N ARG C 494 1.75 -57.42 83.66
CA ARG C 494 1.62 -57.56 85.11
C ARG C 494 2.49 -56.52 85.81
N ALA C 495 2.12 -56.22 87.06
CA ALA C 495 2.82 -55.19 87.82
C ALA C 495 4.10 -55.72 88.45
N ASP C 496 3.99 -56.77 89.27
CA ASP C 496 5.14 -57.32 89.99
C ASP C 496 6.16 -57.94 89.05
N GLY C 497 5.69 -58.53 87.94
CA GLY C 497 6.58 -59.02 86.89
C GLY C 497 7.36 -57.93 86.19
N ALA C 498 6.90 -56.67 86.30
CA ALA C 498 7.68 -55.50 85.90
C ALA C 498 9.02 -55.47 86.60
N ALA C 499 9.03 -55.79 87.90
CA ALA C 499 10.29 -55.91 88.64
C ALA C 499 11.15 -57.04 88.10
N ILE C 500 10.51 -58.11 87.61
CA ILE C 500 11.17 -59.20 86.89
C ILE C 500 11.97 -58.65 85.71
N HIS C 501 11.36 -57.70 84.98
CA HIS C 501 12.01 -56.98 83.88
C HIS C 501 13.31 -56.34 84.33
N ALA C 502 13.28 -55.65 85.48
CA ALA C 502 14.46 -54.98 86.00
C ALA C 502 15.53 -55.99 86.38
N THR C 503 15.11 -57.15 86.90
CA THR C 503 16.03 -58.21 87.27
C THR C 503 16.75 -58.74 86.04
N VAL C 504 16.02 -58.89 84.92
CA VAL C 504 16.62 -59.36 83.68
C VAL C 504 17.61 -58.33 83.16
N ALA C 505 17.30 -57.04 83.37
CA ALA C 505 18.21 -55.96 82.98
C ALA C 505 19.52 -56.04 83.74
N GLU C 506 19.46 -56.44 85.01
CA GLU C 506 20.68 -56.64 85.80
C GLU C 506 21.51 -57.77 85.23
N TYR C 507 20.84 -58.85 84.79
CA TYR C 507 21.57 -59.95 84.16
C TYR C 507 22.13 -59.55 82.81
N CYS C 508 21.52 -58.56 82.15
CA CYS C 508 22.11 -58.08 80.90
C CYS C 508 23.38 -57.30 81.15
N LYS C 509 23.54 -56.72 82.34
CA LYS C 509 24.81 -56.12 82.71
C LYS C 509 25.89 -57.16 82.96
N LYS C 510 25.51 -58.43 83.14
CA LYS C 510 26.45 -59.53 83.17
C LYS C 510 26.53 -60.27 81.83
N LEU C 511 25.85 -59.77 80.79
CA LEU C 511 25.85 -60.47 79.51
C LEU C 511 26.12 -59.54 78.32
N LYS C 512 26.73 -58.38 78.57
CA LYS C 512 26.97 -57.42 77.49
C LYS C 512 28.11 -57.89 76.60
N LYS C 513 27.87 -57.83 75.29
CA LYS C 513 28.83 -58.22 74.26
C LYS C 513 28.99 -57.08 73.27
N PRO C 514 30.15 -56.98 72.61
CA PRO C 514 30.31 -55.95 71.58
C PRO C 514 29.46 -56.24 70.36
N ASN C 515 28.70 -55.22 69.93
CA ASN C 515 27.74 -55.27 68.81
C ASN C 515 26.71 -56.39 69.00
N TRP C 516 26.25 -56.57 70.24
CA TRP C 516 25.26 -57.59 70.57
C TRP C 516 24.56 -57.19 71.86
N ASN C 517 23.27 -56.90 71.78
CA ASN C 517 22.49 -56.56 72.96
C ASN C 517 21.66 -57.76 73.38
N PRO C 518 21.91 -58.37 74.54
CA PRO C 518 21.19 -59.60 74.92
C PRO C 518 19.75 -59.37 75.37
N PHE C 519 19.35 -58.13 75.66
CA PHE C 519 17.98 -57.86 76.10
C PHE C 519 17.04 -57.94 74.92
N ASN C 520 15.93 -58.64 75.09
CA ASN C 520 14.96 -58.79 74.02
C ASN C 520 13.56 -58.83 74.61
N VAL C 521 12.68 -57.97 74.09
CA VAL C 521 11.28 -57.95 74.46
C VAL C 521 10.47 -58.19 73.19
N LEU C 522 9.69 -59.26 73.18
CA LEU C 522 8.91 -59.66 72.00
C LEU C 522 7.48 -59.15 72.18
N GLN C 523 7.10 -58.16 71.38
CA GLN C 523 5.76 -57.60 71.46
C GLN C 523 4.78 -58.46 70.67
N THR C 524 3.50 -58.14 70.81
CA THR C 524 2.43 -58.88 70.15
C THR C 524 1.76 -58.11 69.03
N ASN C 525 1.43 -56.85 69.25
CA ASN C 525 0.83 -56.01 68.21
C ASN C 525 1.86 -55.05 67.62
N ALA C 526 1.51 -54.48 66.47
CA ALA C 526 2.43 -53.62 65.73
C ALA C 526 2.31 -52.14 66.07
N ALA C 527 1.47 -51.77 67.05
CA ALA C 527 1.27 -50.38 67.39
C ALA C 527 1.88 -49.99 68.74
N GLN C 528 2.29 -50.97 69.55
CA GLN C 528 2.78 -50.68 70.90
C GLN C 528 4.11 -49.95 70.88
N VAL C 529 5.03 -50.40 70.03
CA VAL C 529 6.36 -49.78 69.96
C VAL C 529 6.27 -48.39 69.36
N GLY C 530 5.39 -48.20 68.38
CA GLY C 530 5.17 -46.87 67.82
C GLY C 530 4.53 -45.92 68.80
N ALA C 531 3.57 -46.41 69.59
CA ALA C 531 2.91 -45.56 70.59
C ALA C 531 3.87 -45.20 71.73
N LEU C 532 4.77 -46.11 72.10
CA LEU C 532 5.76 -45.78 73.11
C LEU C 532 6.86 -44.88 72.54
N ASP C 533 7.08 -44.95 71.22
CA ASP C 533 8.00 -44.02 70.58
C ASP C 533 7.43 -42.60 70.55
N VAL C 534 6.12 -42.48 70.30
CA VAL C 534 5.47 -41.18 70.38
C VAL C 534 5.40 -40.63 71.80
N GLY C 535 5.11 -41.48 72.77
CA GLY C 535 4.97 -41.04 74.15
C GLY C 535 3.67 -41.43 74.82
N TYR C 536 3.03 -42.50 74.37
CA TYR C 536 1.78 -42.94 74.98
C TYR C 536 2.02 -43.59 76.34
N LYS C 537 1.08 -43.37 77.25
CA LYS C 537 1.01 -44.18 78.46
C LYS C 537 0.36 -45.51 78.10
N ALA C 538 1.11 -46.60 78.29
CA ALA C 538 0.68 -47.86 77.68
C ALA C 538 -0.32 -48.60 78.57
N GLY C 539 -0.62 -48.05 79.74
CA GLY C 539 -1.64 -48.65 80.59
C GLY C 539 -3.04 -48.46 80.05
N ALA C 540 -3.75 -49.57 79.79
CA ALA C 540 -5.12 -49.47 79.33
C ALA C 540 -6.07 -49.13 80.47
N GLN C 541 -5.63 -49.34 81.71
CA GLN C 541 -6.45 -48.99 82.86
C GLN C 541 -6.30 -47.53 83.23
N THR C 542 -5.35 -46.83 82.59
CA THR C 542 -5.10 -45.42 82.89
C THR C 542 -6.26 -44.54 82.44
N ALA C 543 -6.79 -44.80 81.24
CA ALA C 543 -7.92 -44.03 80.73
C ALA C 543 -9.20 -44.35 81.50
N VAL C 544 -9.30 -45.59 82.02
CA VAL C 544 -10.43 -45.93 82.88
C VAL C 544 -10.33 -45.23 84.22
N LYS C 545 -9.10 -45.13 84.75
CA LYS C 545 -8.89 -44.47 86.04
C LYS C 545 -9.04 -42.95 85.91
N ALA C 546 -8.84 -42.41 84.70
CA ALA C 546 -9.03 -40.98 84.50
C ALA C 546 -10.52 -40.60 84.51
N GLN C 547 -11.39 -41.57 84.17
CA GLN C 547 -12.85 -41.49 84.14
C GLN C 547 -13.35 -40.36 83.24
N PRO C 548 -13.24 -40.50 81.92
CA PRO C 548 -13.61 -39.40 81.03
C PRO C 548 -15.10 -39.34 80.75
N LYS C 549 -15.51 -38.23 80.15
CA LYS C 549 -16.90 -38.08 79.70
C LYS C 549 -17.07 -38.39 78.23
N VAL C 550 -16.02 -38.22 77.42
CA VAL C 550 -15.96 -38.71 76.06
C VAL C 550 -14.65 -39.48 75.89
N LEU C 551 -14.73 -40.65 75.27
CA LEU C 551 -13.59 -41.55 75.16
C LEU C 551 -13.37 -41.91 73.70
N PHE C 552 -12.12 -41.93 73.29
CA PHE C 552 -11.73 -42.19 71.90
C PHE C 552 -11.12 -43.58 71.81
N LEU C 553 -11.72 -44.44 71.00
CA LEU C 553 -11.20 -45.77 70.71
C LEU C 553 -10.65 -45.76 69.29
N LEU C 554 -9.33 -45.80 69.17
CA LEU C 554 -8.65 -45.74 67.88
C LEU C 554 -8.18 -47.16 67.54
N ASN C 555 -8.98 -47.86 66.73
CA ASN C 555 -8.72 -49.23 66.25
C ASN C 555 -8.53 -50.22 67.40
N ALA C 556 -9.31 -50.06 68.46
CA ALA C 556 -9.23 -50.91 69.64
C ALA C 556 -10.34 -51.95 69.60
N ASP C 557 -9.96 -53.23 69.56
CA ASP C 557 -10.92 -54.32 69.56
C ASP C 557 -10.51 -55.44 70.53
N ALA C 558 -9.63 -55.13 71.49
CA ALA C 558 -9.15 -56.14 72.43
C ALA C 558 -10.18 -56.50 73.48
N GLY C 559 -11.21 -55.68 73.68
CA GLY C 559 -12.22 -55.98 74.67
C GLY C 559 -11.80 -55.75 76.10
N LYS C 560 -10.72 -54.99 76.33
CA LYS C 560 -10.26 -54.73 77.69
C LYS C 560 -11.14 -53.71 78.41
N VAL C 561 -11.81 -52.83 77.67
CA VAL C 561 -12.68 -51.82 78.25
C VAL C 561 -14.13 -52.19 77.95
N THR C 562 -14.99 -52.05 78.95
CA THR C 562 -16.41 -52.34 78.84
C THR C 562 -17.20 -51.09 79.21
N ARG C 563 -18.53 -51.24 79.26
CA ARG C 563 -19.39 -50.14 79.66
C ARG C 563 -19.62 -50.06 81.16
N GLU C 564 -19.46 -51.18 81.88
CA GLU C 564 -19.65 -51.16 83.32
C GLU C 564 -18.47 -50.53 84.07
N GLN C 565 -17.29 -50.48 83.46
CA GLN C 565 -16.17 -49.79 84.08
C GLN C 565 -16.30 -48.28 83.93
N LEU C 566 -16.77 -47.83 82.77
CA LEU C 566 -16.97 -46.43 82.47
C LEU C 566 -18.24 -45.91 83.14
N PRO C 567 -18.30 -44.62 83.46
CA PRO C 567 -19.53 -44.06 84.04
C PRO C 567 -20.65 -43.97 83.00
N LYS C 568 -21.85 -43.65 83.51
CA LYS C 568 -23.04 -43.64 82.66
C LYS C 568 -23.08 -42.47 81.70
N ASP C 569 -22.31 -41.41 81.95
CA ASP C 569 -22.25 -40.26 81.07
C ASP C 569 -21.11 -40.34 80.07
N CYS C 570 -20.52 -41.52 79.89
CA CYS C 570 -19.43 -41.69 78.94
C CYS C 570 -19.95 -41.66 77.51
N PHE C 571 -19.06 -41.30 76.58
CA PHE C 571 -19.38 -41.20 75.15
C PHE C 571 -18.23 -41.85 74.41
N VAL C 572 -18.36 -43.14 74.11
CA VAL C 572 -17.28 -43.89 73.48
C VAL C 572 -17.31 -43.63 71.98
N VAL C 573 -16.20 -43.14 71.43
CA VAL C 573 -16.07 -42.86 70.01
C VAL C 573 -15.13 -43.89 69.40
N TYR C 574 -15.60 -44.59 68.38
CA TYR C 574 -14.82 -45.60 67.69
C TYR C 574 -14.36 -45.07 66.34
N ILE C 575 -13.06 -45.15 66.08
CA ILE C 575 -12.48 -44.61 64.86
C ILE C 575 -12.03 -45.72 63.91
N GLY C 576 -11.83 -46.94 64.41
CA GLY C 576 -11.32 -48.04 63.61
C GLY C 576 -12.28 -48.54 62.53
N SER C 577 -11.78 -49.50 61.76
CA SER C 577 -12.43 -49.91 60.52
C SER C 577 -13.35 -51.11 60.65
N HIS C 578 -13.12 -51.99 61.62
CA HIS C 578 -13.87 -53.24 61.73
C HIS C 578 -14.82 -53.19 62.91
N GLY C 579 -16.07 -53.60 62.68
CA GLY C 579 -17.06 -53.65 63.73
C GLY C 579 -16.91 -54.86 64.63
N ASP C 580 -16.56 -54.63 65.87
CA ASP C 580 -16.28 -55.70 66.83
C ASP C 580 -16.68 -55.20 68.23
N ASN C 581 -16.10 -55.84 69.26
CA ASN C 581 -16.43 -55.50 70.64
C ASN C 581 -16.01 -54.08 71.02
N GLY C 582 -15.00 -53.54 70.35
CA GLY C 582 -14.69 -52.13 70.51
C GLY C 582 -15.77 -51.23 69.93
N ALA C 583 -16.33 -51.62 68.79
CA ALA C 583 -17.42 -50.86 68.17
C ALA C 583 -18.78 -51.19 68.74
N SER C 584 -18.91 -52.28 69.51
CA SER C 584 -20.19 -52.65 70.10
C SER C 584 -20.54 -51.79 71.32
N ILE C 585 -19.56 -51.11 71.90
CA ILE C 585 -19.77 -50.28 73.08
C ILE C 585 -19.67 -48.80 72.77
N ALA C 586 -19.69 -48.43 71.49
CA ALA C 586 -19.42 -47.07 71.06
C ALA C 586 -20.73 -46.31 70.85
N ASP C 587 -20.79 -45.09 71.38
CA ASP C 587 -21.93 -44.20 71.16
C ASP C 587 -21.83 -43.44 69.84
N ALA C 588 -20.67 -43.46 69.19
CA ALA C 588 -20.49 -42.85 67.89
C ALA C 588 -19.40 -43.61 67.15
N VAL C 589 -19.75 -44.18 66.00
CA VAL C 589 -18.84 -45.02 65.24
C VAL C 589 -18.44 -44.27 63.98
N LEU C 590 -17.14 -44.00 63.85
CA LEU C 590 -16.58 -43.36 62.66
C LEU C 590 -15.77 -44.38 61.88
N PRO C 591 -16.10 -44.65 60.62
CA PRO C 591 -15.39 -45.70 59.88
C PRO C 591 -14.02 -45.25 59.42
N GLY C 592 -13.05 -46.16 59.57
CA GLY C 592 -11.68 -45.91 59.15
C GLY C 592 -11.27 -46.82 58.01
N ALA C 593 -10.00 -46.70 57.65
CA ALA C 593 -9.41 -47.49 56.59
C ALA C 593 -8.50 -48.57 57.18
N ALA C 594 -8.41 -49.69 56.46
CA ALA C 594 -7.54 -50.79 56.89
C ALA C 594 -6.10 -50.51 56.49
N TYR C 595 -5.22 -51.47 56.74
CA TYR C 595 -3.80 -51.27 56.47
C TYR C 595 -3.47 -51.35 54.99
N THR C 596 -4.35 -51.94 54.18
CA THR C 596 -4.18 -51.94 52.73
C THR C 596 -4.91 -50.77 52.06
N GLU C 597 -5.57 -49.91 52.83
CA GLU C 597 -6.31 -48.79 52.28
C GLU C 597 -5.73 -47.44 52.65
N LYS C 598 -4.69 -47.41 53.48
CA LYS C 598 -4.09 -46.15 53.91
C LYS C 598 -2.58 -46.30 53.94
N GLN C 599 -1.90 -45.16 53.87
CA GLN C 599 -0.45 -45.09 53.98
C GLN C 599 -0.10 -44.68 55.40
N GLY C 600 0.55 -45.57 56.14
CA GLY C 600 0.86 -45.30 57.53
C GLY C 600 2.06 -46.04 58.05
N ILE C 601 2.82 -45.39 58.92
CA ILE C 601 4.04 -45.97 59.47
C ILE C 601 3.69 -46.90 60.61
N TYR C 602 4.28 -48.10 60.61
CA TYR C 602 4.18 -49.05 61.70
C TYR C 602 5.58 -49.40 62.17
N VAL C 603 5.75 -49.49 63.48
CA VAL C 603 7.03 -49.82 64.09
C VAL C 603 6.91 -51.22 64.70
N ASN C 604 7.84 -52.10 64.35
CA ASN C 604 7.80 -53.48 64.78
C ASN C 604 8.54 -53.64 66.12
N THR C 605 8.79 -54.90 66.51
CA THR C 605 9.51 -55.20 67.74
C THR C 605 10.96 -54.75 67.71
N GLU C 606 11.64 -54.90 66.57
CA GLU C 606 13.04 -54.52 66.48
C GLU C 606 13.22 -53.00 66.40
N GLY C 607 12.19 -52.25 66.05
CA GLY C 607 12.26 -50.82 65.98
C GLY C 607 12.40 -50.23 64.58
N ARG C 608 12.12 -51.01 63.54
CA ARG C 608 12.26 -50.53 62.17
C ARG C 608 10.94 -49.93 61.72
N PRO C 609 10.87 -48.61 61.49
CA PRO C 609 9.59 -48.00 61.09
C PRO C 609 9.37 -48.12 59.58
N GLN C 610 8.30 -48.79 59.18
CA GLN C 610 8.03 -49.08 57.78
C GLN C 610 6.61 -48.65 57.44
N GLN C 611 6.42 -48.05 56.26
CA GLN C 611 5.13 -47.47 55.90
C GLN C 611 4.42 -48.31 54.83
N THR C 612 3.14 -48.56 55.06
CA THR C 612 2.31 -49.28 54.11
C THR C 612 1.91 -48.38 52.95
N LEU C 613 1.32 -48.98 51.92
CA LEU C 613 0.92 -48.23 50.74
C LEU C 613 -0.54 -48.52 50.41
N PRO C 614 -1.32 -47.48 50.01
CA PRO C 614 -2.76 -47.67 49.75
C PRO C 614 -3.06 -48.35 48.42
N GLY C 615 -3.05 -49.69 48.44
CA GLY C 615 -3.28 -50.44 47.22
C GLY C 615 -4.72 -50.42 46.74
N VAL C 616 -5.67 -50.27 47.67
CA VAL C 616 -7.08 -50.32 47.35
C VAL C 616 -7.79 -49.16 48.05
N SER C 617 -8.76 -48.54 47.35
CA SER C 617 -9.53 -47.45 47.91
C SER C 617 -10.44 -47.94 49.04
N PRO C 618 -10.69 -47.11 50.05
CA PRO C 618 -11.57 -47.53 51.15
C PRO C 618 -13.01 -47.63 50.69
N PRO C 619 -13.79 -48.56 51.24
CA PRO C 619 -15.17 -48.73 50.79
C PRO C 619 -16.15 -47.83 51.52
N GLY C 620 -17.15 -47.36 50.77
CA GLY C 620 -18.21 -46.56 51.34
C GLY C 620 -17.74 -45.15 51.67
N MET C 621 -18.10 -44.69 52.86
CA MET C 621 -17.70 -43.37 53.35
C MET C 621 -16.51 -43.46 54.31
N ALA C 622 -15.84 -44.61 54.37
CA ALA C 622 -14.66 -44.75 55.21
C ALA C 622 -13.49 -43.97 54.63
N ARG C 623 -12.71 -43.34 55.51
CA ARG C 623 -11.59 -42.52 55.12
C ARG C 623 -10.40 -42.83 56.02
N GLU C 624 -9.29 -42.13 55.77
CA GLU C 624 -8.09 -42.30 56.58
C GLU C 624 -8.29 -41.74 57.98
N ASP C 625 -7.65 -42.37 58.97
CA ASP C 625 -7.93 -42.09 60.37
C ASP C 625 -7.39 -40.73 60.80
N TRP C 626 -6.20 -40.35 60.32
CA TRP C 626 -5.67 -39.04 60.67
C TRP C 626 -6.45 -37.92 60.00
N LYS C 627 -7.08 -38.20 58.84
CA LYS C 627 -7.98 -37.24 58.24
C LYS C 627 -9.25 -37.07 59.08
N ILE C 628 -9.72 -38.16 59.69
CA ILE C 628 -10.87 -38.08 60.61
C ILE C 628 -10.51 -37.24 61.84
N LEU C 629 -9.31 -37.46 62.39
CA LEU C 629 -8.87 -36.68 63.55
C LEU C 629 -8.67 -35.20 63.22
N ARG C 630 -8.12 -34.91 62.03
CA ARG C 630 -7.93 -33.52 61.61
C ARG C 630 -9.25 -32.83 61.33
N ALA C 631 -10.21 -33.54 60.71
CA ALA C 631 -11.54 -32.98 60.50
C ALA C 631 -12.28 -32.77 61.80
N LEU C 632 -12.08 -33.66 62.78
CA LEU C 632 -12.67 -33.47 64.10
C LEU C 632 -12.07 -32.26 64.81
N SER C 633 -10.76 -32.04 64.62
CA SER C 633 -10.11 -30.83 65.13
C SER C 633 -10.65 -29.58 64.44
N GLU C 634 -11.01 -29.68 63.16
CA GLU C 634 -11.62 -28.54 62.47
C GLU C 634 -13.03 -28.25 62.99
N VAL C 635 -13.83 -29.30 63.23
CA VAL C 635 -15.20 -29.11 63.68
C VAL C 635 -15.24 -28.61 65.13
N VAL C 636 -14.35 -29.13 65.99
CA VAL C 636 -14.32 -28.71 67.39
C VAL C 636 -13.86 -27.26 67.51
N GLY C 637 -12.78 -26.90 66.83
CA GLY C 637 -12.39 -25.50 66.79
C GLY C 637 -10.90 -25.25 66.93
N LYS C 638 -10.16 -26.23 67.43
CA LYS C 638 -8.71 -26.13 67.58
C LYS C 638 -8.05 -27.05 66.57
N PRO C 639 -7.69 -26.56 65.39
CA PRO C 639 -7.20 -27.45 64.34
C PRO C 639 -5.74 -27.83 64.54
N LEU C 640 -5.41 -29.01 64.03
CA LEU C 640 -4.03 -29.47 64.01
C LEU C 640 -3.24 -28.66 62.99
N PRO C 641 -1.95 -28.40 63.25
CA PRO C 641 -1.18 -27.53 62.34
C PRO C 641 -0.85 -28.14 60.98
N TYR C 642 -1.04 -29.44 60.79
CA TYR C 642 -0.73 -30.10 59.53
C TYR C 642 -2.01 -30.39 58.76
N ASP C 643 -1.98 -30.12 57.46
CA ASP C 643 -3.09 -30.42 56.57
C ASP C 643 -2.73 -31.42 55.49
N ASN C 644 -1.48 -31.89 55.47
CA ASN C 644 -0.99 -32.81 54.45
C ASN C 644 -0.22 -33.92 55.15
N LEU C 645 0.04 -35.00 54.40
CA LEU C 645 0.76 -36.13 54.97
C LEU C 645 2.24 -35.81 55.17
N ASP C 646 2.83 -35.02 54.27
CA ASP C 646 4.24 -34.64 54.40
C ASP C 646 4.47 -33.71 55.59
N GLU C 647 3.51 -32.83 55.88
CA GLU C 647 3.60 -32.01 57.09
C GLU C 647 3.45 -32.86 58.35
N LEU C 648 2.67 -33.94 58.27
CA LEU C 648 2.60 -34.88 59.38
C LEU C 648 3.89 -35.65 59.55
N ARG C 649 4.59 -35.96 58.46
CA ARG C 649 5.93 -36.54 58.56
C ARG C 649 6.93 -35.55 59.14
N ASN C 650 6.77 -34.26 58.83
CA ASN C 650 7.60 -33.23 59.47
C ASN C 650 7.31 -33.13 60.96
N ARG C 651 6.05 -33.30 61.35
CA ARG C 651 5.68 -33.31 62.77
C ARG C 651 6.25 -34.53 63.47
N LEU C 652 6.29 -35.67 62.77
CA LEU C 652 6.96 -36.87 63.28
C LEU C 652 8.47 -36.66 63.42
N GLU C 653 9.06 -35.91 62.49
CA GLU C 653 10.47 -35.53 62.60
C GLU C 653 10.69 -34.64 63.81
N ASP C 654 9.73 -33.76 64.11
CA ASP C 654 9.78 -32.97 65.34
C ASP C 654 9.61 -33.85 66.58
N VAL C 655 8.90 -34.97 66.47
CA VAL C 655 8.78 -35.90 67.61
C VAL C 655 10.09 -36.64 67.82
N ALA C 656 10.55 -37.37 66.80
CA ALA C 656 11.74 -38.20 66.89
C ALA C 656 12.28 -38.41 65.48
N PRO C 657 13.57 -38.15 65.25
CA PRO C 657 14.12 -38.26 63.88
C PRO C 657 14.24 -39.68 63.37
N HIS C 658 14.23 -40.70 64.23
CA HIS C 658 14.37 -42.07 63.76
C HIS C 658 13.08 -42.63 63.17
N LEU C 659 11.94 -42.01 63.43
CA LEU C 659 10.69 -42.45 62.82
C LEU C 659 10.51 -41.89 61.41
N THR C 660 11.28 -40.88 61.03
CA THR C 660 11.18 -40.32 59.69
C THR C 660 11.86 -41.24 58.66
N ARG C 661 13.07 -41.70 58.97
CA ARG C 661 13.75 -42.63 58.08
C ARG C 661 13.09 -44.01 58.13
N LEU C 662 12.96 -44.62 56.96
CA LEU C 662 12.17 -45.84 56.79
C LEU C 662 13.08 -46.97 56.37
N GLY C 663 12.97 -48.12 57.05
CA GLY C 663 13.81 -49.25 56.78
C GLY C 663 15.18 -49.20 57.39
N GLN C 664 15.51 -48.16 58.13
CA GLN C 664 16.80 -48.01 58.78
C GLN C 664 16.60 -48.13 60.29
N LEU C 665 17.39 -49.00 60.93
CA LEU C 665 17.29 -49.24 62.36
C LEU C 665 18.56 -48.74 63.04
N GLU C 666 18.39 -47.86 64.01
CA GLU C 666 19.51 -47.41 64.83
C GLU C 666 19.69 -48.35 66.03
N PRO C 667 20.93 -48.60 66.45
CA PRO C 667 21.15 -49.48 67.60
C PRO C 667 20.81 -48.76 68.91
N ALA C 668 19.92 -49.37 69.69
CA ALA C 668 19.51 -48.79 70.96
C ALA C 668 20.56 -49.02 72.04
N GLY C 669 20.41 -48.29 73.14
CA GLY C 669 21.33 -48.39 74.25
C GLY C 669 21.01 -49.54 75.17
N ASP C 670 21.69 -49.54 76.31
CA ASP C 670 21.48 -50.59 77.31
C ASP C 670 20.16 -50.38 78.04
N ALA C 671 19.53 -51.50 78.40
CA ALA C 671 18.25 -51.46 79.09
C ALA C 671 18.45 -51.05 80.55
N GLY C 672 17.50 -50.28 81.06
CA GLY C 672 17.55 -49.80 82.44
C GLY C 672 16.19 -49.46 83.00
N LYS C 679 12.35 -54.68 93.73
CA LYS C 679 12.63 -55.87 92.91
C LYS C 679 12.05 -57.11 93.55
N SER C 680 10.90 -56.98 94.19
CA SER C 680 10.23 -58.10 94.85
C SER C 680 9.51 -58.93 93.79
N ILE C 681 9.96 -60.17 93.61
CA ILE C 681 9.37 -61.05 92.60
C ILE C 681 8.13 -61.71 93.19
N GLY C 682 7.02 -61.61 92.47
CA GLY C 682 5.78 -62.19 92.94
C GLY C 682 5.75 -63.69 92.78
N GLY C 683 4.83 -64.31 93.51
CA GLY C 683 4.64 -65.75 93.50
C GLY C 683 3.65 -66.27 92.48
N GLY C 684 3.19 -65.42 91.57
CA GLY C 684 2.22 -65.87 90.57
C GLY C 684 2.88 -66.73 89.51
N ALA C 685 2.12 -67.72 89.03
CA ALA C 685 2.63 -68.62 88.00
C ALA C 685 2.66 -67.93 86.65
N ILE C 686 3.69 -68.23 85.87
CA ILE C 686 3.86 -67.64 84.55
C ILE C 686 2.94 -68.36 83.56
N ASP C 687 2.15 -67.59 82.82
CA ASP C 687 1.19 -68.14 81.87
C ASP C 687 1.35 -67.45 80.52
N ILE C 688 1.05 -68.20 79.46
CA ILE C 688 1.12 -67.71 78.09
C ILE C 688 -0.29 -67.70 77.52
N LYS C 689 -0.66 -66.58 76.88
CA LYS C 689 -1.99 -66.47 76.29
C LYS C 689 -2.13 -67.35 75.05
N LEU C 690 -1.08 -67.46 74.24
CA LEU C 690 -1.10 -68.23 73.01
C LEU C 690 -0.36 -69.55 73.25
N LYS C 691 -1.12 -70.60 73.52
CA LYS C 691 -0.56 -71.93 73.75
C LYS C 691 -0.92 -72.94 72.66
N GLU C 692 -1.89 -72.63 71.81
CA GLU C 692 -2.33 -73.54 70.76
C GLU C 692 -2.61 -72.75 69.50
N LEU C 693 -2.97 -73.48 68.43
CA LEU C 693 -3.20 -72.85 67.14
C LEU C 693 -4.54 -72.11 67.09
N ARG C 694 -5.56 -72.62 67.79
CA ARG C 694 -6.88 -71.99 67.77
C ARG C 694 -6.89 -70.67 68.53
N ASP C 695 -5.99 -70.47 69.48
CA ASP C 695 -5.82 -69.16 70.10
C ASP C 695 -5.03 -68.22 69.19
N TYR C 696 -4.13 -68.79 68.39
CA TYR C 696 -3.34 -67.99 67.45
C TYR C 696 -4.19 -67.48 66.30
N PHE C 697 -5.24 -68.23 65.91
CA PHE C 697 -6.03 -67.86 64.74
C PHE C 697 -6.91 -66.64 64.99
N MET C 698 -7.45 -66.46 66.20
CA MET C 698 -8.32 -65.34 66.53
C MET C 698 -7.62 -64.28 67.36
N THR C 699 -6.37 -63.96 67.05
CA THR C 699 -5.64 -62.94 67.80
C THR C 699 -6.20 -61.54 67.51
N ASP C 700 -6.38 -61.22 66.23
CA ASP C 700 -6.64 -59.86 65.81
C ASP C 700 -8.04 -59.77 65.21
N ALA C 701 -8.54 -58.52 65.10
CA ALA C 701 -9.92 -58.29 64.65
C ALA C 701 -10.12 -58.62 63.17
N ILE C 702 -9.10 -58.33 62.34
CA ILE C 702 -9.16 -58.71 60.93
C ILE C 702 -9.15 -60.22 60.79
N SER C 703 -8.37 -60.92 61.62
CA SER C 703 -8.41 -62.37 61.67
C SER C 703 -9.72 -62.90 62.24
N ARG C 704 -10.38 -62.11 63.08
CA ARG C 704 -11.69 -62.51 63.60
C ARG C 704 -12.77 -62.38 62.53
N ALA C 705 -12.67 -61.37 61.66
CA ALA C 705 -13.75 -61.10 60.71
C ALA C 705 -13.75 -62.10 59.55
N SER C 706 -12.60 -62.67 59.20
CA SER C 706 -12.47 -63.54 58.03
C SER C 706 -13.06 -64.92 58.30
N PRO C 707 -13.70 -65.55 57.32
CA PRO C 707 -14.19 -66.91 57.49
C PRO C 707 -13.13 -67.98 57.30
N THR C 708 -11.94 -67.61 56.79
CA THR C 708 -10.86 -68.57 56.61
C THR C 708 -10.35 -69.09 57.95
N MET C 709 -10.23 -68.22 58.94
CA MET C 709 -9.74 -68.64 60.25
C MET C 709 -10.79 -69.47 60.97
N ALA C 710 -12.08 -69.17 60.74
CA ALA C 710 -13.15 -70.00 61.27
C ALA C 710 -13.15 -71.39 60.64
N LYS C 711 -12.86 -71.46 59.33
CA LYS C 711 -12.72 -72.75 58.65
C LYS C 711 -11.52 -73.54 59.20
N CYS C 712 -10.41 -72.83 59.49
CA CYS C 712 -9.23 -73.48 60.06
C CYS C 712 -9.51 -74.01 61.45
N ILE C 713 -10.22 -73.24 62.28
CA ILE C 713 -10.54 -73.66 63.64
C ILE C 713 -11.52 -74.84 63.63
N SER C 714 -12.50 -74.80 62.71
CA SER C 714 -13.43 -75.92 62.56
C SER C 714 -12.73 -77.18 62.08
N ALA C 715 -11.76 -77.04 61.17
CA ALA C 715 -11.02 -78.20 60.69
C ALA C 715 -10.10 -78.78 61.78
N VAL C 716 -9.47 -77.91 62.57
CA VAL C 716 -8.60 -78.36 63.66
C VAL C 716 -9.41 -79.07 64.74
N ASN C 717 -10.56 -78.50 65.12
CA ASN C 717 -11.41 -79.13 66.12
C ASN C 717 -12.06 -80.41 65.61
N LYS C 718 -12.36 -80.47 64.30
CA LYS C 718 -12.88 -81.69 63.70
C LYS C 718 -11.84 -82.80 63.69
N GLN C 719 -10.58 -82.46 63.38
CA GLN C 719 -9.50 -83.45 63.41
C GLN C 719 -9.23 -83.94 64.83
N GLN C 720 -9.29 -83.03 65.81
CA GLN C 720 -9.09 -83.43 67.20
C GLN C 720 -10.25 -84.28 67.72
N ARG C 721 -11.47 -83.98 67.31
CA ARG C 721 -12.60 -84.79 67.77
C ARG C 721 -12.65 -86.15 67.05
N GLU C 722 -12.16 -86.23 65.82
CA GLU C 722 -12.04 -87.55 65.18
C GLU C 722 -10.91 -88.37 65.80
N ASN C 723 -9.82 -87.70 66.21
CA ASN C 723 -8.75 -88.41 66.92
C ASN C 723 -9.22 -88.92 68.27
N GLU C 724 -10.01 -88.12 68.99
CA GLU C 724 -10.57 -88.55 70.27
C GLU C 724 -11.62 -89.64 70.09
N ALA C 725 -12.37 -89.61 68.99
CA ALA C 725 -13.33 -90.67 68.72
C ALA C 725 -12.65 -91.98 68.32
N LYS C 726 -11.52 -91.89 67.61
CA LYS C 726 -10.80 -93.10 67.23
C LYS C 726 -10.06 -93.69 68.44
N GLN C 727 -9.45 -92.84 69.26
CA GLN C 727 -8.73 -93.33 70.43
C GLN C 727 -9.70 -93.71 71.56
N ASP D 45 19.97 -78.54 5.71
CA ASP D 45 20.24 -77.19 6.19
C ASP D 45 19.32 -76.83 7.36
N LYS D 46 19.17 -75.53 7.60
CA LYS D 46 18.31 -75.02 8.66
C LYS D 46 17.20 -74.19 8.02
N PRO D 47 16.00 -74.76 7.81
CA PRO D 47 14.95 -74.00 7.12
C PRO D 47 14.29 -72.95 8.01
N THR D 48 14.32 -73.13 9.32
CA THR D 48 13.69 -72.17 10.22
C THR D 48 14.53 -70.91 10.38
N VAL D 49 15.84 -71.05 10.44
CA VAL D 49 16.75 -69.93 10.70
C VAL D 49 16.88 -69.08 9.45
N ARG D 50 16.77 -67.77 9.61
CA ARG D 50 16.92 -66.84 8.50
C ARG D 50 18.37 -66.76 8.02
N GLN D 51 18.57 -66.90 6.71
CA GLN D 51 19.90 -66.86 6.13
C GLN D 51 20.27 -65.44 5.78
N PRO D 52 21.37 -64.90 6.27
CA PRO D 52 21.75 -63.52 5.96
C PRO D 52 22.46 -63.43 4.61
N ASP D 53 22.85 -62.22 4.25
CA ASP D 53 23.56 -61.93 3.01
C ASP D 53 25.01 -61.58 3.33
N ALA D 54 25.95 -62.37 2.82
CA ALA D 54 27.36 -62.16 3.13
C ALA D 54 27.94 -60.98 2.35
N VAL D 55 27.54 -60.82 1.08
CA VAL D 55 28.07 -59.74 0.25
C VAL D 55 27.55 -58.39 0.71
N ALA D 56 26.30 -58.33 1.18
CA ALA D 56 25.77 -57.09 1.77
C ALA D 56 26.48 -56.77 3.08
N ARG D 57 26.83 -57.80 3.86
CA ARG D 57 27.60 -57.60 5.08
C ARG D 57 28.98 -57.04 4.79
N SER D 58 29.65 -57.57 3.76
CA SER D 58 30.98 -57.08 3.40
C SER D 58 30.93 -55.67 2.85
N HIS D 59 29.93 -55.36 2.01
CA HIS D 59 29.79 -54.03 1.44
C HIS D 59 29.47 -52.99 2.51
N LEU D 60 28.57 -53.32 3.44
CA LEU D 60 28.24 -52.36 4.50
C LEU D 60 29.36 -52.25 5.52
N SER D 61 30.17 -53.31 5.72
CA SER D 61 31.33 -53.21 6.59
C SER D 61 32.39 -52.28 6.01
N ASP D 62 32.67 -52.44 4.71
CA ASP D 62 33.64 -51.59 4.03
C ASP D 62 33.15 -50.14 3.97
N PHE D 63 31.85 -49.92 3.72
CA PHE D 63 31.34 -48.57 3.69
C PHE D 63 31.28 -47.93 5.07
N GLY D 64 31.02 -48.73 6.12
CA GLY D 64 31.03 -48.18 7.47
C GLY D 64 32.42 -47.79 7.93
N ARG D 65 33.42 -48.60 7.60
CA ARG D 65 34.80 -48.19 7.87
C ARG D 65 35.22 -46.99 7.03
N TYR D 66 34.69 -46.89 5.81
CA TYR D 66 34.95 -45.73 4.96
C TYR D 66 34.36 -44.45 5.55
N VAL D 67 33.14 -44.54 6.09
CA VAL D 67 32.49 -43.40 6.73
C VAL D 67 33.21 -43.01 8.01
N ALA D 68 33.63 -43.99 8.81
CA ALA D 68 34.39 -43.71 10.02
C ALA D 68 35.79 -43.16 9.73
N GLU D 69 36.35 -43.47 8.56
CA GLU D 69 37.61 -42.85 8.16
C GLU D 69 37.41 -41.44 7.62
N CYS D 70 36.29 -41.19 6.95
CA CYS D 70 36.10 -39.91 6.26
C CYS D 70 35.79 -38.78 7.24
N LEU D 71 35.05 -39.06 8.30
CA LEU D 71 34.64 -38.04 9.27
C LEU D 71 35.05 -38.47 10.67
N PRO D 72 36.31 -38.22 11.06
CA PRO D 72 36.71 -38.56 12.44
C PRO D 72 36.15 -37.63 13.49
N LYS D 73 35.65 -36.45 13.12
CA LYS D 73 35.18 -35.49 14.12
C LYS D 73 33.76 -35.79 14.57
N TYR D 74 32.84 -35.98 13.63
CA TYR D 74 31.44 -36.09 13.95
C TYR D 74 30.97 -37.53 14.15
N VAL D 75 31.53 -38.48 13.41
CA VAL D 75 31.13 -39.87 13.57
C VAL D 75 31.72 -40.43 14.85
N GLN D 76 30.85 -40.90 15.74
CA GLN D 76 31.23 -41.36 17.06
C GLN D 76 31.46 -42.86 17.12
N LYS D 77 30.57 -43.65 16.53
CA LYS D 77 30.73 -45.10 16.50
C LYS D 77 29.92 -45.68 15.35
N VAL D 78 30.57 -46.49 14.51
CA VAL D 78 29.92 -47.17 13.41
C VAL D 78 29.69 -48.62 13.81
N GLN D 79 28.43 -49.07 13.72
CA GLN D 79 28.10 -50.45 14.06
C GLN D 79 27.26 -51.06 12.96
N LEU D 80 27.27 -52.40 12.90
CA LEU D 80 26.54 -53.15 11.89
C LEU D 80 25.63 -54.15 12.60
N THR D 81 24.33 -53.85 12.66
CA THR D 81 23.42 -54.68 13.42
C THR D 81 23.06 -55.95 12.65
N ALA D 82 22.41 -56.88 13.36
CA ALA D 82 21.89 -58.08 12.72
C ALA D 82 20.72 -57.71 11.79
N GLY D 83 20.70 -58.35 10.63
CA GLY D 83 19.80 -57.95 9.57
C GLY D 83 20.41 -57.05 8.52
N ASP D 84 21.75 -56.90 8.54
CA ASP D 84 22.54 -56.21 7.51
C ASP D 84 22.18 -54.73 7.39
N GLU D 85 22.13 -54.03 8.52
CA GLU D 85 21.83 -52.61 8.55
C GLU D 85 22.93 -51.87 9.31
N LEU D 86 23.41 -50.78 8.73
CA LEU D 86 24.51 -50.01 9.30
C LEU D 86 23.97 -48.83 10.09
N GLU D 87 24.43 -48.68 11.32
CA GLU D 87 24.05 -47.57 12.17
C GLU D 87 25.28 -46.73 12.46
N VAL D 88 25.23 -45.46 12.09
CA VAL D 88 26.33 -44.53 12.29
C VAL D 88 25.94 -43.59 13.43
N LEU D 89 26.36 -43.92 14.65
CA LEU D 89 26.13 -43.10 15.81
C LEU D 89 27.05 -41.89 15.73
N ILE D 90 26.48 -40.68 15.79
CA ILE D 90 27.20 -39.45 15.55
C ILE D 90 27.03 -38.51 16.73
N ALA D 91 27.87 -37.48 16.76
CA ALA D 91 27.71 -36.37 17.69
C ALA D 91 26.50 -35.52 17.29
N PRO D 92 25.89 -34.79 18.24
CA PRO D 92 24.79 -33.88 17.86
C PRO D 92 25.23 -32.76 16.93
N GLU D 93 26.41 -32.18 17.15
CA GLU D 93 26.90 -31.08 16.33
C GLU D 93 27.22 -31.50 14.90
N GLY D 94 27.33 -32.80 14.64
CA GLY D 94 27.46 -33.29 13.30
C GLY D 94 26.17 -33.81 12.70
N VAL D 95 25.03 -33.27 13.13
CA VAL D 95 23.75 -33.71 12.56
C VAL D 95 23.60 -33.22 11.11
N VAL D 96 24.00 -31.98 10.82
CA VAL D 96 23.83 -31.41 9.48
C VAL D 96 24.96 -31.73 8.48
N PRO D 97 26.28 -31.83 8.80
CA PRO D 97 27.22 -32.07 7.69
C PRO D 97 27.25 -33.52 7.22
N VAL D 98 27.11 -34.47 8.15
CA VAL D 98 27.29 -35.89 7.85
C VAL D 98 26.25 -36.37 6.85
N LEU D 99 24.98 -36.00 7.10
CA LEU D 99 23.91 -36.25 6.13
C LEU D 99 24.18 -35.56 4.81
N GLN D 100 24.72 -34.33 4.88
CA GLN D 100 25.16 -33.62 3.69
C GLN D 100 26.27 -34.39 2.97
N PHE D 101 27.21 -34.95 3.75
CA PHE D 101 28.20 -35.87 3.19
C PHE D 101 27.53 -37.09 2.57
N LEU D 102 26.55 -37.64 3.28
CA LEU D 102 25.80 -38.78 2.75
C LEU D 102 24.85 -38.37 1.64
N LYS D 103 24.61 -37.07 1.44
CA LYS D 103 23.88 -36.66 0.26
C LYS D 103 24.81 -36.52 -0.94
N ASP D 104 26.07 -36.14 -0.71
CA ASP D 104 26.85 -35.53 -1.78
C ASP D 104 28.12 -36.25 -2.16
N HIS D 105 28.58 -37.24 -1.38
CA HIS D 105 29.76 -37.98 -1.76
C HIS D 105 29.46 -38.92 -2.92
N HIS D 106 30.51 -39.32 -3.64
CA HIS D 106 30.30 -40.15 -4.84
C HIS D 106 30.00 -41.60 -4.47
N GLN D 107 30.59 -42.11 -3.39
CA GLN D 107 30.19 -43.39 -2.83
C GLN D 107 29.17 -43.27 -1.72
N ALA D 108 28.63 -42.08 -1.49
CA ALA D 108 27.52 -41.95 -0.55
C ALA D 108 26.50 -41.00 -1.20
N GLN D 109 25.62 -41.56 -2.01
CA GLN D 109 24.52 -40.80 -2.59
C GLN D 109 23.25 -41.36 -1.96
N PHE D 110 22.97 -40.90 -0.75
CA PHE D 110 21.74 -41.28 -0.05
C PHE D 110 20.73 -40.20 -0.34
N THR D 111 20.17 -40.27 -1.55
CA THR D 111 19.30 -39.22 -2.05
C THR D 111 17.98 -39.16 -1.30
N ASN D 112 17.39 -40.31 -0.95
CA ASN D 112 16.13 -40.29 -0.22
C ASN D 112 16.39 -40.33 1.28
N LEU D 113 15.67 -39.49 2.01
CA LEU D 113 15.55 -39.60 3.45
C LEU D 113 14.12 -40.07 3.71
N VAL D 114 13.96 -41.34 4.09
CA VAL D 114 12.64 -41.93 4.08
C VAL D 114 11.82 -41.52 5.29
N ASP D 115 12.42 -41.51 6.49
CA ASP D 115 11.79 -40.99 7.70
C ASP D 115 12.85 -40.63 8.72
N ILE D 116 12.44 -39.84 9.71
CA ILE D 116 13.23 -39.61 10.91
C ILE D 116 12.44 -40.12 12.08
N ALA D 117 13.05 -41.00 12.87
CA ALA D 117 12.39 -41.63 14.01
C ALA D 117 13.04 -41.17 15.30
N GLY D 118 12.21 -40.84 16.28
CA GLY D 118 12.67 -40.44 17.61
C GLY D 118 12.34 -41.53 18.61
N VAL D 119 13.31 -41.87 19.45
CA VAL D 119 13.14 -42.87 20.51
C VAL D 119 13.42 -42.18 21.84
N ASP D 120 12.47 -42.30 22.77
CA ASP D 120 12.57 -41.67 24.08
C ASP D 120 13.10 -42.67 25.09
N VAL D 121 14.34 -42.48 25.52
CA VAL D 121 14.96 -43.29 26.56
C VAL D 121 15.22 -42.39 27.76
N PRO D 122 14.40 -42.48 28.81
CA PRO D 122 14.55 -41.55 29.94
C PRO D 122 15.72 -41.85 30.87
N CYS D 123 16.31 -43.06 30.79
CA CYS D 123 17.38 -43.41 31.72
C CYS D 123 18.71 -42.77 31.36
N ARG D 124 18.89 -42.34 30.11
CA ARG D 124 20.16 -41.76 29.70
C ARG D 124 20.28 -40.32 30.16
N LYS D 125 21.52 -39.80 30.13
CA LYS D 125 21.75 -38.41 30.50
C LYS D 125 21.19 -37.47 29.44
N ASN D 126 21.48 -37.74 28.18
CA ASN D 126 20.78 -37.11 27.07
C ASN D 126 19.63 -38.02 26.67
N ARG D 127 18.40 -37.52 26.82
CA ARG D 127 17.23 -38.39 26.89
C ARG D 127 16.83 -38.96 25.54
N PHE D 128 16.44 -38.10 24.60
CA PHE D 128 15.94 -38.57 23.33
C PHE D 128 17.08 -39.00 22.42
N GLU D 129 16.78 -39.92 21.51
CA GLU D 129 17.66 -40.21 20.40
C GLU D 129 16.87 -40.08 19.12
N VAL D 130 17.56 -39.63 18.07
CA VAL D 130 16.95 -39.27 16.80
C VAL D 130 17.63 -40.09 15.70
N VAL D 131 16.84 -40.82 14.95
CA VAL D 131 17.34 -41.79 13.97
C VAL D 131 16.94 -41.33 12.58
N TYR D 132 17.92 -41.02 11.74
CA TYR D 132 17.70 -40.65 10.34
C TYR D 132 17.90 -41.89 9.47
N ASN D 133 16.87 -42.27 8.73
CA ASN D 133 16.95 -43.41 7.82
C ASN D 133 17.05 -42.90 6.39
N LEU D 134 18.13 -43.28 5.70
CA LEU D 134 18.43 -42.79 4.38
C LEU D 134 18.53 -43.95 3.40
N LEU D 135 17.98 -43.75 2.21
CA LEU D 135 17.97 -44.74 1.14
C LEU D 135 18.77 -44.21 -0.04
N SER D 136 19.70 -45.04 -0.52
CA SER D 136 20.54 -44.77 -1.68
C SER D 136 20.04 -45.60 -2.85
N LEU D 137 19.66 -44.92 -3.93
CA LEU D 137 19.15 -45.59 -5.12
C LEU D 137 20.28 -46.00 -6.05
N ARG D 138 21.39 -45.26 -6.04
CA ARG D 138 22.50 -45.55 -6.94
C ARG D 138 23.22 -46.83 -6.52
N TYR D 139 23.45 -47.00 -5.22
CA TYR D 139 24.12 -48.18 -4.70
C TYR D 139 23.16 -49.17 -4.05
N ASN D 140 21.87 -48.84 -4.02
CA ASN D 140 20.77 -49.73 -3.61
C ASN D 140 20.93 -50.21 -2.17
N SER D 141 20.94 -49.25 -1.25
CA SER D 141 21.21 -49.59 0.14
C SER D 141 20.52 -48.61 1.07
N ARG D 142 20.66 -48.84 2.38
CA ARG D 142 20.08 -47.99 3.41
C ARG D 142 21.09 -47.79 4.52
N ILE D 143 20.99 -46.64 5.20
CA ILE D 143 21.86 -46.32 6.32
C ILE D 143 20.99 -45.67 7.41
N ARG D 144 21.43 -45.82 8.66
CA ARG D 144 20.82 -45.15 9.80
C ARG D 144 21.87 -44.29 10.48
N VAL D 145 21.51 -43.03 10.74
CA VAL D 145 22.37 -42.09 11.42
C VAL D 145 21.67 -41.70 12.72
N LYS D 146 22.26 -42.09 13.84
CA LYS D 146 21.63 -41.92 15.15
C LYS D 146 22.37 -40.87 15.95
N THR D 147 21.62 -39.95 16.55
CA THR D 147 22.19 -38.92 17.41
C THR D 147 21.38 -38.85 18.69
N TYR D 148 21.91 -38.13 19.68
CA TYR D 148 21.26 -37.98 20.97
C TYR D 148 20.97 -36.51 21.25
N THR D 149 19.85 -36.25 21.90
CA THR D 149 19.36 -34.90 22.15
C THR D 149 18.76 -34.83 23.55
N ASP D 150 19.04 -33.76 24.26
CA ASP D 150 18.43 -33.50 25.55
C ASP D 150 17.02 -32.93 25.36
N GLU D 151 16.35 -32.63 26.48
CA GLU D 151 15.02 -32.04 26.39
C GLU D 151 15.08 -30.57 26.00
N LEU D 152 16.23 -29.92 26.19
CA LEU D 152 16.40 -28.51 25.89
C LEU D 152 17.45 -28.22 24.82
N THR D 153 18.35 -29.16 24.55
CA THR D 153 19.42 -28.98 23.57
C THR D 153 18.84 -28.97 22.15
N PRO D 154 19.26 -28.05 21.30
CA PRO D 154 18.76 -28.02 19.92
C PRO D 154 19.31 -29.18 19.08
N LEU D 155 18.70 -29.32 17.91
CA LEU D 155 19.30 -30.03 16.79
C LEU D 155 19.28 -29.10 15.58
N ASP D 156 20.36 -29.10 14.82
CA ASP D 156 20.39 -28.33 13.59
C ASP D 156 19.54 -29.05 12.56
N SER D 157 18.64 -28.32 11.90
CA SER D 157 17.67 -28.94 11.02
C SER D 157 18.33 -29.40 9.73
N ALA D 158 17.87 -30.54 9.21
CA ALA D 158 18.36 -31.09 7.96
C ALA D 158 17.52 -30.65 6.76
N CYS D 159 16.77 -29.56 6.89
CA CYS D 159 15.96 -29.07 5.80
C CYS D 159 16.79 -28.46 4.67
N GLU D 160 18.02 -28.03 4.97
CA GLU D 160 18.91 -27.58 3.91
C GLU D 160 19.42 -28.74 3.07
N VAL D 161 19.46 -29.94 3.64
CA VAL D 161 19.90 -31.13 2.91
C VAL D 161 18.69 -31.81 2.28
N HIS D 162 17.76 -32.28 3.12
CA HIS D 162 16.60 -33.03 2.67
C HIS D 162 15.33 -32.29 3.07
N LYS D 163 14.45 -32.04 2.11
CA LYS D 163 13.27 -31.24 2.36
C LYS D 163 12.13 -32.02 3.02
N ALA D 164 12.17 -33.36 2.98
CA ALA D 164 11.14 -34.18 3.62
C ALA D 164 11.11 -33.99 5.12
N ALA D 165 12.29 -33.74 5.71
CA ALA D 165 12.46 -33.40 7.12
C ALA D 165 11.74 -32.12 7.52
N ASN D 166 11.38 -31.28 6.52
CA ASN D 166 10.58 -30.08 6.69
C ASN D 166 9.27 -30.39 7.43
N TRP D 167 8.68 -31.57 7.21
CA TRP D 167 7.66 -31.98 8.19
C TRP D 167 8.15 -32.95 9.25
N TYR D 168 9.17 -33.77 8.95
CA TYR D 168 9.48 -34.93 9.80
C TYR D 168 9.98 -34.52 11.17
N GLU D 169 10.88 -33.53 11.21
CA GLU D 169 11.34 -32.96 12.47
C GLU D 169 10.22 -32.26 13.22
N ARG D 170 9.22 -31.75 12.49
CA ARG D 170 8.01 -31.19 13.09
C ARG D 170 7.28 -32.24 13.92
N GLU D 171 7.20 -33.47 13.40
CA GLU D 171 6.63 -34.58 14.16
C GLU D 171 7.46 -34.86 15.40
N ILE D 172 8.79 -34.78 15.28
CA ILE D 172 9.66 -34.95 16.43
C ILE D 172 9.55 -33.74 17.36
N TRP D 173 9.14 -32.58 16.84
CA TRP D 173 8.81 -31.48 17.72
C TRP D 173 7.51 -31.74 18.47
N ASP D 174 6.55 -32.38 17.80
CA ASP D 174 5.24 -32.48 18.44
C ASP D 174 5.22 -33.65 19.41
N MET D 175 5.76 -34.79 19.00
CA MET D 175 5.73 -36.00 19.81
C MET D 175 6.72 -35.98 20.98
N TYR D 176 7.83 -35.27 20.85
CA TYR D 176 8.87 -35.37 21.87
C TYR D 176 9.24 -34.02 22.46
N GLY D 177 9.26 -32.97 21.64
CA GLY D 177 9.55 -31.65 22.15
C GLY D 177 11.01 -31.26 22.10
N VAL D 178 11.72 -31.62 21.04
CA VAL D 178 13.07 -31.14 20.80
C VAL D 178 13.02 -30.00 19.79
N PHE D 179 13.73 -28.92 20.09
CA PHE D 179 13.72 -27.75 19.21
C PHE D 179 14.69 -27.97 18.06
N PHE D 180 14.23 -27.71 16.85
CA PHE D 180 15.04 -27.82 15.64
C PHE D 180 15.39 -26.42 15.17
N ALA D 181 16.64 -26.02 15.36
CA ALA D 181 17.07 -24.69 14.98
C ALA D 181 17.18 -24.55 13.47
N ASN D 182 17.00 -23.30 12.99
CA ASN D 182 16.97 -22.93 11.58
C ASN D 182 15.92 -23.71 10.79
N HIS D 183 14.75 -23.89 11.41
CA HIS D 183 13.62 -24.54 10.77
C HIS D 183 12.77 -23.50 10.06
N PRO D 184 12.36 -23.74 8.80
CA PRO D 184 11.49 -22.77 8.12
C PRO D 184 10.11 -22.66 8.72
N ASP D 185 9.57 -23.73 9.30
CA ASP D 185 8.25 -23.71 9.93
C ASP D 185 8.22 -24.79 10.98
N LEU D 186 8.29 -24.42 12.25
CA LEU D 186 8.25 -25.36 13.36
C LEU D 186 6.95 -25.14 14.13
N ARG D 187 6.01 -26.07 13.96
CA ARG D 187 4.72 -26.03 14.64
C ARG D 187 4.32 -27.45 15.02
N ARG D 188 3.31 -27.55 15.89
CA ARG D 188 2.72 -28.85 16.17
C ARG D 188 1.90 -29.30 14.97
N ILE D 189 2.09 -30.55 14.57
CA ILE D 189 1.57 -31.06 13.31
C ILE D 189 0.49 -32.11 13.52
N LEU D 190 0.61 -32.94 14.57
CA LEU D 190 -0.30 -34.06 14.73
C LEU D 190 -1.26 -33.92 15.91
N THR D 191 -0.96 -33.10 16.89
CA THR D 191 -1.81 -33.02 18.07
C THR D 191 -2.77 -31.83 17.97
N ASP D 192 -3.54 -31.64 19.04
CA ASP D 192 -4.56 -30.60 19.11
C ASP D 192 -3.91 -29.22 19.17
N TYR D 193 -4.71 -28.21 18.81
CA TYR D 193 -4.19 -26.85 18.78
C TYR D 193 -3.97 -26.30 20.18
N GLY D 194 -4.82 -26.69 21.13
CA GLY D 194 -4.67 -26.28 22.51
C GLY D 194 -4.01 -27.33 23.36
N PHE D 195 -3.32 -28.28 22.73
CA PHE D 195 -2.70 -29.37 23.45
C PHE D 195 -1.46 -28.89 24.18
N GLU D 196 -1.28 -29.40 25.41
CA GLU D 196 -0.13 -29.08 26.24
C GLU D 196 0.64 -30.35 26.54
N GLY D 197 1.95 -30.30 26.37
CA GLY D 197 2.80 -31.45 26.58
C GLY D 197 3.09 -32.18 25.28
N HIS D 198 3.96 -33.18 25.38
CA HIS D 198 4.40 -33.96 24.23
C HIS D 198 4.05 -35.42 24.46
N PRO D 199 3.26 -36.05 23.56
CA PRO D 199 2.66 -37.36 23.87
C PRO D 199 3.61 -38.54 23.93
N GLN D 200 4.44 -38.77 22.91
CA GLN D 200 5.23 -40.00 22.89
C GLN D 200 6.47 -39.93 23.79
N ARG D 201 6.68 -38.83 24.50
CA ARG D 201 7.55 -38.83 25.66
C ARG D 201 7.04 -39.85 26.69
N ARG D 202 7.96 -40.62 27.27
CA ARG D 202 7.56 -41.67 28.19
C ARG D 202 7.08 -41.14 29.53
N ASP D 203 7.36 -39.88 29.86
CA ASP D 203 6.81 -39.28 31.06
C ASP D 203 5.33 -38.94 30.90
N PHE D 204 4.85 -38.79 29.66
CA PHE D 204 3.44 -38.57 29.39
C PHE D 204 2.66 -39.87 29.56
N PRO D 205 1.47 -39.82 30.16
CA PRO D 205 0.65 -41.04 30.30
C PRO D 205 0.04 -41.45 28.97
N LEU D 206 -0.47 -42.68 28.95
CA LEU D 206 -1.04 -43.24 27.73
C LEU D 206 -2.34 -42.56 27.35
N SER D 207 -3.23 -42.36 28.33
CA SER D 207 -4.55 -41.80 28.07
C SER D 207 -4.56 -40.28 28.14
N GLY D 208 -3.42 -39.64 28.29
CA GLY D 208 -3.37 -38.19 28.37
C GLY D 208 -3.75 -37.68 29.74
N TYR D 209 -3.95 -36.37 29.81
CA TYR D 209 -4.35 -35.71 31.05
C TYR D 209 -5.77 -35.18 31.02
N VAL D 210 -6.32 -34.93 29.83
CA VAL D 210 -7.61 -34.25 29.70
C VAL D 210 -8.47 -34.99 28.68
N GLU D 211 -9.78 -34.72 28.74
CA GLU D 211 -10.76 -35.25 27.83
C GLU D 211 -11.62 -34.11 27.30
N LEU D 212 -12.37 -34.38 26.24
CA LEU D 212 -13.23 -33.38 25.62
C LEU D 212 -14.66 -33.89 25.57
N ARG D 213 -15.60 -32.99 25.84
CA ARG D 213 -17.02 -33.31 25.74
C ARG D 213 -17.73 -32.10 25.14
N TYR D 214 -19.06 -32.18 25.05
CA TYR D 214 -19.87 -31.07 24.58
C TYR D 214 -20.70 -30.52 25.74
N ASP D 215 -20.74 -29.19 25.85
CA ASP D 215 -21.37 -28.51 26.96
C ASP D 215 -22.33 -27.47 26.42
N ASP D 216 -23.56 -27.50 26.96
CA ASP D 216 -24.68 -26.72 26.44
C ASP D 216 -24.85 -25.37 27.12
N GLU D 217 -24.35 -25.18 28.35
CA GLU D 217 -24.39 -23.85 28.92
C GLU D 217 -23.31 -22.94 28.35
N LYS D 218 -22.32 -23.51 27.67
CA LYS D 218 -21.34 -22.74 26.93
C LYS D 218 -21.47 -22.92 25.42
N LYS D 219 -22.31 -23.87 24.97
CA LYS D 219 -22.55 -24.20 23.55
C LYS D 219 -21.26 -24.55 22.83
N ARG D 220 -20.37 -25.29 23.51
CA ARG D 220 -19.02 -25.48 22.98
C ARG D 220 -18.51 -26.86 23.35
N VAL D 221 -17.51 -27.30 22.61
CA VAL D 221 -16.73 -28.47 23.00
C VAL D 221 -15.73 -28.04 24.05
N VAL D 222 -15.83 -28.61 25.24
CA VAL D 222 -15.07 -28.16 26.39
C VAL D 222 -14.09 -29.24 26.85
N CYS D 223 -13.16 -28.81 27.68
CA CYS D 223 -12.04 -29.61 28.16
C CYS D 223 -12.23 -29.90 29.65
N GLU D 224 -12.14 -31.18 30.01
CA GLU D 224 -12.42 -31.68 31.33
C GLU D 224 -11.24 -32.54 31.79
N PRO D 225 -11.06 -32.71 33.11
CA PRO D 225 -10.05 -33.66 33.57
C PRO D 225 -10.42 -35.09 33.22
N LEU D 226 -9.39 -35.91 33.01
CA LEU D 226 -9.57 -37.24 32.47
C LEU D 226 -10.10 -38.20 33.52
N GLU D 227 -11.23 -38.83 33.23
CA GLU D 227 -11.73 -39.94 34.03
C GLU D 227 -12.19 -41.04 33.07
N LEU D 228 -11.53 -42.19 33.11
CA LEU D 228 -11.95 -43.32 32.30
C LEU D 228 -13.16 -43.99 32.94
N ALA D 229 -14.08 -44.45 32.08
CA ALA D 229 -15.20 -45.25 32.57
C ALA D 229 -14.72 -46.61 33.06
N GLN D 230 -13.76 -47.20 32.35
CA GLN D 230 -13.01 -48.36 32.82
C GLN D 230 -11.54 -48.03 32.63
N GLU D 231 -10.73 -48.25 33.67
CA GLU D 231 -9.33 -47.89 33.61
C GLU D 231 -8.56 -48.85 32.70
N PHE D 232 -7.40 -48.40 32.26
CA PHE D 232 -6.52 -49.22 31.44
C PHE D 232 -5.87 -50.27 32.34
N ARG D 233 -6.26 -51.53 32.16
CA ARG D 233 -5.72 -52.60 33.00
C ARG D 233 -4.30 -52.92 32.55
N LYS D 234 -3.32 -52.51 33.34
CA LYS D 234 -1.93 -52.75 33.02
C LYS D 234 -1.57 -54.20 33.28
N PHE D 235 -0.95 -54.84 32.28
CA PHE D 235 -0.60 -56.24 32.36
C PHE D 235 0.91 -56.37 32.60
N ASP D 236 1.28 -57.20 33.58
CA ASP D 236 2.68 -57.40 33.92
C ASP D 236 3.22 -58.55 33.07
N LEU D 237 3.77 -58.21 31.91
CA LEU D 237 4.30 -59.19 30.96
C LEU D 237 5.83 -59.20 30.94
N SER D 238 6.45 -58.81 32.04
CA SER D 238 7.90 -58.85 32.15
C SER D 238 8.37 -60.28 32.30
N ALA D 239 9.47 -60.60 31.62
CA ALA D 239 10.00 -61.96 31.63
C ALA D 239 10.74 -62.22 32.93
N PRO D 240 10.34 -63.23 33.71
CA PRO D 240 11.06 -63.52 34.96
C PRO D 240 12.33 -64.33 34.76
N TRP D 241 12.42 -65.11 33.68
CA TRP D 241 13.62 -65.86 33.33
C TRP D 241 14.19 -65.27 32.05
N GLU D 242 15.50 -65.00 32.05
CA GLU D 242 16.13 -64.47 30.85
C GLU D 242 16.23 -65.55 29.78
N GLN D 243 16.09 -65.13 28.53
CA GLN D 243 16.11 -66.07 27.41
C GLN D 243 17.33 -65.95 26.53
N PHE D 244 17.90 -64.74 26.40
CA PHE D 244 19.01 -64.51 25.48
C PHE D 244 20.30 -64.31 26.27
N PRO D 245 21.21 -65.27 26.27
CA PRO D 245 22.46 -65.11 27.03
C PRO D 245 23.50 -64.22 26.36
N ASN D 246 23.29 -63.83 25.11
CA ASN D 246 24.25 -63.04 24.37
C ASN D 246 24.10 -61.54 24.57
N PHE D 247 23.05 -61.09 25.26
CA PHE D 247 22.76 -59.67 25.40
C PHE D 247 22.97 -59.15 26.81
N ARG D 248 23.55 -59.95 27.70
CA ARG D 248 23.87 -59.48 29.04
C ARG D 248 25.29 -58.94 29.15
N ASN D 249 26.04 -58.94 28.05
CA ASN D 249 27.41 -58.43 28.05
C ASN D 249 27.48 -57.09 27.30
N ASP E 29 -3.01 -102.51 41.56
CA ASP E 29 -3.58 -103.07 42.78
C ASP E 29 -2.94 -102.48 44.02
N ASN E 30 -1.62 -102.31 43.98
CA ASN E 30 -0.87 -101.78 45.11
C ASN E 30 -1.10 -100.27 45.21
N LEU E 31 -1.47 -99.82 46.40
CA LEU E 31 -1.73 -98.42 46.67
C LEU E 31 -0.74 -97.89 47.69
N PHE E 32 -0.24 -96.68 47.46
CA PHE E 32 0.73 -96.05 48.34
C PHE E 32 0.10 -95.03 49.26
N VAL E 33 -1.23 -94.97 49.31
CA VAL E 33 -1.97 -94.08 50.20
C VAL E 33 -2.90 -94.93 51.05
N HIS E 34 -2.80 -94.80 52.36
CA HIS E 34 -3.58 -95.62 53.29
C HIS E 34 -4.95 -95.01 53.55
N ARG E 35 -5.96 -95.87 53.60
CA ARG E 35 -7.31 -95.48 53.99
C ARG E 35 -7.75 -96.37 55.13
N ASP E 36 -8.78 -95.91 55.85
CA ASP E 36 -9.26 -96.63 57.03
C ASP E 36 -10.01 -97.89 56.61
N THR E 37 -9.61 -99.02 57.19
CA THR E 37 -10.14 -100.33 56.86
C THR E 37 -10.37 -101.08 58.17
N PRO E 38 -11.38 -101.94 58.25
CA PRO E 38 -11.45 -102.87 59.39
C PRO E 38 -10.29 -103.86 59.46
N GLU E 39 -9.64 -104.16 58.33
CA GLU E 39 -8.51 -105.08 58.35
C GLU E 39 -7.27 -104.42 58.94
N ASP E 40 -7.03 -103.15 58.59
CA ASP E 40 -5.86 -102.39 59.10
C ASP E 40 -6.28 -100.98 59.52
N ASN E 41 -6.05 -100.60 60.78
CA ASN E 41 -6.44 -99.31 61.32
C ASN E 41 -5.65 -99.07 62.60
N PRO E 42 -5.50 -97.81 63.04
CA PRO E 42 -4.84 -97.56 64.33
C PRO E 42 -5.62 -98.03 65.55
N ASN E 43 -6.92 -98.34 65.40
CA ASN E 43 -7.71 -98.82 66.54
C ASN E 43 -7.29 -100.21 66.98
N ILE E 44 -6.91 -101.07 66.03
CA ILE E 44 -6.44 -102.42 66.39
C ILE E 44 -5.04 -102.32 66.99
N PRO E 45 -4.82 -102.84 68.19
CA PRO E 45 -3.50 -102.72 68.83
C PRO E 45 -2.52 -103.74 68.30
N PHE E 46 -1.24 -103.50 68.60
CA PHE E 46 -0.16 -104.41 68.24
C PHE E 46 0.94 -104.24 69.27
N GLU E 47 1.07 -105.20 70.19
CA GLU E 47 2.09 -105.17 71.22
C GLU E 47 3.11 -106.27 70.97
N PHE E 48 4.37 -105.97 71.28
CA PHE E 48 5.44 -106.92 71.08
C PHE E 48 5.43 -107.99 72.17
N THR E 49 5.89 -109.19 71.80
CA THR E 49 6.11 -110.26 72.75
C THR E 49 7.34 -109.90 73.60
N ALA E 50 7.38 -110.42 74.83
CA ALA E 50 8.51 -110.18 75.72
C ALA E 50 9.82 -110.72 75.16
N GLU E 51 9.76 -111.89 74.51
CA GLU E 51 10.91 -112.37 73.75
C GLU E 51 11.21 -111.46 72.56
N ASN E 52 10.15 -110.99 71.89
CA ASN E 52 10.33 -110.01 70.82
C ASN E 52 10.82 -108.67 71.36
N LYS E 53 10.45 -108.30 72.60
CA LYS E 53 10.99 -107.08 73.21
C LYS E 53 12.47 -107.24 73.54
N LYS E 54 12.88 -108.44 73.94
CA LYS E 54 14.30 -108.73 74.11
C LYS E 54 15.05 -108.65 72.78
N ARG E 55 14.38 -109.09 71.70
CA ARG E 55 14.95 -108.92 70.36
C ARG E 55 15.02 -107.45 69.95
N VAL E 56 14.05 -106.64 70.40
CA VAL E 56 14.05 -105.20 70.13
C VAL E 56 15.25 -104.53 70.80
N GLU E 57 15.46 -104.82 72.09
CA GLU E 57 16.57 -104.19 72.81
C GLU E 57 17.91 -104.81 72.43
N ALA E 58 17.94 -106.01 71.85
CA ALA E 58 19.17 -106.54 71.30
C ALA E 58 19.51 -105.94 69.94
N ILE E 59 18.48 -105.65 69.13
CA ILE E 59 18.69 -105.01 67.83
C ILE E 59 19.13 -103.56 68.02
N LEU E 60 18.54 -102.87 68.99
CA LEU E 60 18.85 -101.46 69.23
C LEU E 60 20.25 -101.24 69.82
N SER E 61 20.89 -102.28 70.35
CA SER E 61 22.22 -102.15 70.92
C SER E 61 23.33 -102.16 69.87
N ILE E 62 23.02 -102.56 68.63
CA ILE E 62 24.04 -102.59 67.58
C ILE E 62 24.39 -101.17 67.13
N TYR E 63 23.37 -100.37 66.84
CA TYR E 63 23.57 -99.05 66.28
C TYR E 63 24.02 -98.07 67.37
N PRO E 64 24.84 -97.08 67.02
CA PRO E 64 25.29 -96.10 68.01
C PRO E 64 24.16 -95.19 68.49
N GLU E 65 24.36 -94.65 69.69
CA GLU E 65 23.38 -93.76 70.29
C GLU E 65 23.31 -92.45 69.53
N GLY E 66 22.08 -91.95 69.34
CA GLY E 66 21.84 -90.80 68.50
C GLY E 66 21.63 -91.13 67.04
N HIS E 67 21.82 -92.38 66.64
CA HIS E 67 21.58 -92.82 65.27
C HIS E 67 20.84 -94.15 65.28
N LYS E 68 19.82 -94.27 66.11
CA LYS E 68 19.06 -95.50 66.25
C LYS E 68 17.98 -95.66 65.17
N ARG E 69 17.84 -94.68 64.28
CA ARG E 69 16.87 -94.74 63.19
C ARG E 69 17.16 -95.91 62.25
N GLY E 70 18.44 -96.27 62.10
CA GLY E 70 18.86 -97.45 61.36
C GLY E 70 18.34 -98.77 61.90
N ALA E 71 17.82 -98.78 63.12
CA ALA E 71 17.15 -99.97 63.65
C ALA E 71 15.81 -100.26 62.99
N MET E 72 15.20 -99.33 62.25
CA MET E 72 13.82 -99.60 61.83
C MET E 72 13.72 -100.56 60.65
N ILE E 73 14.82 -100.84 59.97
CA ILE E 73 14.79 -101.75 58.82
C ILE E 73 14.62 -103.20 59.28
N PRO E 74 15.33 -103.74 60.28
CA PRO E 74 14.94 -105.10 60.73
C PRO E 74 13.69 -105.12 61.58
N LEU E 75 13.42 -104.03 62.32
CA LEU E 75 12.35 -104.02 63.32
C LEU E 75 10.98 -104.16 62.69
N LEU E 76 10.75 -103.44 61.57
CA LEU E 76 9.53 -103.63 60.79
C LEU E 76 9.46 -105.03 60.24
N ASP E 77 10.60 -105.59 59.80
CA ASP E 77 10.69 -107.00 59.43
C ASP E 77 10.36 -107.90 60.61
N LEU E 78 10.75 -107.49 61.82
CA LEU E 78 10.37 -108.21 63.03
C LEU E 78 8.86 -108.21 63.21
N ALA E 79 8.21 -107.08 62.88
CA ALA E 79 6.75 -107.04 62.84
C ALA E 79 6.22 -107.97 61.77
N GLN E 80 6.91 -108.04 60.63
CA GLN E 80 6.55 -109.00 59.59
C GLN E 80 6.87 -110.43 59.99
N ARG E 81 7.69 -110.63 61.03
CA ARG E 81 7.91 -111.95 61.59
C ARG E 81 6.99 -112.23 62.77
N GLN E 82 6.09 -111.30 63.10
CA GLN E 82 5.16 -111.53 64.20
C GLN E 82 3.71 -111.55 63.74
N TYR E 83 3.26 -110.52 63.02
CA TYR E 83 1.88 -110.46 62.58
C TYR E 83 1.64 -111.26 61.30
N GLY E 84 2.67 -111.46 60.49
CA GLY E 84 2.55 -112.07 59.19
C GLY E 84 2.50 -111.06 58.06
N TRP E 85 2.04 -109.85 58.34
CA TRP E 85 2.07 -108.74 57.42
C TRP E 85 2.24 -107.47 58.24
N LEU E 86 2.24 -106.32 57.57
CA LEU E 86 2.54 -105.07 58.24
C LEU E 86 1.31 -104.18 58.35
N PRO E 87 0.70 -104.06 59.52
CA PRO E 87 -0.39 -103.09 59.67
C PRO E 87 0.14 -101.72 60.06
N ILE E 88 -0.74 -100.75 60.26
CA ILE E 88 -0.30 -99.41 60.62
C ILE E 88 0.02 -99.30 62.12
N SER E 89 -0.48 -100.25 62.93
CA SER E 89 -0.13 -100.25 64.34
C SER E 89 1.31 -100.66 64.56
N ALA E 90 1.86 -101.48 63.67
CA ALA E 90 3.28 -101.81 63.71
C ALA E 90 4.13 -100.58 63.40
N MET E 91 3.67 -99.76 62.44
CA MET E 91 4.36 -98.50 62.11
C MET E 91 4.33 -97.54 63.29
N HIS E 92 3.18 -97.46 63.97
CA HIS E 92 3.06 -96.60 65.14
C HIS E 92 3.90 -97.10 66.31
N LYS E 93 4.00 -98.42 66.47
CA LYS E 93 4.82 -98.98 67.55
C LYS E 93 6.31 -98.78 67.29
N VAL E 94 6.75 -98.90 66.03
CA VAL E 94 8.14 -98.62 65.68
C VAL E 94 8.47 -97.14 65.89
N ALA E 95 7.55 -96.24 65.50
CA ALA E 95 7.75 -94.82 65.72
C ALA E 95 7.72 -94.44 67.21
N GLU E 96 6.95 -95.18 68.01
CA GLU E 96 6.94 -94.95 69.45
C GLU E 96 8.24 -95.45 70.10
N ILE E 97 8.76 -96.58 69.62
CA ILE E 97 10.00 -97.14 70.15
C ILE E 97 11.20 -96.25 69.82
N LEU E 98 11.29 -95.80 68.58
CA LEU E 98 12.45 -95.01 68.17
C LEU E 98 12.32 -93.52 68.46
N GLN E 99 11.18 -93.09 69.03
CA GLN E 99 10.87 -91.67 69.32
C GLN E 99 10.97 -90.80 68.07
N LEU E 100 10.25 -91.21 67.04
CA LEU E 100 10.26 -90.57 65.73
C LEU E 100 8.84 -90.23 65.33
N PRO E 101 8.64 -89.28 64.42
CA PRO E 101 7.32 -89.09 63.84
C PRO E 101 6.89 -90.30 63.02
N ASN E 102 5.56 -90.45 62.89
CA ASN E 102 4.99 -91.61 62.21
C ASN E 102 5.28 -91.60 60.71
N MET E 103 5.48 -90.41 60.14
CA MET E 103 5.55 -90.28 58.68
C MET E 103 6.88 -90.81 58.13
N ARG E 104 7.95 -90.73 58.93
CA ARG E 104 9.22 -91.33 58.52
C ARG E 104 9.12 -92.84 58.40
N VAL E 105 8.48 -93.49 59.39
CA VAL E 105 8.24 -94.92 59.32
C VAL E 105 7.28 -95.26 58.18
N TYR E 106 6.32 -94.36 57.92
CA TYR E 106 5.39 -94.54 56.80
C TYR E 106 6.12 -94.55 55.47
N GLU E 107 7.02 -93.59 55.25
CA GLU E 107 7.70 -93.51 53.96
C GLU E 107 8.76 -94.59 53.79
N VAL E 108 9.39 -95.03 54.89
CA VAL E 108 10.33 -96.16 54.81
C VAL E 108 9.59 -97.46 54.50
N ALA E 109 8.49 -97.73 55.20
CA ALA E 109 7.74 -98.96 54.95
C ALA E 109 6.97 -98.92 53.64
N THR E 110 6.69 -97.73 53.12
CA THR E 110 6.05 -97.62 51.81
C THR E 110 7.06 -97.77 50.67
N PHE E 111 8.31 -97.35 50.89
CA PHE E 111 9.32 -97.45 49.84
C PHE E 111 9.70 -98.90 49.53
N TYR E 112 9.82 -99.74 50.55
CA TYR E 112 10.30 -101.10 50.38
C TYR E 112 9.15 -102.04 50.07
N THR E 113 9.39 -102.96 49.13
CA THR E 113 8.36 -103.89 48.70
C THR E 113 8.34 -105.20 49.49
N MET E 114 9.30 -105.41 50.39
CA MET E 114 9.25 -106.60 51.23
C MET E 114 8.18 -106.47 52.31
N PHE E 115 7.93 -105.24 52.79
CA PHE E 115 6.89 -105.01 53.78
C PHE E 115 5.53 -105.00 53.09
N MET E 116 4.70 -106.00 53.40
CA MET E 116 3.36 -106.09 52.82
C MET E 116 2.40 -105.32 53.70
N ARG E 117 1.95 -104.16 53.21
CA ARG E 117 1.00 -103.34 53.95
C ARG E 117 -0.44 -103.83 53.83
N LYS E 118 -0.71 -104.77 52.94
CA LYS E 118 -1.97 -105.47 52.76
C LYS E 118 -1.91 -106.83 53.45
N PRO E 119 -3.06 -107.35 53.91
CA PRO E 119 -3.06 -108.71 54.48
C PRO E 119 -2.74 -109.77 53.44
N THR E 120 -2.01 -110.79 53.88
CA THR E 120 -1.52 -111.84 52.99
C THR E 120 -1.77 -113.19 53.64
N GLY E 121 -1.61 -114.24 52.83
CA GLY E 121 -1.83 -115.60 53.30
C GLY E 121 -0.69 -116.11 54.14
N LYS E 122 -0.87 -117.34 54.62
CA LYS E 122 0.16 -117.98 55.45
C LYS E 122 1.38 -118.37 54.62
N TYR E 123 1.16 -118.96 53.45
CA TYR E 123 2.23 -119.36 52.55
C TYR E 123 2.27 -118.36 51.39
N HIS E 124 3.24 -117.46 51.44
CA HIS E 124 3.37 -116.39 50.44
C HIS E 124 4.23 -116.90 49.30
N ILE E 125 3.58 -117.43 48.25
CA ILE E 125 4.29 -117.88 47.06
C ILE E 125 4.65 -116.65 46.23
N GLN E 126 5.93 -116.35 46.13
CA GLN E 126 6.40 -115.28 45.27
C GLN E 126 7.24 -115.89 44.16
N VAL E 127 6.86 -115.63 42.91
CA VAL E 127 7.46 -116.24 41.76
C VAL E 127 8.41 -115.23 41.12
N CYS E 128 9.18 -115.68 40.13
CA CYS E 128 10.08 -114.80 39.40
C CYS E 128 9.59 -114.65 37.97
N THR E 129 9.91 -113.51 37.35
CA THR E 129 9.42 -113.19 36.03
C THR E 129 10.52 -112.61 35.14
N THR E 130 11.57 -112.04 35.74
CA THR E 130 12.67 -111.40 35.02
C THR E 130 13.46 -112.42 34.20
N THR E 131 13.88 -112.02 32.98
CA THR E 131 14.27 -112.90 31.89
C THR E 131 15.35 -113.98 32.12
N PRO E 132 16.31 -113.91 33.06
CA PRO E 132 17.10 -115.14 33.34
C PRO E 132 16.30 -116.28 33.93
N CYS E 133 15.12 -116.01 34.50
CA CYS E 133 14.18 -117.07 34.86
C CYS E 133 13.11 -117.28 33.79
N TRP E 134 12.86 -116.28 32.94
CA TRP E 134 11.83 -116.42 31.91
C TRP E 134 12.31 -117.24 30.72
N LEU E 135 13.64 -117.31 30.49
CA LEU E 135 14.15 -118.22 29.46
C LEU E 135 13.96 -119.69 29.82
N ARG E 136 13.81 -120.02 31.09
CA ARG E 136 13.58 -121.40 31.51
C ARG E 136 12.12 -121.68 31.80
N GLY E 137 11.21 -120.80 31.40
CA GLY E 137 9.80 -121.07 31.47
C GLY E 137 9.14 -120.68 32.77
N SER E 138 9.42 -119.48 33.27
CA SER E 138 8.74 -118.98 34.46
C SER E 138 7.30 -118.56 34.18
N ASP E 139 6.98 -118.26 32.92
CA ASP E 139 5.60 -117.95 32.56
C ASP E 139 4.71 -119.19 32.67
N ASP E 140 5.27 -120.37 32.38
CA ASP E 140 4.56 -121.62 32.59
C ASP E 140 4.33 -121.88 34.08
N ILE E 141 5.30 -121.51 34.91
CA ILE E 141 5.16 -121.63 36.37
C ILE E 141 4.06 -120.71 36.89
N LEU E 142 4.03 -119.47 36.40
CA LEU E 142 2.99 -118.53 36.81
C LEU E 142 1.61 -118.94 36.30
N GLU E 143 1.56 -119.53 35.09
CA GLU E 143 0.31 -120.05 34.56
C GLU E 143 -0.18 -121.25 35.37
N THR E 144 0.74 -122.11 35.82
CA THR E 144 0.39 -123.24 36.68
C THR E 144 -0.14 -122.76 38.03
N CYS E 145 0.49 -121.73 38.61
CA CYS E 145 0.02 -121.16 39.88
C CYS E 145 -1.35 -120.52 39.74
N LYS E 146 -1.57 -119.78 38.65
CA LYS E 146 -2.88 -119.14 38.43
C LYS E 146 -3.95 -120.17 38.09
N LYS E 147 -3.57 -121.29 37.47
CA LYS E 147 -4.55 -122.33 37.16
C LYS E 147 -4.95 -123.09 38.42
N GLN E 148 -3.99 -123.44 39.28
CA GLN E 148 -4.32 -124.25 40.46
C GLN E 148 -4.94 -123.41 41.56
N LEU E 149 -4.31 -122.29 41.93
CA LEU E 149 -4.82 -121.50 43.03
C LEU E 149 -5.93 -120.55 42.64
N GLY E 150 -6.21 -120.41 41.34
CA GLY E 150 -7.41 -119.75 40.87
C GLY E 150 -7.41 -118.24 40.92
N ILE E 151 -6.29 -117.61 41.29
CA ILE E 151 -6.23 -116.16 41.39
C ILE E 151 -4.98 -115.67 40.67
N GLY E 152 -5.01 -114.40 40.30
CA GLY E 152 -3.90 -113.77 39.61
C GLY E 152 -2.84 -113.27 40.59
N VAL E 153 -1.92 -112.48 40.05
CA VAL E 153 -0.84 -111.93 40.86
C VAL E 153 -1.38 -110.80 41.74
N GLY E 154 -0.84 -110.70 42.95
CA GLY E 154 -1.27 -109.69 43.90
C GLY E 154 -2.58 -109.99 44.59
N ASP E 155 -3.12 -111.19 44.45
CA ASP E 155 -4.39 -111.56 45.05
C ASP E 155 -4.17 -112.55 46.19
N THR E 156 -5.19 -112.69 47.04
CA THR E 156 -5.14 -113.55 48.21
C THR E 156 -6.25 -114.59 48.11
N THR E 157 -5.91 -115.84 48.39
CA THR E 157 -6.89 -116.92 48.39
C THR E 157 -7.84 -116.74 49.58
N LYS E 158 -9.10 -117.14 49.38
CA LYS E 158 -10.20 -116.79 50.28
C LYS E 158 -10.07 -117.38 51.68
N ASP E 159 -9.33 -118.46 51.86
CA ASP E 159 -9.09 -119.03 53.18
C ASP E 159 -7.83 -118.50 53.83
N ARG E 160 -7.18 -117.49 53.21
CA ARG E 160 -5.94 -116.84 53.67
C ARG E 160 -4.81 -117.85 53.85
N LYS E 161 -4.70 -118.80 52.93
CA LYS E 161 -3.65 -119.80 52.95
C LYS E 161 -2.56 -119.55 51.93
N PHE E 162 -2.90 -119.03 50.76
CA PHE E 162 -1.94 -118.82 49.69
C PHE E 162 -2.09 -117.42 49.13
N THR E 163 -0.98 -116.88 48.62
CA THR E 163 -0.97 -115.54 48.04
C THR E 163 0.07 -115.50 46.94
N ILE E 164 -0.35 -115.19 45.72
CA ILE E 164 0.57 -115.06 44.59
C ILE E 164 0.85 -113.57 44.40
N SER E 165 2.10 -113.18 44.61
CA SER E 165 2.55 -111.82 44.35
C SER E 165 3.96 -111.93 43.80
N GLU E 166 4.13 -111.64 42.51
CA GLU E 166 5.41 -111.84 41.87
C GLU E 166 6.41 -110.79 42.31
N VAL E 167 7.58 -111.24 42.76
CA VAL E 167 8.71 -110.38 43.02
C VAL E 167 9.68 -110.53 41.86
N GLU E 168 10.62 -109.61 41.77
CA GLU E 168 11.18 -109.36 40.45
C GLU E 168 12.46 -110.16 40.23
N CYS E 169 13.39 -110.11 41.18
CA CYS E 169 14.57 -110.99 41.12
C CYS E 169 14.84 -111.54 42.52
N LEU E 170 15.05 -112.85 42.61
CA LEU E 170 15.26 -113.51 43.88
C LEU E 170 16.73 -113.58 44.28
N GLY E 171 17.63 -113.05 43.46
CA GLY E 171 19.03 -113.02 43.80
C GLY E 171 19.82 -114.26 43.45
N ALA E 172 19.19 -115.28 42.87
CA ALA E 172 19.88 -116.47 42.42
C ALA E 172 19.25 -116.94 41.12
N CYS E 173 20.05 -117.06 40.08
CA CYS E 173 19.52 -117.16 38.72
C CYS E 173 19.99 -118.36 37.92
N VAL E 174 21.05 -119.06 38.35
CA VAL E 174 21.51 -120.21 37.59
C VAL E 174 20.64 -121.45 37.85
N ASN E 175 19.82 -121.42 38.89
CA ASN E 175 18.87 -122.51 39.18
C ASN E 175 17.46 -122.15 38.76
N ALA E 176 17.34 -121.43 37.65
CA ALA E 176 16.05 -120.98 37.15
C ALA E 176 15.24 -122.16 36.60
N PRO E 177 13.90 -122.15 36.77
CA PRO E 177 13.03 -121.19 37.46
C PRO E 177 13.06 -121.33 38.98
N MET E 178 12.78 -120.24 39.68
CA MET E 178 12.97 -120.20 41.13
C MET E 178 11.85 -119.38 41.77
N VAL E 179 11.24 -119.94 42.81
CA VAL E 179 10.23 -119.24 43.59
C VAL E 179 10.67 -119.23 45.05
N ALA E 180 9.95 -118.46 45.86
CA ALA E 180 10.16 -118.45 47.30
C ALA E 180 8.82 -118.60 47.99
N ILE E 181 8.72 -119.63 48.83
CA ILE E 181 7.48 -119.77 49.62
C ILE E 181 7.88 -119.50 51.07
N ASN E 182 7.46 -118.35 51.61
CA ASN E 182 7.76 -118.03 53.02
C ASN E 182 9.27 -118.06 53.29
N ASP E 183 10.09 -117.49 52.39
CA ASP E 183 11.57 -117.34 52.63
C ASP E 183 12.39 -118.61 52.34
N ASP E 184 11.81 -119.64 51.73
CA ASP E 184 12.64 -120.82 51.34
C ASP E 184 12.72 -120.82 49.81
N TYR E 185 13.93 -120.93 49.26
CA TYR E 185 14.09 -120.83 47.78
C TYR E 185 13.87 -122.17 47.10
N TYR E 186 12.71 -122.37 46.50
CA TYR E 186 12.41 -123.57 45.73
C TYR E 186 12.94 -123.37 44.32
N GLU E 187 13.88 -124.23 43.91
CA GLU E 187 14.67 -124.04 42.71
C GLU E 187 14.43 -125.20 41.75
N ASP E 188 14.81 -124.96 40.48
CA ASP E 188 14.76 -125.95 39.38
C ASP E 188 13.36 -126.51 39.17
N LEU E 189 12.43 -125.62 38.83
CA LEU E 189 11.02 -125.96 38.87
C LEU E 189 10.53 -126.41 37.50
N THR E 190 10.36 -127.73 37.37
CA THR E 190 9.48 -128.29 36.36
C THR E 190 8.04 -128.05 36.84
N SER E 191 7.10 -127.99 35.90
CA SER E 191 5.70 -127.74 36.25
C SER E 191 5.11 -128.86 37.08
N LYS E 192 5.54 -130.10 36.84
CA LYS E 192 5.14 -131.23 37.69
C LYS E 192 5.72 -131.12 39.09
N ASP E 193 6.92 -130.53 39.22
CA ASP E 193 7.53 -130.31 40.53
C ASP E 193 6.73 -129.28 41.33
N MET E 194 6.25 -128.23 40.68
CA MET E 194 5.44 -127.24 41.38
C MET E 194 4.03 -127.78 41.65
N GLN E 195 3.55 -128.69 40.80
CA GLN E 195 2.32 -129.44 41.10
C GLN E 195 2.48 -130.27 42.37
N ASP E 196 3.61 -130.94 42.52
CA ASP E 196 3.92 -131.67 43.76
C ASP E 196 4.09 -130.73 44.94
N ILE E 197 4.63 -129.54 44.72
CA ILE E 197 4.81 -128.55 45.78
C ILE E 197 3.45 -128.08 46.32
N LEU E 198 2.52 -127.76 45.41
CA LEU E 198 1.18 -127.38 45.84
C LEU E 198 0.40 -128.55 46.44
N ASN E 199 0.61 -129.77 45.95
CA ASN E 199 -0.05 -130.92 46.54
C ASN E 199 0.48 -131.23 47.94
N ASP E 200 1.76 -130.95 48.19
CA ASP E 200 2.30 -131.12 49.54
C ASP E 200 1.87 -129.97 50.46
N LEU E 201 1.82 -128.75 49.94
CA LEU E 201 1.52 -127.59 50.76
C LEU E 201 0.04 -127.48 51.09
N LYS E 202 -0.84 -127.99 50.23
CA LYS E 202 -2.28 -127.94 50.50
C LYS E 202 -2.70 -128.91 51.60
N ALA E 203 -1.87 -129.92 51.89
CA ALA E 203 -2.11 -130.83 53.00
C ALA E 203 -1.33 -130.44 54.24
N ASP E 204 -0.76 -129.22 54.27
CA ASP E 204 0.05 -128.67 55.37
C ASP E 204 1.23 -129.56 55.71
N LYS E 205 1.93 -130.04 54.67
CA LYS E 205 3.10 -130.88 54.83
C LYS E 205 4.33 -130.12 54.35
N ILE E 206 5.44 -130.28 55.08
CA ILE E 206 6.69 -129.61 54.70
C ILE E 206 7.27 -130.27 53.46
N SER E 207 7.93 -129.47 52.64
CA SER E 207 8.52 -129.92 51.39
C SER E 207 10.00 -129.55 51.36
N PRO E 208 10.84 -130.38 50.76
CA PRO E 208 12.27 -130.08 50.69
C PRO E 208 12.56 -128.96 49.70
N PRO E 209 13.22 -127.90 50.13
CA PRO E 209 13.56 -126.80 49.23
C PRO E 209 14.81 -127.13 48.42
N GLY E 210 15.21 -126.18 47.59
CA GLY E 210 16.37 -126.35 46.74
C GLY E 210 15.98 -126.84 45.35
N PRO E 211 16.98 -127.20 44.54
CA PRO E 211 16.69 -127.75 43.22
C PRO E 211 16.06 -129.14 43.30
N ARG E 212 15.27 -129.46 42.28
CA ARG E 212 14.47 -130.69 42.26
C ARG E 212 14.96 -131.70 41.24
N ASN E 213 16.14 -131.50 40.66
CA ASN E 213 16.71 -132.44 39.69
C ASN E 213 17.81 -133.31 40.29
N GLY E 214 17.91 -133.37 41.62
CA GLY E 214 19.01 -134.07 42.25
C GLY E 214 20.31 -133.31 42.25
N ARG E 215 20.29 -132.03 41.90
CA ARG E 215 21.48 -131.22 41.75
C ARG E 215 21.65 -130.35 43.00
N PHE E 216 22.77 -130.54 43.71
CA PHE E 216 23.10 -129.65 44.82
C PHE E 216 23.44 -128.27 44.28
N ALA E 217 23.08 -127.24 45.06
CA ALA E 217 22.84 -125.90 44.53
C ALA E 217 24.09 -125.24 43.95
N SER E 218 23.92 -124.68 42.73
CA SER E 218 24.95 -123.97 41.96
C SER E 218 26.17 -124.86 41.67
N GLU E 219 25.93 -125.95 40.97
CA GLU E 219 26.99 -126.81 40.45
C GLU E 219 26.54 -127.33 39.09
N PRO E 220 27.48 -127.70 38.22
CA PRO E 220 27.09 -128.37 36.98
C PRO E 220 26.59 -129.78 37.26
N LYS E 221 25.64 -130.21 36.45
CA LYS E 221 25.04 -131.54 36.63
C LYS E 221 25.99 -132.63 36.15
N GLY E 222 25.85 -133.80 36.75
CA GLY E 222 26.64 -134.96 36.35
C GLY E 222 28.09 -134.91 36.81
N GLU E 223 29.02 -134.85 35.87
CA GLU E 223 30.44 -134.87 36.18
C GLU E 223 30.88 -133.50 36.70
N PRO E 224 31.50 -133.41 37.88
CA PRO E 224 32.01 -132.12 38.35
C PRO E 224 33.25 -131.67 37.59
N THR E 225 33.12 -130.60 36.81
CA THR E 225 34.23 -130.08 36.02
C THR E 225 35.17 -129.20 36.84
N SER E 226 34.77 -128.80 38.04
CA SER E 226 35.59 -127.96 38.90
C SER E 226 35.42 -128.39 40.34
N LEU E 227 36.46 -128.10 41.15
CA LEU E 227 36.52 -128.39 42.59
C LEU E 227 36.31 -129.88 42.88
N SER E 228 36.92 -130.73 42.06
CA SER E 228 36.75 -132.17 42.22
C SER E 228 37.63 -132.73 43.33
N GLU E 229 38.91 -132.36 43.34
CA GLU E 229 39.84 -132.91 44.31
C GLU E 229 39.74 -132.15 45.64
N GLU E 230 40.45 -132.67 46.64
CA GLU E 230 40.44 -132.08 47.96
C GLU E 230 41.24 -130.77 47.98
N PRO E 231 40.85 -129.81 48.81
CA PRO E 231 41.65 -128.59 48.96
C PRO E 231 42.96 -128.86 49.66
N LYS E 232 43.91 -127.94 49.43
CA LYS E 232 45.26 -128.12 49.97
C LYS E 232 45.30 -127.89 51.47
N GLY E 233 44.62 -126.86 51.95
CA GLY E 233 44.59 -126.55 53.37
C GLY E 233 45.48 -125.37 53.72
N PRO E 234 45.69 -125.14 55.02
CA PRO E 234 46.52 -124.02 55.45
C PRO E 234 48.00 -124.29 55.22
N GLY E 235 48.75 -123.20 55.07
CA GLY E 235 50.19 -123.29 54.86
C GLY E 235 50.61 -123.56 53.43
N PHE E 236 49.67 -123.62 52.49
CA PHE E 236 49.98 -123.92 51.10
C PHE E 236 50.22 -122.62 50.34
N GLY E 237 51.42 -122.46 49.81
CA GLY E 237 51.78 -121.25 49.08
C GLY E 237 51.85 -120.01 49.93
N LEU E 238 52.47 -120.09 51.12
CA LEU E 238 52.56 -118.96 52.02
C LEU E 238 53.53 -117.90 51.48
N GLN E 239 53.20 -116.64 51.72
CA GLN E 239 54.06 -115.55 51.28
C GLN E 239 55.32 -115.48 52.14
N ALA E 240 56.44 -115.18 51.50
CA ALA E 240 57.70 -115.08 52.21
C ALA E 240 57.74 -113.81 53.05
N GLY E 241 58.35 -113.90 54.23
CA GLY E 241 58.41 -112.79 55.14
C GLY E 241 57.17 -112.57 55.97
N LEU E 242 56.21 -113.49 55.93
CA LEU E 242 54.97 -113.35 56.68
C LEU E 242 55.10 -113.96 58.07
N GLN F 40 -37.19 -61.34 27.24
CA GLN F 40 -36.92 -62.07 26.01
C GLN F 40 -38.10 -62.90 25.52
N GLN F 41 -38.53 -62.62 24.29
CA GLN F 41 -39.44 -63.48 23.56
C GLN F 41 -38.79 -63.93 22.25
N THR F 42 -39.25 -65.07 21.76
CA THR F 42 -38.75 -65.64 20.53
C THR F 42 -39.73 -65.38 19.38
N LEU F 43 -39.29 -65.73 18.17
CA LEU F 43 -40.19 -65.68 17.04
C LEU F 43 -41.24 -66.78 17.17
N PRO F 44 -42.50 -66.50 16.83
CA PRO F 44 -43.56 -67.48 17.07
C PRO F 44 -43.52 -68.65 16.10
N VAL F 45 -44.03 -69.79 16.58
CA VAL F 45 -44.18 -70.99 15.76
C VAL F 45 -45.23 -70.73 14.68
N ALA F 46 -45.10 -71.43 13.54
CA ALA F 46 -45.92 -71.17 12.35
C ALA F 46 -47.41 -71.43 12.59
N GLU F 47 -47.76 -72.31 13.52
CA GLU F 47 -49.17 -72.43 13.91
C GLU F 47 -49.63 -71.19 14.67
N VAL F 48 -48.81 -70.70 15.59
CA VAL F 48 -49.12 -69.47 16.32
C VAL F 48 -49.07 -68.27 15.38
N ALA F 49 -48.14 -68.30 14.41
CA ALA F 49 -48.07 -67.24 13.40
C ALA F 49 -49.28 -67.24 12.48
N GLN F 50 -49.82 -68.42 12.17
CA GLN F 50 -51.07 -68.50 11.41
C GLN F 50 -52.25 -68.08 12.27
N ASN F 51 -52.16 -68.24 13.58
CA ASN F 51 -53.22 -67.76 14.46
C ASN F 51 -53.26 -66.23 14.53
N LEU F 52 -52.09 -65.59 14.49
CA LEU F 52 -52.04 -64.13 14.54
C LEU F 52 -52.43 -63.54 13.18
N PRO F 53 -53.07 -62.36 13.18
CA PRO F 53 -53.39 -61.70 11.91
C PRO F 53 -52.21 -60.90 11.38
N LYS F 54 -52.41 -60.21 10.25
CA LYS F 54 -51.35 -59.40 9.66
C LYS F 54 -51.17 -58.12 10.47
N LYS F 55 -49.92 -57.67 10.54
CA LYS F 55 -49.60 -56.48 11.35
C LYS F 55 -50.05 -55.20 10.66
N GLY F 56 -49.92 -55.13 9.35
CA GLY F 56 -50.21 -53.92 8.62
C GLY F 56 -49.02 -52.98 8.56
N TYR F 57 -49.12 -51.99 7.67
CA TYR F 57 -48.02 -51.03 7.51
C TYR F 57 -47.97 -50.04 8.67
N SER F 58 -49.13 -49.66 9.18
CA SER F 58 -49.21 -48.60 10.19
C SER F 58 -48.75 -49.13 11.55
N PRO F 59 -47.75 -48.51 12.18
CA PRO F 59 -47.39 -48.91 13.55
C PRO F 59 -48.27 -48.28 14.62
N PHE F 60 -49.14 -47.34 14.26
CA PHE F 60 -50.03 -46.69 15.20
C PHE F 60 -51.39 -47.34 15.29
N GLY F 61 -51.61 -48.44 14.59
CA GLY F 61 -52.89 -49.13 14.62
C GLY F 61 -53.84 -48.66 13.53
N THR F 62 -54.93 -49.40 13.38
CA THR F 62 -55.91 -49.09 12.34
C THR F 62 -56.82 -47.95 12.75
N LYS F 63 -57.50 -48.08 13.89
CA LYS F 63 -58.45 -47.08 14.36
C LYS F 63 -58.02 -46.56 15.73
N GLN F 64 -58.36 -45.29 15.98
CA GLN F 64 -58.03 -44.63 17.25
C GLN F 64 -59.26 -44.02 17.91
N SER F 65 -60.46 -44.43 17.47
CA SER F 65 -61.75 -44.06 18.05
C SER F 65 -62.02 -42.55 18.03
N SER F 66 -61.43 -41.85 17.07
CA SER F 66 -61.68 -40.44 16.86
C SER F 66 -61.36 -40.11 15.40
N VAL F 67 -62.14 -39.20 14.81
CA VAL F 67 -61.91 -38.82 13.43
C VAL F 67 -60.65 -37.97 13.31
N ALA F 68 -60.45 -37.04 14.25
CA ALA F 68 -59.27 -36.17 14.22
C ALA F 68 -58.00 -36.95 14.54
N GLU F 69 -58.07 -37.92 15.45
CA GLU F 69 -56.93 -38.77 15.76
C GLU F 69 -56.57 -39.66 14.58
N TRP F 70 -57.58 -40.19 13.88
CA TRP F 70 -57.34 -41.00 12.69
C TRP F 70 -56.74 -40.17 11.56
N SER F 71 -57.23 -38.94 11.38
CA SER F 71 -56.71 -38.06 10.33
C SER F 71 -55.27 -37.65 10.63
N LEU F 72 -54.97 -37.33 11.89
CA LEU F 72 -53.60 -36.97 12.25
C LEU F 72 -52.66 -38.16 12.20
N ALA F 73 -53.16 -39.37 12.53
CA ALA F 73 -52.34 -40.57 12.41
C ALA F 73 -52.03 -40.91 10.96
N ARG F 74 -53.00 -40.72 10.06
CA ARG F 74 -52.73 -40.99 8.66
C ARG F 74 -51.85 -39.91 8.02
N LEU F 75 -51.98 -38.65 8.47
CA LEU F 75 -51.05 -37.62 8.03
C LEU F 75 -49.64 -37.89 8.53
N ASP F 76 -49.53 -38.39 9.76
CA ASP F 76 -48.22 -38.78 10.30
C ASP F 76 -47.65 -39.99 9.56
N ASP F 77 -48.52 -40.92 9.14
CA ASP F 77 -48.07 -42.05 8.34
C ASP F 77 -47.55 -41.62 6.98
N LEU F 78 -48.24 -40.67 6.33
CA LEU F 78 -47.78 -40.13 5.06
C LEU F 78 -46.47 -39.36 5.23
N LEU F 79 -46.35 -38.59 6.31
CA LEU F 79 -45.13 -37.81 6.57
C LEU F 79 -43.94 -38.73 6.88
N ASN F 80 -44.17 -39.79 7.66
CA ASN F 80 -43.08 -40.71 7.97
C ASN F 80 -42.73 -41.59 6.79
N TRP F 81 -43.69 -41.85 5.90
CA TRP F 81 -43.38 -42.51 4.64
C TRP F 81 -42.52 -41.62 3.75
N GLY F 82 -42.82 -40.32 3.73
CA GLY F 82 -41.98 -39.40 2.99
C GLY F 82 -40.63 -39.13 3.62
N ARG F 83 -40.50 -39.37 4.93
CA ARG F 83 -39.24 -39.14 5.63
C ARG F 83 -38.38 -40.39 5.73
N LYS F 84 -38.97 -41.57 5.98
CA LYS F 84 -38.18 -42.80 5.95
C LYS F 84 -37.82 -43.20 4.53
N GLY F 85 -38.57 -42.72 3.54
CA GLY F 85 -38.15 -42.84 2.17
C GLY F 85 -37.20 -41.70 1.84
N SER F 86 -36.02 -42.07 1.35
CA SER F 86 -34.94 -41.17 0.93
C SER F 86 -34.46 -40.26 2.06
N ILE F 87 -33.86 -40.88 3.08
CA ILE F 87 -32.97 -40.14 3.97
C ILE F 87 -31.67 -39.86 3.21
N TRP F 88 -31.11 -38.67 3.42
CA TRP F 88 -29.92 -38.30 2.67
C TRP F 88 -28.73 -38.26 3.61
N PRO F 89 -27.82 -39.23 3.55
CA PRO F 89 -26.64 -39.21 4.41
C PRO F 89 -25.64 -38.18 3.94
N LEU F 90 -24.65 -37.94 4.79
CA LEU F 90 -23.71 -36.85 4.59
C LEU F 90 -22.34 -37.40 4.23
N THR F 91 -21.69 -36.74 3.26
CA THR F 91 -20.34 -37.13 2.87
C THR F 91 -19.39 -36.70 3.98
N PHE F 92 -19.12 -37.60 4.91
CA PHE F 92 -18.32 -37.24 6.08
C PHE F 92 -16.99 -37.99 6.07
N GLY F 93 -17.09 -39.33 6.14
CA GLY F 93 -15.94 -40.26 5.97
C GLY F 93 -14.66 -40.01 6.72
N LEU F 94 -14.68 -40.09 8.05
CA LEU F 94 -13.45 -39.93 8.86
C LEU F 94 -12.38 -41.01 8.63
N ALA F 95 -12.72 -42.29 8.46
CA ALA F 95 -11.70 -43.37 8.50
C ALA F 95 -12.03 -44.64 7.71
N CYS F 96 -11.44 -45.78 8.09
CA CYS F 96 -11.54 -47.06 7.32
C CYS F 96 -12.99 -47.48 7.17
N CYS F 97 -13.83 -47.22 8.15
CA CYS F 97 -15.25 -47.65 8.12
C CYS F 97 -15.88 -46.98 6.90
N ALA F 98 -15.37 -45.81 6.49
CA ALA F 98 -15.87 -45.11 5.30
C ALA F 98 -15.70 -46.01 4.07
N VAL F 99 -14.61 -46.75 3.96
CA VAL F 99 -14.38 -47.57 2.75
C VAL F 99 -15.56 -48.54 2.67
N GLU F 100 -16.01 -49.07 3.80
CA GLU F 100 -17.23 -49.92 3.77
C GLU F 100 -18.41 -49.09 3.28
N MET F 101 -18.52 -47.83 3.70
CA MET F 101 -19.62 -46.95 3.24
C MET F 101 -19.70 -46.91 1.70
N MET F 102 -18.59 -47.03 0.96
CA MET F 102 -18.76 -47.11 -0.48
C MET F 102 -19.20 -48.49 -0.96
N HIS F 103 -19.11 -49.52 -0.12
CA HIS F 103 -19.69 -50.82 -0.45
C HIS F 103 -21.21 -50.87 -0.30
N ILE F 104 -21.86 -49.84 0.25
CA ILE F 104 -23.29 -49.71 -0.01
C ILE F 104 -23.52 -48.79 -1.20
N ALA F 105 -22.50 -48.03 -1.62
CA ALA F 105 -22.55 -47.37 -2.91
C ALA F 105 -22.29 -48.34 -4.05
N ALA F 106 -21.39 -49.29 -3.83
CA ALA F 106 -20.98 -50.26 -4.83
C ALA F 106 -22.16 -51.13 -5.23
N PRO F 107 -22.23 -51.56 -6.51
CA PRO F 107 -23.48 -52.14 -7.02
C PRO F 107 -23.90 -53.51 -6.50
N ARG F 108 -23.21 -54.06 -5.49
CA ARG F 108 -23.74 -55.24 -4.84
C ARG F 108 -24.92 -54.89 -3.93
N TYR F 109 -24.85 -53.74 -3.25
CA TYR F 109 -25.82 -53.41 -2.21
C TYR F 109 -26.71 -52.22 -2.53
N ASP F 110 -26.20 -51.22 -3.26
CA ASP F 110 -27.01 -50.20 -3.95
C ASP F 110 -27.89 -49.38 -3.02
N MET F 111 -27.30 -48.44 -2.26
CA MET F 111 -28.10 -47.66 -1.31
C MET F 111 -29.14 -46.76 -2.00
N ASP F 112 -28.97 -46.46 -3.30
CA ASP F 112 -29.94 -45.65 -4.04
C ASP F 112 -31.23 -46.40 -4.33
N ARG F 113 -31.25 -47.72 -4.15
CA ARG F 113 -32.48 -48.50 -4.27
C ARG F 113 -33.48 -48.14 -3.17
N TYR F 114 -32.98 -47.75 -2.00
CA TYR F 114 -33.78 -47.47 -0.83
C TYR F 114 -34.15 -45.98 -0.72
N GLY F 115 -33.72 -45.17 -1.68
CA GLY F 115 -33.85 -43.73 -1.59
C GLY F 115 -32.64 -43.02 -1.02
N VAL F 116 -31.78 -43.76 -0.33
CA VAL F 116 -30.59 -43.21 0.32
C VAL F 116 -29.63 -42.72 -0.75
N VAL F 117 -29.24 -41.44 -0.68
CA VAL F 117 -28.34 -40.86 -1.67
C VAL F 117 -27.52 -39.76 -1.02
N PHE F 118 -26.21 -39.76 -1.30
CA PHE F 118 -25.29 -38.85 -0.65
C PHE F 118 -25.45 -37.43 -1.16
N ARG F 119 -25.35 -36.47 -0.24
CA ARG F 119 -25.29 -35.05 -0.56
C ARG F 119 -24.11 -34.44 0.17
N ALA F 120 -23.43 -33.50 -0.50
CA ALA F 120 -22.20 -32.95 0.05
C ALA F 120 -22.47 -31.97 1.20
N SER F 121 -23.48 -31.11 1.05
CA SER F 121 -23.72 -30.09 2.07
C SER F 121 -24.48 -30.66 3.26
N PRO F 122 -24.19 -30.20 4.49
CA PRO F 122 -24.96 -30.67 5.64
C PRO F 122 -26.36 -30.09 5.70
N ARG F 123 -26.61 -28.97 5.01
CA ARG F 123 -27.96 -28.43 4.95
C ARG F 123 -28.89 -29.33 4.13
N GLN F 124 -28.35 -30.03 3.14
CA GLN F 124 -29.11 -30.93 2.29
C GLN F 124 -29.00 -32.38 2.74
N ALA F 125 -28.94 -32.62 4.05
CA ALA F 125 -28.78 -33.97 4.56
C ALA F 125 -29.68 -34.18 5.78
N ASP F 126 -30.27 -35.36 5.87
CA ASP F 126 -30.97 -35.77 7.08
C ASP F 126 -30.05 -36.48 8.05
N VAL F 127 -29.16 -37.32 7.54
CA VAL F 127 -28.35 -38.23 8.33
C VAL F 127 -26.89 -37.82 8.19
N ILE F 128 -26.14 -37.86 9.29
CA ILE F 128 -24.69 -37.89 9.23
C ILE F 128 -24.24 -39.24 9.77
N ILE F 129 -23.49 -39.98 8.95
CA ILE F 129 -22.96 -41.28 9.33
C ILE F 129 -21.59 -41.03 9.92
N VAL F 130 -21.53 -40.88 11.23
CA VAL F 130 -20.26 -40.76 11.92
C VAL F 130 -19.60 -42.13 11.89
N ALA F 131 -18.59 -42.26 11.05
CA ALA F 131 -17.97 -43.55 10.82
C ALA F 131 -16.47 -43.36 10.73
N GLY F 132 -15.77 -43.75 11.79
CA GLY F 132 -14.34 -43.57 11.89
C GLY F 132 -13.93 -43.03 13.24
N THR F 133 -12.64 -42.79 13.35
CA THR F 133 -12.10 -42.33 14.62
C THR F 133 -12.34 -40.84 14.79
N LEU F 134 -13.02 -40.50 15.87
CA LEU F 134 -13.30 -39.12 16.24
C LEU F 134 -12.23 -38.67 17.21
N THR F 135 -11.35 -37.78 16.75
CA THR F 135 -10.19 -37.38 17.53
C THR F 135 -10.46 -36.06 18.24
N ASN F 136 -9.43 -35.51 18.88
CA ASN F 136 -9.59 -34.26 19.62
C ASN F 136 -9.72 -33.06 18.69
N LYS F 137 -9.09 -33.11 17.52
CA LYS F 137 -9.20 -32.01 16.56
C LYS F 137 -10.51 -32.04 15.80
N MET F 138 -11.22 -33.16 15.80
CA MET F 138 -12.48 -33.30 15.06
C MET F 138 -13.70 -33.16 15.96
N ALA F 139 -13.50 -32.88 17.24
CA ALA F 139 -14.64 -32.60 18.12
C ALA F 139 -15.42 -31.33 17.73
N PRO F 140 -14.81 -30.13 17.54
CA PRO F 140 -15.63 -29.00 17.08
C PRO F 140 -16.03 -29.11 15.62
N ALA F 141 -15.29 -29.86 14.81
CA ALA F 141 -15.67 -30.08 13.42
C ALA F 141 -16.96 -30.88 13.33
N LEU F 142 -17.04 -32.02 14.04
CA LEU F 142 -18.25 -32.82 14.06
C LEU F 142 -19.40 -32.08 14.73
N ARG F 143 -19.12 -31.31 15.79
CA ARG F 143 -20.20 -30.56 16.42
C ARG F 143 -20.76 -29.47 15.51
N LYS F 144 -19.89 -28.79 14.76
CA LYS F 144 -20.34 -27.75 13.83
C LYS F 144 -21.10 -28.33 12.65
N VAL F 145 -20.62 -29.45 12.09
CA VAL F 145 -21.30 -30.08 10.96
C VAL F 145 -22.65 -30.67 11.39
N TYR F 146 -22.74 -31.20 12.61
CA TYR F 146 -24.02 -31.69 13.10
C TYR F 146 -24.98 -30.54 13.40
N ASP F 147 -24.47 -29.43 13.95
CA ASP F 147 -25.35 -28.32 14.31
C ASP F 147 -25.85 -27.57 13.10
N GLN F 148 -25.07 -27.51 12.03
CA GLN F 148 -25.50 -26.80 10.84
C GLN F 148 -26.48 -27.64 10.01
N MET F 149 -26.54 -28.94 10.29
CA MET F 149 -27.52 -29.80 9.64
C MET F 149 -28.91 -29.53 10.22
N PRO F 150 -29.94 -29.44 9.38
CA PRO F 150 -31.25 -28.96 9.87
C PRO F 150 -32.09 -30.09 10.46
N GLU F 151 -33.01 -29.71 11.36
CA GLU F 151 -33.94 -30.66 11.94
C GLU F 151 -34.93 -31.15 10.88
N PRO F 152 -35.34 -32.44 10.93
CA PRO F 152 -35.00 -33.50 11.88
C PRO F 152 -33.63 -34.12 11.63
N ARG F 153 -32.97 -34.53 12.72
CA ARG F 153 -31.60 -35.03 12.67
C ARG F 153 -31.53 -36.41 13.28
N TRP F 154 -31.03 -37.38 12.50
CA TRP F 154 -30.76 -38.72 12.99
C TRP F 154 -29.32 -39.06 12.64
N VAL F 155 -28.56 -39.56 13.62
CA VAL F 155 -27.14 -39.84 13.44
C VAL F 155 -26.92 -41.34 13.57
N ILE F 156 -26.27 -41.93 12.57
CA ILE F 156 -25.88 -43.33 12.59
C ILE F 156 -24.41 -43.39 13.00
N SER F 157 -24.13 -44.11 14.08
CA SER F 157 -22.76 -44.32 14.52
C SER F 157 -22.28 -45.67 13.98
N MET F 158 -21.47 -45.63 12.94
CA MET F 158 -20.92 -46.80 12.30
C MET F 158 -19.51 -47.03 12.82
N GLY F 159 -19.26 -48.22 13.35
CA GLY F 159 -17.91 -48.61 13.66
C GLY F 159 -17.56 -48.41 15.12
N SER F 160 -16.57 -49.19 15.56
CA SER F 160 -16.25 -49.29 16.98
C SER F 160 -15.61 -48.01 17.52
N CYS F 161 -14.83 -47.32 16.67
CA CYS F 161 -14.26 -46.04 17.06
C CYS F 161 -15.33 -44.98 17.26
N ALA F 162 -16.36 -44.99 16.42
CA ALA F 162 -17.44 -44.02 16.56
C ALA F 162 -18.38 -44.41 17.70
N ASN F 163 -18.48 -45.70 18.01
CA ASN F 163 -19.34 -46.12 19.11
C ASN F 163 -18.70 -45.81 20.47
N GLY F 164 -17.52 -46.37 20.73
CA GLY F 164 -16.94 -46.20 22.04
C GLY F 164 -15.43 -46.03 22.07
N GLY F 165 -14.86 -45.52 20.99
CA GLY F 165 -13.42 -45.39 20.87
C GLY F 165 -12.73 -46.60 20.29
N GLY F 166 -13.10 -47.80 20.73
CA GLY F 166 -12.62 -49.00 20.07
C GLY F 166 -11.20 -49.35 20.41
N TYR F 167 -10.39 -49.56 19.36
CA TYR F 167 -9.01 -50.00 19.54
C TYR F 167 -8.13 -48.84 19.97
N TYR F 168 -8.60 -47.61 19.78
CA TYR F 168 -7.94 -46.42 20.28
C TYR F 168 -8.72 -45.77 21.42
N HIS F 169 -9.37 -46.57 22.27
CA HIS F 169 -10.15 -46.02 23.37
C HIS F 169 -9.25 -45.43 24.45
N TYR F 170 -8.11 -46.07 24.71
CA TYR F 170 -7.30 -45.66 25.86
C TYR F 170 -6.22 -44.66 25.46
N SER F 171 -6.36 -44.03 24.29
CA SER F 171 -5.37 -43.07 23.84
C SER F 171 -5.73 -41.65 24.31
N TYR F 172 -4.77 -40.74 24.09
CA TYR F 172 -4.93 -39.37 24.55
C TYR F 172 -5.84 -38.56 23.63
N SER F 173 -5.79 -38.83 22.32
CA SER F 173 -6.38 -37.89 21.36
C SER F 173 -7.79 -38.29 20.97
N VAL F 174 -8.14 -39.56 21.14
CA VAL F 174 -9.41 -40.05 20.60
C VAL F 174 -10.53 -39.81 21.60
N VAL F 175 -11.59 -39.16 21.13
CA VAL F 175 -12.80 -38.97 21.93
C VAL F 175 -13.49 -40.32 22.11
N ARG F 176 -13.93 -40.60 23.34
CA ARG F 176 -14.48 -41.89 23.73
C ARG F 176 -15.89 -42.03 23.14
N GLY F 177 -15.95 -42.33 21.85
CA GLY F 177 -17.24 -42.42 21.18
C GLY F 177 -17.77 -41.06 20.78
N CYS F 178 -18.72 -41.07 19.84
CA CYS F 178 -19.33 -39.84 19.39
C CYS F 178 -20.63 -39.52 20.10
N ASP F 179 -20.97 -40.27 21.16
CA ASP F 179 -22.17 -39.95 21.94
C ASP F 179 -21.96 -38.69 22.77
N ARG F 180 -20.74 -38.47 23.26
CA ARG F 180 -20.53 -37.41 24.25
C ARG F 180 -20.42 -36.04 23.59
N ILE F 181 -20.43 -35.98 22.26
CA ILE F 181 -20.53 -34.71 21.58
C ILE F 181 -21.90 -34.53 20.93
N ILE F 182 -22.32 -35.51 20.13
CA ILE F 182 -23.58 -35.39 19.39
C ILE F 182 -24.48 -36.56 19.74
N PRO F 183 -25.80 -36.37 19.65
CA PRO F 183 -26.73 -37.48 19.88
C PRO F 183 -26.60 -38.56 18.81
N VAL F 184 -26.86 -39.81 19.21
CA VAL F 184 -26.80 -40.96 18.32
C VAL F 184 -28.13 -41.70 18.40
N ASP F 185 -28.72 -41.99 17.23
CA ASP F 185 -29.93 -42.80 17.17
C ASP F 185 -29.69 -44.26 16.78
N ILE F 186 -28.66 -44.55 15.99
CA ILE F 186 -28.39 -45.90 15.51
C ILE F 186 -26.91 -46.20 15.72
N TYR F 187 -26.63 -47.36 16.33
CA TYR F 187 -25.28 -47.81 16.66
C TYR F 187 -24.96 -49.06 15.82
N VAL F 188 -24.31 -48.85 14.68
CA VAL F 188 -23.88 -50.02 13.89
C VAL F 188 -22.63 -50.61 14.53
N PRO F 189 -22.64 -51.88 14.94
CA PRO F 189 -21.65 -52.35 15.92
C PRO F 189 -20.34 -52.89 15.37
N GLY F 190 -20.29 -53.34 14.12
CA GLY F 190 -19.09 -53.99 13.61
C GLY F 190 -17.95 -53.01 13.44
N CYS F 191 -16.71 -53.52 13.55
CA CYS F 191 -15.58 -52.61 13.43
C CYS F 191 -15.38 -52.16 11.98
N PRO F 192 -15.04 -52.99 10.99
CA PRO F 192 -15.73 -52.83 9.72
C PRO F 192 -17.03 -53.60 9.76
N PRO F 193 -18.16 -52.91 9.73
CA PRO F 193 -19.41 -53.61 9.48
C PRO F 193 -19.40 -54.16 8.06
N THR F 194 -20.04 -55.30 7.89
CA THR F 194 -20.43 -55.72 6.56
C THR F 194 -21.42 -54.68 6.03
N ALA F 195 -21.43 -54.48 4.71
CA ALA F 195 -22.38 -53.56 4.11
C ALA F 195 -23.82 -54.07 4.28
N GLU F 196 -23.98 -55.39 4.43
CA GLU F 196 -25.21 -55.95 4.96
C GLU F 196 -25.53 -55.41 6.34
N ALA F 197 -24.53 -55.36 7.23
CA ALA F 197 -24.76 -54.85 8.59
C ALA F 197 -24.91 -53.34 8.64
N LEU F 198 -24.33 -52.61 7.68
CA LEU F 198 -24.58 -51.17 7.61
C LEU F 198 -25.98 -50.89 7.10
N MET F 199 -26.43 -51.63 6.09
CA MET F 199 -27.80 -51.42 5.63
C MET F 199 -28.82 -51.98 6.60
N TYR F 200 -28.42 -52.88 7.50
CA TYR F 200 -29.29 -53.20 8.64
C TYR F 200 -29.49 -52.00 9.55
N GLY F 201 -28.42 -51.24 9.82
CA GLY F 201 -28.56 -50.01 10.59
C GLY F 201 -29.36 -48.95 9.88
N VAL F 202 -29.21 -48.86 8.55
CA VAL F 202 -29.98 -47.91 7.75
C VAL F 202 -31.46 -48.27 7.73
N LEU F 203 -31.77 -49.57 7.57
CA LEU F 203 -33.16 -50.02 7.62
C LEU F 203 -33.76 -49.91 9.01
N GLN F 204 -32.95 -50.07 10.07
CA GLN F 204 -33.45 -49.87 11.42
C GLN F 204 -33.69 -48.39 11.70
N LEU F 205 -32.88 -47.51 11.09
CA LEU F 205 -33.16 -46.08 11.14
C LEU F 205 -34.46 -45.74 10.40
N GLN F 206 -34.70 -46.40 9.27
CA GLN F 206 -35.96 -46.21 8.54
C GLN F 206 -37.15 -46.69 9.34
N LYS F 207 -36.99 -47.79 10.08
CA LYS F 207 -38.05 -48.24 10.98
C LYS F 207 -38.23 -47.31 12.17
N LYS F 208 -37.16 -46.66 12.62
CA LYS F 208 -37.28 -45.68 13.69
C LYS F 208 -38.01 -44.43 13.23
N VAL F 209 -37.75 -43.99 11.99
CA VAL F 209 -38.47 -42.86 11.41
C VAL F 209 -39.93 -43.24 11.15
N LYS F 210 -40.18 -44.51 10.78
CA LYS F 210 -41.54 -45.00 10.60
C LYS F 210 -42.34 -45.00 11.89
N ARG F 211 -41.69 -45.25 13.02
CA ARG F 211 -42.36 -45.18 14.33
C ARG F 211 -42.33 -43.79 14.93
N MET F 212 -41.67 -42.83 14.29
CA MET F 212 -41.56 -41.48 14.84
C MET F 212 -42.89 -40.74 14.68
N LYS F 213 -43.39 -40.20 15.79
CA LYS F 213 -44.71 -39.59 15.84
C LYS F 213 -44.62 -38.17 16.37
N THR F 214 -45.15 -37.23 15.61
CA THR F 214 -45.13 -35.81 15.96
C THR F 214 -46.50 -35.17 15.93
N LEU F 215 -47.35 -35.50 14.96
CA LEU F 215 -48.68 -34.91 14.89
C LEU F 215 -49.62 -35.48 15.94
N GLN F 216 -49.53 -36.80 16.19
CA GLN F 216 -50.29 -37.41 17.28
C GLN F 216 -49.82 -36.92 18.64
N MET F 217 -48.50 -36.66 18.76
CA MET F 217 -47.97 -36.03 19.96
C MET F 217 -48.51 -34.61 20.13
N TRP F 218 -48.62 -33.86 19.01
CA TRP F 218 -49.18 -32.51 19.06
C TRP F 218 -50.65 -32.53 19.47
N TYR F 219 -51.39 -33.54 19.00
CA TYR F 219 -52.78 -33.67 19.44
C TYR F 219 -52.89 -34.07 20.91
N ARG F 220 -51.93 -34.84 21.42
CA ARG F 220 -51.94 -35.22 22.83
C ARG F 220 -50.96 -34.39 23.67
N LYS F 221 -50.63 -33.17 23.24
CA LYS F 221 -49.91 -32.23 24.10
C LYS F 221 -50.77 -31.02 24.38
N GLU G 32 3.54 -47.82 -37.23
CA GLU G 32 3.76 -47.87 -35.79
C GLU G 32 4.50 -46.62 -35.32
N PRO G 33 4.04 -46.04 -34.21
CA PRO G 33 4.75 -44.87 -33.66
C PRO G 33 6.08 -45.26 -33.05
N LYS G 34 7.04 -44.34 -33.15
CA LYS G 34 8.38 -44.60 -32.66
C LYS G 34 8.43 -44.41 -31.14
N ASP G 35 9.53 -44.86 -30.55
CA ASP G 35 9.74 -44.78 -29.11
C ASP G 35 10.74 -43.66 -28.82
N ILE G 36 10.40 -42.80 -27.87
CA ILE G 36 11.30 -41.70 -27.49
C ILE G 36 12.52 -42.24 -26.77
N VAL G 37 12.31 -43.11 -25.78
CA VAL G 37 13.38 -43.71 -24.99
C VAL G 37 13.27 -45.22 -25.13
N GLU G 38 14.38 -45.86 -25.49
CA GLU G 38 14.41 -47.30 -25.65
C GLU G 38 14.24 -47.99 -24.30
N VAL G 39 13.27 -48.90 -24.21
CA VAL G 39 12.92 -49.54 -22.96
C VAL G 39 13.97 -50.57 -22.59
N PRO G 40 14.22 -50.80 -21.30
CA PRO G 40 15.08 -51.91 -20.89
C PRO G 40 14.27 -53.21 -20.83
N LYS G 41 14.99 -54.30 -20.56
CA LYS G 41 14.35 -55.59 -20.38
C LYS G 41 13.64 -55.64 -19.03
N GLY G 42 12.38 -56.07 -19.03
CA GLY G 42 11.62 -56.16 -17.82
C GLY G 42 10.98 -54.88 -17.34
N TYR G 43 10.99 -53.82 -18.16
CA TYR G 43 10.34 -52.56 -17.82
C TYR G 43 9.39 -52.16 -18.93
N VAL G 44 8.35 -51.42 -18.56
CA VAL G 44 7.34 -50.93 -19.50
C VAL G 44 7.25 -49.42 -19.34
N TYR G 45 7.40 -48.70 -20.44
CA TYR G 45 7.30 -47.25 -20.42
C TYR G 45 5.94 -46.82 -20.96
N VAL G 46 5.20 -46.06 -20.18
CA VAL G 46 3.93 -45.47 -20.59
C VAL G 46 4.17 -44.02 -20.97
N ASN G 47 3.33 -43.52 -21.89
CA ASN G 47 3.45 -42.19 -22.52
C ASN G 47 4.82 -41.97 -23.14
N ASN G 48 5.33 -43.03 -23.80
CA ASN G 48 6.65 -42.99 -24.40
C ASN G 48 6.62 -42.97 -25.93
N LYS G 49 5.46 -43.15 -26.55
CA LYS G 49 5.37 -43.17 -28.01
C LYS G 49 5.26 -41.76 -28.56
N GLU G 50 6.12 -41.45 -29.52
CA GLU G 50 6.04 -40.17 -30.21
C GLU G 50 4.80 -40.11 -31.10
N LEU G 51 4.17 -38.94 -31.14
CA LEU G 51 3.01 -38.73 -32.00
C LEU G 51 3.46 -38.71 -33.46
N SER G 52 2.73 -39.44 -34.30
CA SER G 52 3.10 -39.54 -35.71
C SER G 52 2.76 -38.27 -36.45
N MET G 53 3.70 -37.80 -37.27
CA MET G 53 3.53 -36.57 -38.03
C MET G 53 3.17 -36.82 -39.49
N GLU G 54 2.91 -38.07 -39.87
CA GLU G 54 2.45 -38.34 -41.22
C GLU G 54 0.98 -37.93 -41.35
N PHE G 55 0.53 -37.80 -42.60
CA PHE G 55 -0.77 -37.19 -42.88
C PHE G 55 -1.94 -38.07 -42.46
N ALA G 56 -1.78 -39.40 -42.52
CA ALA G 56 -2.87 -40.31 -42.19
C ALA G 56 -3.20 -40.27 -40.71
N ASP G 57 -2.19 -40.28 -39.84
CA ASP G 57 -2.43 -40.24 -38.41
C ASP G 57 -2.95 -38.89 -37.95
N ILE G 58 -2.48 -37.80 -38.58
CA ILE G 58 -2.97 -36.47 -38.26
C ILE G 58 -4.43 -36.32 -38.67
N THR G 59 -4.81 -36.86 -39.85
CA THR G 59 -6.22 -36.84 -40.25
C THR G 59 -7.08 -37.72 -39.37
N ASP G 60 -6.55 -38.86 -38.90
CA ASP G 60 -7.30 -39.74 -38.00
C ASP G 60 -7.56 -39.06 -36.65
N ARG G 61 -6.53 -38.45 -36.06
CA ARG G 61 -6.73 -37.75 -34.80
C ARG G 61 -7.52 -36.46 -34.98
N ALA G 62 -7.50 -35.86 -36.18
CA ALA G 62 -8.33 -34.68 -36.43
C ALA G 62 -9.80 -35.05 -36.55
N ALA G 63 -10.10 -36.17 -37.22
CA ALA G 63 -11.49 -36.63 -37.31
C ALA G 63 -12.01 -37.07 -35.95
N SER G 64 -11.16 -37.72 -35.14
CA SER G 64 -11.57 -38.07 -33.78
C SER G 64 -11.67 -36.84 -32.89
N THR G 65 -10.98 -35.75 -33.23
CA THR G 65 -11.14 -34.51 -32.48
C THR G 65 -12.46 -33.83 -32.81
N MET G 66 -12.69 -33.47 -34.07
CA MET G 66 -13.87 -32.69 -34.41
C MET G 66 -15.16 -33.52 -34.47
N PHE G 67 -15.09 -34.84 -34.53
CA PHE G 67 -16.30 -35.65 -34.59
C PHE G 67 -16.53 -36.47 -33.32
N PHE G 68 -15.70 -36.25 -32.29
CA PHE G 68 -15.81 -36.86 -30.96
C PHE G 68 -15.76 -38.40 -31.03
N GLY G 69 -14.62 -38.92 -31.49
CA GLY G 69 -14.49 -40.35 -31.66
C GLY G 69 -14.42 -41.12 -30.35
N GLU G 70 -13.55 -40.67 -29.44
CA GLU G 70 -13.43 -41.34 -28.15
C GLU G 70 -14.63 -41.06 -27.25
N LEU G 71 -15.27 -39.90 -27.42
CA LEU G 71 -16.51 -39.63 -26.70
C LEU G 71 -17.63 -40.58 -27.15
N LEU G 72 -17.73 -40.82 -28.45
CA LEU G 72 -18.72 -41.77 -28.96
C LEU G 72 -18.38 -43.20 -28.56
N ARG G 73 -17.09 -43.54 -28.46
CA ARG G 73 -16.70 -44.87 -27.99
C ARG G 73 -17.04 -45.06 -26.51
N GLY G 74 -16.82 -44.03 -25.68
CA GLY G 74 -17.20 -44.11 -24.28
C GLY G 74 -18.70 -44.16 -24.08
N PHE G 75 -19.45 -43.40 -24.88
CA PHE G 75 -20.90 -43.47 -24.85
C PHE G 75 -21.40 -44.84 -25.29
N ALA G 76 -20.72 -45.46 -26.28
CA ALA G 76 -21.09 -46.79 -26.73
C ALA G 76 -20.85 -47.85 -25.66
N VAL G 77 -19.70 -47.75 -24.96
CA VAL G 77 -19.40 -48.68 -23.86
C VAL G 77 -20.41 -48.53 -22.72
N THR G 78 -20.77 -47.27 -22.40
CA THR G 78 -21.74 -47.00 -21.35
C THR G 78 -23.14 -47.50 -21.72
N LEU G 79 -23.57 -47.28 -22.98
CA LEU G 79 -24.85 -47.79 -23.46
C LEU G 79 -24.86 -49.31 -23.52
N ALA G 80 -23.70 -49.94 -23.75
CA ALA G 80 -23.63 -51.39 -23.66
C ALA G 80 -23.80 -51.87 -22.23
N HIS G 81 -23.19 -51.19 -21.26
CA HIS G 81 -23.35 -51.60 -19.88
C HIS G 81 -24.68 -51.19 -19.25
N ILE G 82 -25.50 -50.39 -19.95
CA ILE G 82 -26.89 -50.25 -19.54
C ILE G 82 -27.62 -51.60 -19.68
N PHE G 83 -27.32 -52.34 -20.74
CA PHE G 83 -28.02 -53.58 -21.03
C PHE G 83 -27.52 -54.78 -20.23
N LYS G 84 -26.60 -54.58 -19.29
CA LYS G 84 -26.11 -55.66 -18.45
C LYS G 84 -27.10 -55.99 -17.33
N GLU G 85 -26.87 -57.13 -16.69
CA GLU G 85 -27.64 -57.51 -15.50
C GLU G 85 -27.03 -56.84 -14.27
N PRO G 86 -27.87 -56.26 -13.40
CA PRO G 86 -27.35 -55.66 -12.16
C PRO G 86 -26.81 -56.70 -11.20
N ALA G 87 -25.83 -56.26 -10.41
CA ALA G 87 -25.22 -57.08 -9.37
C ALA G 87 -25.87 -56.87 -8.02
N THR G 88 -26.97 -56.13 -7.96
CA THR G 88 -27.65 -55.86 -6.71
C THR G 88 -28.33 -57.11 -6.18
N ILE G 89 -28.36 -57.25 -4.86
CA ILE G 89 -29.08 -58.34 -4.20
C ILE G 89 -30.19 -57.74 -3.35
N ASN G 90 -31.34 -58.40 -3.35
CA ASN G 90 -32.55 -57.90 -2.71
C ASN G 90 -32.44 -58.12 -1.21
N TYR G 91 -31.72 -57.23 -0.54
CA TYR G 91 -31.67 -57.20 0.92
C TYR G 91 -33.03 -56.78 1.48
N PRO G 92 -33.53 -57.43 2.54
CA PRO G 92 -32.94 -58.56 3.27
C PRO G 92 -33.41 -59.93 2.81
N PHE G 93 -34.16 -60.00 1.71
CA PHE G 93 -34.57 -61.30 1.17
C PHE G 93 -33.38 -62.05 0.59
N GLU G 94 -32.42 -61.34 -0.01
CA GLU G 94 -31.22 -61.93 -0.57
C GLU G 94 -30.01 -61.38 0.17
N LYS G 95 -29.15 -62.27 0.64
CA LYS G 95 -28.00 -61.89 1.44
C LYS G 95 -26.73 -62.38 0.77
N GLY G 96 -25.65 -61.62 0.95
CA GLY G 96 -24.40 -61.84 0.25
C GLY G 96 -23.68 -63.09 0.69
N PRO G 97 -22.74 -63.56 -0.14
CA PRO G 97 -21.96 -64.75 0.23
C PRO G 97 -21.00 -64.48 1.38
N LEU G 98 -20.75 -65.52 2.16
CA LEU G 98 -19.92 -65.41 3.34
C LEU G 98 -19.00 -66.62 3.41
N SER G 99 -18.37 -66.81 4.55
CA SER G 99 -17.43 -67.90 4.81
C SER G 99 -17.73 -68.51 6.16
N PRO G 100 -17.38 -69.78 6.37
CA PRO G 100 -17.50 -70.36 7.73
C PRO G 100 -16.57 -69.74 8.76
N ARG G 101 -15.52 -69.03 8.35
CA ARG G 101 -14.59 -68.41 9.27
C ARG G 101 -15.00 -67.02 9.71
N PHE G 102 -16.23 -66.59 9.39
CA PHE G 102 -16.60 -65.18 9.50
C PHE G 102 -16.67 -64.71 10.94
N ARG G 103 -16.15 -63.51 11.18
CA ARG G 103 -16.07 -62.92 12.51
C ARG G 103 -17.25 -61.98 12.70
N GLY G 104 -18.10 -62.30 13.67
CA GLY G 104 -19.22 -61.45 14.00
C GLY G 104 -19.36 -61.29 15.50
N GLU G 105 -20.59 -61.43 15.99
CA GLU G 105 -20.90 -61.24 17.41
C GLU G 105 -20.21 -62.31 18.25
N HIS G 106 -19.58 -61.89 19.35
CA HIS G 106 -18.99 -62.85 20.28
C HIS G 106 -20.10 -63.66 20.94
N ALA G 107 -19.82 -64.94 21.21
CA ALA G 107 -20.79 -65.81 21.86
C ALA G 107 -20.03 -66.81 22.72
N LEU G 108 -20.68 -67.25 23.80
CA LEU G 108 -20.12 -68.20 24.73
C LEU G 108 -20.80 -69.55 24.55
N ARG G 109 -20.05 -70.55 24.10
CA ARG G 109 -20.62 -71.86 23.85
C ARG G 109 -20.79 -72.64 25.15
N ARG G 110 -21.53 -73.74 25.05
CA ARG G 110 -21.68 -74.69 26.14
C ARG G 110 -21.34 -76.08 25.64
N TYR G 111 -21.12 -76.99 26.59
CA TYR G 111 -20.87 -78.38 26.27
C TYR G 111 -22.17 -79.05 25.82
N PRO G 112 -22.09 -80.21 25.14
CA PRO G 112 -23.30 -81.00 24.88
C PRO G 112 -24.00 -81.50 26.14
N SER G 113 -23.29 -81.64 27.26
CA SER G 113 -23.94 -82.00 28.52
C SER G 113 -24.75 -80.87 29.11
N GLY G 114 -24.52 -79.63 28.67
CA GLY G 114 -25.25 -78.47 29.16
C GLY G 114 -24.42 -77.51 29.99
N GLU G 115 -23.29 -77.97 30.51
CA GLU G 115 -22.39 -77.10 31.25
C GLU G 115 -21.73 -76.09 30.31
N GLU G 116 -21.60 -74.84 30.76
CA GLU G 116 -20.93 -73.81 29.99
C GLU G 116 -19.45 -74.15 29.85
N ARG G 117 -18.89 -73.85 28.66
CA ARG G 117 -17.56 -74.31 28.33
C ARG G 117 -16.46 -73.51 29.02
N CYS G 118 -16.71 -72.25 29.35
CA CYS G 118 -15.66 -71.36 29.84
C CYS G 118 -15.20 -71.76 31.23
N ILE G 119 -13.87 -71.77 31.41
CA ILE G 119 -13.23 -72.20 32.64
C ILE G 119 -12.39 -71.09 33.26
N ALA G 120 -12.68 -69.84 32.89
CA ALA G 120 -12.20 -68.62 33.57
C ALA G 120 -10.68 -68.50 33.55
N CYS G 121 -10.05 -68.87 32.44
CA CYS G 121 -8.59 -68.88 32.43
C CYS G 121 -8.00 -67.55 32.03
N LYS G 122 -8.81 -66.63 31.52
CA LYS G 122 -8.46 -65.24 31.20
C LYS G 122 -7.35 -65.14 30.15
N LEU G 123 -7.28 -66.13 29.24
CA LEU G 123 -6.40 -66.03 28.08
C LEU G 123 -6.96 -65.04 27.05
N CYS G 124 -8.29 -65.06 26.87
CA CYS G 124 -8.94 -64.23 25.86
C CYS G 124 -8.82 -62.76 26.21
N GLU G 125 -8.97 -62.41 27.48
CA GLU G 125 -8.79 -61.03 27.92
C GLU G 125 -7.32 -60.63 27.92
N ALA G 126 -6.41 -61.58 28.17
CA ALA G 126 -4.98 -61.29 28.06
C ALA G 126 -4.56 -61.05 26.62
N ILE G 127 -5.27 -61.59 25.64
CA ILE G 127 -4.94 -61.39 24.24
C ILE G 127 -5.85 -60.38 23.53
N CYS G 128 -6.97 -59.98 24.16
CA CYS G 128 -7.87 -58.95 23.62
C CYS G 128 -7.11 -57.63 23.52
N PRO G 129 -6.79 -57.18 22.30
CA PRO G 129 -5.79 -56.12 22.15
C PRO G 129 -6.32 -54.73 22.44
N ALA G 130 -7.63 -54.55 22.51
CA ALA G 130 -8.23 -53.30 22.93
C ALA G 130 -8.79 -53.36 24.33
N GLN G 131 -8.60 -54.50 25.02
CA GLN G 131 -8.99 -54.74 26.41
C GLN G 131 -10.50 -54.55 26.62
N ALA G 132 -11.28 -55.22 25.77
CA ALA G 132 -12.73 -55.16 25.86
C ALA G 132 -13.29 -56.11 26.91
N ILE G 133 -12.69 -57.29 27.04
CA ILE G 133 -13.21 -58.32 27.94
C ILE G 133 -12.81 -58.00 29.37
N THR G 134 -13.73 -58.21 30.31
CA THR G 134 -13.46 -58.11 31.73
C THR G 134 -13.99 -59.38 32.40
N ILE G 135 -13.09 -60.14 33.02
CA ILE G 135 -13.43 -61.43 33.61
C ILE G 135 -13.15 -61.37 35.11
N GLU G 136 -14.16 -61.71 35.90
CA GLU G 136 -14.02 -61.90 37.34
C GLU G 136 -14.57 -63.27 37.69
N ALA G 137 -13.84 -64.01 38.52
CA ALA G 137 -14.16 -65.41 38.76
C ALA G 137 -13.95 -65.77 40.22
N GLU G 138 -14.59 -66.86 40.62
CA GLU G 138 -14.38 -67.48 41.92
C GLU G 138 -14.74 -68.95 41.78
N GLU G 139 -14.47 -69.71 42.85
CA GLU G 139 -14.84 -71.12 42.87
C GLU G 139 -16.34 -71.27 43.00
N ARG G 140 -16.92 -72.10 42.15
CA ARG G 140 -18.36 -72.34 42.16
C ARG G 140 -18.68 -73.32 43.30
N ALA G 141 -19.96 -73.49 43.62
CA ALA G 141 -20.38 -74.26 44.79
C ALA G 141 -20.10 -75.75 44.64
N ASP G 142 -19.98 -76.25 43.41
CA ASP G 142 -19.57 -77.63 43.19
C ASP G 142 -18.06 -77.80 43.04
N GLY G 143 -17.28 -76.74 43.24
CA GLY G 143 -15.84 -76.80 43.15
C GLY G 143 -15.26 -76.55 41.78
N SER G 144 -16.10 -76.39 40.76
CA SER G 144 -15.62 -76.17 39.41
C SER G 144 -15.15 -74.73 39.22
N ARG G 145 -14.15 -74.56 38.36
CA ARG G 145 -13.60 -73.25 38.03
C ARG G 145 -14.49 -72.58 37.00
N ARG G 146 -15.22 -71.55 37.42
CA ARG G 146 -16.19 -70.90 36.54
C ARG G 146 -16.12 -69.39 36.72
N THR G 147 -16.68 -68.68 35.74
CA THR G 147 -16.78 -67.23 35.81
C THR G 147 -17.99 -66.80 36.63
N THR G 148 -17.88 -65.62 37.22
CA THR G 148 -19.03 -64.91 37.76
C THR G 148 -19.25 -63.56 37.10
N ARG G 149 -18.34 -63.13 36.23
CA ARG G 149 -18.52 -61.94 35.42
C ARG G 149 -17.70 -62.08 34.16
N TYR G 150 -18.38 -62.07 33.01
CA TYR G 150 -17.73 -62.10 31.70
C TYR G 150 -18.35 -60.97 30.88
N ASP G 151 -17.72 -59.80 30.91
CA ASP G 151 -18.20 -58.64 30.19
C ASP G 151 -17.39 -58.45 28.92
N ILE G 152 -18.06 -58.08 27.84
CA ILE G 152 -17.39 -57.68 26.60
C ILE G 152 -17.93 -56.32 26.20
N ASP G 153 -17.05 -55.32 26.16
CA ASP G 153 -17.39 -54.04 25.58
C ASP G 153 -17.41 -54.21 24.06
N MET G 154 -18.61 -54.24 23.48
CA MET G 154 -18.73 -54.48 22.06
C MET G 154 -18.39 -53.22 21.26
N THR G 155 -18.37 -52.07 21.92
CA THR G 155 -17.87 -50.84 21.31
C THR G 155 -16.35 -50.70 21.42
N LYS G 156 -15.70 -51.57 22.20
CA LYS G 156 -14.25 -51.63 22.23
C LYS G 156 -13.69 -52.81 21.45
N CYS G 157 -14.53 -53.79 21.12
CA CYS G 157 -14.16 -54.91 20.27
C CYS G 157 -13.79 -54.47 18.87
N ILE G 158 -12.91 -55.23 18.21
CA ILE G 158 -12.67 -55.01 16.79
C ILE G 158 -13.00 -56.23 15.95
N TYR G 159 -13.56 -57.29 16.57
CA TYR G 159 -14.08 -58.47 15.88
C TYR G 159 -12.94 -59.20 15.16
N CYS G 160 -11.92 -59.55 15.94
CA CYS G 160 -10.64 -59.98 15.40
C CYS G 160 -10.38 -61.47 15.54
N GLY G 161 -11.12 -62.17 16.39
CA GLY G 161 -10.95 -63.59 16.52
C GLY G 161 -9.74 -64.02 17.31
N PHE G 162 -9.11 -63.12 18.06
CA PHE G 162 -8.03 -63.54 18.93
C PHE G 162 -8.55 -64.30 20.14
N CYS G 163 -9.76 -63.99 20.60
CA CYS G 163 -10.36 -64.77 21.68
C CYS G 163 -10.79 -66.14 21.19
N GLN G 164 -11.15 -66.24 19.90
CA GLN G 164 -11.50 -67.53 19.32
C GLN G 164 -10.28 -68.43 19.23
N GLU G 165 -9.12 -67.86 18.89
CA GLU G 165 -7.90 -68.66 18.78
C GLU G 165 -7.27 -68.92 20.14
N ALA G 166 -7.47 -68.01 21.09
CA ALA G 166 -6.82 -68.15 22.39
C ALA G 166 -7.55 -69.13 23.30
N CYS G 167 -8.82 -69.41 23.00
CA CYS G 167 -9.64 -70.17 23.92
C CYS G 167 -9.28 -71.65 23.87
N PRO G 168 -8.86 -72.26 24.99
CA PRO G 168 -8.41 -73.66 24.94
C PRO G 168 -9.55 -74.66 24.91
N VAL G 169 -10.72 -74.31 25.46
CA VAL G 169 -11.85 -75.21 25.49
C VAL G 169 -12.90 -74.86 24.45
N ASP G 170 -12.62 -73.90 23.57
CA ASP G 170 -13.44 -73.42 22.45
C ASP G 170 -14.73 -72.85 23.02
N ALA G 171 -14.63 -71.97 24.04
CA ALA G 171 -15.83 -71.41 24.63
C ALA G 171 -16.31 -70.18 23.88
N ILE G 172 -15.47 -69.16 23.80
CA ILE G 172 -15.84 -67.93 23.12
C ILE G 172 -15.57 -68.11 21.63
N VAL G 173 -16.55 -67.76 20.81
CA VAL G 173 -16.45 -67.82 19.37
C VAL G 173 -17.02 -66.54 18.78
N GLU G 174 -16.79 -66.33 17.50
CA GLU G 174 -17.45 -65.27 16.77
C GLU G 174 -18.63 -65.87 16.04
N GLY G 175 -19.84 -65.53 16.47
CA GLY G 175 -21.02 -66.06 15.85
C GLY G 175 -21.26 -65.48 14.47
N PRO G 176 -22.18 -66.10 13.74
CA PRO G 176 -22.49 -65.62 12.39
C PRO G 176 -23.28 -64.33 12.36
N ASN G 177 -23.82 -63.89 13.49
CA ASN G 177 -24.69 -62.72 13.55
C ASN G 177 -23.91 -61.44 13.33
N PHE G 178 -24.44 -60.59 12.47
CA PHE G 178 -23.97 -59.22 12.34
C PHE G 178 -25.11 -58.22 12.24
N GLU G 179 -26.37 -58.67 12.21
CA GLU G 179 -27.51 -57.78 12.32
C GLU G 179 -27.87 -57.61 13.81
N PHE G 180 -27.01 -56.90 14.52
CA PHE G 180 -27.26 -56.62 15.94
C PHE G 180 -27.03 -55.15 16.25
N SER G 181 -27.41 -54.28 15.32
CA SER G 181 -27.36 -52.85 15.55
C SER G 181 -28.40 -52.42 16.58
N THR G 182 -27.97 -51.61 17.54
CA THR G 182 -28.81 -51.21 18.65
C THR G 182 -29.11 -49.72 18.59
N GLU G 183 -30.19 -49.33 19.24
CA GLU G 183 -30.57 -47.93 19.33
C GLU G 183 -29.86 -47.21 20.47
N THR G 184 -29.21 -47.94 21.36
CA THR G 184 -28.70 -47.40 22.61
C THR G 184 -27.29 -47.94 22.84
N HIS G 185 -26.41 -47.08 23.34
CA HIS G 185 -25.01 -47.44 23.56
C HIS G 185 -24.83 -48.49 24.64
N GLU G 186 -25.77 -48.56 25.59
CA GLU G 186 -25.63 -49.50 26.70
C GLU G 186 -25.94 -50.93 26.26
N GLU G 187 -26.76 -51.10 25.23
CA GLU G 187 -27.05 -52.44 24.72
C GLU G 187 -25.88 -53.05 23.98
N LEU G 188 -24.88 -52.23 23.60
CA LEU G 188 -23.65 -52.72 22.98
C LEU G 188 -22.54 -52.90 24.01
N LEU G 189 -22.89 -53.28 25.23
CA LEU G 189 -21.93 -53.68 26.26
C LEU G 189 -22.45 -55.00 26.81
N TYR G 190 -21.95 -56.11 26.29
CA TYR G 190 -22.53 -57.40 26.60
C TYR G 190 -22.16 -57.90 27.98
N ASN G 191 -23.16 -58.42 28.67
CA ASN G 191 -23.01 -59.05 29.98
C ASN G 191 -22.71 -60.53 29.73
N LYS G 192 -22.52 -61.30 30.81
CA LYS G 192 -22.35 -62.74 30.68
C LYS G 192 -23.63 -63.41 30.21
N GLU G 193 -24.79 -62.91 30.67
CA GLU G 193 -26.07 -63.52 30.31
C GLU G 193 -26.44 -63.26 28.86
N LYS G 194 -26.07 -62.10 28.31
CA LYS G 194 -26.32 -61.84 26.89
C LYS G 194 -25.45 -62.72 26.01
N LEU G 195 -24.19 -62.95 26.40
CA LEU G 195 -23.32 -63.84 25.65
C LEU G 195 -23.78 -65.29 25.77
N LEU G 196 -24.31 -65.68 26.93
CA LEU G 196 -24.86 -67.03 27.07
C LEU G 196 -26.13 -67.21 26.25
N CYS G 197 -26.96 -66.16 26.16
CA CYS G 197 -28.14 -66.22 25.30
C CYS G 197 -27.76 -66.24 23.82
N ASN G 198 -26.68 -65.56 23.44
CA ASN G 198 -26.19 -65.65 22.07
C ASN G 198 -25.62 -67.02 21.76
N GLY G 199 -24.95 -67.64 22.74
CA GLY G 199 -24.47 -69.00 22.57
C GLY G 199 -25.60 -70.03 22.48
N ASP G 200 -26.67 -69.81 23.23
CA ASP G 200 -27.83 -70.70 23.14
C ASP G 200 -28.59 -70.50 21.84
N LYS G 201 -28.72 -69.26 21.39
CA LYS G 201 -29.51 -68.97 20.20
C LYS G 201 -28.80 -69.40 18.93
N TRP G 202 -27.50 -69.10 18.81
CA TRP G 202 -26.73 -69.34 17.60
C TRP G 202 -25.94 -70.64 17.66
N GLU G 203 -26.45 -71.67 18.34
CA GLU G 203 -25.65 -72.85 18.63
C GLU G 203 -25.42 -73.71 17.40
N SER G 204 -26.43 -73.81 16.52
CA SER G 204 -26.35 -74.72 15.38
C SER G 204 -25.35 -74.23 14.33
N GLU G 205 -25.39 -72.93 14.00
CA GLU G 205 -24.49 -72.40 12.99
C GLU G 205 -23.05 -72.32 13.50
N ILE G 206 -22.88 -72.03 14.79
CA ILE G 206 -21.55 -72.02 15.39
C ILE G 206 -20.96 -73.43 15.43
N ALA G 207 -21.80 -74.42 15.75
CA ALA G 207 -21.36 -75.82 15.73
C ALA G 207 -21.00 -76.27 14.31
N SER G 208 -21.77 -75.84 13.31
CA SER G 208 -21.45 -76.18 11.92
C SER G 208 -20.16 -75.51 11.45
N ASN G 209 -19.95 -74.25 11.84
CA ASN G 209 -18.73 -73.54 11.46
C ASN G 209 -17.50 -74.14 12.12
N LEU G 210 -17.59 -74.51 13.40
CA LEU G 210 -16.45 -75.15 14.06
C LEU G 210 -16.30 -76.61 13.64
N GLN G 211 -17.33 -77.22 13.05
CA GLN G 211 -17.12 -78.52 12.41
C GLN G 211 -16.38 -78.37 11.09
N ALA G 212 -16.69 -77.34 10.33
CA ALA G 212 -16.13 -77.15 9.00
C ALA G 212 -14.87 -76.29 8.99
N ASP G 213 -14.37 -75.88 10.16
CA ASP G 213 -13.25 -74.94 10.21
C ASP G 213 -12.11 -75.37 11.12
N HIS G 214 -12.29 -76.40 11.96
CA HIS G 214 -11.36 -76.66 13.06
C HIS G 214 -10.02 -77.21 12.61
N LEU G 215 -9.94 -77.90 11.47
CA LEU G 215 -8.65 -78.39 11.02
C LEU G 215 -7.86 -77.34 10.23
N TYR G 216 -8.48 -76.21 9.89
CA TYR G 216 -7.71 -75.06 9.43
C TYR G 216 -6.96 -74.40 10.58
N ARG G 217 -7.53 -74.42 11.78
CA ARG G 217 -6.92 -73.80 12.94
C ARG G 217 -6.06 -74.79 13.72
N MET H 1 -60.39 -8.85 -28.74
CA MET H 1 -60.06 -10.30 -28.75
C MET H 1 -61.16 -11.09 -28.05
N PHE H 2 -61.47 -12.29 -28.53
CA PHE H 2 -62.61 -13.07 -27.99
C PHE H 2 -62.31 -13.42 -26.53
N TYR H 3 -63.33 -13.39 -25.67
CA TYR H 3 -63.15 -13.69 -24.23
C TYR H 3 -62.67 -15.12 -24.02
N MET H 4 -63.20 -16.08 -24.78
CA MET H 4 -62.88 -17.50 -24.52
C MET H 4 -61.39 -17.71 -24.70
N GLU H 5 -60.79 -17.11 -25.70
CA GLU H 5 -59.32 -17.24 -25.86
C GLU H 5 -58.65 -17.05 -24.49
N PHE H 6 -58.67 -15.83 -23.95
CA PHE H 6 -57.96 -15.56 -22.70
C PHE H 6 -58.11 -16.70 -21.70
N ILE H 7 -59.34 -17.25 -21.59
CA ILE H 7 -59.60 -18.34 -20.66
C ILE H 7 -58.84 -19.61 -21.06
N LEU H 8 -58.85 -19.95 -22.34
CA LEU H 8 -58.16 -21.16 -22.79
C LEU H 8 -56.65 -20.99 -22.82
N SER H 9 -56.14 -19.77 -23.05
CA SER H 9 -54.71 -19.53 -22.91
C SER H 9 -54.27 -19.68 -21.47
N LEU H 10 -55.06 -19.16 -20.52
CA LEU H 10 -54.76 -19.31 -19.10
C LEU H 10 -54.80 -20.78 -18.67
N ILE H 11 -55.81 -21.52 -19.15
CA ILE H 11 -55.96 -22.94 -18.80
C ILE H 11 -54.83 -23.76 -19.38
N GLY H 12 -54.47 -23.53 -20.65
CA GLY H 12 -53.39 -24.27 -21.27
C GLY H 12 -52.02 -23.96 -20.67
N SER H 13 -51.78 -22.69 -20.32
CA SER H 13 -50.55 -22.33 -19.63
C SER H 13 -50.44 -22.96 -18.25
N LEU H 14 -51.54 -22.96 -17.48
CA LEU H 14 -51.52 -23.57 -16.15
C LEU H 14 -51.36 -25.09 -16.22
N LEU H 15 -52.03 -25.72 -17.19
CA LEU H 15 -51.87 -27.16 -17.40
C LEU H 15 -50.46 -27.52 -17.84
N LEU H 16 -49.85 -26.66 -18.67
CA LEU H 16 -48.46 -26.85 -19.08
C LEU H 16 -47.52 -26.72 -17.90
N ILE H 17 -47.77 -25.76 -17.01
CA ILE H 17 -46.92 -25.56 -15.82
C ILE H 17 -47.01 -26.77 -14.89
N ILE H 18 -48.22 -27.28 -14.66
CA ILE H 18 -48.42 -28.45 -13.80
C ILE H 18 -47.76 -29.69 -14.40
N CYS H 19 -47.91 -29.89 -15.71
CA CYS H 19 -47.35 -31.07 -16.35
C CYS H 19 -45.83 -31.01 -16.44
N VAL H 20 -45.26 -29.81 -16.64
CA VAL H 20 -43.81 -29.67 -16.59
C VAL H 20 -43.27 -29.90 -15.18
N LEU H 21 -44.01 -29.48 -14.14
CA LEU H 21 -43.55 -29.72 -12.77
C LEU H 21 -43.56 -31.21 -12.40
N VAL H 22 -44.64 -31.92 -12.75
CA VAL H 22 -44.67 -33.37 -12.48
C VAL H 22 -43.68 -34.12 -13.37
N SER H 23 -43.42 -33.60 -14.58
CA SER H 23 -42.40 -34.20 -15.44
C SER H 23 -40.99 -33.90 -14.93
N VAL H 24 -40.80 -32.79 -14.21
CA VAL H 24 -39.54 -32.54 -13.51
C VAL H 24 -39.32 -33.58 -12.42
N ALA H 25 -40.38 -33.88 -11.65
CA ALA H 25 -40.29 -34.91 -10.61
C ALA H 25 -39.98 -36.29 -11.20
N PHE H 26 -40.68 -36.65 -12.27
CA PHE H 26 -40.39 -37.94 -12.90
C PHE H 26 -39.10 -37.91 -13.73
N LEU H 27 -38.57 -36.72 -14.05
CA LEU H 27 -37.25 -36.63 -14.65
C LEU H 27 -36.16 -36.89 -13.61
N THR H 28 -36.37 -36.44 -12.37
CA THR H 28 -35.48 -36.83 -11.28
C THR H 28 -35.52 -38.34 -11.04
N LEU H 29 -36.73 -38.92 -11.13
CA LEU H 29 -36.85 -40.38 -11.03
C LEU H 29 -36.15 -41.09 -12.19
N LEU H 30 -36.30 -40.57 -13.42
CA LEU H 30 -35.66 -41.16 -14.58
C LEU H 30 -34.16 -41.08 -14.50
N GLU H 31 -33.61 -39.94 -14.04
CA GLU H 31 -32.17 -39.81 -13.86
C GLU H 31 -31.65 -40.73 -12.78
N ARG H 32 -32.38 -40.85 -11.66
CA ARG H 32 -31.95 -41.73 -10.59
C ARG H 32 -32.10 -43.20 -10.94
N LYS H 33 -32.93 -43.55 -11.91
CA LYS H 33 -33.03 -44.94 -12.34
C LYS H 33 -32.05 -45.30 -13.46
N VAL H 34 -31.97 -44.52 -14.54
CA VAL H 34 -31.09 -44.94 -15.63
C VAL H 34 -29.65 -44.61 -15.28
N LEU H 35 -29.43 -43.58 -14.44
CA LEU H 35 -28.08 -43.21 -14.03
C LEU H 35 -27.48 -44.27 -13.11
N GLY H 36 -28.34 -44.94 -12.33
CA GLY H 36 -27.91 -46.18 -11.70
C GLY H 36 -27.61 -47.26 -12.72
N TYR H 37 -28.46 -47.37 -13.76
CA TYR H 37 -28.27 -48.40 -14.76
C TYR H 37 -27.18 -48.04 -15.76
N ILE H 38 -26.72 -46.77 -15.75
CA ILE H 38 -25.44 -46.42 -16.38
C ILE H 38 -24.32 -47.25 -15.76
N GLN H 39 -24.30 -47.32 -14.43
CA GLN H 39 -23.46 -48.26 -13.73
C GLN H 39 -24.14 -49.62 -13.64
N ILE H 40 -23.58 -50.49 -12.81
CA ILE H 40 -24.13 -51.84 -12.69
C ILE H 40 -25.38 -51.82 -11.83
N ARG H 41 -25.46 -50.90 -10.86
CA ARG H 41 -26.49 -50.93 -9.83
C ARG H 41 -27.88 -50.58 -10.36
N LYS H 42 -28.89 -50.75 -9.51
CA LYS H 42 -30.26 -50.43 -9.90
C LYS H 42 -30.64 -49.03 -9.47
N GLY H 43 -31.82 -48.61 -9.89
CA GLY H 43 -32.40 -47.39 -9.40
C GLY H 43 -33.21 -47.62 -8.15
N PRO H 44 -33.99 -46.61 -7.75
CA PRO H 44 -34.89 -46.77 -6.60
C PRO H 44 -35.99 -47.78 -6.87
N ASN H 45 -36.07 -48.79 -6.02
CA ASN H 45 -37.02 -49.90 -6.23
C ASN H 45 -37.90 -50.20 -5.03
N LYS H 46 -37.43 -49.92 -3.81
CA LYS H 46 -38.17 -50.36 -2.63
C LYS H 46 -39.39 -49.50 -2.35
N VAL H 47 -39.22 -48.17 -2.35
CA VAL H 47 -40.29 -47.29 -1.89
C VAL H 47 -41.43 -47.23 -2.91
N GLY H 48 -42.66 -47.23 -2.40
CA GLY H 48 -43.82 -47.36 -3.26
C GLY H 48 -43.93 -48.76 -3.84
N LEU H 49 -44.40 -48.81 -5.08
CA LEU H 49 -44.54 -50.09 -5.76
C LEU H 49 -43.23 -50.54 -6.38
N MET H 50 -42.73 -49.80 -7.37
CA MET H 50 -41.46 -50.12 -8.01
C MET H 50 -40.65 -48.83 -8.13
N GLY H 51 -40.61 -48.02 -7.08
CA GLY H 51 -39.88 -46.77 -7.12
C GLY H 51 -40.61 -45.62 -7.79
N ILE H 52 -41.84 -45.82 -8.25
CA ILE H 52 -42.59 -44.72 -8.87
C ILE H 52 -42.92 -43.58 -7.91
N PRO H 53 -43.40 -43.80 -6.66
CA PRO H 53 -43.60 -42.64 -5.77
C PRO H 53 -42.35 -42.15 -5.05
N GLN H 54 -41.15 -42.51 -5.52
CA GLN H 54 -39.91 -41.99 -4.93
C GLN H 54 -39.73 -40.46 -5.03
N PRO H 55 -40.05 -39.75 -6.14
CA PRO H 55 -40.05 -38.27 -6.06
C PRO H 55 -41.07 -37.70 -5.09
N PHE H 56 -42.14 -38.42 -4.79
CA PHE H 56 -43.06 -37.96 -3.75
C PHE H 56 -42.44 -38.10 -2.37
N CYS H 57 -41.61 -39.12 -2.16
CA CYS H 57 -40.79 -39.21 -0.94
C CYS H 57 -39.81 -38.06 -0.86
N ASP H 58 -39.17 -37.73 -1.99
CA ASP H 58 -38.23 -36.61 -2.02
C ASP H 58 -38.90 -35.26 -1.86
N ALA H 59 -40.18 -35.13 -2.24
CA ALA H 59 -40.87 -33.86 -2.15
C ALA H 59 -41.56 -33.66 -0.81
N ILE H 60 -42.01 -34.74 -0.15
CA ILE H 60 -42.61 -34.61 1.17
C ILE H 60 -41.55 -34.23 2.20
N LYS H 61 -40.35 -34.81 2.08
CA LYS H 61 -39.28 -34.56 3.04
C LYS H 61 -38.73 -33.14 2.91
N LEU H 62 -38.55 -32.65 1.68
CA LEU H 62 -37.97 -31.33 1.48
C LEU H 62 -38.96 -30.21 1.77
N PHE H 63 -40.25 -30.50 1.82
CA PHE H 63 -41.26 -29.50 2.15
C PHE H 63 -41.60 -29.49 3.63
N THR H 64 -40.86 -30.24 4.45
CA THR H 64 -41.15 -30.36 5.87
C THR H 64 -39.90 -30.16 6.74
N LYS H 65 -38.70 -30.35 6.19
CA LYS H 65 -37.45 -30.10 6.89
C LYS H 65 -37.29 -28.62 7.22
N GLU H 66 -36.46 -28.33 8.22
CA GLU H 66 -36.36 -26.99 8.79
C GLU H 66 -35.71 -26.02 7.82
N GLN H 67 -36.33 -24.85 7.67
CA GLN H 67 -35.77 -23.79 6.82
C GLN H 67 -34.54 -23.20 7.48
N THR H 68 -33.48 -23.07 6.70
CA THR H 68 -32.24 -22.48 7.20
C THR H 68 -32.40 -20.97 7.28
N TYR H 69 -32.10 -20.41 8.46
CA TYR H 69 -32.03 -18.98 8.66
C TYR H 69 -30.57 -18.61 8.87
N PRO H 70 -29.78 -18.41 7.82
CA PRO H 70 -28.33 -18.25 7.99
C PRO H 70 -27.95 -16.91 8.58
N LEU H 71 -26.77 -16.88 9.20
CA LEU H 71 -26.39 -15.78 10.08
C LEU H 71 -25.88 -14.58 9.30
N LEU H 72 -24.80 -14.76 8.54
CA LEU H 72 -24.13 -13.67 7.86
C LEU H 72 -24.80 -13.31 6.53
N SER H 73 -25.85 -14.01 6.14
CA SER H 73 -26.46 -13.80 4.84
C SER H 73 -27.36 -12.57 4.85
N ASN H 74 -27.67 -12.09 3.65
CA ASN H 74 -28.77 -11.16 3.42
C ASN H 74 -30.00 -12.02 3.18
N TYR H 75 -30.82 -12.21 4.22
CA TYR H 75 -31.93 -13.16 4.13
C TYR H 75 -33.03 -12.67 3.20
N LEU H 76 -33.23 -11.35 3.11
CA LEU H 76 -34.29 -10.82 2.28
C LEU H 76 -33.97 -10.96 0.79
N SER H 77 -32.69 -11.10 0.43
CA SER H 77 -32.32 -11.46 -0.93
C SER H 77 -32.09 -12.96 -1.10
N TYR H 78 -31.83 -13.67 0.00
CA TYR H 78 -31.62 -15.12 -0.04
C TYR H 78 -32.93 -15.88 -0.20
N TYR H 79 -34.02 -15.33 0.33
CA TYR H 79 -35.32 -16.00 0.26
C TYR H 79 -35.98 -15.88 -1.11
N ILE H 80 -35.67 -14.83 -1.87
CA ILE H 80 -36.44 -14.51 -3.07
C ILE H 80 -35.84 -15.13 -4.34
N SER H 81 -34.54 -15.39 -4.36
CA SER H 81 -33.87 -15.88 -5.58
C SER H 81 -34.30 -17.26 -6.09
N PRO H 82 -34.52 -18.32 -5.27
CA PRO H 82 -35.07 -19.56 -5.86
C PRO H 82 -36.48 -19.43 -6.41
N ILE H 83 -37.28 -18.52 -5.85
CA ILE H 83 -38.61 -18.22 -6.38
C ILE H 83 -38.51 -17.68 -7.80
N PHE H 84 -37.58 -16.74 -8.02
CA PHE H 84 -37.39 -16.19 -9.35
C PHE H 84 -36.72 -17.18 -10.30
N SER H 85 -35.89 -18.08 -9.76
CA SER H 85 -35.28 -19.13 -10.58
C SER H 85 -36.34 -20.09 -11.13
N LEU H 86 -37.25 -20.55 -10.25
CA LEU H 86 -38.36 -21.39 -10.72
C LEU H 86 -39.33 -20.62 -11.60
N PHE H 87 -39.50 -19.31 -11.33
CA PHE H 87 -40.41 -18.48 -12.13
C PHE H 87 -39.92 -18.34 -13.56
N LEU H 88 -38.63 -18.07 -13.77
CA LEU H 88 -38.12 -18.02 -15.14
C LEU H 88 -37.97 -19.39 -15.78
N SER H 89 -37.68 -20.43 -14.99
CA SER H 89 -37.57 -21.75 -15.58
C SER H 89 -38.92 -22.34 -15.98
N LEU H 90 -40.01 -21.86 -15.39
CA LEU H 90 -41.34 -22.20 -15.88
C LEU H 90 -41.89 -21.18 -16.86
N PHE H 91 -41.40 -19.94 -16.82
CA PHE H 91 -41.82 -18.90 -17.73
C PHE H 91 -41.23 -19.08 -19.12
N VAL H 92 -40.07 -19.75 -19.21
CA VAL H 92 -39.49 -20.06 -20.51
C VAL H 92 -40.33 -21.08 -21.28
N TRP H 93 -41.13 -21.90 -20.59
CA TRP H 93 -41.92 -22.95 -21.23
C TRP H 93 -43.14 -22.42 -21.97
N MET H 94 -43.46 -21.12 -21.86
CA MET H 94 -44.51 -20.51 -22.68
C MET H 94 -44.08 -20.35 -24.14
N CYS H 95 -42.80 -20.51 -24.44
CA CYS H 95 -42.23 -20.44 -25.78
C CYS H 95 -42.42 -21.72 -26.57
N MET H 96 -43.13 -22.71 -26.02
CA MET H 96 -43.24 -24.02 -26.65
C MET H 96 -44.11 -23.94 -27.91
N PRO H 97 -43.65 -24.46 -29.05
CA PRO H 97 -44.46 -24.39 -30.27
C PRO H 97 -45.66 -25.33 -30.22
N PHE H 98 -46.83 -24.75 -30.01
CA PHE H 98 -48.08 -25.48 -30.05
C PHE H 98 -48.66 -25.36 -31.45
N PHE H 99 -49.30 -26.43 -31.92
CA PHE H 99 -49.98 -26.35 -33.21
C PHE H 99 -51.30 -25.60 -33.09
N VAL H 100 -51.89 -25.58 -31.90
CA VAL H 100 -52.95 -24.63 -31.57
C VAL H 100 -52.27 -23.33 -31.21
N LYS H 101 -53.01 -22.23 -31.13
CA LYS H 101 -52.39 -20.96 -30.79
C LYS H 101 -52.37 -20.86 -29.27
N LEU H 102 -51.27 -21.34 -28.67
CA LEU H 102 -51.06 -21.06 -27.26
C LEU H 102 -50.63 -19.62 -27.05
N TYR H 103 -49.49 -19.24 -27.66
CA TYR H 103 -49.03 -17.87 -27.68
C TYR H 103 -48.34 -17.63 -29.01
N SER H 104 -48.60 -16.48 -29.63
CA SER H 104 -48.06 -16.17 -30.95
C SER H 104 -46.68 -15.54 -30.82
N PHE H 105 -45.72 -16.37 -30.40
CA PHE H 105 -44.35 -15.94 -30.22
C PHE H 105 -43.68 -15.84 -31.58
N ASN H 106 -43.72 -14.65 -32.19
CA ASN H 106 -42.97 -14.41 -33.41
C ASN H 106 -41.48 -14.30 -33.18
N LEU H 107 -41.06 -14.01 -31.94
CA LEU H 107 -39.66 -13.77 -31.61
C LEU H 107 -39.22 -14.74 -30.52
N GLY H 108 -39.50 -16.02 -30.76
CA GLY H 108 -39.25 -17.05 -29.78
C GLY H 108 -37.78 -17.27 -29.45
N GLY H 109 -36.90 -17.08 -30.44
CA GLY H 109 -35.47 -17.18 -30.17
C GLY H 109 -34.97 -16.09 -29.23
N LEU H 110 -35.45 -14.86 -29.42
CA LEU H 110 -35.07 -13.76 -28.54
C LEU H 110 -35.67 -13.95 -27.15
N PHE H 111 -36.89 -14.49 -27.07
CA PHE H 111 -37.50 -14.80 -25.77
C PHE H 111 -36.72 -15.88 -25.03
N PHE H 112 -36.27 -16.91 -25.77
CA PHE H 112 -35.44 -17.97 -25.22
C PHE H 112 -34.11 -17.43 -24.72
N LEU H 113 -33.48 -16.53 -25.48
CA LEU H 113 -32.21 -15.95 -25.05
C LEU H 113 -32.38 -15.06 -23.81
N CYS H 114 -33.50 -14.34 -23.73
CA CYS H 114 -33.77 -13.48 -22.57
C CYS H 114 -33.97 -14.31 -21.30
N CYS H 115 -34.78 -15.38 -21.37
CA CYS H 115 -34.98 -16.21 -20.19
C CYS H 115 -33.74 -17.03 -19.84
N THR H 116 -32.95 -17.40 -20.86
CA THR H 116 -31.67 -18.07 -20.63
C THR H 116 -30.69 -17.16 -19.88
N SER H 117 -30.63 -15.88 -20.25
CA SER H 117 -29.79 -14.94 -19.53
C SER H 117 -30.33 -14.66 -18.13
N LEU H 118 -31.65 -14.70 -17.94
CA LEU H 118 -32.21 -14.37 -16.63
C LEU H 118 -32.08 -15.52 -15.61
N GLY H 119 -32.09 -16.77 -16.07
CA GLY H 119 -31.95 -17.89 -15.15
C GLY H 119 -30.60 -17.92 -14.46
N VAL H 120 -29.53 -17.60 -15.20
CA VAL H 120 -28.22 -17.51 -14.58
C VAL H 120 -28.11 -16.28 -13.69
N TYR H 121 -28.91 -15.22 -13.95
CA TYR H 121 -29.00 -14.10 -13.02
C TYR H 121 -29.57 -14.52 -11.66
N THR H 122 -30.59 -15.37 -11.67
CA THR H 122 -31.09 -15.91 -10.40
C THR H 122 -30.06 -16.81 -9.71
N VAL H 123 -29.30 -17.57 -10.49
CA VAL H 123 -28.26 -18.45 -9.92
C VAL H 123 -27.16 -17.62 -9.23
N MET H 124 -26.69 -16.56 -9.90
CA MET H 124 -25.63 -15.73 -9.35
C MET H 124 -26.10 -14.78 -8.26
N VAL H 125 -27.40 -14.48 -8.19
CA VAL H 125 -27.91 -13.77 -7.02
C VAL H 125 -27.98 -14.71 -5.82
N ALA H 126 -28.44 -15.96 -6.02
CA ALA H 126 -28.49 -16.93 -4.94
C ALA H 126 -27.10 -17.33 -4.45
N GLY H 127 -26.10 -17.28 -5.32
CA GLY H 127 -24.75 -17.58 -4.89
C GLY H 127 -24.14 -16.49 -4.02
N TRP H 128 -24.43 -15.23 -4.33
CA TRP H 128 -23.84 -14.13 -3.56
C TRP H 128 -24.52 -13.98 -2.21
N SER H 129 -25.84 -14.11 -2.17
CA SER H 129 -26.62 -13.76 -0.99
C SER H 129 -26.55 -14.80 0.12
N SER H 130 -25.92 -15.96 -0.12
CA SER H 130 -25.77 -16.96 0.93
C SER H 130 -24.70 -16.58 1.94
N ASN H 131 -23.77 -15.69 1.55
CA ASN H 131 -22.62 -15.25 2.35
C ASN H 131 -21.76 -16.44 2.77
N SER H 132 -21.41 -17.29 1.82
CA SER H 132 -20.44 -18.36 2.02
C SER H 132 -19.42 -18.31 0.89
N ASN H 133 -18.20 -18.74 1.21
CA ASN H 133 -17.11 -18.67 0.23
C ASN H 133 -17.34 -19.63 -0.92
N TYR H 134 -17.82 -20.85 -0.63
CA TYR H 134 -18.15 -21.80 -1.68
C TYR H 134 -19.33 -21.34 -2.51
N ALA H 135 -20.30 -20.64 -1.88
CA ALA H 135 -21.44 -20.12 -2.61
C ALA H 135 -21.04 -18.98 -3.56
N LEU H 136 -20.17 -18.08 -3.10
CA LEU H 136 -19.63 -17.04 -3.97
C LEU H 136 -18.76 -17.60 -5.09
N LEU H 137 -18.00 -18.67 -4.81
CA LEU H 137 -17.20 -19.29 -5.85
C LEU H 137 -18.07 -19.98 -6.90
N GLY H 138 -19.15 -20.64 -6.46
CA GLY H 138 -20.09 -21.21 -7.40
C GLY H 138 -20.84 -20.17 -8.22
N GLY H 139 -21.17 -19.04 -7.59
CA GLY H 139 -21.81 -17.95 -8.32
C GLY H 139 -20.89 -17.33 -9.36
N LEU H 140 -19.63 -17.07 -9.01
CA LEU H 140 -18.68 -16.53 -9.97
C LEU H 140 -18.33 -17.53 -11.07
N ARG H 141 -18.35 -18.83 -10.75
CA ARG H 141 -18.20 -19.86 -11.78
C ARG H 141 -19.38 -19.87 -12.73
N ALA H 142 -20.59 -19.63 -12.21
CA ALA H 142 -21.77 -19.54 -13.07
C ALA H 142 -21.72 -18.31 -13.98
N VAL H 143 -21.21 -17.18 -13.47
CA VAL H 143 -21.08 -15.98 -14.29
C VAL H 143 -20.02 -16.17 -15.38
N ALA H 144 -18.89 -16.80 -15.03
CA ALA H 144 -17.88 -17.11 -16.04
C ALA H 144 -18.39 -18.12 -17.06
N GLN H 145 -19.25 -19.05 -16.63
CA GLN H 145 -19.85 -20.02 -17.54
C GLN H 145 -20.81 -19.35 -18.53
N THR H 146 -21.66 -18.43 -18.05
CA THR H 146 -22.60 -17.79 -18.97
C THR H 146 -21.92 -16.79 -19.89
N ILE H 147 -20.84 -16.13 -19.41
CA ILE H 147 -20.02 -15.28 -20.27
C ILE H 147 -19.31 -16.12 -21.32
N SER H 148 -18.95 -17.36 -20.98
CA SER H 148 -18.37 -18.28 -21.97
C SER H 148 -19.39 -18.67 -23.04
N TYR H 149 -20.58 -19.12 -22.66
CA TYR H 149 -21.43 -19.77 -23.67
C TYR H 149 -22.46 -18.85 -24.32
N GLU H 150 -22.62 -17.59 -23.88
CA GLU H 150 -23.78 -16.79 -24.32
C GLU H 150 -23.73 -16.40 -25.80
N VAL H 151 -22.61 -15.84 -26.26
CA VAL H 151 -22.49 -15.43 -27.65
C VAL H 151 -22.41 -16.63 -28.58
N SER H 152 -21.82 -17.73 -28.10
CA SER H 152 -21.78 -18.97 -28.86
C SER H 152 -23.18 -19.56 -29.05
N LEU H 153 -23.99 -19.52 -27.99
CA LEU H 153 -25.39 -19.98 -28.07
C LEU H 153 -26.19 -19.13 -29.03
N ALA H 154 -25.94 -17.82 -29.07
CA ALA H 154 -26.71 -16.92 -29.96
C ALA H 154 -26.37 -17.19 -31.42
N LEU H 155 -25.09 -17.16 -31.79
CA LEU H 155 -24.66 -17.30 -33.20
C LEU H 155 -25.06 -18.69 -33.74
N ILE H 156 -24.95 -19.73 -32.93
CA ILE H 156 -25.36 -21.09 -33.36
C ILE H 156 -26.87 -21.06 -33.65
N LEU H 157 -27.65 -20.36 -32.83
CA LEU H 157 -29.12 -20.26 -33.06
C LEU H 157 -29.34 -19.55 -34.38
N LEU H 158 -28.55 -18.52 -34.67
CA LEU H 158 -28.77 -17.73 -35.91
C LEU H 158 -28.59 -18.70 -37.08
N SER H 159 -27.62 -19.60 -37.01
CA SER H 159 -27.39 -20.47 -38.19
C SER H 159 -28.65 -21.30 -38.45
N PHE H 160 -29.28 -21.84 -37.41
CA PHE H 160 -30.52 -22.62 -37.57
C PHE H 160 -31.62 -21.71 -38.13
N ILE H 161 -31.67 -20.48 -37.65
CA ILE H 161 -32.73 -19.52 -38.07
C ILE H 161 -32.55 -19.28 -39.57
N PHE H 162 -31.32 -19.23 -40.06
CA PHE H 162 -31.10 -18.91 -41.48
C PHE H 162 -31.80 -19.99 -42.31
N LEU H 163 -31.72 -21.25 -41.89
CA LEU H 163 -32.39 -22.36 -42.62
C LEU H 163 -33.91 -22.18 -42.58
N ILE H 164 -34.44 -21.36 -41.68
CA ILE H 164 -35.87 -21.12 -41.52
C ILE H 164 -36.32 -19.86 -42.23
N GLY H 165 -35.59 -18.76 -42.05
CA GLY H 165 -35.98 -17.49 -42.61
C GLY H 165 -36.90 -16.67 -41.74
N SER H 166 -37.30 -17.19 -40.58
CA SER H 166 -38.14 -16.47 -39.65
C SER H 166 -37.79 -16.92 -38.23
N TYR H 167 -38.19 -16.12 -37.25
CA TYR H 167 -37.85 -16.38 -35.86
C TYR H 167 -38.94 -17.17 -35.13
N ASN H 168 -39.96 -17.63 -35.86
CA ASN H 168 -41.06 -18.38 -35.26
C ASN H 168 -40.77 -19.87 -35.36
N MET H 169 -40.73 -20.54 -34.21
CA MET H 169 -40.30 -21.93 -34.15
C MET H 169 -41.30 -22.91 -34.76
N ILE H 170 -42.56 -22.50 -34.95
CA ILE H 170 -43.50 -23.34 -35.68
C ILE H 170 -43.14 -23.43 -37.15
N TYR H 171 -42.39 -22.45 -37.68
CA TYR H 171 -41.82 -22.55 -39.02
C TYR H 171 -40.69 -23.58 -39.09
N PHE H 172 -40.22 -24.10 -37.95
CA PHE H 172 -39.36 -25.28 -37.97
C PHE H 172 -40.11 -26.52 -38.43
N PHE H 173 -41.46 -26.53 -38.27
CA PHE H 173 -42.21 -27.72 -38.65
C PHE H 173 -42.36 -27.85 -40.15
N PHE H 174 -42.53 -26.73 -40.86
CA PHE H 174 -42.74 -26.78 -42.30
C PHE H 174 -41.45 -27.13 -43.05
N TYR H 175 -40.30 -26.73 -42.52
CA TYR H 175 -39.02 -27.02 -43.15
C TYR H 175 -38.47 -28.39 -42.78
N GLN H 176 -39.18 -29.15 -41.94
CA GLN H 176 -38.77 -30.50 -41.55
C GLN H 176 -39.84 -31.53 -41.90
N VAL H 177 -40.59 -31.29 -42.98
CA VAL H 177 -41.66 -32.21 -43.35
C VAL H 177 -41.10 -33.43 -44.08
N TYR H 178 -39.94 -33.31 -44.73
CA TYR H 178 -39.34 -34.43 -45.45
C TYR H 178 -38.26 -35.14 -44.65
N MET H 179 -37.48 -34.42 -43.87
CA MET H 179 -36.42 -35.02 -43.07
C MET H 179 -36.13 -34.15 -41.86
N TRP H 180 -35.40 -34.71 -40.91
CA TRP H 180 -34.94 -33.98 -39.74
C TRP H 180 -33.68 -33.17 -40.07
N PHE H 181 -33.40 -32.17 -39.23
CA PHE H 181 -32.20 -31.37 -39.40
C PHE H 181 -30.96 -31.98 -38.75
N LEU H 182 -31.06 -33.23 -38.25
CA LEU H 182 -29.89 -33.91 -37.72
C LEU H 182 -28.92 -34.31 -38.82
N ILE H 183 -29.42 -34.44 -40.06
CA ILE H 183 -28.56 -34.76 -41.20
C ILE H 183 -27.64 -33.60 -41.53
N ILE H 184 -28.20 -32.38 -41.60
CA ILE H 184 -27.39 -31.21 -41.94
C ILE H 184 -26.50 -30.79 -40.76
N LEU H 185 -27.09 -30.69 -39.57
CA LEU H 185 -26.47 -29.99 -38.45
C LEU H 185 -25.92 -30.95 -37.40
N PHE H 186 -25.32 -32.05 -37.84
CA PHE H 186 -24.65 -32.96 -36.90
C PHE H 186 -23.46 -32.35 -36.15
N PRO H 187 -22.53 -31.57 -36.74
CA PRO H 187 -21.54 -30.87 -35.89
C PRO H 187 -22.15 -29.89 -34.92
N MET H 188 -23.22 -29.17 -35.29
CA MET H 188 -23.90 -28.48 -34.20
C MET H 188 -24.94 -29.31 -33.46
N ALA H 189 -25.21 -30.55 -33.83
CA ALA H 189 -25.86 -31.42 -32.87
C ALA H 189 -24.94 -31.66 -31.68
N LEU H 190 -23.65 -31.92 -31.98
CA LEU H 190 -22.64 -32.03 -30.93
C LEU H 190 -22.44 -30.70 -30.20
N VAL H 191 -22.37 -29.60 -30.95
CA VAL H 191 -22.08 -28.29 -30.36
C VAL H 191 -23.27 -27.78 -29.53
N TRP H 192 -24.51 -27.96 -30.02
CA TRP H 192 -25.68 -27.57 -29.27
C TRP H 192 -25.92 -28.48 -28.07
N VAL H 193 -25.50 -29.75 -28.15
CA VAL H 193 -25.51 -30.58 -26.95
C VAL H 193 -24.49 -30.09 -25.93
N SER H 194 -23.33 -29.62 -26.40
CA SER H 194 -22.32 -29.05 -25.51
C SER H 194 -22.80 -27.75 -24.87
N ILE H 195 -23.48 -26.91 -25.64
CA ILE H 195 -23.99 -25.62 -25.14
C ILE H 195 -25.14 -25.85 -24.18
N SER H 196 -26.03 -26.81 -24.49
CA SER H 196 -27.21 -27.08 -23.68
C SER H 196 -26.86 -27.66 -22.32
N LEU H 197 -25.72 -28.35 -22.21
CA LEU H 197 -25.25 -28.77 -20.90
C LEU H 197 -24.63 -27.62 -20.13
N ALA H 198 -24.01 -26.66 -20.83
CA ALA H 198 -23.52 -25.46 -20.17
C ALA H 198 -24.66 -24.52 -19.82
N GLU H 199 -25.77 -24.59 -20.56
CA GLU H 199 -26.95 -23.80 -20.23
C GLU H 199 -27.59 -24.28 -18.94
N THR H 200 -27.69 -25.59 -18.76
CA THR H 200 -28.41 -26.19 -17.65
C THR H 200 -27.52 -26.49 -16.45
N ASN H 201 -26.23 -26.13 -16.53
CA ASN H 201 -25.21 -26.40 -15.51
C ASN H 201 -25.10 -27.89 -15.19
N ARG H 202 -24.83 -28.67 -16.24
CA ARG H 202 -24.79 -30.12 -16.13
C ARG H 202 -23.45 -30.64 -16.64
N THR H 203 -23.11 -31.84 -16.17
CA THR H 203 -21.83 -32.49 -16.44
C THR H 203 -21.67 -32.74 -17.95
N PRO H 204 -20.54 -32.37 -18.57
CA PRO H 204 -19.21 -31.95 -18.08
C PRO H 204 -19.03 -30.50 -17.60
N PHE H 205 -20.05 -29.66 -17.64
CA PHE H 205 -19.92 -28.27 -17.20
C PHE H 205 -20.81 -28.06 -15.99
N ASP H 206 -20.29 -28.41 -14.82
CA ASP H 206 -21.07 -28.40 -13.58
C ASP H 206 -20.34 -27.59 -12.51
N PHE H 207 -19.82 -26.42 -12.89
CA PHE H 207 -19.04 -25.61 -11.98
C PHE H 207 -19.88 -24.76 -11.05
N ALA H 208 -21.14 -24.47 -11.42
CA ALA H 208 -22.00 -23.70 -10.54
C ALA H 208 -22.43 -24.51 -9.33
N GLU H 209 -22.59 -25.84 -9.48
CA GLU H 209 -22.84 -26.75 -8.35
C GLU H 209 -21.84 -27.93 -8.46
N GLY H 210 -20.68 -27.74 -7.84
CA GLY H 210 -19.65 -28.75 -7.84
C GLY H 210 -19.68 -29.54 -6.55
N GLU H 211 -19.56 -30.85 -6.67
CA GLU H 211 -19.56 -31.72 -5.49
C GLU H 211 -18.16 -32.10 -5.04
N SER H 212 -17.15 -31.94 -5.90
CA SER H 212 -15.77 -32.22 -5.52
C SER H 212 -14.87 -31.00 -5.53
N GLU H 213 -15.00 -30.13 -6.53
CA GLU H 213 -14.23 -28.89 -6.54
C GLU H 213 -14.70 -27.95 -5.43
N LEU H 214 -16.00 -27.73 -5.34
CA LEU H 214 -16.61 -27.01 -4.23
C LEU H 214 -17.46 -27.98 -3.45
N VAL H 215 -18.14 -27.47 -2.42
CA VAL H 215 -19.09 -28.26 -1.66
C VAL H 215 -20.49 -27.76 -2.02
N SER H 216 -21.16 -28.54 -2.88
CA SER H 216 -22.47 -28.29 -3.49
C SER H 216 -22.59 -27.00 -4.29
N GLY H 217 -21.48 -26.29 -4.54
CA GLY H 217 -21.52 -25.06 -5.32
C GLY H 217 -22.22 -23.92 -4.58
N PHE H 218 -23.15 -23.27 -5.28
CA PHE H 218 -23.93 -22.18 -4.71
C PHE H 218 -25.12 -22.66 -3.90
N ASN H 219 -25.37 -23.97 -3.86
CA ASN H 219 -26.45 -24.55 -3.08
C ASN H 219 -26.01 -24.94 -1.67
N VAL H 220 -24.87 -24.41 -1.20
CA VAL H 220 -24.29 -24.86 0.05
C VAL H 220 -25.08 -24.37 1.27
N GLU H 221 -25.79 -23.24 1.16
CA GLU H 221 -26.53 -22.68 2.27
C GLU H 221 -28.04 -22.77 2.05
N TYR H 222 -28.49 -23.50 1.04
CA TYR H 222 -29.90 -23.62 0.70
C TYR H 222 -30.40 -24.97 1.15
N SER H 223 -31.55 -24.98 1.84
CA SER H 223 -32.10 -26.22 2.37
C SER H 223 -33.61 -26.10 2.49
N SER H 224 -34.27 -27.22 2.20
CA SER H 224 -35.69 -27.48 2.52
C SER H 224 -36.64 -26.46 1.90
N GLY H 225 -36.67 -26.45 0.57
CA GLY H 225 -37.53 -25.59 -0.19
C GLY H 225 -36.81 -24.62 -1.10
N GLY H 226 -35.78 -23.92 -0.60
CA GLY H 226 -34.93 -23.16 -1.49
C GLY H 226 -34.13 -24.07 -2.42
N PHE H 227 -33.58 -25.15 -1.86
CA PHE H 227 -32.92 -26.16 -2.66
C PHE H 227 -33.90 -26.89 -3.57
N ALA H 228 -35.15 -27.06 -3.11
CA ALA H 228 -36.18 -27.73 -3.92
C ALA H 228 -36.54 -26.91 -5.16
N LEU H 229 -36.84 -25.61 -4.98
CA LEU H 229 -37.14 -24.76 -6.14
C LEU H 229 -35.93 -24.54 -7.04
N ILE H 230 -34.70 -24.47 -6.48
CA ILE H 230 -33.50 -24.42 -7.32
C ILE H 230 -33.36 -25.69 -8.16
N PHE H 231 -33.67 -26.84 -7.56
CA PHE H 231 -33.48 -28.13 -8.23
C PHE H 231 -34.53 -28.33 -9.32
N MET H 232 -35.79 -27.96 -9.06
CA MET H 232 -36.82 -27.98 -10.11
C MET H 232 -36.56 -26.96 -11.20
N ALA H 233 -35.95 -25.81 -10.86
CA ALA H 233 -35.59 -24.84 -11.89
C ALA H 233 -34.53 -25.39 -12.83
N GLU H 234 -33.51 -26.06 -12.26
CA GLU H 234 -32.46 -26.69 -13.07
C GLU H 234 -33.03 -27.81 -13.94
N TYR H 235 -33.91 -28.64 -13.39
CA TYR H 235 -34.42 -29.77 -14.18
C TYR H 235 -35.47 -29.34 -15.19
N ALA H 236 -36.20 -28.25 -14.94
CA ALA H 236 -37.07 -27.70 -15.96
C ALA H 236 -36.26 -27.06 -17.08
N SER H 237 -35.10 -26.49 -16.76
CA SER H 237 -34.19 -26.05 -17.82
C SER H 237 -33.67 -27.23 -18.64
N ILE H 238 -33.37 -28.36 -17.99
CA ILE H 238 -32.96 -29.58 -18.70
C ILE H 238 -34.06 -30.07 -19.64
N LEU H 239 -35.32 -30.07 -19.15
CA LEU H 239 -36.46 -30.46 -19.98
C LEU H 239 -36.66 -29.49 -21.16
N PHE H 240 -36.42 -28.20 -20.93
CA PHE H 240 -36.61 -27.22 -21.99
C PHE H 240 -35.55 -27.35 -23.08
N MET H 241 -34.28 -27.55 -22.73
CA MET H 241 -33.29 -27.75 -23.80
C MET H 241 -33.37 -29.13 -24.43
N SER H 242 -33.91 -30.14 -23.74
CA SER H 242 -34.23 -31.39 -24.42
C SER H 242 -35.32 -31.19 -25.46
N MET H 243 -36.34 -30.39 -25.10
CA MET H 243 -37.39 -30.02 -26.03
C MET H 243 -36.84 -29.22 -27.21
N LEU H 244 -35.89 -28.32 -26.96
CA LEU H 244 -35.33 -27.52 -28.04
C LEU H 244 -34.40 -28.33 -28.93
N PHE H 245 -33.77 -29.38 -28.39
CA PHE H 245 -33.06 -30.32 -29.25
C PHE H 245 -34.04 -31.08 -30.13
N CYS H 246 -35.23 -31.38 -29.60
CA CYS H 246 -36.22 -32.08 -30.41
C CYS H 246 -36.88 -31.17 -31.43
N VAL H 247 -36.96 -29.87 -31.15
CA VAL H 247 -37.59 -28.93 -32.07
C VAL H 247 -36.68 -28.66 -33.28
N ILE H 248 -35.41 -28.32 -33.01
CA ILE H 248 -34.54 -27.86 -34.08
C ILE H 248 -34.00 -29.03 -34.89
N PHE H 249 -33.43 -30.04 -34.22
CA PHE H 249 -32.77 -31.14 -34.91
C PHE H 249 -33.71 -32.23 -35.34
N LEU H 250 -34.84 -32.41 -34.66
CA LEU H 250 -35.76 -33.49 -34.97
C LEU H 250 -37.06 -32.87 -35.45
N GLY H 251 -38.08 -33.72 -35.59
CA GLY H 251 -39.36 -33.23 -36.09
C GLY H 251 -40.03 -32.32 -35.08
N CYS H 252 -40.52 -31.18 -35.56
CA CYS H 252 -41.19 -30.19 -34.74
C CYS H 252 -42.67 -30.46 -34.58
N ASP H 253 -43.16 -31.59 -35.09
CA ASP H 253 -44.55 -31.97 -34.88
C ASP H 253 -44.86 -32.25 -33.41
N VAL H 254 -46.04 -31.85 -32.98
CA VAL H 254 -46.46 -32.05 -31.60
C VAL H 254 -47.70 -32.93 -31.49
N PHE H 255 -48.33 -33.32 -32.60
CA PHE H 255 -49.48 -34.20 -32.55
C PHE H 255 -49.11 -35.67 -32.62
N ASN H 256 -47.82 -35.99 -32.63
CA ASN H 256 -47.36 -37.37 -32.59
C ASN H 256 -46.76 -37.67 -31.23
N LEU H 257 -47.00 -38.89 -30.75
CA LEU H 257 -46.36 -39.35 -29.50
C LEU H 257 -44.88 -39.64 -29.69
N LEU H 258 -44.42 -39.78 -30.94
CA LEU H 258 -43.00 -39.96 -31.22
C LEU H 258 -42.18 -38.75 -30.83
N PHE H 259 -42.79 -37.55 -30.85
CA PHE H 259 -42.09 -36.35 -30.38
C PHE H 259 -41.77 -36.42 -28.90
N TYR H 260 -42.73 -36.87 -28.09
CA TYR H 260 -42.49 -36.98 -26.66
C TYR H 260 -41.62 -38.18 -26.32
N MET H 261 -41.69 -39.24 -27.13
CA MET H 261 -40.70 -40.32 -27.01
C MET H 261 -39.29 -39.83 -27.31
N LYS H 262 -39.14 -38.98 -28.33
CA LYS H 262 -37.86 -38.36 -28.63
C LYS H 262 -37.42 -37.41 -27.54
N LEU H 263 -38.36 -36.72 -26.89
CA LEU H 263 -37.99 -35.80 -25.80
C LEU H 263 -37.51 -36.57 -24.59
N THR H 264 -38.16 -37.71 -24.29
CA THR H 264 -37.68 -38.60 -23.24
C THR H 264 -36.31 -39.19 -23.60
N PHE H 265 -36.08 -39.47 -24.88
CA PHE H 265 -34.78 -39.97 -25.33
C PHE H 265 -33.68 -38.91 -25.20
N ILE H 266 -33.98 -37.65 -25.52
CA ILE H 266 -32.98 -36.59 -25.39
C ILE H 266 -32.73 -36.27 -23.91
N SER H 267 -33.75 -36.39 -23.06
CA SER H 267 -33.53 -36.30 -21.62
C SER H 267 -32.66 -37.46 -21.12
N PHE H 268 -32.86 -38.66 -21.67
CA PHE H 268 -31.99 -39.80 -21.36
C PHE H 268 -30.57 -39.56 -21.84
N VAL H 269 -30.41 -38.85 -22.96
CA VAL H 269 -29.08 -38.45 -23.44
C VAL H 269 -28.45 -37.45 -22.47
N PHE H 270 -29.25 -36.54 -21.92
CA PHE H 270 -28.77 -35.56 -20.93
C PHE H 270 -28.29 -36.24 -19.65
N ILE H 271 -29.01 -37.29 -19.22
CA ILE H 271 -28.52 -38.10 -18.09
C ILE H 271 -27.28 -38.90 -18.51
N TRP H 272 -27.26 -39.36 -19.77
CA TRP H 272 -26.24 -40.27 -20.27
C TRP H 272 -24.88 -39.61 -20.40
N VAL H 273 -24.84 -38.31 -20.73
CA VAL H 273 -23.57 -37.59 -20.81
C VAL H 273 -22.98 -37.39 -19.41
N ARG H 274 -23.85 -37.13 -18.42
CA ARG H 274 -23.41 -36.96 -17.03
C ARG H 274 -22.81 -38.25 -16.47
N GLY H 275 -23.40 -39.38 -16.82
CA GLY H 275 -22.88 -40.66 -16.36
C GLY H 275 -21.68 -41.20 -17.10
N THR H 276 -21.15 -40.49 -18.09
CA THR H 276 -19.97 -40.97 -18.81
C THR H 276 -18.80 -40.03 -18.71
N LEU H 277 -18.97 -38.76 -19.08
CA LEU H 277 -17.80 -37.89 -19.22
C LEU H 277 -17.46 -37.20 -17.90
N PRO H 278 -16.18 -37.05 -17.61
CA PRO H 278 -15.76 -36.27 -16.44
C PRO H 278 -15.96 -34.78 -16.68
N ARG H 279 -15.92 -34.03 -15.60
CA ARG H 279 -16.09 -32.59 -15.66
C ARG H 279 -14.83 -31.91 -16.18
N PHE H 280 -15.03 -30.75 -16.82
CA PHE H 280 -13.95 -29.91 -17.28
C PHE H 280 -13.38 -29.07 -16.13
N ARG H 281 -12.53 -28.13 -16.48
CA ARG H 281 -12.30 -26.94 -15.68
C ARG H 281 -12.95 -25.78 -16.42
N TYR H 282 -13.34 -24.75 -15.67
CA TYR H 282 -13.98 -23.64 -16.37
C TYR H 282 -12.97 -22.73 -17.07
N ASP H 283 -11.67 -22.88 -16.77
CA ASP H 283 -10.63 -22.36 -17.65
C ASP H 283 -10.70 -23.00 -19.04
N LYS H 284 -10.82 -24.32 -19.09
CA LYS H 284 -10.91 -25.00 -20.38
C LYS H 284 -12.26 -24.78 -21.04
N LEU H 285 -13.31 -24.54 -20.24
CA LEU H 285 -14.61 -24.14 -20.80
C LEU H 285 -14.52 -22.77 -21.47
N MET H 286 -13.86 -21.80 -20.83
CA MET H 286 -13.68 -20.49 -21.43
C MET H 286 -12.74 -20.55 -22.63
N TYR H 287 -11.76 -21.44 -22.61
CA TYR H 287 -10.89 -21.61 -23.79
C TYR H 287 -11.55 -22.43 -24.89
N LEU H 288 -12.66 -23.11 -24.59
CA LEU H 288 -13.38 -23.89 -25.58
C LEU H 288 -14.48 -23.08 -26.27
N ALA H 289 -15.27 -22.34 -25.51
CA ALA H 289 -16.40 -21.61 -26.06
C ALA H 289 -16.02 -20.29 -26.68
N TRP H 290 -14.74 -19.92 -26.65
CA TRP H 290 -14.25 -18.68 -27.23
C TRP H 290 -13.34 -18.88 -28.43
N LYS H 291 -12.63 -20.01 -28.50
CA LYS H 291 -11.67 -20.26 -29.56
C LYS H 291 -12.07 -21.37 -30.51
N CYS H 292 -12.96 -22.27 -30.10
CA CYS H 292 -13.42 -23.36 -30.96
C CYS H 292 -14.87 -23.20 -31.37
N PHE H 293 -15.78 -23.07 -30.39
CA PHE H 293 -17.21 -23.02 -30.68
C PHE H 293 -17.60 -21.73 -31.39
N LEU H 294 -17.05 -20.60 -30.97
CA LEU H 294 -17.37 -19.31 -31.59
C LEU H 294 -16.80 -19.21 -33.00
N SER H 295 -15.58 -19.70 -33.20
CA SER H 295 -14.97 -19.70 -34.53
C SER H 295 -15.70 -20.62 -35.49
N PHE H 296 -16.10 -21.81 -35.00
CA PHE H 296 -16.87 -22.72 -35.85
C PHE H 296 -18.26 -22.17 -36.15
N SER H 297 -18.86 -21.46 -35.19
CA SER H 297 -20.17 -20.85 -35.39
C SER H 297 -20.12 -19.75 -36.44
N LEU H 298 -19.08 -18.88 -36.38
CA LEU H 298 -18.92 -17.83 -37.39
C LEU H 298 -18.61 -18.43 -38.77
N ASN H 299 -17.77 -19.46 -38.82
CA ASN H 299 -17.41 -20.08 -40.09
C ASN H 299 -18.59 -20.78 -40.74
N TYR H 300 -19.38 -21.52 -39.96
CA TYR H 300 -20.48 -22.24 -40.56
C TYR H 300 -21.67 -21.30 -40.79
N LEU H 301 -21.71 -20.17 -40.08
CA LEU H 301 -22.59 -19.06 -40.44
C LEU H 301 -22.25 -18.49 -41.82
N LEU H 302 -20.96 -18.36 -42.12
CA LEU H 302 -20.54 -17.96 -43.47
C LEU H 302 -20.97 -18.99 -44.51
N PHE H 303 -20.86 -20.28 -44.16
CA PHE H 303 -21.29 -21.37 -45.03
C PHE H 303 -22.80 -21.31 -45.30
N PHE H 304 -23.59 -21.05 -44.26
CA PHE H 304 -25.04 -20.88 -44.44
C PHE H 304 -25.43 -19.58 -45.14
N ILE H 305 -24.64 -18.51 -44.99
CA ILE H 305 -24.91 -17.28 -45.76
C ILE H 305 -24.72 -17.54 -47.24
N GLY H 306 -23.62 -18.21 -47.61
CA GLY H 306 -23.38 -18.55 -48.99
C GLY H 306 -24.38 -19.55 -49.55
N PHE H 307 -24.79 -20.53 -48.73
CA PHE H 307 -25.77 -21.50 -49.17
C PHE H 307 -27.16 -20.88 -49.32
N LYS H 308 -27.51 -19.90 -48.49
CA LYS H 308 -28.81 -19.26 -48.62
C LYS H 308 -28.85 -18.32 -49.80
N ILE H 309 -27.72 -17.68 -50.15
CA ILE H 309 -27.68 -16.91 -51.40
C ILE H 309 -27.72 -17.84 -52.61
N LEU H 310 -27.07 -19.00 -52.53
CA LEU H 310 -27.14 -19.97 -53.62
C LEU H 310 -28.54 -20.54 -53.81
N LEU H 311 -29.25 -20.79 -52.70
CA LEU H 311 -30.60 -21.34 -52.78
C LEU H 311 -31.60 -20.29 -53.27
N PHE H 312 -31.41 -19.02 -52.89
CA PHE H 312 -32.35 -17.97 -53.25
C PHE H 312 -32.32 -17.65 -54.74
N SER H 313 -31.17 -17.81 -55.39
CA SER H 313 -31.10 -17.59 -56.83
C SER H 313 -31.77 -18.73 -57.59
N LEU H 314 -31.73 -19.94 -57.06
CA LEU H 314 -32.33 -21.09 -57.73
C LEU H 314 -33.85 -21.08 -57.64
N LEU H 315 -34.40 -20.49 -56.59
CA LEU H 315 -35.86 -20.42 -56.43
C LEU H 315 -36.44 -19.34 -57.35
N MET I 1 10.84 56.58 -48.66
CA MET I 1 12.01 56.38 -47.81
C MET I 1 12.55 54.97 -47.97
N LEU I 2 12.55 54.50 -49.21
CA LEU I 2 12.98 53.13 -49.48
C LEU I 2 14.50 52.99 -49.44
N LYS I 3 15.23 54.05 -49.82
CA LYS I 3 16.70 53.96 -49.82
C LYS I 3 17.25 53.89 -48.41
N ILE I 4 16.66 54.64 -47.47
CA ILE I 4 17.09 54.61 -46.07
C ILE I 4 16.75 53.26 -45.43
N ILE I 5 15.56 52.75 -45.72
CA ILE I 5 15.10 51.50 -45.12
C ILE I 5 15.89 50.32 -45.66
N PHE I 6 16.20 50.32 -46.97
CA PHE I 6 17.02 49.26 -47.53
C PHE I 6 18.49 49.39 -47.13
N PHE I 7 18.96 50.62 -46.88
CA PHE I 7 20.28 50.84 -46.33
C PHE I 7 20.42 50.20 -44.95
N LEU I 8 19.42 50.41 -44.09
CA LEU I 8 19.46 49.79 -42.76
C LEU I 8 19.19 48.28 -42.83
N LEU I 9 18.39 47.83 -43.81
CA LEU I 9 18.10 46.41 -43.96
C LEU I 9 19.34 45.64 -44.42
N PHE I 10 20.22 46.26 -45.21
CA PHE I 10 21.49 45.62 -45.53
C PHE I 10 22.60 46.06 -44.59
N LEU I 11 22.32 46.97 -43.66
CA LEU I 11 23.19 47.21 -42.51
C LEU I 11 22.93 46.21 -41.40
N ILE I 12 21.80 45.49 -41.48
CA ILE I 12 21.54 44.41 -40.52
C ILE I 12 22.62 43.32 -40.48
N PRO I 13 23.17 42.77 -41.63
CA PRO I 13 24.18 41.71 -41.47
C PRO I 13 25.56 42.14 -40.99
N PHE I 14 25.77 43.40 -40.64
CA PHE I 14 27.03 43.78 -40.00
C PHE I 14 27.08 43.42 -38.53
N CYS I 15 25.95 43.09 -37.90
CA CYS I 15 25.95 42.68 -36.51
C CYS I 15 26.59 41.31 -36.34
N PHE I 16 26.40 40.42 -37.31
CA PHE I 16 26.94 39.07 -37.23
C PHE I 16 28.41 39.00 -37.58
N ILE I 17 28.97 40.05 -38.19
CA ILE I 17 30.41 40.14 -38.41
C ILE I 17 31.04 40.81 -37.20
N ASN I 18 32.05 40.16 -36.63
CA ASN I 18 32.66 40.65 -35.40
C ASN I 18 33.53 41.90 -35.64
N ASN I 19 33.72 42.66 -34.54
CA ASN I 19 34.53 43.88 -34.49
C ASN I 19 34.07 44.93 -35.50
N MET I 20 32.75 45.14 -35.58
CA MET I 20 32.17 46.08 -36.55
C MET I 20 31.19 47.04 -35.89
N TYR I 21 31.37 47.34 -34.60
CA TYR I 21 30.47 48.23 -33.88
C TYR I 21 30.59 49.68 -34.37
N TRP I 22 31.83 50.17 -34.45
CA TRP I 22 32.07 51.53 -34.90
C TRP I 22 31.80 51.68 -36.39
N MET I 23 31.91 50.60 -37.16
CA MET I 23 31.53 50.65 -38.57
C MET I 23 30.03 50.87 -38.74
N VAL I 24 29.21 50.23 -37.89
CA VAL I 24 27.77 50.45 -37.91
C VAL I 24 27.44 51.87 -37.48
N GLN I 25 28.18 52.40 -36.50
CA GLN I 25 28.00 53.81 -36.12
C GLN I 25 28.37 54.77 -37.25
N ILE I 26 29.46 54.49 -37.98
CA ILE I 26 29.92 55.32 -39.08
C ILE I 26 28.90 55.33 -40.21
N MET I 27 28.37 54.15 -40.57
CA MET I 27 27.37 54.11 -41.62
C MET I 27 26.02 54.68 -41.19
N MET I 28 25.67 54.61 -39.89
CA MET I 28 24.45 55.26 -39.45
C MET I 28 24.58 56.79 -39.44
N PHE I 29 25.77 57.31 -39.13
CA PHE I 29 26.01 58.74 -39.30
C PHE I 29 26.03 59.12 -40.77
N PHE I 30 26.43 58.20 -41.65
CA PHE I 30 26.31 58.43 -43.08
C PHE I 30 24.86 58.47 -43.53
N ILE I 31 23.99 57.65 -42.92
CA ILE I 31 22.55 57.73 -43.16
C ILE I 31 22.01 59.09 -42.73
N SER I 32 22.46 59.58 -41.57
CA SER I 32 22.06 60.92 -41.13
C SER I 32 22.56 62.01 -42.07
N PHE I 33 23.76 61.84 -42.65
CA PHE I 33 24.29 62.78 -43.64
C PHE I 33 23.45 62.80 -44.91
N ILE I 34 23.09 61.61 -45.42
CA ILE I 34 22.26 61.51 -46.62
C ILE I 34 20.87 62.07 -46.36
N PHE I 35 20.33 61.82 -45.17
CA PHE I 35 19.01 62.34 -44.82
C PHE I 35 19.03 63.84 -44.60
N LEU I 36 20.20 64.39 -44.24
CA LEU I 36 20.37 65.83 -44.29
C LEU I 36 20.34 66.34 -45.73
N LEU I 37 20.87 65.56 -46.66
CA LEU I 37 20.81 65.99 -48.07
C LEU I 37 19.51 65.61 -48.77
N MET I 38 18.57 64.96 -48.11
CA MET I 38 17.28 64.66 -48.72
C MET I 38 16.21 65.73 -48.51
N ASN I 39 16.54 66.85 -47.87
CA ASN I 39 15.54 67.87 -47.50
C ASN I 39 15.04 68.61 -48.74
N ASN I 40 13.76 68.36 -49.05
CA ASN I 40 13.06 69.10 -50.14
C ASN I 40 11.59 69.03 -49.78
N PHE I 41 11.28 68.44 -48.62
CA PHE I 41 9.87 68.20 -48.19
C PHE I 41 9.12 69.48 -47.85
N MET I 42 7.80 69.50 -48.12
CA MET I 42 6.95 70.66 -47.75
C MET I 42 5.58 70.16 -47.28
N ASN I 43 4.85 70.93 -46.47
CA ASN I 43 3.46 70.60 -46.04
C ASN I 43 2.95 69.20 -46.41
N TYR I 44 2.62 68.94 -47.68
CA TYR I 44 2.00 67.69 -48.09
C TYR I 44 2.99 66.54 -48.09
N TRP I 45 2.59 65.40 -48.64
CA TRP I 45 3.39 64.18 -48.60
C TRP I 45 4.22 64.07 -49.86
N SER I 46 5.54 64.03 -49.70
CA SER I 46 6.48 64.01 -50.81
C SER I 46 7.36 62.78 -50.71
N GLU I 47 8.00 62.45 -51.84
CA GLU I 47 8.82 61.25 -52.04
C GLU I 47 7.99 60.00 -51.72
N ILE I 48 6.99 59.75 -52.57
CA ILE I 48 6.01 58.70 -52.33
C ILE I 48 6.46 57.46 -53.09
N SER I 49 6.68 56.36 -52.36
CA SER I 49 7.08 55.09 -52.94
C SER I 49 6.71 53.96 -51.98
N TYR I 50 5.69 53.18 -52.35
CA TYR I 50 5.23 51.98 -51.63
C TYR I 50 4.82 52.32 -50.19
N PHE I 51 3.70 53.05 -50.07
CA PHE I 51 3.06 53.59 -48.86
C PHE I 51 3.99 54.39 -47.94
N LEU I 52 5.13 54.89 -48.43
CA LEU I 52 6.10 55.61 -47.61
C LEU I 52 6.30 57.01 -48.17
N GLY I 53 6.22 58.01 -47.28
CA GLY I 53 6.46 59.39 -47.65
C GLY I 53 6.49 60.23 -46.40
N CYS I 54 6.93 61.48 -46.55
CA CYS I 54 7.02 62.34 -45.39
C CYS I 54 6.66 63.77 -45.76
N ASP I 55 6.20 64.52 -44.76
CA ASP I 55 6.14 65.97 -44.76
C ASP I 55 7.29 66.50 -43.91
N MET I 56 7.28 67.80 -43.61
CA MET I 56 8.34 68.41 -42.82
C MET I 56 8.34 67.91 -41.37
N LEU I 57 7.14 67.64 -40.84
CA LEU I 57 6.98 67.01 -39.52
C LEU I 57 7.69 65.67 -39.44
N SER I 58 7.37 64.79 -40.38
CA SER I 58 7.96 63.46 -40.38
C SER I 58 9.43 63.50 -40.77
N TYR I 59 9.84 64.47 -41.60
CA TYR I 59 11.26 64.64 -41.93
C TYR I 59 12.08 64.98 -40.70
N GLY I 60 11.59 65.94 -39.90
CA GLY I 60 12.27 66.29 -38.67
C GLY I 60 12.28 65.17 -37.65
N LEU I 61 11.20 64.39 -37.58
CA LEU I 61 11.16 63.29 -36.62
C LEU I 61 12.07 62.14 -37.02
N ILE I 62 12.17 61.81 -38.31
CA ILE I 62 13.11 60.79 -38.76
C ILE I 62 14.54 61.25 -38.58
N LEU I 63 14.81 62.53 -38.84
CA LEU I 63 16.16 63.07 -38.65
C LEU I 63 16.56 63.06 -37.19
N LEU I 64 15.63 63.40 -36.29
CA LEU I 64 15.90 63.33 -34.85
C LEU I 64 16.14 61.89 -34.40
N SER I 65 15.33 60.94 -34.88
CA SER I 65 15.49 59.54 -34.48
C SER I 65 16.80 58.94 -34.99
N LEU I 66 17.19 59.30 -36.22
CA LEU I 66 18.47 58.85 -36.77
C LEU I 66 19.64 59.44 -35.99
N TRP I 67 19.55 60.73 -35.61
CA TRP I 67 20.61 61.35 -34.81
C TRP I 67 20.71 60.73 -33.42
N ILE I 68 19.57 60.41 -32.80
CA ILE I 68 19.58 59.83 -31.46
C ILE I 68 20.14 58.40 -31.49
N CYS I 69 19.79 57.64 -32.51
CA CYS I 69 20.26 56.22 -32.51
C CYS I 69 21.76 56.18 -32.79
N SER I 70 22.26 57.00 -33.71
CA SER I 70 23.72 57.03 -33.95
C SER I 70 24.47 57.49 -32.69
N LEU I 71 23.95 58.51 -32.01
CA LEU I 71 24.57 58.98 -30.74
C LEU I 71 24.47 57.83 -29.73
N MET I 72 23.37 57.08 -29.72
CA MET I 72 23.15 55.99 -28.75
C MET I 72 24.25 54.94 -28.92
N LEU I 73 24.61 54.60 -30.16
CA LEU I 73 25.75 53.66 -30.34
C LEU I 73 27.01 54.32 -29.79
N LEU I 74 27.20 55.62 -30.03
CA LEU I 74 28.40 56.34 -29.54
C LEU I 74 28.33 56.40 -28.01
N ALA I 75 27.11 56.50 -27.47
CA ALA I 75 27.01 56.61 -26.02
C ALA I 75 27.32 55.30 -25.33
N SER I 76 26.92 54.18 -25.93
CA SER I 76 27.04 52.86 -25.31
C SER I 76 28.37 52.23 -25.74
N GLU I 77 29.42 52.50 -24.97
CA GLU I 77 30.70 51.85 -25.18
C GLU I 77 30.94 50.73 -24.17
N MET I 78 30.21 50.72 -23.06
CA MET I 78 30.32 49.65 -22.06
C MET I 78 29.85 48.31 -22.61
N ILE I 79 29.02 48.33 -23.65
CA ILE I 79 28.66 47.11 -24.36
C ILE I 79 29.86 46.56 -25.13
N ASN I 80 30.68 47.46 -25.68
CA ASN I 80 31.77 47.03 -26.56
C ASN I 80 32.93 46.44 -25.77
N LYS I 81 33.32 47.08 -24.66
CA LYS I 81 34.52 46.63 -23.96
C LYS I 81 34.26 45.37 -23.15
N HIS I 82 33.05 45.24 -22.61
CA HIS I 82 32.74 44.04 -21.83
C HIS I 82 32.23 42.91 -22.69
N ASN I 83 31.99 43.18 -23.99
CA ASN I 83 31.44 42.24 -24.98
C ASN I 83 30.10 41.69 -24.47
N ASN I 84 29.24 42.61 -24.03
CA ASN I 84 27.97 42.25 -23.39
C ASN I 84 26.88 42.19 -24.45
N TYR I 85 27.00 41.16 -25.31
CA TYR I 85 26.07 40.87 -26.42
C TYR I 85 25.93 42.05 -27.37
N LYS I 86 27.06 42.49 -27.92
CA LYS I 86 27.07 43.68 -28.76
C LYS I 86 26.38 43.43 -30.10
N ASN I 87 26.40 42.18 -30.57
CA ASN I 87 25.72 41.85 -31.82
C ASN I 87 24.20 41.92 -31.66
N LEU I 88 23.69 41.38 -30.55
CA LEU I 88 22.26 41.47 -30.25
C LEU I 88 21.84 42.91 -29.97
N PHE I 89 22.71 43.68 -29.31
CA PHE I 89 22.41 45.08 -29.04
C PHE I 89 22.37 45.91 -30.33
N LEU I 90 23.32 45.66 -31.24
CA LEU I 90 23.35 46.34 -32.53
C LEU I 90 22.15 45.99 -33.38
N LEU I 91 21.74 44.71 -33.36
CA LEU I 91 20.57 44.28 -34.11
C LEU I 91 19.29 44.89 -33.54
N ASN I 92 19.21 45.00 -32.21
CA ASN I 92 18.07 45.65 -31.56
C ASN I 92 17.99 47.14 -31.93
N ILE I 93 19.13 47.82 -31.96
CA ILE I 93 19.16 49.24 -32.32
C ILE I 93 18.76 49.44 -33.78
N ILE I 94 19.26 48.59 -34.69
CA ILE I 94 18.95 48.77 -36.11
C ILE I 94 17.48 48.42 -36.41
N ILE I 95 16.95 47.36 -35.79
CA ILE I 95 15.55 47.00 -35.98
C ILE I 95 14.62 48.07 -35.38
N LEU I 96 14.99 48.62 -34.21
CA LEU I 96 14.18 49.67 -33.61
C LEU I 96 14.26 50.97 -34.41
N LEU I 97 15.39 51.21 -35.07
CA LEU I 97 15.51 52.37 -35.96
C LEU I 97 14.66 52.19 -37.21
N LEU I 98 14.62 50.96 -37.76
CA LEU I 98 13.70 50.65 -38.85
C LEU I 98 12.25 50.85 -38.45
N LEU I 99 11.89 50.41 -37.25
CA LEU I 99 10.50 50.53 -36.80
C LEU I 99 10.12 51.99 -36.54
N LEU I 100 11.06 52.81 -36.06
CA LEU I 100 10.75 54.21 -35.82
C LEU I 100 10.70 55.01 -37.11
N ILE I 101 11.57 54.69 -38.08
CA ILE I 101 11.49 55.30 -39.41
C ILE I 101 10.19 54.89 -40.10
N LEU I 102 9.79 53.63 -39.96
CA LEU I 102 8.57 53.16 -40.60
C LEU I 102 7.31 53.69 -39.93
N THR I 103 7.33 53.94 -38.63
CA THR I 103 6.16 54.57 -38.00
C THR I 103 6.16 56.08 -38.18
N PHE I 104 7.27 56.67 -38.61
CA PHE I 104 7.22 58.09 -38.94
C PHE I 104 6.98 58.34 -40.43
N SER I 105 7.35 57.41 -41.31
CA SER I 105 7.15 57.57 -42.75
C SER I 105 5.77 57.08 -43.22
N SER I 106 4.84 56.87 -42.30
CA SER I 106 3.56 56.24 -42.63
C SER I 106 2.63 57.24 -43.28
N MET I 107 2.15 56.93 -44.49
CA MET I 107 1.11 57.76 -45.10
C MET I 107 -0.27 57.46 -44.55
N SER I 108 -0.50 56.25 -44.06
CA SER I 108 -1.75 55.92 -43.42
C SER I 108 -1.51 55.71 -41.94
N LEU I 109 -2.57 55.88 -41.14
CA LEU I 109 -2.42 55.85 -39.70
C LEU I 109 -2.18 54.45 -39.17
N PHE I 110 -2.56 53.42 -39.94
CA PHE I 110 -2.44 52.08 -39.39
C PHE I 110 -1.00 51.56 -39.44
N MET I 111 -0.18 52.03 -40.41
CA MET I 111 1.24 51.72 -40.30
C MET I 111 1.87 52.42 -39.11
N PHE I 112 1.41 53.63 -38.80
CA PHE I 112 1.88 54.35 -37.62
C PHE I 112 1.55 53.58 -36.35
N TYR I 113 0.32 53.05 -36.25
CA TYR I 113 -0.06 52.23 -35.10
C TYR I 113 0.72 50.92 -35.04
N LEU I 114 0.87 50.24 -36.19
CA LEU I 114 1.48 48.92 -36.22
C LEU I 114 2.96 48.98 -35.87
N PHE I 115 3.71 49.89 -36.50
CA PHE I 115 5.11 50.02 -36.15
C PHE I 115 5.31 50.78 -34.84
N PHE I 116 4.31 51.54 -34.38
CA PHE I 116 4.37 52.17 -33.07
C PHE I 116 4.27 51.13 -31.96
N GLU I 117 3.41 50.11 -32.13
CA GLU I 117 3.40 49.00 -31.19
C GLU I 117 4.56 48.04 -31.41
N SER I 118 5.10 47.97 -32.62
CA SER I 118 6.28 47.15 -32.86
C SER I 118 7.52 47.74 -32.20
N SER I 119 7.58 49.07 -32.07
CA SER I 119 8.72 49.73 -31.44
C SER I 119 8.77 49.54 -29.93
N LEU I 120 7.71 49.04 -29.31
CA LEU I 120 7.73 48.79 -27.88
C LEU I 120 8.58 47.59 -27.50
N ILE I 121 8.79 46.66 -28.44
CA ILE I 121 9.47 45.39 -28.16
C ILE I 121 10.99 45.54 -28.06
N PRO I 122 11.72 46.21 -28.98
CA PRO I 122 13.17 46.36 -28.73
C PRO I 122 13.51 47.30 -27.58
N THR I 123 12.64 48.26 -27.28
CA THR I 123 12.82 49.08 -26.08
C THR I 123 12.66 48.24 -24.81
N LEU I 124 11.68 47.33 -24.81
CA LEU I 124 11.50 46.40 -23.70
C LEU I 124 12.68 45.44 -23.59
N PHE I 125 13.26 45.04 -24.73
CA PHE I 125 14.45 44.21 -24.74
C PHE I 125 15.65 44.95 -24.14
N LEU I 126 15.78 46.24 -24.48
CA LEU I 126 16.86 47.06 -23.91
C LEU I 126 16.71 47.23 -22.41
N ILE I 127 15.47 47.44 -21.95
CA ILE I 127 15.18 47.55 -20.50
C ILE I 127 15.51 46.26 -19.78
N LEU I 128 15.00 45.13 -20.29
CA LEU I 128 15.16 43.86 -19.61
C LEU I 128 16.53 43.24 -19.79
N GLY I 129 17.34 43.72 -20.73
CA GLY I 129 18.62 43.09 -20.96
C GLY I 129 19.84 43.91 -20.57
N TRP I 130 19.78 45.24 -20.71
CA TRP I 130 20.97 46.04 -20.58
C TRP I 130 20.85 47.10 -19.48
N GLY I 131 20.10 46.80 -18.42
CA GLY I 131 20.09 47.61 -17.23
C GLY I 131 21.14 47.14 -16.23
N TYR I 132 21.04 47.66 -15.01
CA TYR I 132 22.01 47.33 -13.98
C TYR I 132 21.39 47.03 -12.61
N GLN I 133 20.08 47.14 -12.44
CA GLN I 133 19.44 47.02 -11.15
C GLN I 133 18.45 45.87 -11.17
N PRO I 134 18.07 45.33 -9.99
CA PRO I 134 17.03 44.28 -9.96
C PRO I 134 15.62 44.75 -10.34
N GLU I 135 15.37 46.05 -10.45
CA GLU I 135 14.05 46.55 -10.82
C GLU I 135 13.91 46.77 -12.32
N ARG I 136 14.66 46.01 -13.14
CA ARG I 136 14.43 45.98 -14.58
C ARG I 136 13.06 45.36 -14.90
N LEU I 137 12.69 44.34 -14.13
CA LEU I 137 11.40 43.66 -14.34
C LEU I 137 10.23 44.55 -13.97
N GLN I 138 10.42 45.47 -13.04
CA GLN I 138 9.37 46.43 -12.73
C GLN I 138 9.28 47.52 -13.79
N ALA I 139 10.35 47.72 -14.56
CA ALA I 139 10.42 48.86 -15.47
C ALA I 139 9.77 48.56 -16.82
N GLY I 140 10.18 47.47 -17.47
CA GLY I 140 9.66 47.15 -18.78
C GLY I 140 8.21 46.69 -18.75
N LEU I 141 7.78 46.12 -17.62
CA LEU I 141 6.38 45.74 -17.47
C LEU I 141 5.48 46.97 -17.32
N TYR I 142 5.94 47.99 -16.59
CA TYR I 142 5.21 49.26 -16.54
C TYR I 142 5.12 49.93 -17.90
N LEU I 143 6.24 49.95 -18.65
CA LEU I 143 6.24 50.54 -19.98
C LEU I 143 5.30 49.81 -20.92
N LEU I 144 5.41 48.47 -20.97
CA LEU I 144 4.60 47.65 -21.86
C LEU I 144 3.11 47.73 -21.51
N PHE I 145 2.77 47.66 -20.22
CA PHE I 145 1.36 47.62 -19.87
C PHE I 145 0.70 49.00 -19.86
N TYR I 146 1.40 50.06 -19.41
CA TYR I 146 0.88 51.41 -19.55
C TYR I 146 0.74 51.83 -21.00
N THR I 147 1.59 51.34 -21.90
CA THR I 147 1.35 51.63 -23.31
C THR I 147 0.18 50.80 -23.85
N LEU I 148 0.14 49.50 -23.55
CA LEU I 148 -0.78 48.59 -24.21
C LEU I 148 -2.22 48.76 -23.74
N LEU I 149 -2.42 49.11 -22.46
CA LEU I 149 -3.77 49.22 -21.89
C LEU I 149 -4.57 50.34 -22.53
N VAL I 150 -3.90 51.40 -22.99
CA VAL I 150 -4.58 52.47 -23.69
C VAL I 150 -4.39 52.37 -25.20
N SER I 151 -3.38 51.66 -25.69
CA SER I 151 -3.19 51.54 -27.13
C SER I 151 -4.01 50.41 -27.75
N LEU I 152 -4.61 49.54 -26.94
CA LEU I 152 -5.47 48.51 -27.51
C LEU I 152 -6.89 48.99 -27.89
N PRO I 153 -7.60 49.84 -27.13
CA PRO I 153 -8.87 50.38 -27.68
C PRO I 153 -8.69 51.39 -28.81
N MET I 154 -7.49 51.93 -29.00
CA MET I 154 -7.28 52.85 -30.12
C MET I 154 -7.27 52.09 -31.44
N LEU I 155 -6.98 50.78 -31.42
CA LEU I 155 -7.18 49.93 -32.59
C LEU I 155 -8.66 49.82 -32.97
N ILE I 156 -9.54 49.72 -31.97
CA ILE I 156 -10.98 49.73 -32.22
C ILE I 156 -11.41 51.07 -32.78
N GLY I 157 -10.81 52.16 -32.26
CA GLY I 157 -11.07 53.48 -32.83
C GLY I 157 -10.62 53.61 -34.28
N ILE I 158 -9.45 53.03 -34.60
CA ILE I 158 -8.89 53.05 -35.95
C ILE I 158 -9.80 52.31 -36.93
N PHE I 159 -10.30 51.15 -36.51
CA PHE I 159 -11.23 50.44 -37.37
C PHE I 159 -12.61 51.09 -37.41
N TYR I 160 -12.94 51.88 -36.40
CA TYR I 160 -14.22 52.63 -36.47
C TYR I 160 -14.03 53.76 -37.47
N VAL I 161 -12.91 54.47 -37.40
CA VAL I 161 -12.63 55.54 -38.40
C VAL I 161 -12.55 54.90 -39.78
N MET I 162 -11.90 53.74 -39.92
CA MET I 162 -11.77 53.17 -41.27
C MET I 162 -13.16 52.83 -41.82
N ASN I 163 -14.03 52.24 -41.01
CA ASN I 163 -15.34 51.87 -41.61
C ASN I 163 -16.06 53.15 -42.03
N LYS I 164 -16.03 54.19 -41.18
CA LYS I 164 -16.75 55.46 -41.48
C LYS I 164 -16.18 56.14 -42.71
N ILE I 165 -14.86 56.15 -42.87
CA ILE I 165 -14.22 56.90 -43.99
C ILE I 165 -13.85 55.91 -45.09
N GLY I 166 -13.38 54.72 -44.71
CA GLY I 166 -12.95 53.80 -45.73
C GLY I 166 -11.47 53.81 -46.04
N SER I 167 -10.71 54.73 -45.45
CA SER I 167 -9.27 54.78 -45.67
C SER I 167 -8.59 55.37 -44.44
N MET I 168 -7.31 55.08 -44.32
CA MET I 168 -6.49 55.58 -43.22
C MET I 168 -5.53 56.69 -43.62
N ASN I 169 -5.58 57.14 -44.88
CA ASN I 169 -4.67 58.17 -45.36
C ASN I 169 -4.94 59.50 -44.66
N PHE I 170 -3.86 60.19 -44.30
CA PHE I 170 -3.96 61.35 -43.43
C PHE I 170 -4.59 62.56 -44.11
N TYR I 171 -4.60 62.63 -45.44
CA TYR I 171 -5.27 63.74 -46.09
C TYR I 171 -6.75 63.46 -46.30
N LEU I 172 -7.11 62.21 -46.61
CA LEU I 172 -8.51 61.88 -46.82
C LEU I 172 -9.26 61.85 -45.49
N MET I 173 -8.56 61.62 -44.39
CA MET I 173 -9.16 61.68 -43.07
C MET I 173 -9.26 63.10 -42.54
N ASN I 174 -8.57 64.06 -43.17
CA ASN I 174 -8.67 65.45 -42.76
C ASN I 174 -10.00 66.08 -43.12
N ASN I 175 -10.69 65.56 -44.14
CA ASN I 175 -11.95 66.15 -44.58
C ASN I 175 -13.08 65.88 -43.60
N PHE I 176 -13.09 64.70 -42.98
CA PHE I 176 -14.18 64.33 -42.11
C PHE I 176 -13.97 64.87 -40.70
N MET I 177 -15.04 64.85 -39.92
CA MET I 177 -14.98 65.23 -38.52
C MET I 177 -16.05 64.46 -37.77
N PHE I 178 -15.77 64.15 -36.49
CA PHE I 178 -16.57 63.22 -35.73
C PHE I 178 -17.01 63.84 -34.40
N ASN I 179 -18.22 63.49 -33.98
CA ASN I 179 -18.83 64.00 -32.77
C ASN I 179 -19.13 62.88 -31.79
N TYR I 180 -18.18 61.96 -31.62
CA TYR I 180 -18.31 60.83 -30.72
C TYR I 180 -17.32 60.98 -29.57
N ASP I 181 -17.81 60.81 -28.34
CA ASP I 181 -16.96 61.00 -27.17
C ASP I 181 -15.98 59.86 -27.00
N LEU I 182 -16.45 58.62 -27.15
CA LEU I 182 -15.61 57.46 -26.89
C LEU I 182 -14.57 57.25 -27.99
N LEU I 183 -14.88 57.65 -29.22
CA LEU I 183 -13.89 57.65 -30.29
C LEU I 183 -12.77 58.64 -29.99
N TYR I 184 -13.14 59.81 -29.45
CA TYR I 184 -12.16 60.81 -29.03
C TYR I 184 -11.29 60.28 -27.89
N PHE I 185 -11.89 59.59 -26.93
CA PHE I 185 -11.13 59.07 -25.79
C PHE I 185 -10.20 57.93 -26.20
N CYS I 186 -10.63 57.07 -27.13
CA CYS I 186 -9.73 56.04 -27.65
C CYS I 186 -8.59 56.64 -28.46
N LEU I 187 -8.88 57.58 -29.35
CA LEU I 187 -7.81 58.15 -30.16
C LEU I 187 -6.93 59.13 -29.41
N LEU I 188 -7.31 59.54 -28.20
CA LEU I 188 -6.47 60.43 -27.41
C LEU I 188 -5.76 59.80 -26.24
N CYS I 189 -6.36 58.82 -25.53
CA CYS I 189 -5.79 58.34 -24.27
C CYS I 189 -4.49 57.58 -24.47
N ALA I 190 -4.31 56.93 -25.63
CA ALA I 190 -3.05 56.26 -25.90
C ALA I 190 -1.89 57.24 -26.07
N PHE I 191 -2.13 58.36 -26.74
CA PHE I 191 -1.10 59.39 -26.86
C PHE I 191 -0.95 60.19 -25.58
N LEU I 192 -2.03 60.31 -24.80
CA LEU I 192 -1.99 60.98 -23.50
C LEU I 192 -1.24 60.16 -22.46
N VAL I 193 -1.13 58.85 -22.63
CA VAL I 193 -0.29 58.07 -21.73
C VAL I 193 1.12 57.88 -22.31
N LYS I 194 1.22 57.71 -23.64
CA LYS I 194 2.52 57.46 -24.28
C LYS I 194 3.46 58.65 -24.16
N MET I 195 2.95 59.87 -24.32
CA MET I 195 3.69 61.04 -23.87
C MET I 195 3.06 61.42 -22.54
N PRO I 196 3.84 61.58 -21.47
CA PRO I 196 3.26 61.49 -20.11
C PRO I 196 2.49 62.75 -19.71
N MET I 197 1.19 62.59 -19.53
CA MET I 197 0.35 63.48 -18.73
C MET I 197 0.69 63.24 -17.26
N PHE I 198 0.39 64.24 -16.40
CA PHE I 198 0.71 64.16 -14.98
C PHE I 198 -0.01 63.01 -14.28
N LEU I 199 -1.27 62.73 -14.64
CA LEU I 199 -1.96 61.64 -13.96
C LEU I 199 -1.50 60.26 -14.42
N VAL I 200 -0.83 60.15 -15.57
CA VAL I 200 -0.49 58.81 -16.12
C VAL I 200 1.02 58.65 -16.34
N HIS I 201 1.83 59.56 -15.81
CA HIS I 201 3.30 59.53 -16.01
C HIS I 201 3.94 58.27 -15.41
N LEU I 202 3.52 57.83 -14.24
CA LEU I 202 4.15 56.70 -13.49
C LEU I 202 5.19 55.90 -14.29
N TRP I 203 4.87 55.38 -15.47
CA TRP I 203 5.83 54.49 -16.11
C TRP I 203 7.13 55.18 -16.49
N LEU I 204 7.13 56.52 -16.61
CA LEU I 204 8.32 57.21 -17.12
C LEU I 204 9.54 57.17 -16.19
N PRO I 205 9.47 57.52 -14.88
CA PRO I 205 10.71 57.45 -14.10
C PRO I 205 11.16 56.03 -13.81
N LYS I 206 10.21 55.09 -13.70
CA LYS I 206 10.55 53.68 -13.57
C LYS I 206 11.24 53.17 -14.83
N ALA I 207 10.80 53.59 -16.01
CA ALA I 207 11.47 53.16 -17.24
C ALA I 207 12.80 53.89 -17.45
N HIS I 208 12.96 55.07 -16.89
CA HIS I 208 14.16 55.85 -17.14
C HIS I 208 15.31 55.53 -16.19
N VAL I 209 15.01 55.39 -14.90
CA VAL I 209 16.10 55.14 -13.92
C VAL I 209 16.69 53.75 -14.21
N GLU I 210 15.86 52.73 -14.36
CA GLU I 210 16.31 51.33 -14.65
C GLU I 210 17.02 51.21 -15.99
N ALA I 211 16.59 51.92 -17.02
CA ALA I 211 17.10 51.75 -18.40
C ALA I 211 18.57 52.10 -18.60
N PRO I 212 19.27 51.41 -19.51
CA PRO I 212 20.65 51.73 -19.86
C PRO I 212 20.67 53.04 -20.65
N VAL I 213 21.81 53.74 -20.76
CA VAL I 213 21.76 55.05 -21.47
C VAL I 213 21.28 54.76 -22.88
N SER I 214 21.75 53.68 -23.50
CA SER I 214 21.18 53.26 -24.81
C SER I 214 19.87 52.55 -24.47
N GLY I 215 18.81 53.30 -24.19
CA GLY I 215 17.55 52.77 -23.70
C GLY I 215 16.82 53.81 -22.91
N SER I 216 17.57 54.68 -22.23
CA SER I 216 17.01 55.91 -21.68
C SER I 216 16.99 57.03 -22.70
N MET I 217 17.96 57.06 -23.63
CA MET I 217 17.95 58.12 -24.63
C MET I 217 16.85 57.91 -25.66
N ILE I 218 16.46 56.64 -25.91
CA ILE I 218 15.41 56.39 -26.89
C ILE I 218 14.04 56.55 -26.23
N LEU I 219 14.02 56.64 -24.90
CA LEU I 219 12.78 56.97 -24.22
C LEU I 219 12.66 58.47 -23.99
N ALA I 220 13.79 59.17 -23.88
CA ALA I 220 13.73 60.61 -23.64
C ALA I 220 13.72 61.40 -24.95
N GLY I 221 14.67 61.13 -25.83
CA GLY I 221 14.78 61.88 -27.07
C GLY I 221 13.64 61.62 -28.04
N ILE I 222 13.24 60.36 -28.18
CA ILE I 222 12.10 59.96 -28.99
C ILE I 222 11.25 59.02 -28.14
N MET I 223 10.20 58.46 -28.76
CA MET I 223 9.21 57.52 -28.20
C MET I 223 8.31 58.12 -27.11
N LEU I 224 8.59 59.35 -26.68
CA LEU I 224 7.55 60.22 -26.16
C LEU I 224 7.03 61.10 -27.29
N LYS I 225 7.82 61.20 -28.37
CA LYS I 225 7.42 61.99 -29.52
C LYS I 225 6.46 61.23 -30.42
N LEU I 226 6.35 59.91 -30.20
CA LEU I 226 5.28 59.14 -30.83
C LEU I 226 3.92 59.59 -30.34
N GLY I 227 3.80 59.84 -29.04
CA GLY I 227 2.56 60.34 -28.46
C GLY I 227 2.27 61.81 -28.72
N GLY I 228 3.21 62.53 -29.32
CA GLY I 228 2.92 63.87 -29.77
C GLY I 228 2.60 63.89 -31.25
N TYR I 229 3.34 63.08 -32.02
CA TYR I 229 3.10 62.95 -33.45
C TYR I 229 1.75 62.30 -33.73
N GLY I 230 1.32 61.40 -32.85
CA GLY I 230 -0.01 60.84 -32.97
C GLY I 230 -1.11 61.85 -32.79
N MET I 231 -0.94 62.79 -31.85
CA MET I 231 -1.94 63.84 -31.73
C MET I 231 -1.85 64.84 -32.87
N LEU I 232 -0.64 65.10 -33.37
CA LEU I 232 -0.47 65.96 -34.54
C LEU I 232 -1.15 65.37 -35.78
N ARG I 233 -1.31 64.05 -35.83
CA ARG I 233 -2.11 63.43 -36.87
C ARG I 233 -3.60 63.36 -36.53
N VAL I 234 -3.97 63.15 -35.27
CA VAL I 234 -5.34 62.80 -34.90
C VAL I 234 -6.22 64.02 -34.65
N ILE I 235 -5.71 65.09 -34.04
CA ILE I 235 -6.52 66.27 -33.67
C ILE I 235 -7.06 67.04 -34.89
N SER I 236 -6.54 66.75 -36.09
CA SER I 236 -7.03 67.37 -37.33
C SER I 236 -8.50 67.03 -37.63
N PHE I 237 -8.95 65.83 -37.29
CA PHE I 237 -10.33 65.43 -37.59
C PHE I 237 -11.20 65.30 -36.34
N LEU I 238 -10.70 65.68 -35.17
CA LEU I 238 -11.48 65.64 -33.94
C LEU I 238 -11.46 66.99 -33.25
N GLN I 239 -11.71 68.06 -34.03
CA GLN I 239 -11.57 69.41 -33.49
C GLN I 239 -12.75 69.77 -32.58
N LEU I 240 -13.96 69.30 -32.91
CA LEU I 240 -15.13 69.68 -32.12
C LEU I 240 -15.14 68.99 -30.75
N MET I 241 -14.81 67.69 -30.72
CA MET I 241 -14.66 67.00 -29.44
C MET I 241 -13.47 67.50 -28.66
N ASN I 242 -12.42 67.98 -29.34
CA ASN I 242 -11.32 68.60 -28.63
C ASN I 242 -11.73 69.93 -28.00
N LEU I 243 -12.57 70.71 -28.68
CA LEU I 243 -13.07 71.93 -28.03
C LEU I 243 -14.05 71.63 -26.92
N LYS I 244 -14.72 70.48 -26.99
CA LYS I 244 -15.57 70.06 -25.88
C LYS I 244 -14.74 69.63 -24.67
N TYR I 245 -13.62 68.94 -24.89
CA TYR I 245 -12.93 68.26 -23.79
C TYR I 245 -11.46 68.67 -23.64
N SER I 246 -11.04 69.83 -24.14
CA SER I 246 -9.64 70.22 -23.99
C SER I 246 -9.34 70.67 -22.57
N PHE I 247 -10.28 71.37 -21.93
CA PHE I 247 -10.00 72.15 -20.72
C PHE I 247 -9.57 71.28 -19.55
N VAL I 248 -10.06 70.04 -19.48
CA VAL I 248 -9.61 69.12 -18.45
C VAL I 248 -8.16 68.69 -18.68
N TRP I 249 -7.77 68.46 -19.95
CA TRP I 249 -6.39 68.06 -20.22
C TRP I 249 -5.44 69.24 -20.09
N ILE I 250 -5.87 70.43 -20.47
CA ILE I 250 -5.04 71.63 -20.31
C ILE I 250 -4.85 71.95 -18.84
N SER I 251 -5.91 71.80 -18.03
CA SER I 251 -5.81 72.05 -16.60
C SER I 251 -4.92 71.02 -15.91
N ILE I 252 -5.04 69.74 -16.28
CA ILE I 252 -4.19 68.70 -15.72
C ILE I 252 -2.74 68.89 -16.15
N SER I 253 -2.53 69.23 -17.43
CA SER I 253 -1.17 69.32 -17.96
C SER I 253 -0.53 70.67 -17.64
N LEU I 254 -1.28 71.59 -17.03
CA LEU I 254 -0.67 72.82 -16.57
C LEU I 254 -0.50 72.82 -15.05
N VAL I 255 -1.34 72.09 -14.32
CA VAL I 255 -1.09 71.89 -12.89
C VAL I 255 0.09 70.93 -12.70
N GLY I 256 0.08 69.80 -13.39
CA GLY I 256 1.30 69.05 -13.58
C GLY I 256 2.26 69.83 -14.47
N GLY I 257 3.54 69.71 -14.16
CA GLY I 257 4.51 70.64 -14.67
C GLY I 257 4.77 71.80 -13.73
N VAL I 258 3.85 72.09 -12.82
CA VAL I 258 4.14 72.83 -11.61
C VAL I 258 4.35 71.89 -10.44
N LEU I 259 3.41 70.95 -10.26
CA LEU I 259 3.60 69.90 -9.26
C LEU I 259 4.78 69.01 -9.60
N VAL I 260 4.94 68.68 -10.89
CA VAL I 260 6.08 67.89 -11.35
C VAL I 260 7.38 68.66 -11.16
N SER I 261 7.33 69.98 -11.37
CA SER I 261 8.52 70.80 -11.15
C SER I 261 8.86 70.92 -9.67
N LEU I 262 7.85 70.88 -8.81
CA LEU I 262 8.11 70.86 -7.37
C LEU I 262 8.56 69.49 -6.89
N VAL I 263 8.30 68.44 -7.69
CA VAL I 263 8.77 67.10 -7.36
C VAL I 263 10.29 67.02 -7.52
N CYS I 264 10.82 67.60 -8.59
CA CYS I 264 12.25 67.50 -8.89
C CYS I 264 13.11 68.25 -7.89
N LEU I 265 12.54 69.25 -7.21
CA LEU I 265 13.27 69.95 -6.16
C LEU I 265 13.43 69.07 -4.93
N ARG I 266 12.58 68.07 -4.75
CA ARG I 266 12.61 67.17 -3.60
C ARG I 266 13.01 65.75 -3.98
N GLN I 267 13.90 65.60 -4.97
CA GLN I 267 14.43 64.29 -5.33
C GLN I 267 15.94 64.32 -5.42
N THR I 268 16.56 63.19 -5.12
CA THR I 268 18.01 63.07 -5.04
C THR I 268 18.62 62.27 -6.17
N ASP I 269 17.83 61.53 -6.94
CA ASP I 269 18.38 60.71 -8.01
C ASP I 269 18.59 61.56 -9.26
N LEU I 270 19.76 61.41 -9.87
CA LEU I 270 20.09 62.22 -11.04
C LEU I 270 19.28 61.82 -12.27
N LYS I 271 19.11 60.51 -12.48
CA LYS I 271 18.36 60.04 -13.64
C LYS I 271 16.86 60.22 -13.46
N ALA I 272 16.36 60.23 -12.22
CA ALA I 272 14.94 60.44 -11.99
C ALA I 272 14.54 61.90 -12.16
N LEU I 273 15.48 62.83 -11.93
CA LEU I 273 15.11 64.25 -12.02
C LEU I 273 14.96 64.65 -13.49
N ILE I 274 15.81 64.12 -14.37
CA ILE I 274 15.63 64.31 -15.80
C ILE I 274 14.40 63.56 -16.31
N ALA I 275 14.08 62.43 -15.66
CA ALA I 275 12.87 61.68 -16.01
C ALA I 275 11.61 62.47 -15.72
N TYR I 276 11.58 63.18 -14.59
CA TYR I 276 10.48 64.09 -14.34
C TYR I 276 10.61 65.39 -15.13
N SER I 277 11.81 65.74 -15.59
CA SER I 277 11.98 66.90 -16.46
C SER I 277 11.38 66.65 -17.84
N SER I 278 11.36 65.40 -18.27
CA SER I 278 10.67 65.06 -19.53
C SER I 278 9.16 65.24 -19.42
N VAL I 279 8.60 65.12 -18.20
CA VAL I 279 7.17 65.30 -18.00
C VAL I 279 6.78 66.77 -18.11
N ALA I 280 7.61 67.66 -17.54
CA ALA I 280 7.22 69.06 -17.37
C ALA I 280 7.23 69.82 -18.70
N HIS I 281 8.27 69.63 -19.52
CA HIS I 281 8.34 70.33 -20.79
C HIS I 281 7.38 69.74 -21.81
N MET I 282 7.15 68.43 -21.77
CA MET I 282 6.12 67.92 -22.65
C MET I 282 4.74 68.04 -22.05
N GLY I 283 4.63 68.48 -20.80
CA GLY I 283 3.39 69.08 -20.33
C GLY I 283 3.07 70.37 -21.08
N ILE I 284 4.09 71.18 -21.37
CA ILE I 284 3.91 72.38 -22.20
C ILE I 284 3.53 71.97 -23.62
N VAL I 285 4.17 70.91 -24.13
CA VAL I 285 3.87 70.41 -25.49
C VAL I 285 2.43 69.90 -25.57
N LEU I 286 1.99 69.14 -24.56
CA LEU I 286 0.63 68.62 -24.51
C LEU I 286 -0.40 69.72 -24.33
N SER I 287 -0.06 70.77 -23.56
CA SER I 287 -0.96 71.90 -23.43
C SER I 287 -1.06 72.68 -24.74
N GLY I 288 0.05 72.80 -25.47
CA GLY I 288 0.03 73.52 -26.72
C GLY I 288 -0.58 72.77 -27.89
N LEU I 289 -0.63 71.44 -27.81
CA LEU I 289 -1.25 70.67 -28.90
C LEU I 289 -2.76 70.81 -28.91
N LEU I 290 -3.39 70.74 -27.74
CA LEU I 290 -4.84 70.68 -27.67
C LEU I 290 -5.49 72.05 -27.80
N THR I 291 -4.71 73.12 -27.82
CA THR I 291 -5.11 74.36 -28.45
C THR I 291 -4.71 74.27 -29.91
N MET I 292 -5.68 74.36 -30.82
CA MET I 292 -5.44 74.04 -32.22
C MET I 292 -4.94 75.23 -33.03
N THR I 293 -4.28 76.18 -32.38
CA THR I 293 -3.73 77.32 -33.09
C THR I 293 -2.51 76.91 -33.91
N TYR I 294 -2.21 77.74 -34.91
CA TYR I 294 -1.12 77.47 -35.84
C TYR I 294 0.23 77.60 -35.16
N TRP I 295 0.38 78.64 -34.32
CA TRP I 295 1.56 78.81 -33.49
C TRP I 295 1.70 77.70 -32.46
N GLY I 296 0.58 77.18 -31.97
CA GLY I 296 0.64 76.07 -31.01
C GLY I 296 1.21 74.80 -31.62
N LEU I 297 0.77 74.45 -32.83
CA LEU I 297 1.30 73.27 -33.51
C LEU I 297 2.76 73.46 -33.92
N CYS I 298 3.11 74.64 -34.43
CA CYS I 298 4.47 74.90 -34.88
C CYS I 298 5.46 74.91 -33.71
N GLY I 299 5.13 75.62 -32.64
CA GLY I 299 5.98 75.63 -31.47
C GLY I 299 5.98 74.33 -30.71
N SER I 300 4.89 73.55 -30.83
CA SER I 300 4.87 72.23 -30.23
C SER I 300 5.85 71.30 -30.92
N TYR I 301 5.85 71.29 -32.26
CA TYR I 301 6.81 70.47 -33.02
C TYR I 301 8.26 70.91 -32.76
N THR I 302 8.48 72.23 -32.66
CA THR I 302 9.80 72.76 -32.33
C THR I 302 10.27 72.29 -30.95
N LEU I 303 9.38 72.33 -29.95
CA LEU I 303 9.81 71.93 -28.62
C LEU I 303 9.91 70.40 -28.50
N MET I 304 9.15 69.63 -29.30
CA MET I 304 9.37 68.18 -29.40
C MET I 304 10.78 67.84 -29.88
N ILE I 305 11.21 68.45 -30.99
CA ILE I 305 12.53 68.16 -31.54
C ILE I 305 13.64 68.64 -30.60
N ALA I 306 13.52 69.88 -30.12
CA ALA I 306 14.58 70.45 -29.29
C ALA I 306 14.61 69.85 -27.89
N HIS I 307 13.45 69.54 -27.32
CA HIS I 307 13.40 68.89 -26.01
C HIS I 307 13.89 67.46 -26.08
N GLY I 308 13.65 66.77 -27.20
CA GLY I 308 14.24 65.46 -27.38
C GLY I 308 15.76 65.50 -27.42
N LEU I 309 16.31 66.49 -28.14
CA LEU I 309 17.77 66.65 -28.20
C LEU I 309 18.36 66.98 -26.83
N CYS I 310 17.75 67.92 -26.09
CA CYS I 310 18.36 68.30 -24.81
C CYS I 310 18.13 67.27 -23.72
N SER I 311 17.01 66.53 -23.75
CA SER I 311 16.78 65.50 -22.76
C SER I 311 17.67 64.29 -22.99
N SER I 312 17.90 63.91 -24.25
CA SER I 312 18.89 62.87 -24.54
C SER I 312 20.29 63.32 -24.18
N GLY I 313 20.61 64.60 -24.40
CA GLY I 313 21.90 65.13 -23.96
C GLY I 313 22.05 65.15 -22.45
N LEU I 314 20.97 65.43 -21.73
CA LEU I 314 21.04 65.43 -20.26
C LEU I 314 21.15 64.01 -19.72
N PHE I 315 20.51 63.04 -20.37
CA PHE I 315 20.70 61.65 -19.99
C PHE I 315 22.05 61.09 -20.43
N CYS I 316 22.74 61.76 -21.36
CA CYS I 316 24.13 61.43 -21.62
C CYS I 316 25.02 61.77 -20.44
N LEU I 317 24.78 62.91 -19.78
CA LEU I 317 25.63 63.32 -18.67
C LEU I 317 25.41 62.46 -17.43
N ALA I 318 24.20 61.91 -17.27
CA ALA I 318 23.87 61.14 -16.08
C ALA I 318 24.46 59.74 -16.08
N ASN I 319 25.03 59.29 -17.21
CA ASN I 319 25.71 58.00 -17.27
C ASN I 319 27.22 58.12 -17.29
N VAL I 320 27.75 59.28 -17.64
CA VAL I 320 29.18 59.51 -17.55
C VAL I 320 29.63 59.55 -16.09
N SER I 321 28.89 60.28 -15.26
CA SER I 321 29.17 60.33 -13.83
C SER I 321 28.72 59.07 -13.10
N TYR I 322 27.81 58.29 -13.68
CA TYR I 322 27.37 57.07 -13.02
C TYR I 322 28.43 55.97 -13.10
N GLU I 323 29.07 55.83 -14.26
CA GLU I 323 30.05 54.78 -14.44
C GLU I 323 31.38 55.09 -13.76
N ARG I 324 31.59 56.34 -13.35
CA ARG I 324 32.80 56.72 -12.64
C ARG I 324 32.61 56.71 -11.12
N LEU I 325 31.41 57.00 -10.65
CA LEU I 325 31.13 57.04 -9.22
C LEU I 325 30.38 55.81 -8.71
N GLY I 326 30.11 54.83 -9.57
CA GLY I 326 29.48 53.59 -9.17
C GLY I 326 27.97 53.62 -9.06
N SER I 327 27.43 54.65 -8.40
CA SER I 327 25.99 54.85 -8.28
C SER I 327 25.73 56.35 -8.30
N ARG I 328 24.62 56.74 -8.92
CA ARG I 328 24.30 58.16 -9.06
C ARG I 328 23.30 58.58 -7.99
N SER I 329 23.50 59.79 -7.48
CA SER I 329 22.58 60.48 -6.59
C SER I 329 23.00 61.94 -6.59
N MET I 330 22.27 62.77 -5.85
CA MET I 330 22.79 64.09 -5.58
C MET I 330 23.89 64.05 -4.53
N LEU I 331 23.81 63.12 -3.58
CA LEU I 331 24.73 63.12 -2.45
C LEU I 331 26.12 62.61 -2.85
N ILE I 332 26.17 61.55 -3.66
CA ILE I 332 27.46 61.04 -4.13
C ILE I 332 28.07 61.99 -5.16
N ASN I 333 27.27 62.46 -6.11
CA ASN I 333 27.77 63.26 -7.23
C ASN I 333 27.84 64.75 -6.93
N LYS I 334 27.97 65.14 -5.66
CA LYS I 334 28.01 66.55 -5.31
C LYS I 334 29.34 67.18 -5.71
N GLY I 335 29.27 68.20 -6.56
CA GLY I 335 30.44 68.98 -6.91
C GLY I 335 31.45 68.26 -7.76
N LEU I 336 31.11 67.95 -9.01
CA LEU I 336 32.02 67.26 -9.91
C LEU I 336 32.85 68.22 -10.75
N LEU I 337 32.83 69.51 -10.45
CA LEU I 337 33.66 70.48 -11.15
C LEU I 337 35.14 70.28 -10.81
N ASN I 338 35.45 69.92 -9.57
CA ASN I 338 36.84 69.69 -9.18
C ASN I 338 37.36 68.34 -9.66
N PHE I 339 36.46 67.44 -10.06
CA PHE I 339 36.89 66.15 -10.60
C PHE I 339 37.04 66.21 -12.12
N MET I 340 35.97 66.63 -12.81
CA MET I 340 35.95 66.76 -14.26
C MET I 340 35.62 68.22 -14.59
N PRO I 341 36.61 69.08 -14.78
CA PRO I 341 36.30 70.50 -15.05
C PRO I 341 35.81 70.73 -16.47
N SER I 342 36.28 69.97 -17.45
CA SER I 342 35.85 70.13 -18.82
C SER I 342 34.48 69.53 -19.09
N MET I 343 34.02 68.59 -18.25
CA MET I 343 32.68 68.05 -18.40
C MET I 343 31.62 69.05 -17.93
N THR I 344 32.01 69.96 -17.03
CA THR I 344 31.10 70.94 -16.44
C THR I 344 30.59 71.95 -17.47
N LEU I 345 31.37 72.23 -18.52
CA LEU I 345 30.92 73.10 -19.60
C LEU I 345 29.72 72.50 -20.33
N TRP I 346 29.77 71.20 -20.65
CA TRP I 346 28.64 70.55 -21.29
C TRP I 346 27.49 70.34 -20.32
N TRP I 347 27.81 70.20 -19.03
CA TRP I 347 26.81 70.07 -17.99
C TRP I 347 25.93 71.32 -17.92
N PHE I 348 26.54 72.49 -17.92
CA PHE I 348 25.78 73.74 -17.95
C PHE I 348 25.18 74.03 -19.32
N LEU I 349 25.87 73.67 -20.39
CA LEU I 349 25.35 73.95 -21.73
C LEU I 349 24.16 73.07 -22.09
N LEU I 350 23.97 71.95 -21.41
CA LEU I 350 22.78 71.13 -21.62
C LEU I 350 21.76 71.24 -20.50
N SER I 351 22.17 71.63 -19.28
CA SER I 351 21.19 71.90 -18.24
C SER I 351 20.52 73.25 -18.44
N SER I 352 21.26 74.21 -19.01
CA SER I 352 20.64 75.48 -19.41
C SER I 352 19.73 75.27 -20.60
N ALA I 353 20.02 74.27 -21.44
CA ALA I 353 19.17 73.97 -22.57
C ALA I 353 17.85 73.36 -22.11
N ASN I 354 17.82 72.75 -20.93
CA ASN I 354 16.58 72.20 -20.40
C ASN I 354 15.60 73.31 -20.02
N MET I 355 16.10 74.41 -19.48
CA MET I 355 15.30 75.61 -19.38
C MET I 355 15.45 76.44 -20.65
N ALA I 356 15.03 77.71 -20.57
CA ALA I 356 15.18 78.61 -21.69
C ALA I 356 16.63 79.04 -21.86
N ALA I 357 17.33 78.42 -22.79
CA ALA I 357 18.67 78.82 -23.17
C ALA I 357 18.59 79.73 -24.38
N PRO I 358 19.33 80.83 -24.40
CA PRO I 358 19.02 81.96 -25.29
C PRO I 358 19.22 81.69 -26.79
N PRO I 359 20.32 81.12 -27.28
CA PRO I 359 20.35 80.85 -28.73
C PRO I 359 19.94 79.44 -29.15
N THR I 360 19.35 78.64 -28.26
CA THR I 360 18.96 77.28 -28.60
C THR I 360 17.54 77.23 -29.16
N LEU I 361 17.18 76.04 -29.64
CA LEU I 361 15.85 75.82 -30.19
C LEU I 361 14.83 75.52 -29.10
N ASN I 362 15.28 75.23 -27.88
CA ASN I 362 14.39 75.05 -26.72
C ASN I 362 13.64 76.33 -26.40
N LEU I 363 14.34 77.48 -26.43
CA LEU I 363 13.68 78.75 -26.18
C LEU I 363 12.69 79.08 -27.27
N LEU I 364 13.05 78.83 -28.53
CA LEU I 364 12.18 79.15 -29.65
C LEU I 364 10.94 78.25 -29.66
N GLY I 365 11.08 77.00 -29.22
CA GLY I 365 9.91 76.18 -28.99
C GLY I 365 9.07 76.67 -27.81
N GLU I 366 9.73 77.13 -26.76
CA GLU I 366 9.02 77.54 -25.55
C GLU I 366 8.38 78.92 -25.72
N ILE I 367 9.01 79.82 -26.50
CA ILE I 367 8.48 81.18 -26.66
C ILE I 367 7.23 81.19 -27.52
N SER I 368 7.01 80.17 -28.35
CA SER I 368 5.83 80.10 -29.19
C SER I 368 4.78 79.13 -28.66
N LEU I 369 5.15 78.23 -27.75
CA LEU I 369 4.14 77.43 -27.06
C LEU I 369 3.47 78.21 -25.93
N LEU I 370 4.16 79.18 -25.35
CA LEU I 370 3.51 80.05 -24.38
C LEU I 370 2.51 80.99 -25.05
N ASN I 371 2.74 81.31 -26.32
CA ASN I 371 1.85 82.19 -27.08
C ASN I 371 0.45 81.60 -27.22
N SER I 372 0.38 80.30 -27.52
CA SER I 372 -0.90 79.64 -27.70
C SER I 372 -1.65 79.49 -26.38
N ILE I 373 -0.94 79.27 -25.29
CA ILE I 373 -1.59 79.09 -23.99
C ILE I 373 -2.10 80.43 -23.46
N VAL I 374 -1.32 81.51 -23.67
CA VAL I 374 -1.76 82.85 -23.29
C VAL I 374 -2.92 83.32 -24.17
N SER I 375 -2.89 83.00 -25.46
CA SER I 375 -3.99 83.39 -26.34
C SER I 375 -5.21 82.51 -26.12
N TRP I 376 -5.03 81.35 -25.51
CA TRP I 376 -6.16 80.46 -25.21
C TRP I 376 -7.03 81.04 -24.11
N SER I 377 -6.41 81.48 -23.01
CA SER I 377 -7.11 82.07 -21.87
C SER I 377 -6.12 82.85 -21.03
N TRP I 378 -6.63 83.82 -20.26
CA TRP I 378 -5.75 84.57 -19.37
C TRP I 378 -5.64 83.96 -17.97
N ILE I 379 -6.46 82.97 -17.65
CA ILE I 379 -6.40 82.26 -16.38
C ILE I 379 -5.13 81.42 -16.33
N SER I 380 -4.66 80.97 -17.50
CA SER I 380 -3.50 80.11 -17.61
C SER I 380 -2.17 80.84 -17.36
N MET I 381 -2.19 82.16 -17.19
CA MET I 381 -0.98 82.95 -16.96
C MET I 381 -0.38 82.66 -15.59
N ILE I 382 -1.25 82.44 -14.60
CA ILE I 382 -0.81 82.24 -13.21
C ILE I 382 -0.04 80.94 -13.08
N LEU I 383 -0.54 79.89 -13.72
CA LEU I 383 0.07 78.57 -13.59
C LEU I 383 1.09 78.29 -14.68
N LEU I 384 1.37 79.27 -15.55
CA LEU I 384 2.50 79.16 -16.47
C LEU I 384 3.74 79.84 -15.90
N SER I 385 3.55 80.98 -15.22
CA SER I 385 4.67 81.70 -14.61
C SER I 385 5.30 80.88 -13.49
N PHE I 386 4.47 80.27 -12.65
CA PHE I 386 4.95 79.32 -11.64
C PHE I 386 5.61 78.11 -12.29
N LEU I 387 5.11 77.69 -13.46
CA LEU I 387 5.64 76.51 -14.13
C LEU I 387 7.06 76.77 -14.63
N SER I 388 7.28 77.88 -15.33
CA SER I 388 8.62 78.16 -15.84
C SER I 388 9.58 78.58 -14.74
N PHE I 389 9.08 79.28 -13.70
CA PHE I 389 9.92 79.64 -12.57
C PHE I 389 10.39 78.42 -11.80
N PHE I 390 9.48 77.48 -11.53
CA PHE I 390 9.88 76.24 -10.87
C PHE I 390 10.66 75.32 -11.81
N SER I 391 10.46 75.47 -13.13
CA SER I 391 11.22 74.70 -14.11
C SER I 391 12.70 75.07 -14.07
N ALA I 392 13.00 76.36 -14.11
CA ALA I 392 14.39 76.75 -13.95
C ALA I 392 14.84 76.76 -12.49
N ALA I 393 13.93 76.58 -11.54
CA ALA I 393 14.36 76.30 -10.17
C ALA I 393 14.90 74.88 -10.05
N TYR I 394 14.25 73.90 -10.68
CA TYR I 394 14.75 72.54 -10.52
C TYR I 394 15.90 72.25 -11.48
N THR I 395 15.84 72.73 -12.72
CA THR I 395 16.86 72.32 -13.68
C THR I 395 18.18 73.06 -13.50
N LEU I 396 18.19 74.11 -12.69
CA LEU I 396 19.44 74.73 -12.28
C LEU I 396 19.95 74.15 -10.96
N TYR I 397 19.07 73.50 -10.19
CA TYR I 397 19.51 72.73 -9.03
C TYR I 397 20.30 71.49 -9.43
N LEU I 398 19.99 70.90 -10.59
CA LEU I 398 20.73 69.73 -11.10
C LEU I 398 22.21 70.07 -11.31
N TYR I 399 22.50 71.03 -12.19
CA TYR I 399 23.86 71.50 -12.42
C TYR I 399 24.44 72.14 -11.16
N SER I 400 23.60 72.80 -10.38
CA SER I 400 24.04 73.57 -9.23
C SER I 400 24.60 72.68 -8.14
N PHE I 401 23.89 71.60 -7.82
CA PHE I 401 24.31 70.77 -6.69
C PHE I 401 25.23 69.66 -7.17
N SER I 402 25.14 69.28 -8.46
CA SER I 402 26.03 68.23 -8.94
C SER I 402 27.38 68.78 -9.38
N GLN I 403 27.46 70.08 -9.69
CA GLN I 403 28.69 70.62 -10.27
C GLN I 403 29.27 71.78 -9.46
N HIS I 404 28.95 71.87 -8.17
CA HIS I 404 29.51 72.94 -7.34
C HIS I 404 29.55 72.46 -5.90
N GLY I 405 30.61 72.84 -5.21
CA GLY I 405 30.71 72.60 -3.78
C GLY I 405 31.83 71.64 -3.41
N LYS I 406 31.75 71.20 -2.16
CA LYS I 406 32.76 70.31 -1.61
C LYS I 406 32.60 68.91 -2.20
N LEU I 407 33.71 68.18 -2.30
CA LEU I 407 33.72 66.83 -2.84
C LEU I 407 33.11 65.85 -1.85
N PHE I 408 32.84 64.62 -2.31
CA PHE I 408 32.23 63.60 -1.46
C PHE I 408 33.16 63.05 -0.39
N SER I 409 34.47 63.00 -0.67
CA SER I 409 35.52 62.50 0.24
C SER I 409 35.29 61.07 0.70
N GLY I 410 34.67 60.26 -0.15
CA GLY I 410 34.51 58.84 0.10
C GLY I 410 34.60 58.03 -1.18
N VAL I 411 34.96 58.69 -2.27
CA VAL I 411 35.00 58.05 -3.59
C VAL I 411 36.40 57.53 -3.85
N TYR I 412 36.50 56.59 -4.78
CA TYR I 412 37.75 55.99 -5.18
C TYR I 412 38.20 56.59 -6.52
N SER I 413 39.36 56.15 -6.99
CA SER I 413 39.94 56.71 -8.21
C SER I 413 39.21 56.17 -9.44
N PHE I 414 38.79 57.08 -10.32
CA PHE I 414 38.11 56.73 -11.55
C PHE I 414 38.81 57.35 -12.74
N SER I 415 38.44 56.89 -13.93
CA SER I 415 39.00 57.43 -15.16
C SER I 415 38.47 58.83 -15.43
N SER I 416 39.25 59.61 -16.19
CA SER I 416 38.88 60.96 -16.55
C SER I 416 37.99 60.94 -17.79
N GLY I 417 37.65 62.12 -18.30
CA GLY I 417 36.88 62.20 -19.52
C GLY I 417 37.70 61.83 -20.74
N LYS I 418 37.00 61.34 -21.77
CA LYS I 418 37.64 60.85 -22.97
C LYS I 418 37.14 61.63 -24.18
N ILE I 419 37.76 61.34 -25.34
CA ILE I 419 37.40 62.01 -26.60
C ILE I 419 35.98 61.64 -27.01
N ARG I 420 35.56 60.41 -26.71
CA ARG I 420 34.23 59.93 -27.06
C ARG I 420 33.15 60.72 -26.33
N GLU I 421 33.36 61.01 -25.04
CA GLU I 421 32.32 61.66 -24.24
C GLU I 421 32.14 63.12 -24.62
N TYR I 422 33.23 63.85 -24.87
CA TYR I 422 33.11 65.24 -25.30
C TYR I 422 32.49 65.35 -26.69
N LEU I 423 32.83 64.43 -27.58
CA LEU I 423 32.19 64.38 -28.90
C LEU I 423 30.71 64.02 -28.78
N LEU I 424 30.38 63.16 -27.80
CA LEU I 424 28.99 62.80 -27.57
C LEU I 424 28.19 64.00 -27.03
N MET I 425 28.81 64.82 -26.18
CA MET I 425 28.11 65.97 -25.63
C MET I 425 28.00 67.09 -26.66
N LEU I 426 28.99 67.16 -27.57
CA LEU I 426 28.99 68.20 -28.60
C LEU I 426 27.86 68.01 -29.60
N LEU I 427 27.53 66.76 -29.92
CA LEU I 427 26.55 66.50 -30.97
C LEU I 427 25.13 66.54 -30.42
N HIS I 428 24.97 66.78 -29.11
CA HIS I 428 23.68 67.06 -28.53
C HIS I 428 23.42 68.55 -28.36
N TRP I 429 24.48 69.35 -28.19
CA TRP I 429 24.36 70.77 -27.92
C TRP I 429 24.46 71.62 -29.18
N LEU I 430 25.41 71.35 -30.05
CA LEU I 430 25.60 72.17 -31.24
C LEU I 430 24.49 71.99 -32.28
N PRO I 431 23.86 70.81 -32.44
CA PRO I 431 22.56 70.80 -33.13
C PRO I 431 21.46 71.63 -32.48
N LEU I 432 21.49 71.84 -31.16
CA LEU I 432 20.48 72.70 -30.56
C LEU I 432 20.72 74.17 -30.88
N ASN I 433 21.97 74.55 -31.14
CA ASN I 433 22.34 75.92 -31.43
C ASN I 433 22.57 76.19 -32.91
N LEU I 434 22.51 75.16 -33.75
CA LEU I 434 22.78 75.31 -35.18
C LEU I 434 21.53 75.19 -36.04
N LEU I 435 20.52 74.46 -35.59
CA LEU I 435 19.26 74.35 -36.31
C LEU I 435 18.34 75.54 -36.08
N ILE I 436 18.73 76.48 -35.22
CA ILE I 436 17.96 77.72 -35.08
C ILE I 436 18.18 78.62 -36.29
N LEU I 437 19.25 78.42 -37.06
CA LEU I 437 19.50 79.23 -38.24
C LEU I 437 18.56 78.85 -39.38
N LYS I 438 18.06 77.62 -39.38
CA LYS I 438 16.99 77.20 -40.27
C LYS I 438 15.88 76.57 -39.44
N SER I 439 15.32 77.37 -38.52
CA SER I 439 14.28 76.86 -37.65
C SER I 439 12.95 76.63 -38.38
N GLU I 440 12.80 77.12 -39.63
CA GLU I 440 11.54 76.95 -40.34
C GLU I 440 11.33 75.51 -40.77
N SER I 441 12.41 74.74 -40.87
CA SER I 441 12.27 73.30 -41.10
C SER I 441 11.83 72.59 -39.81
N PHE I 442 11.98 73.26 -38.66
CA PHE I 442 11.52 72.66 -37.41
C PHE I 442 10.36 73.46 -36.82
N MET I 443 9.98 74.56 -37.47
CA MET I 443 8.76 75.25 -37.06
C MET I 443 7.59 74.91 -37.98
N LEU I 444 7.73 75.20 -39.26
CA LEU I 444 6.65 75.07 -40.22
C LEU I 444 6.58 73.64 -40.72
N TRP I 445 5.61 72.88 -40.19
CA TRP I 445 5.24 71.61 -40.79
C TRP I 445 3.91 71.72 -41.53
N LEU I 446 3.32 72.90 -41.53
CA LEU I 446 2.05 73.15 -42.20
C LEU I 446 2.23 74.18 -43.31
N MET J 1 49.25 83.12 -27.07
CA MET J 1 48.37 82.63 -26.02
C MET J 1 49.14 82.00 -24.87
N LYS J 2 49.92 80.96 -25.19
CA LYS J 2 50.70 80.27 -24.17
C LYS J 2 52.03 80.97 -23.86
N TYR J 3 52.11 82.21 -24.34
CA TYR J 3 53.26 83.09 -23.99
C TYR J 3 52.68 84.44 -23.54
N LEU J 4 51.38 84.68 -23.74
CA LEU J 4 50.76 86.00 -23.40
C LEU J 4 49.52 85.78 -22.51
N SER J 5 49.32 86.60 -21.48
CA SER J 5 48.18 86.46 -20.52
C SER J 5 46.82 86.71 -21.16
N ILE J 6 45.79 85.96 -20.76
CA ILE J 6 44.40 86.19 -21.27
C ILE J 6 43.91 87.57 -20.85
N CYS J 7 44.22 87.99 -19.62
CA CYS J 7 43.71 89.30 -19.12
C CYS J 7 44.25 90.44 -19.97
N SER J 8 45.52 90.39 -20.39
CA SER J 8 46.08 91.43 -21.29
C SER J 8 45.43 91.35 -22.67
N ILE J 9 45.36 90.15 -23.26
CA ILE J 9 44.82 89.99 -24.60
C ILE J 9 43.38 90.50 -24.68
N SER J 10 42.55 90.08 -23.71
CA SER J 10 41.17 90.54 -23.68
C SER J 10 41.06 92.03 -23.33
N PHE J 11 42.00 92.55 -22.54
CA PHE J 11 42.01 93.98 -22.22
C PHE J 11 42.30 94.83 -23.44
N VAL J 12 43.30 94.43 -24.25
CA VAL J 12 43.63 95.17 -25.46
C VAL J 12 42.50 95.10 -26.47
N ASN J 13 41.89 93.90 -26.61
CA ASN J 13 40.76 93.72 -27.53
C ASN J 13 39.55 94.56 -27.12
N LEU J 14 39.22 94.56 -25.82
CA LEU J 14 38.04 95.29 -25.36
C LEU J 14 38.28 96.80 -25.33
N ILE J 15 39.51 97.25 -25.07
CA ILE J 15 39.73 98.70 -25.09
C ILE J 15 39.80 99.23 -26.53
N SER J 16 40.25 98.42 -27.49
CA SER J 16 40.19 98.84 -28.89
C SER J 16 38.74 98.85 -29.39
N MET J 17 37.95 97.86 -28.98
CA MET J 17 36.53 97.85 -29.31
C MET J 17 35.78 99.01 -28.67
N SER J 18 36.15 99.39 -27.43
CA SER J 18 35.49 100.51 -26.78
C SER J 18 35.87 101.84 -27.42
N LEU J 19 37.13 101.99 -27.85
CA LEU J 19 37.52 103.20 -28.57
C LEU J 19 36.80 103.31 -29.90
N SER J 20 36.67 102.18 -30.63
CA SER J 20 35.93 102.17 -31.89
C SER J 20 34.45 102.47 -31.67
N CYS J 21 33.86 101.94 -30.60
CA CYS J 21 32.45 102.17 -30.34
C CYS J 21 32.18 103.59 -29.85
N PHE J 22 33.12 104.21 -29.14
CA PHE J 22 32.98 105.63 -28.79
C PHE J 22 33.11 106.51 -30.03
N LEU J 23 34.00 106.15 -30.95
CA LEU J 23 34.10 106.91 -32.20
C LEU J 23 32.86 106.72 -33.08
N LEU J 24 32.20 105.56 -32.98
CA LEU J 24 30.90 105.41 -33.61
C LEU J 24 29.83 106.25 -32.92
N SER J 25 29.87 106.32 -31.59
CA SER J 25 28.85 107.04 -30.84
C SER J 25 28.98 108.55 -31.00
N LEU J 26 30.18 109.04 -31.28
CA LEU J 26 30.35 110.46 -31.56
C LEU J 26 29.74 110.83 -32.91
N TYR J 27 29.82 109.92 -33.89
CA TYR J 27 29.28 110.21 -35.21
C TYR J 27 27.76 110.21 -35.23
N PHE J 28 27.13 109.39 -34.40
CA PHE J 28 25.68 109.25 -34.44
C PHE J 28 24.98 110.38 -33.72
N LEU J 29 25.67 111.11 -32.85
CA LEU J 29 24.98 112.26 -32.20
C LEU J 29 24.88 113.40 -33.22
N LEU J 30 26.00 113.75 -33.86
CA LEU J 30 25.97 114.90 -34.80
C LEU J 30 25.03 114.55 -35.96
N ASN J 31 25.08 113.31 -36.46
CA ASN J 31 24.15 112.83 -37.50
C ASN J 31 22.73 112.81 -36.93
N ASP J 32 22.56 112.39 -35.68
CA ASP J 32 21.21 112.25 -35.08
C ASP J 32 20.45 111.14 -35.79
N MET J 33 21.15 110.07 -36.22
CA MET J 33 20.50 108.98 -37.00
C MET J 33 20.36 107.70 -36.18
N ILE J 34 19.31 106.90 -36.42
CA ILE J 34 19.11 105.62 -35.78
C ILE J 34 19.14 104.55 -36.86
N TYR J 35 20.01 103.56 -36.70
CA TYR J 35 20.12 102.46 -37.66
C TYR J 35 19.57 101.20 -37.01
N PHE J 36 18.51 100.66 -37.60
CA PHE J 36 17.83 99.48 -37.06
C PHE J 36 17.86 98.40 -38.15
N ILE J 37 18.63 97.34 -37.93
CA ILE J 37 18.73 96.26 -38.89
C ILE J 37 18.09 95.02 -38.28
N GLU J 38 17.67 94.11 -39.16
CA GLU J 38 16.93 92.93 -38.74
C GLU J 38 17.36 91.73 -39.56
N TRP J 39 17.14 90.54 -39.01
CA TRP J 39 17.49 89.29 -39.69
C TRP J 39 16.33 88.32 -39.51
N GLU J 40 15.78 87.85 -40.63
CA GLU J 40 14.57 87.04 -40.61
C GLU J 40 14.86 85.62 -40.12
N LEU J 41 14.21 85.22 -39.03
CA LEU J 41 14.33 83.85 -38.53
C LEU J 41 13.17 82.96 -38.99
N VAL J 42 11.95 83.26 -38.54
CA VAL J 42 10.75 82.48 -38.86
C VAL J 42 9.64 83.46 -39.19
N SER J 43 9.00 83.27 -40.34
CA SER J 43 7.76 83.98 -40.66
C SER J 43 6.59 83.06 -40.37
N LEU J 44 5.70 83.49 -39.48
CA LEU J 44 4.60 82.64 -39.03
C LEU J 44 3.39 83.51 -38.79
N ASN J 45 2.30 83.25 -39.55
CA ASN J 45 1.00 83.95 -39.45
C ASN J 45 1.15 85.45 -39.59
N SER J 46 2.01 85.86 -40.54
CA SER J 46 2.44 87.23 -40.81
C SER J 46 3.08 87.90 -39.59
N MET J 47 3.70 87.13 -38.71
CA MET J 47 4.47 87.66 -37.59
C MET J 47 5.88 87.10 -37.69
N SER J 48 6.86 87.99 -37.73
CA SER J 48 8.22 87.62 -38.06
C SER J 48 9.08 87.61 -36.81
N ILE J 49 9.61 86.44 -36.45
CA ILE J 49 10.64 86.34 -35.44
C ILE J 49 11.94 86.86 -36.06
N VAL J 50 12.55 87.86 -35.42
CA VAL J 50 13.65 88.61 -36.00
C VAL J 50 14.83 88.67 -35.03
N MET J 51 16.04 88.56 -35.58
CA MET J 51 17.27 88.94 -34.89
C MET J 51 17.61 90.37 -35.29
N THR J 52 17.62 91.27 -34.31
CA THR J 52 17.66 92.70 -34.57
C THR J 52 18.79 93.38 -33.81
N PHE J 53 19.42 94.35 -34.47
CA PHE J 53 20.47 95.18 -33.89
C PHE J 53 19.95 96.62 -33.91
N LEU J 54 20.27 97.40 -32.88
CA LEU J 54 19.95 98.82 -32.87
C LEU J 54 21.22 99.64 -32.74
N PHE J 55 21.35 100.64 -33.61
CA PHE J 55 22.50 101.53 -33.59
C PHE J 55 21.95 102.96 -33.47
N ASP J 56 21.72 103.38 -32.24
CA ASP J 56 21.50 104.78 -31.92
C ASP J 56 22.62 105.22 -30.98
N TRP J 57 22.63 106.52 -30.70
CA TRP J 57 23.73 107.12 -29.94
C TRP J 57 23.74 106.62 -28.51
N MET J 58 22.56 106.38 -27.94
CA MET J 58 22.43 105.89 -26.56
C MET J 58 23.02 104.50 -26.41
N SER J 59 22.65 103.59 -27.32
CA SER J 59 23.13 102.22 -27.28
C SER J 59 24.63 102.15 -27.57
N LEU J 60 25.11 102.94 -28.55
CA LEU J 60 26.53 102.94 -28.88
C LEU J 60 27.38 103.51 -27.73
N LEU J 61 26.90 104.58 -27.09
CA LEU J 61 27.62 105.18 -25.97
C LEU J 61 27.67 104.25 -24.76
N PHE J 62 26.55 103.60 -24.43
CA PHE J 62 26.55 102.68 -23.30
C PHE J 62 27.36 101.43 -23.60
N MET J 63 27.36 100.98 -24.85
CA MET J 63 28.13 99.80 -25.24
C MET J 63 29.63 100.08 -25.17
N SER J 64 30.04 101.29 -25.60
CA SER J 64 31.43 101.70 -25.44
C SER J 64 31.85 101.83 -23.98
N PHE J 65 30.96 102.40 -23.14
CA PHE J 65 31.26 102.54 -21.72
C PHE J 65 31.39 101.20 -21.02
N VAL J 66 30.50 100.25 -21.34
CA VAL J 66 30.55 98.93 -20.71
C VAL J 66 31.78 98.15 -21.15
N LEU J 67 32.18 98.28 -22.44
CA LEU J 67 33.41 97.65 -22.90
C LEU J 67 34.65 98.23 -22.23
N MET J 68 34.69 99.56 -22.05
CA MET J 68 35.82 100.19 -21.35
C MET J 68 35.90 99.78 -19.89
N ILE J 69 34.73 99.73 -19.21
CA ILE J 69 34.65 99.29 -17.82
C ILE J 69 35.15 97.86 -17.69
N SER J 70 34.71 96.98 -18.61
CA SER J 70 35.10 95.57 -18.55
C SER J 70 36.58 95.37 -18.83
N SER J 71 37.16 96.15 -19.76
CA SER J 71 38.59 96.05 -20.04
C SER J 71 39.42 96.48 -18.83
N LEU J 72 39.03 97.57 -18.16
CA LEU J 72 39.80 98.03 -17.02
C LEU J 72 39.60 97.12 -15.80
N VAL J 73 38.41 96.51 -15.66
CA VAL J 73 38.19 95.54 -14.59
C VAL J 73 38.99 94.26 -14.85
N ILE J 74 39.14 93.84 -16.11
CA ILE J 74 39.96 92.66 -16.41
C ILE J 74 41.45 92.94 -16.16
N PHE J 75 41.92 94.14 -16.52
CA PHE J 75 43.30 94.53 -16.23
C PHE J 75 43.55 94.67 -14.74
N TYR J 76 42.51 95.01 -13.98
CA TYR J 76 42.55 94.87 -12.53
C TYR J 76 42.57 93.40 -12.11
N SER J 77 41.83 92.56 -12.83
CA SER J 77 41.50 91.24 -12.35
C SER J 77 42.67 90.29 -12.50
N LYS J 78 43.63 90.60 -13.38
CA LYS J 78 44.84 89.78 -13.46
C LYS J 78 45.65 89.84 -12.17
N GLU J 79 45.85 91.04 -11.61
CA GLU J 79 46.60 91.18 -10.38
C GLU J 79 45.74 90.74 -9.20
N TYR J 80 44.41 90.91 -9.31
CA TYR J 80 43.52 90.47 -8.24
C TYR J 80 43.46 88.95 -8.13
N MET J 81 43.51 88.26 -9.26
CA MET J 81 43.21 86.83 -9.30
C MET J 81 44.41 86.00 -9.74
N MET J 82 45.63 86.56 -9.69
CA MET J 82 46.83 85.76 -9.94
C MET J 82 47.06 84.70 -8.86
N ASN J 83 46.43 84.84 -7.69
CA ASN J 83 46.49 83.77 -6.70
C ASN J 83 45.51 82.65 -7.02
N ASP J 84 44.59 82.88 -7.96
CA ASP J 84 43.57 81.88 -8.27
C ASP J 84 44.15 80.77 -9.14
N ASN J 85 43.36 79.69 -9.30
CA ASN J 85 43.85 78.52 -10.01
C ASN J 85 43.56 78.61 -11.51
N HIS J 86 42.29 78.78 -11.90
CA HIS J 86 41.91 78.75 -13.31
C HIS J 86 41.38 80.12 -13.73
N ILE J 87 42.32 81.05 -13.94
CA ILE J 87 41.98 82.44 -14.28
C ILE J 87 41.37 82.51 -15.67
N ASN J 88 41.78 81.59 -16.55
CA ASN J 88 41.24 81.49 -17.91
C ASN J 88 39.74 81.23 -17.90
N ARG J 89 39.27 80.44 -16.92
CA ARG J 89 37.83 80.21 -16.78
C ARG J 89 37.10 81.50 -16.45
N PHE J 90 37.68 82.31 -15.56
CA PHE J 90 37.05 83.55 -15.13
C PHE J 90 37.03 84.57 -16.26
N ILE J 91 38.12 84.63 -17.04
CA ILE J 91 38.22 85.68 -18.06
C ILE J 91 37.34 85.36 -19.27
N MET J 92 37.29 84.09 -19.71
CA MET J 92 36.39 83.75 -20.83
C MET J 92 34.92 83.86 -20.41
N LEU J 93 34.61 83.55 -19.15
CA LEU J 93 33.25 83.71 -18.68
C LEU J 93 32.86 85.20 -18.53
N VAL J 94 33.81 86.05 -18.13
CA VAL J 94 33.60 87.51 -18.14
C VAL J 94 33.39 88.02 -19.56
N LEU J 95 34.10 87.44 -20.53
CA LEU J 95 33.91 87.86 -21.92
C LEU J 95 32.54 87.46 -22.47
N MET J 96 32.04 86.27 -22.10
CA MET J 96 30.69 85.91 -22.55
C MET J 96 29.62 86.71 -21.79
N PHE J 97 29.91 87.11 -20.55
CA PHE J 97 29.04 88.04 -19.82
C PHE J 97 28.93 89.38 -20.55
N VAL J 98 30.08 89.87 -21.02
CA VAL J 98 30.14 91.11 -21.80
C VAL J 98 29.38 90.95 -23.11
N LEU J 99 29.52 89.81 -23.78
CA LEU J 99 28.82 89.55 -25.04
C LEU J 99 27.30 89.52 -24.87
N SER J 100 26.82 88.93 -23.76
CA SER J 100 25.40 88.95 -23.44
C SER J 100 24.91 90.37 -23.19
N MET J 101 25.72 91.19 -22.51
CA MET J 101 25.39 92.60 -22.34
C MET J 101 25.35 93.36 -23.66
N MET J 102 26.29 93.07 -24.57
CA MET J 102 26.33 93.67 -25.90
C MET J 102 25.05 93.41 -26.66
N LEU J 103 24.61 92.15 -26.69
CA LEU J 103 23.37 91.77 -27.37
C LEU J 103 22.15 92.43 -26.73
N LEU J 104 22.16 92.57 -25.39
CA LEU J 104 20.99 93.13 -24.71
C LEU J 104 20.84 94.62 -24.97
N ILE J 105 21.95 95.37 -25.06
CA ILE J 105 21.82 96.78 -25.46
C ILE J 105 21.44 96.94 -26.92
N ILE J 106 22.10 96.22 -27.82
CA ILE J 106 21.83 96.52 -29.25
C ILE J 106 20.51 95.89 -29.73
N SER J 107 19.60 95.47 -28.86
CA SER J 107 18.39 94.82 -29.45
C SER J 107 17.07 95.53 -29.17
N PRO J 108 16.34 96.01 -30.20
CA PRO J 108 14.97 96.52 -30.05
C PRO J 108 13.90 95.48 -29.70
N ASN J 109 13.96 94.29 -30.32
CA ASN J 109 12.91 93.25 -30.18
C ASN J 109 12.86 92.66 -28.78
N LEU J 110 11.66 92.33 -28.30
CA LEU J 110 11.54 91.64 -26.98
C LEU J 110 12.22 90.28 -27.07
N ILE J 111 12.08 89.55 -28.19
CA ILE J 111 12.68 88.19 -28.35
C ILE J 111 14.22 88.23 -28.25
N SER J 112 14.90 89.25 -28.77
CA SER J 112 16.36 89.39 -28.70
C SER J 112 16.80 90.02 -27.38
N ILE J 113 15.93 90.82 -26.74
CA ILE J 113 16.19 91.28 -25.39
C ILE J 113 16.12 90.10 -24.41
N LEU J 114 15.21 89.15 -24.66
CA LEU J 114 15.21 87.90 -23.91
C LEU J 114 16.46 87.07 -24.14
N LEU J 115 16.98 87.06 -25.37
CA LEU J 115 18.27 86.45 -25.70
C LEU J 115 19.41 87.06 -24.92
N GLY J 116 19.43 88.38 -24.79
CA GLY J 116 20.41 89.02 -23.92
C GLY J 116 20.15 88.74 -22.45
N TRP J 117 18.88 88.73 -22.05
CA TRP J 117 18.45 88.69 -20.66
C TRP J 117 18.78 87.36 -20.00
N ASP J 118 18.41 86.26 -20.66
CA ASP J 118 18.63 84.93 -20.08
C ASP J 118 20.12 84.61 -20.03
N GLY J 119 20.87 85.02 -21.05
CA GLY J 119 22.30 84.80 -21.06
C GLY J 119 23.02 85.62 -20.00
N LEU J 120 22.59 86.87 -19.79
CA LEU J 120 23.15 87.72 -18.76
C LEU J 120 22.87 87.14 -17.38
N GLY J 121 21.65 86.65 -17.16
CA GLY J 121 21.32 86.02 -15.89
C GLY J 121 22.07 84.72 -15.63
N LEU J 122 22.28 83.92 -16.68
CA LEU J 122 22.98 82.64 -16.51
C LEU J 122 24.46 82.84 -16.22
N VAL J 123 25.12 83.75 -16.95
CA VAL J 123 26.54 83.97 -16.67
C VAL J 123 26.73 84.74 -15.36
N SER J 124 25.77 85.59 -14.98
CA SER J 124 25.80 86.23 -13.67
C SER J 124 25.64 85.22 -12.55
N TYR J 125 24.78 84.22 -12.74
CA TYR J 125 24.67 83.11 -11.80
C TYR J 125 25.97 82.32 -11.70
N CYS J 126 26.60 82.02 -12.85
CA CYS J 126 27.83 81.24 -12.86
C CYS J 126 28.97 81.96 -12.16
N LEU J 127 29.04 83.27 -12.33
CA LEU J 127 30.10 84.03 -11.68
C LEU J 127 29.71 84.58 -10.32
N VAL J 128 28.49 84.33 -9.87
CA VAL J 128 28.26 84.33 -8.43
C VAL J 128 28.77 83.02 -7.82
N ILE J 129 28.49 81.88 -8.47
CA ILE J 129 28.88 80.59 -7.87
C ILE J 129 30.30 80.16 -8.27
N TYR J 130 31.08 81.08 -8.82
CA TYR J 130 32.49 80.82 -9.12
C TYR J 130 33.29 80.40 -7.88
N PHE J 131 33.01 80.99 -6.73
CA PHE J 131 33.61 80.54 -5.48
C PHE J 131 32.95 79.24 -5.01
N GLN J 132 33.77 78.32 -4.50
CA GLN J 132 33.33 76.96 -4.20
C GLN J 132 32.99 76.82 -2.72
N ASN J 133 31.87 77.45 -2.32
CA ASN J 133 31.39 77.30 -0.95
C ASN J 133 29.87 77.47 -0.92
N ILE J 134 29.29 77.06 0.21
CA ILE J 134 27.83 76.98 0.33
C ILE J 134 27.18 78.35 0.39
N LYS J 135 27.90 79.39 0.84
CA LYS J 135 27.36 80.75 0.84
C LYS J 135 27.18 81.26 -0.58
N SER J 136 28.18 81.05 -1.45
CA SER J 136 28.05 81.42 -2.84
C SER J 136 27.07 80.52 -3.58
N TYR J 137 26.93 79.27 -3.14
CA TYR J 137 25.90 78.37 -3.67
C TYR J 137 24.48 78.91 -3.44
N ASN J 138 24.18 79.26 -2.18
CA ASN J 138 22.87 79.84 -1.85
C ASN J 138 22.68 81.20 -2.50
N ALA J 139 23.77 81.96 -2.65
CA ALA J 139 23.74 83.24 -3.34
C ALA J 139 23.37 83.08 -4.82
N GLY J 140 23.96 82.07 -5.48
CA GLY J 140 23.63 81.81 -6.87
C GLY J 140 22.20 81.34 -7.05
N MET J 141 21.70 80.53 -6.10
CA MET J 141 20.29 80.14 -6.12
C MET J 141 19.37 81.35 -6.01
N LEU J 142 19.71 82.28 -5.11
CA LEU J 142 18.90 83.50 -4.91
C LEU J 142 18.92 84.39 -6.16
N THR J 143 20.09 84.63 -6.75
CA THR J 143 20.12 85.51 -7.92
C THR J 143 19.54 84.83 -9.16
N ALA J 144 19.64 83.49 -9.25
CA ALA J 144 19.06 82.79 -10.39
C ALA J 144 17.54 82.83 -10.34
N LEU J 145 16.95 82.67 -9.16
CA LEU J 145 15.49 82.75 -9.07
C LEU J 145 14.99 84.18 -9.22
N SER J 146 15.72 85.16 -8.65
CA SER J 146 15.33 86.55 -8.78
C SER J 146 15.49 87.08 -10.20
N ASN J 147 16.36 86.47 -11.02
CA ASN J 147 16.39 86.80 -12.43
C ASN J 147 15.39 85.97 -13.25
N ARG J 148 15.04 84.78 -12.77
CA ARG J 148 14.10 83.93 -13.51
C ARG J 148 12.68 84.48 -13.45
N ILE J 149 12.34 85.20 -12.38
CA ILE J 149 11.05 85.91 -12.35
C ILE J 149 10.99 86.96 -13.45
N GLY J 150 12.10 87.67 -13.68
CA GLY J 150 12.18 88.61 -14.79
C GLY J 150 12.15 87.93 -16.15
N ASP J 151 12.78 86.75 -16.25
CA ASP J 151 12.75 85.98 -17.50
C ASP J 151 11.32 85.54 -17.85
N VAL J 152 10.56 85.06 -16.87
CA VAL J 152 9.21 84.62 -17.17
C VAL J 152 8.25 85.81 -17.36
N ALA J 153 8.56 86.97 -16.75
CA ALA J 153 7.77 88.16 -17.03
C ALA J 153 8.01 88.66 -18.44
N LEU J 154 9.26 88.55 -18.93
CA LEU J 154 9.55 88.86 -20.33
C LEU J 154 8.89 87.88 -21.27
N LEU J 155 8.82 86.59 -20.90
CA LEU J 155 8.11 85.59 -21.69
C LEU J 155 6.61 85.92 -21.82
N LEU J 156 5.98 86.33 -20.71
CA LEU J 156 4.57 86.70 -20.78
C LEU J 156 4.34 88.00 -21.53
N SER J 157 5.31 88.93 -21.47
CA SER J 157 5.21 90.16 -22.27
C SER J 157 5.32 89.86 -23.76
N ILE J 158 6.21 88.93 -24.14
CA ILE J 158 6.31 88.49 -25.53
C ILE J 158 5.02 87.78 -25.95
N ALA J 159 4.42 87.00 -25.05
CA ALA J 159 3.17 86.33 -25.34
C ALA J 159 2.00 87.30 -25.52
N TRP J 160 2.01 88.43 -24.81
CA TRP J 160 1.00 89.44 -25.07
C TRP J 160 1.30 90.36 -26.25
N MET J 161 2.55 90.43 -26.70
CA MET J 161 2.91 91.51 -27.61
C MET J 161 2.42 91.25 -29.03
N LEU J 162 2.13 89.99 -29.38
CA LEU J 162 1.76 89.57 -30.72
C LEU J 162 0.37 90.03 -31.18
N ASN J 163 -0.37 90.94 -30.53
CA ASN J 163 -1.66 91.38 -31.07
C ASN J 163 -1.50 92.20 -32.34
N TYR J 164 -0.33 92.81 -32.54
CA TYR J 164 -0.10 93.66 -33.69
C TYR J 164 1.12 93.28 -34.51
N GLY J 165 1.82 92.21 -34.12
CA GLY J 165 2.66 91.49 -35.07
C GLY J 165 4.14 91.41 -34.81
N SER J 166 4.76 92.53 -34.46
CA SER J 166 6.21 92.58 -34.30
C SER J 166 6.52 92.93 -32.85
N TRP J 167 7.51 92.26 -32.28
CA TRP J 167 7.91 92.52 -30.91
C TRP J 167 8.85 93.71 -30.79
N ASN J 168 9.20 94.34 -31.91
CA ASN J 168 9.93 95.60 -31.92
C ASN J 168 8.99 96.69 -31.43
N TYR J 169 9.05 96.99 -30.12
CA TYR J 169 8.00 97.78 -29.49
C TYR J 169 8.12 99.26 -29.82
N ILE J 170 9.31 99.72 -30.19
CA ILE J 170 9.63 101.15 -30.34
C ILE J 170 8.84 101.83 -31.45
N PHE J 171 8.28 101.07 -32.39
CA PHE J 171 7.39 101.61 -33.40
C PHE J 171 5.92 101.55 -33.01
N TYR J 172 5.61 101.05 -31.80
CA TYR J 172 4.23 100.91 -31.37
C TYR J 172 3.92 101.52 -30.02
N LEU J 173 4.93 101.87 -29.21
CA LEU J 173 4.69 102.36 -27.85
C LEU J 173 3.95 103.70 -27.84
N GLU J 174 4.41 104.65 -28.66
CA GLU J 174 3.77 105.96 -28.68
C GLU J 174 2.43 105.91 -29.42
N ILE J 175 2.28 104.95 -30.33
CA ILE J 175 0.99 104.75 -31.00
C ILE J 175 -0.03 104.18 -30.03
N MET J 176 0.38 103.24 -29.18
CA MET J 176 -0.54 102.46 -28.36
C MET J 176 -0.35 102.69 -26.86
N GLN J 177 0.10 103.89 -26.47
CA GLN J 177 0.16 104.26 -25.05
C GLN J 177 -1.21 104.31 -24.35
N ASN J 178 -2.31 104.32 -25.09
CA ASN J 178 -3.66 104.31 -24.50
C ASN J 178 -4.39 102.98 -24.75
N GLU J 179 -3.67 101.88 -24.92
CA GLU J 179 -4.29 100.57 -25.17
C GLU J 179 -4.03 99.63 -24.00
N PHE J 180 -5.08 98.88 -23.61
CA PHE J 180 -5.03 98.05 -22.40
C PHE J 180 -4.03 96.92 -22.54
N GLU J 181 -3.96 96.31 -23.72
CA GLU J 181 -2.99 95.25 -23.97
C GLU J 181 -1.56 95.77 -23.92
N MET J 182 -1.33 97.00 -24.37
CA MET J 182 0.02 97.55 -24.33
C MET J 182 0.42 98.00 -22.93
N LEU J 183 -0.53 98.51 -22.13
CA LEU J 183 -0.24 98.70 -20.71
C LEU J 183 0.01 97.37 -19.97
N MET J 184 -0.63 96.28 -20.38
CA MET J 184 -0.33 95.02 -19.69
C MET J 184 1.04 94.48 -20.12
N ILE J 185 1.43 94.72 -21.37
CA ILE J 185 2.81 94.45 -21.83
C ILE J 185 3.80 95.28 -21.01
N GLY J 186 3.50 96.58 -20.84
CA GLY J 186 4.36 97.44 -20.05
C GLY J 186 4.44 97.08 -18.59
N SER J 187 3.34 96.56 -18.03
CA SER J 187 3.34 96.07 -16.65
C SER J 187 4.21 94.84 -16.49
N LEU J 188 4.16 93.91 -17.46
CA LEU J 188 5.01 92.73 -17.40
C LEU J 188 6.49 93.10 -17.58
N VAL J 189 6.78 94.03 -18.49
CA VAL J 189 8.14 94.54 -18.67
C VAL J 189 8.62 95.29 -17.42
N MET J 190 7.72 96.02 -16.76
CA MET J 190 8.03 96.71 -15.51
C MET J 190 8.35 95.73 -14.39
N LEU J 191 7.61 94.62 -14.32
CA LEU J 191 7.89 93.57 -13.33
C LEU J 191 9.23 92.90 -13.60
N ALA J 192 9.53 92.64 -14.88
CA ALA J 192 10.82 92.04 -15.26
C ALA J 192 11.99 92.98 -14.93
N ALA J 193 11.84 94.27 -15.23
CA ALA J 193 12.89 95.24 -14.96
C ALA J 193 13.05 95.49 -13.47
N MET J 194 11.95 95.46 -12.72
CA MET J 194 11.99 95.57 -11.27
C MET J 194 12.74 94.41 -10.63
N THR J 195 12.45 93.19 -11.08
CA THR J 195 13.15 92.02 -10.56
C THR J 195 14.61 91.98 -10.99
N LYS J 196 14.92 92.53 -12.16
CA LYS J 196 16.31 92.56 -12.61
C LYS J 196 17.12 93.62 -11.85
N SER J 197 16.54 94.79 -11.61
CA SER J 197 17.24 95.89 -10.97
C SER J 197 16.97 96.00 -9.48
N ALA J 198 16.38 94.95 -8.89
CA ALA J 198 16.38 94.69 -7.44
C ALA J 198 15.64 95.79 -6.67
N GLN J 199 14.34 95.88 -6.91
CA GLN J 199 13.54 96.85 -6.19
C GLN J 199 12.64 96.14 -5.19
N ILE J 200 11.68 96.88 -4.67
CA ILE J 200 10.77 96.35 -3.65
C ILE J 200 9.81 95.37 -4.31
N PRO J 201 9.70 94.12 -3.84
CA PRO J 201 10.48 93.51 -2.76
C PRO J 201 11.53 92.50 -3.23
N PHE J 202 11.86 92.48 -4.52
CA PHE J 202 12.84 91.52 -5.05
C PHE J 202 14.25 92.09 -5.04
N SER J 203 14.69 92.59 -3.89
CA SER J 203 15.95 93.32 -3.78
C SER J 203 16.98 92.58 -2.93
N SER J 204 16.81 91.28 -2.71
CA SER J 204 17.64 90.54 -1.76
C SER J 204 18.83 89.85 -2.40
N TRP J 205 18.97 89.91 -3.72
CA TRP J 205 19.99 89.12 -4.41
C TRP J 205 21.33 89.83 -4.54
N LEU J 206 21.42 91.09 -4.14
CA LEU J 206 22.72 91.78 -4.14
C LEU J 206 23.61 91.48 -2.93
N PRO J 207 23.14 91.42 -1.67
CA PRO J 207 24.00 90.89 -0.61
C PRO J 207 24.34 89.42 -0.79
N ALA J 208 23.50 88.69 -1.51
CA ALA J 208 23.93 87.42 -2.10
C ALA J 208 25.08 87.64 -3.07
N ALA J 209 24.96 88.65 -3.94
CA ALA J 209 25.95 88.87 -5.00
C ALA J 209 27.29 89.38 -4.48
N MET J 210 27.41 89.74 -3.19
CA MET J 210 28.74 89.94 -2.61
C MET J 210 29.53 88.64 -2.44
N ALA J 211 28.89 87.47 -2.53
CA ALA J 211 29.63 86.21 -2.50
C ALA J 211 30.35 85.92 -3.81
N ALA J 212 30.09 86.68 -4.86
CA ALA J 212 30.87 86.63 -6.08
C ALA J 212 32.27 87.18 -5.85
N PRO J 213 33.23 86.83 -6.71
CA PRO J 213 34.53 87.53 -6.67
C PRO J 213 34.37 89.00 -7.03
N THR J 214 35.31 89.80 -6.51
CA THR J 214 35.18 91.26 -6.56
C THR J 214 35.21 91.89 -7.96
N PRO J 215 36.06 91.48 -8.94
CA PRO J 215 35.91 92.05 -10.30
C PRO J 215 34.57 91.77 -10.97
N VAL J 216 33.99 90.58 -10.78
CA VAL J 216 32.69 90.38 -11.41
C VAL J 216 31.59 91.04 -10.58
N SER J 217 31.80 91.24 -9.27
CA SER J 217 30.84 92.03 -8.50
C SER J 217 30.86 93.49 -8.92
N ALA J 218 32.05 93.99 -9.27
CA ALA J 218 32.21 95.31 -9.86
C ALA J 218 31.44 95.43 -11.17
N LEU J 219 31.60 94.42 -12.04
CA LEU J 219 30.91 94.42 -13.33
C LEU J 219 29.39 94.33 -13.17
N VAL J 220 28.93 93.41 -12.32
CA VAL J 220 27.48 93.26 -12.04
C VAL J 220 26.93 94.56 -11.44
N HIS J 221 27.34 94.93 -10.23
CA HIS J 221 26.70 96.13 -9.61
C HIS J 221 26.95 97.44 -10.38
N SER J 222 28.18 97.70 -10.82
CA SER J 222 28.49 98.99 -11.48
C SER J 222 27.77 99.14 -12.82
N SER J 223 27.70 98.07 -13.59
CA SER J 223 27.20 98.12 -14.98
C SER J 223 26.54 96.78 -15.27
N THR J 224 26.12 96.53 -16.49
CA THR J 224 25.57 95.18 -16.75
C THR J 224 24.30 94.89 -15.95
N LEU J 225 24.23 93.84 -15.14
CA LEU J 225 22.92 93.38 -14.63
C LEU J 225 22.13 94.42 -13.83
N VAL J 226 22.72 95.19 -12.92
CA VAL J 226 21.84 96.17 -12.21
C VAL J 226 21.35 97.21 -13.24
N THR J 227 22.21 97.66 -14.15
CA THR J 227 21.88 98.69 -15.18
C THR J 227 20.82 98.21 -16.16
N ALA J 228 20.79 96.93 -16.53
CA ALA J 228 19.91 96.48 -17.62
C ALA J 228 18.45 96.78 -17.29
N GLY J 229 18.01 96.61 -16.06
CA GLY J 229 16.58 96.86 -15.82
C GLY J 229 16.25 98.30 -16.15
N VAL J 230 17.13 99.24 -15.79
CA VAL J 230 16.91 100.67 -16.14
C VAL J 230 16.84 100.83 -17.66
N TYR J 231 17.68 100.14 -18.43
CA TYR J 231 17.71 100.36 -19.88
C TYR J 231 16.39 99.94 -20.54
N LEU J 232 15.81 98.83 -20.07
CA LEU J 232 14.51 98.41 -20.60
C LEU J 232 13.41 99.41 -20.23
N LEU J 233 13.50 100.01 -19.05
CA LEU J 233 12.51 101.03 -18.71
C LEU J 233 12.78 102.38 -19.41
N ILE J 234 14.04 102.66 -19.77
CA ILE J 234 14.32 103.80 -20.66
C ILE J 234 13.68 103.58 -22.02
N ARG J 235 13.68 102.33 -22.49
CA ARG J 235 12.97 102.00 -23.72
C ARG J 235 11.45 102.12 -23.55
N PHE J 236 10.92 101.73 -22.39
CA PHE J 236 9.47 101.74 -22.15
C PHE J 236 8.99 102.98 -21.41
N ASN J 237 9.79 104.05 -21.41
CA ASN J 237 9.44 105.29 -20.70
C ASN J 237 8.20 105.95 -21.30
N ILE J 238 7.91 105.71 -22.59
CA ILE J 238 6.71 106.24 -23.22
C ILE J 238 5.44 105.65 -22.59
N ILE J 239 5.46 104.35 -22.31
CA ILE J 239 4.35 103.71 -21.60
C ILE J 239 4.33 104.15 -20.14
N LEU J 240 5.51 104.23 -19.50
CA LEU J 240 5.56 104.51 -18.06
C LEU J 240 5.17 105.95 -17.73
N SER J 241 5.44 106.91 -18.60
CA SER J 241 5.13 108.30 -18.29
C SER J 241 3.64 108.59 -18.42
N THR J 242 2.88 107.71 -19.05
CA THR J 242 1.44 107.89 -19.21
C THR J 242 0.61 106.95 -18.36
N SER J 243 1.13 105.78 -18.00
CA SER J 243 0.34 104.80 -17.28
C SER J 243 0.42 105.01 -15.77
N TRP J 244 -0.28 104.15 -15.03
CA TRP J 244 -0.16 104.07 -13.57
C TRP J 244 1.10 103.35 -13.12
N LEU J 245 1.79 102.69 -14.06
CA LEU J 245 3.09 102.08 -13.76
C LEU J 245 4.13 103.14 -13.40
N GLY J 246 3.97 104.35 -13.93
CA GLY J 246 4.85 105.44 -13.51
C GLY J 246 4.67 105.84 -12.06
N GLN J 247 3.42 105.91 -11.59
CA GLN J 247 3.16 106.18 -10.18
C GLN J 247 3.66 105.03 -9.30
N LEU J 248 3.46 103.79 -9.76
CA LEU J 248 3.91 102.63 -8.99
C LEU J 248 5.43 102.57 -8.89
N MET J 249 6.14 102.82 -9.99
CA MET J 249 7.60 102.84 -9.93
C MET J 249 8.14 104.06 -9.20
N LEU J 250 7.46 105.21 -9.28
CA LEU J 250 7.88 106.39 -8.54
C LEU J 250 7.74 106.18 -7.05
N LEU J 251 6.74 105.41 -6.61
CA LEU J 251 6.71 105.01 -5.21
C LEU J 251 7.78 103.97 -4.89
N LEU J 252 7.92 102.95 -5.74
CA LEU J 252 8.71 101.77 -5.38
C LEU J 252 10.21 102.05 -5.41
N SER J 253 10.69 102.79 -6.40
CA SER J 253 12.12 103.11 -6.45
C SER J 253 12.49 104.15 -5.40
N GLY J 254 11.55 105.04 -5.03
CA GLY J 254 11.79 105.93 -3.91
C GLY J 254 11.86 105.19 -2.58
N LEU J 255 11.01 104.17 -2.41
CA LEU J 255 11.12 103.30 -1.25
C LEU J 255 12.41 102.51 -1.25
N THR J 256 12.87 102.12 -2.45
CA THR J 256 14.18 101.45 -2.58
C THR J 256 15.31 102.38 -2.18
N MET J 257 15.22 103.66 -2.58
CA MET J 257 16.16 104.70 -2.12
C MET J 257 16.20 104.82 -0.60
N PHE J 258 15.03 104.93 0.03
CA PHE J 258 14.97 105.12 1.48
C PHE J 258 15.47 103.89 2.22
N MET J 259 15.07 102.70 1.77
CA MET J 259 15.54 101.44 2.32
C MET J 259 17.03 101.25 2.12
N ALA J 260 17.56 101.63 0.95
CA ALA J 260 18.96 101.42 0.64
C ALA J 260 19.86 102.36 1.44
N GLY J 261 19.46 103.62 1.55
CA GLY J 261 20.25 104.56 2.33
C GLY J 261 20.22 104.28 3.82
N LEU J 262 19.04 103.94 4.37
CA LEU J 262 18.96 103.58 5.78
C LEU J 262 19.67 102.26 6.06
N GLY J 263 19.63 101.33 5.09
CA GLY J 263 20.39 100.11 5.22
C GLY J 263 21.88 100.37 5.27
N ALA J 264 22.41 101.15 4.32
CA ALA J 264 23.84 101.42 4.26
C ALA J 264 24.30 102.31 5.41
N ASN J 265 23.40 103.03 6.04
CA ASN J 265 23.77 103.68 7.29
C ASN J 265 23.87 102.69 8.44
N PHE J 266 23.00 101.66 8.46
CA PHE J 266 23.03 100.72 9.58
C PHE J 266 23.83 99.43 9.34
N GLU J 267 24.40 99.21 8.16
CA GLU J 267 25.13 97.97 7.92
C GLU J 267 26.60 98.10 8.29
N PHE J 268 27.17 96.95 8.67
CA PHE J 268 28.57 96.83 9.05
C PHE J 268 29.33 95.92 8.09
N ASP J 269 29.15 96.14 6.79
CA ASP J 269 29.81 95.33 5.78
C ASP J 269 30.11 96.24 4.58
N LEU J 270 31.38 96.26 4.16
CA LEU J 270 31.83 97.20 3.12
C LEU J 270 31.18 96.91 1.78
N LYS J 271 31.23 95.65 1.35
CA LYS J 271 30.68 95.26 0.06
C LYS J 271 29.16 95.39 0.02
N LYS J 272 28.50 95.08 1.15
CA LYS J 272 27.06 95.26 1.23
C LYS J 272 26.67 96.74 1.25
N ILE J 273 27.51 97.60 1.85
CA ILE J 273 27.27 99.04 1.83
C ILE J 273 27.36 99.59 0.41
N ILE J 274 28.34 99.12 -0.37
CA ILE J 274 28.43 99.60 -1.75
C ILE J 274 27.30 99.00 -2.61
N ALA J 275 26.82 97.80 -2.29
CA ALA J 275 25.63 97.26 -2.96
C ALA J 275 24.37 98.08 -2.65
N LEU J 276 24.22 98.49 -1.40
CA LEU J 276 23.12 99.39 -1.02
C LEU J 276 23.27 100.77 -1.68
N SER J 277 24.51 101.21 -1.91
CA SER J 277 24.73 102.45 -2.64
C SER J 277 24.30 102.33 -4.11
N THR J 278 24.58 101.17 -4.72
CA THR J 278 24.07 100.89 -6.07
C THR J 278 22.55 100.88 -6.10
N LEU J 279 21.94 100.32 -5.06
CA LEU J 279 20.47 100.32 -4.96
C LEU J 279 19.90 101.73 -4.83
N SER J 280 20.54 102.58 -4.03
CA SER J 280 20.09 103.96 -3.88
C SER J 280 20.21 104.73 -5.20
N GLN J 281 21.30 104.50 -5.94
CA GLN J 281 21.46 105.17 -7.22
C GLN J 281 20.48 104.65 -8.27
N LEU J 282 20.18 103.34 -8.23
CA LEU J 282 19.18 102.76 -9.12
C LEU J 282 17.79 103.29 -8.82
N GLY J 283 17.47 103.45 -7.55
CA GLY J 283 16.20 104.03 -7.17
C GLY J 283 16.06 105.48 -7.62
N LEU J 284 17.15 106.25 -7.51
CA LEU J 284 17.15 107.62 -8.02
C LEU J 284 16.95 107.66 -9.53
N MET J 285 17.56 106.70 -10.24
CA MET J 285 17.48 106.69 -11.73
C MET J 285 16.09 106.24 -12.17
N MET J 286 15.58 105.15 -11.60
CA MET J 286 14.25 104.61 -11.98
C MET J 286 13.14 105.63 -11.66
N SER J 287 13.24 106.33 -10.53
CA SER J 287 12.23 107.37 -10.21
C SER J 287 12.25 108.47 -11.27
N ILE J 288 13.44 108.90 -11.70
CA ILE J 288 13.54 109.95 -12.76
C ILE J 288 12.93 109.41 -14.05
N LEU J 289 13.15 108.13 -14.34
CA LEU J 289 12.67 107.50 -15.61
C LEU J 289 11.15 107.57 -15.64
N SER J 290 10.48 107.34 -14.51
CA SER J 290 8.99 107.28 -14.53
C SER J 290 8.41 108.63 -14.98
N MET J 291 8.98 109.74 -14.52
CA MET J 291 8.50 111.07 -14.94
C MET J 291 9.26 111.50 -16.20
N GLY J 292 9.25 110.69 -17.26
CA GLY J 292 10.03 111.00 -18.45
C GLY J 292 11.50 111.02 -18.12
N PHE J 293 12.25 111.90 -18.79
CA PHE J 293 13.66 112.24 -18.48
C PHE J 293 14.58 111.03 -18.63
N LEU J 294 14.40 110.29 -19.72
CA LEU J 294 15.26 109.13 -20.01
C LEU J 294 16.69 109.55 -20.29
N LYS J 295 16.87 110.75 -20.87
CA LYS J 295 18.21 111.26 -21.14
C LYS J 295 18.95 111.59 -19.84
N LEU J 296 18.24 112.16 -18.86
CA LEU J 296 18.81 112.43 -17.55
C LEU J 296 19.13 111.13 -16.82
N ALA J 297 18.25 110.13 -16.95
CA ALA J 297 18.50 108.81 -16.36
C ALA J 297 19.75 108.15 -16.96
N MET J 298 19.92 108.27 -18.28
CA MET J 298 21.07 107.69 -18.96
C MET J 298 22.37 108.43 -18.60
N PHE J 299 22.25 109.76 -18.46
CA PHE J 299 23.35 110.62 -18.03
C PHE J 299 23.80 110.25 -16.63
N HIS J 300 22.88 109.88 -15.75
CA HIS J 300 23.35 109.48 -14.42
C HIS J 300 23.88 108.06 -14.45
N LEU J 301 23.30 107.20 -15.32
CA LEU J 301 23.73 105.81 -15.48
C LEU J 301 25.19 105.68 -15.88
N LEU J 302 25.64 106.44 -16.87
CA LEU J 302 27.02 106.31 -17.35
C LEU J 302 28.03 106.75 -16.28
N THR J 303 27.76 107.88 -15.62
CA THR J 303 28.64 108.38 -14.57
C THR J 303 28.62 107.47 -13.34
N HIS J 304 27.45 106.90 -13.01
CA HIS J 304 27.34 105.97 -11.90
C HIS J 304 28.11 104.70 -12.16
N ALA J 305 28.06 104.20 -13.41
CA ALA J 305 28.83 103.02 -13.78
C ALA J 305 30.33 103.27 -13.62
N LEU J 306 30.79 104.44 -14.05
CA LEU J 306 32.22 104.80 -13.91
C LEU J 306 32.60 104.84 -12.43
N PHE J 307 32.02 105.76 -11.67
CA PHE J 307 32.45 105.93 -10.25
C PHE J 307 32.19 104.65 -9.45
N LYS J 308 31.06 103.97 -9.64
CA LYS J 308 30.79 102.79 -8.78
C LYS J 308 31.88 101.76 -9.04
N ALA J 309 32.28 101.58 -10.29
CA ALA J 309 33.28 100.53 -10.57
C ALA J 309 34.57 100.90 -9.84
N LEU J 310 34.95 102.19 -9.84
CA LEU J 310 36.23 102.51 -9.19
C LEU J 310 36.09 102.16 -7.70
N LEU J 311 34.95 102.47 -7.08
CA LEU J 311 34.83 102.20 -5.63
C LEU J 311 34.93 100.69 -5.40
N PHE J 312 34.28 99.89 -6.25
CA PHE J 312 34.36 98.41 -6.12
C PHE J 312 35.79 97.93 -6.38
N MET J 313 36.47 98.51 -7.36
CA MET J 313 37.89 98.15 -7.63
C MET J 313 38.74 98.54 -6.42
N CYS J 314 38.48 99.71 -5.82
CA CYS J 314 39.20 100.10 -4.59
C CYS J 314 38.87 99.10 -3.50
N ALA J 315 37.60 98.99 -3.13
CA ALA J 315 37.21 98.10 -2.05
C ALA J 315 37.87 96.74 -2.18
N GLY J 316 37.96 96.21 -3.40
CA GLY J 316 38.66 94.96 -3.60
C GLY J 316 40.16 95.05 -3.39
N ALA J 317 40.77 96.19 -3.75
CA ALA J 317 42.19 96.40 -3.47
C ALA J 317 42.45 96.43 -1.98
N ILE J 318 41.53 97.04 -1.22
CA ILE J 318 41.60 97.05 0.24
C ILE J 318 41.49 95.63 0.81
N ILE J 319 40.50 94.87 0.31
CA ILE J 319 40.26 93.50 0.81
C ILE J 319 41.41 92.57 0.46
N HIS J 320 41.98 92.71 -0.73
CA HIS J 320 43.17 91.88 -1.03
C HIS J 320 44.26 92.18 -0.01
N ASN J 321 44.64 93.44 0.15
CA ASN J 321 45.78 93.78 1.05
C ASN J 321 45.44 93.38 2.49
N MET J 322 44.22 93.65 2.93
CA MET J 322 43.78 93.17 4.27
C MET J 322 43.51 91.68 4.13
N ASN J 323 43.48 90.93 5.21
CA ASN J 323 43.10 89.51 5.03
C ASN J 323 41.65 89.54 4.53
N ASN J 324 41.28 88.65 3.61
CA ASN J 324 39.94 88.67 2.97
C ASN J 324 38.85 89.38 3.77
N SER J 325 38.79 89.25 5.10
CA SER J 325 37.67 89.81 5.84
C SER J 325 37.45 91.26 5.45
N GLN J 326 36.18 91.64 5.26
CA GLN J 326 35.82 92.97 4.81
C GLN J 326 34.92 93.71 5.79
N ASP J 327 34.86 93.27 7.04
CA ASP J 327 34.12 93.98 8.08
C ASP J 327 34.79 95.32 8.37
N ILE J 328 34.00 96.41 8.28
CA ILE J 328 34.55 97.76 8.34
C ILE J 328 35.03 98.14 9.74
N ARG J 329 34.63 97.35 10.74
CA ARG J 329 35.18 97.50 12.08
C ARG J 329 36.64 97.05 12.16
N LEU J 330 37.13 96.30 11.18
CA LEU J 330 38.52 95.84 11.22
C LEU J 330 39.46 96.91 10.68
N MET J 331 39.31 97.31 9.42
CA MET J 331 40.19 98.33 8.86
C MET J 331 39.82 99.69 9.46
N GLY J 332 40.83 100.42 9.93
CA GLY J 332 40.53 101.70 10.54
C GLY J 332 41.30 102.93 10.09
N GLY J 333 42.53 102.75 9.60
CA GLY J 333 43.41 103.88 9.42
C GLY J 333 44.09 103.93 8.08
N LEU J 334 43.36 103.58 7.02
CA LEU J 334 43.96 103.32 5.72
C LEU J 334 44.34 104.59 4.96
N SER J 335 43.97 105.77 5.44
CA SER J 335 44.24 107.02 4.74
C SER J 335 45.73 107.33 4.64
N ILE J 336 46.52 106.87 5.62
CA ILE J 336 47.98 106.97 5.52
C ILE J 336 48.55 105.73 4.85
N HIS J 337 48.03 104.55 5.18
CA HIS J 337 48.65 103.30 4.76
C HIS J 337 48.43 102.97 3.29
N MET J 338 47.44 103.59 2.65
CA MET J 338 47.21 103.45 1.21
C MET J 338 47.08 104.85 0.64
N PRO J 339 48.21 105.52 0.34
CA PRO J 339 48.13 106.92 -0.10
C PRO J 339 47.53 107.12 -1.49
N LEU J 340 47.45 106.08 -2.32
CA LEU J 340 46.82 106.17 -3.62
C LEU J 340 45.44 105.53 -3.67
N THR J 341 45.27 104.37 -3.02
CA THR J 341 43.95 103.75 -2.93
C THR J 341 42.99 104.60 -2.11
N SER J 342 43.49 105.22 -1.04
CA SER J 342 42.67 106.13 -0.24
C SER J 342 42.31 107.39 -1.02
N ALA J 343 43.22 107.88 -1.87
CA ALA J 343 42.93 109.05 -2.69
C ALA J 343 41.89 108.73 -3.77
N CYS J 344 41.99 107.55 -4.38
CA CYS J 344 41.00 107.14 -5.37
C CYS J 344 39.63 106.93 -4.73
N PHE J 345 39.61 106.35 -3.52
CA PHE J 345 38.36 106.20 -2.77
C PHE J 345 37.80 107.56 -2.38
N ASN J 346 38.67 108.53 -2.09
CA ASN J 346 38.26 109.90 -1.78
C ASN J 346 37.57 110.56 -2.98
N VAL J 347 38.19 110.46 -4.16
CA VAL J 347 37.65 111.10 -5.36
C VAL J 347 36.33 110.45 -5.79
N SER J 348 36.27 109.12 -5.83
CA SER J 348 35.03 108.48 -6.27
C SER J 348 33.96 108.51 -5.20
N ASN J 349 34.34 108.56 -3.92
CA ASN J 349 33.36 108.69 -2.86
C ASN J 349 32.74 110.07 -2.86
N LEU J 350 33.53 111.11 -3.12
CA LEU J 350 32.95 112.46 -3.24
C LEU J 350 32.18 112.62 -4.53
N ALA J 351 32.52 111.84 -5.57
CA ALA J 351 31.71 111.80 -6.78
C ALA J 351 30.35 111.17 -6.52
N LEU J 352 30.32 110.11 -5.70
CA LEU J 352 29.05 109.52 -5.27
C LEU J 352 28.30 110.48 -4.36
N CYS J 353 29.02 111.23 -3.54
CA CYS J 353 28.43 112.24 -2.66
C CYS J 353 27.73 113.35 -3.43
N GLY J 354 28.37 113.88 -4.46
CA GLY J 354 27.91 115.09 -5.08
C GLY J 354 28.77 116.29 -4.76
N MET J 355 30.07 116.10 -4.61
CA MET J 355 31.02 117.21 -4.56
C MET J 355 30.92 117.97 -5.89
N PRO J 356 30.84 119.31 -5.85
CA PRO J 356 30.53 120.07 -7.08
C PRO J 356 31.60 119.95 -8.15
N PHE J 357 31.11 119.96 -9.39
CA PHE J 357 31.89 119.77 -10.62
C PHE J 357 32.63 118.44 -10.64
N LEU J 358 31.88 117.36 -10.42
CA LEU J 358 32.31 116.01 -10.71
C LEU J 358 31.25 115.33 -11.56
N ALA J 359 31.57 114.10 -11.96
CA ALA J 359 30.67 113.34 -12.85
C ALA J 359 29.38 112.95 -12.15
N GLY J 360 29.45 112.69 -10.85
CA GLY J 360 28.24 112.46 -10.08
C GLY J 360 27.40 113.71 -9.93
N PHE J 361 28.05 114.86 -9.75
CA PHE J 361 27.31 116.09 -9.47
C PHE J 361 26.60 116.62 -10.70
N TYR J 362 27.25 116.53 -11.89
CA TYR J 362 26.64 117.01 -13.13
C TYR J 362 25.35 116.31 -13.51
N SER J 363 25.11 115.09 -13.01
CA SER J 363 23.80 114.51 -13.24
C SER J 363 22.92 114.47 -12.01
N LYS J 364 23.50 114.47 -10.80
CA LYS J 364 22.65 114.46 -9.60
C LYS J 364 21.98 115.82 -9.39
N ASP J 365 22.70 116.91 -9.69
CA ASP J 365 22.09 118.23 -9.59
C ASP J 365 21.04 118.44 -10.67
N MET J 366 21.27 117.93 -11.88
CA MET J 366 20.28 118.04 -12.93
C MET J 366 19.09 117.11 -12.72
N ILE J 367 19.27 116.01 -12.00
CA ILE J 367 18.11 115.21 -11.59
C ILE J 367 17.31 115.94 -10.53
N LEU J 368 18.00 116.47 -9.51
CA LEU J 368 17.33 117.03 -8.34
C LEU J 368 16.74 118.41 -8.58
N GLU J 369 17.07 119.09 -9.68
CA GLU J 369 16.48 120.38 -9.98
C GLU J 369 15.37 120.31 -11.02
N ILE J 370 15.45 119.35 -11.94
CA ILE J 370 14.37 119.14 -12.90
C ILE J 370 13.13 118.58 -12.21
N VAL J 371 13.31 117.79 -11.15
CA VAL J 371 12.16 117.38 -10.35
C VAL J 371 11.60 118.56 -9.55
N SER J 372 12.43 119.53 -9.18
CA SER J 372 11.97 120.67 -8.41
C SER J 372 11.26 121.73 -9.26
N ILE J 373 11.40 121.65 -10.58
CA ILE J 373 10.69 122.58 -11.46
C ILE J 373 9.46 121.91 -12.07
N SER J 374 9.41 120.58 -12.10
CA SER J 374 8.24 119.86 -12.60
C SER J 374 7.33 119.45 -11.44
N ASN J 375 6.17 118.90 -11.79
CA ASN J 375 5.21 118.45 -10.80
C ASN J 375 5.68 117.16 -10.15
N VAL J 376 5.60 117.11 -8.82
CA VAL J 376 6.08 115.97 -8.05
C VAL J 376 5.15 115.75 -6.87
N ASN J 377 4.94 114.48 -6.51
CA ASN J 377 4.27 114.14 -5.27
C ASN J 377 5.10 114.61 -4.08
N MET J 378 4.40 114.95 -2.99
CA MET J 378 5.08 115.43 -1.79
C MET J 378 5.90 114.34 -1.12
N PHE J 379 5.40 113.09 -1.16
CA PHE J 379 6.16 111.97 -0.62
C PHE J 379 7.43 111.69 -1.43
N SER J 380 7.34 111.79 -2.76
CA SER J 380 8.51 111.58 -3.59
C SER J 380 9.50 112.75 -3.49
N PHE J 381 9.00 113.97 -3.26
CA PHE J 381 9.90 115.09 -3.03
C PHE J 381 10.58 115.00 -1.67
N PHE J 382 9.88 114.46 -0.66
CA PHE J 382 10.52 114.21 0.63
C PHE J 382 11.55 113.11 0.54
N LEU J 383 11.26 112.06 -0.23
CA LEU J 383 12.16 110.91 -0.32
C LEU J 383 13.44 111.22 -1.10
N TYR J 384 13.40 112.20 -2.00
CA TYR J 384 14.58 112.55 -2.79
C TYR J 384 15.64 113.22 -1.93
N TYR J 385 15.34 114.45 -1.53
CA TYR J 385 16.40 115.20 -0.82
C TYR J 385 16.87 114.34 0.36
N PHE J 386 15.97 113.61 1.03
CA PHE J 386 16.44 112.85 2.21
C PHE J 386 17.47 111.81 1.76
N SER J 387 17.20 111.11 0.65
CA SER J 387 18.12 110.06 0.15
C SER J 387 19.48 110.65 -0.26
N THR J 388 19.48 111.82 -0.91
CA THR J 388 20.78 112.45 -1.23
C THR J 388 21.49 112.75 0.08
N GLY J 389 20.77 113.23 1.09
CA GLY J 389 21.38 113.43 2.41
C GLY J 389 21.84 112.11 2.97
N LEU J 390 21.03 111.07 2.79
CA LEU J 390 21.38 109.72 3.28
C LEU J 390 22.65 109.24 2.60
N THR J 391 22.88 109.65 1.35
CA THR J 391 24.03 109.09 0.63
C THR J 391 25.34 109.65 1.16
N VAL J 392 25.40 110.95 1.46
CA VAL J 392 26.62 111.49 2.05
C VAL J 392 26.75 111.06 3.50
N SER J 393 25.62 110.69 4.15
CA SER J 393 25.68 110.13 5.50
C SER J 393 26.34 108.76 5.50
N TYR J 394 25.92 107.84 4.63
CA TYR J 394 26.63 106.55 4.65
C TYR J 394 27.96 106.59 3.92
N SER J 395 28.21 107.59 3.06
CA SER J 395 29.53 107.70 2.45
C SER J 395 30.55 108.21 3.45
N PHE J 396 30.20 109.22 4.25
CA PHE J 396 31.14 109.72 5.23
C PHE J 396 31.23 108.84 6.47
N ARG J 397 30.24 107.98 6.69
CA ARG J 397 30.37 106.94 7.71
C ARG J 397 31.39 105.90 7.27
N LEU J 398 31.41 105.57 5.99
CA LEU J 398 32.39 104.63 5.46
C LEU J 398 33.78 105.27 5.43
N VAL J 399 33.83 106.60 5.35
CA VAL J 399 35.09 107.33 5.47
C VAL J 399 35.67 107.16 6.87
N TYR J 400 34.85 107.31 7.91
CA TYR J 400 35.37 107.29 9.28
C TYR J 400 35.69 105.87 9.75
N TYR J 401 34.94 104.88 9.27
CA TYR J 401 35.22 103.50 9.68
C TYR J 401 36.51 102.98 9.04
N SER J 402 36.58 102.99 7.71
CA SER J 402 37.70 102.36 7.01
C SER J 402 38.97 103.20 7.12
N MET J 403 38.82 104.52 7.22
CA MET J 403 39.94 105.45 7.15
C MET J 403 39.84 106.44 8.30
N THR J 404 40.92 107.21 8.50
CA THR J 404 41.01 108.33 9.45
C THR J 404 40.63 107.95 10.89
N GLY J 405 41.03 106.75 11.31
CA GLY J 405 40.68 106.26 12.62
C GLY J 405 41.67 105.22 13.10
N ASP J 406 41.36 104.63 14.24
CA ASP J 406 42.23 103.62 14.83
C ASP J 406 42.13 102.30 14.06
N LEU J 407 43.29 101.75 13.73
CA LEU J 407 43.38 100.50 12.99
C LEU J 407 43.06 99.36 13.94
N ASN J 408 42.01 98.58 13.63
CA ASN J 408 41.45 97.63 14.56
C ASN J 408 41.47 96.20 14.02
N CYS J 409 42.29 95.93 13.00
CA CYS J 409 42.16 94.71 12.22
C CYS J 409 42.67 93.48 12.96
N GLY J 410 43.76 93.61 13.70
CA GLY J 410 44.37 92.49 14.37
C GLY J 410 45.87 92.66 14.48
N SER J 411 46.48 91.73 15.22
CA SER J 411 47.88 91.87 15.61
C SER J 411 48.82 91.63 14.43
N LEU J 412 48.47 90.70 13.55
CA LEU J 412 49.25 90.44 12.34
C LEU J 412 48.45 90.89 11.12
N ASN J 413 49.05 91.75 10.32
CA ASN J 413 48.44 92.21 9.08
C ASN J 413 49.52 92.62 8.11
N MET J 414 49.17 92.63 6.83
CA MET J 414 50.03 93.18 5.80
C MET J 414 49.32 94.38 5.16
N LEU J 415 50.10 95.39 4.81
CA LEU J 415 49.57 96.64 4.26
C LEU J 415 50.64 97.24 3.36
N ASN J 416 50.35 97.33 2.07
CA ASN J 416 51.33 97.83 1.11
C ASN J 416 50.60 98.49 -0.05
N ASP J 417 51.35 99.30 -0.79
CA ASP J 417 50.84 99.96 -1.98
C ASP J 417 51.79 99.73 -3.17
N GLU J 418 52.54 98.64 -3.15
CA GLU J 418 53.49 98.34 -4.21
C GLU J 418 52.85 97.71 -5.44
N SER J 419 51.59 97.26 -5.35
CA SER J 419 50.89 96.75 -6.50
C SER J 419 50.56 97.88 -7.47
N TRP J 420 50.73 97.62 -8.76
CA TRP J 420 50.53 98.66 -9.77
C TRP J 420 49.69 98.25 -10.97
N ILE J 421 49.47 96.95 -11.19
CA ILE J 421 48.60 96.51 -12.27
C ILE J 421 47.15 96.85 -11.97
N MET J 422 46.75 96.79 -10.69
CA MET J 422 45.47 97.35 -10.27
C MET J 422 45.45 98.85 -10.45
N LEU J 423 46.55 99.50 -10.07
CA LEU J 423 46.57 100.95 -9.92
C LEU J 423 46.61 101.68 -11.25
N ARG J 424 47.07 101.01 -12.32
CA ARG J 424 47.01 101.61 -13.65
C ARG J 424 45.57 101.74 -14.14
N GLY J 425 44.75 100.69 -13.95
CA GLY J 425 43.34 100.81 -14.23
C GLY J 425 42.61 101.74 -13.27
N MET J 426 43.10 101.83 -12.03
CA MET J 426 42.60 102.83 -11.09
C MET J 426 42.83 104.25 -11.59
N MET J 427 44.03 104.52 -12.13
CA MET J 427 44.31 105.84 -12.73
C MET J 427 43.49 106.08 -13.99
N GLY J 428 43.24 105.03 -14.78
CA GLY J 428 42.43 105.18 -15.98
C GLY J 428 40.99 105.57 -15.68
N LEU J 429 40.34 104.82 -14.79
CA LEU J 429 39.01 105.24 -14.36
C LEU J 429 39.03 106.48 -13.47
N LEU J 430 40.18 106.85 -12.90
CA LEU J 430 40.27 108.07 -12.11
C LEU J 430 40.22 109.30 -13.00
N ILE J 431 41.00 109.30 -14.09
CA ILE J 431 40.94 110.39 -15.07
C ILE J 431 39.56 110.41 -15.73
N MET J 432 39.00 109.22 -15.99
CA MET J 432 37.66 109.17 -16.57
C MET J 432 36.59 109.66 -15.60
N SER J 433 36.72 109.37 -14.30
CA SER J 433 35.76 109.88 -13.33
C SER J 433 35.94 111.37 -13.07
N ILE J 434 37.14 111.91 -13.32
CA ILE J 434 37.34 113.34 -13.17
C ILE J 434 36.68 114.10 -14.33
N ILE J 435 36.94 113.68 -15.57
CA ILE J 435 36.43 114.45 -16.71
C ILE J 435 35.29 113.74 -17.44
N GLY J 436 34.65 112.76 -16.81
CA GLY J 436 33.66 111.95 -17.49
C GLY J 436 32.33 112.62 -17.67
N GLY J 437 31.79 113.20 -16.60
CA GLY J 437 30.60 114.02 -16.74
C GLY J 437 30.89 115.33 -17.43
N SER J 438 32.16 115.77 -17.42
CA SER J 438 32.54 116.99 -18.13
C SER J 438 32.50 116.80 -19.63
N MET J 439 32.98 115.66 -20.14
CA MET J 439 32.87 115.44 -21.58
C MET J 439 31.45 115.06 -21.99
N LEU J 440 30.66 114.48 -21.08
CA LEU J 440 29.39 113.88 -21.45
C LEU J 440 28.24 114.87 -21.43
N ASN J 441 28.26 115.84 -20.51
CA ASN J 441 27.22 116.86 -20.42
C ASN J 441 27.16 117.75 -21.65
N TRP J 442 28.27 117.90 -22.36
CA TRP J 442 28.33 118.75 -23.53
C TRP J 442 27.82 118.06 -24.78
N LEU J 443 27.75 116.73 -24.79
CA LEU J 443 27.36 115.98 -25.98
C LEU J 443 26.10 115.13 -25.81
N ILE J 444 25.63 114.87 -24.60
CA ILE J 444 24.38 114.13 -24.45
C ILE J 444 23.18 115.05 -24.66
N PHE J 445 23.38 116.35 -24.52
CA PHE J 445 22.28 117.34 -24.53
C PHE J 445 22.38 118.24 -25.75
N PRO J 446 21.61 118.00 -26.81
CA PRO J 446 21.48 119.03 -27.85
C PRO J 446 20.64 120.21 -27.40
N PHE J 447 19.82 120.05 -26.36
CA PHE J 447 19.02 121.12 -25.79
C PHE J 447 19.22 121.09 -24.28
N PRO J 448 19.97 122.04 -23.72
CA PRO J 448 20.22 122.04 -22.27
C PRO J 448 18.96 122.42 -21.50
N TYR J 449 18.73 121.71 -20.39
CA TYR J 449 17.57 121.98 -19.56
C TYR J 449 17.77 123.28 -18.79
N MET J 450 16.74 124.11 -18.76
CA MET J 450 16.81 125.43 -18.15
C MET J 450 16.35 125.33 -16.71
N ILE J 451 17.11 125.93 -15.79
CA ILE J 451 16.83 125.89 -14.37
C ILE J 451 16.54 127.32 -13.91
N CYS J 452 15.36 127.52 -13.33
CA CYS J 452 14.94 128.81 -12.79
C CYS J 452 14.30 128.61 -11.42
N LEU J 453 14.98 127.85 -10.57
CA LEU J 453 14.50 127.62 -9.21
C LEU J 453 14.86 128.80 -8.31
N PRO J 454 14.17 128.95 -7.18
CA PRO J 454 14.64 129.90 -6.16
C PRO J 454 15.96 129.45 -5.54
N ILE J 455 16.58 130.40 -4.83
CA ILE J 455 17.93 130.21 -4.30
C ILE J 455 17.96 129.14 -3.21
N TYR J 456 16.91 129.04 -2.38
CA TYR J 456 16.89 128.04 -1.33
C TYR J 456 16.65 126.64 -1.89
N MET J 457 15.78 126.51 -2.89
CA MET J 457 15.60 125.19 -3.51
C MET J 457 16.77 124.80 -4.40
N LYS J 458 17.51 125.79 -4.93
CA LYS J 458 18.71 125.47 -5.69
C LYS J 458 19.85 125.04 -4.77
N LEU J 459 19.98 125.68 -3.61
CA LEU J 459 21.02 125.33 -2.65
C LEU J 459 20.58 124.25 -1.67
N LEU J 460 19.36 123.71 -1.82
CA LEU J 460 18.86 122.67 -0.93
C LEU J 460 19.69 121.39 -1.03
N THR J 461 20.11 121.00 -2.24
CA THR J 461 20.89 119.77 -2.40
C THR J 461 22.29 119.92 -1.82
N LEU J 462 22.92 121.10 -1.97
CA LEU J 462 24.23 121.33 -1.36
C LEU J 462 24.12 121.44 0.15
N PHE J 463 23.04 122.08 0.64
CA PHE J 463 22.82 122.21 2.08
C PHE J 463 22.59 120.86 2.73
N VAL J 464 21.79 119.98 2.10
CA VAL J 464 21.57 118.67 2.68
C VAL J 464 22.80 117.78 2.49
N CYS J 465 23.66 118.07 1.51
CA CYS J 465 24.94 117.39 1.43
C CYS J 465 25.85 117.73 2.60
N ILE J 466 25.91 119.01 3.00
CA ILE J 466 26.73 119.36 4.18
C ILE J 466 26.10 118.83 5.47
N VAL J 467 24.76 118.88 5.59
CA VAL J 467 24.08 118.37 6.79
C VAL J 467 24.25 116.86 6.93
N GLY J 468 24.11 116.11 5.82
CA GLY J 468 24.33 114.68 5.90
C GLY J 468 25.78 114.30 6.04
N GLY J 469 26.70 115.11 5.49
CA GLY J 469 28.12 114.84 5.67
C GLY J 469 28.59 115.04 7.10
N LEU J 470 28.09 116.09 7.75
CA LEU J 470 28.41 116.28 9.17
C LEU J 470 27.65 115.29 10.05
N PHE J 471 26.41 114.99 9.70
CA PHE J 471 25.60 114.09 10.50
C PHE J 471 26.00 112.63 10.30
N GLY J 472 26.51 112.28 9.14
CA GLY J 472 27.01 110.93 8.93
C GLY J 472 28.40 110.69 9.45
N TYR J 473 29.07 111.72 9.93
CA TYR J 473 30.43 111.62 10.45
C TYR J 473 30.50 111.87 11.95
N LEU J 474 29.94 112.98 12.44
CA LEU J 474 30.05 113.34 13.85
C LEU J 474 29.24 112.40 14.75
N ILE J 475 28.17 111.82 14.24
CA ILE J 475 27.48 110.75 14.97
C ILE J 475 28.35 109.51 15.03
N SER J 476 29.09 109.22 13.96
CA SER J 476 29.93 108.03 13.89
C SER J 476 31.15 108.10 14.81
N LEU J 477 31.55 109.29 15.26
CA LEU J 477 32.58 109.40 16.29
C LEU J 477 32.11 108.76 17.60
N SER J 478 32.98 107.94 18.17
CA SER J 478 32.71 107.24 19.41
C SER J 478 33.72 107.65 20.46
N ASN J 479 33.23 108.08 21.61
CA ASN J 479 34.05 108.42 22.76
C ASN J 479 33.67 107.49 23.91
N LEU J 480 34.22 107.77 25.09
CA LEU J 480 33.80 107.03 26.27
C LEU J 480 32.44 107.54 26.74
N PHE J 481 31.61 106.61 27.23
CA PHE J 481 30.28 106.86 27.81
C PHE J 481 29.34 107.55 26.81
N PHE J 482 29.02 106.84 25.74
CA PHE J 482 28.00 107.32 24.81
C PHE J 482 26.75 106.47 24.97
N LEU J 483 25.63 106.99 24.47
CA LEU J 483 24.38 106.26 24.44
C LEU J 483 24.31 105.50 23.12
N ASN J 484 24.40 104.18 23.19
CA ASN J 484 24.30 103.33 22.00
C ASN J 484 22.84 103.32 21.54
N LYS J 485 22.55 104.09 20.49
CA LYS J 485 21.17 104.22 20.03
C LYS J 485 20.68 102.97 19.32
N SER J 486 21.59 102.20 18.72
CA SER J 486 21.20 100.91 18.14
C SER J 486 20.85 99.91 19.22
N LEU J 487 21.62 99.88 20.32
CA LEU J 487 21.30 99.00 21.43
C LEU J 487 20.03 99.43 22.17
N PHE J 488 19.66 100.71 22.08
CA PHE J 488 18.38 101.15 22.63
C PHE J 488 17.23 100.75 21.72
N MET J 489 17.26 101.19 20.46
CA MET J 489 16.23 100.83 19.48
C MET J 489 16.64 99.61 18.64
N TYR J 490 17.06 98.55 19.35
CA TYR J 490 17.33 97.24 18.73
C TYR J 490 16.15 96.70 17.92
N ASN J 491 14.92 96.92 18.38
CA ASN J 491 13.76 96.47 17.62
C ASN J 491 13.56 97.25 16.34
N LEU J 492 14.09 98.46 16.26
CA LEU J 492 14.07 99.24 15.02
C LEU J 492 15.33 99.04 14.20
N SER J 493 16.50 98.91 14.87
CA SER J 493 17.76 98.79 14.14
C SER J 493 17.91 97.41 13.50
N THR J 494 17.22 96.39 14.02
CA THR J 494 17.18 95.11 13.34
C THR J 494 16.38 95.21 12.05
N PHE J 495 15.33 96.03 12.06
CA PHE J 495 14.52 96.19 10.85
C PHE J 495 15.21 97.10 9.83
N LEU J 496 15.91 98.14 10.30
CA LEU J 496 16.51 99.08 9.36
C LEU J 496 17.78 98.49 8.75
N GLY J 497 18.54 97.73 9.53
CA GLY J 497 19.52 96.85 8.95
C GLY J 497 18.85 95.62 8.36
N SER J 498 19.66 94.78 7.70
CA SER J 498 19.26 93.56 6.99
C SER J 498 18.19 93.83 5.93
N MET J 499 18.20 95.03 5.32
CA MET J 499 17.52 95.34 4.05
C MET J 499 15.99 95.24 4.16
N TRP J 500 15.44 95.74 5.27
CA TRP J 500 14.01 95.68 5.61
C TRP J 500 13.45 94.28 5.61
N PHE J 501 14.22 93.31 6.14
CA PHE J 501 13.90 91.89 6.38
C PHE J 501 13.66 91.04 5.13
N MET J 502 13.77 91.59 3.92
CA MET J 502 13.58 90.75 2.73
C MET J 502 14.68 89.72 2.45
N PRO J 503 15.93 89.80 2.95
CA PRO J 503 16.75 88.59 2.98
C PRO J 503 16.15 87.44 3.79
N TYR J 504 15.40 87.75 4.86
CA TYR J 504 14.65 86.68 5.52
C TYR J 504 13.45 86.27 4.69
N ILE J 505 12.73 87.24 4.10
CA ILE J 505 11.47 86.97 3.41
C ILE J 505 11.70 86.16 2.14
N SER J 506 12.74 86.48 1.38
CA SER J 506 12.99 85.75 0.14
C SER J 506 13.56 84.35 0.39
N THR J 507 14.24 84.14 1.51
CA THR J 507 14.98 82.90 1.73
C THR J 507 14.30 81.95 2.71
N TYR J 508 14.01 82.39 3.93
CA TYR J 508 13.56 81.51 4.99
C TYR J 508 12.07 81.70 5.25
N GLY J 509 11.35 80.60 5.38
CA GLY J 509 9.94 80.64 5.70
C GLY J 509 9.01 80.72 4.52
N MET J 510 9.39 81.46 3.47
CA MET J 510 8.59 81.47 2.25
C MET J 510 8.81 80.22 1.41
N ILE J 511 10.07 79.76 1.30
CA ILE J 511 10.37 78.60 0.46
C ILE J 511 10.00 77.27 1.12
N PHE J 512 9.63 77.28 2.40
CA PHE J 512 9.13 76.06 3.03
C PHE J 512 7.82 75.60 2.41
N TYR J 513 6.96 76.55 2.05
CA TYR J 513 5.64 76.28 1.48
C TYR J 513 5.67 75.56 0.12
N PRO J 514 6.56 75.89 -0.88
CA PRO J 514 6.63 75.02 -2.05
C PRO J 514 7.34 73.70 -1.81
N LEU J 515 8.38 73.71 -0.97
CA LEU J 515 9.25 72.55 -0.86
C LEU J 515 8.63 71.44 -0.02
N ASN J 516 7.82 71.80 0.97
CA ASN J 516 7.02 70.80 1.67
C ASN J 516 5.90 70.28 0.76
N TYR J 517 5.37 71.15 -0.09
CA TYR J 517 4.33 70.77 -1.04
C TYR J 517 4.86 69.90 -2.16
N GLY J 518 6.16 69.97 -2.46
CA GLY J 518 6.74 69.06 -3.43
C GLY J 518 6.85 67.64 -2.93
N GLN J 519 6.98 67.47 -1.61
CA GLN J 519 6.96 66.13 -1.03
C GLN J 519 5.55 65.56 -0.98
N LEU J 520 4.54 66.42 -0.86
CA LEU J 520 3.15 65.96 -0.80
C LEU J 520 2.69 65.40 -2.14
N VAL J 521 3.23 65.88 -3.25
CA VAL J 521 2.96 65.27 -4.54
C VAL J 521 3.64 63.91 -4.65
N VAL J 522 4.87 63.80 -4.13
CA VAL J 522 5.60 62.54 -4.17
C VAL J 522 4.95 61.50 -3.27
N LYS J 523 4.59 61.90 -2.05
CA LYS J 523 4.07 60.96 -1.07
C LYS J 523 2.63 60.54 -1.34
N SER J 524 1.92 61.25 -2.21
CA SER J 524 0.51 60.95 -2.43
C SER J 524 0.13 60.70 -3.87
N PHE J 525 0.89 61.20 -4.86
CA PHE J 525 0.51 61.00 -6.25
C PHE J 525 1.62 60.55 -7.19
N ASP J 526 2.89 60.65 -6.81
CA ASP J 526 3.90 59.93 -7.58
C ASP J 526 3.90 58.45 -7.24
N GLN J 527 3.78 58.14 -5.94
CA GLN J 527 3.83 56.77 -5.45
C GLN J 527 2.84 56.55 -4.32
N GLY J 528 1.78 57.35 -4.27
CA GLY J 528 0.74 57.21 -3.27
C GLY J 528 -0.58 56.73 -3.84
N TRP J 529 -1.51 57.66 -4.07
CA TRP J 529 -2.84 57.31 -4.55
C TRP J 529 -2.82 56.82 -5.99
N SER J 530 -1.87 57.31 -6.80
CA SER J 530 -1.81 56.88 -8.20
C SER J 530 -1.30 55.45 -8.32
N GLU J 531 -0.38 55.04 -7.45
CA GLU J 531 -0.02 53.63 -7.37
C GLU J 531 -1.09 52.81 -6.67
N TYR J 532 -1.95 53.45 -5.88
CA TYR J 532 -3.10 52.76 -5.28
C TYR J 532 -4.21 52.54 -6.30
N PHE J 533 -4.33 53.42 -7.29
CA PHE J 533 -5.27 53.23 -8.39
C PHE J 533 -4.59 52.74 -9.65
N GLY J 534 -3.33 52.33 -9.55
CA GLY J 534 -2.57 51.89 -10.71
C GLY J 534 -1.97 50.51 -10.60
N GLY J 535 -0.71 50.40 -10.98
CA GLY J 535 -0.14 49.10 -11.35
C GLY J 535 0.09 48.16 -10.17
N GLN J 536 0.63 48.68 -9.07
CA GLN J 536 0.98 47.81 -7.94
C GLN J 536 -0.26 47.27 -7.23
N HIS J 537 -1.26 48.13 -7.01
CA HIS J 537 -2.48 47.63 -6.40
C HIS J 537 -3.34 46.84 -7.38
N LEU J 538 -3.22 47.09 -8.69
CA LEU J 538 -3.85 46.21 -9.67
C LEU J 538 -3.23 44.83 -9.64
N TYR J 539 -1.90 44.76 -9.48
CA TYR J 539 -1.20 43.48 -9.32
C TYR J 539 -1.65 42.75 -8.06
N GLN J 540 -1.80 43.49 -6.95
CA GLN J 540 -2.26 42.88 -5.71
C GLN J 540 -3.70 42.38 -5.82
N LYS J 541 -4.56 43.14 -6.50
CA LYS J 541 -5.95 42.72 -6.71
C LYS J 541 -6.04 41.50 -7.61
N LEU J 542 -5.24 41.46 -8.69
CA LEU J 542 -5.27 40.29 -9.58
C LEU J 542 -4.64 39.06 -8.92
N SER J 543 -3.65 39.26 -8.04
CA SER J 543 -3.10 38.14 -7.29
C SER J 543 -4.11 37.59 -6.29
N MET J 544 -4.88 38.47 -5.64
CA MET J 544 -5.94 38.01 -4.74
C MET J 544 -7.06 37.29 -5.49
N TYR J 545 -7.43 37.81 -6.66
CA TYR J 545 -8.46 37.15 -7.47
C TYR J 545 -7.98 35.82 -8.05
N SER J 546 -6.68 35.71 -8.36
CA SER J 546 -6.15 34.43 -8.82
C SER J 546 -6.01 33.43 -7.68
N LYS J 547 -5.76 33.92 -6.47
CA LYS J 547 -5.75 33.03 -5.31
C LYS J 547 -7.15 32.53 -4.99
N THR J 548 -8.16 33.38 -5.19
CA THR J 548 -9.54 32.96 -4.97
C THR J 548 -10.00 31.99 -6.05
N LEU J 549 -9.64 32.25 -7.31
CA LEU J 549 -10.05 31.39 -8.41
C LEU J 549 -9.29 30.07 -8.42
N PHE J 550 -8.11 30.01 -7.80
CA PHE J 550 -7.41 28.74 -7.65
C PHE J 550 -8.12 27.84 -6.65
N LEU J 551 -8.78 28.42 -5.64
CA LEU J 551 -9.58 27.62 -4.71
C LEU J 551 -10.87 27.13 -5.34
N MET J 552 -11.28 27.70 -6.47
CA MET J 552 -12.43 27.17 -7.19
C MET J 552 -12.10 25.85 -7.89
N HIS J 553 -10.84 25.64 -8.22
CA HIS J 553 -10.41 24.45 -8.93
C HIS J 553 -9.93 23.33 -8.01
N ASN J 554 -10.04 23.52 -6.69
CA ASN J 554 -9.49 22.56 -5.73
C ASN J 554 -10.48 21.48 -5.32
N ASN J 555 -11.67 21.42 -5.93
CA ASN J 555 -12.67 20.43 -5.59
C ASN J 555 -12.63 19.27 -6.57
N SER J 556 -13.47 18.27 -6.29
CA SER J 556 -13.59 17.11 -7.17
C SER J 556 -14.42 17.47 -8.40
N LEU J 557 -14.42 16.56 -9.38
CA LEU J 557 -15.13 16.79 -10.63
C LEU J 557 -16.64 16.80 -10.47
N LYS J 558 -17.16 16.11 -9.43
CA LYS J 558 -18.58 15.97 -9.24
C LYS J 558 -19.26 17.30 -8.92
N ILE J 559 -18.53 18.24 -8.31
CA ILE J 559 -19.07 19.56 -8.02
C ILE J 559 -19.34 20.34 -9.32
N TYR J 560 -18.37 20.31 -10.24
CA TYR J 560 -18.54 21.03 -11.50
C TYR J 560 -19.55 20.34 -12.39
N LEU J 561 -19.62 19.01 -12.33
CA LEU J 561 -20.62 18.30 -13.12
C LEU J 561 -22.02 18.52 -12.55
N LEU J 562 -22.12 18.68 -11.22
CA LEU J 562 -23.39 19.06 -10.59
C LEU J 562 -23.78 20.47 -10.97
N LEU J 563 -22.81 21.37 -11.13
CA LEU J 563 -23.09 22.72 -11.60
C LEU J 563 -23.63 22.72 -13.02
N PHE J 564 -23.05 21.88 -13.89
CA PHE J 564 -23.56 21.74 -15.26
C PHE J 564 -24.97 21.14 -15.26
N VAL J 565 -25.22 20.15 -14.39
CA VAL J 565 -26.54 19.53 -14.31
C VAL J 565 -27.58 20.52 -13.80
N PHE J 566 -27.19 21.39 -12.85
CA PHE J 566 -28.05 22.48 -12.40
C PHE J 566 -28.34 23.47 -13.52
N TRP J 567 -27.34 23.77 -14.36
CA TRP J 567 -27.57 24.70 -15.47
C TRP J 567 -28.49 24.10 -16.53
N ILE J 568 -28.37 22.78 -16.78
CA ILE J 568 -29.29 22.12 -17.70
C ILE J 568 -30.70 22.06 -17.13
N LEU J 569 -30.82 21.88 -15.81
CA LEU J 569 -32.12 21.86 -15.15
C LEU J 569 -32.78 23.25 -15.18
N ILE J 570 -31.98 24.31 -15.11
CA ILE J 570 -32.51 25.67 -15.23
C ILE J 570 -33.06 25.91 -16.63
N LEU J 571 -32.35 25.45 -17.67
CA LEU J 571 -32.81 25.61 -19.03
C LEU J 571 -33.98 24.69 -19.38
N LEU J 572 -34.19 23.62 -18.63
CA LEU J 572 -35.33 22.74 -18.86
C LEU J 572 -36.58 23.17 -18.11
N ILE J 573 -36.42 23.89 -17.00
CA ILE J 573 -37.56 24.45 -16.29
C ILE J 573 -38.20 25.56 -17.11
N LEU J 574 -37.37 26.41 -17.74
CA LEU J 574 -37.87 27.50 -18.57
C LEU J 574 -38.48 26.99 -19.88
N LEU J 575 -38.18 25.75 -20.28
CA LEU J 575 -38.89 25.15 -21.41
C LEU J 575 -40.35 24.89 -21.08
N PHE J 576 -40.66 24.58 -19.82
CA PHE J 576 -42.05 24.49 -19.38
C PHE J 576 -42.69 25.87 -19.33
N LEU J 577 -41.95 26.87 -18.85
CA LEU J 577 -42.49 28.21 -18.62
C LEU J 577 -42.62 28.98 -19.92
N VAL K 2 -57.29 16.08 -41.30
CA VAL K 2 -58.51 16.53 -40.65
C VAL K 2 -59.62 16.72 -41.68
N ILE K 3 -60.87 16.75 -41.21
CA ILE K 3 -62.03 16.92 -42.07
C ILE K 3 -62.75 18.19 -41.65
N THR K 4 -62.88 19.13 -42.58
CA THR K 4 -63.55 20.40 -42.34
C THR K 4 -64.83 20.48 -43.14
N ASN K 5 -65.53 21.61 -43.02
CA ASN K 5 -66.78 21.81 -43.74
C ASN K 5 -66.58 22.07 -45.22
N ASN K 6 -65.39 22.53 -45.62
CA ASN K 6 -65.14 22.79 -47.04
C ASN K 6 -64.95 21.52 -47.84
N THR K 7 -64.42 20.47 -47.22
CA THR K 7 -64.19 19.20 -47.91
C THR K 7 -65.52 18.46 -48.08
N THR K 8 -65.79 18.00 -49.29
CA THR K 8 -67.01 17.27 -49.54
C THR K 8 -66.85 15.81 -49.12
N LEU K 9 -67.97 15.18 -48.82
CA LEU K 9 -68.03 13.77 -48.47
C LEU K 9 -69.25 13.17 -49.14
N PRO K 10 -69.20 11.88 -49.51
CA PRO K 10 -70.40 11.22 -50.02
C PRO K 10 -71.46 11.07 -48.94
N GLU K 11 -72.72 11.09 -49.38
CA GLU K 11 -73.84 11.06 -48.46
C GLU K 11 -74.04 9.65 -47.90
N GLU K 12 -74.89 9.56 -46.89
CA GLU K 12 -75.19 8.28 -46.26
C GLU K 12 -76.03 7.37 -47.14
N SER K 13 -76.75 7.93 -48.12
CA SER K 13 -77.56 7.10 -49.01
C SER K 13 -76.69 6.36 -50.02
N GLU K 14 -75.50 6.89 -50.33
CA GLU K 14 -74.62 6.23 -51.28
C GLU K 14 -73.91 5.03 -50.66
N LEU K 15 -73.59 5.09 -49.37
CA LEU K 15 -72.80 4.06 -48.72
C LEU K 15 -73.64 2.98 -48.07
N ASN K 16 -74.96 2.98 -48.28
CA ASN K 16 -75.86 2.03 -47.63
C ASN K 16 -76.18 0.83 -48.51
N VAL K 17 -75.25 0.42 -49.37
CA VAL K 17 -75.49 -0.71 -50.26
C VAL K 17 -75.16 -2.02 -49.53
N GLN K 18 -75.57 -3.13 -50.15
CA GLN K 18 -75.31 -4.46 -49.60
C GLN K 18 -73.83 -4.79 -49.71
N GLU K 19 -73.26 -5.25 -48.61
CA GLU K 19 -71.84 -5.58 -48.52
C GLU K 19 -71.66 -7.07 -48.27
N LEU K 20 -70.47 -7.56 -48.62
CA LEU K 20 -70.14 -8.97 -48.43
C LEU K 20 -69.87 -9.24 -46.95
N ASN K 21 -70.71 -10.07 -46.34
CA ASN K 21 -70.62 -10.40 -44.92
C ASN K 21 -70.21 -11.85 -44.70
N LEU K 22 -69.36 -12.38 -45.58
CA LEU K 22 -68.86 -13.73 -45.43
C LEU K 22 -67.68 -13.73 -44.45
N SER K 23 -67.47 -14.89 -43.82
CA SER K 23 -66.40 -15.02 -42.85
C SER K 23 -65.07 -15.24 -43.57
N SER K 24 -64.00 -15.43 -42.79
CA SER K 24 -62.67 -15.59 -43.37
C SER K 24 -62.48 -16.94 -44.03
N ALA K 25 -63.03 -18.00 -43.42
CA ALA K 25 -62.91 -19.33 -44.02
C ALA K 25 -63.80 -19.47 -45.25
N ALA K 26 -64.94 -18.78 -45.28
CA ALA K 26 -65.78 -18.79 -46.47
C ALA K 26 -65.19 -17.93 -47.58
N LEU K 27 -64.44 -16.90 -47.24
CA LEU K 27 -63.76 -16.12 -48.27
C LEU K 27 -62.51 -16.82 -48.78
N ARG K 28 -61.81 -17.55 -47.91
CA ARG K 28 -60.62 -18.29 -48.33
C ARG K 28 -61.00 -19.50 -49.19
N ALA K 29 -62.11 -20.15 -48.88
CA ALA K 29 -62.63 -21.19 -49.75
C ALA K 29 -63.23 -20.54 -51.00
N GLY K 30 -62.85 -21.05 -52.16
CA GLY K 30 -63.29 -20.43 -53.42
C GLY K 30 -62.65 -19.10 -53.71
N ALA K 31 -61.49 -18.81 -53.10
CA ALA K 31 -60.82 -17.54 -53.35
C ALA K 31 -60.14 -17.52 -54.70
N PHE K 32 -59.64 -18.67 -55.18
CA PHE K 32 -58.98 -18.73 -56.47
C PHE K 32 -59.97 -18.65 -57.62
N HIS K 33 -61.17 -19.19 -57.45
CA HIS K 33 -62.19 -19.07 -58.48
C HIS K 33 -62.87 -17.71 -58.50
N LEU K 34 -62.74 -16.94 -57.42
CA LEU K 34 -63.37 -15.63 -57.38
C LEU K 34 -62.61 -14.61 -58.23
N GLY K 35 -61.28 -14.65 -58.18
CA GLY K 35 -60.49 -13.68 -58.92
C GLY K 35 -60.41 -13.93 -60.41
N LYS K 36 -60.69 -15.16 -60.85
CA LYS K 36 -60.80 -15.41 -62.28
C LYS K 36 -62.07 -14.81 -62.87
N GLN K 37 -63.07 -14.53 -62.03
CA GLN K 37 -64.28 -13.86 -62.47
C GLN K 37 -64.27 -12.37 -62.18
N CYS K 38 -63.54 -11.94 -61.16
CA CYS K 38 -63.44 -10.53 -60.79
C CYS K 38 -62.03 -9.98 -60.95
N GLU K 39 -61.36 -10.36 -62.05
CA GLU K 39 -60.06 -9.80 -62.35
C GLU K 39 -60.13 -8.35 -62.82
N GLN K 40 -61.19 -8.00 -63.55
CA GLN K 40 -61.27 -6.65 -64.12
C GLN K 40 -61.63 -5.60 -63.08
N ALA K 41 -62.54 -5.94 -62.15
CA ALA K 41 -62.97 -4.96 -61.15
C ALA K 41 -61.91 -4.73 -60.09
N ASN K 42 -61.27 -5.81 -59.62
CA ASN K 42 -60.26 -5.71 -58.57
C ASN K 42 -59.03 -4.93 -59.03
N ASN K 43 -58.58 -5.19 -60.25
CA ASN K 43 -57.39 -4.52 -60.76
C ASN K 43 -57.64 -3.05 -61.03
N GLU K 44 -58.80 -2.70 -61.57
CA GLU K 44 -59.16 -1.30 -61.79
C GLU K 44 -59.31 -0.55 -60.48
N PHE K 45 -59.98 -1.18 -59.50
CA PHE K 45 -60.18 -0.55 -58.20
C PHE K 45 -58.86 -0.35 -57.45
N MET K 46 -57.98 -1.35 -57.47
CA MET K 46 -56.72 -1.20 -56.76
C MET K 46 -55.74 -0.28 -57.49
N LEU K 47 -55.80 -0.23 -58.83
CA LEU K 47 -54.95 0.70 -59.57
C LEU K 47 -55.37 2.15 -59.32
N CYS K 48 -56.67 2.42 -59.36
CA CYS K 48 -57.13 3.77 -59.08
C CYS K 48 -57.07 4.11 -57.58
N ARG K 49 -57.01 3.10 -56.71
CA ARG K 49 -56.78 3.36 -55.29
C ARG K 49 -55.32 3.68 -55.02
N GLN K 50 -54.41 3.04 -55.75
CA GLN K 50 -52.99 3.41 -55.58
C GLN K 50 -52.79 4.87 -55.96
N GLU K 51 -52.84 5.19 -57.26
CA GLU K 51 -52.50 6.59 -57.67
C GLU K 51 -53.46 7.64 -57.12
N LEU K 52 -54.77 7.43 -57.15
CA LEU K 52 -55.67 8.53 -56.68
C LEU K 52 -55.45 8.74 -55.17
N ASP K 53 -55.32 7.65 -54.41
CA ASP K 53 -55.05 7.72 -52.94
C ASP K 53 -56.12 8.55 -52.22
N ASP K 54 -57.39 8.42 -52.62
CA ASP K 54 -58.48 9.19 -51.97
C ASP K 54 -59.72 8.31 -51.87
N PRO K 55 -60.21 7.99 -50.66
CA PRO K 55 -61.37 7.10 -50.49
C PRO K 55 -62.63 7.59 -51.18
N ARG K 56 -62.77 8.90 -51.43
CA ARG K 56 -63.93 9.39 -52.16
C ARG K 56 -63.88 9.00 -53.62
N ALA K 57 -62.68 8.96 -54.20
CA ALA K 57 -62.52 8.39 -55.53
C ALA K 57 -62.63 6.87 -55.45
N CYS K 58 -62.97 6.26 -56.59
CA CYS K 58 -63.15 4.82 -56.82
C CYS K 58 -64.24 4.20 -55.96
N LEU K 59 -65.22 4.99 -55.54
CA LEU K 59 -66.36 4.45 -54.80
C LEU K 59 -67.20 3.53 -55.68
N ALA K 60 -67.42 3.94 -56.93
CA ALA K 60 -68.15 3.08 -57.88
C ALA K 60 -67.33 1.85 -58.24
N GLU K 61 -66.00 1.96 -58.22
CA GLU K 61 -65.16 0.79 -58.42
C GLU K 61 -65.28 -0.18 -57.25
N GLY K 62 -65.41 0.34 -56.02
CA GLY K 62 -65.69 -0.51 -54.88
C GLY K 62 -67.06 -1.17 -54.95
N LYS K 63 -68.05 -0.44 -55.49
CA LYS K 63 -69.36 -1.01 -55.75
C LYS K 63 -69.29 -2.14 -56.77
N ALA K 64 -68.47 -1.96 -57.81
CA ALA K 64 -68.30 -3.00 -58.83
C ALA K 64 -67.59 -4.23 -58.26
N VAL K 65 -66.62 -4.02 -57.37
CA VAL K 65 -65.91 -5.12 -56.72
C VAL K 65 -66.85 -5.93 -55.83
N THR K 66 -67.65 -5.24 -55.01
CA THR K 66 -68.60 -5.93 -54.14
C THR K 66 -69.72 -6.59 -54.93
N SER K 67 -70.14 -5.98 -56.04
CA SER K 67 -71.18 -6.59 -56.88
C SER K 67 -70.66 -7.84 -57.58
N CYS K 68 -69.40 -7.82 -58.03
CA CYS K 68 -68.82 -9.01 -58.66
C CYS K 68 -68.64 -10.14 -57.65
N ALA K 69 -68.20 -9.82 -56.43
CA ALA K 69 -68.05 -10.82 -55.39
C ALA K 69 -69.42 -11.40 -54.98
N LEU K 70 -70.44 -10.56 -54.89
CA LEU K 70 -71.79 -11.02 -54.58
C LEU K 70 -72.36 -11.89 -55.69
N ASP K 71 -72.11 -11.52 -56.96
CA ASP K 71 -72.60 -12.32 -58.07
C ASP K 71 -71.92 -13.69 -58.13
N PHE K 72 -70.61 -13.73 -57.85
CA PHE K 72 -69.91 -15.01 -57.78
C PHE K 72 -70.42 -15.87 -56.62
N PHE K 73 -70.75 -15.25 -55.48
CA PHE K 73 -71.22 -16.04 -54.37
C PHE K 73 -72.67 -16.51 -54.56
N ARG K 74 -73.49 -15.74 -55.28
CA ARG K 74 -74.80 -16.25 -55.71
C ARG K 74 -74.66 -17.43 -56.66
N LYS K 75 -73.71 -17.35 -57.61
CA LYS K 75 -73.50 -18.46 -58.53
C LYS K 75 -72.96 -19.71 -57.82
N VAL K 76 -72.13 -19.53 -56.80
CA VAL K 76 -71.71 -20.67 -55.98
C VAL K 76 -72.88 -21.21 -55.16
N LYS K 77 -73.74 -20.32 -54.66
CA LYS K 77 -74.84 -20.73 -53.79
C LYS K 77 -75.95 -21.49 -54.54
N LYS K 78 -76.15 -21.18 -55.83
CA LYS K 78 -77.21 -21.88 -56.57
C LYS K 78 -76.84 -23.32 -56.87
N THR K 79 -75.58 -23.60 -57.20
CA THR K 79 -75.15 -24.93 -57.63
C THR K 79 -74.15 -25.49 -56.62
N CYS K 80 -74.53 -26.60 -55.99
CA CYS K 80 -73.75 -27.37 -55.01
C CYS K 80 -73.18 -26.49 -53.88
N HIS K 81 -74.12 -25.96 -53.11
CA HIS K 81 -73.81 -25.19 -51.91
C HIS K 81 -73.17 -26.06 -50.83
N GLU K 82 -73.53 -27.35 -50.78
CA GLU K 82 -73.04 -28.25 -49.74
C GLU K 82 -71.55 -28.57 -49.89
N GLU K 83 -71.06 -28.65 -51.13
CA GLU K 83 -69.63 -28.87 -51.36
C GLU K 83 -68.80 -27.68 -50.90
N PHE K 84 -69.30 -26.46 -51.15
CA PHE K 84 -68.64 -25.25 -50.65
C PHE K 84 -68.70 -25.18 -49.13
N THR K 85 -69.82 -25.63 -48.54
CA THR K 85 -69.93 -25.69 -47.09
C THR K 85 -68.92 -26.67 -46.49
N GLN K 86 -68.75 -27.84 -47.12
CA GLN K 86 -67.78 -28.82 -46.65
C GLN K 86 -66.35 -28.33 -46.81
N TYR K 87 -66.04 -27.65 -47.92
CA TYR K 87 -64.71 -27.10 -48.11
C TYR K 87 -64.41 -25.98 -47.12
N ALA K 88 -65.37 -25.10 -46.86
CA ALA K 88 -65.17 -24.03 -45.90
C ALA K 88 -65.06 -24.56 -44.47
N THR K 89 -65.80 -25.62 -44.15
CA THR K 89 -65.71 -26.24 -42.84
C THR K 89 -64.37 -26.95 -42.66
N CYS K 90 -63.86 -27.62 -43.70
CA CYS K 90 -62.55 -28.25 -43.63
C CYS K 90 -61.44 -27.22 -43.49
N LEU K 91 -61.55 -26.11 -44.21
CA LEU K 91 -60.54 -25.06 -44.14
C LEU K 91 -60.60 -24.31 -42.81
N ASP K 92 -61.78 -24.21 -42.20
CA ASP K 92 -61.87 -23.61 -40.87
C ASP K 92 -61.32 -24.55 -39.80
N LYS K 93 -61.70 -25.82 -39.83
CA LYS K 93 -61.41 -26.72 -38.73
C LYS K 93 -60.09 -27.48 -38.88
N SER K 94 -59.39 -27.36 -40.01
CA SER K 94 -58.24 -28.21 -40.24
C SER K 94 -56.95 -27.66 -39.63
N SER K 95 -56.82 -26.33 -39.54
CA SER K 95 -55.59 -25.73 -39.07
C SER K 95 -55.87 -24.35 -38.49
N GLY K 96 -54.87 -23.82 -37.78
CA GLY K 96 -54.95 -22.48 -37.22
C GLY K 96 -54.91 -21.42 -38.30
N THR K 97 -53.75 -21.28 -38.95
CA THR K 97 -53.73 -20.59 -40.24
C THR K 97 -54.35 -21.50 -41.28
N MET K 98 -55.41 -21.01 -41.94
CA MET K 98 -56.17 -21.85 -42.87
C MET K 98 -55.37 -22.02 -44.15
N ALA K 99 -54.51 -23.03 -44.12
CA ALA K 99 -53.69 -23.41 -45.25
C ALA K 99 -54.44 -24.39 -46.13
N PHE K 100 -54.30 -24.24 -47.45
CA PHE K 100 -54.97 -25.14 -48.38
C PHE K 100 -54.33 -26.52 -48.42
N SER K 101 -53.09 -26.65 -47.92
CA SER K 101 -52.37 -27.92 -47.98
C SER K 101 -52.81 -28.91 -46.91
N HIS K 102 -53.59 -28.49 -45.92
CA HIS K 102 -53.96 -29.40 -44.84
C HIS K 102 -55.01 -30.41 -45.27
N CYS K 103 -56.03 -29.99 -46.02
CA CYS K 103 -56.96 -30.93 -46.64
C CYS K 103 -57.17 -30.52 -48.09
N ARG K 104 -56.92 -31.46 -49.01
CA ARG K 104 -57.04 -31.24 -50.43
C ARG K 104 -58.08 -32.11 -51.10
N LYS K 105 -58.67 -33.08 -50.38
CA LYS K 105 -59.68 -33.94 -50.96
C LYS K 105 -60.98 -33.17 -51.20
N THR K 106 -61.41 -32.40 -50.21
CA THR K 106 -62.63 -31.61 -50.36
C THR K 106 -62.41 -30.44 -51.32
N GLN K 107 -61.17 -29.96 -51.42
CA GLN K 107 -60.81 -29.00 -52.46
C GLN K 107 -60.96 -29.61 -53.84
N GLY K 108 -60.56 -30.88 -53.99
CA GLY K 108 -60.74 -31.57 -55.26
C GLY K 108 -62.20 -31.80 -55.60
N VAL K 109 -63.03 -32.10 -54.58
CA VAL K 109 -64.47 -32.29 -54.80
C VAL K 109 -65.14 -30.97 -55.19
N PHE K 110 -64.75 -29.86 -54.54
CA PHE K 110 -65.30 -28.55 -54.88
C PHE K 110 -64.87 -28.09 -56.26
N ASP K 111 -63.60 -28.34 -56.62
CA ASP K 111 -63.13 -27.99 -57.96
C ASP K 111 -63.77 -28.88 -59.03
N LYS K 112 -64.07 -30.14 -58.70
CA LYS K 112 -64.78 -31.01 -59.61
C LYS K 112 -66.22 -30.53 -59.83
N CYS K 113 -66.88 -30.05 -58.77
CA CYS K 113 -68.23 -29.52 -58.92
C CYS K 113 -68.24 -28.21 -59.71
N ILE K 114 -67.22 -27.37 -59.50
CA ILE K 114 -67.09 -26.12 -60.26
C ILE K 114 -66.84 -26.40 -61.74
N LYS K 115 -65.96 -27.37 -62.04
CA LYS K 115 -65.68 -27.76 -63.42
C LYS K 115 -66.87 -28.44 -64.08
N ASP K 116 -67.66 -29.19 -63.31
CA ASP K 116 -68.85 -29.82 -63.87
C ASP K 116 -69.98 -28.83 -64.09
N ASN K 117 -70.06 -27.77 -63.29
CA ASN K 117 -71.17 -26.83 -63.41
C ASN K 117 -70.86 -25.69 -64.39
N PHE K 118 -69.81 -24.92 -64.13
CA PHE K 118 -69.54 -23.72 -64.90
C PHE K 118 -68.39 -23.87 -65.88
N ASP K 119 -67.73 -25.03 -65.92
CA ASP K 119 -66.53 -25.32 -66.72
C ASP K 119 -65.42 -24.30 -66.43
N TRP K 120 -65.22 -24.01 -65.15
CA TRP K 120 -64.14 -23.15 -64.68
C TRP K 120 -63.04 -24.02 -64.09
N ASP K 121 -61.81 -23.80 -64.51
CA ASP K 121 -60.67 -24.47 -63.93
C ASP K 121 -60.03 -23.62 -62.83
N ARG K 122 -59.42 -24.31 -61.87
CA ARG K 122 -58.73 -23.60 -60.80
C ARG K 122 -57.42 -23.04 -61.34
N PRO K 123 -57.08 -21.78 -61.04
CA PRO K 123 -55.78 -21.25 -61.45
C PRO K 123 -54.65 -21.86 -60.63
N SER K 124 -53.43 -21.51 -61.03
CA SER K 124 -52.25 -22.03 -60.35
C SER K 124 -52.07 -21.34 -58.99
N TYR K 125 -51.08 -21.82 -58.23
CA TYR K 125 -50.87 -21.33 -56.87
C TYR K 125 -50.31 -19.92 -56.83
N GLY K 126 -49.75 -19.42 -57.94
CA GLY K 126 -49.21 -18.08 -57.95
C GLY K 126 -49.78 -17.22 -59.05
N TYR K 127 -51.06 -17.37 -59.35
CA TYR K 127 -51.66 -16.58 -60.42
C TYR K 127 -51.92 -15.14 -60.00
N PHE K 128 -52.36 -14.92 -58.76
CA PHE K 128 -52.73 -13.60 -58.28
C PHE K 128 -51.59 -12.87 -57.59
N SER K 129 -50.45 -13.51 -57.39
CA SER K 129 -49.33 -12.87 -56.71
C SER K 129 -48.35 -12.21 -57.67
N ARG K 130 -48.58 -12.30 -58.98
CA ARG K 130 -47.73 -11.66 -59.97
C ARG K 130 -48.18 -10.22 -60.21
N ALA K 131 -47.39 -9.51 -61.00
CA ALA K 131 -47.79 -8.19 -61.45
C ALA K 131 -48.83 -8.30 -62.55
N LYS K 132 -49.94 -7.59 -62.38
CA LYS K 132 -51.06 -7.65 -63.31
C LYS K 132 -51.12 -6.37 -64.12
N VAL K 133 -51.14 -6.51 -65.44
CA VAL K 133 -51.24 -5.37 -66.34
C VAL K 133 -52.62 -5.37 -66.99
N ILE K 134 -53.26 -4.19 -67.00
CA ILE K 134 -54.61 -4.02 -67.53
C ILE K 134 -54.66 -2.75 -68.38
N GLN K 135 -55.73 -2.64 -69.15
CA GLN K 135 -56.08 -1.40 -69.84
C GLN K 135 -57.24 -0.76 -69.11
N SER K 136 -57.05 0.47 -68.65
CA SER K 136 -58.02 1.15 -67.80
C SER K 136 -58.84 2.13 -68.63
N ALA K 137 -60.14 2.21 -68.32
CA ALA K 137 -61.03 3.11 -69.03
C ALA K 137 -60.77 4.57 -68.64
N ARG K 138 -60.51 4.82 -67.36
CA ARG K 138 -60.22 6.17 -66.91
C ARG K 138 -58.82 6.58 -67.33
N GLU K 139 -58.64 7.89 -67.52
CA GLU K 139 -57.35 8.41 -67.92
C GLU K 139 -56.40 8.47 -66.73
N ALA K 140 -55.10 8.36 -67.01
CA ALA K 140 -54.09 8.43 -65.98
C ALA K 140 -53.98 9.86 -65.45
N PRO K 141 -53.64 10.03 -64.14
CA PRO K 141 -53.45 11.36 -63.55
C PRO K 141 -52.11 11.96 -64.00
N LYS K 142 -52.08 13.26 -64.30
CA LYS K 142 -50.84 13.88 -64.86
C LYS K 142 -49.70 13.85 -63.85
N LYS K 143 -48.48 13.62 -64.33
CA LYS K 143 -47.29 13.69 -63.44
C LYS K 143 -47.10 15.13 -62.98
N GLU K 144 -46.69 15.33 -61.73
CA GLU K 144 -46.56 16.72 -61.21
C GLU K 144 -45.47 17.47 -61.97
N GLU K 145 -45.70 18.74 -62.30
CA GLU K 145 -44.68 19.58 -62.96
C GLU K 145 -43.58 19.92 -61.95
N LYS K 146 -42.34 20.14 -62.41
CA LYS K 146 -41.26 20.53 -61.48
C LYS K 146 -41.61 21.88 -60.86
N VAL K 147 -41.34 22.05 -59.56
CA VAL K 147 -41.68 23.33 -58.87
C VAL K 147 -40.83 24.45 -59.47
N SER K 148 -41.40 25.63 -59.62
CA SER K 148 -40.67 26.74 -60.27
C SER K 148 -40.26 27.76 -59.21
N TYR K 149 -39.05 28.29 -59.32
CA TYR K 149 -38.54 29.28 -58.37
C TYR K 149 -37.89 30.38 -59.19
N PRO K 150 -38.66 31.38 -59.64
CA PRO K 150 -38.08 32.45 -60.47
C PRO K 150 -37.14 33.36 -59.72
N ASP K 151 -37.31 33.52 -58.41
CA ASP K 151 -36.35 34.24 -57.58
C ASP K 151 -35.62 33.28 -56.63
N ALA K 152 -34.64 32.59 -57.21
CA ALA K 152 -33.85 31.61 -56.48
C ALA K 152 -32.66 32.29 -55.83
N THR K 153 -31.70 31.50 -55.36
CA THR K 153 -30.45 32.05 -54.85
C THR K 153 -29.40 31.90 -55.94
N PRO K 154 -29.02 32.97 -56.63
CA PRO K 154 -28.13 32.84 -57.79
C PRO K 154 -26.66 32.95 -57.44
N GLY K 155 -25.85 32.24 -58.21
CA GLY K 155 -24.42 32.26 -58.08
C GLY K 155 -23.74 32.91 -59.28
N LEU K 156 -22.42 32.97 -59.19
CA LEU K 156 -21.63 33.51 -60.28
C LEU K 156 -21.53 32.48 -61.40
N PRO K 157 -22.00 32.77 -62.60
CA PRO K 157 -21.96 31.79 -63.68
C PRO K 157 -20.54 31.62 -64.23
N GLU K 158 -20.31 30.46 -64.85
CA GLU K 158 -18.98 30.12 -65.32
C GLU K 158 -18.60 30.88 -66.58
N ASP K 159 -19.58 31.37 -67.35
CA ASP K 159 -19.31 32.16 -68.55
C ASP K 159 -19.26 33.65 -68.27
N TYR K 160 -19.35 34.04 -67.00
CA TYR K 160 -19.20 35.45 -66.64
C TYR K 160 -17.75 35.88 -66.81
N PRO K 161 -17.49 37.05 -67.38
CA PRO K 161 -16.10 37.51 -67.55
C PRO K 161 -15.49 37.89 -66.20
N LYS K 162 -14.20 37.58 -66.06
CA LYS K 162 -13.46 37.83 -64.82
C LYS K 162 -12.22 38.65 -65.15
N PRO K 163 -12.35 39.97 -65.20
CA PRO K 163 -11.17 40.83 -65.36
C PRO K 163 -10.36 40.86 -64.07
N PRO K 164 -9.08 41.26 -64.13
CA PRO K 164 -8.31 41.43 -62.90
C PRO K 164 -8.87 42.56 -62.03
N ALA K 165 -8.67 42.40 -60.72
CA ALA K 165 -9.27 43.29 -59.73
C ALA K 165 -8.65 44.68 -59.80
N LYS K 166 -9.51 45.70 -59.70
CA LYS K 166 -9.03 47.07 -59.65
C LYS K 166 -8.35 47.33 -58.31
N TYR K 167 -7.13 47.89 -58.37
CA TYR K 167 -6.27 48.19 -57.22
C TYR K 167 -5.98 46.96 -56.36
N GLY K 168 -5.96 45.77 -56.97
CA GLY K 168 -5.56 44.56 -56.27
C GLY K 168 -6.54 44.12 -55.19
N SER K 169 -6.00 43.89 -54.00
CA SER K 169 -6.82 43.40 -52.90
C SER K 169 -7.65 44.51 -52.28
N ARG K 170 -7.17 45.76 -52.37
CA ARG K 170 -7.75 46.96 -51.77
C ARG K 170 -7.92 46.85 -50.27
N PHE K 171 -7.06 46.08 -49.61
CA PHE K 171 -7.19 45.75 -48.19
C PHE K 171 -5.82 45.96 -47.56
N HIS K 172 -5.65 47.10 -46.89
CA HIS K 172 -4.48 47.42 -46.08
C HIS K 172 -3.19 47.42 -46.90
N TRP K 173 -3.04 48.42 -47.75
CA TRP K 173 -1.84 48.93 -48.46
C TRP K 173 -1.24 47.89 -49.41
N LEU K 174 -1.88 46.74 -49.63
CA LEU K 174 -1.19 45.60 -50.23
C LEU K 174 -1.01 45.77 -51.73
N GLU K 175 -2.00 46.34 -52.40
CA GLU K 175 -1.86 46.69 -53.81
C GLU K 175 -2.82 47.85 -54.10
N MET L 1 -34.35 -56.62 -15.80
CA MET L 1 -33.24 -55.72 -15.56
C MET L 1 -33.49 -54.34 -16.18
N TRP L 2 -33.13 -54.20 -17.44
CA TRP L 2 -33.11 -52.90 -18.10
C TRP L 2 -34.49 -52.37 -18.46
N PHE L 3 -35.53 -53.21 -18.44
CA PHE L 3 -36.86 -52.73 -18.78
C PHE L 3 -37.49 -51.89 -17.67
N GLU L 4 -36.94 -51.95 -16.45
CA GLU L 4 -37.50 -51.20 -15.33
C GLU L 4 -37.26 -49.71 -15.45
N ILE L 5 -36.35 -49.31 -16.35
CA ILE L 5 -36.18 -47.90 -16.71
C ILE L 5 -37.43 -47.36 -17.39
N LEU L 6 -38.16 -48.23 -18.11
CA LEU L 6 -39.35 -47.78 -18.83
C LEU L 6 -40.52 -47.36 -17.93
N PRO L 7 -40.78 -47.96 -16.76
CA PRO L 7 -41.55 -47.22 -15.74
C PRO L 7 -40.76 -46.01 -15.26
N GLY L 8 -41.42 -44.86 -15.28
CA GLY L 8 -40.77 -43.61 -14.99
C GLY L 8 -40.38 -42.80 -16.22
N ALA L 9 -40.36 -43.43 -17.40
CA ALA L 9 -40.11 -42.69 -18.63
C ALA L 9 -41.39 -42.41 -19.38
N VAL L 10 -42.30 -43.41 -19.43
CA VAL L 10 -43.57 -43.28 -20.14
C VAL L 10 -44.45 -42.21 -19.51
N ILE L 11 -44.36 -42.06 -18.18
CA ILE L 11 -45.00 -40.97 -17.47
C ILE L 11 -44.50 -39.60 -17.94
N ILE L 12 -43.20 -39.48 -18.25
CA ILE L 12 -42.69 -38.25 -18.86
C ILE L 12 -43.21 -38.15 -20.29
N THR L 13 -43.38 -39.29 -20.95
CA THR L 13 -43.90 -39.30 -22.31
C THR L 13 -45.40 -38.99 -22.34
N THR L 14 -46.15 -39.47 -21.35
CA THR L 14 -47.59 -39.27 -21.36
C THR L 14 -47.97 -37.87 -20.90
N LEU L 15 -47.40 -37.43 -19.76
CA LEU L 15 -47.85 -36.19 -19.13
C LEU L 15 -47.45 -34.96 -19.94
N LEU L 16 -46.29 -34.99 -20.59
CA LEU L 16 -45.92 -33.91 -21.49
C LEU L 16 -46.72 -33.96 -22.78
N SER L 17 -47.36 -35.10 -23.08
CA SER L 17 -48.32 -35.14 -24.16
C SER L 17 -49.68 -34.61 -23.72
N VAL L 18 -49.86 -34.40 -22.41
CA VAL L 18 -51.14 -33.88 -21.90
C VAL L 18 -51.47 -32.46 -22.35
N PRO L 19 -50.60 -31.43 -22.19
CA PRO L 19 -51.10 -30.05 -22.41
C PRO L 19 -51.36 -29.67 -23.85
N ILE L 20 -51.01 -30.52 -24.81
CA ILE L 20 -51.42 -30.27 -26.19
C ILE L 20 -52.76 -30.91 -26.46
N TYR L 21 -52.85 -32.24 -26.28
CA TYR L 21 -54.03 -33.03 -26.66
C TYR L 21 -55.27 -32.62 -25.89
N ALA L 22 -55.09 -32.22 -24.62
CA ALA L 22 -56.20 -31.75 -23.81
C ALA L 22 -56.82 -30.49 -24.39
N MET L 23 -55.99 -29.57 -24.90
CA MET L 23 -56.54 -28.41 -25.61
C MET L 23 -57.20 -28.81 -26.91
N TYR L 24 -56.72 -29.91 -27.52
CA TYR L 24 -57.40 -30.45 -28.70
C TYR L 24 -58.77 -31.02 -28.34
N GLY L 25 -59.01 -31.32 -27.06
CA GLY L 25 -60.35 -31.46 -26.56
C GLY L 25 -60.92 -30.13 -26.10
N LEU L 26 -60.13 -29.34 -25.35
CA LEU L 26 -60.69 -28.22 -24.61
C LEU L 26 -61.06 -27.04 -25.49
N ASP L 27 -60.49 -26.95 -26.70
CA ASP L 27 -61.04 -26.01 -27.66
C ASP L 27 -62.38 -26.49 -28.19
N LYS L 28 -62.47 -27.79 -28.52
CA LYS L 28 -63.67 -28.37 -29.13
C LYS L 28 -64.88 -28.35 -28.19
N LEU L 29 -64.66 -28.23 -26.89
CA LEU L 29 -65.78 -28.08 -25.96
C LEU L 29 -66.42 -26.70 -26.08
N MET L 30 -65.61 -25.65 -26.30
CA MET L 30 -66.19 -24.31 -26.17
C MET L 30 -66.00 -23.45 -27.42
N ILE L 31 -64.84 -23.54 -28.07
CA ILE L 31 -64.65 -22.81 -29.32
C ILE L 31 -65.47 -23.47 -30.44
N GLY L 32 -65.43 -24.79 -30.53
CA GLY L 32 -65.99 -25.53 -31.64
C GLY L 32 -65.00 -25.82 -32.74
N ASN L 33 -63.87 -25.13 -32.73
CA ASN L 33 -62.75 -25.35 -33.64
C ASN L 33 -61.56 -25.78 -32.79
N ALA L 34 -60.89 -26.85 -33.21
CA ALA L 34 -59.77 -27.38 -32.43
C ALA L 34 -58.53 -26.49 -32.49
N PHE L 35 -58.46 -25.61 -33.49
CA PHE L 35 -57.33 -24.71 -33.65
C PHE L 35 -57.84 -23.28 -33.52
N ARG L 36 -57.45 -22.60 -32.45
CA ARG L 36 -57.80 -21.19 -32.34
C ARG L 36 -56.90 -20.37 -33.25
N ARG L 37 -57.40 -19.19 -33.64
CA ARG L 37 -56.85 -18.46 -34.79
C ARG L 37 -55.49 -17.86 -34.47
N ASN L 38 -54.54 -18.05 -35.38
CA ASN L 38 -53.17 -17.64 -35.16
C ASN L 38 -53.08 -16.16 -35.53
N MET L 39 -52.23 -15.43 -34.81
CA MET L 39 -52.08 -13.99 -34.96
C MET L 39 -50.65 -13.60 -35.32
N ASP L 40 -49.95 -14.43 -36.10
CA ASP L 40 -48.58 -14.12 -36.47
C ASP L 40 -48.51 -13.00 -37.50
N GLU L 41 -49.33 -13.08 -38.53
CA GLU L 41 -49.32 -12.11 -39.61
C GLU L 41 -50.38 -11.04 -39.36
N ARG L 42 -50.18 -9.87 -39.98
CA ARG L 42 -51.10 -8.76 -39.80
C ARG L 42 -52.43 -9.03 -40.50
N PHE L 43 -52.39 -9.71 -41.65
CA PHE L 43 -53.61 -9.99 -42.41
C PHE L 43 -54.54 -10.94 -41.68
N SER L 44 -53.97 -11.94 -40.98
CA SER L 44 -54.78 -12.86 -40.18
C SER L 44 -55.44 -12.13 -39.02
N ARG L 45 -54.74 -11.16 -38.43
CA ARG L 45 -55.31 -10.35 -37.36
C ARG L 45 -56.42 -9.44 -37.88
N VAL L 46 -56.25 -8.87 -39.07
CA VAL L 46 -57.27 -8.00 -39.67
C VAL L 46 -58.52 -8.81 -40.03
N MET L 47 -58.33 -10.02 -40.58
CA MET L 47 -59.48 -10.85 -40.88
C MET L 47 -60.13 -11.42 -39.62
N TYR L 48 -59.36 -11.58 -38.54
CA TYR L 48 -59.96 -11.90 -37.24
C TYR L 48 -60.80 -10.76 -36.71
N GLN L 49 -60.35 -9.51 -36.91
CA GLN L 49 -61.17 -8.34 -36.61
C GLN L 49 -62.45 -8.34 -37.43
N ARG L 50 -62.36 -8.74 -38.70
CA ARG L 50 -63.55 -8.82 -39.56
C ARG L 50 -64.52 -9.88 -39.06
N ASP L 51 -64.02 -11.06 -38.66
CA ASP L 51 -64.90 -12.11 -38.14
C ASP L 51 -65.54 -11.72 -36.82
N PHE L 52 -64.78 -11.07 -35.93
CA PHE L 52 -65.33 -10.67 -34.65
C PHE L 52 -66.23 -9.44 -34.78
N ARG L 53 -66.09 -8.70 -35.89
CA ARG L 53 -67.06 -7.65 -36.21
C ARG L 53 -68.36 -8.23 -36.72
N LEU L 54 -68.29 -9.27 -37.57
CA LEU L 54 -69.50 -9.87 -38.12
C LEU L 54 -70.29 -10.63 -37.06
N THR L 55 -69.62 -11.46 -36.27
CA THR L 55 -70.27 -12.25 -35.24
C THR L 55 -69.53 -12.10 -33.92
N ASP L 56 -70.25 -12.33 -32.82
CA ASP L 56 -69.62 -12.31 -31.50
C ASP L 56 -68.67 -13.49 -31.33
N ASN L 57 -68.96 -14.60 -31.99
CA ASN L 57 -68.05 -15.73 -32.07
C ASN L 57 -67.24 -15.61 -33.35
N PRO L 58 -65.92 -15.39 -33.28
CA PRO L 58 -65.11 -15.34 -34.51
C PRO L 58 -64.90 -16.72 -35.13
N TYR L 59 -65.09 -17.78 -34.36
CA TYR L 59 -64.96 -19.14 -34.84
C TYR L 59 -66.28 -19.72 -35.34
N LYS L 60 -67.38 -18.98 -35.20
CA LYS L 60 -68.62 -19.32 -35.88
C LYS L 60 -68.56 -18.74 -37.29
N MET L 61 -68.77 -19.60 -38.29
CA MET L 61 -68.56 -19.23 -39.67
C MET L 61 -69.89 -18.84 -40.32
N ASN L 62 -69.86 -17.73 -41.05
CA ASN L 62 -71.00 -17.30 -41.85
C ASN L 62 -70.90 -17.96 -43.22
N GLY L 63 -71.77 -18.91 -43.50
CA GLY L 63 -71.80 -19.59 -44.76
C GLY L 63 -72.60 -18.82 -45.79
N LEU L 64 -73.07 -19.56 -46.80
CA LEU L 64 -73.86 -18.95 -47.85
C LEU L 64 -75.32 -18.73 -47.47
N GLU L 65 -75.75 -19.24 -46.31
CA GLU L 65 -77.09 -18.97 -45.82
C GLU L 65 -77.26 -17.53 -45.35
N GLN L 66 -76.15 -16.83 -45.06
CA GLN L 66 -76.21 -15.42 -44.73
C GLN L 66 -76.64 -14.59 -45.93
N ILE L 67 -76.20 -14.97 -47.12
CA ILE L 67 -76.40 -14.19 -48.35
C ILE L 67 -77.88 -14.24 -48.75
N PRO L 68 -78.53 -13.09 -48.94
CA PRO L 68 -79.95 -13.09 -49.30
C PRO L 68 -80.18 -13.52 -50.74
N ASP L 69 -81.40 -14.02 -50.99
CA ASP L 69 -81.78 -14.48 -52.31
C ASP L 69 -82.22 -13.31 -53.18
N GLU L 70 -81.62 -13.19 -54.36
CA GLU L 70 -81.98 -12.13 -55.30
C GLU L 70 -81.69 -12.58 -56.74
N PRO M 9 -7.58 -87.22 -3.64
CA PRO M 9 -8.37 -86.07 -3.19
C PRO M 9 -7.50 -84.86 -2.85
N PRO M 10 -8.05 -83.65 -2.98
CA PRO M 10 -7.28 -82.45 -2.62
C PRO M 10 -7.16 -82.29 -1.11
N LYS M 11 -6.15 -82.94 -0.52
CA LYS M 11 -5.91 -82.82 0.91
C LYS M 11 -5.43 -81.44 1.31
N GLN M 12 -4.86 -80.68 0.39
CA GLN M 12 -4.54 -79.28 0.58
C GLN M 12 -4.99 -78.49 -0.65
N ASP M 13 -5.16 -77.19 -0.48
CA ASP M 13 -5.65 -76.32 -1.54
C ASP M 13 -4.51 -76.10 -2.53
N LEU M 14 -4.57 -76.79 -3.66
CA LEU M 14 -3.50 -76.83 -4.65
C LEU M 14 -4.07 -76.60 -6.04
N PRO M 15 -3.27 -76.08 -6.98
CA PRO M 15 -3.74 -75.99 -8.36
C PRO M 15 -3.83 -77.37 -8.98
N PRO M 16 -4.70 -77.54 -9.99
CA PRO M 16 -4.80 -78.84 -10.66
C PRO M 16 -3.57 -79.13 -11.48
N PRO M 17 -3.27 -80.41 -11.73
CA PRO M 17 -2.12 -80.74 -12.59
C PRO M 17 -2.38 -80.36 -14.04
N GLY M 18 -1.28 -80.08 -14.74
CA GLY M 18 -1.34 -79.52 -16.07
C GLY M 18 -1.35 -78.00 -16.11
N GLY M 19 -1.50 -77.35 -14.96
CA GLY M 19 -1.46 -75.90 -14.90
C GLY M 19 -2.75 -75.25 -15.35
N TYR M 20 -2.72 -73.93 -15.37
CA TYR M 20 -3.81 -73.10 -15.84
C TYR M 20 -3.52 -72.58 -17.24
N LYS M 21 -4.58 -72.22 -17.97
CA LYS M 21 -4.38 -71.44 -19.18
C LYS M 21 -4.09 -69.99 -18.79
N LYS M 22 -3.48 -69.24 -19.72
CA LYS M 22 -2.90 -67.94 -19.41
C LYS M 22 -3.95 -66.88 -19.10
N ILE M 23 -3.82 -66.24 -17.94
CA ILE M 23 -4.67 -65.13 -17.54
C ILE M 23 -4.30 -63.92 -18.41
N PRO M 24 -5.27 -63.31 -19.09
CA PRO M 24 -4.95 -62.14 -19.92
C PRO M 24 -4.62 -60.92 -19.07
N PHE M 25 -3.64 -60.15 -19.53
CA PHE M 25 -3.25 -58.92 -18.88
C PHE M 25 -3.10 -57.75 -19.83
N ALA M 26 -2.86 -57.99 -21.12
CA ALA M 26 -2.69 -56.92 -22.08
C ALA M 26 -4.02 -56.26 -22.40
N ARG M 27 -3.95 -55.01 -22.82
CA ARG M 27 -5.14 -54.24 -23.21
C ARG M 27 -5.43 -54.49 -24.69
N VAL M 28 -6.55 -55.15 -24.96
CA VAL M 28 -7.02 -55.28 -26.34
C VAL M 28 -7.79 -54.01 -26.73
N PRO M 29 -7.60 -53.48 -27.92
CA PRO M 29 -8.35 -52.31 -28.34
C PRO M 29 -9.76 -52.69 -28.75
N PRO M 30 -10.72 -51.77 -28.63
CA PRO M 30 -12.05 -52.02 -29.18
C PRO M 30 -12.04 -51.94 -30.70
N LYS M 31 -13.12 -52.42 -31.30
CA LYS M 31 -13.21 -52.47 -32.75
C LYS M 31 -13.39 -51.08 -33.33
N SER M 32 -12.47 -50.70 -34.21
CA SER M 32 -12.50 -49.40 -34.86
C SER M 32 -13.02 -49.56 -36.28
N TYR M 33 -13.98 -48.71 -36.66
CA TYR M 33 -14.64 -48.83 -37.95
C TYR M 33 -14.40 -47.65 -38.88
N PHE M 34 -13.99 -46.49 -38.36
CA PHE M 34 -13.96 -45.27 -39.14
C PHE M 34 -12.52 -44.81 -39.35
N THR M 35 -12.10 -44.74 -40.62
CA THR M 35 -10.91 -44.02 -41.00
C THR M 35 -11.27 -42.53 -41.08
N GLY M 36 -10.28 -41.66 -40.87
CA GLY M 36 -10.53 -40.23 -40.86
C GLY M 36 -10.97 -39.68 -42.20
N PHE M 37 -10.36 -40.17 -43.28
CA PHE M 37 -10.79 -39.80 -44.62
C PHE M 37 -12.20 -40.30 -44.91
N THR M 38 -12.52 -41.50 -44.43
CA THR M 38 -13.87 -42.05 -44.57
C THR M 38 -14.88 -41.22 -43.79
N THR M 39 -14.50 -40.76 -42.59
CA THR M 39 -15.38 -39.93 -41.76
C THR M 39 -15.67 -38.59 -42.43
N ILE M 40 -14.63 -37.94 -42.96
CA ILE M 40 -14.80 -36.64 -43.62
C ILE M 40 -15.60 -36.79 -44.92
N GLY M 41 -15.33 -37.86 -45.69
CA GLY M 41 -16.07 -38.09 -46.91
C GLY M 41 -17.54 -38.41 -46.69
N THR M 42 -17.84 -39.23 -45.67
CA THR M 42 -19.22 -39.51 -45.33
C THR M 42 -19.94 -38.30 -44.79
N TYR M 43 -19.25 -37.44 -44.04
CA TYR M 43 -19.85 -36.19 -43.56
C TYR M 43 -20.18 -35.25 -44.72
N VAL M 44 -19.28 -35.16 -45.70
CA VAL M 44 -19.51 -34.31 -46.87
C VAL M 44 -20.66 -34.84 -47.73
N VAL M 45 -20.72 -36.16 -47.93
CA VAL M 45 -21.78 -36.76 -48.74
C VAL M 45 -23.14 -36.63 -48.07
N VAL M 46 -23.19 -36.88 -46.75
CA VAL M 46 -24.44 -36.76 -45.97
C VAL M 46 -24.90 -35.31 -45.93
N THR M 47 -23.97 -34.36 -45.80
CA THR M 47 -24.33 -32.93 -45.80
C THR M 47 -24.84 -32.48 -47.16
N ALA M 48 -24.25 -32.97 -48.26
CA ALA M 48 -24.71 -32.58 -49.59
C ALA M 48 -26.08 -33.15 -49.91
N VAL M 49 -26.33 -34.41 -49.51
CA VAL M 49 -27.65 -35.02 -49.67
C VAL M 49 -28.70 -34.29 -48.84
N GLY M 50 -28.33 -33.91 -47.62
CA GLY M 50 -29.24 -33.15 -46.77
C GLY M 50 -29.55 -31.76 -47.30
N LEU M 51 -28.55 -31.11 -47.92
CA LEU M 51 -28.81 -29.81 -48.51
C LEU M 51 -29.69 -29.92 -49.76
N GLY M 52 -29.57 -31.02 -50.52
CA GLY M 52 -30.50 -31.24 -51.62
C GLY M 52 -31.93 -31.46 -51.18
N ILE M 53 -32.12 -32.28 -50.13
CA ILE M 53 -33.46 -32.51 -49.59
C ILE M 53 -34.02 -31.23 -48.96
N TYR M 54 -33.16 -30.41 -48.34
CA TYR M 54 -33.59 -29.11 -47.83
C TYR M 54 -33.97 -28.16 -48.95
N TYR M 55 -33.30 -28.25 -50.11
CA TYR M 55 -33.68 -27.44 -51.27
C TYR M 55 -35.07 -27.82 -51.78
N LEU M 56 -35.36 -29.12 -51.83
CA LEU M 56 -36.70 -29.57 -52.21
C LEU M 56 -37.76 -29.14 -51.19
N THR M 57 -37.41 -29.21 -49.91
CA THR M 57 -38.32 -28.79 -48.84
C THR M 57 -38.60 -27.29 -48.89
N ALA M 58 -37.57 -26.50 -49.21
CA ALA M 58 -37.73 -25.06 -49.37
C ALA M 58 -38.56 -24.72 -50.60
N LYS M 59 -38.47 -25.53 -51.66
CA LYS M 59 -39.38 -25.38 -52.80
C LYS M 59 -40.84 -25.61 -52.40
N LYS M 60 -41.09 -26.65 -51.59
CA LYS M 60 -42.46 -26.92 -51.13
C LYS M 60 -43.00 -25.82 -50.23
N VAL M 61 -42.16 -25.32 -49.31
CA VAL M 61 -42.57 -24.26 -48.38
C VAL M 61 -42.80 -22.95 -49.14
N LYS M 62 -41.97 -22.66 -50.15
CA LYS M 62 -42.17 -21.49 -50.98
C LYS M 62 -43.45 -21.58 -51.80
N ARG M 63 -43.79 -22.78 -52.28
CA ARG M 63 -45.05 -22.99 -52.99
C ARG M 63 -46.26 -22.73 -52.08
N ASP M 64 -46.20 -23.22 -50.84
CA ASP M 64 -47.29 -22.98 -49.89
C ASP M 64 -47.40 -21.50 -49.52
N GLU M 65 -46.27 -20.82 -49.35
CA GLU M 65 -46.26 -19.40 -49.02
C GLU M 65 -46.80 -18.55 -50.16
N ILE M 66 -46.46 -18.91 -51.41
CA ILE M 66 -46.95 -18.19 -52.57
C ILE M 66 -48.45 -18.41 -52.75
N GLU M 67 -48.95 -19.62 -52.46
CA GLU M 67 -50.38 -19.87 -52.50
C GLU M 67 -51.14 -19.06 -51.44
N MET M 68 -50.58 -18.96 -50.23
CA MET M 68 -51.21 -18.15 -49.18
C MET M 68 -51.20 -16.66 -49.53
N ARG M 69 -50.10 -16.18 -50.12
CA ARG M 69 -50.02 -14.79 -50.54
C ARG M 69 -50.97 -14.48 -51.70
N SER M 70 -51.19 -15.45 -52.58
CA SER M 70 -52.17 -15.29 -53.65
C SER M 70 -53.59 -15.23 -53.10
N ALA M 71 -53.88 -16.03 -52.07
CA ALA M 71 -55.18 -15.94 -51.40
C ALA M 71 -55.37 -14.59 -50.71
N GLN M 72 -54.30 -14.06 -50.09
CA GLN M 72 -54.36 -12.73 -49.48
C GLN M 72 -54.61 -11.65 -50.52
N ASN M 73 -53.91 -11.74 -51.67
CA ASN M 73 -54.04 -10.72 -52.71
C ASN M 73 -55.40 -10.77 -53.39
N VAL M 74 -56.01 -11.96 -53.47
CA VAL M 74 -57.34 -12.03 -54.08
C VAL M 74 -58.44 -11.70 -53.08
N ILE M 75 -58.18 -11.80 -51.78
CA ILE M 75 -59.21 -11.45 -50.79
C ILE M 75 -59.21 -9.96 -50.46
N PHE M 76 -58.03 -9.32 -50.45
CA PHE M 76 -57.87 -7.93 -50.01
C PHE M 76 -58.74 -6.83 -50.65
N PRO M 77 -59.02 -6.80 -51.98
CA PRO M 77 -59.83 -5.67 -52.52
C PRO M 77 -61.24 -5.53 -51.97
N ILE M 78 -61.92 -6.64 -51.64
CA ILE M 78 -63.23 -6.58 -51.01
C ILE M 78 -63.14 -5.94 -49.63
N LEU M 79 -62.11 -6.33 -48.87
CA LEU M 79 -61.88 -5.81 -47.53
C LEU M 79 -61.55 -4.32 -47.55
N VAL M 80 -60.75 -3.88 -48.52
CA VAL M 80 -60.40 -2.45 -48.52
C VAL M 80 -61.56 -1.61 -49.09
N ALA M 81 -62.42 -2.20 -49.93
CA ALA M 81 -63.64 -1.50 -50.36
C ALA M 81 -64.60 -1.28 -49.20
N GLU M 82 -64.80 -2.32 -48.38
CA GLU M 82 -65.61 -2.19 -47.16
C GLU M 82 -64.98 -1.19 -46.19
N ARG M 83 -63.64 -1.19 -46.11
CA ARG M 83 -62.92 -0.24 -45.26
C ARG M 83 -63.15 1.20 -45.69
N ASP M 84 -63.07 1.49 -47.00
CA ASP M 84 -63.23 2.88 -47.39
C ASP M 84 -64.66 3.36 -47.30
N ARG M 85 -65.65 2.47 -47.52
CA ARG M 85 -67.04 2.88 -47.34
C ARG M 85 -67.36 3.15 -45.87
N GLU M 86 -66.91 2.28 -44.97
CA GLU M 86 -67.12 2.52 -43.54
C GLU M 86 -66.29 3.71 -43.05
N PHE M 87 -65.13 3.95 -43.65
CA PHE M 87 -64.29 5.09 -43.30
C PHE M 87 -64.95 6.41 -43.67
N LEU M 88 -65.58 6.47 -44.86
CA LEU M 88 -66.28 7.69 -45.26
C LEU M 88 -67.55 7.92 -44.42
N ARG M 89 -68.26 6.83 -44.08
CA ARG M 89 -69.43 6.94 -43.20
C ARG M 89 -69.05 7.43 -41.81
N GLN M 90 -67.94 6.91 -41.26
CA GLN M 90 -67.51 7.34 -39.94
C GLN M 90 -66.91 8.74 -39.96
N LEU M 91 -66.31 9.15 -41.08
CA LEU M 91 -65.83 10.53 -41.20
C LEU M 91 -66.99 11.52 -41.23
N ARG M 92 -68.09 11.17 -41.93
CA ARG M 92 -69.28 11.99 -41.91
C ARG M 92 -69.90 12.06 -40.51
N ARG M 93 -69.91 10.92 -39.80
CA ARG M 93 -70.44 10.89 -38.43
C ARG M 93 -69.58 11.72 -37.48
N ASN M 94 -68.25 11.67 -37.63
CA ASN M 94 -67.36 12.45 -36.77
C ASN M 94 -67.47 13.94 -37.07
N ARG M 95 -67.65 14.32 -38.34
CA ARG M 95 -67.84 15.72 -38.68
C ARG M 95 -69.17 16.25 -38.17
N ASP M 96 -70.22 15.42 -38.16
CA ASP M 96 -71.48 15.84 -37.56
C ASP M 96 -71.38 15.97 -36.05
N GLU M 97 -70.66 15.04 -35.41
CA GLU M 97 -70.57 15.05 -33.94
C GLU M 97 -69.70 16.19 -33.44
N GLU M 98 -68.65 16.54 -34.19
CA GLU M 98 -67.82 17.69 -33.82
C GLU M 98 -68.58 18.99 -33.98
N ALA M 99 -69.45 19.09 -34.98
CA ALA M 99 -70.28 20.27 -35.14
C ALA M 99 -71.34 20.36 -34.06
N GLU M 100 -71.82 19.20 -33.59
CA GLU M 100 -72.81 19.20 -32.51
C GLU M 100 -72.17 19.55 -31.16
N LEU M 101 -70.96 19.04 -30.91
CA LEU M 101 -70.35 19.21 -29.59
C LEU M 101 -69.77 20.61 -29.41
N MET M 102 -69.17 21.17 -30.45
CA MET M 102 -68.48 22.45 -30.36
C MET M 102 -69.34 23.64 -30.74
N LYS M 103 -70.66 23.57 -30.52
CA LYS M 103 -71.51 24.71 -30.84
C LYS M 103 -71.42 25.80 -29.78
N ASN M 104 -70.94 25.45 -28.58
CA ASN M 104 -70.87 26.42 -27.50
C ASN M 104 -69.55 27.17 -27.49
N VAL M 105 -68.49 26.55 -28.04
CA VAL M 105 -67.18 27.23 -28.07
C VAL M 105 -67.19 28.30 -29.15
N PRO M 106 -66.87 29.56 -28.82
CA PRO M 106 -67.00 30.62 -29.83
C PRO M 106 -65.91 30.60 -30.90
N GLY M 107 -64.67 30.33 -30.53
CA GLY M 107 -63.58 30.43 -31.51
C GLY M 107 -63.45 29.21 -32.39
N TRP M 108 -64.15 28.13 -32.04
CA TRP M 108 -64.00 26.88 -32.76
C TRP M 108 -64.70 26.91 -34.12
N GLU M 109 -64.01 26.39 -35.12
CA GLU M 109 -64.58 26.12 -36.43
C GLU M 109 -64.37 24.65 -36.73
N VAL M 110 -65.24 24.07 -37.55
CA VAL M 110 -65.19 22.63 -37.81
C VAL M 110 -63.99 22.29 -38.69
N GLY M 111 -63.12 21.45 -38.16
CA GLY M 111 -61.97 20.98 -38.92
C GLY M 111 -60.73 21.84 -38.85
N THR M 112 -60.77 22.96 -38.14
CA THR M 112 -59.61 23.83 -38.00
C THR M 112 -59.32 24.05 -36.52
N TRP M 113 -58.06 24.36 -36.23
CA TRP M 113 -57.64 24.68 -34.86
C TRP M 113 -57.85 26.18 -34.65
N TYR M 114 -59.05 26.51 -34.17
CA TYR M 114 -59.50 27.87 -33.83
C TYR M 114 -59.41 28.83 -35.03
N GLY M 115 -59.74 28.33 -36.22
CA GLY M 115 -59.71 29.10 -37.44
C GLY M 115 -58.45 28.92 -38.26
N GLU M 116 -57.34 28.54 -37.64
CA GLU M 116 -56.12 28.24 -38.37
C GLU M 116 -56.24 26.88 -39.03
N PRO M 117 -56.05 26.78 -40.35
CA PRO M 117 -56.13 25.46 -41.00
C PRO M 117 -54.96 24.57 -40.61
N VAL M 118 -55.25 23.27 -40.50
CA VAL M 118 -54.22 22.31 -40.10
C VAL M 118 -53.21 22.11 -41.22
N PHE M 119 -53.70 21.96 -42.45
CA PHE M 119 -52.86 21.68 -43.61
C PHE M 119 -53.02 22.78 -44.64
N LYS M 120 -51.89 23.35 -45.06
CA LYS M 120 -51.85 24.33 -46.13
C LYS M 120 -51.13 23.72 -47.34
N THR M 121 -50.99 24.54 -48.39
CA THR M 121 -50.35 24.18 -49.67
C THR M 121 -50.96 22.92 -50.29
N LEU M 122 -52.28 22.81 -50.19
CA LEU M 122 -53.05 21.66 -50.63
C LEU M 122 -54.22 22.15 -51.46
N PRO M 123 -54.79 21.29 -52.31
CA PRO M 123 -56.04 21.65 -52.99
C PRO M 123 -57.19 21.79 -52.00
N GLU M 124 -58.19 22.59 -52.39
CA GLU M 124 -59.28 22.95 -51.49
C GLU M 124 -60.23 21.80 -51.20
N ASP M 125 -60.25 20.77 -52.06
CA ASP M 125 -61.18 19.66 -51.89
C ASP M 125 -60.46 18.35 -51.57
N THR M 126 -59.21 18.42 -51.10
CA THR M 126 -58.46 17.20 -50.81
C THR M 126 -58.92 16.61 -49.48
N LEU M 127 -58.51 15.35 -49.27
CA LEU M 127 -58.80 14.63 -48.03
C LEU M 127 -57.51 13.99 -47.57
N VAL M 128 -56.99 14.45 -46.44
CA VAL M 128 -55.88 13.78 -45.77
C VAL M 128 -56.47 12.85 -44.73
N THR M 129 -55.78 11.75 -44.47
CA THR M 129 -56.27 10.76 -43.53
C THR M 129 -56.08 11.26 -42.11
N PRO M 130 -57.13 11.32 -41.30
CA PRO M 130 -56.98 11.77 -39.90
C PRO M 130 -56.23 10.76 -39.06
N ILE M 131 -55.75 11.23 -37.92
CA ILE M 131 -54.94 10.40 -37.02
C ILE M 131 -55.84 9.42 -36.27
N PHE M 132 -55.22 8.45 -35.60
CA PHE M 132 -55.99 7.42 -34.89
C PHE M 132 -56.72 7.99 -33.68
N LYS M 133 -56.20 9.05 -33.07
CA LYS M 133 -56.86 9.62 -31.90
C LYS M 133 -58.08 10.46 -32.26
N GLU M 134 -58.06 11.14 -33.41
CA GLU M 134 -59.25 11.89 -33.83
C GLU M 134 -60.36 10.97 -34.32
N PHE M 135 -60.00 9.79 -34.82
CA PHE M 135 -61.02 8.83 -35.23
C PHE M 135 -61.75 8.25 -34.04
N TYR M 136 -61.09 8.18 -32.88
CA TYR M 136 -61.67 7.65 -31.66
C TYR M 136 -61.82 8.75 -30.62
N ALA M 137 -62.05 9.99 -31.05
CA ALA M 137 -62.19 11.11 -30.13
C ALA M 137 -63.57 11.19 -29.51
N HIS M 138 -64.53 10.42 -30.01
CA HIS M 138 -65.89 10.39 -29.46
C HIS M 138 -66.25 9.01 -28.92
N SER M 139 -65.27 8.29 -28.41
CA SER M 139 -65.49 6.91 -27.99
C SER M 139 -64.77 6.66 -26.68
N ASP M 140 -65.18 5.58 -26.01
CA ASP M 140 -64.60 5.20 -24.74
C ASP M 140 -63.25 4.51 -24.95
N TRP M 141 -62.64 4.08 -23.85
CA TRP M 141 -61.38 3.35 -23.93
C TRP M 141 -61.58 1.94 -24.47
N LYS M 142 -62.81 1.41 -24.39
CA LYS M 142 -63.08 0.05 -24.84
C LYS M 142 -62.94 -0.10 -26.35
N SER M 143 -63.28 0.93 -27.13
CA SER M 143 -63.06 0.88 -28.56
C SER M 143 -61.59 1.05 -28.92
N TYR M 144 -60.89 1.93 -28.21
CA TYR M 144 -59.46 2.14 -28.42
C TYR M 144 -58.66 0.90 -28.06
N ALA M 145 -59.01 0.24 -26.95
CA ALA M 145 -58.38 -1.03 -26.60
C ALA M 145 -58.91 -2.18 -27.43
N LYS M 146 -60.06 -2.02 -28.07
CA LYS M 146 -60.58 -3.04 -28.96
C LYS M 146 -59.81 -3.07 -30.27
N ARG M 147 -59.46 -1.88 -30.79
CA ARG M 147 -58.75 -1.80 -32.06
C ARG M 147 -57.23 -1.83 -31.88
N ALA M 148 -56.70 -0.97 -31.00
CA ALA M 148 -55.25 -0.78 -30.91
C ALA M 148 -54.55 -1.92 -30.21
N HIS M 149 -55.22 -2.62 -29.29
CA HIS M 149 -54.58 -3.65 -28.47
C HIS M 149 -54.91 -5.05 -28.96
N LEU M 150 -54.95 -5.24 -30.29
CA LEU M 150 -55.18 -6.56 -30.86
C LEU M 150 -53.95 -7.45 -30.77
N LYS M 151 -52.79 -6.93 -31.19
CA LYS M 151 -51.58 -7.73 -31.18
C LYS M 151 -51.07 -7.96 -29.76
N LEU M 152 -51.21 -6.97 -28.89
CA LEU M 152 -50.65 -7.03 -27.55
C LEU M 152 -51.42 -7.95 -26.61
N TRP M 153 -52.67 -8.31 -26.95
CA TRP M 153 -53.42 -9.23 -26.12
C TRP M 153 -53.40 -10.66 -26.63
N SER M 154 -53.17 -10.87 -27.91
CA SER M 154 -53.15 -12.21 -28.48
C SER M 154 -52.28 -12.27 -29.73
N SER N 2 -33.16 20.99 -42.80
CA SER N 2 -32.01 20.22 -42.34
C SER N 2 -30.82 21.13 -42.07
N LEU N 3 -29.77 20.57 -41.47
CA LEU N 3 -28.55 21.33 -41.21
C LEU N 3 -27.68 21.38 -42.46
N THR N 4 -26.46 21.89 -42.28
CA THR N 4 -25.51 21.93 -43.37
C THR N 4 -24.23 21.20 -42.98
N PRO N 5 -23.51 20.64 -43.94
CA PRO N 5 -22.17 20.10 -43.64
C PRO N 5 -21.13 21.20 -43.70
N PHE N 6 -20.44 21.41 -42.59
CA PHE N 6 -19.31 22.33 -42.53
C PHE N 6 -18.05 21.60 -42.94
N LEU N 7 -17.33 22.17 -43.91
CA LEU N 7 -16.09 21.63 -44.48
C LEU N 7 -16.31 20.21 -45.01
N ARG N 8 -17.26 20.10 -45.94
CA ARG N 8 -17.80 18.82 -46.34
C ARG N 8 -16.81 17.99 -47.15
N LEU N 9 -16.79 16.69 -46.87
CA LEU N 9 -15.81 15.71 -47.34
C LEU N 9 -16.56 14.52 -47.92
N PRO N 10 -15.88 13.50 -48.48
CA PRO N 10 -16.59 12.25 -48.78
C PRO N 10 -17.18 11.52 -47.57
N LEU N 11 -16.75 11.83 -46.35
CA LEU N 11 -17.28 11.17 -45.15
C LEU N 11 -18.70 11.59 -44.80
N THR N 12 -19.25 12.64 -45.42
CA THR N 12 -20.63 13.02 -45.16
C THR N 12 -21.63 12.29 -46.04
N ASP N 13 -21.17 11.55 -47.04
CA ASP N 13 -22.07 10.84 -47.94
C ASP N 13 -22.76 9.67 -47.25
N LEU N 14 -22.07 9.01 -46.33
CA LEU N 14 -22.72 7.96 -45.55
C LEU N 14 -23.64 8.55 -44.50
N THR N 15 -23.24 9.67 -43.89
CA THR N 15 -23.98 10.26 -42.77
C THR N 15 -25.27 10.93 -43.24
N GLY N 16 -25.27 11.47 -44.47
CA GLY N 16 -26.37 12.30 -44.95
C GLY N 16 -27.69 11.57 -45.15
N CYS N 17 -27.68 10.25 -45.33
CA CYS N 17 -28.89 9.48 -45.57
C CYS N 17 -29.32 8.72 -44.32
N LEU N 18 -29.01 9.21 -43.13
CA LEU N 18 -29.28 8.48 -41.89
C LEU N 18 -30.74 8.52 -41.51
N ILE N 19 -31.27 9.70 -41.18
CA ILE N 19 -32.66 9.86 -40.77
C ILE N 19 -33.33 10.84 -41.72
N ASN N 20 -34.31 10.33 -42.48
CA ASN N 20 -35.12 11.15 -43.36
C ASN N 20 -36.45 10.45 -43.58
N HIS N 21 -37.43 11.20 -44.09
CA HIS N 21 -38.79 10.72 -44.22
C HIS N 21 -39.10 10.11 -45.58
N GLN N 22 -38.08 9.84 -46.39
CA GLN N 22 -38.33 9.41 -47.77
C GLN N 22 -38.66 7.93 -47.85
N THR N 23 -38.34 7.17 -46.80
CA THR N 23 -38.51 5.72 -46.85
C THR N 23 -39.90 5.35 -46.34
N TYR N 24 -40.86 5.30 -47.26
CA TYR N 24 -42.21 4.74 -47.04
C TYR N 24 -42.98 5.46 -45.94
N ASP N 25 -42.89 6.78 -45.91
CA ASP N 25 -43.57 7.58 -44.92
C ASP N 25 -44.59 8.49 -45.60
N LYS N 26 -45.66 8.81 -44.88
CA LYS N 26 -46.73 9.62 -45.46
C LYS N 26 -46.34 11.08 -45.56
N CYS N 27 -45.35 11.51 -44.79
CA CYS N 27 -44.99 12.92 -44.68
C CYS N 27 -43.90 13.33 -45.65
N GLY N 28 -43.18 12.35 -46.22
CA GLY N 28 -41.88 12.62 -46.83
C GLY N 28 -41.95 13.49 -48.07
N LYS N 29 -43.04 13.35 -48.84
CA LYS N 29 -43.29 14.19 -50.00
C LYS N 29 -43.35 15.66 -49.60
N PHE N 30 -44.06 15.97 -48.51
CA PHE N 30 -44.06 17.31 -47.93
C PHE N 30 -42.65 17.73 -47.54
N GLU N 31 -41.92 16.81 -46.89
CA GLU N 31 -40.53 17.03 -46.52
C GLU N 31 -39.68 17.27 -47.76
N MET N 32 -39.95 16.50 -48.82
CA MET N 32 -39.22 16.64 -50.07
C MET N 32 -39.43 18.03 -50.66
N LYS N 33 -40.67 18.52 -50.60
CA LYS N 33 -40.98 19.85 -51.11
C LYS N 33 -40.25 20.91 -50.31
N MET N 34 -40.17 20.72 -48.99
CA MET N 34 -39.43 21.67 -48.15
C MET N 34 -37.95 21.63 -48.48
N MET N 35 -37.42 20.40 -48.70
CA MET N 35 -36.04 20.25 -49.12
C MET N 35 -35.78 20.88 -50.49
N GLU N 36 -36.81 20.91 -51.35
CA GLU N 36 -36.69 21.55 -52.65
C GLU N 36 -36.39 23.03 -52.50
N CYS N 37 -37.13 23.72 -51.62
CA CYS N 37 -36.79 25.13 -51.46
C CYS N 37 -35.56 25.29 -50.59
N PHE N 38 -35.24 24.28 -49.78
CA PHE N 38 -33.98 24.30 -49.04
C PHE N 38 -32.80 24.05 -49.96
N GLU N 39 -33.03 23.52 -51.16
CA GLU N 39 -31.97 23.50 -52.16
C GLU N 39 -32.01 24.76 -53.02
N ALA N 40 -33.16 25.44 -53.09
CA ALA N 40 -33.29 26.58 -53.99
C ALA N 40 -32.97 27.89 -53.27
N TYR N 41 -33.72 28.20 -52.22
CA TYR N 41 -33.50 29.43 -51.47
C TYR N 41 -32.29 29.34 -50.56
N GLY N 42 -31.98 28.16 -50.03
CA GLY N 42 -30.90 28.00 -49.07
C GLY N 42 -31.43 27.75 -47.68
N LEU N 43 -30.48 27.53 -46.76
CA LEU N 43 -30.87 27.23 -45.39
C LEU N 43 -31.31 28.50 -44.66
N GLU N 44 -30.80 29.66 -45.06
CA GLU N 44 -31.10 30.90 -44.36
C GLU N 44 -32.27 31.65 -44.96
N ARG N 45 -32.38 31.69 -46.29
CA ARG N 45 -33.58 32.23 -46.91
C ARG N 45 -34.75 31.27 -46.84
N GLY N 46 -34.50 29.99 -46.59
CA GLY N 46 -35.57 29.03 -46.41
C GLY N 46 -36.27 29.14 -45.07
N LYS N 47 -35.64 29.79 -44.09
CA LYS N 47 -36.32 30.03 -42.82
C LYS N 47 -37.37 31.12 -42.92
N ARG N 48 -37.28 31.99 -43.94
CA ARG N 48 -38.21 33.09 -44.13
C ARG N 48 -39.15 32.89 -45.30
N GLU N 49 -38.67 32.33 -46.42
CA GLU N 49 -39.46 32.20 -47.63
C GLU N 49 -40.08 30.82 -47.80
N CYS N 50 -39.93 29.93 -46.83
CA CYS N 50 -40.60 28.63 -46.85
C CYS N 50 -41.36 28.40 -45.56
N ALA N 51 -42.04 29.44 -45.06
CA ALA N 51 -42.78 29.31 -43.81
C ALA N 51 -44.03 28.45 -44.00
N ASP N 52 -44.59 28.41 -45.21
CA ASP N 52 -45.74 27.56 -45.48
C ASP N 52 -45.33 26.09 -45.60
N LEU N 53 -44.21 25.80 -46.26
CA LEU N 53 -43.79 24.42 -46.47
C LEU N 53 -43.18 23.80 -45.22
N ILE N 54 -42.58 24.61 -44.35
CA ILE N 54 -42.02 24.11 -43.10
C ILE N 54 -43.14 23.70 -42.15
N SER N 55 -44.18 24.53 -42.05
CA SER N 55 -45.26 24.29 -41.09
C SER N 55 -46.12 23.10 -41.48
N ASP N 56 -46.30 22.86 -42.78
CA ASP N 56 -47.08 21.70 -43.23
C ASP N 56 -46.37 20.39 -42.88
N PHE N 57 -45.05 20.34 -43.09
CA PHE N 57 -44.26 19.18 -42.69
C PHE N 57 -44.22 19.02 -41.18
N GLN N 58 -44.18 20.14 -40.45
CA GLN N 58 -44.08 20.11 -38.99
C GLN N 58 -45.36 19.60 -38.36
N GLU N 59 -46.53 20.09 -38.78
CA GLU N 59 -47.78 19.52 -38.29
C GLU N 59 -48.23 18.30 -39.09
N CYS N 60 -47.43 17.83 -40.04
CA CYS N 60 -47.69 16.53 -40.65
C CYS N 60 -46.97 15.39 -39.94
N VAL N 61 -45.72 15.60 -39.50
CA VAL N 61 -45.00 14.50 -38.86
C VAL N 61 -45.01 14.68 -37.34
N GLY N 62 -44.99 15.92 -36.85
CA GLY N 62 -45.07 16.14 -35.42
C GLY N 62 -46.48 16.06 -34.87
N MET N 63 -47.48 16.31 -35.73
CA MET N 63 -48.92 16.22 -35.42
C MET N 63 -49.30 17.10 -34.24
N GLN N 64 -48.77 18.33 -34.23
CA GLN N 64 -48.99 19.24 -33.11
C GLN N 64 -50.42 19.77 -33.10
N LYS N 65 -50.86 20.34 -34.23
CA LYS N 65 -52.18 20.96 -34.30
C LYS N 65 -53.30 19.93 -34.22
N GLN N 66 -53.08 18.76 -34.80
CA GLN N 66 -54.07 17.68 -34.73
C GLN N 66 -54.26 17.18 -33.30
N LEU N 67 -53.16 17.04 -32.55
CA LEU N 67 -53.27 16.56 -31.19
C LEU N 67 -53.79 17.64 -30.24
N MET N 68 -53.47 18.92 -30.49
CA MET N 68 -54.12 19.99 -29.73
C MET N 68 -55.61 20.05 -30.01
N ARG N 69 -56.01 19.81 -31.26
CA ARG N 69 -57.44 19.72 -31.59
C ARG N 69 -58.11 18.57 -30.87
N PHE N 70 -57.46 17.39 -30.84
CA PHE N 70 -58.04 16.23 -30.18
C PHE N 70 -58.14 16.44 -28.67
N HIS N 71 -57.13 17.05 -28.05
CA HIS N 71 -57.19 17.31 -26.62
C HIS N 71 -58.13 18.44 -26.27
N ALA N 72 -58.46 19.33 -27.23
CA ALA N 72 -59.54 20.27 -26.99
C ALA N 72 -60.91 19.62 -27.12
N MET N 73 -61.04 18.65 -28.02
CA MET N 73 -62.29 17.89 -28.16
C MET N 73 -62.54 16.98 -26.96
N ARG N 74 -61.48 16.41 -26.38
CA ARG N 74 -61.66 15.56 -25.21
C ARG N 74 -61.90 16.35 -23.94
N ASN N 75 -61.26 17.52 -23.80
CA ASN N 75 -61.42 18.30 -22.57
C ASN N 75 -62.77 18.99 -22.50
N GLU N 76 -63.35 19.35 -23.66
CA GLU N 76 -64.64 20.02 -23.68
C GLU N 76 -65.76 19.07 -23.27
N ARG N 77 -65.66 17.80 -23.65
CA ARG N 77 -66.65 16.81 -23.27
C ARG N 77 -66.64 16.54 -21.76
N TYR N 78 -65.45 16.43 -21.17
CA TYR N 78 -65.35 16.26 -19.72
C TYR N 78 -65.74 17.54 -18.98
N LYS N 79 -65.49 18.71 -19.58
CA LYS N 79 -65.93 19.96 -19.00
C LYS N 79 -67.45 20.08 -18.99
N GLN N 80 -68.10 19.61 -20.06
CA GLN N 80 -69.56 19.58 -20.10
C GLN N 80 -70.12 18.54 -19.13
N TRP N 81 -69.39 17.44 -18.91
CA TRP N 81 -69.84 16.46 -17.92
C TRP N 81 -69.72 16.99 -16.50
N LEU N 82 -68.65 17.73 -16.20
CA LEU N 82 -68.50 18.34 -14.89
C LEU N 82 -69.49 19.48 -14.67
N LYS N 83 -69.79 20.26 -15.72
CA LYS N 83 -70.75 21.35 -15.58
C LYS N 83 -72.19 20.87 -15.54
N GLY N 84 -72.46 19.64 -15.97
CA GLY N 84 -73.79 19.08 -15.92
C GLY N 84 -74.59 19.18 -17.21
N GLU N 85 -74.01 19.74 -18.27
CA GLU N 85 -74.72 19.81 -19.54
C GLU N 85 -74.79 18.47 -20.24
N ARG N 86 -73.79 17.61 -20.03
CA ARG N 86 -73.72 16.32 -20.67
C ARG N 86 -74.11 15.24 -19.67
N LYS N 87 -75.11 14.43 -20.03
CA LYS N 87 -75.57 13.36 -19.17
C LYS N 87 -74.54 12.23 -19.12
N GLY N 88 -74.47 11.54 -17.98
CA GLY N 88 -73.51 10.46 -17.80
C GLY N 88 -73.80 9.23 -18.63
N GLN N 89 -75.07 8.99 -18.96
CA GLN N 89 -75.39 7.84 -19.82
C GLN N 89 -75.02 8.10 -21.27
N GLU N 90 -75.27 9.32 -21.76
CA GLU N 90 -74.92 9.72 -23.11
C GLU N 90 -73.60 10.49 -23.14
N PHE N 91 -72.65 10.12 -22.29
CA PHE N 91 -71.39 10.85 -22.18
C PHE N 91 -70.50 10.61 -23.40
N PHE N 92 -70.49 9.38 -23.91
CA PHE N 92 -69.70 9.04 -25.09
C PHE N 92 -70.63 8.78 -26.27
N ALA N 93 -70.14 9.08 -27.47
CA ALA N 93 -70.93 8.92 -28.68
C ALA N 93 -70.88 7.46 -29.16
N ASP N 94 -71.41 7.22 -30.34
CA ASP N 94 -71.43 5.87 -30.89
C ASP N 94 -70.03 5.47 -31.35
N PRO N 95 -69.59 4.24 -31.07
CA PRO N 95 -68.22 3.83 -31.43
C PRO N 95 -68.13 3.48 -32.89
N PRO N 96 -66.96 3.66 -33.50
CA PRO N 96 -66.78 3.25 -34.90
C PRO N 96 -66.65 1.74 -35.02
N ARG N 97 -66.85 1.26 -36.25
CA ARG N 97 -66.59 -0.13 -36.56
C ARG N 97 -65.09 -0.40 -36.52
N VAL N 98 -64.73 -1.63 -36.12
CA VAL N 98 -63.32 -1.98 -36.04
C VAL N 98 -62.73 -2.21 -37.42
N ASP N 99 -63.57 -2.49 -38.42
CA ASP N 99 -63.08 -2.58 -39.79
C ASP N 99 -62.83 -1.22 -40.41
N ALA N 100 -63.39 -0.16 -39.83
CA ALA N 100 -63.08 1.18 -40.28
C ALA N 100 -61.67 1.57 -39.86
N TYR N 101 -61.13 2.58 -40.56
CA TYR N 101 -59.75 3.08 -40.44
C TYR N 101 -58.70 1.98 -40.61
N MET O 1 -47.12 38.08 -18.39
CA MET O 1 -48.07 39.19 -18.42
C MET O 1 -48.37 39.67 -17.00
N SER O 2 -47.39 40.32 -16.37
CA SER O 2 -47.53 40.84 -15.02
C SER O 2 -46.57 42.02 -14.86
N LEU O 3 -46.48 42.54 -13.63
CA LEU O 3 -45.54 43.62 -13.35
C LEU O 3 -44.10 43.12 -13.25
N LEU O 4 -43.89 41.81 -13.07
CA LEU O 4 -42.55 41.25 -13.08
C LEU O 4 -41.95 41.21 -14.48
N ARG O 5 -42.79 41.22 -15.52
CA ARG O 5 -42.33 41.14 -16.91
C ARG O 5 -42.19 42.54 -17.50
N SER O 6 -41.35 43.34 -16.86
CA SER O 6 -41.17 44.74 -17.22
C SER O 6 -39.69 45.03 -17.42
N LYS O 7 -39.42 46.07 -18.21
CA LYS O 7 -38.06 46.49 -18.54
C LYS O 7 -37.76 47.83 -17.89
N TYR O 8 -36.48 48.19 -17.88
CA TYR O 8 -36.07 49.46 -17.30
C TYR O 8 -36.44 50.64 -18.18
N TYR O 9 -36.29 50.49 -19.50
CA TYR O 9 -36.50 51.59 -20.44
C TYR O 9 -37.78 51.42 -21.25
N ASP O 10 -38.80 50.76 -20.67
CA ASP O 10 -40.11 50.72 -21.30
C ASP O 10 -40.83 52.06 -21.20
N HIS O 11 -40.47 52.87 -20.22
CA HIS O 11 -40.97 54.22 -20.01
C HIS O 11 -39.80 55.19 -20.01
N PRO O 12 -40.03 56.48 -20.25
CA PRO O 12 -38.96 57.47 -20.06
C PRO O 12 -38.53 57.56 -18.61
N ASP O 13 -37.27 57.93 -18.41
CA ASP O 13 -36.66 57.90 -17.07
C ASP O 13 -37.25 59.00 -16.19
N GLY O 14 -37.66 58.62 -14.98
CA GLY O 14 -38.35 59.51 -14.08
C GLY O 14 -39.87 59.40 -14.13
N GLU O 15 -40.42 58.84 -15.21
CA GLU O 15 -41.87 58.69 -15.29
C GLU O 15 -42.36 57.54 -14.42
N ASP O 16 -41.68 56.40 -14.46
CA ASP O 16 -42.10 55.21 -13.75
C ASP O 16 -41.10 54.87 -12.65
N ALA O 17 -41.61 54.30 -11.57
CA ALA O 17 -40.79 53.90 -10.42
C ALA O 17 -40.77 52.40 -10.20
N PHE O 18 -41.94 51.79 -10.01
CA PHE O 18 -42.02 50.40 -9.54
C PHE O 18 -41.54 49.42 -10.60
N GLY O 19 -41.80 49.70 -11.87
CA GLY O 19 -41.27 48.86 -12.94
C GLY O 19 -39.77 48.91 -13.03
N LYS O 20 -39.17 50.08 -12.78
CA LYS O 20 -37.72 50.20 -12.76
C LYS O 20 -37.11 49.48 -11.56
N ILE O 21 -37.77 49.54 -10.40
CA ILE O 21 -37.31 48.80 -9.21
C ILE O 21 -37.37 47.29 -9.47
N VAL O 22 -38.48 46.82 -10.06
CA VAL O 22 -38.64 45.38 -10.32
C VAL O 22 -37.64 44.91 -11.38
N ALA O 23 -37.40 45.71 -12.42
CA ALA O 23 -36.46 45.32 -13.48
C ALA O 23 -35.02 45.27 -12.96
N THR O 24 -34.57 46.35 -12.29
CA THR O 24 -33.18 46.39 -11.82
C THR O 24 -32.93 45.39 -10.71
N ASN O 25 -33.92 45.16 -9.84
CA ASN O 25 -33.82 44.07 -8.87
C ASN O 25 -33.91 42.71 -9.54
N LYS O 26 -34.52 42.59 -10.72
CA LYS O 26 -34.52 41.31 -11.43
C LYS O 26 -33.15 40.96 -11.97
N TYR O 27 -32.44 41.95 -12.54
CA TYR O 27 -31.04 41.69 -12.90
C TYR O 27 -30.17 41.45 -11.67
N ALA O 28 -30.46 42.12 -10.55
CA ALA O 28 -29.73 41.86 -9.31
C ALA O 28 -29.98 40.44 -8.79
N VAL O 29 -31.22 39.96 -8.88
CA VAL O 29 -31.58 38.59 -8.50
C VAL O 29 -30.85 37.58 -9.36
N SER O 30 -30.83 37.82 -10.70
CA SER O 30 -30.16 36.89 -11.61
C SER O 30 -28.67 36.81 -11.36
N ALA O 31 -28.01 37.96 -11.18
CA ALA O 31 -26.57 37.98 -10.92
C ALA O 31 -26.23 37.37 -9.56
N GLY O 32 -27.03 37.68 -8.52
CA GLY O 32 -26.75 37.14 -7.20
C GLY O 32 -27.00 35.65 -7.10
N VAL O 33 -28.07 35.16 -7.72
CA VAL O 33 -28.37 33.73 -7.71
C VAL O 33 -27.34 32.95 -8.52
N ALA O 34 -26.89 33.50 -9.66
CA ALA O 34 -25.85 32.84 -10.45
C ALA O 34 -24.51 32.78 -9.71
N TRP O 35 -24.10 33.90 -9.10
CA TRP O 35 -22.83 33.91 -8.38
C TRP O 35 -22.89 33.05 -7.12
N SER O 36 -24.04 33.03 -6.43
CA SER O 36 -24.16 32.20 -5.24
C SER O 36 -24.31 30.73 -5.59
N MET O 37 -24.83 30.42 -6.79
CA MET O 37 -24.90 29.03 -7.22
C MET O 37 -23.51 28.51 -7.60
N PHE O 38 -22.68 29.35 -8.21
CA PHE O 38 -21.27 28.98 -8.37
C PHE O 38 -20.42 29.28 -7.15
N ASP O 39 -21.01 29.73 -6.04
CA ASP O 39 -20.26 29.97 -4.80
C ASP O 39 -20.43 28.84 -3.80
N VAL O 40 -21.67 28.54 -3.39
CA VAL O 40 -21.93 27.68 -2.24
C VAL O 40 -21.58 26.22 -2.47
N LEU O 41 -21.36 25.80 -3.71
CA LEU O 41 -20.90 24.45 -3.99
C LEU O 41 -19.38 24.38 -4.16
N THR O 42 -18.75 25.48 -4.56
CA THR O 42 -17.40 25.43 -5.10
C THR O 42 -16.34 25.86 -4.08
N LEU O 43 -16.47 27.07 -3.51
CA LEU O 43 -15.57 27.50 -2.45
C LEU O 43 -16.39 27.90 -1.23
N SER O 44 -15.86 27.58 -0.04
CA SER O 44 -16.46 27.84 1.27
C SER O 44 -17.85 27.19 1.36
N LYS O 45 -17.82 25.85 1.32
CA LYS O 45 -19.05 25.07 1.37
C LYS O 45 -19.68 25.18 2.75
N PRO O 46 -20.97 25.54 2.85
CA PRO O 46 -21.56 25.78 4.17
C PRO O 46 -21.84 24.52 4.96
N GLN O 47 -22.09 23.39 4.27
CA GLN O 47 -22.41 22.08 4.86
C GLN O 47 -23.63 22.14 5.77
N GLY O 48 -24.67 22.82 5.32
CA GLY O 48 -25.91 22.91 6.08
C GLY O 48 -27.03 23.44 5.22
N TYR O 49 -28.25 23.14 5.64
CA TYR O 49 -29.43 23.61 4.90
C TYR O 49 -29.65 25.10 5.13
N LEU O 50 -29.48 25.56 6.36
CA LEU O 50 -29.65 26.96 6.74
C LEU O 50 -28.44 27.87 6.38
N PRO O 51 -27.16 27.49 6.57
CA PRO O 51 -26.09 28.39 6.09
C PRO O 51 -25.98 28.49 4.57
N THR O 52 -26.52 27.51 3.82
CA THR O 52 -26.58 27.67 2.37
C THR O 52 -27.55 28.79 1.98
N LEU O 53 -28.72 28.84 2.62
CA LEU O 53 -29.64 29.96 2.41
C LEU O 53 -29.10 31.26 2.98
N GLY O 54 -28.27 31.18 4.03
CA GLY O 54 -27.61 32.37 4.54
C GLY O 54 -26.60 32.94 3.56
N ARG O 55 -25.82 32.08 2.90
CA ARG O 55 -24.91 32.53 1.87
C ARG O 55 -25.64 33.01 0.64
N PHE O 56 -26.80 32.41 0.32
CA PHE O 56 -27.65 32.90 -0.76
C PHE O 56 -28.15 34.31 -0.48
N ALA O 57 -28.60 34.57 0.76
CA ALA O 57 -29.04 35.90 1.15
C ALA O 57 -27.88 36.89 1.18
N TYR O 58 -26.70 36.43 1.63
CA TYR O 58 -25.51 37.28 1.68
C TYR O 58 -25.05 37.70 0.29
N ASN O 59 -25.15 36.81 -0.69
CA ASN O 59 -24.77 37.15 -2.05
C ASN O 59 -25.90 37.79 -2.86
N THR O 60 -27.14 37.75 -2.37
CA THR O 60 -28.27 38.31 -3.11
C THR O 60 -28.71 39.68 -2.62
N GLY O 61 -28.97 39.82 -1.30
CA GLY O 61 -29.55 41.00 -0.71
C GLY O 61 -28.80 42.30 -0.85
N PRO O 62 -27.46 42.33 -0.67
CA PRO O 62 -26.72 43.55 -1.02
C PRO O 62 -26.79 43.96 -2.49
N LEU O 63 -26.98 43.01 -3.42
CA LEU O 63 -27.20 43.41 -4.81
C LEU O 63 -28.58 44.04 -4.98
N MET O 64 -29.57 43.61 -4.20
CA MET O 64 -30.86 44.30 -4.15
C MET O 64 -30.70 45.70 -3.57
N GLY O 65 -29.81 45.85 -2.58
CA GLY O 65 -29.52 47.18 -2.05
C GLY O 65 -28.87 48.09 -3.07
N MET O 66 -27.92 47.55 -3.84
CA MET O 66 -27.30 48.26 -4.96
C MET O 66 -28.33 48.72 -5.98
N ALA O 67 -29.19 47.79 -6.42
CA ALA O 67 -30.19 48.07 -7.45
C ALA O 67 -31.21 49.09 -7.00
N THR O 68 -31.74 48.90 -5.77
CA THR O 68 -32.75 49.80 -5.24
C THR O 68 -32.18 51.19 -4.97
N ALA O 69 -30.96 51.26 -4.43
CA ALA O 69 -30.36 52.56 -4.13
C ALA O 69 -30.00 53.32 -5.39
N PHE O 70 -29.45 52.62 -6.42
CA PHE O 70 -29.14 53.28 -7.68
C PHE O 70 -30.41 53.77 -8.38
N THR O 71 -31.46 52.94 -8.41
CA THR O 71 -32.68 53.32 -9.10
C THR O 71 -33.40 54.45 -8.38
N LEU O 72 -33.42 54.41 -7.04
CA LEU O 72 -34.05 55.49 -6.28
C LEU O 72 -33.27 56.78 -6.37
N THR O 73 -31.94 56.71 -6.39
CA THR O 73 -31.12 57.92 -6.52
C THR O 73 -31.27 58.54 -7.91
N THR O 74 -31.33 57.69 -8.95
CA THR O 74 -31.57 58.19 -10.31
C THR O 74 -32.97 58.77 -10.44
N LEU O 75 -33.96 58.16 -9.78
CA LEU O 75 -35.33 58.68 -9.80
C LEU O 75 -35.44 60.03 -9.09
N VAL O 76 -34.78 60.18 -7.94
CA VAL O 76 -34.79 61.44 -7.20
C VAL O 76 -34.05 62.52 -7.97
N ALA O 77 -32.91 62.18 -8.59
CA ALA O 77 -32.16 63.17 -9.36
C ALA O 77 -32.86 63.54 -10.67
N THR O 78 -33.68 62.64 -11.22
CA THR O 78 -34.47 62.97 -12.39
C THR O 78 -35.69 63.81 -12.02
N ASN O 79 -36.31 63.54 -10.87
CA ASN O 79 -37.48 64.29 -10.45
C ASN O 79 -37.12 65.64 -9.83
N ALA O 80 -35.85 65.84 -9.45
CA ALA O 80 -35.45 67.10 -8.84
C ALA O 80 -35.31 68.20 -9.89
N ARG O 81 -34.41 68.01 -10.85
CA ARG O 81 -34.18 68.98 -11.90
C ARG O 81 -34.94 68.60 -13.17
N GLY O 82 -35.18 69.60 -14.02
CA GLY O 82 -35.94 69.36 -15.23
C GLY O 82 -35.21 68.52 -16.26
N LYS O 83 -33.90 68.74 -16.40
CA LYS O 83 -33.13 68.09 -17.45
C LYS O 83 -32.65 66.72 -17.00
N ASP O 84 -32.66 65.76 -17.93
CA ASP O 84 -32.05 64.46 -17.72
C ASP O 84 -30.68 64.40 -18.40
N ASP O 85 -29.72 63.80 -17.71
CA ASP O 85 -28.31 63.92 -18.07
C ASP O 85 -27.53 62.72 -17.50
N LYS O 86 -26.21 62.85 -17.45
CA LYS O 86 -25.34 61.74 -17.05
C LYS O 86 -25.00 61.76 -15.56
N ILE O 87 -24.92 62.93 -14.92
CA ILE O 87 -24.45 62.97 -13.54
C ILE O 87 -25.49 62.49 -12.55
N ASN O 88 -26.77 62.36 -12.98
CA ASN O 88 -27.74 61.60 -12.22
C ASN O 88 -27.33 60.14 -12.12
N TYR O 89 -26.89 59.55 -13.23
CA TYR O 89 -26.37 58.19 -13.21
C TYR O 89 -25.06 58.10 -12.45
N LEU O 90 -24.26 59.17 -12.48
CA LEU O 90 -23.01 59.21 -11.69
C LEU O 90 -23.28 59.19 -10.19
N ILE O 91 -24.23 60.00 -9.71
CA ILE O 91 -24.52 60.00 -8.28
C ILE O 91 -25.31 58.76 -7.87
N GLY O 92 -26.05 58.14 -8.79
CA GLY O 92 -26.61 56.83 -8.51
C GLY O 92 -25.55 55.76 -8.37
N GLY O 93 -24.50 55.83 -9.20
CA GLY O 93 -23.37 54.94 -9.04
C GLY O 93 -22.62 55.16 -7.75
N PHE O 94 -22.50 56.41 -7.31
CA PHE O 94 -21.91 56.69 -6.01
C PHE O 94 -22.79 56.18 -4.85
N ALA O 95 -24.11 56.22 -5.01
CA ALA O 95 -24.99 55.64 -3.99
C ALA O 95 -24.84 54.12 -3.93
N ALA O 96 -24.72 53.46 -5.08
CA ALA O 96 -24.47 52.03 -5.10
C ALA O 96 -23.09 51.69 -4.53
N GLY O 97 -22.10 52.56 -4.75
CA GLY O 97 -20.81 52.37 -4.12
C GLY O 97 -20.87 52.54 -2.62
N GLY O 98 -21.69 53.48 -2.13
CA GLY O 98 -21.91 53.60 -0.70
C GLY O 98 -22.61 52.38 -0.10
N VAL O 99 -23.49 51.76 -0.88
CA VAL O 99 -24.11 50.49 -0.46
C VAL O 99 -23.06 49.38 -0.39
N PHE O 100 -22.12 49.36 -1.34
CA PHE O 100 -21.01 48.41 -1.30
C PHE O 100 -20.11 48.64 -0.08
N GLY O 101 -19.86 49.92 0.25
CA GLY O 101 -19.10 50.25 1.45
C GLY O 101 -19.82 49.88 2.73
N ALA O 102 -21.15 49.98 2.74
CA ALA O 102 -21.92 49.51 3.89
C ALA O 102 -21.91 48.00 3.97
N TRP O 103 -21.82 47.31 2.84
CA TRP O 103 -21.69 45.85 2.84
C TRP O 103 -20.36 45.43 3.44
N LYS O 104 -19.26 45.98 2.93
CA LYS O 104 -17.93 45.45 3.24
C LYS O 104 -17.24 46.19 4.38
N HIS O 105 -17.90 47.18 4.99
CA HIS O 105 -17.39 47.98 6.11
C HIS O 105 -16.07 48.67 5.78
N ASN O 106 -15.93 49.02 4.51
CA ASN O 106 -14.70 49.69 4.03
C ASN O 106 -15.12 50.88 3.19
N HIS O 107 -14.84 52.09 3.67
CA HIS O 107 -15.21 53.31 2.93
C HIS O 107 -14.47 53.35 1.59
N VAL O 108 -13.21 52.93 1.56
CA VAL O 108 -12.41 53.06 0.30
C VAL O 108 -13.07 52.22 -0.81
N ALA O 109 -13.55 51.02 -0.48
CA ALA O 109 -14.27 50.22 -1.49
C ALA O 109 -15.51 50.99 -1.91
N GLY O 110 -16.17 51.63 -0.94
CA GLY O 110 -17.42 52.35 -1.25
C GLY O 110 -17.20 53.47 -2.24
N LEU O 111 -16.11 54.20 -2.08
CA LEU O 111 -15.79 55.30 -3.02
C LEU O 111 -15.36 54.71 -4.37
N CYS O 112 -14.31 53.87 -4.37
CA CYS O 112 -13.82 53.32 -5.62
C CYS O 112 -14.93 52.63 -6.41
N ALA O 113 -15.79 51.87 -5.72
CA ALA O 113 -16.94 51.27 -6.38
C ALA O 113 -17.95 52.31 -6.83
N GLY O 114 -18.08 53.41 -6.08
CA GLY O 114 -18.93 54.51 -6.52
C GLY O 114 -18.42 55.18 -7.78
N LEU O 115 -17.10 55.38 -7.87
CA LEU O 115 -16.50 55.94 -9.08
C LEU O 115 -16.66 55.00 -10.28
N PHE O 116 -16.44 53.70 -10.07
CA PHE O 116 -16.55 52.73 -11.15
C PHE O 116 -17.99 52.59 -11.65
N LEU O 117 -18.95 52.51 -10.72
CA LEU O 117 -20.34 52.42 -11.13
C LEU O 117 -20.88 53.74 -11.66
N GLY O 118 -20.32 54.87 -11.25
CA GLY O 118 -20.68 56.14 -11.88
C GLY O 118 -20.17 56.25 -13.32
N ILE O 119 -18.97 55.75 -13.57
CA ILE O 119 -18.45 55.69 -14.95
C ILE O 119 -19.30 54.75 -15.80
N ALA O 120 -19.71 53.61 -15.21
CA ALA O 120 -20.62 52.69 -15.90
C ALA O 120 -21.98 53.33 -16.17
N GLY O 121 -22.47 54.13 -15.23
CA GLY O 121 -23.74 54.81 -15.41
C GLY O 121 -23.70 55.89 -16.48
N VAL O 122 -22.61 56.67 -16.52
CA VAL O 122 -22.55 57.72 -17.55
C VAL O 122 -22.30 57.11 -18.93
N ILE O 123 -21.62 55.96 -19.01
CA ILE O 123 -21.46 55.29 -20.30
C ILE O 123 -22.79 54.69 -20.77
N LYS O 124 -23.57 54.11 -19.84
CA LYS O 124 -24.89 53.60 -20.18
C LYS O 124 -25.87 54.71 -20.56
N LYS O 125 -25.76 55.87 -19.91
CA LYS O 125 -26.60 57.01 -20.27
C LYS O 125 -26.20 57.57 -21.64
N MET O 126 -24.91 57.56 -21.96
CA MET O 126 -24.45 57.90 -23.30
C MET O 126 -24.99 56.92 -24.34
N SER O 127 -25.07 55.64 -23.98
CA SER O 127 -25.66 54.64 -24.86
C SER O 127 -27.14 54.88 -25.10
N ILE O 128 -27.89 55.24 -24.05
CA ILE O 128 -29.33 55.35 -24.22
C ILE O 128 -29.71 56.70 -24.87
N GLU O 129 -28.86 57.72 -24.76
CA GLU O 129 -29.22 58.97 -25.43
C GLU O 129 -28.57 59.11 -26.80
N GLN O 130 -27.47 58.40 -27.07
CA GLN O 130 -26.82 58.50 -28.37
C GLN O 130 -27.35 57.47 -29.36
N GLY O 131 -28.03 56.43 -28.89
CA GLY O 131 -28.68 55.47 -29.76
C GLY O 131 -27.89 54.21 -30.07
N TRP O 132 -26.61 54.16 -29.73
CA TRP O 132 -25.86 52.94 -30.02
C TRP O 132 -26.12 51.87 -28.96
N GLU O 133 -25.93 50.63 -29.37
CA GLU O 133 -26.27 49.46 -28.57
C GLU O 133 -25.00 48.74 -28.13
N PHE O 134 -25.00 48.24 -26.90
CA PHE O 134 -23.81 47.57 -26.37
C PHE O 134 -23.56 46.23 -27.04
N PHE O 135 -24.60 45.41 -27.18
CA PHE O 135 -24.50 44.10 -27.80
C PHE O 135 -25.55 44.03 -28.91
N PRO O 136 -25.27 44.61 -30.07
CA PRO O 136 -26.26 44.63 -31.15
C PRO O 136 -26.34 43.30 -31.86
N ASN O 137 -27.45 43.11 -32.57
CA ASN O 137 -27.56 41.97 -33.48
C ASN O 137 -26.57 42.15 -34.62
N THR O 138 -25.93 41.06 -35.00
CA THR O 138 -24.77 41.13 -35.89
C THR O 138 -25.25 41.33 -37.33
N PRO O 139 -24.85 42.44 -37.99
CA PRO O 139 -25.35 42.70 -39.35
C PRO O 139 -24.68 41.84 -40.41
N ILE O 140 -23.38 41.63 -40.28
CA ILE O 140 -22.58 40.88 -41.24
C ILE O 140 -22.23 39.55 -40.59
N LYS O 141 -22.75 38.46 -41.11
CA LYS O 141 -22.50 37.14 -40.52
C LYS O 141 -22.00 36.21 -41.62
N GLN O 142 -20.67 36.14 -41.77
CA GLN O 142 -20.07 35.26 -42.76
C GLN O 142 -20.24 33.81 -42.34
N TYR O 143 -20.95 33.05 -43.16
CA TYR O 143 -21.05 31.61 -42.98
C TYR O 143 -20.00 30.87 -43.80
N GLY O 144 -19.09 31.60 -44.43
CA GLY O 144 -18.00 30.99 -45.16
C GLY O 144 -17.31 32.05 -46.00
N GLY O 145 -16.26 31.60 -46.69
CA GLY O 145 -15.55 32.44 -47.62
C GLY O 145 -16.19 32.43 -49.00
N LEU O 146 -15.40 32.85 -49.98
CA LEU O 146 -15.84 32.76 -51.36
C LEU O 146 -15.84 31.30 -51.81
N ASN O 147 -16.67 31.02 -52.82
CA ASN O 147 -16.89 29.68 -53.40
C ASN O 147 -17.38 28.67 -52.38
N ILE O 148 -18.35 29.06 -51.54
CA ILE O 148 -18.93 28.10 -50.60
C ILE O 148 -19.85 27.12 -51.34
N ALA O 149 -20.34 27.52 -52.51
CA ALA O 149 -21.09 26.59 -53.34
C ALA O 149 -20.17 25.70 -54.15
N GLY O 150 -18.98 26.19 -54.49
CA GLY O 150 -18.07 25.51 -55.37
C GLY O 150 -17.17 24.47 -54.75
N ASN O 151 -17.07 24.41 -53.42
CA ASN O 151 -16.25 23.39 -52.76
C ASN O 151 -17.07 22.22 -52.21
N ASP O 152 -18.12 21.81 -52.90
CA ASP O 152 -18.77 20.54 -52.58
C ASP O 152 -17.91 19.38 -53.06
N TRP O 153 -17.25 18.71 -52.12
CA TRP O 153 -16.46 17.52 -52.42
C TRP O 153 -17.20 16.30 -51.88
N THR O 154 -18.09 15.74 -52.67
CA THR O 154 -18.83 14.53 -52.33
C THR O 154 -18.67 13.53 -53.47
N ILE O 155 -18.57 12.25 -53.12
CA ILE O 155 -18.28 11.23 -54.12
C ILE O 155 -19.57 10.67 -54.73
N MET O 156 -20.69 10.78 -54.02
CA MET O 156 -21.95 10.32 -54.61
C MET O 156 -22.46 11.30 -55.66
N ALA O 157 -23.13 10.75 -56.66
CA ALA O 157 -23.66 11.53 -57.77
C ALA O 157 -25.01 12.13 -57.39
N ASP O 158 -25.25 13.35 -57.84
CA ASP O 158 -26.50 14.05 -57.55
C ASP O 158 -27.60 13.55 -58.47
N PRO O 159 -28.73 13.09 -57.93
CA PRO O 159 -29.91 12.83 -58.77
C PRO O 159 -30.48 14.13 -59.32
N PRO O 160 -31.21 14.08 -60.44
CA PRO O 160 -31.79 15.30 -61.00
C PRO O 160 -32.85 15.93 -60.10
N LYS O 161 -32.77 17.25 -59.97
CA LYS O 161 -33.60 17.98 -59.01
C LYS O 161 -35.03 18.12 -59.51
N ASN O 162 -35.92 18.44 -58.58
CA ASN O 162 -37.33 18.64 -58.87
C ASN O 162 -37.70 20.11 -58.99
N TRP O 163 -36.74 21.03 -58.90
CA TRP O 163 -37.01 22.46 -58.98
C TRP O 163 -36.22 23.07 -60.14
N THR O 164 -36.83 24.03 -60.82
CA THR O 164 -36.18 24.79 -61.88
C THR O 164 -36.31 26.28 -61.59
N THR O 165 -35.37 27.04 -62.14
CA THR O 165 -35.46 28.50 -62.10
C THR O 165 -36.28 29.07 -63.24
N GLU O 166 -36.70 28.24 -64.19
CA GLU O 166 -37.45 28.71 -65.35
C GLU O 166 -38.91 28.98 -64.97
N LYS O 167 -39.44 30.10 -65.46
CA LYS O 167 -40.83 30.42 -65.25
C LYS O 167 -41.71 29.52 -66.12
N PRO O 168 -42.91 29.14 -65.63
CA PRO O 168 -43.82 28.31 -66.42
C PRO O 168 -44.43 29.05 -67.61
N GLU P 3 32.06 120.70 -47.45
CA GLU P 3 31.58 119.41 -46.92
C GLU P 3 32.26 118.95 -45.61
N PRO P 4 33.61 119.15 -45.42
CA PRO P 4 34.08 118.91 -44.03
C PRO P 4 33.78 120.10 -43.12
N ARG P 5 32.55 120.12 -42.60
CA ARG P 5 32.13 121.21 -41.72
C ARG P 5 32.80 121.11 -40.35
N SER P 6 32.84 119.90 -39.78
CA SER P 6 33.46 119.64 -38.50
C SER P 6 34.60 118.65 -38.68
N PRO P 7 35.60 118.66 -37.79
CA PRO P 7 36.66 117.63 -37.86
C PRO P 7 36.17 116.22 -37.64
N MET P 8 35.10 116.04 -36.86
CA MET P 8 34.53 114.71 -36.65
C MET P 8 33.90 114.17 -37.93
N ALA P 9 33.21 115.02 -38.68
CA ALA P 9 32.61 114.61 -39.94
C ALA P 9 33.68 114.34 -41.00
N SER P 10 34.77 115.12 -40.98
CA SER P 10 35.87 114.86 -41.91
C SER P 10 36.59 113.55 -41.58
N PHE P 11 36.76 113.27 -40.29
CA PHE P 11 37.33 111.98 -39.86
C PHE P 11 36.44 110.82 -40.24
N ALA P 12 35.11 110.99 -40.09
CA ALA P 12 34.17 109.94 -40.47
C ALA P 12 34.16 109.73 -41.98
N GLU P 13 34.29 110.80 -42.76
CA GLU P 13 34.39 110.69 -44.21
C GLU P 13 35.68 109.98 -44.62
N SER P 14 36.79 110.27 -43.92
CA SER P 14 38.05 109.60 -44.22
C SER P 14 38.00 108.11 -43.89
N VAL P 15 37.41 107.75 -42.73
CA VAL P 15 37.30 106.35 -42.34
C VAL P 15 36.34 105.60 -43.26
N LEU P 16 35.26 106.26 -43.68
CA LEU P 16 34.33 105.67 -44.65
C LEU P 16 34.97 105.50 -46.03
N ASN P 17 35.88 106.40 -46.41
CA ASN P 17 36.58 106.24 -47.69
C ASN P 17 37.58 105.09 -47.64
N VAL P 18 38.30 104.95 -46.52
CA VAL P 18 39.24 103.84 -46.33
C VAL P 18 38.49 102.51 -46.29
N ILE P 19 37.30 102.50 -45.70
CA ILE P 19 36.46 101.29 -45.73
C ILE P 19 35.94 101.03 -47.14
N ASP P 20 35.54 102.10 -47.85
CA ASP P 20 34.80 101.96 -49.10
C ASP P 20 35.69 101.57 -50.26
N GLY P 21 36.97 101.98 -50.24
CA GLY P 21 37.87 101.78 -51.36
C GLY P 21 38.20 100.36 -51.73
N PRO P 22 38.81 99.55 -50.84
CA PRO P 22 39.15 98.16 -51.19
C PRO P 22 37.97 97.26 -51.51
N ILE P 23 36.79 97.48 -50.91
CA ILE P 23 35.66 96.60 -51.19
C ILE P 23 35.10 96.85 -52.59
N THR P 24 35.04 98.12 -53.01
CA THR P 24 34.56 98.40 -54.37
C THR P 24 35.64 98.06 -55.39
N TRP P 25 36.92 98.10 -54.99
CA TRP P 25 37.97 97.62 -55.87
C TRP P 25 37.89 96.11 -56.07
N PHE P 26 37.62 95.38 -54.99
CA PHE P 26 37.53 93.93 -55.06
C PHE P 26 36.27 93.49 -55.80
N ARG P 27 35.22 94.30 -55.75
CA ARG P 27 34.04 93.97 -56.55
C ARG P 27 34.25 94.29 -58.02
N GLU P 28 34.70 95.50 -58.34
CA GLU P 28 34.75 95.94 -59.73
C GLU P 28 35.94 95.35 -60.46
N SER P 29 36.92 94.80 -59.74
CA SER P 29 38.11 94.29 -60.40
C SER P 29 38.15 92.76 -60.42
N ILE P 30 37.57 92.12 -59.40
CA ILE P 30 37.65 90.66 -59.24
C ILE P 30 36.27 90.03 -59.34
N VAL P 31 35.30 90.53 -58.57
CA VAL P 31 33.99 89.88 -58.50
C VAL P 31 33.17 90.15 -59.77
N GLU P 32 33.14 91.39 -60.24
CA GLU P 32 32.36 91.72 -61.44
C GLU P 32 32.95 91.17 -62.74
N PRO P 33 34.27 91.07 -62.95
CA PRO P 33 34.75 90.17 -64.00
C PRO P 33 34.60 88.71 -63.59
N ASN P 34 34.67 87.84 -64.61
CA ASN P 34 34.57 86.37 -64.54
C ASN P 34 33.22 85.87 -64.03
N GLN P 35 32.18 86.69 -64.03
CA GLN P 35 30.85 86.25 -63.63
C GLN P 35 29.96 86.10 -64.86
N GLN P 36 29.37 84.93 -65.01
CA GLN P 36 28.51 84.66 -66.15
C GLN P 36 27.12 85.26 -65.92
N LYS P 37 26.44 85.56 -67.03
CA LYS P 37 25.14 86.22 -66.99
C LYS P 37 24.05 85.17 -67.22
N GLN P 38 23.54 84.62 -66.12
CA GLN P 38 22.44 83.68 -66.16
C GLN P 38 21.15 84.38 -65.77
N ASN P 39 20.03 83.83 -66.23
CA ASN P 39 18.71 84.41 -66.00
C ASN P 39 17.89 83.50 -65.11
N TRP P 40 17.34 84.05 -64.02
CA TRP P 40 16.37 83.37 -63.20
C TRP P 40 15.08 84.17 -63.17
N TYR P 41 13.95 83.47 -63.09
CA TYR P 41 12.64 84.08 -63.23
C TYR P 41 11.83 83.88 -61.96
N HIS P 42 10.98 84.86 -61.66
CA HIS P 42 9.99 84.70 -60.60
C HIS P 42 8.92 83.72 -61.06
N GLN P 43 8.63 82.73 -60.22
CA GLN P 43 7.83 81.59 -60.64
C GLN P 43 6.36 81.94 -60.61
N ARG P 44 5.66 81.68 -61.71
CA ARG P 44 4.26 82.07 -61.85
C ARG P 44 3.36 80.84 -61.88
N PHE P 45 2.20 80.97 -61.25
CA PHE P 45 1.25 79.87 -61.07
C PHE P 45 -0.08 80.17 -61.76
N ARG P 46 -0.69 79.12 -62.28
CA ARG P 46 -2.04 79.19 -62.85
C ARG P 46 -3.07 79.19 -61.74
N ARG P 47 -4.34 79.32 -62.13
CA ARG P 47 -5.45 79.32 -61.20
C ARG P 47 -6.18 77.99 -61.32
N VAL P 48 -5.99 77.13 -60.31
CA VAL P 48 -6.71 75.86 -60.20
C VAL P 48 -8.15 76.17 -59.82
N PRO P 49 -9.14 75.32 -60.13
CA PRO P 49 -10.51 75.61 -59.69
C PRO P 49 -10.66 75.51 -58.17
N THR P 50 -11.48 76.40 -57.64
CA THR P 50 -11.63 76.63 -56.22
C THR P 50 -12.47 75.50 -55.63
N ILE P 51 -12.53 75.41 -54.29
CA ILE P 51 -13.28 74.40 -53.57
C ILE P 51 -14.79 74.49 -53.76
N ASP P 52 -15.30 75.59 -54.33
CA ASP P 52 -16.72 75.71 -54.65
C ASP P 52 -17.12 74.73 -55.75
N GLN P 53 -16.28 74.60 -56.78
CA GLN P 53 -16.57 73.69 -57.89
C GLN P 53 -16.21 72.25 -57.58
N CYS P 54 -15.52 71.99 -56.48
CA CYS P 54 -15.14 70.63 -56.13
C CYS P 54 -16.31 69.84 -55.58
N TYR P 55 -16.33 68.55 -55.90
CA TYR P 55 -17.36 67.64 -55.44
C TYR P 55 -17.03 67.15 -54.04
N THR P 56 -17.98 66.41 -53.46
CA THR P 56 -17.79 65.90 -52.11
C THR P 56 -16.78 64.76 -52.07
N ASP P 57 -16.91 63.80 -53.00
CA ASP P 57 -16.03 62.64 -53.02
C ASP P 57 -14.71 62.87 -53.76
N ASP P 58 -14.56 63.98 -54.46
CA ASP P 58 -13.35 64.25 -55.23
C ASP P 58 -12.23 64.67 -54.29
N ALA P 59 -11.08 64.01 -54.42
CA ALA P 59 -9.89 64.35 -53.64
C ALA P 59 -8.75 64.87 -54.47
N VAL P 60 -8.78 64.69 -55.79
CA VAL P 60 -7.73 65.23 -56.64
C VAL P 60 -7.86 66.75 -56.76
N CYS P 61 -9.08 67.28 -56.65
CA CYS P 61 -9.26 68.73 -56.74
C CYS P 61 -9.28 69.41 -55.39
N ARG P 62 -9.55 68.68 -54.30
CA ARG P 62 -9.42 69.28 -52.98
C ARG P 62 -7.96 69.53 -52.63
N PHE P 63 -7.04 68.73 -53.18
CA PHE P 63 -5.62 68.98 -52.99
C PHE P 63 -5.19 70.27 -53.66
N GLU P 64 -5.66 70.53 -54.88
CA GLU P 64 -5.29 71.75 -55.60
C GLU P 64 -5.91 72.98 -54.95
N ALA P 65 -7.16 72.87 -54.49
CA ALA P 65 -7.82 73.97 -53.82
C ALA P 65 -7.18 74.26 -52.46
N ASP P 66 -6.81 73.21 -51.72
CA ASP P 66 -6.12 73.41 -50.44
C ASP P 66 -4.72 73.99 -50.63
N GLN P 67 -4.02 73.59 -51.71
CA GLN P 67 -2.71 74.13 -51.97
C GLN P 67 -2.78 75.60 -52.39
N GLN P 68 -3.77 75.97 -53.21
CA GLN P 68 -3.91 77.37 -53.56
C GLN P 68 -4.44 78.20 -52.39
N PHE P 69 -5.19 77.58 -51.47
CA PHE P 69 -5.60 78.28 -50.26
C PHE P 69 -4.42 78.54 -49.34
N ARG P 70 -3.54 77.55 -49.20
CA ARG P 70 -2.31 77.73 -48.43
C ARG P 70 -1.40 78.77 -49.06
N ARG P 71 -1.28 78.76 -50.39
CA ARG P 71 -0.43 79.73 -51.08
C ARG P 71 -1.01 81.14 -50.99
N ASP P 72 -2.34 81.27 -51.07
CA ASP P 72 -2.95 82.59 -50.89
C ASP P 72 -2.83 83.07 -49.45
N ARG P 73 -2.87 82.16 -48.48
CA ARG P 73 -2.62 82.53 -47.08
C ARG P 73 -1.20 83.02 -46.90
N MET P 74 -0.23 82.36 -47.53
CA MET P 74 1.16 82.81 -47.52
C MET P 74 1.32 84.18 -48.19
N VAL P 75 0.68 84.37 -49.34
CA VAL P 75 0.78 85.64 -50.07
C VAL P 75 0.19 86.79 -49.26
N ASP P 76 -0.96 86.58 -48.64
CA ASP P 76 -1.53 87.58 -47.74
C ASP P 76 -0.69 87.78 -46.47
N ASN P 77 0.03 86.74 -46.03
CA ASN P 77 0.91 86.89 -44.87
C ASN P 77 2.06 87.84 -45.15
N GLU P 78 2.77 87.67 -46.28
CA GLU P 78 3.72 88.74 -46.57
C GLU P 78 3.09 90.03 -47.12
N ILE P 79 1.81 90.06 -47.50
CA ILE P 79 1.15 91.35 -47.73
C ILE P 79 1.08 92.14 -46.43
N VAL P 80 0.60 91.50 -45.35
CA VAL P 80 0.49 92.15 -44.05
C VAL P 80 1.87 92.46 -43.48
N ASN P 81 2.84 91.55 -43.70
CA ASN P 81 4.20 91.75 -43.22
C ASN P 81 4.89 92.93 -43.92
N ILE P 82 4.69 93.07 -45.24
CA ILE P 82 5.26 94.19 -45.98
C ILE P 82 4.62 95.50 -45.54
N LEU P 83 3.30 95.50 -45.30
CA LEU P 83 2.61 96.70 -44.83
C LEU P 83 3.08 97.12 -43.44
N ARG P 84 3.38 96.13 -42.58
CA ARG P 84 3.94 96.42 -41.26
C ARG P 84 5.35 97.01 -41.37
N GLN P 85 6.18 96.49 -42.29
CA GLN P 85 7.50 97.09 -42.49
C GLN P 85 7.42 98.49 -43.11
N ARG P 86 6.41 98.77 -43.94
CA ARG P 86 6.15 100.13 -44.43
C ARG P 86 5.81 101.08 -43.29
N PHE P 87 5.00 100.62 -42.33
CA PHE P 87 4.69 101.45 -41.15
C PHE P 87 5.93 101.66 -40.28
N GLU P 88 6.76 100.63 -40.12
CA GLU P 88 7.96 100.76 -39.29
C GLU P 88 9.01 101.67 -39.95
N ASP P 89 9.12 101.61 -41.28
CA ASP P 89 10.03 102.50 -41.99
C ASP P 89 9.51 103.93 -41.96
N CYS P 90 8.18 104.10 -41.93
CA CYS P 90 7.60 105.43 -41.69
C CYS P 90 7.96 105.95 -40.30
N THR P 91 7.96 105.06 -39.31
CA THR P 91 8.29 105.46 -37.94
C THR P 91 9.77 105.86 -37.82
N LEU P 92 10.67 105.11 -38.45
CA LEU P 92 12.09 105.47 -38.38
C LEU P 92 12.42 106.70 -39.22
N TYR P 93 11.82 106.85 -40.41
CA TYR P 93 12.21 107.95 -41.28
C TYR P 93 11.65 109.27 -40.80
N GLU P 94 10.42 109.29 -40.31
CA GLU P 94 9.83 110.47 -39.68
C GLU P 94 10.02 110.31 -38.17
N ALA P 95 11.25 110.54 -37.72
CA ALA P 95 11.59 110.30 -36.32
C ALA P 95 10.91 111.24 -35.32
N PRO P 96 10.83 112.56 -35.51
CA PRO P 96 10.04 113.35 -34.55
C PRO P 96 8.61 113.62 -34.96
N ASP P 97 8.16 113.16 -36.13
CA ASP P 97 6.83 113.49 -36.66
C ASP P 97 6.15 112.24 -37.22
N HIS P 98 6.17 111.15 -36.45
CA HIS P 98 5.50 109.92 -36.88
C HIS P 98 4.03 109.88 -36.48
N MET P 99 3.54 110.88 -35.75
CA MET P 99 2.13 110.94 -35.37
C MET P 99 1.25 111.53 -36.46
N VAL P 100 1.84 112.09 -37.52
CA VAL P 100 1.10 112.70 -38.61
C VAL P 100 1.26 111.91 -39.89
N LYS P 101 2.50 111.55 -40.24
CA LYS P 101 2.77 110.89 -41.51
C LYS P 101 2.33 109.42 -41.52
N CYS P 102 2.40 108.74 -40.39
CA CYS P 102 2.16 107.31 -40.34
C CYS P 102 0.73 106.93 -39.97
N ARG P 103 -0.14 107.91 -39.71
CA ARG P 103 -1.54 107.59 -39.44
C ARG P 103 -2.30 106.99 -40.64
N PRO P 104 -2.18 107.49 -41.89
CA PRO P 104 -2.81 106.74 -43.00
C PRO P 104 -2.21 105.37 -43.25
N LEU P 105 -0.89 105.21 -43.07
CA LEU P 105 -0.26 103.90 -43.23
C LEU P 105 -0.73 102.94 -42.14
N MET P 106 -0.93 103.44 -40.92
CA MET P 106 -1.51 102.64 -39.86
C MET P 106 -2.97 102.30 -40.16
N ASP P 107 -3.69 103.20 -40.85
CA ASP P 107 -5.07 102.92 -41.24
C ASP P 107 -5.15 101.79 -42.28
N GLN P 108 -4.25 101.81 -43.27
CA GLN P 108 -4.19 100.69 -44.23
C GLN P 108 -3.75 99.39 -43.55
N TYR P 109 -2.82 99.48 -42.59
CA TYR P 109 -2.40 98.27 -41.89
C TYR P 109 -3.53 97.68 -41.03
N GLU P 110 -4.31 98.54 -40.37
CA GLU P 110 -5.42 98.04 -39.56
C GLU P 110 -6.54 97.47 -40.44
N LYS P 111 -6.79 98.09 -41.59
CA LYS P 111 -7.77 97.55 -42.53
C LYS P 111 -7.32 96.21 -43.10
N ALA P 112 -6.01 96.07 -43.36
CA ALA P 112 -5.48 94.81 -43.86
C ALA P 112 -5.54 93.71 -42.79
N THR P 113 -5.28 94.04 -41.53
CA THR P 113 -5.40 93.05 -40.47
C THR P 113 -6.84 92.63 -40.25
N GLU P 114 -7.78 93.58 -40.36
CA GLU P 114 -9.20 93.25 -40.24
C GLU P 114 -9.66 92.35 -41.36
N ASN P 115 -9.25 92.64 -42.60
CA ASN P 115 -9.63 91.80 -43.74
C ASN P 115 -8.95 90.43 -43.68
N TRP P 116 -7.72 90.37 -43.19
CA TRP P 116 -7.02 89.10 -43.03
C TRP P 116 -7.69 88.24 -41.97
N PHE P 117 -8.19 88.85 -40.89
CA PHE P 117 -8.87 88.05 -39.89
C PHE P 117 -10.26 87.64 -40.36
N ILE P 118 -10.88 88.47 -41.21
CA ILE P 118 -12.19 88.11 -41.77
C ILE P 118 -12.05 86.91 -42.71
N LYS P 119 -10.95 86.87 -43.49
CA LYS P 119 -10.78 85.73 -44.39
C LYS P 119 -10.21 84.51 -43.67
N TYR P 120 -9.16 84.67 -42.87
CA TYR P 120 -8.40 83.53 -42.37
C TYR P 120 -8.52 83.28 -40.87
N GLY P 121 -9.21 84.15 -40.13
CA GLY P 121 -9.15 84.06 -38.67
C GLY P 121 -9.99 82.93 -38.13
N ASP P 122 -9.60 82.44 -36.96
CA ASP P 122 -10.22 81.37 -36.17
C ASP P 122 -10.28 80.02 -36.88
N LEU P 123 -9.55 79.83 -37.99
CA LEU P 123 -9.59 78.54 -38.67
C LEU P 123 -8.74 77.51 -37.93
N GLY P 124 -7.63 77.96 -37.34
CA GLY P 124 -6.77 77.07 -36.59
C GLY P 124 -5.53 76.66 -37.36
N GLY P 125 -4.86 75.65 -36.81
CA GLY P 125 -3.70 75.10 -37.47
C GLY P 125 -4.04 74.36 -38.75
N TYR P 126 -5.13 73.58 -38.73
CA TYR P 126 -5.53 72.80 -39.90
C TYR P 126 -6.64 73.57 -40.62
N ALA P 127 -6.21 74.48 -41.47
CA ALA P 127 -7.12 75.31 -42.26
C ALA P 127 -7.14 74.77 -43.68
N ASN P 128 -8.21 74.07 -44.04
CA ASN P 128 -8.41 73.62 -45.40
C ASN P 128 -9.13 74.71 -46.19
N ALA P 129 -9.30 74.47 -47.50
CA ALA P 129 -10.13 75.36 -48.29
C ALA P 129 -11.61 75.15 -48.00
N LYS P 130 -11.99 73.98 -47.47
CA LYS P 130 -13.37 73.74 -47.06
C LYS P 130 -13.74 74.57 -45.85
N THR P 131 -12.82 74.70 -44.89
CA THR P 131 -13.13 75.37 -43.62
C THR P 131 -13.32 76.87 -43.79
N ALA P 132 -12.49 77.50 -44.62
CA ALA P 132 -12.65 78.92 -44.91
C ALA P 132 -13.93 79.19 -45.71
N TYR P 133 -14.31 78.26 -46.59
CA TYR P 133 -15.55 78.43 -47.34
C TYR P 133 -16.78 78.28 -46.43
N MET P 134 -16.74 77.33 -45.49
CA MET P 134 -17.82 77.21 -44.52
C MET P 134 -17.88 78.43 -43.60
N LYS P 135 -16.72 78.98 -43.23
CA LYS P 135 -16.66 80.21 -42.45
C LYS P 135 -17.27 81.38 -43.21
N GLN P 136 -16.96 81.49 -44.51
CA GLN P 136 -17.49 82.58 -45.33
C GLN P 136 -18.99 82.43 -45.55
N LYS P 137 -19.48 81.21 -45.73
CA LYS P 137 -20.92 80.97 -45.87
C LYS P 137 -21.67 81.30 -44.58
N HIS P 138 -21.14 80.89 -43.43
CA HIS P 138 -21.78 81.18 -42.16
C HIS P 138 -21.73 82.67 -41.84
N ARG P 139 -20.63 83.33 -42.20
CA ARG P 139 -20.49 84.77 -41.98
C ARG P 139 -21.45 85.56 -42.87
N LEU P 140 -21.59 85.15 -44.14
CA LEU P 140 -22.53 85.85 -45.02
C LEU P 140 -23.98 85.58 -44.63
N ILE P 141 -24.27 84.39 -44.10
CA ILE P 141 -25.59 84.12 -43.54
C ILE P 141 -25.86 85.02 -42.32
N TRP P 142 -24.85 85.20 -41.46
CA TRP P 142 -25.02 86.06 -40.30
C TRP P 142 -25.19 87.53 -40.67
N GLU P 143 -24.45 88.01 -41.68
CA GLU P 143 -24.69 89.38 -42.14
C GLU P 143 -25.96 89.53 -42.97
N ARG P 144 -26.53 88.45 -43.47
CA ARG P 144 -27.84 88.53 -44.13
C ARG P 144 -28.95 88.61 -43.08
N ARG P 145 -28.91 87.73 -42.08
CA ARG P 145 -29.99 87.68 -41.10
C ARG P 145 -29.81 88.72 -39.99
N HIS P 146 -28.73 88.60 -39.23
CA HIS P 146 -28.58 89.33 -37.97
C HIS P 146 -27.86 90.66 -38.11
N GLY P 147 -27.52 91.08 -39.32
CA GLY P 147 -26.77 92.29 -39.51
C GLY P 147 -25.28 92.04 -39.37
N PRO P 148 -24.48 93.11 -39.43
CA PRO P 148 -23.02 92.94 -39.41
C PRO P 148 -22.50 92.46 -38.06
N VAL P 149 -21.33 91.82 -38.10
CA VAL P 149 -20.76 91.21 -36.90
C VAL P 149 -20.23 92.29 -35.97
N GLY P 150 -20.69 92.26 -34.72
CA GLY P 150 -20.36 93.28 -33.76
C GLY P 150 -21.47 94.26 -33.44
N SER P 151 -22.50 94.33 -34.28
CA SER P 151 -23.64 95.19 -33.98
C SER P 151 -24.52 94.58 -32.88
N GLY P 152 -24.71 93.28 -32.91
CA GLY P 152 -25.51 92.61 -31.91
C GLY P 152 -26.18 91.39 -32.50
N MET P 153 -27.26 90.96 -31.83
CA MET P 153 -28.11 89.82 -32.18
C MET P 153 -27.35 88.50 -32.34
N GLY Q 5 47.23 46.02 -24.62
CA GLY Q 5 46.73 46.55 -23.37
C GLY Q 5 46.63 48.06 -23.36
N ALA Q 6 45.73 48.59 -22.54
CA ALA Q 6 45.52 50.03 -22.47
C ALA Q 6 45.54 50.47 -21.02
N SER Q 7 46.23 51.57 -20.74
CA SER Q 7 46.35 52.13 -19.41
C SER Q 7 45.87 53.57 -19.43
N GLU Q 8 44.77 53.85 -18.74
CA GLU Q 8 44.25 55.21 -18.68
C GLU Q 8 45.06 56.07 -17.71
N THR Q 9 45.77 55.43 -16.79
CA THR Q 9 46.61 56.09 -15.81
C THR Q 9 48.10 55.85 -16.02
N GLY Q 10 48.48 55.17 -17.10
CA GLY Q 10 49.85 54.74 -17.27
C GLY Q 10 50.12 53.48 -16.47
N GLY Q 11 51.41 53.15 -16.36
CA GLY Q 11 51.79 52.00 -15.55
C GLY Q 11 51.73 52.29 -14.06
N VAL Q 12 51.70 53.57 -13.71
CA VAL Q 12 51.66 54.03 -12.32
C VAL Q 12 50.28 53.77 -11.74
N LYS Q 13 50.21 53.16 -10.56
CA LYS Q 13 48.96 52.73 -9.95
C LYS Q 13 48.31 53.88 -9.21
N PRO Q 14 47.00 54.10 -9.38
CA PRO Q 14 46.34 55.22 -8.70
C PRO Q 14 46.11 54.95 -7.22
N MET Q 15 46.61 55.84 -6.37
CA MET Q 15 46.36 55.75 -4.94
C MET Q 15 46.51 57.13 -4.32
N VAL Q 16 45.91 57.29 -3.15
CA VAL Q 16 46.03 58.50 -2.34
C VAL Q 16 47.20 58.29 -1.36
N ILE Q 17 48.05 59.30 -1.22
CA ILE Q 17 49.16 59.24 -0.26
C ILE Q 17 49.18 60.39 0.71
N ALA Q 18 48.31 61.38 0.53
CA ALA Q 18 48.32 62.55 1.41
C ALA Q 18 47.73 62.23 2.77
N GLY Q 19 46.87 61.21 2.84
CA GLY Q 19 46.28 60.81 4.09
C GLY Q 19 45.09 61.66 4.48
N ARG Q 20 44.74 61.57 5.76
CA ARG Q 20 43.61 62.27 6.32
C ARG Q 20 43.95 63.69 6.76
N MET Q 21 45.20 64.11 6.62
CA MET Q 21 45.66 65.39 7.14
C MET Q 21 45.33 66.56 6.21
N VAL Q 22 44.83 66.31 5.00
CA VAL Q 22 44.46 67.43 4.13
C VAL Q 22 43.17 68.09 4.56
N ARG Q 23 42.34 67.42 5.35
CA ARG Q 23 41.18 68.08 5.94
C ARG Q 23 41.63 69.03 7.03
N GLU Q 24 40.84 70.09 7.23
CA GLU Q 24 41.23 71.13 8.16
C GLU Q 24 41.06 70.68 9.60
N ARG Q 25 39.96 69.98 9.92
CA ARG Q 25 39.68 69.60 11.29
C ARG Q 25 40.50 68.41 11.78
N GLU Q 26 41.13 67.65 10.89
CA GLU Q 26 41.92 66.51 11.34
C GLU Q 26 43.32 66.89 11.81
N ARG Q 27 43.78 68.11 11.50
CA ARG Q 27 45.06 68.57 12.02
C ARG Q 27 44.93 69.26 13.36
N LEU Q 28 43.83 69.97 13.59
CA LEU Q 28 43.67 70.77 14.79
C LEU Q 28 43.34 69.91 16.01
N ILE Q 29 42.75 68.73 15.80
CA ILE Q 29 42.63 67.72 16.84
C ILE Q 29 43.95 66.97 16.92
N GLY Q 30 44.10 66.12 17.94
CA GLY Q 30 45.36 65.44 18.15
C GLY Q 30 45.70 64.46 17.05
N MET Q 31 47.00 64.25 16.86
CA MET Q 31 47.49 63.46 15.73
C MET Q 31 48.86 62.89 16.10
N SER Q 32 49.25 61.85 15.35
CA SER Q 32 50.50 61.17 15.62
C SER Q 32 51.69 62.01 15.18
N PRO Q 33 52.82 61.92 15.89
CA PRO Q 33 54.05 62.58 15.42
C PRO Q 33 54.57 62.02 14.10
N GLU Q 34 54.35 60.73 13.83
CA GLU Q 34 54.72 60.16 12.54
C GLU Q 34 53.81 60.71 11.45
N GLU Q 35 52.54 60.97 11.76
CA GLU Q 35 51.64 61.65 10.84
C GLU Q 35 52.08 63.09 10.61
N ARG Q 36 52.63 63.74 11.64
CA ARG Q 36 53.18 65.08 11.50
C ARG Q 36 54.40 65.10 10.59
N ALA Q 37 55.26 64.08 10.72
CA ALA Q 37 56.43 63.95 9.84
C ALA Q 37 56.00 63.67 8.40
N TRP Q 38 54.95 62.86 8.23
CA TRP Q 38 54.40 62.59 6.90
C TRP Q 38 53.82 63.83 6.26
N ARG Q 39 53.11 64.66 7.04
CA ARG Q 39 52.55 65.89 6.52
C ARG Q 39 53.64 66.91 6.17
N LYS Q 40 54.69 66.99 7.01
CA LYS Q 40 55.82 67.87 6.74
C LYS Q 40 56.56 67.44 5.47
N GLN Q 41 56.75 66.13 5.30
CA GLN Q 41 57.42 65.61 4.11
C GLN Q 41 56.55 65.77 2.86
N TRP Q 42 55.22 65.68 3.02
CA TRP Q 42 54.30 65.93 1.91
C TRP Q 42 54.34 67.38 1.45
N LEU Q 43 54.36 68.32 2.41
CA LEU Q 43 54.44 69.74 2.05
C LEU Q 43 55.81 70.11 1.50
N LYS Q 44 56.87 69.44 1.94
CA LYS Q 44 58.17 69.68 1.32
C LYS Q 44 58.26 69.03 -0.05
N ASP Q 45 57.47 67.99 -0.31
CA ASP Q 45 57.43 67.35 -1.61
C ASP Q 45 56.69 68.23 -2.62
N GLN Q 46 55.62 68.93 -2.18
CA GLN Q 46 54.83 69.75 -3.10
C GLN Q 46 55.54 71.00 -3.58
N GLU Q 47 56.62 71.43 -2.91
CA GLU Q 47 57.40 72.54 -3.43
C GLU Q 47 58.27 72.09 -4.59
N LEU Q 48 58.26 72.88 -5.66
CA LEU Q 48 59.03 72.59 -6.87
C LEU Q 48 60.16 73.60 -7.01
N HIS Q 49 61.38 73.10 -7.21
CA HIS Q 49 62.52 73.99 -7.38
C HIS Q 49 62.51 74.67 -8.74
N HIS Q 50 62.03 73.98 -9.77
CA HIS Q 50 61.97 74.53 -11.12
C HIS Q 50 60.54 74.44 -11.64
N GLY Q 51 60.28 75.21 -12.70
CA GLY Q 51 58.99 75.23 -13.33
C GLY Q 51 58.79 74.06 -14.28
N PRO Q 52 57.68 74.06 -15.02
CA PRO Q 52 57.44 72.97 -15.97
C PRO Q 52 58.34 73.09 -17.19
N ARG Q 53 58.98 71.99 -17.55
CA ARG Q 53 59.88 71.97 -18.69
C ARG Q 53 59.10 71.87 -19.99
N LYS Q 54 59.71 72.37 -21.06
CA LYS Q 54 59.10 72.34 -22.39
C LYS Q 54 59.38 71.00 -23.05
N VAL Q 55 58.33 70.28 -23.40
CA VAL Q 55 58.46 69.02 -24.13
C VAL Q 55 57.92 69.21 -25.55
N PRO Q 56 58.52 68.60 -26.56
CA PRO Q 56 58.06 68.82 -27.95
C PRO Q 56 56.92 67.89 -28.35
N ALA Q 57 56.83 66.73 -27.71
CA ALA Q 57 55.84 65.73 -28.13
C ALA Q 57 54.43 66.14 -27.75
N LEU Q 58 54.25 66.76 -26.58
CA LEU Q 58 52.94 67.26 -26.18
C LEU Q 58 52.48 68.41 -27.06
N GLU Q 59 53.42 69.28 -27.45
CA GLU Q 59 53.08 70.36 -28.37
C GLU Q 59 52.78 69.84 -29.77
N LEU Q 60 53.45 68.75 -30.19
CA LEU Q 60 53.17 68.18 -31.50
C LEU Q 60 51.83 67.46 -31.51
N GLU Q 61 51.48 66.79 -30.41
CA GLU Q 61 50.20 66.10 -30.35
C GLU Q 61 49.05 67.08 -30.16
N LEU Q 62 49.28 68.20 -29.47
CA LEU Q 62 48.29 69.24 -29.27
C LEU Q 62 48.31 70.29 -30.37
N ASN Q 63 48.83 69.97 -31.55
CA ASN Q 63 48.79 70.88 -32.70
C ASN Q 63 48.51 70.05 -33.94
N ASN Q 64 47.27 70.10 -34.40
CA ASN Q 64 46.89 69.59 -35.69
C ASN Q 64 47.60 70.34 -36.83
N PRO Q 65 47.88 69.66 -37.96
CA PRO Q 65 48.73 70.28 -39.00
C PRO Q 65 48.13 71.48 -39.71
N ILE Q 66 46.81 71.67 -39.66
CA ILE Q 66 46.18 72.82 -40.33
C ILE Q 66 46.52 74.10 -39.58
N LYS Q 67 46.48 74.07 -38.24
CA LYS Q 67 46.82 75.24 -37.44
C LYS Q 67 48.29 75.60 -37.56
N ARG Q 68 49.17 74.61 -37.61
CA ARG Q 68 50.58 74.87 -37.88
C ARG Q 68 50.79 75.40 -39.29
N PHE Q 69 49.99 74.95 -40.25
CA PHE Q 69 50.11 75.42 -41.62
C PHE Q 69 49.71 76.89 -41.75
N TYR Q 70 48.64 77.32 -41.08
CA TYR Q 70 48.27 78.73 -41.18
C TYR Q 70 48.89 79.58 -40.07
N ARG Q 71 49.68 78.99 -39.18
CA ARG Q 71 50.46 79.76 -38.22
C ARG Q 71 51.93 79.88 -38.59
N ALA Q 72 52.41 79.07 -39.54
CA ALA Q 72 53.80 79.15 -39.99
C ALA Q 72 54.25 80.47 -40.62
N PRO Q 73 53.48 81.18 -41.48
CA PRO Q 73 53.95 82.51 -41.94
C PRO Q 73 54.12 83.54 -40.83
N LEU Q 74 53.30 83.51 -39.79
CA LEU Q 74 53.54 84.38 -38.65
C LEU Q 74 54.68 83.84 -37.78
N ASP Q 75 54.87 82.51 -37.78
CA ASP Q 75 55.97 81.93 -37.00
C ASP Q 75 57.33 82.28 -37.59
N LYS Q 76 57.41 82.45 -38.91
CA LYS Q 76 58.64 82.94 -39.52
C LYS Q 76 58.95 84.37 -39.10
N VAL Q 77 57.90 85.22 -39.02
CA VAL Q 77 58.06 86.61 -38.58
C VAL Q 77 58.46 86.66 -37.10
N CYS Q 78 57.93 85.74 -36.30
CA CYS Q 78 58.35 85.61 -34.90
C CYS Q 78 59.80 85.15 -34.80
N ASN Q 79 60.23 84.24 -35.67
CA ASN Q 79 61.58 83.69 -35.58
C ASN Q 79 62.64 84.67 -36.06
N VAL Q 80 62.31 85.53 -37.04
CA VAL Q 80 63.26 86.55 -37.49
C VAL Q 80 63.47 87.61 -36.42
N LEU Q 81 62.38 88.08 -35.81
CA LEU Q 81 62.45 89.14 -34.82
C LEU Q 81 62.70 88.62 -33.40
N GLU Q 82 62.92 87.31 -33.24
CA GLU Q 82 63.23 86.75 -31.92
C GLU Q 82 64.54 87.26 -31.30
N PRO Q 83 65.70 87.30 -31.97
CA PRO Q 83 66.90 87.79 -31.25
C PRO Q 83 66.99 89.30 -31.12
N VAL Q 84 66.11 90.07 -31.78
CA VAL Q 84 66.28 91.52 -31.81
C VAL Q 84 65.63 92.15 -30.59
N LEU Q 85 64.36 91.84 -30.33
CA LEU Q 85 63.66 92.38 -29.17
C LEU Q 85 63.51 91.37 -28.03
N GLY Q 86 64.10 90.19 -28.17
CA GLY Q 86 63.85 89.11 -27.23
C GLY Q 86 62.65 88.28 -27.63
N PHE Q 87 62.49 87.13 -26.97
CA PHE Q 87 61.41 86.23 -27.33
C PHE Q 87 60.06 86.72 -26.83
N GLN Q 88 60.01 87.30 -25.62
CA GLN Q 88 58.74 87.69 -25.02
C GLN Q 88 58.17 88.95 -25.67
N ARG Q 89 59.03 89.90 -26.05
CA ARG Q 89 58.54 91.14 -26.66
C ARG Q 89 58.14 90.93 -28.11
N ALA Q 90 58.84 90.05 -28.83
CA ALA Q 90 58.51 89.82 -30.24
C ALA Q 90 57.25 88.99 -30.41
N TYR Q 91 56.87 88.20 -29.41
CA TYR Q 91 55.66 87.40 -29.53
C TYR Q 91 54.41 88.27 -29.44
N THR Q 92 54.47 89.40 -28.73
CA THR Q 92 53.38 90.36 -28.74
C THR Q 92 53.21 91.00 -30.11
N VAL Q 93 54.33 91.31 -30.77
CA VAL Q 93 54.29 91.88 -32.11
C VAL Q 93 53.77 90.86 -33.12
N ARG Q 94 54.13 89.59 -32.93
CA ARG Q 94 53.61 88.53 -33.79
C ARG Q 94 52.12 88.30 -33.55
N PHE Q 95 51.69 88.37 -32.29
CA PHE Q 95 50.29 88.08 -31.95
C PHE Q 95 49.37 89.21 -32.40
N TRP Q 96 49.78 90.45 -32.19
CA TRP Q 96 48.90 91.59 -32.51
C TRP Q 96 49.04 92.06 -33.94
N THR Q 97 49.80 91.35 -34.78
CA THR Q 97 49.72 91.55 -36.21
C THR Q 97 48.69 90.62 -36.84
N GLY Q 98 48.67 89.36 -36.42
CA GLY Q 98 47.69 88.41 -36.94
C GLY Q 98 46.27 88.73 -36.49
N LYS Q 99 46.11 89.19 -35.25
CA LYS Q 99 44.77 89.57 -34.79
C LYS Q 99 44.32 90.88 -35.43
N ALA Q 100 45.25 91.77 -35.76
CA ALA Q 100 44.92 92.95 -36.54
C ALA Q 100 44.50 92.57 -37.96
N LEU Q 101 45.13 91.54 -38.53
CA LEU Q 101 44.71 91.03 -39.83
C LEU Q 101 43.33 90.39 -39.78
N LEU Q 102 43.04 89.67 -38.69
CA LEU Q 102 41.69 89.10 -38.48
C LEU Q 102 40.64 90.19 -38.34
N ALA Q 103 40.94 91.25 -37.58
CA ALA Q 103 40.00 92.34 -37.40
C ALA Q 103 39.79 93.13 -38.69
N LEU Q 104 40.85 93.35 -39.47
CA LEU Q 104 40.74 94.04 -40.74
C LEU Q 104 39.94 93.20 -41.75
N THR Q 105 40.16 91.89 -41.77
CA THR Q 105 39.42 90.99 -42.66
C THR Q 105 37.94 90.94 -42.26
N GLY Q 106 37.64 90.91 -40.96
CA GLY Q 106 36.27 90.92 -40.52
C GLY Q 106 35.55 92.23 -40.81
N ILE Q 107 36.25 93.35 -40.65
CA ILE Q 107 35.67 94.66 -40.94
C ILE Q 107 35.41 94.82 -42.44
N TYR Q 108 36.35 94.40 -43.28
CA TYR Q 108 36.13 94.46 -44.73
C TYR Q 108 35.06 93.48 -45.20
N ALA Q 109 34.98 92.30 -44.57
CA ALA Q 109 33.93 91.34 -44.92
C ALA Q 109 32.55 91.85 -44.53
N GLY Q 110 32.43 92.47 -43.35
CA GLY Q 110 31.18 93.08 -42.96
C GLY Q 110 30.80 94.27 -43.82
N ALA Q 111 31.79 95.06 -44.25
CA ALA Q 111 31.53 96.19 -45.14
C ALA Q 111 31.06 95.72 -46.51
N TYR Q 112 31.69 94.68 -47.07
CA TYR Q 112 31.27 94.13 -48.35
C TYR Q 112 29.88 93.51 -48.28
N TYR Q 113 29.60 92.78 -47.19
CA TYR Q 113 28.28 92.18 -47.02
C TYR Q 113 27.20 93.24 -46.83
N PHE Q 114 27.46 94.27 -46.04
CA PHE Q 114 26.44 95.28 -45.79
C PHE Q 114 26.37 96.32 -46.89
N LYS Q 115 27.29 96.31 -47.86
CA LYS Q 115 27.14 97.19 -49.00
C LYS Q 115 26.56 96.50 -50.23
N TYR Q 116 27.00 95.28 -50.57
CA TYR Q 116 26.50 94.65 -51.78
C TYR Q 116 25.68 93.39 -51.57
N ASN Q 117 25.49 92.92 -50.34
CA ASN Q 117 24.70 91.73 -50.09
C ASN Q 117 23.64 92.00 -49.04
N GLN Q 118 22.93 93.11 -49.21
CA GLN Q 118 21.84 93.51 -48.33
C GLN Q 118 20.63 92.62 -48.60
N ASN Q 119 19.64 92.68 -47.70
CA ASN Q 119 18.40 91.94 -47.87
C ASN Q 119 17.60 92.59 -49.00
N ASP Q 120 17.68 91.99 -50.18
CA ASP Q 120 16.96 92.46 -51.36
C ASP Q 120 15.51 91.96 -51.25
N TRP Q 121 14.63 92.49 -52.10
CA TRP Q 121 13.22 92.10 -52.07
C TRP Q 121 12.99 90.68 -52.57
N THR Q 122 13.97 90.08 -53.26
CA THR Q 122 13.79 88.76 -53.85
C THR Q 122 13.98 87.62 -52.85
N ARG Q 123 14.39 87.90 -51.61
CA ARG Q 123 14.70 86.85 -50.66
C ARG Q 123 14.35 87.29 -49.25
N LYS Q 124 14.26 86.31 -48.36
CA LYS Q 124 14.09 86.54 -46.93
C LYS Q 124 15.32 86.01 -46.21
N GLY Q 125 15.91 86.83 -45.36
CA GLY Q 125 16.98 86.33 -44.50
C GLY Q 125 18.30 87.05 -44.60
N GLY Q 126 18.32 88.24 -45.18
CA GLY Q 126 19.48 89.10 -45.12
C GLY Q 126 19.40 90.06 -43.96
N TRP Q 127 20.50 90.76 -43.72
CA TRP Q 127 20.52 91.79 -42.68
C TRP Q 127 19.88 93.04 -43.24
N ARG Q 128 18.58 93.19 -43.01
CA ARG Q 128 17.75 94.23 -43.64
C ARG Q 128 17.99 95.56 -42.93
N VAL Q 129 18.81 96.41 -43.54
CA VAL Q 129 19.16 97.70 -42.94
C VAL Q 129 18.06 98.71 -43.20
N ILE Q 130 17.53 99.30 -42.14
CA ILE Q 130 16.61 100.42 -42.22
C ILE Q 130 17.29 101.61 -41.56
N HIS Q 131 17.40 102.71 -42.28
CA HIS Q 131 18.11 103.89 -41.79
C HIS Q 131 17.14 105.05 -41.58
N SER Q 132 17.45 105.88 -40.59
CA SER Q 132 16.64 107.04 -40.29
C SER Q 132 17.13 108.26 -41.07
N ARG Q 133 16.33 109.32 -41.05
CA ARG Q 133 16.66 110.54 -41.76
C ARG Q 133 17.73 111.32 -41.01
N LYS Q 134 18.74 111.79 -41.74
CA LYS Q 134 19.76 112.64 -41.14
C LYS Q 134 19.23 114.04 -40.89
N GLN Q 135 19.72 114.67 -39.83
CA GLN Q 135 19.32 116.03 -39.54
C GLN Q 135 20.02 117.00 -40.48
N CYS Q 136 19.45 118.19 -40.62
CA CYS Q 136 19.99 119.24 -41.47
C CYS Q 136 20.03 120.55 -40.69
N VAL Q 137 21.23 120.98 -40.34
CA VAL Q 137 21.47 122.23 -39.63
C VAL Q 137 21.64 123.34 -40.67
N PRO Q 138 21.58 124.62 -40.30
CA PRO Q 138 22.06 125.67 -41.22
C PRO Q 138 23.54 125.50 -41.55
N GLY Q 139 23.89 125.81 -42.79
CA GLY Q 139 25.20 125.51 -43.31
C GLY Q 139 25.29 124.20 -44.06
N ASP Q 140 24.20 123.46 -44.17
CA ASP Q 140 24.14 122.24 -44.97
C ASP Q 140 23.49 122.54 -46.30
N GLU Q 141 23.62 121.60 -47.23
CA GLU Q 141 23.04 121.79 -48.55
C GLU Q 141 21.53 121.56 -48.50
N GLY Q 142 20.78 122.57 -48.95
CA GLY Q 142 19.33 122.53 -48.92
C GLY Q 142 18.75 122.50 -47.53
N TYR Q 143 19.01 123.55 -46.74
CA TYR Q 143 18.48 123.63 -45.39
C TYR Q 143 16.95 123.73 -45.30
N PRO Q 144 16.23 124.54 -46.09
CA PRO Q 144 14.76 124.36 -46.08
C PRO Q 144 14.41 123.08 -46.82
N LYS Q 145 14.06 122.04 -46.08
CA LYS Q 145 13.98 120.70 -46.63
C LYS Q 145 12.77 119.98 -46.04
N VAL Q 146 11.98 119.39 -46.93
CA VAL Q 146 10.94 118.45 -46.53
C VAL Q 146 11.50 117.05 -46.70
N SER Q 147 10.97 116.12 -45.92
CA SER Q 147 11.42 114.74 -46.00
C SER Q 147 10.94 114.10 -47.30
N ASP Q 148 11.85 113.40 -47.97
CA ASP Q 148 11.50 112.69 -49.20
C ASP Q 148 10.86 111.34 -48.88
N ARG Q 149 10.66 110.52 -49.91
CA ARG Q 149 9.92 109.24 -49.93
C ARG Q 149 8.58 109.31 -49.21
N SER Q 150 7.88 110.45 -49.35
CA SER Q 150 6.61 110.68 -48.68
C SER Q 150 5.45 109.94 -49.33
N ALA Q 151 5.64 109.37 -50.52
CA ALA Q 151 4.66 108.45 -51.07
C ALA Q 151 4.62 107.19 -50.21
N PRO Q 152 3.45 106.59 -50.02
CA PRO Q 152 3.37 105.39 -49.16
C PRO Q 152 4.10 104.18 -49.70
N SER Q 153 4.19 104.02 -51.02
CA SER Q 153 4.86 102.85 -51.58
C SER Q 153 6.38 102.93 -51.47
N ASP Q 154 6.94 104.11 -51.24
CA ASP Q 154 8.38 104.25 -51.17
C ASP Q 154 8.97 103.76 -49.86
N TYR Q 155 8.16 103.65 -48.81
CA TYR Q 155 8.65 103.11 -47.55
C TYR Q 155 8.82 101.60 -47.65
N ALA Q 156 9.95 101.11 -47.12
CA ALA Q 156 10.31 99.68 -47.05
C ALA Q 156 10.29 99.02 -48.43
N ALA Q 157 10.91 99.67 -49.41
CA ALA Q 157 10.93 99.14 -50.77
C ALA Q 157 11.84 97.93 -50.90
N ARG Q 158 13.03 97.99 -50.29
CA ARG Q 158 14.08 96.96 -50.34
C ARG Q 158 14.48 96.62 -51.78
N GLY Q 159 14.56 97.65 -52.63
CA GLY Q 159 14.93 97.45 -54.01
C GLY Q 159 13.82 96.99 -54.92
N PHE Q 160 12.56 97.10 -54.50
CA PHE Q 160 11.45 96.70 -55.35
C PHE Q 160 11.19 97.71 -56.46
N ASN Q 161 11.51 98.99 -56.24
CA ASN Q 161 11.27 100.01 -57.25
C ASN Q 161 12.23 99.92 -58.42
N GLU Q 162 13.38 99.27 -58.25
CA GLU Q 162 14.34 99.06 -59.32
C GLU Q 162 14.27 97.66 -59.90
N SER Q 163 13.22 96.90 -59.58
CA SER Q 163 13.10 95.53 -60.05
C SER Q 163 12.74 95.50 -61.55
N PRO Q 164 13.26 94.52 -62.29
CA PRO Q 164 12.93 94.43 -63.72
C PRO Q 164 11.53 93.90 -63.99
N LEU Q 165 10.86 93.30 -63.00
CA LEU Q 165 9.51 92.79 -63.18
C LEU Q 165 8.49 93.91 -63.25
N GLU R 7 22.14 59.49 31.37
CA GLU R 7 22.19 59.89 29.97
C GLU R 7 23.63 60.03 29.48
N GLN R 8 24.56 60.10 30.45
CA GLN R 8 25.98 60.22 30.11
C GLN R 8 26.52 58.94 29.50
N GLU R 9 26.04 57.78 29.98
CA GLU R 9 26.49 56.50 29.42
C GLU R 9 25.93 56.29 28.00
N PHE R 10 24.78 56.89 27.69
CA PHE R 10 24.25 56.87 26.33
C PHE R 10 25.15 57.66 25.39
N ILE R 11 25.65 58.81 25.84
CA ILE R 11 26.58 59.61 25.06
C ILE R 11 27.90 58.88 24.90
N LYS R 12 28.34 58.16 25.94
CA LYS R 12 29.59 57.40 25.84
C LYS R 12 29.47 56.22 24.88
N ARG R 13 28.32 55.54 24.89
CA ARG R 13 28.09 54.44 23.94
C ARG R 13 27.99 54.94 22.52
N LYS R 14 27.34 56.08 22.32
CA LYS R 14 27.27 56.71 20.99
C LYS R 14 28.65 57.16 20.53
N HIS R 15 29.48 57.64 21.45
CA HIS R 15 30.84 58.03 21.13
C HIS R 15 31.70 56.83 20.75
N GLU R 16 31.51 55.69 21.43
CA GLU R 16 32.26 54.48 21.09
C GLU R 16 31.85 53.93 19.72
N ALA R 17 30.54 53.96 19.41
CA ALA R 17 30.08 53.55 18.10
C ALA R 17 30.58 54.51 17.00
N THR R 18 30.61 55.81 17.30
CA THR R 18 31.13 56.79 16.35
C THR R 18 32.62 56.62 16.13
N LEU R 19 33.38 56.27 17.17
CA LEU R 19 34.80 55.99 17.03
C LEU R 19 35.06 54.74 16.19
N LYS R 20 34.24 53.69 16.40
CA LYS R 20 34.38 52.48 15.59
C LYS R 20 34.07 52.75 14.12
N LEU R 21 33.02 53.52 13.84
CA LEU R 21 32.68 53.88 12.46
C LEU R 21 33.73 54.82 11.85
N ARG R 22 34.33 55.69 12.66
CA ARG R 22 35.37 56.59 12.17
C ARG R 22 36.64 55.82 11.80
N GLN R 23 37.02 54.83 12.62
CA GLN R 23 38.19 54.02 12.28
C GLN R 23 37.91 53.12 11.07
N GLU R 24 36.66 52.66 10.93
CA GLU R 24 36.28 51.90 9.73
C GLU R 24 36.34 52.77 8.48
N PHE R 25 35.88 54.02 8.59
CA PHE R 25 35.95 54.97 7.46
C PHE R 25 37.39 55.31 7.11
N LEU R 26 38.25 55.49 8.12
CA LEU R 26 39.65 55.82 7.85
C LEU R 26 40.39 54.63 7.26
N LYS R 27 39.98 53.41 7.61
CA LYS R 27 40.59 52.22 6.99
C LYS R 27 40.13 52.06 5.54
N GLN R 28 38.83 52.20 5.29
CA GLN R 28 38.30 51.85 3.97
C GLN R 28 38.40 52.96 2.95
N SER R 29 38.27 54.23 3.35
CA SER R 29 38.31 55.33 2.39
C SER R 29 39.72 55.61 1.88
N SER R 30 40.73 55.25 2.65
CA SER R 30 42.13 55.51 2.32
C SER R 30 42.89 54.24 1.98
N ASN R 31 42.27 53.34 1.21
CA ASN R 31 42.84 52.03 0.89
C ASN R 31 43.72 52.11 -0.36
N PRO R 32 45.00 51.64 -0.31
CA PRO R 32 45.78 51.48 -1.53
C PRO R 32 45.16 50.55 -2.56
N TYR R 33 44.72 49.36 -2.11
CA TYR R 33 44.37 48.30 -3.04
C TYR R 33 43.02 48.52 -3.69
N ARG R 34 42.09 49.15 -2.99
CA ARG R 34 40.81 49.51 -3.62
C ARG R 34 40.97 50.66 -4.60
N HIS R 35 41.89 51.58 -4.31
CA HIS R 35 42.18 52.67 -5.25
C HIS R 35 42.92 52.16 -6.48
N ALA R 36 43.77 51.14 -6.30
CA ALA R 36 44.70 50.72 -7.35
C ALA R 36 44.05 49.90 -8.46
N THR R 37 42.78 49.49 -8.29
CA THR R 37 42.13 48.73 -9.35
C THR R 37 41.78 49.60 -10.54
N GLY R 38 41.59 50.90 -10.32
CA GLY R 38 41.25 51.83 -11.38
C GLY R 38 39.77 51.98 -11.64
N GLU R 39 38.95 51.06 -11.15
CA GLU R 39 37.50 51.16 -11.28
C GLU R 39 36.96 52.06 -10.18
N GLY R 40 36.31 53.15 -10.56
CA GLY R 40 35.79 54.09 -9.59
C GLY R 40 34.57 53.56 -8.88
N GLY R 41 34.18 54.28 -7.82
CA GLY R 41 33.03 53.87 -7.05
C GLY R 41 32.90 54.66 -5.77
N THR R 42 32.23 54.06 -4.80
CA THR R 42 31.93 54.68 -3.53
C THR R 42 32.23 53.68 -2.42
N VAL R 43 32.74 54.17 -1.29
CA VAL R 43 32.88 53.34 -0.10
C VAL R 43 31.48 52.93 0.38
N PHE R 44 31.40 51.74 0.97
CA PHE R 44 30.12 51.13 1.35
C PHE R 44 29.48 51.92 2.49
N ASP R 45 28.47 52.70 2.15
CA ASP R 45 27.73 53.51 3.10
C ASP R 45 26.32 52.95 3.20
N ALA R 46 25.90 52.57 4.41
CA ALA R 46 24.56 52.02 4.59
C ALA R 46 23.48 53.09 4.53
N GLY R 47 23.79 54.30 5.02
CA GLY R 47 22.79 55.35 5.10
C GLY R 47 22.33 55.85 3.74
N LEU R 48 23.24 55.94 2.78
CA LEU R 48 22.87 56.37 1.42
C LEU R 48 22.01 55.32 0.72
N ALA R 49 22.32 54.04 0.93
CA ALA R 49 21.52 52.97 0.32
C ALA R 49 20.13 52.89 0.94
N ARG R 50 20.04 53.07 2.26
CA ARG R 50 18.73 53.11 2.93
C ARG R 50 17.92 54.32 2.50
N PHE R 51 18.59 55.47 2.30
CA PHE R 51 17.92 56.68 1.82
C PHE R 51 17.40 56.51 0.40
N GLN R 52 18.22 55.87 -0.47
CA GLN R 52 17.80 55.64 -1.85
C GLN R 52 16.61 54.69 -1.93
N ALA R 53 16.67 53.59 -1.17
CA ALA R 53 15.55 52.66 -1.21
C ALA R 53 14.33 53.15 -0.44
N MET R 54 14.51 54.09 0.48
CA MET R 54 13.35 54.76 1.05
C MET R 54 12.71 55.69 0.04
N ARG R 55 13.53 56.33 -0.81
CA ARG R 55 12.97 57.19 -1.85
C ARG R 55 12.28 56.39 -2.95
N VAL R 56 12.75 55.18 -3.22
CA VAL R 56 12.18 54.38 -4.32
C VAL R 56 11.01 53.51 -3.84
N SER R 57 11.17 52.79 -2.74
CA SER R 57 10.26 51.71 -2.35
C SER R 57 9.30 52.12 -1.24
N ASN R 58 8.75 53.33 -1.32
CA ASN R 58 8.01 53.96 -0.24
C ASN R 58 6.54 53.52 -0.24
N TYR R 59 6.02 53.05 -1.38
CA TYR R 59 4.57 52.81 -1.55
C TYR R 59 4.03 51.72 -0.63
N GLU R 60 4.86 50.74 -0.25
CA GLU R 60 4.39 49.62 0.56
C GLU R 60 4.02 50.00 2.00
N HIS R 61 4.34 51.22 2.44
CA HIS R 61 3.90 51.72 3.74
C HIS R 61 2.79 52.76 3.63
N PHE R 62 2.09 52.79 2.49
CA PHE R 62 1.00 53.73 2.27
C PHE R 62 -0.33 53.01 2.44
N LYS R 63 -1.18 53.55 3.32
CA LYS R 63 -2.50 53.00 3.59
C LYS R 63 -3.57 54.05 3.34
N PRO R 64 -4.79 53.66 2.95
CA PRO R 64 -5.86 54.64 2.82
C PRO R 64 -6.34 55.16 4.16
N THR R 65 -5.95 56.39 4.47
CA THR R 65 -6.24 57.04 5.74
C THR R 65 -6.78 58.42 5.40
N GLY R 66 -7.65 58.95 6.26
CA GLY R 66 -8.24 60.26 6.03
C GLY R 66 -7.25 61.41 5.98
N LYS R 67 -6.10 61.27 6.66
CA LYS R 67 -5.03 62.25 6.51
C LYS R 67 -4.38 62.17 5.14
N SER R 68 -4.13 60.95 4.66
CA SER R 68 -3.55 60.77 3.33
C SER R 68 -4.55 61.13 2.24
N PHE R 69 -5.83 60.82 2.46
CA PHE R 69 -6.87 61.21 1.53
C PHE R 69 -7.05 62.73 1.50
N ARG R 70 -6.93 63.39 2.65
CA ARG R 70 -7.03 64.84 2.69
C ARG R 70 -5.81 65.50 2.03
N THR R 71 -4.62 64.90 2.20
CA THR R 71 -3.43 65.41 1.53
C THR R 71 -3.54 65.26 0.02
N GLY R 72 -4.00 64.11 -0.46
CA GLY R 72 -4.22 63.92 -1.88
C GLY R 72 -5.38 64.71 -2.43
N LEU R 73 -6.35 65.10 -1.59
CA LEU R 73 -7.47 65.90 -2.05
C LEU R 73 -7.09 67.37 -2.18
N PHE R 74 -6.66 67.99 -1.07
CA PHE R 74 -6.32 69.41 -1.13
C PHE R 74 -4.93 69.69 -1.68
N ALA R 75 -4.16 68.67 -2.06
CA ALA R 75 -2.85 68.93 -2.65
C ALA R 75 -2.90 68.91 -4.18
N VAL R 76 -3.62 67.98 -4.77
CA VAL R 76 -3.57 67.72 -6.21
C VAL R 76 -4.93 67.89 -6.87
N VAL R 77 -5.95 67.19 -6.37
CA VAL R 77 -7.23 67.11 -7.03
C VAL R 77 -7.99 68.45 -6.93
N LEU R 78 -7.93 69.10 -5.76
CA LEU R 78 -8.66 70.34 -5.58
C LEU R 78 -8.11 71.52 -6.40
N PRO R 79 -6.77 71.78 -6.51
CA PRO R 79 -6.34 72.82 -7.47
C PRO R 79 -6.64 72.50 -8.92
N ILE R 80 -6.61 71.21 -9.30
CA ILE R 80 -7.01 70.79 -10.64
C ILE R 80 -8.48 71.10 -10.89
N ALA R 81 -9.33 70.85 -9.88
CA ALA R 81 -10.77 71.10 -10.00
C ALA R 81 -11.08 72.59 -10.11
N LEU R 82 -10.52 73.42 -9.23
CA LEU R 82 -10.77 74.87 -9.34
C LEU R 82 -10.14 75.49 -10.58
N TYR R 83 -8.98 74.98 -11.01
CA TYR R 83 -8.34 75.54 -12.19
C TYR R 83 -9.08 75.17 -13.46
N ALA R 84 -9.58 73.92 -13.54
CA ALA R 84 -10.43 73.51 -14.65
C ALA R 84 -11.76 74.25 -14.66
N TRP R 85 -12.33 74.51 -13.47
CA TRP R 85 -13.57 75.27 -13.38
C TRP R 85 -13.36 76.72 -13.81
N ALA R 86 -12.23 77.32 -13.44
CA ALA R 86 -11.93 78.69 -13.84
C ALA R 86 -11.70 78.80 -15.34
N LEU R 87 -10.96 77.83 -15.92
CA LEU R 87 -10.74 77.81 -17.37
C LEU R 87 -12.04 77.61 -18.12
N LYS R 88 -12.90 76.69 -17.66
CA LYS R 88 -14.18 76.43 -18.30
C LYS R 88 -15.12 77.62 -18.19
N ALA R 89 -15.14 78.29 -17.03
CA ALA R 89 -16.03 79.44 -16.85
C ALA R 89 -15.59 80.63 -17.70
N GLU R 90 -14.28 80.92 -17.72
CA GLU R 90 -13.77 82.02 -18.54
C GLU R 90 -13.97 81.75 -20.03
N ARG R 91 -13.70 80.51 -20.48
CA ARG R 91 -13.87 80.22 -21.88
C ARG R 91 -15.33 80.12 -22.28
N ASP R 92 -16.21 79.72 -21.36
CA ASP R 92 -17.64 79.69 -21.67
C ASP R 92 -18.21 81.10 -21.79
N GLY R 93 -17.79 82.01 -20.89
CA GLY R 93 -18.21 83.40 -21.00
C GLY R 93 -17.67 84.08 -22.25
N ARG R 94 -16.40 83.85 -22.57
CA ARG R 94 -15.82 84.42 -23.78
C ARG R 94 -16.40 83.79 -25.04
N GLU R 95 -16.78 82.51 -24.98
CA GLU R 95 -17.39 81.86 -26.14
C GLU R 95 -18.81 82.34 -26.36
N GLU R 96 -19.56 82.58 -25.28
CA GLU R 96 -20.89 83.17 -25.41
C GLU R 96 -20.83 84.57 -25.96
N LYS R 97 -19.85 85.36 -25.51
CA LYS R 97 -19.64 86.70 -26.05
C LYS R 97 -19.20 86.66 -27.51
N TYR R 98 -18.40 85.68 -27.89
CA TYR R 98 -17.86 85.61 -29.24
C TYR R 98 -18.90 85.10 -30.23
N ARG R 99 -19.75 84.15 -29.80
CA ARG R 99 -20.75 83.55 -30.67
C ARG R 99 -22.06 84.32 -30.70
N THR R 100 -22.35 85.13 -29.68
CA THR R 100 -23.54 85.97 -29.73
C THR R 100 -23.39 87.07 -30.77
N GLY R 101 -22.22 87.70 -30.84
CA GLY R 101 -21.96 88.74 -31.81
C GLY R 101 -21.74 90.09 -31.15
N GLN R 102 -21.23 90.07 -29.92
CA GLN R 102 -21.05 91.29 -29.15
C GLN R 102 -19.73 92.00 -29.41
N VAL R 103 -18.82 91.38 -30.15
CA VAL R 103 -17.53 91.99 -30.49
C VAL R 103 -17.37 92.00 -32.01
N ALA R 104 -16.58 92.94 -32.50
CA ALA R 104 -16.37 93.10 -33.92
C ALA R 104 -15.08 92.40 -34.34
N TYR R 105 -14.88 92.33 -35.67
CA TYR R 105 -13.68 91.70 -36.20
C TYR R 105 -12.44 92.58 -36.08
N LYS R 106 -12.62 93.89 -35.89
CA LYS R 106 -11.51 94.82 -35.77
C LYS R 106 -11.16 95.15 -34.32
N ASP R 107 -12.04 94.88 -33.37
CA ASP R 107 -11.82 95.16 -31.96
C ASP R 107 -11.73 93.88 -31.14
N ARG R 108 -11.07 92.85 -31.66
CA ARG R 108 -11.04 91.53 -31.07
C ARG R 108 -9.61 91.20 -30.67
N GLN R 109 -9.44 90.69 -29.45
CA GLN R 109 -8.12 90.35 -28.95
C GLN R 109 -7.58 89.10 -29.62
N PHE R 110 -6.24 89.06 -29.77
CA PHE R 110 -5.45 87.91 -30.23
C PHE R 110 -5.87 87.45 -31.62
N LYS R 111 -5.63 88.34 -32.59
CA LYS R 111 -5.93 88.06 -33.98
C LYS R 111 -4.86 87.22 -34.67
N PHE R 112 -3.76 86.91 -33.95
CA PHE R 112 -2.57 86.24 -34.50
C PHE R 112 -1.99 86.98 -35.70
N ILE R 113 -1.90 88.30 -35.57
CA ILE R 113 -1.44 89.15 -36.66
C ILE R 113 -0.69 90.35 -36.10
N MET S 1 4.14 120.99 3.69
CA MET S 1 3.79 122.37 3.34
C MET S 1 3.97 122.60 1.84
N GLY S 2 3.76 123.85 1.42
CA GLY S 2 3.92 124.23 0.03
C GLY S 2 2.64 124.78 -0.55
N ASN S 3 2.76 125.23 -1.81
CA ASN S 3 1.64 125.84 -2.52
C ASN S 3 0.48 124.88 -2.75
N ALA S 4 0.80 123.59 -2.93
CA ALA S 4 -0.22 122.56 -3.03
C ALA S 4 -1.03 122.44 -1.75
N LEU S 5 -0.39 122.72 -0.59
CA LEU S 5 -1.13 122.80 0.67
C LEU S 5 -2.14 123.94 0.64
N THR S 6 -1.76 125.08 0.03
CA THR S 6 -2.74 126.14 -0.17
C THR S 6 -3.78 125.75 -1.21
N HIS S 7 -3.42 124.84 -2.13
CA HIS S 7 -4.43 124.28 -3.04
C HIS S 7 -5.39 123.37 -2.30
N TYR S 8 -4.99 122.82 -1.15
CA TYR S 8 -5.93 122.13 -0.29
C TYR S 8 -6.73 123.10 0.57
N MET S 9 -6.30 124.35 0.68
CA MET S 9 -6.98 125.33 1.53
C MET S 9 -7.82 126.34 0.75
N LYS S 10 -7.26 126.97 -0.28
CA LYS S 10 -7.96 127.98 -1.08
C LYS S 10 -7.99 127.54 -2.53
N PRO S 11 -8.98 126.73 -2.92
CA PRO S 11 -9.06 126.33 -4.33
C PRO S 11 -9.54 127.44 -5.24
N ASP S 12 -10.39 128.33 -4.74
CA ASP S 12 -10.88 129.43 -5.57
C ASP S 12 -9.86 130.55 -5.72
N VAL S 13 -8.86 130.60 -4.82
CA VAL S 13 -7.82 131.62 -4.95
C VAL S 13 -6.63 131.08 -5.74
N MET S 14 -6.10 129.92 -5.32
CA MET S 14 -4.93 129.34 -5.96
C MET S 14 -5.32 128.65 -7.25
N PRO S 15 -4.58 128.86 -8.35
CA PRO S 15 -4.99 128.23 -9.63
C PRO S 15 -4.78 126.73 -9.68
N GLY S 16 -3.61 126.23 -9.25
CA GLY S 16 -3.33 124.82 -9.31
C GLY S 16 -2.19 124.48 -10.25
N PRO S 17 -1.97 123.18 -10.48
CA PRO S 17 -0.88 122.76 -11.36
C PRO S 17 -1.23 122.68 -12.86
N ASP S 18 -0.42 123.40 -13.65
CA ASP S 18 -0.51 123.48 -15.12
C ASP S 18 -1.89 123.98 -15.57
N VAL S 19 -2.18 125.24 -15.27
CA VAL S 19 -3.53 125.76 -15.48
C VAL S 19 -3.66 126.43 -16.84
N VAL S 20 -4.80 126.20 -17.48
CA VAL S 20 -5.20 126.96 -18.67
C VAL S 20 -5.66 128.33 -18.17
N PRO S 21 -5.55 129.40 -18.99
CA PRO S 21 -5.81 130.77 -18.47
C PRO S 21 -7.23 131.04 -17.98
N THR S 22 -8.25 130.43 -18.60
CA THR S 22 -9.68 130.52 -18.20
C THR S 22 -10.20 131.96 -18.16
N PHE S 23 -9.63 132.83 -19.00
CA PHE S 23 -10.02 134.23 -18.99
C PHE S 23 -9.91 134.79 -20.39
N ASP S 24 -10.75 135.77 -20.71
CA ASP S 24 -10.62 136.51 -21.95
C ASP S 24 -9.37 137.39 -21.86
N PRO S 25 -8.46 137.31 -22.83
CA PRO S 25 -7.26 138.14 -22.78
C PRO S 25 -7.57 139.60 -23.10
N LEU S 26 -6.56 140.44 -22.91
CA LEU S 26 -6.64 141.91 -22.98
C LEU S 26 -7.72 142.46 -22.04
N LEU S 27 -7.77 141.92 -20.83
CA LEU S 27 -8.71 142.43 -19.83
C LEU S 27 -8.28 143.81 -19.34
N GLY S 28 -6.98 144.06 -19.25
CA GLY S 28 -6.49 145.40 -19.00
C GLY S 28 -6.52 146.32 -20.20
N PHE S 29 -6.76 145.74 -21.40
CA PHE S 29 -6.92 146.46 -22.67
C PHE S 29 -5.69 147.30 -23.01
N LYS S 30 -4.51 146.78 -22.70
CA LYS S 30 -3.25 147.40 -23.09
C LYS S 30 -2.80 146.86 -24.44
N SER S 31 -1.69 147.40 -24.93
CA SER S 31 -1.15 147.00 -26.24
C SER S 31 -0.31 145.74 -26.06
N ARG S 32 -1.01 144.61 -25.98
CA ARG S 32 -0.35 143.31 -25.88
C ARG S 32 0.07 142.85 -27.27
N LYS S 33 1.37 142.64 -27.45
CA LYS S 33 1.87 142.22 -28.75
C LYS S 33 1.58 140.74 -28.98
N GLU S 34 1.51 140.38 -30.27
CA GLU S 34 1.27 139.00 -30.67
C GLU S 34 2.61 138.28 -30.77
N ARG S 35 2.71 137.13 -30.10
CA ARG S 35 3.94 136.33 -30.12
C ARG S 35 4.09 135.68 -31.49
N VAL S 36 5.13 136.06 -32.22
CA VAL S 36 5.38 135.56 -33.56
C VAL S 36 6.64 134.71 -33.55
N MET S 37 6.82 133.94 -34.61
CA MET S 37 7.95 133.03 -34.76
C MET S 37 8.66 133.34 -36.07
N ILE S 38 9.98 133.47 -36.00
CA ILE S 38 10.77 133.71 -37.22
C ILE S 38 10.82 132.45 -38.07
N ALA S 39 11.11 131.30 -37.45
CA ALA S 39 11.23 130.05 -38.19
C ALA S 39 9.86 129.51 -38.57
N THR S 40 9.84 128.67 -39.60
CA THR S 40 8.63 127.98 -40.01
C THR S 40 8.74 126.49 -39.76
N GLN S 41 7.69 125.76 -40.14
CA GLN S 41 7.56 124.35 -39.79
C GLN S 41 8.49 123.47 -40.63
N GLU S 42 8.80 123.91 -41.86
CA GLU S 42 9.55 123.07 -42.80
C GLU S 42 11.00 122.88 -42.35
N GLU S 43 11.68 123.96 -41.99
CA GLU S 43 13.03 123.83 -41.47
C GLU S 43 13.06 123.38 -40.01
N MET S 44 11.92 123.49 -39.30
CA MET S 44 11.80 122.86 -38.01
C MET S 44 11.81 121.34 -38.13
N GLU S 45 11.11 120.81 -39.14
CA GLU S 45 11.16 119.38 -39.39
C GLU S 45 12.48 118.96 -40.03
N SER S 46 13.13 119.88 -40.76
CA SER S 46 14.41 119.57 -41.37
C SER S 46 15.54 119.50 -40.34
N ALA S 47 15.39 120.21 -39.22
CA ALA S 47 16.39 120.21 -38.16
C ALA S 47 16.17 119.08 -37.15
N LYS S 48 15.12 118.26 -37.35
CA LYS S 48 14.76 117.11 -36.51
C LYS S 48 14.54 117.50 -35.05
N LEU S 49 13.87 118.64 -34.84
CA LEU S 49 13.56 119.06 -33.49
C LEU S 49 12.43 118.20 -32.91
N PRO S 50 12.54 117.78 -31.65
CA PRO S 50 11.46 117.00 -31.04
C PRO S 50 10.25 117.86 -30.74
N LEU S 51 9.14 117.18 -30.44
CA LEU S 51 7.86 117.87 -30.24
C LEU S 51 7.84 118.66 -28.93
N GLU S 52 8.65 118.26 -27.95
CA GLU S 52 8.67 118.96 -26.68
C GLU S 52 9.44 120.28 -26.78
N PHE S 53 10.50 120.34 -27.59
CA PHE S 53 11.36 121.51 -27.68
C PHE S 53 10.98 122.46 -28.81
N ARG S 54 9.72 122.44 -29.23
CA ARG S 54 9.23 123.41 -30.23
C ARG S 54 8.57 124.58 -29.51
N ASP S 55 9.41 125.42 -28.92
CA ASP S 55 8.95 126.63 -28.25
C ASP S 55 8.84 127.76 -29.25
N TYR S 56 8.52 128.97 -28.76
CA TYR S 56 8.41 130.11 -29.66
C TYR S 56 9.76 130.64 -30.12
N CYS S 57 10.85 130.30 -29.44
CA CYS S 57 12.18 130.51 -30.00
C CYS S 57 12.86 129.15 -30.08
N ALA S 58 12.57 128.43 -31.16
CA ALA S 58 13.31 127.24 -31.52
C ALA S 58 14.39 127.52 -32.55
N HIS S 59 14.42 128.72 -33.12
CA HIS S 59 15.47 129.10 -34.05
C HIS S 59 16.79 129.36 -33.34
N LEU S 60 16.76 129.76 -32.07
CA LEU S 60 17.99 129.82 -31.29
C LEU S 60 18.56 128.43 -31.03
N ALA S 61 17.68 127.45 -30.80
CA ALA S 61 18.12 126.06 -30.71
C ALA S 61 18.61 125.54 -32.06
N ILE S 62 18.03 126.03 -33.15
CA ILE S 62 18.48 125.68 -34.49
C ILE S 62 19.88 126.22 -34.75
N ALA S 63 20.14 127.47 -34.34
CA ALA S 63 21.49 128.04 -34.43
C ALA S 63 22.47 127.33 -33.51
N TYR S 64 22.00 126.84 -32.35
CA TYR S 64 22.84 126.05 -31.47
C TYR S 64 23.19 124.69 -32.11
N GLN S 65 22.24 124.07 -32.81
CA GLN S 65 22.55 122.86 -33.57
C GLN S 65 23.51 123.13 -34.71
N ALA S 66 23.39 124.30 -35.35
CA ALA S 66 24.33 124.68 -36.39
C ALA S 66 25.74 124.86 -35.85
N CYS S 67 25.87 125.46 -34.65
CA CYS S 67 27.18 125.62 -34.05
C CYS S 67 27.73 124.30 -33.50
N ARG S 68 26.83 123.40 -33.07
CA ARG S 68 27.25 122.06 -32.68
C ARG S 68 27.79 121.26 -33.88
N SER S 69 27.09 121.31 -35.01
CA SER S 69 27.55 120.59 -36.19
C SER S 69 28.72 121.29 -36.87
N ASP S 70 28.93 122.58 -36.60
CA ASP S 70 30.07 123.28 -37.18
C ASP S 70 31.37 122.89 -36.47
N THR S 71 31.33 122.75 -35.16
CA THR S 71 32.49 122.36 -34.36
C THR S 71 32.11 121.16 -33.51
N PHE S 72 32.44 119.96 -33.99
CA PHE S 72 32.12 118.71 -33.31
C PHE S 72 33.37 117.85 -33.30
N PRO S 73 33.66 117.13 -32.19
CA PRO S 73 32.92 117.04 -30.93
C PRO S 73 33.29 118.12 -29.91
N PHE S 74 34.15 119.05 -30.29
CA PHE S 74 34.57 120.14 -29.41
C PHE S 74 33.48 121.20 -29.44
N VAL S 75 32.53 121.09 -28.53
CA VAL S 75 31.33 121.94 -28.53
C VAL S 75 31.38 122.94 -27.39
N TYR S 76 32.57 123.22 -26.87
CA TYR S 76 32.74 124.20 -25.80
C TYR S 76 33.03 125.59 -26.33
N LYS S 77 32.98 125.79 -27.65
CA LYS S 77 33.22 127.10 -28.24
C LYS S 77 31.96 127.90 -28.50
N CYS S 78 30.79 127.25 -28.49
CA CYS S 78 29.52 127.91 -28.71
C CYS S 78 28.80 128.29 -27.42
N ALA S 79 29.49 128.12 -26.28
CA ALA S 79 28.85 128.08 -24.96
C ALA S 79 28.11 129.36 -24.63
N HIS S 80 28.72 130.51 -24.94
CA HIS S 80 28.11 131.81 -24.69
C HIS S 80 26.82 131.98 -25.48
N GLN S 81 26.83 131.64 -26.77
CA GLN S 81 25.57 131.76 -27.50
C GLN S 81 24.63 130.63 -27.15
N LYS S 82 25.17 129.51 -26.64
CA LYS S 82 24.33 128.50 -26.00
C LYS S 82 23.57 129.09 -24.83
N HIS S 83 24.28 129.90 -24.01
CA HIS S 83 23.65 130.62 -22.91
C HIS S 83 22.58 131.57 -23.41
N GLU S 84 22.78 132.12 -24.62
CA GLU S 84 21.78 132.98 -25.25
C GLU S 84 20.48 132.24 -25.47
N TYR S 85 20.56 130.99 -25.94
CA TYR S 85 19.37 130.16 -26.13
C TYR S 85 18.68 129.92 -24.79
N LEU S 86 19.47 129.66 -23.74
CA LEU S 86 18.91 129.43 -22.43
C LEU S 86 18.21 130.69 -21.90
N THR S 87 18.76 131.87 -22.24
CA THR S 87 18.12 133.11 -21.79
C THR S 87 16.76 133.29 -22.42
N CYS S 88 16.61 132.85 -23.69
CA CYS S 88 15.30 132.89 -24.34
C CYS S 88 14.31 132.00 -23.62
N GLU S 89 14.77 130.80 -23.22
CA GLU S 89 13.95 129.90 -22.44
C GLU S 89 13.59 130.52 -21.10
N TYR S 90 14.56 131.23 -20.50
CA TYR S 90 14.34 131.93 -19.25
C TYR S 90 13.28 133.01 -19.41
N GLU S 91 13.33 133.75 -20.54
CA GLU S 91 12.32 134.77 -20.80
C GLU S 91 10.95 134.15 -20.95
N ASP S 92 10.89 132.98 -21.63
CA ASP S 92 9.64 132.25 -21.77
C ASP S 92 9.12 131.81 -20.42
N TYR S 93 10.04 131.36 -19.55
CA TYR S 93 9.68 130.93 -18.20
C TYR S 93 9.14 132.10 -17.40
N VAL S 94 9.74 133.29 -17.59
CA VAL S 94 9.29 134.50 -16.89
C VAL S 94 7.87 134.81 -17.31
N LEU S 95 7.57 134.67 -18.60
CA LEU S 95 6.23 134.94 -19.13
C LEU S 95 5.22 133.96 -18.53
N ARG S 96 5.63 132.70 -18.36
CA ARG S 96 4.77 131.70 -17.73
C ARG S 96 4.47 132.09 -16.29
N MET S 97 5.52 132.53 -15.58
CA MET S 97 5.36 133.00 -14.21
C MET S 97 4.46 134.23 -14.16
N LYS S 98 4.64 135.13 -15.16
CA LYS S 98 3.81 136.32 -15.30
C LYS S 98 2.34 135.94 -15.42
N GLU S 99 2.06 134.95 -16.28
CA GLU S 99 0.69 134.53 -16.53
C GLU S 99 0.08 133.94 -15.27
N PHE S 100 0.88 133.15 -14.54
CA PHE S 100 0.40 132.53 -13.30
C PHE S 100 0.09 133.57 -12.26
N GLU S 101 0.97 134.59 -12.16
CA GLU S 101 0.75 135.64 -11.18
C GLU S 101 -0.46 136.46 -11.56
N ARG S 102 -0.65 136.70 -12.87
CA ARG S 102 -1.81 137.42 -13.36
C ARG S 102 -3.08 136.64 -13.04
N GLU S 103 -2.99 135.30 -13.17
CA GLU S 103 -4.10 134.40 -12.86
C GLU S 103 -4.53 134.57 -11.43
N ARG S 104 -3.56 134.63 -10.50
CA ARG S 104 -3.88 134.74 -9.08
C ARG S 104 -4.59 136.06 -8.79
N ARG S 105 -4.12 137.14 -9.42
CA ARG S 105 -4.72 138.46 -9.21
C ARG S 105 -6.14 138.48 -9.75
N LEU S 106 -6.36 137.81 -10.89
CA LEU S 106 -7.68 137.78 -11.48
C LEU S 106 -8.64 136.97 -10.63
N LEU S 107 -8.14 135.87 -10.03
CA LEU S 107 -9.01 135.12 -9.12
C LEU S 107 -9.25 135.91 -7.85
N GLU S 108 -8.27 136.74 -7.45
CA GLU S 108 -8.50 137.66 -6.33
C GLU S 108 -9.56 138.68 -6.69
N ARG S 109 -9.55 139.14 -7.96
CA ARG S 109 -10.61 140.01 -8.45
C ARG S 109 -11.94 139.27 -8.45
N GLN S 110 -11.92 137.97 -8.79
CA GLN S 110 -13.13 137.17 -8.72
C GLN S 110 -13.63 137.04 -7.29
N LYS S 111 -12.70 137.06 -6.31
CA LYS S 111 -13.09 137.05 -4.90
C LYS S 111 -13.86 138.31 -4.55
N ARG S 112 -13.42 139.48 -5.02
CA ARG S 112 -14.23 140.65 -4.74
C ARG S 112 -15.41 140.75 -5.70
N LEU S 113 -15.39 139.99 -6.80
CA LEU S 113 -16.62 139.81 -7.57
C LEU S 113 -17.63 139.01 -6.76
N ASN S 114 -17.16 138.08 -5.93
CA ASN S 114 -18.04 137.43 -4.97
C ASN S 114 -18.48 138.39 -3.86
N LYS S 115 -17.75 139.48 -3.65
CA LYS S 115 -18.20 140.55 -2.79
C LYS S 115 -18.90 141.66 -3.57
N ALA S 116 -19.05 141.50 -4.89
CA ALA S 116 -19.73 142.52 -5.68
C ALA S 116 -21.23 142.49 -5.47
N ALA S 117 -21.81 141.29 -5.40
CA ALA S 117 -23.25 141.15 -5.21
C ALA S 117 -23.59 140.97 -3.74
N HIS T 44 56.87 76.92 -8.64
CA HIS T 44 56.46 77.25 -7.28
C HIS T 44 55.75 76.06 -6.64
N GLN T 45 54.61 76.29 -6.01
CA GLN T 45 53.84 75.21 -5.41
C GLN T 45 53.12 74.41 -6.48
N MET T 46 53.04 73.10 -6.28
CA MET T 46 52.39 72.22 -7.25
C MET T 46 50.88 72.22 -6.99
N ILE T 47 50.12 72.81 -7.91
CA ILE T 47 48.68 72.90 -7.78
C ILE T 47 48.06 71.60 -8.27
N ILE T 48 47.26 70.96 -7.42
CA ILE T 48 46.60 69.70 -7.76
C ILE T 48 45.45 70.02 -8.72
N LYS T 49 45.56 69.57 -9.96
CA LYS T 49 44.55 69.80 -10.98
C LYS T 49 44.32 68.51 -11.74
N PRO T 50 43.11 68.30 -12.27
CA PRO T 50 42.86 67.13 -13.12
C PRO T 50 43.54 67.28 -14.47
N SER T 51 43.65 66.14 -15.17
CA SER T 51 44.30 66.13 -16.47
C SER T 51 43.43 66.78 -17.53
N ARG T 52 43.99 67.76 -18.24
CA ARG T 52 43.29 68.43 -19.32
C ARG T 52 43.92 68.12 -20.67
N PHE T 53 44.61 66.97 -20.78
CA PHE T 53 45.13 66.53 -22.08
C PHE T 53 44.00 66.12 -23.01
N GLN T 54 42.97 65.45 -22.46
CA GLN T 54 41.90 64.91 -23.29
C GLN T 54 41.02 66.02 -23.85
N TRP T 55 40.77 67.07 -23.06
CA TRP T 55 39.98 68.20 -23.54
C TRP T 55 40.72 68.97 -24.62
N ASP T 56 42.04 69.15 -24.46
CA ASP T 56 42.83 69.84 -25.47
C ASP T 56 42.95 69.01 -26.75
N LYS T 57 43.07 67.68 -26.61
CA LYS T 57 43.13 66.81 -27.78
C LYS T 57 41.78 66.79 -28.51
N PHE T 58 40.68 66.82 -27.76
CA PHE T 58 39.36 66.91 -28.37
C PHE T 58 39.18 68.24 -29.11
N LYS T 59 39.67 69.33 -28.52
CA LYS T 59 39.59 70.64 -29.16
C LYS T 59 40.43 70.68 -30.44
N ASP T 60 41.62 70.07 -30.41
CA ASP T 60 42.48 70.06 -31.59
C ASP T 60 41.92 69.17 -32.70
N LEU T 61 41.35 68.02 -32.34
CA LEU T 61 40.73 67.13 -33.33
C LEU T 61 39.47 67.77 -33.93
N LEU T 62 38.68 68.45 -33.09
CA LEU T 62 37.49 69.14 -33.57
C LEU T 62 37.87 70.31 -34.49
N HIS T 63 38.92 71.06 -34.15
CA HIS T 63 39.37 72.14 -35.03
C HIS T 63 39.93 71.60 -36.34
N PHE T 64 40.61 70.45 -36.29
CA PHE T 64 41.13 69.82 -37.50
C PHE T 64 40.01 69.39 -38.43
N TYR T 65 38.96 68.78 -37.89
CA TYR T 65 37.91 68.30 -38.77
C TYR T 65 36.95 69.43 -39.19
N VAL T 66 36.79 70.47 -38.36
CA VAL T 66 36.05 71.66 -38.78
C VAL T 66 36.78 72.35 -39.94
N MET T 67 38.10 72.53 -39.84
CA MET T 67 38.85 73.15 -40.92
C MET T 67 38.90 72.27 -42.17
N LEU T 68 39.01 70.94 -41.99
CA LEU T 68 38.98 70.01 -43.10
C LEU T 68 37.62 69.96 -43.78
N GLY T 69 36.55 70.34 -43.09
CA GLY T 69 35.30 70.56 -43.76
C GLY T 69 35.19 71.91 -44.44
N VAL T 70 35.59 72.97 -43.73
CA VAL T 70 35.34 74.35 -44.16
C VAL T 70 36.17 74.72 -45.39
N ILE T 71 37.42 74.25 -45.47
CA ILE T 71 38.31 74.65 -46.58
C ILE T 71 37.83 74.21 -47.96
N PRO T 72 37.36 72.96 -48.19
CA PRO T 72 36.69 72.70 -49.47
C PRO T 72 35.35 73.41 -49.62
N VAL T 73 34.63 73.64 -48.53
CA VAL T 73 33.39 74.44 -48.58
C VAL T 73 33.68 75.88 -48.96
N THR T 74 34.74 76.46 -48.39
CA THR T 74 35.14 77.82 -48.74
C THR T 74 35.61 77.91 -50.19
N ALA T 75 36.33 76.89 -50.66
CA ALA T 75 36.76 76.85 -52.06
C ALA T 75 35.58 76.74 -53.01
N LEU T 76 34.59 75.91 -52.67
CA LEU T 76 33.41 75.74 -53.51
C LEU T 76 32.53 76.99 -53.52
N VAL T 77 32.38 77.64 -52.36
CA VAL T 77 31.59 78.87 -52.28
C VAL T 77 32.27 80.00 -53.05
N LEU T 78 33.60 80.11 -52.95
CA LEU T 78 34.32 81.14 -53.70
C LEU T 78 34.29 80.87 -55.20
N TYR T 79 34.37 79.60 -55.61
CA TYR T 79 34.30 79.24 -57.02
C TYR T 79 32.90 79.51 -57.58
N ALA T 80 31.86 79.27 -56.78
CA ALA T 80 30.50 79.52 -57.26
C ALA T 80 30.19 81.02 -57.30
N ASN T 81 30.63 81.77 -56.29
CA ASN T 81 30.33 83.19 -56.23
C ASN T 81 31.20 84.03 -57.16
N ILE T 82 32.36 83.54 -57.54
CA ILE T 82 33.29 84.30 -58.37
C ILE T 82 33.25 83.86 -59.83
N PHE T 83 33.35 82.56 -60.08
CA PHE T 83 33.65 82.10 -61.43
C PHE T 83 32.41 81.74 -62.25
N VAL T 84 31.32 81.33 -61.62
CA VAL T 84 30.13 81.01 -62.39
C VAL T 84 29.04 82.04 -62.12
N GLY T 85 29.11 82.73 -60.98
CA GLY T 85 28.28 83.87 -60.70
C GLY T 85 26.84 83.57 -60.38
N PRO T 86 26.16 84.51 -59.73
CA PRO T 86 24.72 84.38 -59.50
C PRO T 86 23.92 84.70 -60.75
N ALA T 87 22.63 84.42 -60.69
CA ALA T 87 21.73 84.70 -61.80
C ALA T 87 21.13 86.10 -61.66
N GLN T 88 20.62 86.61 -62.78
CA GLN T 88 20.01 87.94 -62.84
C GLN T 88 18.52 87.81 -63.10
N LEU T 89 17.73 88.60 -62.37
CA LEU T 89 16.28 88.54 -62.49
C LEU T 89 15.82 89.13 -63.82
N ALA T 90 14.85 88.47 -64.45
CA ALA T 90 14.34 88.91 -65.74
C ALA T 90 12.89 88.48 -65.89
N GLU T 91 12.21 89.14 -66.81
CA GLU T 91 10.81 88.81 -67.08
C GLU T 91 10.70 87.49 -67.85
N ILE T 92 9.58 86.82 -67.67
CA ILE T 92 9.34 85.54 -68.36
C ILE T 92 8.92 85.84 -69.81
N PRO T 93 9.59 85.26 -70.80
CA PRO T 93 9.11 85.40 -72.18
C PRO T 93 7.80 84.65 -72.39
N GLU T 94 7.02 85.13 -73.38
CA GLU T 94 5.68 84.60 -73.59
C GLU T 94 5.72 83.19 -74.17
N GLY T 95 6.65 82.92 -75.08
CA GLY T 95 6.78 81.61 -75.67
C GLY T 95 7.69 80.65 -74.93
N TYR T 96 8.17 81.02 -73.75
CA TYR T 96 9.12 80.22 -72.99
C TYR T 96 8.48 79.74 -71.69
N GLU T 97 8.52 78.43 -71.46
CA GLU T 97 8.13 77.86 -70.18
C GLU T 97 9.39 77.51 -69.40
N PRO T 98 9.66 78.18 -68.28
CA PRO T 98 10.91 77.94 -67.56
C PRO T 98 10.92 76.59 -66.86
N LYS T 99 12.13 76.04 -66.70
CA LYS T 99 12.31 74.76 -66.04
C LYS T 99 12.33 74.94 -64.53
N HIS T 100 12.34 73.82 -63.82
CA HIS T 100 12.14 73.85 -62.36
C HIS T 100 13.37 74.30 -61.59
N TRP T 101 14.54 74.38 -62.21
CA TRP T 101 15.73 74.90 -61.55
C TRP T 101 16.03 76.34 -61.94
N GLU T 102 15.24 76.94 -62.83
CA GLU T 102 15.48 78.30 -63.29
C GLU T 102 14.72 79.33 -62.47
N TYR T 103 14.11 78.93 -61.36
CA TYR T 103 13.37 79.83 -60.49
C TYR T 103 14.19 80.26 -59.28
N GLU T 104 15.50 80.03 -59.29
CA GLU T 104 16.34 80.20 -58.12
C GLU T 104 17.61 80.95 -58.49
N LYS T 105 18.07 81.80 -57.57
CA LYS T 105 19.09 82.79 -57.91
C LYS T 105 20.50 82.19 -57.87
N HIS T 106 20.87 81.52 -56.78
CA HIS T 106 22.24 81.08 -56.59
C HIS T 106 22.56 79.87 -57.46
N PRO T 107 23.78 79.78 -57.99
CA PRO T 107 24.16 78.59 -58.78
C PRO T 107 24.27 77.32 -57.96
N ILE T 108 24.58 77.40 -56.67
CA ILE T 108 24.58 76.19 -55.83
C ILE T 108 23.15 75.69 -55.63
N SER T 109 22.20 76.61 -55.42
CA SER T 109 20.79 76.24 -55.33
C SER T 109 20.28 75.68 -56.65
N ARG T 110 20.73 76.24 -57.77
CA ARG T 110 20.38 75.71 -59.08
C ARG T 110 20.94 74.31 -59.30
N PHE T 111 22.19 74.07 -58.87
CA PHE T 111 22.80 72.75 -58.96
C PHE T 111 22.07 71.73 -58.09
N ILE T 112 21.71 72.13 -56.88
CA ILE T 112 21.03 71.24 -55.94
C ILE T 112 19.62 70.90 -56.42
N SER T 113 18.91 71.90 -56.95
CA SER T 113 17.55 71.65 -57.44
C SER T 113 17.55 70.86 -58.75
N ARG T 114 18.54 71.11 -59.61
CA ARG T 114 18.59 70.42 -60.90
C ARG T 114 19.04 68.97 -60.76
N TYR T 115 20.07 68.72 -59.96
CA TYR T 115 20.68 67.40 -59.93
C TYR T 115 20.24 66.55 -58.74
N ILE T 116 20.29 67.09 -57.52
CA ILE T 116 20.08 66.27 -56.33
C ILE T 116 18.61 66.20 -55.97
N LEU T 117 18.00 67.35 -55.69
CA LEU T 117 16.63 67.37 -55.19
C LEU T 117 15.62 67.19 -56.31
N ASN T 118 14.49 66.58 -55.97
CA ASN T 118 13.38 66.50 -56.90
C ASN T 118 12.67 67.84 -56.99
N SER T 119 11.91 68.02 -58.09
CA SER T 119 11.17 69.24 -58.28
C SER T 119 9.92 69.26 -57.41
N ASP T 120 9.35 70.46 -57.26
CA ASP T 120 8.07 70.59 -56.57
C ASP T 120 6.94 70.01 -57.40
N GLN T 121 7.06 70.10 -58.73
CA GLN T 121 6.03 69.57 -59.64
C GLN T 121 5.91 68.06 -59.55
N GLN T 122 7.04 67.37 -59.40
CA GLN T 122 7.04 65.91 -59.33
C GLN T 122 6.37 65.42 -58.05
N ASN T 123 6.70 66.05 -56.92
CA ASN T 123 6.07 65.70 -55.65
C ASN T 123 4.58 66.05 -55.64
N TYR T 124 4.24 67.19 -56.24
CA TYR T 124 2.84 67.64 -56.33
C TYR T 124 1.99 66.67 -57.14
N GLU T 125 2.50 66.24 -58.30
CA GLU T 125 1.69 65.37 -59.14
C GLU T 125 1.73 63.91 -58.69
N LYS T 126 2.81 63.48 -58.02
CA LYS T 126 2.80 62.17 -57.39
C LYS T 126 1.81 62.14 -56.23
N SER T 127 1.70 63.23 -55.47
CA SER T 127 0.68 63.34 -54.43
C SER T 127 -0.72 63.34 -55.03
N LEU T 128 -0.90 63.98 -56.19
CA LEU T 128 -2.18 63.95 -56.88
C LEU T 128 -2.57 62.54 -57.32
N HIS T 129 -1.61 61.79 -57.86
CA HIS T 129 -1.88 60.42 -58.30
C HIS T 129 -2.18 59.50 -57.12
N TYR T 130 -1.40 59.62 -56.04
CA TYR T 130 -1.62 58.78 -54.86
C TYR T 130 -2.93 59.13 -54.17
N LEU T 131 -3.30 60.40 -54.16
CA LEU T 131 -4.59 60.80 -53.58
C LEU T 131 -5.76 60.31 -54.41
N TYR T 132 -5.62 60.31 -55.75
CA TYR T 132 -6.67 59.76 -56.60
C TYR T 132 -6.82 58.27 -56.37
N GLU T 133 -5.69 57.54 -56.28
CA GLU T 133 -5.73 56.10 -56.06
C GLU T 133 -6.32 55.75 -54.69
N GLU T 134 -5.93 56.49 -53.64
CA GLU T 134 -6.45 56.22 -52.31
C GLU T 134 -7.91 56.62 -52.17
N ASN T 135 -8.35 57.68 -52.86
CA ASN T 135 -9.75 58.07 -52.81
C ASN T 135 -10.63 57.07 -53.53
N GLU T 136 -10.17 56.55 -54.68
CA GLU T 136 -10.93 55.50 -55.34
C GLU T 136 -10.95 54.21 -54.55
N LYS T 137 -9.84 53.89 -53.86
CA LYS T 137 -9.83 52.71 -53.00
C LYS T 137 -10.77 52.86 -51.81
N ALA T 138 -10.86 54.07 -51.24
CA ALA T 138 -11.81 54.34 -50.16
C ALA T 138 -13.25 54.25 -50.64
N GLN T 139 -13.52 54.75 -51.85
CA GLN T 139 -14.87 54.66 -52.41
C GLN T 139 -15.28 53.23 -52.71
N ILE T 140 -14.36 52.41 -53.24
CA ILE T 140 -14.67 51.00 -53.50
C ILE T 140 -14.82 50.23 -52.19
N ARG T 141 -14.03 50.57 -51.17
CA ARG T 141 -14.19 49.94 -49.85
C ARG T 141 -15.53 50.26 -49.21
N LEU T 142 -15.98 51.52 -49.33
CA LEU T 142 -17.31 51.89 -48.84
C LEU T 142 -18.41 51.19 -49.62
N LEU T 143 -18.26 51.11 -50.95
CA LEU T 143 -19.26 50.44 -51.80
C LEU T 143 -19.35 48.96 -51.49
N GLU T 144 -18.21 48.30 -51.29
CA GLU T 144 -18.24 46.89 -50.93
C GLU T 144 -18.71 46.67 -49.49
N ASP T 145 -18.59 47.69 -48.62
CA ASP T 145 -19.19 47.58 -47.29
C ASP T 145 -20.72 47.61 -47.37
N GLU T 146 -21.29 48.51 -48.18
CA GLU T 146 -22.74 48.51 -48.36
C GLU T 146 -23.22 47.25 -49.11
N VAL T 147 -22.43 46.76 -50.07
CA VAL T 147 -22.80 45.56 -50.81
C VAL T 147 -22.79 44.34 -49.90
N ARG T 148 -21.77 44.22 -49.05
CA ARG T 148 -21.71 43.11 -48.10
C ARG T 148 -22.80 43.21 -47.02
N ARG T 149 -23.15 44.43 -46.59
CA ARG T 149 -24.22 44.60 -45.62
C ARG T 149 -25.58 44.22 -46.21
N LYS T 150 -25.86 44.64 -47.45
CA LYS T 150 -27.13 44.27 -48.08
C LYS T 150 -27.16 42.81 -48.49
N MET T 151 -25.99 42.20 -48.73
CA MET T 151 -25.95 40.78 -49.05
C MET T 151 -26.16 39.93 -47.81
N SER T 152 -25.58 40.33 -46.68
CA SER T 152 -25.78 39.59 -45.44
C SER T 152 -27.12 39.88 -44.79
N GLU T 153 -27.78 40.98 -45.16
CA GLU T 153 -29.10 41.26 -44.59
C GLU T 153 -30.16 40.33 -45.16
N ARG T 154 -30.08 40.02 -46.46
CA ARG T 154 -31.13 39.28 -47.15
C ARG T 154 -30.71 37.89 -47.61
N ASN T 155 -29.42 37.53 -47.48
CA ASN T 155 -28.85 36.23 -47.84
C ASN T 155 -29.07 35.89 -49.31
N ASP T 156 -28.89 36.86 -50.21
CA ASP T 156 -29.29 36.72 -51.60
C ASP T 156 -28.30 35.97 -52.48
N TYR T 157 -27.01 36.26 -52.34
CA TYR T 157 -26.03 35.70 -53.28
C TYR T 157 -25.43 34.40 -52.75
N GLN T 158 -24.87 33.60 -53.67
CA GLN T 158 -24.36 32.29 -53.29
C GLN T 158 -22.95 32.36 -52.71
N ALA T 159 -22.30 33.53 -52.77
CA ALA T 159 -20.86 33.54 -52.55
C ALA T 159 -20.51 33.61 -51.07
N TYR T 160 -20.88 34.70 -50.39
CA TYR T 160 -20.25 35.00 -49.10
C TYR T 160 -21.07 34.45 -47.94
N TYR T 161 -22.31 34.90 -47.81
CA TYR T 161 -23.13 34.61 -46.65
C TYR T 161 -24.09 33.46 -46.86
N TYR T 162 -24.02 32.79 -48.00
CA TYR T 162 -24.92 31.68 -48.27
C TYR T 162 -24.48 30.43 -47.51
N ARG T 163 -25.40 29.89 -46.73
CA ARG T 163 -25.14 28.66 -46.00
C ARG T 163 -25.78 27.53 -46.79
N PRO T 164 -25.02 26.70 -47.50
CA PRO T 164 -25.63 25.82 -48.51
C PRO T 164 -26.28 24.59 -47.89
N SER T 165 -27.52 24.34 -48.31
CA SER T 165 -28.25 23.15 -47.93
C SER T 165 -28.62 22.41 -49.21
N VAL T 166 -28.40 21.10 -49.22
CA VAL T 166 -28.65 20.29 -50.41
C VAL T 166 -29.74 19.27 -50.09
N ALA T 167 -30.55 18.99 -51.10
CA ALA T 167 -31.54 17.91 -51.04
C ALA T 167 -31.05 16.68 -51.78
N LYS T 168 -29.73 16.49 -51.83
CA LYS T 168 -29.15 15.36 -52.56
C LYS T 168 -29.40 14.04 -51.84
N TYR T 169 -29.25 14.04 -50.51
CA TYR T 169 -29.37 12.80 -49.76
C TYR T 169 -30.81 12.34 -49.63
N HIS T 170 -31.76 13.28 -49.56
CA HIS T 170 -33.17 12.92 -49.58
C HIS T 170 -33.56 12.30 -50.92
N ARG T 171 -33.05 12.85 -52.02
CA ARG T 171 -33.32 12.28 -53.34
C ARG T 171 -32.64 10.93 -53.51
N ILE T 172 -31.45 10.75 -52.92
CA ILE T 172 -30.75 9.48 -52.98
C ILE T 172 -31.50 8.39 -52.21
N SER T 173 -31.99 8.74 -51.00
CA SER T 173 -32.75 7.77 -50.22
C SER T 173 -34.11 7.47 -50.82
N LYS T 174 -34.77 8.47 -51.43
CA LYS T 174 -36.04 8.23 -52.10
C LYS T 174 -35.85 7.39 -53.35
N GLU T 175 -34.75 7.60 -54.08
CA GLU T 175 -34.45 6.78 -55.24
C GLU T 175 -34.14 5.35 -54.84
N ALA T 176 -33.40 5.17 -53.73
CA ALA T 176 -33.09 3.82 -53.24
C ALA T 176 -34.35 3.10 -52.76
N ALA T 177 -35.26 3.83 -52.11
CA ALA T 177 -36.54 3.24 -51.71
C ALA T 177 -37.41 2.94 -52.92
N ASP T 178 -37.22 3.69 -54.02
CA ASP T 178 -37.96 3.39 -55.24
C ASP T 178 -37.43 2.13 -55.92
N GLU T 179 -36.10 1.92 -55.90
CA GLU T 179 -35.59 0.65 -56.43
C GLU T 179 -35.91 -0.51 -55.51
N LEU T 180 -36.06 -0.27 -54.21
CA LEU T 180 -36.35 -1.38 -53.29
C LEU T 180 -37.79 -1.85 -53.41
N GLU T 181 -38.67 -1.05 -54.01
CA GLU T 181 -40.04 -1.50 -54.23
C GLU T 181 -40.11 -2.57 -55.32
N ALA T 182 -39.19 -2.50 -56.30
CA ALA T 182 -39.19 -3.50 -57.36
C ALA T 182 -38.62 -4.84 -56.87
N LEU T 183 -37.76 -4.80 -55.86
CA LEU T 183 -37.09 -6.01 -55.41
C LEU T 183 -37.88 -6.74 -54.34
N ARG T 184 -39.00 -6.17 -53.88
CA ARG T 184 -39.85 -6.89 -52.96
C ARG T 184 -40.62 -7.97 -53.69
N GLY T 185 -40.60 -9.18 -53.13
CA GLY T 185 -41.29 -10.29 -53.74
C GLY T 185 -40.62 -11.61 -53.37
N ASP T 186 -40.93 -12.63 -54.15
CA ASP T 186 -40.37 -13.96 -53.95
C ASP T 186 -40.38 -14.75 -55.26
N ALA U 2 45.19 61.65 18.66
CA ALA U 2 44.20 61.01 17.80
C ALA U 2 42.83 60.98 18.47
N GLN U 3 42.47 62.06 19.15
CA GLN U 3 41.22 62.15 19.89
C GLN U 3 40.24 63.07 19.18
N VAL U 4 38.95 62.76 19.34
CA VAL U 4 37.86 63.55 18.79
C VAL U 4 37.20 64.26 19.97
N PRO U 5 36.53 65.40 19.78
CA PRO U 5 35.84 66.03 20.91
C PRO U 5 34.62 65.24 21.36
N LEU U 6 34.40 65.24 22.67
CA LEU U 6 33.35 64.46 23.30
C LEU U 6 32.09 65.29 23.43
N ALA U 7 30.94 64.64 23.24
CA ALA U 7 29.67 65.35 23.10
C ALA U 7 29.07 65.79 24.44
N ILE U 8 29.67 65.44 25.57
CA ILE U 8 29.16 65.93 26.85
C ILE U 8 29.53 67.39 27.03
N VAL U 9 28.79 68.06 27.91
CA VAL U 9 29.04 69.46 28.22
C VAL U 9 28.94 69.63 29.74
N SER U 10 29.84 70.42 30.30
CA SER U 10 29.84 70.72 31.73
C SER U 10 29.22 72.09 31.98
N HIS U 11 28.96 72.38 33.25
CA HIS U 11 28.49 73.71 33.62
C HIS U 11 29.60 74.74 33.46
N LYS U 12 30.84 74.35 33.74
CA LYS U 12 31.99 75.22 33.48
C LYS U 12 32.14 75.51 32.00
N ARG U 13 31.93 74.49 31.16
CA ARG U 13 31.95 74.66 29.71
C ARG U 13 30.84 75.59 29.24
N GLN U 14 29.65 75.48 29.85
CA GLN U 14 28.53 76.32 29.45
C GLN U 14 28.74 77.78 29.85
N VAL U 15 29.29 78.01 31.06
CA VAL U 15 29.59 79.38 31.49
C VAL U 15 30.70 79.99 30.64
N CYS U 16 31.72 79.18 30.30
CA CYS U 16 32.80 79.66 29.43
C CYS U 16 32.32 79.98 28.02
N SER U 17 31.43 79.14 27.47
CA SER U 17 30.88 79.39 26.14
C SER U 17 29.96 80.60 26.14
N LEU U 18 29.18 80.79 27.22
CA LEU U 18 28.34 81.98 27.34
C LEU U 18 29.17 83.24 27.46
N TYR U 19 30.29 83.17 28.19
CA TYR U 19 31.19 84.31 28.33
C TYR U 19 31.84 84.67 27.00
N LYS U 20 32.29 83.66 26.24
CA LYS U 20 32.91 83.91 24.94
C LYS U 20 31.91 84.45 23.93
N ARG U 21 30.70 83.89 23.88
CA ARG U 21 29.68 84.38 22.95
C ARG U 21 29.18 85.76 23.34
N ALA U 22 29.10 86.05 24.64
CA ALA U 22 28.70 87.37 25.11
C ALA U 22 29.75 88.41 24.76
N LEU U 23 31.04 88.07 24.88
CA LEU U 23 32.08 89.02 24.49
C LEU U 23 32.16 89.19 22.97
N ARG U 24 31.83 88.13 22.21
CA ARG U 24 31.78 88.27 20.75
C ARG U 24 30.63 89.18 20.31
N ASN U 25 29.46 89.02 20.93
CA ASN U 25 28.33 89.91 20.66
C ASN U 25 28.63 91.33 21.12
N LEU U 26 29.35 91.47 22.23
CA LEU U 26 29.71 92.77 22.77
C LEU U 26 30.71 93.50 21.86
N GLU U 27 31.68 92.79 21.29
CA GLU U 27 32.58 93.45 20.36
C GLU U 27 31.96 93.65 18.98
N SER U 28 30.91 92.88 18.63
CA SER U 28 30.19 93.20 17.42
C SER U 28 29.33 94.44 17.59
N TRP U 29 28.83 94.68 18.81
CA TRP U 29 28.04 95.90 19.05
C TRP U 29 28.92 97.13 19.11
N TYR U 30 30.06 97.06 19.80
CA TYR U 30 30.93 98.21 20.02
C TYR U 30 32.20 98.05 19.20
N ASP U 31 32.38 98.96 18.24
CA ASP U 31 33.47 98.87 17.28
C ASP U 31 34.83 99.28 17.85
N ARG U 32 34.88 100.34 18.66
CA ARG U 32 36.16 100.84 19.16
C ARG U 32 36.68 99.97 20.29
N ARG U 33 38.01 99.90 20.39
CA ARG U 33 38.64 98.97 21.32
C ARG U 33 38.58 99.44 22.77
N ASN U 34 38.65 100.75 23.02
CA ASN U 34 38.59 101.25 24.39
C ASN U 34 37.20 101.05 24.99
N VAL U 35 36.15 101.31 24.20
CA VAL U 35 34.78 101.10 24.65
C VAL U 35 34.51 99.62 24.82
N TYR U 36 35.05 98.78 23.93
CA TYR U 36 34.91 97.32 24.06
C TYR U 36 35.63 96.81 25.31
N ARG U 37 36.80 97.37 25.63
CA ARG U 37 37.51 96.95 26.83
C ARG U 37 36.78 97.38 28.09
N TYR U 38 36.20 98.59 28.10
CA TYR U 38 35.41 99.05 29.24
C TYR U 38 34.17 98.20 29.45
N ARG U 39 33.45 97.89 28.36
CA ARG U 39 32.30 97.01 28.47
C ARG U 39 32.68 95.57 28.78
N ALA U 40 33.90 95.15 28.41
CA ALA U 40 34.37 93.82 28.77
C ALA U 40 34.68 93.72 30.25
N VAL U 41 35.22 94.77 30.86
CA VAL U 41 35.41 94.79 32.31
C VAL U 41 34.07 94.85 33.03
N GLN U 42 33.10 95.58 32.46
CA GLN U 42 31.75 95.60 33.03
C GLN U 42 31.09 94.22 32.98
N LEU U 43 31.23 93.51 31.86
CA LEU U 43 30.72 92.15 31.75
C LEU U 43 31.49 91.17 32.63
N ARG U 44 32.79 91.41 32.82
CA ARG U 44 33.59 90.63 33.74
C ARG U 44 33.12 90.78 35.18
N ALA U 45 32.75 92.01 35.56
CA ALA U 45 32.19 92.25 36.89
C ALA U 45 30.81 91.60 37.04
N ARG U 46 30.01 91.64 35.97
CA ARG U 46 28.69 91.00 36.00
C ARG U 46 28.79 89.48 36.08
N PHE U 47 29.83 88.89 35.50
CA PHE U 47 30.04 87.45 35.60
C PHE U 47 30.83 87.04 36.84
N ASP U 48 31.54 87.97 37.47
CA ASP U 48 32.32 87.68 38.67
C ASP U 48 31.45 87.84 39.91
N GLU U 49 30.40 88.68 39.83
CA GLU U 49 29.48 88.85 40.93
C GLU U 49 28.65 87.60 41.21
N ASN U 50 28.46 86.73 40.21
CA ASN U 50 27.61 85.55 40.35
C ASN U 50 28.40 84.27 40.57
N ARG U 51 29.68 84.37 40.90
CA ARG U 51 30.48 83.15 41.12
C ARG U 51 30.15 82.48 42.44
N SER U 52 29.82 83.27 43.47
CA SER U 52 29.62 82.75 44.82
C SER U 52 28.30 82.00 45.00
N LYS U 53 27.39 82.04 44.02
CA LYS U 53 26.12 81.36 44.14
C LYS U 53 26.29 79.85 43.99
N ASP U 54 25.26 79.11 44.39
CA ASP U 54 25.29 77.66 44.36
C ASP U 54 24.93 77.14 42.96
N LEU U 55 24.71 75.84 42.86
CA LEU U 55 24.58 75.19 41.54
C LEU U 55 23.23 75.48 40.89
N GLY U 56 22.15 75.45 41.66
CA GLY U 56 20.83 75.68 41.10
C GLY U 56 20.61 77.11 40.65
N GLU U 57 21.04 78.08 41.48
CA GLU U 57 20.97 79.48 41.08
C GLU U 57 21.94 79.80 39.97
N GLY U 58 23.08 79.09 39.92
CA GLY U 58 23.99 79.24 38.80
C GLY U 58 23.42 78.72 37.49
N ILE U 59 22.69 77.61 37.55
CA ILE U 59 22.01 77.06 36.36
C ILE U 59 20.90 78.00 35.89
N ARG U 60 20.13 78.55 36.84
CA ARG U 60 19.07 79.50 36.50
C ARG U 60 19.63 80.80 35.91
N LEU U 61 20.74 81.30 36.47
CA LEU U 61 21.39 82.49 35.93
C LEU U 61 22.03 82.23 34.58
N LEU U 62 22.55 81.02 34.37
CA LEU U 62 23.08 80.63 33.06
C LEU U 62 21.99 80.59 32.00
N ALA U 63 20.83 80.03 32.35
CA ALA U 63 19.70 79.99 31.41
C ALA U 63 19.16 81.39 31.12
N CYS U 64 19.10 82.24 32.15
CA CYS U 64 18.65 83.62 31.96
C CYS U 64 19.65 84.42 31.12
N GLY U 65 20.95 84.19 31.31
CA GLY U 65 21.95 84.85 30.50
C GLY U 65 21.95 84.41 29.05
N GLN U 66 21.73 83.11 28.82
CA GLN U 66 21.61 82.62 27.44
C GLN U 66 20.35 83.15 26.76
N ARG U 67 19.24 83.23 27.50
CA ARG U 67 18.01 83.80 26.96
C ARG U 67 18.19 85.28 26.63
N GLU U 68 18.85 86.03 27.52
CA GLU U 68 19.03 87.46 27.29
C GLU U 68 20.02 87.71 26.15
N LEU U 69 21.05 86.86 26.02
CA LEU U 69 21.97 86.97 24.88
C LEU U 69 21.28 86.61 23.57
N PHE U 70 20.30 85.70 23.61
CA PHE U 70 19.45 85.49 22.44
C PHE U 70 18.59 86.71 22.13
N GLU U 71 18.14 87.42 23.17
CA GLU U 71 17.36 88.63 22.94
C GLU U 71 18.20 89.76 22.34
N THR U 72 19.44 89.96 22.82
CA THR U 72 20.22 91.12 22.41
C THR U 72 21.26 90.80 21.35
N ARG U 73 21.13 89.67 20.65
CA ARG U 73 22.11 89.25 19.66
C ARG U 73 22.11 90.17 18.44
N HIS U 74 23.30 90.52 17.98
CA HIS U 74 23.46 91.42 16.84
C HIS U 74 23.04 90.75 15.55
N PHE U 75 22.55 91.56 14.61
CA PHE U 75 22.09 91.04 13.33
C PHE U 75 23.26 90.62 12.42
N GLN U 76 24.41 91.28 12.55
CA GLN U 76 25.64 90.85 11.88
C GLN U 76 26.77 90.79 12.90
N PRO U 77 26.96 89.65 13.55
CA PRO U 77 28.10 89.51 14.47
C PRO U 77 29.41 89.45 13.70
N ARG U 78 30.47 89.94 14.34
CA ARG U 78 31.79 89.90 13.73
C ARG U 78 32.37 88.50 13.85
N ASN U 79 32.75 87.93 12.70
CA ASN U 79 33.36 86.62 12.65
C ASN U 79 34.57 86.66 11.73
N PHE U 80 35.53 85.78 12.00
CA PHE U 80 36.73 85.71 11.17
C PHE U 80 36.40 85.03 9.85
N ALA U 81 36.84 85.63 8.75
CA ALA U 81 36.48 85.13 7.43
C ALA U 81 37.22 83.84 7.10
N ASN U 82 38.46 83.70 7.55
CA ASN U 82 39.23 82.50 7.28
C ASN U 82 38.78 81.31 8.09
N SER U 83 38.11 81.52 9.22
CA SER U 83 37.56 80.43 10.00
C SER U 83 36.19 80.05 9.48
N ALA U 84 35.54 79.10 10.16
CA ALA U 84 34.21 78.66 9.76
C ALA U 84 33.17 79.72 10.12
N GLY U 85 32.16 79.85 9.27
CA GLY U 85 31.13 80.86 9.43
C GLY U 85 31.43 82.18 8.77
N GLY U 86 32.66 82.38 8.29
CA GLY U 86 33.00 83.60 7.60
C GLY U 86 32.71 83.54 6.11
N CYS U 87 32.97 84.66 5.45
CA CYS U 87 32.74 84.74 4.00
C CYS U 87 33.81 84.00 3.21
N ALA U 88 35.07 84.06 3.65
CA ALA U 88 36.19 83.51 2.90
C ALA U 88 36.50 82.07 3.30
N PHE U 89 35.59 81.40 4.01
CA PHE U 89 35.79 80.01 4.38
C PHE U 89 35.61 79.12 3.15
N GLU U 90 36.59 78.23 2.93
CA GLU U 90 36.70 77.30 1.80
C GLU U 90 36.46 77.97 0.44
N ARG U 91 37.33 78.94 0.15
CA ARG U 91 37.26 79.66 -1.12
C ARG U 91 37.60 78.77 -2.31
N GLU U 92 38.50 77.82 -2.13
CA GLU U 92 38.85 76.86 -3.17
C GLU U 92 38.78 75.46 -2.59
N VAL U 93 38.47 74.49 -3.45
CA VAL U 93 38.40 73.08 -3.08
C VAL U 93 39.56 72.36 -3.74
N ILE U 94 40.45 71.80 -2.93
CA ILE U 94 41.59 71.06 -3.42
C ILE U 94 41.15 69.62 -3.68
N PRO U 95 41.27 69.11 -4.90
CA PRO U 95 40.95 67.70 -5.17
C PRO U 95 41.98 66.78 -4.55
N PRO U 96 41.63 65.52 -4.30
CA PRO U 96 42.64 64.56 -3.83
C PRO U 96 43.67 64.27 -4.90
N ASP U 97 44.87 63.87 -4.45
CA ASP U 97 46.05 63.87 -5.29
C ASP U 97 46.06 62.80 -6.36
N TRP U 98 45.15 61.82 -6.32
CA TRP U 98 45.18 60.74 -7.29
C TRP U 98 44.73 61.17 -8.68
N VAL U 99 44.14 62.37 -8.83
CA VAL U 99 43.91 62.90 -10.17
C VAL U 99 45.23 63.24 -10.84
N LEU U 100 46.27 63.56 -10.05
CA LEU U 100 47.64 63.67 -10.57
C LEU U 100 48.16 62.33 -11.07
N ASP U 101 47.59 61.23 -10.58
CA ASP U 101 47.91 59.91 -11.08
C ASP U 101 47.29 59.64 -12.45
N TYR U 102 46.32 60.45 -12.89
CA TYR U 102 45.63 60.20 -14.15
C TYR U 102 46.09 61.14 -15.26
N TRP U 103 47.25 61.77 -15.11
CA TRP U 103 47.80 62.65 -16.13
C TRP U 103 48.33 61.84 -17.30
N HIS U 104 48.49 62.51 -18.44
CA HIS U 104 49.16 61.91 -19.57
C HIS U 104 50.66 61.77 -19.27
N PRO U 105 51.32 60.75 -19.83
CA PRO U 105 52.78 60.65 -19.69
C PRO U 105 53.55 61.82 -20.28
N LEU U 106 53.05 62.41 -21.39
CA LEU U 106 53.64 63.65 -21.87
C LEU U 106 53.34 64.81 -20.93
N GLU U 107 52.18 64.79 -20.28
CA GLU U 107 51.89 65.77 -19.23
C GLU U 107 52.63 65.45 -17.95
N LYS U 108 52.95 64.17 -17.71
CA LYS U 108 53.78 63.80 -16.56
C LYS U 108 55.25 64.13 -16.79
N ALA U 109 55.66 64.33 -18.05
CA ALA U 109 57.05 64.66 -18.37
C ALA U 109 57.45 66.06 -17.94
N GLN U 110 56.49 66.92 -17.59
CA GLN U 110 56.84 68.27 -17.16
C GLN U 110 57.42 68.28 -15.75
N TYR U 111 57.05 67.31 -14.90
CA TYR U 111 57.57 67.22 -13.54
C TYR U 111 58.06 65.80 -13.26
N PRO U 112 59.19 65.40 -13.86
CA PRO U 112 59.63 64.00 -13.70
C PRO U 112 60.21 63.71 -12.33
N GLU U 113 60.97 64.64 -11.77
CA GLU U 113 61.52 64.49 -10.42
C GLU U 113 60.40 64.46 -9.38
N TYR U 114 59.37 65.29 -9.58
CA TYR U 114 58.22 65.31 -8.68
C TYR U 114 57.43 64.00 -8.76
N PHE U 115 57.26 63.45 -9.97
CA PHE U 115 56.51 62.20 -10.06
C PHE U 115 57.31 60.99 -9.58
N ALA U 116 58.65 61.02 -9.72
CA ALA U 116 59.48 59.96 -9.15
C ALA U 116 59.46 60.03 -7.62
N LYS U 117 59.49 61.25 -7.06
CA LYS U 117 59.33 61.41 -5.62
C LYS U 117 57.95 60.95 -5.16
N ARG U 118 56.93 61.18 -5.99
CA ARG U 118 55.58 60.71 -5.69
C ARG U 118 55.50 59.19 -5.67
N GLU U 119 56.19 58.52 -6.61
CA GLU U 119 56.24 57.06 -6.62
C GLU U 119 56.95 56.52 -5.37
N GLN U 120 58.02 57.19 -4.94
CA GLN U 120 58.70 56.82 -3.70
C GLN U 120 57.79 56.97 -2.48
N ARG U 121 57.00 58.06 -2.43
CA ARG U 121 56.05 58.19 -1.34
C ARG U 121 54.85 57.24 -1.47
N LYS U 122 54.54 56.75 -2.67
CA LYS U 122 53.54 55.69 -2.78
C LYS U 122 54.04 54.38 -2.17
N LYS U 123 55.31 54.05 -2.40
CA LYS U 123 55.90 52.88 -1.74
C LYS U 123 55.94 53.06 -0.22
N GLU U 124 56.31 54.26 0.24
CA GLU U 124 56.31 54.55 1.67
C GLU U 124 54.90 54.52 2.26
N PHE U 125 53.90 54.99 1.51
CA PHE U 125 52.53 54.99 2.01
C PHE U 125 51.93 53.60 2.05
N VAL U 126 52.26 52.74 1.08
CA VAL U 126 51.71 51.38 1.14
C VAL U 126 52.41 50.59 2.25
N THR U 127 53.68 50.89 2.55
CA THR U 127 54.34 50.32 3.73
C THR U 127 53.69 50.80 5.02
N TRP U 128 53.38 52.10 5.09
CA TRP U 128 52.73 52.69 6.26
C TRP U 128 51.31 52.14 6.46
N TRP U 129 50.56 51.96 5.37
CA TRP U 129 49.21 51.43 5.48
C TRP U 129 49.21 49.96 5.87
N GLU U 130 50.20 49.19 5.39
CA GLU U 130 50.31 47.80 5.80
C GLU U 130 50.73 47.66 7.25
N LYS U 131 51.60 48.55 7.75
CA LYS U 131 51.98 48.45 9.15
C LYS U 131 50.99 49.11 10.10
N GLN U 132 50.06 49.93 9.59
CA GLN U 132 49.07 50.58 10.45
C GLN U 132 47.73 49.84 10.45
N TYR U 133 47.11 49.67 9.29
CA TYR U 133 45.78 49.08 9.21
C TYR U 133 45.81 47.60 8.88
N GLY U 134 46.99 46.99 8.80
CA GLY U 134 47.09 45.59 8.48
C GLY U 134 46.89 45.30 7.00
N LYS U 135 46.75 44.01 6.71
CA LYS U 135 46.56 43.57 5.33
C LYS U 135 45.10 43.70 4.92
N LEU V 45 59.95 53.08 -9.90
CA LEU V 45 60.19 53.92 -11.08
C LEU V 45 61.14 55.05 -10.71
N THR V 46 61.79 55.63 -11.73
CA THR V 46 62.77 56.68 -11.54
C THR V 46 62.41 57.90 -12.37
N THR V 47 63.18 58.97 -12.19
CA THR V 47 62.92 60.22 -12.90
C THR V 47 63.37 60.19 -14.35
N GLU V 48 64.17 59.18 -14.76
CA GLU V 48 64.54 59.06 -16.16
C GLU V 48 63.40 58.49 -16.99
N ASP V 49 62.54 57.70 -16.36
CA ASP V 49 61.39 57.09 -17.08
C ASP V 49 60.37 58.19 -17.36
N PHE V 50 60.10 59.03 -16.37
CA PHE V 50 59.09 60.08 -16.53
C PHE V 50 59.56 61.19 -17.46
N ALA V 51 60.86 61.50 -17.47
CA ALA V 51 61.39 62.51 -18.37
C ALA V 51 61.42 62.05 -19.81
N ASN V 52 61.51 60.74 -20.06
CA ASN V 52 61.49 60.16 -21.39
C ASN V 52 60.42 59.09 -21.43
N PRO V 53 59.15 59.45 -21.66
CA PRO V 53 58.07 58.47 -21.56
C PRO V 53 58.08 57.48 -22.71
N SER V 54 57.44 56.34 -22.50
CA SER V 54 57.47 55.25 -23.46
C SER V 54 56.38 55.43 -24.51
N PRO V 55 56.69 55.22 -25.80
CA PRO V 55 55.62 55.11 -26.81
C PRO V 55 54.63 53.99 -26.53
N LYS V 56 55.07 52.88 -25.93
CA LYS V 56 54.19 51.72 -25.77
C LYS V 56 53.15 51.94 -24.68
N ASN V 57 53.41 52.87 -23.76
CA ASN V 57 52.41 53.22 -22.76
C ASN V 57 51.54 54.36 -23.29
N TRP V 58 50.29 54.06 -23.59
CA TRP V 58 49.40 55.00 -24.26
C TRP V 58 48.13 55.19 -23.44
N GLN V 59 47.77 56.44 -23.20
CA GLN V 59 46.45 56.72 -22.62
C GLN V 59 45.39 56.50 -23.68
N SER V 60 44.42 55.67 -23.34
CA SER V 60 43.43 55.18 -24.29
C SER V 60 42.35 56.24 -24.49
N TYR V 61 41.95 56.43 -25.75
CA TYR V 61 40.76 57.21 -26.03
C TYR V 61 39.52 56.37 -25.76
N GLY V 62 38.35 56.99 -25.93
CA GLY V 62 37.13 56.41 -25.41
C GLY V 62 36.58 55.22 -26.19
N PHE V 63 37.11 54.93 -27.38
CA PHE V 63 36.47 53.96 -28.25
C PHE V 63 36.87 52.51 -27.93
N ASP V 64 38.15 52.16 -28.11
CA ASP V 64 38.57 50.78 -27.95
C ASP V 64 39.71 50.69 -26.94
N TYR V 65 39.55 49.83 -25.95
CA TYR V 65 40.53 49.68 -24.89
C TYR V 65 41.43 48.47 -25.06
N LYS V 66 41.47 47.89 -26.27
CA LYS V 66 42.31 46.72 -26.52
C LYS V 66 43.52 47.02 -27.39
N ASP V 67 43.35 47.81 -28.45
CA ASP V 67 44.42 48.07 -29.40
C ASP V 67 44.55 49.56 -29.63
N GLN V 68 45.80 50.03 -29.74
CA GLN V 68 46.06 51.44 -30.02
C GLN V 68 45.74 51.80 -31.47
N VAL V 69 45.86 50.83 -32.37
CA VAL V 69 45.55 51.06 -33.78
C VAL V 69 44.06 51.30 -33.97
N GLU V 70 43.22 50.63 -33.17
CA GLU V 70 41.77 50.75 -33.32
C GLU V 70 41.25 52.09 -32.81
N ASP V 71 41.90 52.72 -31.83
CA ASP V 71 41.50 54.05 -31.42
C ASP V 71 41.83 55.09 -32.48
N ARG V 72 43.05 55.02 -33.03
CA ARG V 72 43.52 56.06 -33.95
C ARG V 72 42.89 55.96 -35.33
N LYS V 73 42.09 54.93 -35.60
CA LYS V 73 41.20 54.89 -36.75
C LYS V 73 39.78 55.31 -36.40
N ALA V 74 39.29 54.90 -35.23
CA ALA V 74 37.90 55.17 -34.86
C ALA V 74 37.68 56.65 -34.54
N THR V 75 38.65 57.30 -33.88
CA THR V 75 38.55 58.73 -33.60
C THR V 75 38.52 59.53 -34.90
N LYS V 76 39.42 59.20 -35.83
CA LYS V 76 39.52 59.92 -37.09
C LYS V 76 38.27 59.72 -37.96
N SER V 77 37.78 58.48 -38.05
CA SER V 77 36.61 58.23 -38.89
C SER V 77 35.32 58.74 -38.25
N THR V 78 35.19 58.65 -36.93
CA THR V 78 34.01 59.18 -36.25
C THR V 78 33.99 60.70 -36.27
N PHE V 79 35.16 61.33 -36.20
CA PHE V 79 35.20 62.78 -36.34
C PHE V 79 34.98 63.20 -37.78
N PHE V 80 35.32 62.34 -38.75
CA PHE V 80 35.06 62.67 -40.14
C PHE V 80 33.57 62.58 -40.47
N VAL V 81 32.91 61.51 -40.03
CA VAL V 81 31.52 61.31 -40.44
C VAL V 81 30.52 62.12 -39.63
N THR V 82 30.96 62.79 -38.57
CA THR V 82 30.07 63.63 -37.76
C THR V 82 30.38 65.11 -37.89
N VAL V 83 31.61 65.51 -37.63
CA VAL V 83 31.95 66.93 -37.59
C VAL V 83 32.10 67.47 -39.01
N THR V 84 32.89 66.79 -39.85
CA THR V 84 33.14 67.28 -41.20
C THR V 84 31.92 67.11 -42.10
N LEU V 85 31.29 65.94 -42.06
CA LEU V 85 30.20 65.66 -42.99
C LEU V 85 28.89 66.28 -42.51
N CYS V 86 28.41 65.85 -41.33
CA CYS V 86 27.06 66.21 -40.91
C CYS V 86 26.95 67.64 -40.43
N LEU V 87 27.99 68.20 -39.82
CA LEU V 87 27.87 69.51 -39.20
C LEU V 87 28.54 70.64 -39.97
N VAL V 88 29.35 70.34 -40.98
CA VAL V 88 29.95 71.36 -41.82
C VAL V 88 29.47 71.24 -43.26
N TRP V 89 29.62 70.06 -43.87
CA TRP V 89 29.12 69.87 -45.24
C TRP V 89 27.60 69.83 -45.27
N GLY V 90 26.98 69.23 -44.25
CA GLY V 90 25.53 69.26 -44.16
C GLY V 90 24.98 70.66 -43.89
N SER V 91 25.70 71.45 -43.09
CA SER V 91 25.29 72.82 -42.85
C SER V 91 25.53 73.71 -44.07
N PHE V 92 26.55 73.39 -44.88
CA PHE V 92 26.75 74.10 -46.14
C PHE V 92 25.65 73.75 -47.14
N TYR V 93 25.25 72.47 -47.18
CA TYR V 93 24.15 72.05 -48.04
C TYR V 93 22.84 72.68 -47.62
N TRP V 94 22.61 72.82 -46.31
CA TRP V 94 21.38 73.45 -45.85
C TRP V 94 21.40 74.96 -46.08
N ALA V 95 22.57 75.59 -46.02
CA ALA V 95 22.66 77.03 -46.20
C ALA V 95 22.29 77.45 -47.62
N TYR V 96 22.61 76.61 -48.60
CA TYR V 96 22.26 76.87 -50.00
C TYR V 96 21.13 75.97 -50.47
N LEU V 97 20.26 75.56 -49.56
CA LEU V 97 19.07 74.80 -49.94
C LEU V 97 18.11 75.70 -50.70
N PRO V 98 17.40 75.17 -51.70
CA PRO V 98 16.40 75.98 -52.41
C PRO V 98 15.17 76.24 -51.55
N ASP V 99 14.27 77.05 -52.11
CA ASP V 99 13.00 77.33 -51.45
C ASP V 99 12.01 76.17 -51.48
N THR V 100 12.32 75.10 -50.73
CA THR V 100 11.45 73.93 -50.65
C THR V 100 10.12 74.27 -50.00
N GLN V 101 10.16 75.02 -48.90
CA GLN V 101 8.99 75.74 -48.43
C GLN V 101 9.01 77.12 -49.06
N PHE V 102 7.93 77.49 -49.74
CA PHE V 102 7.91 78.73 -50.50
C PHE V 102 7.86 79.94 -49.59
N ARG V 103 9.01 80.50 -49.26
CA ARG V 103 9.07 81.69 -48.43
C ARG V 103 9.64 82.90 -49.16
N ASN V 104 10.71 82.71 -49.93
CA ASN V 104 11.23 83.80 -50.75
C ASN V 104 10.29 84.10 -51.91
N TRP V 105 9.70 83.05 -52.50
CA TRP V 105 8.69 83.24 -53.55
C TRP V 105 7.45 83.91 -52.99
N ALA V 106 7.08 83.56 -51.76
CA ALA V 106 5.93 84.20 -51.13
C ALA V 106 6.20 85.67 -50.81
N GLN V 107 7.45 86.02 -50.49
CA GLN V 107 7.82 87.42 -50.31
C GLN V 107 7.77 88.18 -51.62
N ARG V 108 8.27 87.57 -52.71
CA ARG V 108 8.22 88.19 -54.03
C ARG V 108 6.79 88.38 -54.51
N GLU V 109 5.94 87.38 -54.28
CA GLU V 109 4.53 87.50 -54.64
C GLU V 109 3.81 88.49 -53.73
N GLY V 110 4.25 88.65 -52.49
CA GLY V 110 3.69 89.68 -51.63
C GLY V 110 3.99 91.08 -52.13
N PHE V 111 5.23 91.33 -52.56
CA PHE V 111 5.55 92.62 -53.19
C PHE V 111 4.78 92.84 -54.48
N LEU V 112 4.61 91.79 -55.29
CA LEU V 112 3.91 91.95 -56.56
C LEU V 112 2.40 92.17 -56.37
N GLU V 113 1.77 91.45 -55.43
CA GLU V 113 0.36 91.66 -55.16
C GLU V 113 0.11 92.99 -54.46
N LEU V 114 1.07 93.50 -53.68
CA LEU V 114 0.90 94.85 -53.17
C LEU V 114 1.14 95.89 -54.26
N ARG V 115 1.93 95.54 -55.28
CA ARG V 115 2.11 96.45 -56.41
C ARG V 115 0.83 96.56 -57.24
N ARG V 116 0.16 95.43 -57.52
CA ARG V 116 -1.04 95.53 -58.36
C ARG V 116 -2.24 96.08 -57.60
N ARG V 117 -2.41 95.69 -56.34
CA ARG V 117 -3.61 96.09 -55.60
C ARG V 117 -3.59 97.55 -55.18
N GLU V 118 -2.41 98.15 -55.03
CA GLU V 118 -2.34 99.58 -54.79
C GLU V 118 -2.62 100.39 -56.05
N LEU V 119 -2.45 99.79 -57.22
CA LEU V 119 -2.76 100.48 -58.48
C LEU V 119 -4.26 100.61 -58.69
N ALA V 120 -5.01 99.58 -58.32
CA ALA V 120 -6.46 99.56 -58.50
C ALA V 120 -7.16 99.90 -57.19
N GLY V 121 -8.48 99.93 -57.24
CA GLY V 121 -9.30 100.17 -56.06
C GLY V 121 -9.57 98.96 -55.21
N VAL V 122 -9.06 97.80 -55.60
CA VAL V 122 -9.20 96.59 -54.80
C VAL V 122 -8.33 96.71 -53.56
N ASP V 123 -8.88 96.36 -52.41
CA ASP V 123 -8.16 96.47 -51.15
C ASP V 123 -6.99 95.48 -51.05
N LEU V 124 -6.08 95.76 -50.11
CA LEU V 124 -4.79 95.09 -50.08
C LEU V 124 -4.91 93.64 -49.63
N VAL V 125 -5.82 93.35 -48.71
CA VAL V 125 -6.19 91.99 -48.36
C VAL V 125 -7.67 91.83 -48.67
N SER V 126 -8.00 90.80 -49.45
CA SER V 126 -9.39 90.51 -49.74
C SER V 126 -10.08 89.97 -48.49
N PRO V 127 -11.23 90.52 -48.10
CA PRO V 127 -11.92 89.98 -46.92
C PRO V 127 -12.62 88.66 -47.17
N ASN V 128 -12.98 88.37 -48.41
CA ASN V 128 -13.78 87.20 -48.74
C ASN V 128 -12.96 86.16 -49.50
N TYR V 129 -13.29 84.89 -49.27
CA TYR V 129 -12.55 83.79 -49.89
C TYR V 129 -12.84 83.72 -51.38
N VAL V 130 -14.10 83.88 -51.77
CA VAL V 130 -14.52 83.97 -53.16
C VAL V 130 -15.44 85.17 -53.31
N ASP V 131 -15.92 85.37 -54.54
CA ASP V 131 -16.85 86.45 -54.80
C ASP V 131 -18.22 86.12 -54.21
N PRO V 132 -18.91 87.09 -53.60
CA PRO V 132 -20.21 86.80 -52.98
C PRO V 132 -21.33 86.49 -53.96
N ALA V 133 -21.17 86.79 -55.26
CA ALA V 133 -22.15 86.38 -56.25
C ALA V 133 -22.14 84.88 -56.49
N SER V 134 -21.00 84.22 -56.25
CA SER V 134 -20.94 82.76 -56.37
C SER V 134 -21.49 82.07 -55.14
N ILE V 135 -21.70 82.81 -54.04
CA ILE V 135 -22.28 82.23 -52.84
C ILE V 135 -23.76 82.01 -53.07
N THR V 136 -24.25 80.80 -52.76
CA THR V 136 -25.62 80.44 -53.11
C THR V 136 -26.63 81.11 -52.18
N LEU V 137 -26.25 81.35 -50.91
CA LEU V 137 -27.09 81.94 -49.89
C LEU V 137 -28.47 81.29 -49.72
N PRO V 138 -28.52 80.10 -49.08
CA PRO V 138 -29.82 79.44 -48.90
C PRO V 138 -30.74 80.21 -47.96
N SER V 139 -32.03 80.13 -48.21
CA SER V 139 -33.01 80.96 -47.53
C SER V 139 -33.25 80.47 -46.11
N ASP V 140 -33.95 81.31 -45.34
CA ASP V 140 -34.20 81.01 -43.93
C ASP V 140 -35.21 79.90 -43.77
N GLU V 141 -36.11 79.74 -44.74
CA GLU V 141 -37.04 78.62 -44.73
C GLU V 141 -36.30 77.31 -45.02
N ASP V 142 -35.28 77.37 -45.88
CA ASP V 142 -34.48 76.19 -46.19
C ASP V 142 -33.61 75.78 -45.01
N LEU V 143 -33.05 76.77 -44.30
CA LEU V 143 -32.24 76.47 -43.13
C LEU V 143 -33.09 75.96 -41.98
N GLY V 144 -34.19 76.66 -41.67
CA GLY V 144 -35.00 76.29 -40.53
C GLY V 144 -34.28 76.64 -39.24
N ASP V 145 -33.93 75.62 -38.47
CA ASP V 145 -33.15 75.78 -37.25
C ASP V 145 -31.82 75.08 -37.45
N THR V 146 -30.82 75.83 -37.88
CA THR V 146 -29.49 75.32 -38.16
C THR V 146 -28.50 76.21 -37.43
N GLU V 147 -27.45 75.61 -36.86
CA GLU V 147 -26.47 76.38 -36.11
C GLU V 147 -25.59 77.20 -37.04
N ILE V 148 -25.57 78.50 -36.83
CA ILE V 148 -24.76 79.44 -37.61
C ILE V 148 -23.68 79.99 -36.70
N ILE V 149 -22.42 79.79 -37.09
CA ILE V 149 -21.28 80.00 -36.21
C ILE V 149 -20.38 81.08 -36.80
N ILE V 150 -20.13 82.13 -36.03
CA ILE V 150 -19.15 83.15 -36.42
C ILE V 150 -18.05 83.24 -35.37
N GLY W 31 24.97 45.14 -2.73
CA GLY W 31 23.85 45.79 -2.05
C GLY W 31 22.89 46.46 -3.02
N TRP W 32 21.62 46.11 -2.91
CA TRP W 32 20.59 46.59 -3.81
C TRP W 32 19.43 47.19 -3.01
N ASN W 33 18.41 47.64 -3.74
CA ASN W 33 17.26 48.28 -3.10
C ASN W 33 16.36 47.26 -2.41
N LYS W 34 16.41 45.99 -2.84
CA LYS W 34 15.56 44.97 -2.21
C LYS W 34 16.21 44.40 -0.95
N ASP W 35 17.54 44.45 -0.87
CA ASP W 35 18.21 43.95 0.33
C ASP W 35 18.18 44.99 1.45
N TYR W 36 18.71 46.18 1.19
CA TYR W 36 18.63 47.30 2.10
C TYR W 36 17.35 48.05 1.78
N LYS W 37 16.36 47.98 2.66
CA LYS W 37 15.06 48.57 2.41
C LYS W 37 14.37 48.81 3.75
N PRO W 38 13.64 49.91 3.90
CA PRO W 38 12.77 50.07 5.06
C PRO W 38 11.67 49.02 5.07
N GLY W 39 11.58 48.28 6.17
CA GLY W 39 10.59 47.25 6.32
C GLY W 39 9.29 47.78 6.86
N PRO W 40 8.48 46.88 7.44
CA PRO W 40 7.20 47.30 7.99
C PRO W 40 7.36 48.03 9.32
N TYR W 41 6.25 48.62 9.77
CA TYR W 41 6.21 49.26 11.08
C TYR W 41 6.36 48.20 12.16
N PRO W 42 7.19 48.45 13.19
CA PRO W 42 7.61 47.35 14.08
C PRO W 42 6.52 46.79 14.99
N GLN W 43 5.79 47.65 15.71
CA GLN W 43 4.74 47.33 16.69
C GLN W 43 5.21 46.47 17.86
N THR W 44 6.52 46.33 18.07
CA THR W 44 7.08 45.47 19.10
C THR W 44 8.36 46.13 19.60
N GLU W 45 8.61 46.01 20.90
CA GLU W 45 9.84 46.55 21.49
C GLU W 45 11.07 45.79 20.98
N LYS W 46 10.94 44.47 20.80
CA LYS W 46 12.03 43.66 20.24
C LYS W 46 12.32 44.04 18.79
N GLU W 47 11.26 44.25 17.99
CA GLU W 47 11.45 44.66 16.61
C GLU W 47 11.97 46.09 16.52
N ARG W 48 11.60 46.94 17.47
CA ARG W 48 12.16 48.29 17.56
C ARG W 48 13.65 48.24 17.89
N LEU W 49 14.05 47.34 18.79
CA LEU W 49 15.47 47.18 19.12
C LEU W 49 16.27 46.64 17.94
N ALA W 50 15.70 45.68 17.20
CA ALA W 50 16.36 45.15 16.02
C ALA W 50 16.44 46.19 14.90
N ALA W 51 15.42 47.05 14.81
CA ALA W 51 15.44 48.13 13.82
C ALA W 51 16.47 49.19 14.18
N ALA W 52 16.65 49.45 15.49
CA ALA W 52 17.67 50.39 15.92
C ALA W 52 19.06 49.82 15.70
N LYS W 53 19.22 48.50 15.87
CA LYS W 53 20.50 47.87 15.57
C LYS W 53 20.77 47.80 14.07
N LYS W 54 19.71 47.80 13.25
CA LYS W 54 19.90 47.75 11.80
C LYS W 54 20.39 49.07 11.26
N TYR W 55 19.97 50.18 11.84
CA TYR W 55 20.26 51.51 11.32
C TYR W 55 21.46 52.17 12.01
N TYR W 56 22.26 51.40 12.73
CA TYR W 56 23.45 51.96 13.41
C TYR W 56 22.97 53.10 14.32
N LEU W 57 21.77 52.96 14.86
CA LEU W 57 21.18 54.03 15.71
C LEU W 57 20.98 53.45 17.10
N LEU W 58 21.35 54.18 18.15
CA LEU W 58 21.26 53.65 19.53
C LEU W 58 19.78 53.44 19.84
N PRO W 59 19.38 52.46 20.67
CA PRO W 59 17.97 52.12 20.85
C PRO W 59 17.18 53.32 21.37
N GLU W 60 17.75 54.10 22.28
CA GLU W 60 17.06 55.34 22.74
C GLU W 60 16.88 56.29 21.55
N GLU W 61 17.89 56.39 20.68
CA GLU W 61 17.84 57.32 19.52
C GLU W 61 16.73 56.97 18.53
N TYR W 62 16.48 55.69 18.25
CA TYR W 62 15.52 55.33 17.18
C TYR W 62 14.13 55.85 17.52
N LYS W 63 13.42 56.37 16.51
CA LYS W 63 12.05 56.91 16.70
C LYS W 63 11.35 56.80 15.36
N PRO W 64 10.51 55.77 15.14
CA PRO W 64 9.86 55.52 13.85
C PRO W 64 8.74 56.51 13.58
N TYR W 65 8.43 56.67 12.29
CA TYR W 65 7.32 57.51 11.86
C TYR W 65 5.99 56.87 12.25
N ALA W 66 5.04 57.70 12.67
CA ALA W 66 3.70 57.22 12.95
C ALA W 66 3.01 56.81 11.65
N ASP W 67 2.45 55.60 11.64
CA ASP W 67 1.86 55.02 10.45
C ASP W 67 0.49 55.64 10.22
N ASP W 68 0.47 56.84 9.65
CA ASP W 68 -0.75 57.58 9.38
C ASP W 68 -1.15 57.56 7.90
N GLY W 69 -0.62 56.62 7.12
CA GLY W 69 -0.81 56.60 5.70
C GLY W 69 0.29 57.28 4.90
N LEU W 70 0.85 58.37 5.42
CA LEU W 70 1.99 59.03 4.80
C LEU W 70 3.27 58.83 5.61
N GLY W 71 3.28 57.87 6.53
CA GLY W 71 4.46 57.62 7.33
C GLY W 71 5.44 56.71 6.64
N TYR W 72 6.65 56.66 7.19
CA TYR W 72 7.72 55.81 6.70
C TYR W 72 7.85 54.64 7.68
N GLY W 73 7.43 53.46 7.23
CA GLY W 73 7.61 52.27 8.05
C GLY W 73 9.07 51.87 8.13
N ASP W 74 9.53 51.64 9.37
CA ASP W 74 10.89 51.20 9.70
C ASP W 74 11.96 52.19 9.19
N TYR W 75 11.73 53.47 9.43
CA TYR W 75 12.75 54.48 9.14
C TYR W 75 12.86 55.43 10.32
N PRO W 76 14.07 55.78 10.76
CA PRO W 76 14.22 56.70 11.88
C PRO W 76 13.80 58.12 11.51
N LYS W 77 13.34 58.87 12.50
CA LYS W 77 13.04 60.28 12.35
C LYS W 77 14.22 61.07 12.89
N LEU W 78 15.08 61.54 11.99
CA LEU W 78 16.30 62.22 12.37
C LEU W 78 16.36 63.59 11.72
N GLY W 79 17.27 64.42 12.23
CA GLY W 79 17.33 65.81 11.79
C GLY W 79 16.19 66.57 12.41
N TYR W 80 15.39 67.22 11.54
CA TYR W 80 14.16 67.95 11.86
C TYR W 80 14.35 69.09 12.85
N GLY W 81 15.56 69.64 12.94
CA GLY W 81 15.77 70.83 13.72
C GLY W 81 15.51 72.07 12.89
N LEU W 82 16.32 73.09 13.16
CA LEU W 82 16.24 74.28 12.31
C LEU W 82 17.22 74.18 11.14
N GLY W 83 18.04 73.13 11.10
CA GLY W 83 18.84 72.89 9.93
C GLY W 83 20.00 71.94 10.15
N VAL W 84 20.57 71.49 9.03
CA VAL W 84 21.86 70.78 9.04
C VAL W 84 22.99 71.78 9.26
N GLU W 85 22.76 73.05 8.92
CA GLU W 85 23.74 74.10 9.20
C GLU W 85 23.83 74.42 10.69
N ALA W 86 22.85 73.96 11.48
CA ALA W 86 22.93 74.12 12.94
C ALA W 86 23.97 73.18 13.55
N LYS W 87 24.31 72.10 12.84
CA LYS W 87 25.36 71.20 13.30
C LYS W 87 26.72 71.88 13.24
N ASP W 88 27.58 71.55 14.21
CA ASP W 88 28.87 72.20 14.32
C ASP W 88 29.82 71.72 13.22
N SER W 89 30.48 72.68 12.57
CA SER W 89 31.45 72.36 11.54
C SER W 89 32.81 72.02 12.10
N TYR W 90 33.04 72.23 13.39
CA TYR W 90 34.32 71.93 14.02
C TYR W 90 34.44 70.48 14.46
N TYR W 91 33.36 69.72 14.44
CA TYR W 91 33.44 68.29 14.67
C TYR W 91 34.09 67.62 13.46
N PRO W 92 35.01 66.68 13.67
CA PRO W 92 35.65 66.01 12.53
C PRO W 92 34.72 65.01 11.88
N TRP W 93 33.83 65.49 11.01
CA TRP W 93 32.90 64.63 10.29
C TRP W 93 33.64 63.79 9.27
N ASP W 94 33.13 62.58 9.03
CA ASP W 94 33.66 61.75 7.97
C ASP W 94 33.31 62.32 6.60
N TYR W 95 32.13 62.92 6.48
CA TYR W 95 31.70 63.60 5.26
C TYR W 95 31.38 65.05 5.60
N PRO W 96 32.34 65.97 5.45
CA PRO W 96 32.07 67.38 5.81
C PRO W 96 31.13 68.10 4.86
N GLU W 97 30.91 67.57 3.66
CA GLU W 97 29.99 68.20 2.71
C GLU W 97 28.54 67.97 3.07
N HIS W 98 28.24 66.98 3.92
CA HIS W 98 26.89 66.77 4.42
C HIS W 98 26.80 66.89 5.94
N LYS W 99 27.94 67.02 6.63
CA LYS W 99 28.05 67.02 8.10
C LYS W 99 27.42 65.77 8.72
N ARG W 100 28.00 64.62 8.39
CA ARG W 100 27.51 63.33 8.86
C ARG W 100 28.67 62.38 9.04
N ASN W 101 28.43 61.31 9.80
CA ASN W 101 29.42 60.28 10.04
C ASN W 101 29.33 59.23 8.93
N GLN W 102 29.98 58.08 9.13
CA GLN W 102 30.06 57.09 8.06
C GLN W 102 28.76 56.32 7.91
N HIS W 103 28.38 55.54 8.92
CA HIS W 103 27.16 54.76 8.85
C HIS W 103 26.00 55.43 9.58
N GLU W 104 26.09 56.74 9.79
CA GLU W 104 24.97 57.49 10.33
C GLU W 104 23.87 57.55 9.28
N PRO W 105 22.65 57.14 9.59
CA PRO W 105 21.59 57.12 8.57
C PRO W 105 21.14 58.52 8.19
N ILE W 106 20.73 58.65 6.92
CA ILE W 106 20.33 59.92 6.37
C ILE W 106 18.98 60.32 6.96
N SER W 107 18.83 61.61 7.27
CA SER W 107 17.54 62.14 7.72
C SER W 107 16.50 62.00 6.63
N ALA W 108 15.24 61.90 7.05
CA ALA W 108 14.16 61.52 6.13
C ALA W 108 13.85 62.63 5.14
N ASP W 109 13.70 63.85 5.62
CA ASP W 109 13.59 65.02 4.75
C ASP W 109 14.94 65.72 4.61
N HIS W 110 15.91 65.02 4.04
CA HIS W 110 17.28 65.55 3.97
C HIS W 110 17.39 66.64 2.91
N ASP W 111 16.49 66.63 1.91
CA ASP W 111 16.48 67.67 0.90
C ASP W 111 16.06 69.00 1.51
N LEU W 112 14.93 69.01 2.24
CA LEU W 112 14.34 70.25 2.71
C LEU W 112 15.16 70.90 3.82
N TYR W 113 15.85 70.09 4.62
CA TYR W 113 16.64 70.60 5.72
C TYR W 113 18.12 70.76 5.38
N SER W 114 18.49 70.64 4.11
CA SER W 114 19.89 70.69 3.71
C SER W 114 20.45 72.11 3.80
N GLU W 115 21.73 72.24 3.44
CA GLU W 115 22.40 73.53 3.54
C GLU W 115 21.98 74.49 2.44
N ASP W 116 21.36 73.97 1.38
CA ASP W 116 20.76 74.82 0.36
C ASP W 116 19.54 75.56 0.92
N ARG W 117 18.51 74.82 1.28
CA ARG W 117 17.20 75.39 1.58
C ARG W 117 16.88 75.32 3.07
N TRP W 118 16.43 76.47 3.59
CA TRP W 118 15.62 76.59 4.81
C TRP W 118 16.36 76.08 6.04
N SER W 119 17.65 76.42 6.13
CA SER W 119 18.51 76.05 7.25
C SER W 119 19.32 77.27 7.65
N GLN W 120 19.49 77.46 8.96
CA GLN W 120 20.17 78.63 9.50
C GLN W 120 21.24 78.16 10.48
N ALA W 121 22.27 78.99 10.66
CA ALA W 121 23.29 78.69 11.65
C ALA W 121 22.75 79.00 13.04
N GLU W 122 22.40 80.26 13.27
CA GLU W 122 21.78 80.65 14.53
C GLU W 122 20.26 80.54 14.42
N PRO W 123 19.56 80.35 15.54
CA PRO W 123 18.10 80.42 15.51
C PRO W 123 17.64 81.84 15.20
N PRO W 124 16.47 81.99 14.57
CA PRO W 124 15.99 83.33 14.24
C PRO W 124 15.58 84.13 15.47
N ARG W 125 15.69 85.45 15.36
CA ARG W 125 15.47 86.32 16.50
C ARG W 125 13.98 86.41 16.87
N TYR W 126 13.12 86.54 15.87
CA TYR W 126 11.69 86.66 16.09
C TYR W 126 10.95 85.46 15.49
N SER W 127 9.64 85.46 15.64
CA SER W 127 8.80 84.46 14.99
C SER W 127 8.66 84.78 13.51
N ASN W 128 8.12 83.81 12.77
CA ASN W 128 8.03 83.95 11.31
C ASN W 128 7.00 84.99 10.90
N ALA W 129 5.94 85.18 11.69
CA ALA W 129 4.92 86.16 11.35
C ALA W 129 5.35 87.60 11.60
N TYR W 130 6.38 87.81 12.41
CA TYR W 130 6.78 89.17 12.78
C TYR W 130 7.43 89.90 11.60
N TYR W 131 8.28 89.19 10.84
CA TYR W 131 8.98 89.81 9.71
C TYR W 131 8.01 90.21 8.61
N PHE W 132 7.09 89.30 8.25
CA PHE W 132 6.07 89.57 7.25
C PHE W 132 5.10 90.65 7.74
N ALA W 133 4.77 90.63 9.04
CA ALA W 133 3.85 91.63 9.60
C ALA W 133 4.44 93.02 9.57
N CYS W 134 5.73 93.16 9.94
CA CYS W 134 6.39 94.46 9.91
C CYS W 134 6.58 94.95 8.49
N PHE W 135 6.95 94.06 7.56
CA PHE W 135 7.14 94.45 6.17
C PHE W 135 5.83 94.87 5.52
N LEU W 136 4.74 94.12 5.76
CA LEU W 136 3.46 94.48 5.17
C LEU W 136 2.85 95.71 5.84
N GLY W 137 3.14 95.94 7.13
CA GLY W 137 2.71 97.18 7.76
C GLY W 137 3.40 98.40 7.19
N VAL W 138 4.71 98.30 6.95
CA VAL W 138 5.46 99.40 6.34
C VAL W 138 4.99 99.65 4.91
N MET W 139 4.75 98.58 4.14
CA MET W 139 4.23 98.74 2.78
C MET W 139 2.82 99.32 2.76
N SER W 140 1.95 98.91 3.69
CA SER W 140 0.60 99.45 3.74
C SER W 140 0.62 100.93 4.11
N GLY W 141 1.49 101.32 5.05
CA GLY W 141 1.64 102.73 5.39
C GLY W 141 2.18 103.58 4.26
N CYS W 142 3.17 103.05 3.52
CA CYS W 142 3.75 103.82 2.43
C CYS W 142 2.82 103.92 1.22
N LEU W 143 2.09 102.84 0.90
CA LEU W 143 1.06 102.89 -0.13
C LEU W 143 -0.06 103.85 0.23
N ALA W 144 -0.51 103.85 1.49
CA ALA W 144 -1.57 104.77 1.91
C ALA W 144 -1.11 106.22 1.89
N LEU W 145 0.13 106.48 2.32
CA LEU W 145 0.65 107.84 2.34
C LEU W 145 0.92 108.35 0.92
N TYR W 146 1.41 107.49 0.03
CA TYR W 146 1.70 107.91 -1.33
C TYR W 146 0.42 108.13 -2.14
N TYR W 147 -0.54 107.20 -2.05
CA TYR W 147 -1.74 107.34 -2.85
C TYR W 147 -2.79 108.25 -2.22
N TRP W 148 -2.60 108.65 -0.96
CA TRP W 148 -3.40 109.74 -0.42
C TRP W 148 -2.90 111.08 -0.93
N LEU W 149 -1.59 111.23 -1.12
CA LEU W 149 -0.99 112.46 -1.62
C LEU W 149 -0.86 112.47 -3.14
N ASP W 150 -1.55 111.58 -3.84
CA ASP W 150 -1.44 111.53 -5.29
C ASP W 150 -2.21 112.69 -5.93
N ASP W 151 -3.34 113.10 -5.34
CA ASP W 151 -4.13 114.17 -5.95
C ASP W 151 -3.59 115.56 -5.61
N LYS W 152 -2.81 115.68 -4.53
CA LYS W 152 -2.14 116.95 -4.20
C LYS W 152 -0.65 116.80 -4.48
N LYS W 153 -0.20 117.36 -5.60
CA LYS W 153 1.19 117.31 -5.99
C LYS W 153 1.80 118.71 -5.95
N MET W 154 3.08 118.78 -5.59
CA MET W 154 3.81 120.04 -5.55
C MET W 154 4.00 120.59 -6.97
N TYR W 155 3.93 121.91 -7.09
CA TYR W 155 4.06 122.55 -8.39
C TYR W 155 4.63 123.95 -8.23
N ARG W 156 5.50 124.32 -9.16
CA ARG W 156 6.03 125.67 -9.21
C ARG W 156 4.96 126.63 -9.73
N PRO W 157 5.06 127.93 -9.41
CA PRO W 157 4.11 128.90 -9.98
C PRO W 157 4.29 129.12 -11.48
N VAL W 158 3.83 128.17 -12.28
CA VAL W 158 3.92 128.23 -13.73
C VAL W 158 2.53 127.96 -14.29
N ALA W 159 2.03 128.87 -15.14
CA ALA W 159 0.70 128.74 -15.71
C ALA W 159 0.54 127.53 -16.62
N ALA W 160 1.21 127.53 -17.78
CA ALA W 160 1.04 126.50 -18.78
C ALA W 160 2.17 126.59 -19.79
N LYS W 161 2.65 125.43 -20.23
CA LYS W 161 3.66 125.37 -21.29
C LYS W 161 3.04 125.81 -22.62
N GLN W 162 3.78 126.62 -23.37
CA GLN W 162 3.27 127.31 -24.55
C GLN W 162 3.78 126.62 -25.81
N TYR W 163 2.86 126.31 -26.72
CA TYR W 163 3.20 125.63 -27.96
C TYR W 163 2.46 126.25 -29.14
N PRO W 164 3.09 126.28 -30.32
CA PRO W 164 2.45 126.89 -31.51
C PRO W 164 1.57 125.93 -32.32
N SER W 165 0.40 125.61 -31.78
CA SER W 165 -0.62 125.00 -32.61
C SER W 165 -1.21 126.08 -33.53
N PRO W 166 -1.70 125.71 -34.71
CA PRO W 166 -2.24 126.73 -35.63
C PRO W 166 -3.54 127.34 -35.12
N GLY W 167 -3.48 128.64 -34.83
CA GLY W 167 -4.63 129.38 -34.37
C GLY W 167 -4.68 129.67 -32.89
N VAL W 168 -3.53 129.86 -32.23
CA VAL W 168 -3.54 130.19 -30.81
C VAL W 168 -3.97 131.65 -30.59
N LYS W 169 -3.46 132.57 -31.43
CA LYS W 169 -3.52 134.03 -31.23
C LYS W 169 -3.03 134.42 -29.83
N HIS W 170 -1.91 133.84 -29.41
CA HIS W 170 -1.46 134.01 -28.03
C HIS W 170 -0.55 135.21 -27.90
N TYR W 171 -0.71 135.96 -26.81
CA TYR W 171 -0.08 137.26 -26.64
C TYR W 171 0.96 137.22 -25.54
N THR W 172 1.93 138.13 -25.62
CA THR W 172 2.93 138.32 -24.58
C THR W 172 2.47 139.44 -23.65
N PHE W 173 3.36 139.87 -22.75
CA PHE W 173 3.04 140.94 -21.81
C PHE W 173 3.79 142.24 -22.13
N GLU W 174 4.28 142.39 -23.36
CA GLU W 174 5.01 143.59 -23.73
C GLU W 174 4.06 144.70 -24.18
N PRO X 8 55.33 88.81 10.96
CA PRO X 8 55.89 88.31 12.22
C PRO X 8 57.42 88.29 12.22
N TYR X 9 58.03 88.98 11.24
CA TYR X 9 59.48 88.91 11.08
C TYR X 9 60.21 89.68 12.18
N THR X 10 59.68 90.82 12.59
CA THR X 10 60.29 91.66 13.61
C THR X 10 59.31 91.81 14.77
N VAL X 11 59.33 90.84 15.69
CA VAL X 11 58.48 90.88 16.87
C VAL X 11 59.09 91.87 17.86
N PRO X 12 58.28 92.65 18.58
CA PRO X 12 58.82 93.56 19.58
C PRO X 12 58.95 92.87 20.94
N HIS X 13 59.62 93.57 21.86
CA HIS X 13 59.73 93.11 23.23
C HIS X 13 58.46 93.42 24.01
N ALA X 14 58.38 92.88 25.22
CA ALA X 14 57.27 93.18 26.10
C ALA X 14 57.45 94.48 26.85
N SER X 15 58.67 95.04 26.87
CA SER X 15 58.96 96.25 27.63
C SER X 15 58.78 97.53 26.81
N THR X 16 58.54 97.41 25.50
CA THR X 16 58.35 98.59 24.66
C THR X 16 56.92 99.08 24.63
N TYR X 17 56.00 98.38 25.28
CA TYR X 17 54.59 98.77 25.33
C TYR X 17 54.27 99.29 26.72
N LYS X 18 53.83 100.54 26.80
CA LYS X 18 53.48 101.17 28.06
C LYS X 18 52.09 101.79 27.95
N VAL X 19 51.29 101.60 29.00
CA VAL X 19 49.89 102.05 28.98
C VAL X 19 49.82 103.57 29.03
N GLU X 20 50.71 104.21 29.79
CA GLU X 20 50.65 105.64 30.06
C GLU X 20 51.02 106.52 28.87
N SER X 21 51.53 105.94 27.78
CA SER X 21 51.86 106.75 26.61
C SER X 21 50.61 107.17 25.84
N VAL X 22 49.66 106.26 25.68
CA VAL X 22 48.46 106.51 24.88
C VAL X 22 47.43 107.19 25.78
N PRO X 23 46.90 108.36 25.41
CA PRO X 23 45.93 109.05 26.27
C PRO X 23 44.57 108.37 26.36
N GLN X 24 44.16 107.61 25.33
CA GLN X 24 42.87 106.91 25.39
C GLN X 24 42.91 105.78 26.41
N LEU X 25 44.02 105.05 26.48
CA LEU X 25 44.18 104.03 27.50
C LEU X 25 44.29 104.65 28.89
N VAL X 26 44.89 105.84 28.98
CA VAL X 26 44.97 106.58 30.24
C VAL X 26 43.58 106.97 30.73
N GLU X 27 42.75 107.49 29.82
CA GLU X 27 41.42 107.93 30.25
C GLU X 27 40.48 106.75 30.52
N VAL X 28 40.63 105.63 29.81
CA VAL X 28 39.78 104.49 30.14
C VAL X 28 40.26 103.79 31.42
N LYS X 29 41.56 103.88 31.73
CA LYS X 29 42.04 103.37 33.00
C LYS X 29 41.62 104.27 34.16
N GLU X 30 41.56 105.58 33.93
CA GLU X 30 41.07 106.51 34.95
C GLU X 30 39.58 106.32 35.19
N ALA X 31 38.81 106.07 34.13
CA ALA X 31 37.39 105.76 34.27
C ALA X 31 37.17 104.45 35.00
N LEU X 32 37.99 103.43 34.71
CA LEU X 32 37.87 102.16 35.43
C LEU X 32 38.31 102.28 36.89
N GLY X 33 39.31 103.12 37.17
CA GLY X 33 39.69 103.42 38.54
C GLY X 33 38.62 104.17 39.31
N ARG X 34 37.87 105.05 38.64
CA ARG X 34 36.67 105.63 39.25
C ARG X 34 35.60 104.56 39.50
N GLN X 35 35.48 103.59 38.57
CA GLN X 35 34.55 102.50 38.78
C GLN X 35 35.05 101.53 39.86
N GLY X 36 36.35 101.49 40.08
CA GLY X 36 36.93 100.58 41.04
C GLY X 36 37.40 99.26 40.48
N LEU X 37 37.53 99.15 39.17
CA LEU X 37 37.93 97.92 38.50
C LEU X 37 39.18 98.17 37.67
N LYS X 38 39.83 97.09 37.24
CA LYS X 38 41.05 97.19 36.44
C LYS X 38 40.93 96.28 35.22
N ASP X 39 41.57 96.69 34.12
CA ASP X 39 41.58 95.91 32.90
C ASP X 39 42.96 95.26 32.72
N PRO X 40 43.02 93.94 32.55
CA PRO X 40 44.34 93.30 32.39
C PRO X 40 44.92 93.42 30.99
N TRP X 41 44.07 93.43 29.96
CA TRP X 41 44.52 93.42 28.57
C TRP X 41 44.74 94.82 28.01
N LEU X 42 44.96 95.82 28.85
CA LEU X 42 45.04 97.20 28.37
C LEU X 42 46.40 97.49 27.76
N ARG X 43 47.39 96.65 28.05
CA ARG X 43 48.73 96.85 27.51
C ARG X 43 48.84 96.21 26.12
N ASN X 44 47.82 95.47 25.72
CA ASN X 44 47.87 94.79 24.41
C ASN X 44 47.64 95.78 23.26
N GLU X 45 46.92 96.86 23.51
CA GLU X 45 46.59 97.80 22.44
C GLU X 45 47.46 99.06 22.48
N VAL X 46 48.73 98.90 22.87
CA VAL X 46 49.64 100.04 22.90
C VAL X 46 50.21 100.33 21.50
N TRP X 47 50.37 99.29 20.67
CA TRP X 47 50.95 99.49 19.35
C TRP X 47 50.01 100.23 18.41
N ARG X 48 48.71 100.00 18.52
CA ARG X 48 47.78 100.91 17.88
C ARG X 48 47.59 102.14 18.76
N TYR X 49 47.03 103.20 18.17
CA TYR X 49 47.04 104.58 18.67
C TYR X 49 48.45 105.14 18.88
N GLU X 50 49.42 104.65 18.11
CA GLU X 50 50.80 105.13 18.23
C GLU X 50 51.00 106.37 17.36
N PRO X 51 51.48 107.48 17.92
CA PRO X 51 51.51 108.74 17.16
C PRO X 51 52.65 108.86 16.16
N LYS X 52 53.64 107.97 16.19
CA LYS X 52 54.80 108.12 15.29
C LYS X 52 54.57 107.42 13.96
N ALA X 53 54.36 106.10 13.99
CA ALA X 53 54.12 105.35 12.75
C ALA X 53 52.71 105.61 12.22
N PHE X 54 51.70 105.29 13.02
CA PHE X 54 50.33 105.65 12.68
C PHE X 54 50.11 107.14 12.93
N GLY X 55 49.08 107.68 12.28
CA GLY X 55 48.74 109.07 12.49
C GLY X 55 47.69 109.24 13.57
N THR X 56 47.45 110.50 13.93
CA THR X 56 46.37 110.83 14.85
C THR X 56 45.05 110.91 14.08
N HIS X 57 43.97 111.20 14.80
CA HIS X 57 42.67 111.32 14.15
C HIS X 57 42.56 112.62 13.36
N ARG X 58 43.10 113.71 13.89
CA ARG X 58 42.97 115.00 13.23
C ARG X 58 43.90 115.13 12.03
N SER X 59 45.09 114.52 12.11
CA SER X 59 46.04 114.61 11.00
C SER X 59 45.63 113.71 9.84
N ARG X 60 45.00 112.57 10.13
CA ARG X 60 44.58 111.65 9.07
C ARG X 60 43.43 112.24 8.26
N LEU X 61 42.49 112.93 8.91
CA LEU X 61 41.40 113.59 8.22
C LEU X 61 41.90 114.74 7.35
N ASN X 62 42.89 115.50 7.84
CA ASN X 62 43.44 116.60 7.07
C ASN X 62 44.28 116.11 5.90
N THR X 63 44.99 115.00 6.06
CA THR X 63 45.71 114.42 4.94
C THR X 63 44.82 113.61 4.02
N PHE X 64 43.58 113.31 4.43
CA PHE X 64 42.64 112.61 3.57
C PHE X 64 41.81 113.56 2.71
N LEU X 65 41.06 114.47 3.35
CA LEU X 65 40.14 115.33 2.59
C LEU X 65 40.91 116.40 1.83
N PHE X 66 41.86 117.06 2.47
CA PHE X 66 42.65 118.10 1.81
C PHE X 66 44.03 117.51 1.52
N ARG X 67 44.11 116.76 0.43
CA ARG X 67 45.35 116.14 -0.02
C ARG X 67 45.70 116.73 -1.38
N GLY X 68 46.91 117.27 -1.50
CA GLY X 68 47.33 117.88 -2.75
C GLY X 68 46.60 119.15 -3.12
N LEU X 69 45.99 119.83 -2.15
CA LEU X 69 45.24 121.04 -2.45
C LEU X 69 46.17 122.21 -2.77
N GLY X 70 47.37 122.22 -2.19
CA GLY X 70 48.38 123.18 -2.61
C GLY X 70 48.86 122.92 -4.02
N VAL X 71 48.99 121.65 -4.41
CA VAL X 71 49.34 121.29 -5.77
C VAL X 71 48.20 121.65 -6.72
N GLY X 72 46.95 121.44 -6.28
CA GLY X 72 45.80 121.82 -7.08
C GLY X 72 45.66 123.32 -7.23
N PHE X 73 45.94 124.07 -6.16
CA PHE X 73 45.92 125.53 -6.25
C PHE X 73 47.07 126.06 -7.11
N CYS X 74 48.23 125.40 -7.07
CA CYS X 74 49.35 125.80 -7.94
C CYS X 74 49.04 125.52 -9.40
N ALA X 75 48.40 124.39 -9.70
CA ALA X 75 47.97 124.11 -11.07
C ALA X 75 46.86 125.04 -11.52
N PHE X 76 45.98 125.45 -10.59
CA PHE X 76 44.96 126.43 -10.90
C PHE X 76 45.57 127.79 -11.24
N LEU X 77 46.57 128.22 -10.46
CA LEU X 77 47.27 129.47 -10.74
C LEU X 77 48.08 129.40 -12.03
N ALA X 78 48.62 128.22 -12.35
CA ALA X 78 49.30 128.01 -13.63
C ALA X 78 48.33 128.14 -14.80
N THR X 79 47.11 127.61 -14.65
CA THR X 79 46.12 127.75 -15.73
C THR X 79 45.59 129.17 -15.84
N VAL X 80 45.52 129.90 -14.71
CA VAL X 80 45.21 131.33 -14.76
C VAL X 80 46.31 132.09 -15.51
N ALA X 81 47.58 131.74 -15.25
CA ALA X 81 48.70 132.41 -15.89
C ALA X 81 48.77 132.12 -17.39
N VAL X 82 48.49 130.88 -17.81
CA VAL X 82 48.61 130.56 -19.23
C VAL X 82 47.33 130.92 -19.99
N GLU X 83 46.17 130.98 -19.32
CA GLU X 83 44.93 131.32 -20.00
C GLU X 83 44.81 132.81 -20.30
N TYR X 84 45.52 133.67 -19.57
CA TYR X 84 45.46 135.10 -19.84
C TYR X 84 46.22 135.46 -21.11
N ALA X 85 47.26 134.68 -21.46
CA ALA X 85 47.99 134.93 -22.69
C ALA X 85 47.19 134.51 -23.92
N LEU X 86 46.39 133.45 -23.81
CA LEU X 86 45.63 132.95 -24.95
C LEU X 86 44.35 133.76 -25.14
N GLY X 87 43.45 133.71 -24.17
CA GLY X 87 42.20 134.45 -24.25
C GLY X 87 41.89 135.26 -23.01
N ILE X 88 41.85 136.57 -23.14
CA ILE X 88 41.57 137.45 -22.01
C ILE X 88 40.08 137.49 -21.70
N PRO Y 68 51.07 84.38 4.50
CA PRO Y 68 52.44 84.81 4.71
C PRO Y 68 53.34 83.63 5.06
N PRO Y 69 54.59 83.92 5.40
CA PRO Y 69 55.57 82.89 5.77
C PRO Y 69 55.76 82.89 7.28
N LEU Y 70 55.64 81.71 7.88
CA LEU Y 70 55.74 81.56 9.32
C LEU Y 70 56.77 80.49 9.67
N SER Y 71 57.27 80.58 10.90
CA SER Y 71 58.11 79.54 11.48
C SER Y 71 57.70 79.36 12.93
N LEU Y 72 58.23 78.31 13.56
CA LEU Y 72 57.84 77.98 14.93
C LEU Y 72 58.37 78.98 15.94
N LYS Y 73 59.55 79.56 15.69
CA LYS Y 73 60.09 80.55 16.60
C LYS Y 73 59.31 81.86 16.57
N LEU Y 74 58.72 82.21 15.42
CA LEU Y 74 57.89 83.41 15.34
C LEU Y 74 56.58 83.22 16.10
N ILE Y 75 55.99 82.02 16.00
CA ILE Y 75 54.78 81.71 16.77
C ILE Y 75 55.09 81.70 18.27
N ASN Y 76 56.24 81.15 18.65
CA ASN Y 76 56.67 81.13 20.05
C ASN Y 76 56.89 82.55 20.58
N GLU Y 77 57.53 83.41 19.78
CA GLU Y 77 57.76 84.80 20.17
C GLU Y 77 56.46 85.58 20.28
N ARG Y 78 55.52 85.36 19.35
CA ARG Y 78 54.23 86.04 19.38
C ARG Y 78 53.40 85.62 20.60
N VAL Y 79 53.36 84.32 20.88
CA VAL Y 79 52.58 83.79 22.00
C VAL Y 79 53.16 84.27 23.33
N LEU Y 80 54.50 84.21 23.48
CA LEU Y 80 55.13 84.68 24.71
C LEU Y 80 55.04 86.20 24.85
N LEU Y 81 55.03 86.94 23.72
CA LEU Y 81 54.89 88.39 23.79
C LEU Y 81 53.50 88.80 24.26
N VAL Y 82 52.46 88.19 23.69
CA VAL Y 82 51.11 88.55 24.11
C VAL Y 82 50.77 87.95 25.48
N LEU Y 83 51.47 86.90 25.92
CA LEU Y 83 51.29 86.43 27.29
C LEU Y 83 52.00 87.33 28.29
N LYS Y 84 53.16 87.89 27.94
CA LYS Y 84 53.80 88.86 28.82
C LYS Y 84 53.07 90.20 28.82
N LEU Y 85 52.30 90.49 27.78
CA LEU Y 85 51.43 91.67 27.80
C LEU Y 85 50.20 91.50 28.69
N TYR Y 86 49.86 90.26 29.04
CA TYR Y 86 48.74 89.98 29.92
C TYR Y 86 49.13 90.34 31.36
N ASP Y 87 48.25 91.04 32.07
CA ASP Y 87 48.57 91.57 33.38
C ASP Y 87 48.18 90.65 34.53
N LYS Y 88 47.19 89.78 34.35
CA LYS Y 88 46.81 88.81 35.37
C LYS Y 88 47.88 87.74 35.60
N ILE Y 89 48.70 87.46 34.61
CA ILE Y 89 49.88 86.62 34.76
C ILE Y 89 51.08 87.55 34.98
N ASP Y 90 51.97 87.14 35.87
CA ASP Y 90 53.22 87.87 36.03
C ASP Y 90 54.15 87.58 34.86
N PRO Y 91 54.96 88.55 34.43
CA PRO Y 91 55.94 88.28 33.36
C PRO Y 91 57.00 87.26 33.75
N SER Y 92 57.40 87.22 35.02
CA SER Y 92 58.25 86.16 35.50
C SER Y 92 57.43 84.89 35.71
N LYS Y 93 58.16 83.77 35.89
CA LYS Y 93 57.59 82.42 36.14
C LYS Y 93 56.65 81.99 35.01
N LEU Y 94 56.99 82.36 33.77
CA LEU Y 94 56.20 82.01 32.61
C LEU Y 94 57.06 81.16 31.68
N ASN Y 95 56.57 79.98 31.35
CA ASN Y 95 57.31 79.03 30.52
C ASN Y 95 56.31 78.36 29.59
N VAL Y 96 56.83 77.75 28.53
CA VAL Y 96 55.97 77.05 27.56
C VAL Y 96 55.39 75.78 28.16
N GLU Y 97 56.07 75.21 29.17
CA GLU Y 97 55.58 73.98 29.78
C GLU Y 97 54.69 74.27 30.99
N SER Y 98 54.50 75.55 31.31
CA SER Y 98 53.72 75.94 32.48
C SER Y 98 52.22 75.73 32.25
N HIS Y 99 51.56 75.10 33.22
CA HIS Y 99 50.13 74.85 33.12
C HIS Y 99 49.35 76.13 33.43
N PHE Y 100 48.24 76.33 32.73
CA PHE Y 100 47.46 77.55 32.89
C PHE Y 100 46.58 77.55 34.12
N ILE Y 101 46.28 76.39 34.69
CA ILE Y 101 45.27 76.30 35.74
C ILE Y 101 45.90 76.37 37.13
N ASN Y 102 46.75 75.39 37.46
CA ASN Y 102 47.27 75.26 38.81
C ASN Y 102 48.64 75.90 39.01
N ASP Y 103 49.41 76.03 37.93
CA ASP Y 103 50.78 76.63 38.02
C ASP Y 103 50.66 78.16 38.08
N LEU Y 104 49.62 78.71 37.46
CA LEU Y 104 49.37 80.15 37.45
C LEU Y 104 48.10 80.48 38.21
N GLY Y 105 47.86 81.78 38.39
CA GLY Y 105 46.73 82.26 39.14
C GLY Y 105 45.45 82.46 38.36
N LEU Y 106 45.43 82.08 37.08
CA LEU Y 106 44.23 82.27 36.25
C LEU Y 106 43.16 81.25 36.61
N ASP Y 107 41.92 81.72 36.63
CA ASP Y 107 40.77 80.87 36.93
C ASP Y 107 40.20 80.27 35.63
N SER Y 108 38.99 79.73 35.71
CA SER Y 108 38.35 79.13 34.55
C SER Y 108 37.97 80.18 33.50
N LEU Y 109 37.58 81.37 33.96
CA LEU Y 109 37.12 82.42 33.05
C LEU Y 109 38.25 83.17 32.37
N ASP Y 110 39.43 83.22 32.97
CA ASP Y 110 40.56 83.91 32.36
C ASP Y 110 41.15 83.11 31.20
N HIS Y 111 40.96 81.79 31.19
CA HIS Y 111 41.38 80.97 30.06
C HIS Y 111 40.60 81.30 28.80
N VAL Y 112 39.35 81.73 28.94
CA VAL Y 112 38.56 82.21 27.80
C VAL Y 112 39.16 83.48 27.24
N GLU Y 113 39.67 84.35 28.11
CA GLU Y 113 40.33 85.57 27.66
C GLU Y 113 41.65 85.27 26.96
N VAL Y 114 42.39 84.27 27.44
CA VAL Y 114 43.63 83.86 26.78
C VAL Y 114 43.34 83.25 25.41
N ILE Y 115 42.32 82.40 25.31
CA ILE Y 115 41.93 81.78 24.05
C ILE Y 115 41.42 82.83 23.06
N MET Y 116 40.63 83.80 23.54
CA MET Y 116 40.15 84.87 22.66
C MET Y 116 41.27 85.80 22.23
N ALA Y 117 42.29 86.01 23.08
CA ALA Y 117 43.46 86.77 22.66
C ALA Y 117 44.23 86.03 21.58
N MET Y 118 44.29 84.69 21.68
CA MET Y 118 44.87 83.88 20.61
C MET Y 118 44.08 84.02 19.32
N GLU Y 119 42.74 84.09 19.44
CA GLU Y 119 41.87 84.23 18.28
C GLU Y 119 42.05 85.58 17.59
N ASP Y 120 42.05 86.68 18.36
CA ASP Y 120 42.24 87.98 17.74
C ASP Y 120 43.68 88.24 17.30
N GLU Y 121 44.65 87.48 17.80
CA GLU Y 121 45.98 87.61 17.23
C GLU Y 121 46.14 86.81 15.94
N PHE Y 122 45.85 85.51 15.98
CA PHE Y 122 46.19 84.64 14.87
C PHE Y 122 45.11 84.56 13.80
N GLY Y 123 43.97 85.22 14.00
CA GLY Y 123 43.00 85.42 12.94
C GLY Y 123 42.00 84.31 12.73
N PHE Y 124 42.01 83.27 13.55
CA PHE Y 124 41.01 82.20 13.46
C PHE Y 124 40.39 81.96 14.83
N GLU Y 125 39.12 81.59 14.82
CA GLU Y 125 38.43 81.33 16.08
C GLU Y 125 38.63 79.87 16.51
N ILE Y 126 38.60 79.66 17.81
CA ILE Y 126 38.93 78.39 18.44
C ILE Y 126 37.68 77.85 19.11
N PRO Y 127 37.30 76.59 18.87
CA PRO Y 127 36.09 76.04 19.49
C PRO Y 127 36.27 75.79 20.99
N ASP Y 128 35.16 75.39 21.61
CA ASP Y 128 35.13 75.24 23.07
C ASP Y 128 35.88 74.00 23.53
N SER Y 129 35.73 72.88 22.80
CA SER Y 129 36.42 71.65 23.21
C SER Y 129 37.91 71.73 22.92
N ASP Y 130 38.29 72.44 21.86
CA ASP Y 130 39.70 72.74 21.63
C ASP Y 130 40.24 73.71 22.67
N ALA Y 131 39.39 74.59 23.21
CA ALA Y 131 39.81 75.43 24.32
C ALA Y 131 40.00 74.61 25.60
N GLU Y 132 39.20 73.56 25.79
CA GLU Y 132 39.45 72.66 26.92
C GLU Y 132 40.70 71.81 26.69
N LYS Y 133 41.03 71.53 25.43
CA LYS Y 133 42.19 70.69 25.13
C LYS Y 133 43.50 71.42 25.40
N LEU Y 134 43.50 72.74 25.33
CA LEU Y 134 44.72 73.52 25.45
C LEU Y 134 44.90 74.00 26.88
N LEU Y 135 46.05 73.66 27.48
CA LEU Y 135 46.30 73.97 28.89
C LEU Y 135 47.66 74.59 29.15
N LYS Y 136 48.53 74.70 28.16
CA LYS Y 136 49.88 75.24 28.32
C LYS Y 136 50.21 76.01 27.05
N PRO Y 137 51.20 76.90 27.10
CA PRO Y 137 51.66 77.55 25.84
C PRO Y 137 52.26 76.60 24.81
N ALA Y 138 52.74 75.42 25.21
CA ALA Y 138 53.37 74.49 24.26
C ALA Y 138 52.33 73.92 23.28
N ASP Y 139 51.20 73.45 23.79
CA ASP Y 139 50.19 72.99 22.86
C ASP Y 139 49.39 74.12 22.24
N ILE Y 140 49.48 75.35 22.78
CA ILE Y 140 49.00 76.54 22.07
C ILE Y 140 49.81 76.74 20.79
N ILE Y 141 51.14 76.63 20.90
CA ILE Y 141 52.03 76.76 19.75
C ILE Y 141 51.79 75.60 18.78
N LYS Y 142 51.55 74.41 19.32
CA LYS Y 142 51.24 73.25 18.48
C LYS Y 142 49.89 73.40 17.77
N TYR Y 143 48.92 74.02 18.44
CA TYR Y 143 47.60 74.21 17.85
C TYR Y 143 47.61 75.29 16.77
N VAL Y 144 48.37 76.36 16.99
CA VAL Y 144 48.51 77.40 15.97
C VAL Y 144 49.29 76.87 14.77
N ALA Y 145 50.32 76.06 15.04
CA ALA Y 145 51.15 75.51 13.96
C ALA Y 145 50.42 74.45 13.17
N ASP Y 146 49.35 73.87 13.73
CA ASP Y 146 48.56 72.90 12.98
C ASP Y 146 47.72 73.57 11.91
N LYS Y 147 47.06 74.68 12.25
CA LYS Y 147 46.21 75.35 11.27
C LYS Y 147 47.03 76.15 10.27
N GLU Y 148 48.14 76.74 10.72
CA GLU Y 148 48.98 77.51 9.82
C GLU Y 148 49.87 76.59 8.98
N ASP Y 149 49.96 75.32 9.38
CA ASP Y 149 50.59 74.21 8.66
C ASP Y 149 52.08 74.48 8.40
N VAL Y 150 52.79 75.01 9.41
CA VAL Y 150 54.21 75.28 9.23
C VAL Y 150 55.01 73.98 9.28
N TYR Y 151 55.00 73.32 10.44
CA TYR Y 151 55.63 72.02 10.71
C TYR Y 151 57.15 72.03 10.47
N GLU Y 152 57.77 73.19 10.68
CA GLU Y 152 59.23 73.26 10.74
C GLU Y 152 59.68 74.07 11.95
N SER Z 2 -17.11 62.90 -64.87
CA SER Z 2 -18.18 62.04 -64.37
C SER Z 2 -19.05 62.79 -63.38
N ALA Z 3 -20.27 63.13 -63.80
CA ALA Z 3 -21.21 63.86 -62.96
C ALA Z 3 -22.02 62.96 -62.05
N VAL Z 4 -21.89 61.64 -62.18
CA VAL Z 4 -22.56 60.68 -61.30
C VAL Z 4 -21.54 59.62 -60.89
N ASN Z 5 -21.77 59.05 -59.70
CA ASN Z 5 -20.95 57.96 -59.19
C ASN Z 5 -21.66 56.61 -59.37
N ASP Z 6 -21.59 56.09 -60.58
CA ASP Z 6 -22.17 54.79 -60.89
C ASP Z 6 -21.32 53.69 -60.29
N PRO Z 7 -21.89 52.77 -59.50
CA PRO Z 7 -21.11 51.63 -58.98
C PRO Z 7 -20.57 50.71 -60.05
N LEU Z 8 -21.26 50.57 -61.18
CA LEU Z 8 -20.70 49.83 -62.32
C LEU Z 8 -19.45 50.51 -62.87
N GLU Z 9 -19.49 51.84 -62.99
CA GLU Z 9 -18.30 52.57 -63.42
C GLU Z 9 -17.25 52.65 -62.33
N LEU Z 10 -17.65 52.49 -61.06
CA LEU Z 10 -16.69 52.48 -59.96
C LEU Z 10 -15.95 51.16 -59.87
N LEU Z 11 -16.61 50.05 -60.20
CA LEU Z 11 -16.01 48.73 -60.03
C LEU Z 11 -15.34 48.18 -61.28
N THR Z 12 -15.63 48.71 -62.47
CA THR Z 12 -15.09 48.14 -63.70
C THR Z 12 -13.65 48.57 -63.90
N ASN Z 13 -12.75 47.60 -63.99
CA ASN Z 13 -11.32 47.86 -64.17
C ASN Z 13 -11.09 48.36 -65.59
N LYS Z 14 -10.88 49.67 -65.72
CA LYS Z 14 -10.66 50.25 -67.05
C LYS Z 14 -9.26 49.95 -67.57
N GLY Z 15 -8.30 49.74 -66.68
CA GLY Z 15 -6.92 49.48 -67.07
C GLY Z 15 -5.97 50.64 -66.90
N THR Z 16 -6.39 51.72 -66.25
CA THR Z 16 -5.52 52.87 -66.05
C THR Z 16 -4.60 52.71 -64.84
N HIS Z 17 -4.78 51.65 -64.04
CA HIS Z 17 -3.94 51.39 -62.87
C HIS Z 17 -2.82 50.44 -63.28
N GLU Z 18 -1.65 51.01 -63.55
CA GLU Z 18 -0.48 50.18 -63.86
C GLU Z 18 0.04 49.53 -62.59
N PRO Z 19 0.29 48.22 -62.59
CA PRO Z 19 0.86 47.58 -61.40
C PRO Z 19 2.31 47.99 -61.19
N SER Z 20 2.75 47.86 -59.94
CA SER Z 20 4.07 48.34 -59.53
C SER Z 20 5.16 47.37 -59.99
N PHE Z 21 6.41 47.76 -59.75
CA PHE Z 21 7.55 46.91 -60.10
C PHE Z 21 7.61 45.69 -59.19
N LEU Z 22 7.26 45.86 -57.92
CA LEU Z 22 7.27 44.75 -56.98
C LEU Z 22 6.01 43.91 -57.03
N SER Z 23 5.00 44.32 -57.81
CA SER Z 23 3.71 43.62 -57.83
C SER Z 23 3.76 42.17 -58.32
N PRO Z 24 4.44 41.79 -59.42
CA PRO Z 24 4.51 40.35 -59.72
C PRO Z 24 5.64 39.61 -59.02
N ILE Z 25 6.58 40.30 -58.39
CA ILE Z 25 7.82 39.67 -57.94
C ILE Z 25 8.00 39.68 -56.42
N TRP Z 26 7.16 40.39 -55.66
CA TRP Z 26 7.45 40.58 -54.24
C TRP Z 26 7.22 39.32 -53.41
N ASN Z 27 6.09 38.64 -53.63
CA ASN Z 27 5.81 37.40 -52.91
C ASN Z 27 6.82 36.26 -53.16
N PRO Z 28 7.28 35.94 -54.38
CA PRO Z 28 8.31 34.89 -54.47
C PRO Z 28 9.65 35.26 -53.87
N ILE Z 29 10.08 36.52 -53.94
CA ILE Z 29 11.37 36.86 -53.35
C ILE Z 29 11.27 36.92 -51.82
N ALA Z 30 10.11 37.31 -51.29
CA ALA Z 30 9.95 37.33 -49.84
C ALA Z 30 9.83 35.91 -49.29
N CYS Z 31 9.16 35.02 -50.02
CA CYS Z 31 9.08 33.63 -49.58
C CYS Z 31 10.42 32.91 -49.76
N GLY Z 32 11.20 33.28 -50.78
CA GLY Z 32 12.53 32.72 -50.92
C GLY Z 32 13.49 33.20 -49.84
N VAL Z 33 13.40 34.48 -49.45
CA VAL Z 33 14.18 35.01 -48.35
C VAL Z 33 13.75 34.35 -47.04
N ALA Z 34 12.45 34.09 -46.87
CA ALA Z 34 11.96 33.36 -45.70
C ALA Z 34 12.46 31.93 -45.66
N GLY Z 35 12.51 31.25 -46.81
CA GLY Z 35 13.05 29.89 -46.83
C GLY Z 35 14.54 29.83 -46.56
N VAL Z 36 15.31 30.78 -47.13
CA VAL Z 36 16.75 30.85 -46.88
C VAL Z 36 17.03 31.18 -45.42
N GLY Z 37 16.26 32.11 -44.85
CA GLY Z 37 16.39 32.41 -43.43
C GLY Z 37 15.96 31.28 -42.52
N ALA Z 38 14.97 30.49 -42.94
CA ALA Z 38 14.57 29.31 -42.18
C ALA Z 38 15.66 28.24 -42.17
N ALA Z 39 16.30 28.03 -43.33
CA ALA Z 39 17.41 27.07 -43.38
C ALA Z 39 18.63 27.58 -42.61
N ILE Z 40 18.87 28.89 -42.64
CA ILE Z 40 19.91 29.52 -41.83
C ILE Z 40 19.62 29.35 -40.34
N PHE Z 41 18.35 29.49 -39.96
CA PHE Z 41 17.94 29.37 -38.57
C PHE Z 41 18.03 27.93 -38.08
N ILE Z 42 17.75 26.98 -38.97
CA ILE Z 42 17.95 25.55 -38.70
C ILE Z 42 19.43 25.25 -38.48
N ASN Z 43 20.30 25.77 -39.36
CA ASN Z 43 21.74 25.54 -39.22
C ASN Z 43 22.32 26.23 -38.00
N TRP Z 44 21.72 27.35 -37.58
CA TRP Z 44 22.18 28.04 -36.39
C TRP Z 44 21.76 27.29 -35.12
N GLY Z 45 20.55 26.72 -35.11
CA GLY Z 45 20.11 26.00 -33.92
C GLY Z 45 20.75 24.64 -33.73
N PHE Z 46 21.26 24.04 -34.79
CA PHE Z 46 21.97 22.77 -34.70
C PHE Z 46 23.46 22.96 -34.53
N ARG Z 47 23.90 24.20 -34.27
CA ARG Z 47 25.30 24.59 -34.07
C ARG Z 47 26.18 24.22 -35.26
N LYS Z 48 25.65 24.41 -36.46
CA LYS Z 48 26.42 24.32 -37.69
C LYS Z 48 26.88 25.71 -38.09
N PRO Z 49 27.77 25.83 -39.08
CA PRO Z 49 27.93 27.11 -39.76
C PRO Z 49 26.65 27.51 -40.49
N VAL Z 50 26.46 28.82 -40.62
CA VAL Z 50 25.23 29.38 -41.17
C VAL Z 50 25.07 28.99 -42.64
N PHE Z 51 26.14 29.10 -43.42
CA PHE Z 51 26.14 28.72 -44.82
C PHE Z 51 26.82 27.38 -45.04
N SER Z 52 26.64 26.44 -44.12
CA SER Z 52 27.26 25.12 -44.26
C SER Z 52 26.52 24.29 -45.31
N GLY Z 53 25.28 23.93 -45.03
CA GLY Z 53 24.53 23.12 -45.97
C GLY Z 53 23.75 23.96 -46.95
N ILE Z 54 24.31 24.20 -48.15
CA ILE Z 54 23.62 25.01 -49.14
C ILE Z 54 22.61 24.22 -49.95
N GLN Z 55 22.59 22.88 -49.80
CA GLN Z 55 21.52 22.09 -50.41
C GLN Z 55 20.18 22.42 -49.78
N LYS Z 56 20.15 22.56 -48.45
CA LYS Z 56 18.93 22.98 -47.74
C LYS Z 56 18.54 24.40 -48.11
N HIS Z 57 19.54 25.28 -48.30
CA HIS Z 57 19.29 26.67 -48.68
C HIS Z 57 18.66 26.75 -50.07
N ILE Z 58 19.20 25.98 -51.02
CA ILE Z 58 18.71 25.98 -52.39
C ILE Z 58 17.32 25.34 -52.48
N ALA Z 59 17.12 24.24 -51.76
CA ALA Z 59 15.81 23.57 -51.74
C ALA Z 59 14.74 24.43 -51.09
N PHE Z 60 15.08 25.10 -49.97
CA PHE Z 60 14.12 25.95 -49.29
C PHE Z 60 13.80 27.19 -50.11
N GLY Z 61 14.81 27.75 -50.81
CA GLY Z 61 14.55 28.87 -51.69
C GLY Z 61 13.69 28.51 -52.89
N ALA Z 62 13.93 27.34 -53.48
CA ALA Z 62 13.12 26.90 -54.62
C ALA Z 62 11.68 26.60 -54.20
N ILE Z 63 11.51 25.99 -53.01
CA ILE Z 63 10.18 25.75 -52.45
C ILE Z 63 9.46 27.07 -52.18
N GLY Z 64 10.19 28.05 -51.64
CA GLY Z 64 9.59 29.36 -51.38
C GLY Z 64 9.18 30.11 -52.63
N VAL Z 65 10.03 30.10 -53.67
CA VAL Z 65 9.70 30.79 -54.91
C VAL Z 65 8.53 30.12 -55.63
N GLY Z 66 8.51 28.78 -55.66
CA GLY Z 66 7.40 28.06 -56.28
C GLY Z 66 6.08 28.25 -55.55
N ALA Z 67 6.10 28.17 -54.21
CA ALA Z 67 4.89 28.40 -53.42
C ALA Z 67 4.42 29.85 -53.52
N GLY Z 68 5.36 30.80 -53.57
CA GLY Z 68 5.00 32.19 -53.72
C GLY Z 68 4.34 32.51 -55.04
N ALA Z 69 4.89 31.96 -56.14
CA ALA Z 69 4.29 32.16 -57.45
C ALA Z 69 2.93 31.49 -57.56
N TYR Z 70 2.78 30.27 -57.03
CA TYR Z 70 1.52 29.54 -57.11
C TYR Z 70 0.44 30.22 -56.28
N PHE Z 71 0.76 30.63 -55.06
CA PHE Z 71 -0.24 31.29 -54.23
C PHE Z 71 -0.49 32.74 -54.65
N ASP Z 72 0.46 33.38 -55.34
CA ASP Z 72 0.18 34.69 -55.93
C ASP Z 72 -0.80 34.57 -57.09
N GLN Z 73 -0.67 33.52 -57.91
CA GLN Z 73 -1.64 33.26 -58.96
C GLN Z 73 -3.03 32.95 -58.39
N LYS Z 74 -3.06 32.13 -57.33
CA LYS Z 74 -4.34 31.81 -56.68
C LYS Z 74 -4.97 33.05 -56.04
N ARG Z 75 -4.13 33.93 -55.50
CA ARG Z 75 -4.58 35.23 -54.98
C ARG Z 75 -5.18 36.09 -56.08
N ASN Z 76 -4.55 36.12 -57.25
CA ASN Z 76 -5.04 36.96 -58.35
C ASN Z 76 -6.39 36.47 -58.88
N GLU Z 77 -6.54 35.15 -59.07
CA GLU Z 77 -7.86 34.65 -59.45
C GLU Z 77 -8.90 34.79 -58.34
N TYR Z 78 -8.50 34.73 -57.07
CA TYR Z 78 -9.43 34.97 -55.97
C TYR Z 78 -9.94 36.40 -55.96
N LEU Z 79 -9.06 37.38 -56.20
CA LEU Z 79 -9.48 38.77 -56.21
C LEU Z 79 -10.32 39.09 -57.44
N ALA Z 80 -9.99 38.46 -58.58
CA ALA Z 80 -10.81 38.61 -59.78
C ALA Z 80 -12.22 38.06 -59.58
N LYS Z 81 -12.33 36.89 -58.93
CA LYS Z 81 -13.65 36.33 -58.66
C LYS Z 81 -14.41 37.14 -57.61
N ARG Z 82 -13.70 37.74 -56.65
CA ARG Z 82 -14.35 38.60 -55.66
C ARG Z 82 -14.96 39.84 -56.31
N ASP Z 83 -14.20 40.51 -57.19
CA ASP Z 83 -14.76 41.69 -57.86
C ASP Z 83 -15.84 41.31 -58.87
N ALA Z 84 -15.75 40.11 -59.47
CA ALA Z 84 -16.84 39.64 -60.33
C ALA Z 84 -18.12 39.38 -59.53
N VAL Z 85 -17.98 38.83 -58.32
CA VAL Z 85 -19.12 38.62 -57.43
C VAL Z 85 -19.77 39.94 -57.02
N LEU Z 86 -18.93 40.94 -56.68
CA LEU Z 86 -19.45 42.25 -56.28
C LEU Z 86 -20.16 42.94 -57.44
N ARG Z 87 -19.58 42.87 -58.65
CA ARG Z 87 -20.20 43.47 -59.83
C ARG Z 87 -21.52 42.78 -60.19
N HIS Z 88 -21.55 41.44 -60.13
CA HIS Z 88 -22.78 40.72 -60.44
C HIS Z 88 -23.87 40.95 -59.40
N TYR Z 89 -23.49 41.13 -58.13
CA TYR Z 89 -24.49 41.45 -57.12
C TYR Z 89 -25.01 42.87 -57.27
N ILE Z 90 -24.19 43.80 -57.78
CA ILE Z 90 -24.70 45.15 -58.04
C ILE Z 90 -25.65 45.15 -59.24
N GLU Z 91 -25.32 44.44 -60.32
CA GLU Z 91 -26.26 44.35 -61.43
C GLU Z 91 -27.50 43.51 -61.12
N LEU Z 92 -27.44 42.62 -60.12
CA LEU Z 92 -28.62 41.83 -59.80
C LEU Z 92 -29.67 42.64 -59.04
N HIS Z 93 -29.24 43.59 -58.21
CA HIS Z 93 -30.16 44.43 -57.43
C HIS Z 93 -29.82 45.89 -57.66
N PRO Z 94 -30.31 46.48 -58.76
CA PRO Z 94 -30.01 47.89 -59.03
C PRO Z 94 -30.80 48.87 -58.19
N ASP Z 95 -31.87 48.42 -57.52
CA ASP Z 95 -32.68 49.34 -56.71
C ASP Z 95 -31.99 49.71 -55.41
N ASP Z 96 -31.29 48.76 -54.78
CA ASP Z 96 -30.60 49.03 -53.53
C ASP Z 96 -29.28 49.75 -53.71
N PHE Z 97 -28.73 49.75 -54.93
CA PHE Z 97 -27.50 50.47 -55.25
C PHE Z 97 -27.78 51.36 -56.44
N PRO Z 98 -28.44 52.51 -56.23
CA PRO Z 98 -28.85 53.34 -57.36
C PRO Z 98 -27.79 54.33 -57.80
N VAL Z 99 -28.08 55.09 -58.85
CA VAL Z 99 -27.17 56.13 -59.32
C VAL Z 99 -27.43 57.39 -58.51
N LYS Z 100 -26.40 57.86 -57.80
CA LYS Z 100 -26.53 59.03 -56.94
C LYS Z 100 -25.93 60.24 -57.64
N GLU Z 101 -26.62 61.38 -57.52
CA GLU Z 101 -26.12 62.60 -58.13
C GLU Z 101 -24.99 63.18 -57.30
N ARG Z 102 -23.91 63.59 -57.97
CA ARG Z 102 -22.77 64.17 -57.30
C ARG Z 102 -23.10 65.58 -56.84
N LYS Z 103 -22.78 65.88 -55.58
CA LYS Z 103 -23.21 67.11 -54.92
C LYS Z 103 -21.97 67.86 -54.45
N THR Z 104 -21.74 69.03 -55.04
CA THR Z 104 -20.55 69.83 -54.78
C THR Z 104 -20.65 70.54 -53.44
N TYR Z 105 -19.55 71.16 -53.03
CA TYR Z 105 -19.52 71.94 -51.79
C TYR Z 105 -20.28 73.26 -51.91
N GLY Z 106 -20.61 73.70 -53.12
CA GLY Z 106 -21.40 74.92 -53.27
C GLY Z 106 -22.87 74.76 -52.94
N GLN Z 107 -23.33 73.53 -52.70
CA GLN Z 107 -24.69 73.26 -52.27
C GLN Z 107 -24.76 72.68 -50.86
N VAL Z 108 -23.64 72.63 -50.15
CA VAL Z 108 -23.54 71.97 -48.85
C VAL Z 108 -23.15 73.01 -47.80
N LEU Z 109 -23.90 73.06 -46.70
CA LEU Z 109 -23.60 73.90 -45.55
C LEU Z 109 -23.22 73.00 -44.37
N GLU Z 110 -21.95 72.65 -44.26
CA GLU Z 110 -21.46 71.98 -43.05
C GLU Z 110 -21.19 73.00 -41.96
N SER Z 111 -20.96 72.50 -40.75
CA SER Z 111 -20.67 73.32 -39.59
C SER Z 111 -19.16 73.37 -39.38
N TRP Z 112 -18.55 74.52 -39.66
CA TRP Z 112 -17.14 74.69 -39.39
C TRP Z 112 -16.89 74.82 -37.90
N VAL Z 113 -15.68 74.43 -37.48
CA VAL Z 113 -15.32 74.34 -36.07
C VAL Z 113 -14.20 75.35 -35.80
N PRO Z 114 -14.52 76.49 -35.19
CA PRO Z 114 -13.49 77.51 -34.94
C PRO Z 114 -12.85 77.44 -33.56
N VAL Z 115 -11.55 77.68 -33.52
CA VAL Z 115 -10.82 77.76 -32.26
C VAL Z 115 -10.56 79.23 -31.94
N ARG Z 116 -10.60 79.55 -30.66
CA ARG Z 116 -10.47 80.93 -30.20
C ARG Z 116 -10.06 80.97 -28.73
N VAL AA 2 42.02 63.31 -42.36
CA VAL AA 2 42.53 61.95 -42.46
C VAL AA 2 41.45 60.95 -42.10
N LEU AA 3 41.09 60.09 -43.06
CA LEU AA 3 40.10 59.06 -42.84
C LEU AA 3 40.69 57.92 -42.00
N GLY AA 4 39.80 57.09 -41.48
CA GLY AA 4 40.22 55.96 -40.66
C GLY AA 4 39.62 54.65 -41.11
N LEU AA 5 39.47 54.47 -42.43
CA LEU AA 5 38.86 53.28 -42.99
C LEU AA 5 39.96 52.28 -43.36
N ASP AA 6 40.01 51.17 -42.64
CA ASP AA 6 40.98 50.11 -42.87
C ASP AA 6 40.40 49.09 -43.85
N LYS AA 7 41.01 47.91 -43.93
CA LYS AA 7 40.61 46.88 -44.89
C LYS AA 7 39.26 46.23 -44.59
N ARG AA 8 38.69 46.45 -43.40
CA ARG AA 8 37.36 45.94 -43.11
C ARG AA 8 36.25 46.85 -43.64
N ALA AA 9 36.60 48.00 -44.23
CA ALA AA 9 35.62 48.92 -44.81
C ALA AA 9 35.12 48.46 -46.17
N LEU AA 10 35.68 47.39 -46.74
CA LEU AA 10 35.17 46.81 -47.97
C LEU AA 10 33.85 46.06 -47.78
N TRP AA 11 33.45 45.80 -46.53
CA TRP AA 11 32.13 45.26 -46.25
C TRP AA 11 31.02 46.25 -46.54
N GLY AA 12 31.32 47.55 -46.54
CA GLY AA 12 30.34 48.61 -46.70
C GLY AA 12 29.82 48.83 -48.11
N ALA AA 13 30.23 48.01 -49.08
CA ALA AA 13 29.65 48.11 -50.41
C ALA AA 13 28.22 47.57 -50.45
N LEU AA 14 27.88 46.65 -49.54
CA LEU AA 14 26.52 46.10 -49.44
C LEU AA 14 25.46 47.11 -48.97
N PRO AA 15 25.67 47.97 -47.96
CA PRO AA 15 24.68 49.04 -47.72
C PRO AA 15 24.58 50.06 -48.85
N LEU AA 16 25.67 50.33 -49.58
CA LEU AA 16 25.56 51.20 -50.75
C LEU AA 16 24.81 50.51 -51.89
N LEU AA 17 24.91 49.18 -51.97
CA LEU AA 17 24.08 48.41 -52.88
C LEU AA 17 22.61 48.51 -52.49
N GLY AA 18 22.33 48.50 -51.18
CA GLY AA 18 20.97 48.73 -50.72
C GLY AA 18 20.46 50.13 -51.00
N PHE AA 19 21.36 51.11 -50.94
CA PHE AA 19 21.03 52.48 -51.34
C PHE AA 19 20.67 52.55 -52.82
N ALA AA 20 21.43 51.83 -53.66
CA ALA AA 20 21.14 51.77 -55.09
C ALA AA 20 19.84 51.05 -55.38
N ILE AA 21 19.54 49.99 -54.61
CA ILE AA 21 18.29 49.25 -54.75
C ILE AA 21 17.10 50.14 -54.37
N GLY AA 22 17.22 50.87 -53.26
CA GLY AA 22 16.15 51.78 -52.86
C GLY AA 22 15.97 52.94 -53.81
N HIS AA 23 17.07 53.44 -54.39
CA HIS AA 23 16.97 54.52 -55.38
C HIS AA 23 16.33 54.02 -56.67
N PHE AA 24 16.65 52.78 -57.08
CA PHE AA 24 16.02 52.20 -58.26
C PHE AA 24 14.53 51.96 -58.04
N LEU AA 25 14.15 51.52 -56.83
CA LEU AA 25 12.74 51.35 -56.52
C LEU AA 25 12.00 52.68 -56.44
N ASP AA 26 12.67 53.74 -55.97
CA ASP AA 26 12.07 55.07 -55.99
C ASP AA 26 11.88 55.58 -57.41
N LYS AA 27 12.84 55.30 -58.30
CA LYS AA 27 12.69 55.66 -59.71
C LYS AA 27 11.57 54.88 -60.38
N LYS AA 28 11.42 53.60 -60.02
CA LYS AA 28 10.35 52.79 -60.57
C LYS AA 28 8.98 53.25 -60.06
N GLU AA 29 8.91 53.70 -58.80
CA GLU AA 29 7.65 54.27 -58.30
C GLU AA 29 7.36 55.64 -58.87
N THR AA 30 8.39 56.40 -59.23
CA THR AA 30 8.18 57.64 -59.99
C THR AA 30 7.64 57.33 -61.38
N GLU AA 31 8.12 56.26 -61.99
CA GLU AA 31 7.59 55.82 -63.29
C GLU AA 31 6.17 55.29 -63.17
N ARG AA 32 5.83 54.72 -62.00
CA ARG AA 32 4.50 54.15 -61.81
C ARG AA 32 3.44 55.24 -61.67
N MET AA 33 3.82 56.40 -61.15
CA MET AA 33 2.88 57.47 -60.86
C MET AA 33 2.79 58.48 -61.99
N THR AA 34 2.88 58.03 -63.24
CA THR AA 34 2.97 58.92 -64.38
C THR AA 34 1.59 59.47 -64.80
N MET AA 35 0.52 59.00 -64.16
CA MET AA 35 -0.79 59.59 -64.41
C MET AA 35 -0.79 60.96 -63.73
N PHE AA 36 -1.46 61.94 -64.36
CA PHE AA 36 -1.45 63.36 -64.01
C PHE AA 36 -0.05 63.95 -64.01
N ARG AA 37 0.81 63.49 -64.93
CA ARG AA 37 2.15 64.07 -65.03
C ARG AA 37 2.09 65.48 -65.60
N ASP AA 38 1.25 65.71 -66.60
CA ASP AA 38 1.06 67.03 -67.18
C ASP AA 38 -0.40 67.44 -67.21
N LYS AA 39 -1.29 66.68 -66.59
CA LYS AA 39 -2.71 66.96 -66.67
C LYS AA 39 -3.21 67.74 -65.46
N SER AA 40 -2.29 68.11 -64.57
CA SER AA 40 -2.66 68.89 -63.39
C SER AA 40 -3.02 70.32 -63.79
N ALA AA 41 -3.91 70.93 -63.02
CA ALA AA 41 -4.41 72.26 -63.35
C ALA AA 41 -3.43 73.37 -62.97
N LEU AA 42 -2.38 73.06 -62.22
CA LEU AA 42 -1.44 74.08 -61.76
C LEU AA 42 -0.19 74.17 -62.63
N TYR AA 43 0.32 73.04 -63.11
CA TYR AA 43 1.55 73.02 -63.91
C TYR AA 43 1.33 72.53 -65.33
N GLY AA 44 0.08 72.30 -65.74
CA GLY AA 44 -0.21 71.67 -67.02
C GLY AA 44 -0.55 72.69 -68.09
N ARG AA 45 0.19 72.63 -69.19
CA ARG AA 45 -0.14 73.44 -70.35
C ARG AA 45 -1.37 72.88 -71.05
N PRO AA 46 -2.12 73.73 -71.79
CA PRO AA 46 -3.27 73.20 -72.54
C PRO AA 46 -2.91 72.34 -73.75
N ALA AA 47 -3.92 71.88 -74.47
CA ALA AA 47 -3.75 70.93 -75.55
C ALA AA 47 -3.08 71.60 -76.76
N GLY AA 48 -2.51 70.77 -77.63
CA GLY AA 48 -1.76 71.23 -78.77
C GLY AA 48 -0.29 71.50 -78.50
N SER AA 49 0.17 71.31 -77.26
CA SER AA 49 1.56 71.54 -76.88
C SER AA 49 2.16 70.32 -76.22
N GLU AA 50 1.74 69.13 -76.62
CA GLU AA 50 2.24 67.88 -76.07
C GLU AA 50 3.49 67.37 -76.77
N GLY AA 51 4.00 68.10 -77.77
CA GLY AA 51 5.17 67.66 -78.51
C GLY AA 51 6.48 67.85 -77.76
N LYS AA 52 6.47 68.62 -76.67
CA LYS AA 52 7.68 68.85 -75.90
C LYS AA 52 7.98 67.67 -74.99
N ALA AA 53 9.16 67.72 -74.38
CA ALA AA 53 9.58 66.67 -73.45
C ALA AA 53 8.77 66.77 -72.15
N PRO AA 54 8.55 65.64 -71.48
CA PRO AA 54 7.92 65.68 -70.15
C PRO AA 54 8.80 66.35 -69.12
N SER AA 55 8.14 66.92 -68.10
CA SER AA 55 8.84 67.69 -67.09
C SER AA 55 9.65 66.82 -66.15
N TRP AA 56 9.12 65.65 -65.76
CA TRP AA 56 9.83 64.77 -64.85
C TRP AA 56 9.55 63.30 -65.18
N THR BA 33 41.22 -19.98 1.15
CA THR BA 33 40.17 -20.98 0.93
C THR BA 33 39.87 -21.14 -0.55
N ASP BA 34 38.67 -21.62 -0.86
CA ASP BA 34 38.27 -21.82 -2.24
C ASP BA 34 38.01 -20.48 -2.94
N GLY BA 35 38.31 -20.44 -4.23
CA GLY BA 35 38.11 -19.25 -5.02
C GLY BA 35 36.80 -19.23 -5.77
N GLY BA 36 35.81 -19.96 -5.26
CA GLY BA 36 34.51 -20.02 -5.89
C GLY BA 36 33.60 -18.92 -5.42
N PRO BA 37 32.31 -19.01 -5.76
CA PRO BA 37 31.36 -17.97 -5.33
C PRO BA 37 31.07 -18.06 -3.84
N LEU BA 38 31.12 -16.91 -3.17
CA LEU BA 38 30.87 -16.87 -1.74
C LEU BA 38 29.38 -16.97 -1.44
N ASP BA 39 29.08 -17.30 -0.20
CA ASP BA 39 27.69 -17.41 0.24
C ASP BA 39 27.10 -16.02 0.43
N PRO BA 40 25.99 -15.69 -0.22
CA PRO BA 40 25.51 -14.29 -0.19
C PRO BA 40 24.83 -13.88 1.09
N LYS BA 41 24.28 -14.82 1.87
CA LYS BA 41 23.60 -14.44 3.10
C LYS BA 41 24.55 -14.25 4.28
N THR BA 42 25.83 -14.55 4.11
CA THR BA 42 26.84 -14.27 5.12
C THR BA 42 27.70 -13.06 4.80
N ALA BA 43 27.97 -12.83 3.52
CA ALA BA 43 28.77 -11.67 3.13
C ALA BA 43 27.97 -10.37 3.22
N LEU BA 44 26.70 -10.41 2.84
CA LEU BA 44 25.86 -9.21 2.82
C LEU BA 44 25.19 -8.91 4.16
N ALA BA 45 25.34 -9.79 5.15
CA ALA BA 45 24.68 -9.59 6.43
C ALA BA 45 25.38 -8.50 7.24
N ARG BA 46 24.62 -7.87 8.13
CA ARG BA 46 25.14 -6.83 8.98
C ARG BA 46 26.06 -7.43 10.04
N PRO BA 47 26.98 -6.62 10.59
CA PRO BA 47 27.81 -7.08 11.72
C PRO BA 47 27.03 -7.53 12.95
N GLU BA 48 25.83 -6.99 13.18
CA GLU BA 48 24.99 -7.49 14.26
C GLU BA 48 24.45 -8.88 13.95
N GLU BA 49 24.26 -9.22 12.68
CA GLU BA 49 23.83 -10.56 12.32
C GLU BA 49 24.96 -11.57 12.39
N LEU BA 50 26.19 -11.16 12.09
CA LEU BA 50 27.33 -12.06 12.28
C LEU BA 50 27.60 -12.33 13.75
N GLU BA 51 27.38 -11.33 14.60
CA GLU BA 51 27.52 -11.55 16.04
C GLU BA 51 26.39 -12.41 16.59
N GLN BA 52 25.20 -12.32 16.01
CA GLN BA 52 24.07 -13.11 16.47
C GLN BA 52 24.22 -14.59 16.12
N ARG BA 53 24.80 -14.89 14.95
CA ARG BA 53 24.97 -16.28 14.56
C ARG BA 53 26.12 -16.94 15.31
N ASN BA 54 27.18 -16.19 15.62
CA ASN BA 54 28.33 -16.76 16.31
C ASN BA 54 28.04 -16.98 17.80
N LYS BA 55 27.15 -16.17 18.39
CA LYS BA 55 26.84 -16.35 19.80
C LYS BA 55 25.94 -17.57 20.02
N LEU BA 56 25.06 -17.87 19.07
CA LEU BA 56 24.23 -19.08 19.16
C LEU BA 56 24.98 -20.34 18.79
N SER BA 57 26.12 -20.22 18.11
CA SER BA 57 26.96 -21.37 17.79
C SER BA 57 27.92 -21.72 18.91
N GLY BA 58 28.00 -20.90 19.96
CA GLY BA 58 28.87 -21.15 21.08
C GLY BA 58 28.19 -22.00 22.14
N LYS BA 59 28.81 -22.02 23.32
CA LYS BA 59 28.31 -22.79 24.45
C LYS BA 59 28.15 -21.86 25.65
N ILE BA 60 26.95 -21.83 26.22
CA ILE BA 60 26.65 -20.96 27.36
C ILE BA 60 26.78 -21.77 28.64
N THR BA 61 26.98 -21.07 29.76
CA THR BA 61 27.07 -21.73 31.05
C THR BA 61 25.71 -21.71 31.75
N VAL BA 62 25.19 -22.90 32.04
CA VAL BA 62 23.90 -23.03 32.74
C VAL BA 62 24.09 -23.90 33.97
N PRO BA 63 23.24 -23.70 34.98
CA PRO BA 63 23.19 -24.66 36.09
C PRO BA 63 22.65 -26.00 35.62
N THR BA 64 23.13 -27.08 36.25
CA THR BA 64 22.69 -28.41 35.86
C THR BA 64 21.39 -28.78 36.56
N ALA BA 65 20.98 -28.01 37.57
CA ALA BA 65 19.70 -28.23 38.21
C ALA BA 65 18.62 -27.44 37.49
N VAL BA 66 17.86 -28.12 36.64
CA VAL BA 66 16.89 -27.49 35.77
C VAL BA 66 15.50 -28.05 36.09
N ASN BA 67 14.57 -27.15 36.38
CA ASN BA 67 13.18 -27.53 36.63
C ASN BA 67 12.39 -27.38 35.34
N LEU BA 68 11.79 -28.49 34.89
CA LEU BA 68 11.08 -28.54 33.62
C LEU BA 68 9.61 -28.87 33.78
N SER BA 69 9.01 -28.52 34.92
CA SER BA 69 7.58 -28.62 35.17
C SER BA 69 6.70 -27.78 34.23
N PRO BA 70 7.01 -26.46 33.90
CA PRO BA 70 6.12 -25.75 32.96
C PRO BA 70 6.25 -26.18 31.51
N ILE BA 71 7.28 -26.97 31.20
CA ILE BA 71 7.57 -27.33 29.81
C ILE BA 71 6.92 -28.67 29.49
N SER BA 72 6.84 -29.54 30.50
CA SER BA 72 6.35 -30.91 30.28
C SER BA 72 4.86 -30.98 30.02
N GLY BA 73 4.11 -29.93 30.34
CA GLY BA 73 2.68 -29.93 30.07
C GLY BA 73 1.82 -30.61 31.11
N VAL BA 74 2.41 -31.04 32.22
CA VAL BA 74 1.64 -31.62 33.32
C VAL BA 74 0.83 -30.52 34.00
N PRO BA 75 -0.43 -30.78 34.38
CA PRO BA 75 -1.16 -29.80 35.20
C PRO BA 75 -0.52 -29.63 36.57
N GLU BA 76 -0.69 -28.43 37.13
CA GLU BA 76 -0.01 -28.05 38.36
C GLU BA 76 -0.50 -28.82 39.58
N GLU BA 77 -1.75 -29.30 39.55
CA GLU BA 77 -2.31 -30.07 40.65
C GLU BA 77 -1.57 -31.39 40.82
N HIS BA 78 -1.25 -32.07 39.72
CA HIS BA 78 -0.47 -33.29 39.80
C HIS BA 78 0.99 -33.02 40.19
N ILE BA 79 1.48 -31.80 39.93
CA ILE BA 79 2.82 -31.45 40.39
C ILE BA 79 2.84 -31.27 41.91
N ARG BA 80 1.86 -30.56 42.46
CA ARG BA 80 1.90 -30.28 43.89
C ARG BA 80 1.27 -31.37 44.74
N GLU BA 81 0.59 -32.35 44.14
CA GLU BA 81 -0.15 -33.32 44.92
C GLU BA 81 0.42 -34.73 44.87
N ARG BA 82 0.92 -35.17 43.71
CA ARG BA 82 1.35 -36.55 43.57
C ARG BA 82 2.74 -36.76 44.16
N ARG BA 83 2.94 -37.94 44.74
CA ARG BA 83 4.23 -38.35 45.27
C ARG BA 83 4.74 -39.51 44.44
N VAL BA 84 6.03 -39.49 44.12
CA VAL BA 84 6.66 -40.44 43.21
C VAL BA 84 7.54 -41.38 44.03
N ARG BA 85 7.34 -42.69 43.85
CA ARG BA 85 8.14 -43.69 44.53
C ARG BA 85 9.12 -44.31 43.54
N ILE BA 86 10.41 -44.21 43.86
CA ILE BA 86 11.47 -44.89 43.12
C ILE BA 86 11.76 -46.18 43.87
N HIS BA 87 11.61 -47.32 43.19
CA HIS BA 87 11.81 -48.58 43.89
C HIS BA 87 12.30 -49.64 42.92
N ILE BA 88 13.01 -50.62 43.47
CA ILE BA 88 13.22 -51.88 42.76
C ILE BA 88 11.98 -52.75 42.92
N PRO BA 89 11.41 -53.30 41.83
CA PRO BA 89 10.14 -54.00 41.94
C PRO BA 89 10.27 -55.29 42.72
N PRO BA 90 9.21 -55.72 43.41
CA PRO BA 90 9.31 -56.92 44.25
C PRO BA 90 9.37 -58.18 43.40
N LYS BA 91 10.20 -59.12 43.84
CA LYS BA 91 10.25 -60.44 43.23
C LYS BA 91 8.97 -61.19 43.54
N ASN BA 92 8.44 -61.89 42.53
CA ASN BA 92 7.32 -62.79 42.74
C ASN BA 92 7.79 -63.96 43.59
N ALA BA 93 7.16 -64.14 44.75
CA ALA BA 93 7.60 -65.15 45.71
C ALA BA 93 7.30 -66.58 45.26
N MET BA 94 6.43 -66.76 44.27
CA MET BA 94 6.14 -68.08 43.75
C MET BA 94 7.05 -68.48 42.59
N GLN BA 95 8.01 -67.63 42.23
CA GLN BA 95 8.82 -67.82 41.04
C GLN BA 95 10.28 -67.54 41.36
N SER BA 96 11.18 -68.40 40.89
CA SER BA 96 12.58 -68.29 41.29
C SER BA 96 13.34 -67.30 40.43
N GLY BA 97 12.75 -66.84 39.32
CA GLY BA 97 13.45 -65.96 38.40
C GLY BA 97 13.60 -64.53 38.89
N THR BA 98 14.76 -63.93 38.64
CA THR BA 98 15.07 -62.57 39.06
C THR BA 98 15.39 -61.64 37.90
N ASP BA 99 14.87 -61.90 36.70
CA ASP BA 99 15.18 -61.02 35.57
C ASP BA 99 14.37 -59.73 35.64
N ASN BA 100 13.14 -59.80 36.16
CA ASN BA 100 12.32 -58.60 36.27
C ASN BA 100 12.71 -57.73 37.47
N VAL BA 101 13.54 -58.27 38.36
CA VAL BA 101 14.07 -57.52 39.50
C VAL BA 101 15.23 -56.61 39.07
N ASN BA 102 15.79 -56.84 37.88
CA ASN BA 102 17.12 -56.31 37.55
C ASN BA 102 17.10 -54.83 37.16
N THR BA 103 15.95 -54.18 37.24
CA THR BA 103 15.84 -52.76 36.92
C THR BA 103 15.26 -51.99 38.10
N TRP BA 104 15.47 -50.67 38.11
CA TRP BA 104 14.73 -49.80 39.02
C TRP BA 104 13.55 -49.20 38.26
N GLN BA 105 12.55 -48.70 38.97
CA GLN BA 105 11.44 -48.05 38.28
C GLN BA 105 10.78 -46.99 39.16
N ILE BA 106 10.23 -46.01 38.46
CA ILE BA 106 9.43 -44.92 39.02
C ILE BA 106 7.96 -45.28 38.87
N GLU BA 107 7.20 -45.18 39.97
CA GLU BA 107 5.76 -45.35 39.92
C GLU BA 107 5.08 -44.26 40.75
N PHE BA 108 3.82 -44.00 40.46
CA PHE BA 108 3.09 -42.88 41.04
C PHE BA 108 2.08 -43.39 42.06
N ASP BA 109 1.72 -42.51 43.01
CA ASP BA 109 0.92 -42.91 44.15
C ASP BA 109 -0.51 -43.24 43.75
N ASN BA 110 -1.07 -44.27 44.38
CA ASN BA 110 -2.35 -44.85 43.97
C ASN BA 110 -3.47 -43.96 44.52
N ARG BA 111 -4.29 -43.42 43.61
CA ARG BA 111 -5.42 -42.59 43.99
C ARG BA 111 -6.66 -43.47 44.12
N GLU BA 112 -7.83 -42.84 44.21
CA GLU BA 112 -9.07 -43.57 44.43
C GLU BA 112 -9.59 -44.18 43.13
N ARG BA 113 -9.89 -45.47 43.18
CA ARG BA 113 -10.65 -46.16 42.14
C ARG BA 113 -12.06 -46.40 42.66
N TRP BA 114 -13.01 -46.53 41.73
CA TRP BA 114 -14.39 -46.72 42.15
C TRP BA 114 -15.12 -47.59 41.14
N GLU BA 115 -16.33 -48.00 41.52
CA GLU BA 115 -17.18 -48.79 40.63
C GLU BA 115 -18.17 -47.88 39.94
N ASN BA 116 -18.20 -47.93 38.61
CA ASN BA 116 -19.18 -47.14 37.87
C ASN BA 116 -20.57 -47.72 38.07
N PRO BA 117 -21.60 -46.88 38.18
CA PRO BA 117 -22.94 -47.39 38.56
C PRO BA 117 -23.65 -48.16 37.46
N LEU BA 118 -23.15 -48.12 36.23
CA LEU BA 118 -23.84 -48.80 35.13
C LEU BA 118 -23.57 -50.30 35.16
N MET BA 119 -22.30 -50.71 35.11
CA MET BA 119 -21.99 -52.07 34.74
C MET BA 119 -20.95 -52.72 35.65
N GLY BA 120 -20.16 -51.95 36.39
CA GLY BA 120 -19.35 -52.51 37.45
C GLY BA 120 -17.86 -52.54 37.22
N TRP BA 121 -17.34 -51.74 36.29
CA TRP BA 121 -15.92 -51.69 36.04
C TRP BA 121 -15.21 -50.85 37.09
N ALA BA 122 -13.88 -50.81 36.99
CA ALA BA 122 -13.06 -50.04 37.92
C ALA BA 122 -12.67 -48.73 37.26
N SER BA 123 -13.51 -47.72 37.42
CA SER BA 123 -13.21 -46.39 36.91
C SER BA 123 -12.15 -45.73 37.80
N SER BA 124 -11.32 -44.91 37.16
CA SER BA 124 -10.25 -44.21 37.86
C SER BA 124 -10.04 -42.85 37.22
N GLY BA 125 -9.95 -41.82 38.04
CA GLY BA 125 -9.65 -40.47 37.61
C GLY BA 125 -8.18 -40.13 37.64
N ASP BA 126 -7.31 -41.13 37.82
CA ASP BA 126 -5.88 -40.89 37.95
C ASP BA 126 -5.20 -41.21 36.62
N PRO BA 127 -4.66 -40.23 35.91
CA PRO BA 127 -4.00 -40.52 34.63
C PRO BA 127 -2.61 -41.13 34.79
N LEU BA 128 -1.96 -40.85 35.92
CA LEU BA 128 -0.59 -41.27 36.16
C LEU BA 128 -0.49 -42.57 36.95
N SER BA 129 -1.62 -43.22 37.24
CA SER BA 129 -1.62 -44.42 38.07
C SER BA 129 -1.12 -45.65 37.33
N ASN BA 130 -0.95 -45.58 36.01
CA ASN BA 130 -0.61 -46.74 35.19
C ASN BA 130 0.78 -46.65 34.57
N MET BA 131 1.63 -45.76 35.05
CA MET BA 131 2.90 -45.48 34.40
C MET BA 131 4.06 -45.92 35.30
N ASN BA 132 4.79 -46.94 34.84
CA ASN BA 132 6.04 -47.35 35.46
C ASN BA 132 7.17 -47.05 34.49
N VAL BA 133 8.16 -46.29 34.95
CA VAL BA 133 9.25 -45.83 34.09
C VAL BA 133 10.53 -46.51 34.54
N GLN BA 134 11.20 -47.18 33.61
CA GLN BA 134 12.36 -48.00 33.93
C GLN BA 134 13.64 -47.16 33.97
N PHE BA 135 14.52 -47.50 34.91
CA PHE BA 135 15.76 -46.77 35.14
C PHE BA 135 16.83 -47.76 35.60
N GLY BA 136 18.09 -47.35 35.41
CA GLY BA 136 19.21 -48.21 35.75
C GLY BA 136 19.69 -48.07 37.18
N SER BA 137 19.82 -46.83 37.65
CA SER BA 137 20.29 -46.54 38.99
C SER BA 137 19.32 -45.59 39.66
N PRO BA 138 19.22 -45.60 41.00
CA PRO BA 138 18.36 -44.61 41.68
C PRO BA 138 18.83 -43.17 41.53
N GLU BA 139 20.11 -42.94 41.26
CA GLU BA 139 20.60 -41.57 41.01
C GLU BA 139 20.03 -41.01 39.72
N GLU BA 140 19.89 -41.84 38.69
CA GLU BA 140 19.28 -41.42 37.44
C GLU BA 140 17.81 -41.07 37.62
N ALA BA 141 17.08 -41.87 38.41
CA ALA BA 141 15.67 -41.59 38.66
C ALA BA 141 15.50 -40.35 39.53
N ILE BA 142 16.43 -40.13 40.48
CA ILE BA 142 16.38 -38.94 41.32
C ILE BA 142 16.65 -37.68 40.50
N THR BA 143 17.63 -37.73 39.59
CA THR BA 143 17.90 -36.59 38.71
C THR BA 143 16.77 -36.38 37.71
N PHE BA 144 16.11 -37.44 37.25
CA PHE BA 144 14.95 -37.31 36.36
C PHE BA 144 13.77 -36.67 37.09
N CYS BA 145 13.55 -37.05 38.35
CA CYS BA 145 12.46 -36.44 39.13
C CYS BA 145 12.77 -34.99 39.49
N GLU BA 146 14.05 -34.67 39.70
CA GLU BA 146 14.42 -33.27 39.92
C GLU BA 146 14.32 -32.47 38.62
N ARG BA 147 14.50 -33.12 37.48
CA ARG BA 147 14.29 -32.45 36.20
C ARG BA 147 12.81 -32.16 35.97
N ASN BA 148 11.95 -33.14 36.21
CA ASN BA 148 10.52 -32.97 35.96
C ASN BA 148 9.78 -32.36 37.14
N GLY BA 149 10.45 -32.11 38.26
CA GLY BA 149 9.83 -31.40 39.36
C GLY BA 149 8.89 -32.22 40.23
N TRP BA 150 8.97 -33.54 40.15
CA TRP BA 150 8.12 -34.38 41.00
C TRP BA 150 8.63 -34.39 42.43
N ARG BA 151 7.73 -34.68 43.36
CA ARG BA 151 8.07 -34.88 44.76
C ARG BA 151 8.44 -36.35 44.92
N TRP BA 152 9.74 -36.63 44.95
CA TRP BA 152 10.24 -37.99 44.87
C TRP BA 152 10.64 -38.52 46.23
N TYR BA 153 10.57 -39.85 46.39
CA TYR BA 153 11.16 -40.53 47.53
C TYR BA 153 11.51 -41.95 47.12
N VAL BA 154 12.53 -42.50 47.78
CA VAL BA 154 13.03 -43.84 47.51
C VAL BA 154 12.52 -44.77 48.61
N ASP BA 155 11.84 -45.84 48.21
CA ASP BA 155 11.27 -46.76 49.18
C ASP BA 155 12.34 -47.60 49.86
N GLY BA 156 13.27 -48.14 49.09
CA GLY BA 156 14.33 -48.96 49.65
C GLY BA 156 15.56 -48.88 48.77
N ALA BA 157 16.72 -49.13 49.38
CA ALA BA 157 17.99 -49.06 48.67
C ALA BA 157 18.27 -50.39 47.99
N ALA BA 158 19.46 -50.53 47.42
CA ALA BA 158 19.86 -51.78 46.79
C ALA BA 158 20.12 -52.85 47.85
N LYS BA 159 19.67 -54.07 47.56
CA LYS BA 159 19.79 -55.16 48.52
C LYS BA 159 21.22 -55.68 48.55
N PRO BA 160 21.89 -55.68 49.70
CA PRO BA 160 23.21 -56.32 49.77
C PRO BA 160 23.08 -57.84 49.75
N LYS BA 161 24.12 -58.49 49.25
CA LYS BA 161 24.14 -59.94 49.13
C LYS BA 161 24.93 -60.54 50.27
N LYS BA 162 24.31 -61.46 51.00
CA LYS BA 162 24.95 -62.14 52.13
C LYS BA 162 25.50 -63.48 51.64
N GLU BA 163 26.77 -63.75 51.96
CA GLU BA 163 27.43 -64.97 51.53
C GLU BA 163 26.93 -66.13 52.39
N ARG BA 164 26.13 -67.01 51.78
CA ARG BA 164 25.61 -68.20 52.44
C ARG BA 164 26.29 -69.42 51.85
N VAL BA 165 26.87 -70.26 52.70
CA VAL BA 165 27.56 -71.47 52.24
C VAL BA 165 26.55 -72.60 52.12
N LYS BA 166 26.54 -73.25 50.96
CA LYS BA 166 25.62 -74.34 50.66
C LYS BA 166 26.43 -75.49 50.07
N ASN BA 167 26.46 -76.63 50.74
CA ASN BA 167 27.04 -77.85 50.20
C ASN BA 167 26.34 -79.08 50.79
N TYR BA 168 26.52 -80.21 50.11
CA TYR BA 168 25.68 -81.39 50.35
C TYR BA 168 26.11 -82.17 51.58
N GLY BA 169 27.29 -81.91 52.13
CA GLY BA 169 27.79 -82.68 53.27
C GLY BA 169 27.21 -82.30 54.61
N ILE BA 170 26.60 -81.11 54.72
CA ILE BA 170 25.98 -80.68 55.97
C ILE BA 170 24.72 -81.50 56.25
N ASN BA 171 24.05 -81.99 55.21
CA ASN BA 171 22.83 -82.77 55.35
C ASN BA 171 23.05 -84.10 56.05
N PHE BA 172 24.25 -84.67 55.97
CA PHE BA 172 24.58 -85.92 56.64
C PHE BA 172 25.80 -85.66 57.52
N ALA BA 173 25.55 -85.38 58.79
CA ALA BA 173 26.59 -84.92 59.70
C ALA BA 173 26.61 -85.77 60.96
N TRP BA 174 27.73 -85.68 61.68
CA TRP BA 174 27.99 -86.43 62.88
C TRP BA 174 28.00 -85.48 64.07
N ASN BA 175 27.26 -85.84 65.12
CA ASN BA 175 26.83 -85.05 66.29
C ASN BA 175 26.44 -83.60 65.98
N LYS BA 176 25.71 -83.39 64.89
CA LYS BA 176 25.19 -82.09 64.54
C LYS BA 176 23.67 -82.14 64.42
N ARG BA 177 23.03 -81.04 64.79
CA ARG BA 177 21.57 -80.91 64.73
C ARG BA 177 21.07 -80.61 63.32
N THR BA 178 21.96 -80.35 62.37
CA THR BA 178 21.61 -80.05 61.00
C THR BA 178 21.50 -81.29 60.12
N ARG BA 179 21.52 -82.47 60.72
CA ARG BA 179 21.30 -83.71 59.97
C ARG BA 179 19.86 -83.80 59.50
N VAL BA 180 19.67 -83.99 58.21
CA VAL BA 180 18.33 -83.89 57.63
C VAL BA 180 17.58 -85.20 57.87
N SER BA 181 16.27 -85.11 58.06
CA SER BA 181 15.43 -86.27 58.31
C SER BA 181 14.64 -86.72 57.09
N THR BA 182 14.78 -86.03 55.95
CA THR BA 182 14.08 -86.39 54.74
C THR BA 182 14.89 -87.45 53.98
N LYS BA 183 14.51 -87.65 52.70
CA LYS BA 183 15.23 -88.45 51.71
C LYS BA 183 15.39 -89.91 52.12
N PRO CA 40 -27.33 -37.22 63.64
CA PRO CA 40 -28.42 -36.24 63.54
C PRO CA 40 -29.20 -36.39 62.23
N ARG CA 41 -28.52 -36.31 61.11
CA ARG CA 41 -29.14 -36.47 59.81
C ARG CA 41 -28.93 -37.89 59.31
N PRO CA 42 -29.97 -38.73 59.30
CA PRO CA 42 -29.77 -40.14 58.94
C PRO CA 42 -29.55 -40.33 57.45
N LEU CA 43 -28.86 -41.42 57.13
CA LEU CA 43 -28.57 -41.78 55.74
C LEU CA 43 -29.40 -43.01 55.39
N LYS CA 44 -30.27 -42.85 54.39
CA LYS CA 44 -31.33 -43.84 54.15
C LYS CA 44 -30.79 -45.09 53.46
N THR CA 45 -29.88 -44.93 52.50
CA THR CA 45 -29.58 -45.98 51.54
C THR CA 45 -28.79 -47.13 52.17
N THR CA 46 -27.74 -46.79 52.96
CA THR CA 46 -26.75 -47.69 53.61
C THR CA 46 -26.27 -48.85 52.73
N ASN CA 47 -26.08 -48.56 51.45
CA ASN CA 47 -25.60 -49.51 50.46
C ASN CA 47 -24.33 -48.94 49.84
N PRO CA 48 -23.25 -49.74 49.78
CA PRO CA 48 -21.98 -49.23 49.22
C PRO CA 48 -22.05 -48.85 47.75
N ALA CA 49 -22.99 -49.39 46.99
CA ALA CA 49 -23.18 -48.96 45.61
C ALA CA 49 -23.89 -47.62 45.54
N ALA CA 50 -24.62 -47.27 46.60
CA ALA CA 50 -25.46 -46.06 46.56
C ALA CA 50 -24.78 -44.83 47.12
N MET CA 51 -23.68 -44.98 47.86
CA MET CA 51 -23.00 -43.82 48.43
C MET CA 51 -22.21 -43.07 47.37
N LYS CA 52 -21.83 -41.84 47.71
CA LYS CA 52 -21.03 -41.00 46.83
C LYS CA 52 -19.62 -41.56 46.72
N ARG CA 53 -19.09 -41.58 45.49
CA ARG CA 53 -17.77 -42.12 45.23
C ARG CA 53 -17.13 -41.37 44.07
N GLY CA 54 -15.80 -41.38 44.04
CA GLY CA 54 -15.07 -40.77 42.96
C GLY CA 54 -14.98 -39.27 43.06
N THR CA 55 -14.38 -38.67 42.04
CA THR CA 55 -14.20 -37.24 41.95
C THR CA 55 -15.41 -36.57 41.31
N GLY CA 56 -15.25 -35.31 40.90
CA GLY CA 56 -16.36 -34.52 40.44
C GLY CA 56 -16.70 -34.66 38.97
N GLY CA 57 -16.13 -35.65 38.28
CA GLY CA 57 -16.36 -35.78 36.86
C GLY CA 57 -17.67 -36.48 36.53
N ARG CA 58 -17.89 -36.69 35.23
CA ARG CA 58 -19.16 -37.24 34.76
C ARG CA 58 -19.25 -38.74 34.99
N SER CA 59 -18.12 -39.44 35.00
CA SER CA 59 -18.16 -40.90 35.09
C SER CA 59 -18.40 -41.37 36.52
N SER CA 60 -18.20 -40.48 37.50
CA SER CA 60 -18.40 -40.83 38.89
C SER CA 60 -19.87 -40.73 39.26
N PHE CA 61 -20.14 -40.99 40.55
CA PHE CA 61 -21.49 -40.92 41.09
C PHE CA 61 -21.49 -40.00 42.31
N ASN CA 62 -22.43 -39.07 42.35
CA ASN CA 62 -22.55 -38.15 43.48
C ASN CA 62 -23.58 -38.57 44.52
N GLY CA 63 -24.19 -39.75 44.38
CA GLY CA 63 -25.16 -40.21 45.33
C GLY CA 63 -26.55 -39.65 45.15
N ILE CA 64 -26.79 -38.89 44.07
CA ILE CA 64 -28.08 -38.28 43.80
C ILE CA 64 -28.69 -38.99 42.60
N VAL CA 65 -29.92 -39.46 42.75
CA VAL CA 65 -30.68 -40.03 41.65
C VAL CA 65 -31.85 -39.09 41.37
N ALA CA 66 -31.70 -38.25 40.35
CA ALA CA 66 -32.60 -37.13 40.12
C ALA CA 66 -33.53 -37.42 38.95
N THR CA 67 -34.82 -37.15 39.15
CA THR CA 67 -35.81 -37.20 38.09
C THR CA 67 -36.15 -35.79 37.67
N VAL CA 68 -35.94 -35.47 36.40
CA VAL CA 68 -36.07 -34.09 35.95
C VAL CA 68 -37.31 -33.93 35.08
N PHE CA 69 -38.40 -33.48 35.69
CA PHE CA 69 -39.63 -33.25 34.94
C PHE CA 69 -39.51 -31.99 34.10
N GLY CA 70 -40.01 -32.06 32.86
CA GLY CA 70 -39.88 -30.94 31.94
C GLY CA 70 -38.47 -30.66 31.50
N ALA CA 71 -37.69 -31.70 31.18
CA ALA CA 71 -36.31 -31.53 30.78
C ALA CA 71 -36.16 -31.14 29.31
N THR CA 72 -37.26 -31.13 28.54
CA THR CA 72 -37.19 -30.73 27.15
C THR CA 72 -36.96 -29.22 27.03
N GLY CA 73 -37.53 -28.45 27.95
CA GLY CA 73 -37.60 -27.01 27.84
C GLY CA 73 -36.31 -26.23 28.06
N PHE CA 74 -36.48 -24.94 28.31
CA PHE CA 74 -35.34 -24.01 28.31
C PHE CA 74 -34.50 -24.16 29.56
N VAL CA 75 -35.12 -24.28 30.73
CA VAL CA 75 -34.33 -24.46 31.96
C VAL CA 75 -33.82 -25.90 32.06
N GLY CA 76 -34.56 -26.85 31.46
CA GLY CA 76 -34.26 -28.26 31.63
C GLY CA 76 -32.94 -28.70 31.01
N ARG CA 77 -32.54 -28.09 29.90
CA ARG CA 77 -31.25 -28.40 29.28
C ARG CA 77 -30.09 -28.03 30.18
N TYR CA 78 -30.15 -26.84 30.80
CA TYR CA 78 -29.08 -26.39 31.67
C TYR CA 78 -29.08 -27.17 32.98
N VAL CA 79 -30.26 -27.55 33.47
CA VAL CA 79 -30.37 -28.38 34.67
C VAL CA 79 -29.80 -29.77 34.42
N CYS CA 80 -30.10 -30.36 33.25
CA CYS CA 80 -29.57 -31.67 32.88
C CYS CA 80 -28.06 -31.63 32.69
N ASN CA 81 -27.54 -30.54 32.12
CA ASN CA 81 -26.09 -30.43 31.94
C ASN CA 81 -25.36 -30.23 33.27
N LYS CA 82 -25.94 -29.44 34.18
CA LYS CA 82 -25.32 -29.24 35.48
C LYS CA 82 -25.42 -30.49 36.35
N LEU CA 83 -26.44 -31.32 36.13
CA LEU CA 83 -26.50 -32.60 36.83
C LEU CA 83 -25.51 -33.59 36.22
N GLY CA 84 -25.37 -33.62 34.90
CA GLY CA 84 -24.46 -34.55 34.26
C GLY CA 84 -23.00 -34.17 34.38
N LYS CA 85 -22.71 -32.93 34.76
CA LYS CA 85 -21.33 -32.56 35.06
C LYS CA 85 -20.83 -33.24 36.34
N SER CA 86 -21.71 -33.47 37.30
CA SER CA 86 -21.34 -34.07 38.57
C SER CA 86 -21.54 -35.58 38.61
N GLY CA 87 -21.95 -36.20 37.51
CA GLY CA 87 -22.16 -37.63 37.48
C GLY CA 87 -23.45 -38.11 38.10
N THR CA 88 -24.50 -37.30 38.06
CA THR CA 88 -25.80 -37.68 38.61
C THR CA 88 -26.51 -38.63 37.64
N GLN CA 89 -26.99 -39.76 38.17
CA GLN CA 89 -27.89 -40.62 37.41
C GLN CA 89 -29.24 -39.93 37.30
N MET CA 90 -29.65 -39.61 36.07
CA MET CA 90 -30.87 -38.85 35.82
C MET CA 90 -31.90 -39.71 35.13
N ILE CA 91 -33.14 -39.64 35.62
CA ILE CA 91 -34.30 -40.14 34.91
C ILE CA 91 -35.01 -38.94 34.30
N LEU CA 92 -35.07 -38.91 32.98
CA LEU CA 92 -35.69 -37.81 32.25
C LEU CA 92 -37.00 -38.30 31.66
N PRO CA 93 -38.13 -37.89 32.20
CA PRO CA 93 -39.41 -38.26 31.57
C PRO CA 93 -39.84 -37.25 30.52
N TYR CA 94 -40.19 -37.73 29.33
CA TYR CA 94 -40.64 -36.88 28.23
C TYR CA 94 -42.08 -37.22 27.87
N ARG CA 95 -42.84 -36.20 27.47
CA ARG CA 95 -44.24 -36.37 27.11
C ARG CA 95 -44.47 -36.41 25.61
N GLY CA 96 -43.47 -36.08 24.80
CA GLY CA 96 -43.67 -36.00 23.37
C GLY CA 96 -42.87 -37.01 22.56
N ASP CA 97 -42.00 -36.52 21.71
CA ASP CA 97 -41.23 -37.35 20.81
C ASP CA 97 -39.85 -37.67 21.39
N ASP CA 98 -39.22 -38.72 20.86
CA ASP CA 98 -37.88 -39.09 21.31
C ASP CA 98 -36.83 -38.13 20.77
N SER CA 99 -37.10 -37.49 19.63
CA SER CA 99 -36.14 -36.56 19.03
C SER CA 99 -36.03 -35.26 19.81
N ASP CA 100 -37.01 -34.95 20.66
CA ASP CA 100 -36.92 -33.75 21.50
C ASP CA 100 -35.94 -33.94 22.65
N VAL CA 101 -35.77 -35.17 23.14
CA VAL CA 101 -34.93 -35.46 24.28
C VAL CA 101 -33.73 -36.33 23.91
N ILE CA 102 -33.50 -36.57 22.62
CA ILE CA 102 -32.30 -37.30 22.23
C ILE CA 102 -31.05 -36.44 22.43
N ARG CA 103 -31.21 -35.11 22.49
CA ARG CA 103 -30.08 -34.22 22.72
C ARG CA 103 -29.60 -34.21 24.16
N LEU CA 104 -30.33 -34.84 25.09
CA LEU CA 104 -29.95 -34.86 26.49
C LEU CA 104 -29.09 -36.07 26.85
N LYS CA 105 -28.77 -36.93 25.89
CA LYS CA 105 -27.83 -38.03 26.14
C LYS CA 105 -26.39 -37.54 26.22
N VAL CA 106 -26.12 -36.36 25.66
CA VAL CA 106 -24.77 -35.76 25.70
C VAL CA 106 -24.35 -35.36 27.11
N THR CA 107 -25.29 -34.89 27.93
CA THR CA 107 -24.97 -34.33 29.24
C THR CA 107 -24.49 -35.40 30.22
N GLY CA 108 -25.08 -36.58 30.18
CA GLY CA 108 -24.73 -37.66 31.08
C GLY CA 108 -23.84 -38.69 30.40
N ASP CA 109 -23.28 -39.56 31.25
CA ASP CA 109 -22.44 -40.65 30.78
C ASP CA 109 -23.30 -41.86 30.45
N LEU CA 110 -22.67 -43.02 30.25
CA LEU CA 110 -23.40 -44.24 29.96
C LEU CA 110 -24.06 -44.76 31.23
N GLY CA 111 -25.38 -44.92 31.18
CA GLY CA 111 -26.13 -45.40 32.32
C GLY CA 111 -26.66 -44.33 33.24
N GLN CA 112 -26.29 -43.07 33.04
CA GLN CA 112 -26.76 -41.99 33.90
C GLN CA 112 -27.96 -41.25 33.32
N VAL CA 113 -28.38 -41.57 32.10
CA VAL CA 113 -29.54 -40.95 31.47
C VAL CA 113 -30.53 -42.05 31.12
N LEU CA 114 -31.73 -41.98 31.71
CA LEU CA 114 -32.77 -42.97 31.46
C LEU CA 114 -34.05 -42.26 31.07
N PHE CA 115 -34.52 -42.48 29.85
CA PHE CA 115 -35.70 -41.80 29.34
C PHE CA 115 -36.98 -42.53 29.75
N HIS CA 116 -38.03 -41.75 29.99
CA HIS CA 116 -39.31 -42.31 30.37
C HIS CA 116 -40.44 -41.57 29.65
N PHE CA 117 -41.56 -42.25 29.45
CA PHE CA 117 -42.72 -41.67 28.78
C PHE CA 117 -43.82 -41.44 29.80
N TYR CA 118 -44.31 -40.20 29.89
CA TYR CA 118 -45.30 -39.86 30.90
C TYR CA 118 -46.37 -38.98 30.30
N ASN CA 119 -47.41 -38.75 31.09
CA ASN CA 119 -48.42 -37.73 30.79
C ASN CA 119 -48.94 -37.22 32.13
N LEU CA 120 -49.37 -35.96 32.15
CA LEU CA 120 -49.87 -35.38 33.38
C LEU CA 120 -51.29 -35.81 33.72
N GLU CA 121 -51.98 -36.50 32.81
CA GLU CA 121 -53.27 -37.09 33.12
C GLU CA 121 -53.17 -38.55 33.54
N ASP CA 122 -51.96 -39.10 33.61
CA ASP CA 122 -51.75 -40.50 33.97
C ASP CA 122 -50.79 -40.53 35.16
N PRO CA 123 -51.23 -40.96 36.34
CA PRO CA 123 -50.31 -41.05 37.48
C PRO CA 123 -49.47 -42.32 37.51
N ALA CA 124 -49.80 -43.34 36.70
CA ALA CA 124 -49.05 -44.58 36.72
C ALA CA 124 -47.67 -44.40 36.11
N SER CA 125 -47.56 -43.58 35.07
CA SER CA 125 -46.26 -43.31 34.45
C SER CA 125 -45.37 -42.47 35.36
N ILE CA 126 -45.96 -41.53 36.11
CA ILE CA 126 -45.19 -40.77 37.09
C ILE CA 126 -44.76 -41.67 38.25
N ARG CA 127 -45.62 -42.62 38.64
CA ARG CA 127 -45.28 -43.59 39.67
C ARG CA 127 -44.15 -44.51 39.22
N ASP CA 128 -44.12 -44.86 37.93
CA ASP CA 128 -42.98 -45.60 37.40
C ASP CA 128 -41.74 -44.73 37.30
N ALA CA 129 -41.92 -43.42 37.09
CA ALA CA 129 -40.77 -42.54 36.91
C ALA CA 129 -40.04 -42.25 38.23
N VAL CA 130 -40.77 -41.99 39.32
CA VAL CA 130 -40.14 -41.49 40.55
C VAL CA 130 -40.00 -42.58 41.61
N LYS CA 131 -40.17 -43.85 41.24
CA LYS CA 131 -40.14 -44.93 42.22
C LYS CA 131 -38.74 -45.20 42.76
N HIS CA 132 -37.69 -44.76 42.07
CA HIS CA 132 -36.31 -44.94 42.51
C HIS CA 132 -35.55 -43.64 42.44
N SER CA 133 -36.14 -42.57 42.94
CA SER CA 133 -35.57 -41.23 42.86
C SER CA 133 -35.44 -40.62 44.23
N ASN CA 134 -34.31 -39.96 44.49
CA ASN CA 134 -34.12 -39.19 45.71
C ASN CA 134 -34.46 -37.72 45.52
N VAL CA 135 -34.33 -37.21 44.29
CA VAL CA 135 -34.56 -35.81 43.96
C VAL CA 135 -35.54 -35.76 42.80
N VAL CA 136 -36.60 -34.97 42.96
CA VAL CA 136 -37.54 -34.70 41.87
C VAL CA 136 -37.50 -33.20 41.60
N ILE CA 137 -37.22 -32.83 40.36
CA ILE CA 137 -37.19 -31.43 39.95
C ILE CA 137 -38.37 -31.18 39.02
N ASN CA 138 -39.20 -30.19 39.38
CA ASN CA 138 -40.40 -29.85 38.62
C ASN CA 138 -40.12 -28.57 37.84
N LEU CA 139 -39.86 -28.72 36.55
CA LEU CA 139 -39.74 -27.60 35.62
C LEU CA 139 -40.91 -27.53 34.65
N VAL CA 140 -42.01 -28.21 34.98
CA VAL CA 140 -43.15 -28.32 34.07
C VAL CA 140 -43.96 -27.03 34.14
N GLY CA 141 -44.11 -26.37 33.01
CA GLY CA 141 -44.91 -25.17 32.93
C GLY CA 141 -45.16 -24.79 31.49
N ARG CA 142 -46.11 -23.89 31.29
CA ARG CA 142 -46.45 -23.46 29.94
C ARG CA 142 -46.95 -22.03 30.00
N ASP CA 143 -46.47 -21.19 29.09
CA ASP CA 143 -46.78 -19.77 29.08
C ASP CA 143 -48.10 -19.44 28.40
N PHE CA 144 -48.71 -20.39 27.70
CA PHE CA 144 -49.95 -20.14 26.98
C PHE CA 144 -50.93 -21.28 27.20
N GLU CA 145 -52.20 -20.99 26.94
CA GLU CA 145 -53.24 -21.99 27.05
C GLU CA 145 -53.15 -22.99 25.89
N THR CA 146 -53.46 -24.25 26.20
CA THR CA 146 -53.44 -25.34 25.24
C THR CA 146 -54.81 -26.01 25.28
N LYS CA 147 -55.22 -26.60 24.14
CA LYS CA 147 -56.53 -27.24 24.04
C LYS CA 147 -56.66 -28.47 24.93
N ASN CA 148 -55.55 -29.11 25.32
CA ASN CA 148 -55.59 -30.24 26.23
C ASN CA 148 -55.26 -29.87 27.67
N PHE CA 149 -54.38 -28.88 27.88
CA PHE CA 149 -53.96 -28.47 29.21
C PHE CA 149 -54.20 -26.98 29.37
N LYS CA 150 -55.00 -26.61 30.38
CA LYS CA 150 -55.16 -25.21 30.74
C LYS CA 150 -54.04 -24.82 31.69
N PHE CA 151 -54.12 -23.61 32.26
CA PHE CA 151 -53.12 -23.18 33.24
C PHE CA 151 -53.27 -23.95 34.55
N LYS CA 152 -54.52 -24.28 34.92
CA LYS CA 152 -54.76 -25.11 36.10
C LYS CA 152 -54.29 -26.54 35.87
N ASP CA 153 -54.40 -27.03 34.63
CA ASP CA 153 -54.03 -28.41 34.33
C ASP CA 153 -52.53 -28.63 34.26
N VAL CA 154 -51.73 -27.57 34.08
CA VAL CA 154 -50.29 -27.73 33.98
C VAL CA 154 -49.55 -27.13 35.18
N HIS CA 155 -50.04 -26.04 35.79
CA HIS CA 155 -49.35 -25.44 36.90
C HIS CA 155 -49.90 -25.86 38.25
N VAL CA 156 -51.19 -26.19 38.33
CA VAL CA 156 -51.79 -26.56 39.60
C VAL CA 156 -51.94 -28.07 39.71
N ASN CA 157 -52.78 -28.66 38.84
CA ASN CA 157 -53.19 -30.05 39.02
C ASN CA 157 -52.08 -31.04 38.66
N GLY CA 158 -51.32 -30.74 37.59
CA GLY CA 158 -50.19 -31.60 37.24
C GLY CA 158 -49.09 -31.55 38.29
N ALA CA 159 -48.87 -30.37 38.88
CA ALA CA 159 -47.94 -30.24 39.99
C ALA CA 159 -48.43 -31.01 41.22
N GLU CA 160 -49.75 -31.06 41.43
CA GLU CA 160 -50.27 -31.85 42.55
C GLU CA 160 -50.11 -33.33 42.31
N ARG CA 161 -50.28 -33.78 41.06
CA ARG CA 161 -50.08 -35.19 40.73
C ARG CA 161 -48.61 -35.58 40.91
N ILE CA 162 -47.69 -34.73 40.44
CA ILE CA 162 -46.25 -34.99 40.58
C ILE CA 162 -45.84 -34.98 42.05
N ALA CA 163 -46.31 -33.99 42.82
CA ALA CA 163 -45.91 -33.86 44.22
C ALA CA 163 -46.52 -34.96 45.09
N ARG CA 164 -47.78 -35.34 44.83
CA ARG CA 164 -48.42 -36.40 45.60
C ARG CA 164 -47.81 -37.76 45.29
N ILE CA 165 -47.49 -38.02 44.02
CA ILE CA 165 -46.86 -39.28 43.64
C ILE CA 165 -45.43 -39.35 44.18
N ALA CA 166 -44.72 -38.21 44.19
CA ALA CA 166 -43.37 -38.18 44.76
C ALA CA 166 -43.38 -38.32 46.28
N ARG CA 167 -44.40 -37.79 46.95
CA ARG CA 167 -44.51 -37.98 48.39
C ARG CA 167 -44.90 -39.41 48.73
N GLU CA 168 -45.74 -40.04 47.91
CA GLU CA 168 -46.12 -41.42 48.15
C GLU CA 168 -45.03 -42.40 47.77
N ALA CA 169 -44.08 -41.99 46.92
CA ALA CA 169 -43.01 -42.87 46.48
C ALA CA 169 -41.76 -42.76 47.34
N GLY CA 170 -41.76 -41.94 48.38
CA GLY CA 170 -40.63 -41.84 49.26
C GLY CA 170 -39.49 -40.99 48.77
N VAL CA 171 -39.76 -40.03 47.89
CA VAL CA 171 -38.73 -39.12 47.41
C VAL CA 171 -38.41 -38.11 48.49
N GLU CA 172 -37.11 -37.90 48.75
CA GLU CA 172 -36.70 -37.04 49.87
C GLU CA 172 -36.93 -35.57 49.55
N ARG CA 173 -36.57 -35.12 48.36
CA ARG CA 173 -36.56 -33.70 48.02
C ARG CA 173 -37.43 -33.42 46.81
N LEU CA 174 -37.92 -32.18 46.73
CA LEU CA 174 -38.72 -31.75 45.59
C LEU CA 174 -38.49 -30.25 45.40
N ILE CA 175 -38.03 -29.88 44.21
CA ILE CA 175 -37.43 -28.56 43.96
C ILE CA 175 -38.29 -27.82 42.92
N HIS CA 176 -39.61 -27.92 43.06
CA HIS CA 176 -40.56 -27.24 42.18
C HIS CA 176 -40.36 -25.73 42.15
N LEU CA 177 -40.37 -25.16 40.94
CA LEU CA 177 -40.14 -23.74 40.73
C LEU CA 177 -41.44 -22.96 40.82
N SER CA 178 -41.35 -21.66 40.59
CA SER CA 178 -42.47 -20.75 40.77
C SER CA 178 -42.22 -19.51 39.90
N SER CA 179 -42.93 -18.43 40.19
CA SER CA 179 -42.65 -17.13 39.59
C SER CA 179 -42.36 -16.12 40.70
N LEU CA 180 -41.75 -15.01 40.31
CA LEU CA 180 -41.27 -14.04 41.29
C LEU CA 180 -42.41 -13.22 41.90
N ASN CA 181 -43.38 -12.84 41.08
CA ASN CA 181 -44.44 -11.91 41.50
C ASN CA 181 -45.76 -12.61 41.76
N VAL CA 182 -45.71 -13.81 42.37
CA VAL CA 182 -46.92 -14.57 42.62
C VAL CA 182 -47.72 -13.94 43.76
N GLU CA 183 -49.02 -13.76 43.53
CA GLU CA 183 -49.92 -13.14 44.50
C GLU CA 183 -51.27 -13.82 44.44
N ALA CA 184 -52.12 -13.52 45.43
CA ALA CA 184 -53.45 -14.13 45.48
C ALA CA 184 -54.37 -13.56 44.41
N ASN CA 185 -54.41 -12.25 44.28
CA ASN CA 185 -55.21 -11.57 43.25
C ASN CA 185 -54.32 -10.56 42.54
N PRO CA 186 -53.56 -11.01 41.53
CA PRO CA 186 -52.71 -10.07 40.77
C PRO CA 186 -53.56 -9.22 39.84
N LYS CA 187 -53.49 -7.91 40.04
CA LYS CA 187 -54.30 -6.99 39.24
C LYS CA 187 -53.74 -6.88 37.83
N ASP CA 188 -54.64 -6.83 36.85
CA ASP CA 188 -54.23 -6.74 35.45
C ASP CA 188 -53.74 -5.34 35.13
N LEU CA 189 -52.61 -5.27 34.44
CA LEU CA 189 -52.03 -3.97 34.12
C LEU CA 189 -52.52 -3.47 32.77
N TYR CA 190 -52.47 -4.32 31.73
CA TYR CA 190 -52.89 -3.87 30.41
C TYR CA 190 -54.13 -4.62 29.93
N VAL CA 191 -54.06 -5.94 29.85
CA VAL CA 191 -55.03 -6.73 29.09
C VAL CA 191 -56.09 -7.28 30.04
N LYS CA 192 -57.28 -7.53 29.50
CA LYS CA 192 -58.32 -8.23 30.24
C LYS CA 192 -58.12 -9.74 30.09
N GLY CA 193 -58.13 -10.44 31.22
CA GLY CA 193 -57.82 -11.85 31.22
C GLY CA 193 -56.36 -12.16 31.47
N GLY CA 194 -55.51 -11.16 31.65
CA GLY CA 194 -54.13 -11.40 31.99
C GLY CA 194 -53.95 -11.79 33.44
N SER CA 195 -52.70 -12.12 33.78
CA SER CA 195 -52.22 -12.57 35.08
C SER CA 195 -52.90 -13.86 35.55
N GLU CA 196 -53.45 -14.67 34.64
CA GLU CA 196 -53.92 -16.00 35.02
C GLU CA 196 -52.74 -16.93 35.29
N TRP CA 197 -51.62 -16.68 34.61
CA TRP CA 197 -50.41 -17.49 34.80
C TRP CA 197 -49.82 -17.29 36.19
N LEU CA 198 -49.75 -16.05 36.67
CA LEU CA 198 -49.20 -15.76 37.99
C LEU CA 198 -50.07 -16.33 39.10
N LYS CA 199 -51.40 -16.21 38.95
CA LYS CA 199 -52.34 -16.79 39.92
C LYS CA 199 -52.27 -18.31 39.90
N SER CA 200 -52.08 -18.90 38.72
CA SER CA 200 -51.96 -20.35 38.61
C SER CA 200 -50.69 -20.85 39.27
N LYS CA 201 -49.57 -20.13 39.08
CA LYS CA 201 -48.31 -20.52 39.74
C LYS CA 201 -48.38 -20.32 41.24
N TYR CA 202 -49.11 -19.28 41.70
CA TYR CA 202 -49.28 -19.06 43.14
C TYR CA 202 -50.11 -20.16 43.78
N GLU CA 203 -51.25 -20.49 43.19
CA GLU CA 203 -52.10 -21.57 43.71
C GLU CA 203 -51.39 -22.91 43.66
N GLY CA 204 -50.60 -23.13 42.60
CA GLY CA 204 -49.79 -24.33 42.51
C GLY CA 204 -48.73 -24.40 43.59
N GLU CA 205 -48.06 -23.28 43.90
CA GLU CA 205 -46.99 -23.34 44.90
C GLU CA 205 -47.52 -23.54 46.31
N LEU CA 206 -48.66 -22.93 46.67
CA LEU CA 206 -49.23 -23.27 47.99
C LEU CA 206 -49.84 -24.66 48.04
N ARG CA 207 -50.37 -25.18 46.91
CA ARG CA 207 -50.87 -26.54 47.01
C ARG CA 207 -49.76 -27.60 46.99
N VAL CA 208 -48.60 -27.31 46.38
CA VAL CA 208 -47.44 -28.20 46.51
C VAL CA 208 -46.88 -28.14 47.92
N ARG CA 209 -46.78 -26.93 48.52
CA ARG CA 209 -46.34 -26.82 49.90
C ARG CA 209 -47.31 -27.43 50.89
N ASP CA 210 -48.60 -27.50 50.55
CA ASP CA 210 -49.56 -28.26 51.35
C ASP CA 210 -49.38 -29.76 51.15
N ALA CA 211 -49.19 -30.21 49.91
CA ALA CA 211 -49.13 -31.64 49.63
C ALA CA 211 -47.78 -32.23 50.03
N PHE CA 212 -46.70 -31.66 49.52
CA PHE CA 212 -45.37 -32.11 49.90
C PHE CA 212 -44.86 -31.14 50.95
N PRO CA 213 -44.64 -31.59 52.20
CA PRO CA 213 -44.49 -30.64 53.31
C PRO CA 213 -43.17 -29.89 53.34
N ASN CA 214 -42.11 -30.46 52.76
CA ASN CA 214 -40.78 -29.81 52.73
C ASN CA 214 -40.19 -29.75 51.31
N ALA CA 215 -40.70 -28.80 50.52
CA ALA CA 215 -40.32 -28.64 49.13
C ALA CA 215 -39.53 -27.36 48.95
N THR CA 216 -38.40 -27.45 48.26
CA THR CA 216 -37.55 -26.29 48.02
C THR CA 216 -38.14 -25.48 46.85
N ILE CA 217 -39.02 -24.54 47.22
CA ILE CA 217 -39.64 -23.69 46.21
C ILE CA 217 -38.68 -22.58 45.83
N ILE CA 218 -38.37 -22.48 44.54
CA ILE CA 218 -37.51 -21.44 44.00
C ILE CA 218 -38.40 -20.51 43.18
N ARG CA 219 -38.32 -19.21 43.43
CA ARG CA 219 -39.05 -18.22 42.67
C ARG CA 219 -38.09 -17.45 41.79
N PRO CA 220 -38.00 -17.74 40.49
CA PRO CA 220 -37.17 -16.92 39.62
C PRO CA 220 -37.94 -15.76 39.02
N ALA CA 221 -37.19 -14.75 38.60
CA ALA CA 221 -37.67 -13.65 37.79
C ALA CA 221 -37.58 -14.05 36.32
N ASP CA 222 -37.63 -13.07 35.43
CA ASP CA 222 -37.38 -13.34 34.02
C ASP CA 222 -35.96 -13.85 33.81
N ILE CA 223 -35.83 -14.95 33.07
CA ILE CA 223 -34.59 -15.69 32.97
C ILE CA 223 -34.02 -15.49 31.57
N TYR CA 224 -32.75 -15.07 31.50
CA TYR CA 224 -32.12 -14.81 30.23
C TYR CA 224 -31.04 -15.86 29.96
N GLY CA 225 -30.94 -16.29 28.72
CA GLY CA 225 -29.99 -17.33 28.33
C GLY CA 225 -30.06 -17.55 26.83
N SER CA 226 -29.33 -18.56 26.37
CA SER CA 226 -29.59 -19.08 25.03
C SER CA 226 -30.88 -19.87 25.08
N GLU CA 227 -31.55 -20.00 23.93
CA GLU CA 227 -32.89 -20.56 23.65
C GLU CA 227 -33.99 -20.04 24.60
N ASP CA 228 -33.86 -18.84 25.16
CA ASP CA 228 -34.84 -18.35 26.12
C ASP CA 228 -36.06 -17.76 25.44
N ARG CA 229 -36.89 -17.08 26.24
CA ARG CA 229 -37.98 -16.30 25.68
C ARG CA 229 -37.75 -14.81 25.88
N PHE CA 230 -36.82 -14.45 26.77
CA PHE CA 230 -36.70 -13.05 27.17
C PHE CA 230 -35.92 -12.24 26.13
N LEU CA 231 -34.71 -12.69 25.79
CA LEU CA 231 -33.97 -12.04 24.70
C LEU CA 231 -34.55 -12.35 23.34
N ARG CA 232 -35.06 -13.58 23.15
CA ARG CA 232 -35.60 -13.96 21.86
C ARG CA 232 -36.94 -13.30 21.59
N TYR CA 233 -37.63 -12.87 22.65
CA TYR CA 233 -38.89 -12.15 22.47
C TYR CA 233 -38.64 -10.73 21.99
N TYR CA 234 -37.62 -10.06 22.53
CA TYR CA 234 -37.29 -8.71 22.10
C TYR CA 234 -36.57 -8.71 20.76
N ALA CA 235 -35.84 -9.79 20.46
CA ALA CA 235 -35.03 -9.81 19.25
C ALA CA 235 -35.85 -10.20 18.03
N HIS CA 236 -37.08 -10.67 18.23
CA HIS CA 236 -37.85 -11.24 17.13
C HIS CA 236 -38.48 -10.14 16.29
N ILE CA 237 -38.81 -10.51 15.05
CA ILE CA 237 -39.42 -9.56 14.10
C ILE CA 237 -40.85 -9.24 14.52
N TRP CA 238 -41.58 -10.24 15.03
CA TRP CA 238 -43.02 -10.07 15.28
C TRP CA 238 -43.32 -9.18 16.47
N ARG CA 239 -42.35 -8.98 17.36
CA ARG CA 239 -42.58 -8.08 18.49
C ARG CA 239 -42.52 -6.62 18.05
N ARG CA 240 -41.48 -6.24 17.32
CA ARG CA 240 -41.37 -4.88 16.83
C ARG CA 240 -42.30 -4.66 15.64
N GLN CA 241 -42.65 -3.40 15.39
CA GLN CA 241 -43.56 -3.03 14.32
C GLN CA 241 -42.90 -1.98 13.45
N PHE CA 242 -42.51 -2.37 12.23
CA PHE CA 242 -41.90 -1.50 11.21
C PHE CA 242 -40.63 -0.83 11.72
N ARG CA 243 -39.73 -1.65 12.28
CA ARG CA 243 -38.47 -1.24 12.91
C ARG CA 243 -38.68 -0.23 14.03
N SER CA 244 -39.77 -0.39 14.79
CA SER CA 244 -40.04 0.43 15.97
C SER CA 244 -40.49 -0.49 17.10
N MET CA 245 -40.14 -0.10 18.32
CA MET CA 245 -40.25 -0.98 19.46
C MET CA 245 -41.38 -0.54 20.39
N PRO CA 246 -42.50 -1.27 20.45
CA PRO CA 246 -43.58 -0.88 21.37
C PRO CA 246 -43.39 -1.43 22.77
N LEU CA 247 -43.44 -0.55 23.77
CA LEU CA 247 -43.27 -0.93 25.16
C LEU CA 247 -44.33 -0.23 26.01
N TRP CA 248 -44.70 -0.89 27.12
CA TRP CA 248 -45.70 -0.37 28.04
C TRP CA 248 -45.08 0.75 28.86
N HIS CA 249 -45.75 1.92 28.84
CA HIS CA 249 -45.32 3.18 29.45
C HIS CA 249 -43.94 3.62 28.99
N LYS CA 250 -43.56 3.33 27.74
CA LYS CA 250 -42.26 3.47 27.10
C LYS CA 250 -41.15 2.71 27.84
N GLY CA 251 -41.48 1.70 28.65
CA GLY CA 251 -40.49 0.96 29.39
C GLY CA 251 -39.97 1.63 30.64
N GLU CA 252 -40.47 2.83 30.98
CA GLU CA 252 -39.89 3.58 32.09
C GLU CA 252 -40.42 3.08 33.43
N LYS CA 253 -41.69 2.72 33.50
CA LYS CA 253 -42.36 2.40 34.75
C LYS CA 253 -42.24 0.94 35.14
N THR CA 254 -41.57 0.11 34.35
CA THR CA 254 -41.39 -1.30 34.65
C THR CA 254 -39.94 -1.56 35.02
N VAL CA 255 -39.73 -2.06 36.24
CA VAL CA 255 -38.40 -2.35 36.75
C VAL CA 255 -38.28 -3.86 36.95
N LYS CA 256 -37.27 -4.46 36.32
CA LYS CA 256 -37.10 -5.90 36.32
C LYS CA 256 -35.71 -6.28 36.81
N GLN CA 257 -35.61 -7.45 37.42
CA GLN CA 257 -34.34 -7.97 37.95
C GLN CA 257 -34.09 -9.35 37.37
N PRO CA 258 -33.65 -9.44 36.12
CA PRO CA 258 -33.54 -10.74 35.45
C PRO CA 258 -32.36 -11.56 35.96
N VAL CA 259 -32.45 -12.87 35.75
CA VAL CA 259 -31.49 -13.83 36.29
C VAL CA 259 -31.01 -14.74 35.15
N TYR CA 260 -29.72 -15.07 35.18
CA TYR CA 260 -29.13 -15.93 34.15
C TYR CA 260 -29.45 -17.39 34.46
N VAL CA 261 -29.54 -18.20 33.41
CA VAL CA 261 -30.16 -19.53 33.52
C VAL CA 261 -29.23 -20.53 34.20
N SER CA 262 -27.91 -20.37 34.04
CA SER CA 262 -27.00 -21.28 34.73
C SER CA 262 -26.91 -20.96 36.21
N ASP CA 263 -27.21 -19.71 36.59
CA ASP CA 263 -27.34 -19.38 38.01
C ASP CA 263 -28.53 -20.08 38.62
N VAL CA 264 -29.66 -20.14 37.90
CA VAL CA 264 -30.84 -20.85 38.40
C VAL CA 264 -30.58 -22.35 38.45
N ALA CA 265 -29.90 -22.89 37.44
CA ALA CA 265 -29.56 -24.31 37.40
C ALA CA 265 -28.60 -24.69 38.53
N GLN CA 266 -27.58 -23.87 38.77
CA GLN CA 266 -26.63 -24.14 39.85
C GLN CA 266 -27.29 -23.92 41.21
N ALA CA 267 -28.29 -23.04 41.29
CA ALA CA 267 -29.08 -22.93 42.50
C ALA CA 267 -29.90 -24.18 42.76
N ILE CA 268 -30.42 -24.79 41.68
CA ILE CA 268 -31.14 -26.06 41.80
C ILE CA 268 -30.20 -27.18 42.26
N ILE CA 269 -28.97 -27.19 41.73
CA ILE CA 269 -27.96 -28.18 42.15
C ILE CA 269 -27.59 -27.99 43.62
N ASN CA 270 -27.38 -26.74 44.04
CA ASN CA 270 -26.99 -26.46 45.42
C ASN CA 270 -28.14 -26.68 46.38
N ALA CA 271 -29.39 -26.55 45.91
CA ALA CA 271 -30.53 -26.88 46.75
C ALA CA 271 -30.71 -28.39 46.85
N ALA CA 272 -30.33 -29.13 45.80
CA ALA CA 272 -30.40 -30.58 45.85
C ALA CA 272 -29.32 -31.16 46.77
N LYS CA 273 -28.12 -30.58 46.74
CA LYS CA 273 -27.03 -31.12 47.54
C LYS CA 273 -27.16 -30.76 49.02
N ASP CA 274 -27.80 -29.63 49.32
CA ASP CA 274 -27.94 -29.17 50.70
C ASP CA 274 -29.26 -29.65 51.28
N PRO CA 275 -29.24 -30.45 52.35
CA PRO CA 275 -30.53 -30.87 52.95
C PRO CA 275 -31.19 -29.79 53.79
N ASP CA 276 -30.49 -28.68 54.06
CA ASP CA 276 -31.07 -27.64 54.90
C ASP CA 276 -31.99 -26.72 54.10
N SER CA 277 -32.01 -26.87 52.77
CA SER CA 277 -32.82 -25.99 51.93
C SER CA 277 -34.24 -26.50 51.78
N ALA CA 278 -34.57 -27.62 52.41
CA ALA CA 278 -35.90 -28.20 52.28
C ALA CA 278 -36.93 -27.36 53.04
N GLY CA 279 -38.10 -27.20 52.45
CA GLY CA 279 -39.15 -26.38 53.03
C GLY CA 279 -38.84 -24.90 53.08
N ARG CA 280 -38.13 -24.39 52.07
CA ARG CA 280 -37.76 -22.98 52.04
C ARG CA 280 -38.15 -22.40 50.68
N ILE CA 281 -38.32 -21.09 50.65
CA ILE CA 281 -38.58 -20.33 49.44
C ILE CA 281 -37.35 -19.49 49.15
N TYR CA 282 -36.79 -19.64 47.96
CA TYR CA 282 -35.56 -18.95 47.56
C TYR CA 282 -35.86 -18.02 46.40
N GLN CA 283 -35.65 -16.73 46.62
CA GLN CA 283 -35.76 -15.74 45.55
C GLN CA 283 -34.59 -15.91 44.59
N ALA CA 284 -34.88 -15.90 43.29
CA ALA CA 284 -33.83 -16.03 42.28
C ALA CA 284 -33.85 -14.81 41.37
N VAL CA 285 -33.09 -13.78 41.75
CA VAL CA 285 -32.95 -12.57 40.98
C VAL CA 285 -31.47 -12.33 40.69
N GLY CA 286 -31.20 -11.41 39.78
CA GLY CA 286 -29.85 -11.05 39.45
C GLY CA 286 -29.24 -10.10 40.44
N PRO CA 287 -28.00 -9.69 40.18
CA PRO CA 287 -27.30 -8.81 41.13
C PRO CA 287 -27.79 -7.37 41.10
N LYS CA 288 -28.21 -6.85 39.95
CA LYS CA 288 -28.58 -5.45 39.82
C LYS CA 288 -29.98 -5.34 39.22
N ARG CA 289 -30.63 -4.22 39.53
CA ARG CA 289 -31.97 -3.91 39.02
C ARG CA 289 -31.86 -2.93 37.87
N TYR CA 290 -32.65 -3.17 36.83
CA TYR CA 290 -32.76 -2.27 35.70
C TYR CA 290 -34.22 -1.99 35.41
N GLN CA 291 -34.47 -0.90 34.70
CA GLN CA 291 -35.79 -0.66 34.12
C GLN CA 291 -35.81 -1.14 32.67
N LEU CA 292 -37.01 -1.34 32.16
CA LEU CA 292 -37.17 -2.04 30.88
C LEU CA 292 -36.75 -1.18 29.69
N SER CA 293 -36.87 0.14 29.80
CA SER CA 293 -36.46 1.02 28.70
C SER CA 293 -34.94 0.99 28.52
N GLU CA 294 -34.20 1.05 29.63
CA GLU CA 294 -32.74 0.96 29.57
C GLU CA 294 -32.28 -0.40 29.10
N LEU CA 295 -32.99 -1.46 29.49
CA LEU CA 295 -32.66 -2.81 29.05
C LEU CA 295 -32.89 -2.99 27.55
N VAL CA 296 -34.00 -2.47 27.02
CA VAL CA 296 -34.30 -2.61 25.60
C VAL CA 296 -33.35 -1.74 24.76
N ASP CA 297 -33.04 -0.54 25.24
CA ASP CA 297 -32.07 0.33 24.56
C ASP CA 297 -30.68 -0.29 24.58
N TRP CA 298 -30.30 -0.95 25.66
CA TRP CA 298 -29.01 -1.62 25.71
C TRP CA 298 -28.99 -2.86 24.82
N PHE CA 299 -30.12 -3.57 24.71
CA PHE CA 299 -30.22 -4.71 23.80
C PHE CA 299 -30.06 -4.28 22.35
N HIS CA 300 -30.69 -3.17 21.98
CA HIS CA 300 -30.56 -2.69 20.61
C HIS CA 300 -29.24 -1.97 20.37
N ARG CA 301 -28.53 -1.55 21.43
CA ARG CA 301 -27.17 -1.10 21.26
C ARG CA 301 -26.21 -2.26 21.06
N LEU CA 302 -26.45 -3.37 21.76
CA LEU CA 302 -25.69 -4.60 21.54
C LEU CA 302 -25.98 -5.24 20.20
N MET CA 303 -27.17 -5.01 19.65
CA MET CA 303 -27.60 -5.62 18.40
C MET CA 303 -27.16 -4.84 17.17
N ARG CA 304 -26.37 -3.76 17.38
CA ARG CA 304 -25.95 -2.81 16.34
C ARG CA 304 -27.15 -2.21 15.60
N LYS CA 305 -28.20 -1.89 16.35
CA LYS CA 305 -29.42 -1.30 15.84
C LYS CA 305 -29.61 0.05 16.53
N ASP CA 306 -29.01 1.09 15.98
CA ASP CA 306 -28.97 2.39 16.61
C ASP CA 306 -30.20 3.22 16.20
N GLN CA 307 -30.19 4.50 16.60
CA GLN CA 307 -31.31 5.38 16.29
C GLN CA 307 -31.29 5.84 14.83
N LYS CA 308 -30.11 6.09 14.29
CA LYS CA 308 -29.99 6.72 12.98
C LYS CA 308 -29.91 5.72 11.84
N ARG CA 309 -28.98 4.76 11.93
CA ARG CA 309 -28.73 3.86 10.80
C ARG CA 309 -29.84 2.83 10.64
N TRP CA 310 -30.32 2.26 11.74
CA TRP CA 310 -31.34 1.22 11.66
C TRP CA 310 -32.76 1.77 11.76
N GLY CA 311 -32.92 2.96 12.34
CA GLY CA 311 -34.25 3.53 12.51
C GLY CA 311 -35.00 3.03 13.72
N TYR CA 312 -34.31 2.53 14.74
CA TYR CA 312 -34.95 2.04 15.94
C TYR CA 312 -35.47 3.21 16.78
N MET CA 313 -36.75 3.16 17.12
CA MET CA 313 -37.35 4.16 18.00
C MET CA 313 -38.26 3.46 19.00
N ARG CA 314 -38.45 4.10 20.14
CA ARG CA 314 -39.24 3.55 21.24
C ARG CA 314 -40.49 4.39 21.42
N TYR CA 315 -41.66 3.75 21.40
CA TYR CA 315 -42.92 4.44 21.57
C TYR CA 315 -43.82 3.63 22.50
N ASP CA 316 -44.80 4.32 23.08
CA ASP CA 316 -45.67 3.72 24.08
C ASP CA 316 -46.65 2.75 23.42
N MET CA 317 -46.81 1.58 24.04
CA MET CA 317 -47.66 0.53 23.48
C MET CA 317 -49.13 0.78 23.79
N ARG CA 318 -49.42 1.65 24.76
CA ARG CA 318 -50.80 1.91 25.15
C ARG CA 318 -51.59 2.68 24.11
N TRP CA 319 -50.93 3.49 23.27
CA TRP CA 319 -51.61 4.18 22.19
C TRP CA 319 -51.68 3.35 20.92
N ASP CA 320 -51.21 2.11 20.96
CA ASP CA 320 -51.17 1.26 19.77
C ASP CA 320 -52.23 0.17 19.88
N PRO CA 321 -53.33 0.25 19.13
CA PRO CA 321 -54.30 -0.84 19.14
C PRO CA 321 -54.01 -1.95 18.14
N THR CA 322 -53.03 -1.76 17.26
CA THR CA 322 -52.67 -2.76 16.26
C THR CA 322 -51.92 -3.93 16.89
N PHE CA 323 -51.06 -3.64 17.87
CA PHE CA 323 -50.15 -4.65 18.41
C PHE CA 323 -50.89 -5.71 19.24
N LEU CA 324 -51.91 -5.30 19.98
CA LEU CA 324 -52.67 -6.27 20.77
C LEU CA 324 -53.50 -7.18 19.90
N LEU CA 325 -54.07 -6.64 18.81
CA LEU CA 325 -54.78 -7.46 17.84
C LEU CA 325 -53.83 -8.39 17.11
N LYS CA 326 -52.60 -7.93 16.84
CA LYS CA 326 -51.59 -8.80 16.24
C LYS CA 326 -51.17 -9.92 17.17
N ALA CA 327 -51.04 -9.63 18.47
CA ALA CA 327 -50.71 -10.66 19.45
C ALA CA 327 -51.85 -11.66 19.61
N LYS CA 328 -53.11 -11.19 19.58
CA LYS CA 328 -54.24 -12.10 19.67
C LYS CA 328 -54.36 -12.97 18.42
N LEU CA 329 -54.09 -12.40 17.24
CA LEU CA 329 -54.09 -13.20 16.01
C LEU CA 329 -52.96 -14.21 15.99
N ASN CA 330 -51.79 -13.83 16.52
CA ASN CA 330 -50.67 -14.75 16.60
C ASN CA 330 -50.93 -15.87 17.60
N SER CA 331 -51.64 -15.57 18.69
CA SER CA 331 -52.03 -16.63 19.61
C SER CA 331 -53.16 -17.50 19.07
N PHE CA 332 -53.98 -16.96 18.16
CA PHE CA 332 -55.12 -17.72 17.65
C PHE CA 332 -54.72 -18.64 16.50
N ILE CA 333 -54.09 -18.10 15.47
CA ILE CA 333 -53.88 -18.86 14.24
C ILE CA 333 -52.74 -19.87 14.32
N CYS CA 334 -51.93 -19.84 15.38
CA CYS CA 334 -50.83 -20.77 15.52
C CYS CA 334 -51.32 -22.06 16.17
N PRO CA 335 -51.14 -23.23 15.53
CA PRO CA 335 -51.59 -24.47 16.15
C PRO CA 335 -50.73 -24.93 17.32
N GLY CA 336 -49.49 -24.46 17.41
CA GLY CA 336 -48.64 -24.82 18.52
C GLY CA 336 -48.13 -23.62 19.29
N THR CA 337 -46.81 -23.47 19.33
CA THR CA 337 -46.21 -22.30 19.97
C THR CA 337 -46.46 -21.06 19.11
N PRO CA 338 -46.81 -19.92 19.73
CA PRO CA 338 -46.91 -18.67 18.97
C PRO CA 338 -45.56 -18.21 18.44
N ILE CA 339 -45.62 -17.43 17.36
CA ILE CA 339 -44.42 -17.00 16.67
C ILE CA 339 -43.72 -15.93 17.49
N GLY CA 340 -42.47 -16.21 17.88
CA GLY CA 340 -41.70 -15.29 18.67
C GLY CA 340 -42.06 -15.24 20.13
N GLY CA 341 -42.90 -16.15 20.61
CA GLY CA 341 -43.39 -16.10 21.98
C GLY CA 341 -44.29 -14.92 22.26
N LEU CA 342 -45.13 -14.53 21.31
CA LEU CA 342 -45.95 -13.34 21.42
C LEU CA 342 -47.38 -13.75 21.77
N HIS CA 343 -47.80 -13.41 22.98
CA HIS CA 343 -49.14 -13.70 23.48
C HIS CA 343 -49.42 -12.71 24.62
N PRO CA 344 -50.70 -12.48 24.96
CA PRO CA 344 -51.01 -11.54 26.06
C PRO CA 344 -50.48 -11.95 27.43
N ALA CA 345 -50.26 -13.25 27.67
CA ALA CA 345 -49.64 -13.68 28.92
C ALA CA 345 -48.19 -13.22 29.00
N ARG CA 346 -47.48 -13.22 27.86
CA ARG CA 346 -46.12 -12.68 27.83
C ARG CA 346 -46.12 -11.16 28.02
N ILE CA 347 -47.17 -10.49 27.54
CA ILE CA 347 -47.32 -9.05 27.73
C ILE CA 347 -47.54 -8.72 29.21
N GLU CA 348 -48.36 -9.51 29.89
CA GLU CA 348 -48.52 -9.31 31.34
C GLU CA 348 -47.27 -9.74 32.11
N ARG CA 349 -46.50 -10.69 31.59
CA ARG CA 349 -45.27 -11.11 32.26
C ARG CA 349 -44.18 -10.04 32.16
N GLU CA 350 -44.11 -9.34 31.02
CA GLU CA 350 -43.17 -8.24 30.92
C GLU CA 350 -43.71 -6.95 31.50
N ALA CA 351 -45.03 -6.87 31.73
CA ALA CA 351 -45.60 -5.64 32.25
C ALA CA 351 -45.36 -5.48 33.75
N VAL CA 352 -45.35 -6.59 34.50
CA VAL CA 352 -45.24 -6.54 35.94
C VAL CA 352 -43.82 -6.19 36.35
N THR CA 353 -43.69 -5.54 37.50
CA THR CA 353 -42.39 -5.12 38.01
C THR CA 353 -41.87 -6.16 39.00
N ASP CA 354 -40.58 -6.45 38.90
CA ASP CA 354 -39.96 -7.50 39.72
C ASP CA 354 -39.78 -6.98 41.14
N LYS CA 355 -40.55 -7.54 42.07
CA LYS CA 355 -40.52 -7.12 43.47
C LYS CA 355 -40.07 -8.29 44.33
N VAL CA 356 -39.03 -8.04 45.14
CA VAL CA 356 -38.53 -9.05 46.06
C VAL CA 356 -39.16 -8.80 47.43
N LEU CA 357 -39.25 -9.86 48.22
CA LEU CA 357 -39.84 -9.80 49.55
C LEU CA 357 -38.73 -9.87 50.59
N THR CA 358 -38.76 -8.96 51.56
CA THR CA 358 -37.75 -8.94 52.61
C THR CA 358 -37.96 -10.10 53.58
N GLY CA 359 -36.85 -10.70 54.02
CA GLY CA 359 -36.89 -11.87 54.87
C GLY CA 359 -36.92 -13.18 54.12
N VAL CA 360 -37.11 -13.16 52.80
CA VAL CA 360 -37.06 -14.35 51.97
C VAL CA 360 -35.67 -14.43 51.36
N PRO CA 361 -34.94 -15.55 51.52
CA PRO CA 361 -33.54 -15.60 51.11
C PRO CA 361 -33.38 -15.60 49.60
N THR CA 362 -32.28 -14.98 49.16
CA THR CA 362 -31.93 -14.89 47.75
C THR CA 362 -31.00 -16.05 47.38
N LEU CA 363 -30.43 -16.00 46.18
CA LEU CA 363 -29.52 -17.06 45.73
C LEU CA 363 -28.15 -17.00 46.42
N GLU CA 364 -27.81 -15.90 47.09
CA GLU CA 364 -26.58 -15.84 47.85
C GLU CA 364 -26.62 -16.74 49.08
N ASP CA 365 -27.82 -17.05 49.59
CA ASP CA 365 -27.95 -18.01 50.68
C ASP CA 365 -27.68 -19.44 50.23
N LEU CA 366 -27.85 -19.73 48.94
CA LEU CA 366 -27.58 -21.05 48.38
C LEU CA 366 -26.11 -21.24 47.99
N GLY CA 367 -25.29 -20.21 48.13
CA GLY CA 367 -23.87 -20.32 47.86
C GLY CA 367 -23.46 -20.12 46.42
N VAL CA 368 -24.41 -19.86 45.53
CA VAL CA 368 -24.11 -19.66 44.11
C VAL CA 368 -23.78 -18.19 43.86
N THR CA 369 -22.79 -17.96 43.01
CA THR CA 369 -22.51 -16.61 42.55
C THR CA 369 -23.51 -16.22 41.46
N LEU CA 370 -23.64 -14.91 41.24
CA LEU CA 370 -24.60 -14.38 40.29
C LEU CA 370 -23.86 -13.76 39.10
N THR CA 371 -24.41 -13.96 37.90
CA THR CA 371 -23.79 -13.48 36.68
C THR CA 371 -24.46 -12.20 36.23
N THR CA 372 -23.67 -11.14 36.08
CA THR CA 372 -24.17 -9.87 35.58
C THR CA 372 -24.43 -9.98 34.08
N MET CA 373 -25.36 -9.18 33.57
CA MET CA 373 -25.64 -9.16 32.13
C MET CA 373 -24.47 -8.68 31.29
N GLU CA 374 -23.60 -7.85 31.85
CA GLU CA 374 -22.44 -7.35 31.11
C GLU CA 374 -21.39 -8.42 30.81
N GLN CA 375 -21.48 -9.59 31.44
CA GLN CA 375 -20.60 -10.71 31.14
C GLN CA 375 -21.14 -11.62 30.05
N GLN CA 376 -22.46 -11.72 29.91
CA GLN CA 376 -23.05 -12.73 29.04
C GLN CA 376 -23.82 -12.15 27.86
N VAL CA 377 -24.64 -11.14 28.06
CA VAL CA 377 -25.57 -10.62 27.03
C VAL CA 377 -24.87 -9.98 25.83
N PRO CA 378 -23.68 -9.34 25.93
CA PRO CA 378 -22.92 -9.05 24.69
C PRO CA 378 -22.53 -10.28 23.87
N TRP CA 379 -22.30 -11.43 24.50
CA TRP CA 379 -22.15 -12.67 23.73
C TRP CA 379 -23.50 -13.22 23.29
N GLU CA 380 -24.53 -13.02 24.09
CA GLU CA 380 -25.81 -13.67 23.85
C GLU CA 380 -26.58 -13.01 22.71
N LEU CA 381 -26.36 -11.72 22.49
CA LEU CA 381 -26.97 -11.01 21.38
C LEU CA 381 -26.07 -10.94 20.16
N ARG CA 382 -24.99 -11.70 20.14
CA ARG CA 382 -24.14 -11.78 18.95
C ARG CA 382 -24.81 -12.38 17.72
N PRO CA 383 -25.60 -13.48 17.75
CA PRO CA 383 -26.29 -13.88 16.52
C PRO CA 383 -27.43 -12.98 16.11
N TYR CA 384 -27.97 -12.15 17.00
CA TYR CA 384 -29.06 -11.26 16.66
C TYR CA 384 -28.59 -9.88 16.25
N ARG CA 385 -27.30 -9.72 15.96
CA ARG CA 385 -26.78 -8.44 15.52
C ARG CA 385 -27.22 -8.14 14.09
N ALA CA 386 -27.47 -6.87 13.81
CA ALA CA 386 -27.84 -6.45 12.47
C ALA CA 386 -26.59 -6.17 11.66
N ALA CA 387 -26.71 -6.37 10.34
CA ALA CA 387 -25.63 -6.20 9.35
C ALA CA 387 -24.41 -7.06 9.68
N LEU CA 388 -24.64 -8.36 9.76
CA LEU CA 388 -23.56 -9.33 9.96
C LEU CA 388 -22.83 -9.66 8.68
N TYR CA 389 -23.36 -9.24 7.52
CA TYR CA 389 -22.67 -9.44 6.25
C TYR CA 389 -21.45 -8.53 6.12
N TYR CA 390 -21.45 -7.41 6.83
CA TYR CA 390 -20.39 -6.41 6.70
C TYR CA 390 -19.11 -6.91 7.36
N ASP CA 391 -18.03 -7.00 6.58
CA ASP CA 391 -16.73 -7.43 7.08
C ASP CA 391 -16.07 -6.24 7.78
N ALA CA 392 -16.47 -6.02 9.02
CA ALA CA 392 -16.04 -4.86 9.77
C ALA CA 392 -14.61 -5.05 10.28
N GLU CA 393 -13.92 -3.92 10.46
CA GLU CA 393 -12.60 -3.90 11.06
C GLU CA 393 -12.74 -3.77 12.59
N LEU CA 394 -11.62 -3.49 13.26
CA LEU CA 394 -11.63 -3.42 14.72
C LEU CA 394 -12.34 -2.17 15.22
N GLY CA 395 -12.08 -1.02 14.61
CA GLY CA 395 -12.65 0.23 15.06
C GLY CA 395 -13.87 0.68 14.29
N GLU CA 396 -14.48 -0.25 13.53
CA GLU CA 396 -15.65 0.10 12.73
C GLU CA 396 -16.88 0.33 13.62
N PHE CA 397 -17.14 -0.58 14.55
CA PHE CA 397 -18.28 -0.48 15.45
C PHE CA 397 -17.78 -0.31 16.87
N GLU CA 398 -18.21 0.76 17.53
CA GLU CA 398 -17.80 1.02 18.90
C GLU CA 398 -18.55 0.11 19.86
N THR CA 399 -17.85 -0.29 20.92
CA THR CA 399 -18.47 -1.08 21.98
C THR CA 399 -19.45 -0.19 22.76
N PRO CA 400 -20.73 -0.58 22.88
CA PRO CA 400 -21.70 0.30 23.55
C PRO CA 400 -21.51 0.35 25.05
N SER CA 401 -22.02 1.42 25.64
CA SER CA 401 -21.90 1.64 27.07
C SER CA 401 -22.80 0.67 27.83
N PRO CA 402 -22.40 0.27 29.05
CA PRO CA 402 -23.28 -0.54 29.88
C PRO CA 402 -24.48 0.25 30.33
N PRO CA 403 -25.63 -0.41 30.55
CA PRO CA 403 -26.83 0.32 30.94
C PRO CA 403 -26.78 0.76 32.38
N LYS CA 404 -27.56 1.81 32.68
CA LYS CA 404 -27.65 2.33 34.04
C LYS CA 404 -28.48 1.40 34.91
N CYS CA 405 -28.06 1.24 36.15
CA CYS CA 405 -28.78 0.43 37.13
C CYS CA 405 -29.53 1.34 38.08
N ILE CA 406 -30.80 1.03 38.32
CA ILE CA 406 -31.66 1.84 39.17
C ILE CA 406 -31.39 1.48 40.64
N GLU CA 407 -31.32 2.50 41.49
CA GLU CA 407 -31.05 2.30 42.90
C GLU CA 407 -32.38 2.21 43.66
N ALA CA 408 -32.31 2.20 44.99
CA ALA CA 408 -33.52 2.13 45.80
C ALA CA 408 -34.27 3.45 45.79
N ARG CA 409 -33.55 4.55 45.98
CA ARG CA 409 -34.19 5.87 46.07
C ARG CA 409 -34.77 6.30 44.73
N ASP CA 410 -34.08 5.97 43.63
CA ASP CA 410 -34.61 6.23 42.30
C ASP CA 410 -35.84 5.39 42.01
N GLU CA 411 -35.88 4.15 42.52
CA GLU CA 411 -37.05 3.30 42.33
C GLU CA 411 -38.25 3.82 43.11
N LEU CA 412 -38.04 4.28 44.34
CA LEU CA 412 -39.15 4.86 45.10
C LEU CA 412 -39.57 6.22 44.58
N ARG CA 413 -38.66 6.96 43.93
CA ARG CA 413 -39.07 8.19 43.25
C ARG CA 413 -39.82 7.90 41.97
N LEU CA 414 -39.48 6.81 41.27
CA LEU CA 414 -40.16 6.46 40.03
C LEU CA 414 -41.54 5.91 40.30
N PHE CA 415 -41.69 5.07 41.33
CA PHE CA 415 -42.97 4.43 41.61
C PHE CA 415 -43.94 5.34 42.37
N ALA CA 416 -43.49 6.51 42.83
CA ALA CA 416 -44.36 7.42 43.54
C ALA CA 416 -45.31 8.14 42.58
N HIS DA 29 54.35 90.70 -1.61
CA HIS DA 29 53.49 90.72 -0.44
C HIS DA 29 54.29 90.90 0.84
N VAL DA 30 54.69 92.15 1.11
CA VAL DA 30 55.45 92.47 2.31
C VAL DA 30 54.49 92.55 3.49
N VAL DA 31 54.98 92.20 4.68
CA VAL DA 31 54.16 92.14 5.89
C VAL DA 31 54.95 92.76 7.04
N SER DA 32 54.27 93.56 7.87
CA SER DA 32 54.87 94.17 9.05
C SER DA 32 54.00 93.85 10.26
N TYR DA 33 54.65 93.50 11.37
CA TYR DA 33 53.96 92.98 12.55
C TYR DA 33 53.95 94.01 13.67
N ARG DA 34 52.74 94.27 14.20
CA ARG DA 34 52.48 95.17 15.33
C ARG DA 34 53.01 96.58 15.08
N ASN DA 35 52.90 97.03 13.83
CA ASN DA 35 53.50 98.28 13.38
C ASN DA 35 52.74 98.65 12.12
N GLY DA 36 53.00 99.86 11.61
CA GLY DA 36 52.36 100.34 10.42
C GLY DA 36 52.96 99.75 9.15
N PRO DA 37 52.73 100.42 8.03
CA PRO DA 37 53.24 99.92 6.75
C PRO DA 37 54.72 100.20 6.62
N PRO DA 38 55.41 99.54 5.68
CA PRO DA 38 56.76 99.98 5.33
C PRO DA 38 56.73 101.34 4.67
N PRO DA 39 57.84 102.09 4.73
CA PRO DA 39 57.86 103.42 4.09
C PRO DA 39 57.75 103.32 2.58
N HIS DA 40 56.77 104.03 2.02
CA HIS DA 40 56.39 103.88 0.63
C HIS DA 40 57.44 104.50 -0.30
N SER DA 41 57.33 104.13 -1.57
CA SER DA 41 58.28 104.60 -2.57
C SER DA 41 57.97 106.05 -2.98
N LYS DA 42 58.85 106.60 -3.82
CA LYS DA 42 58.65 107.93 -4.35
C LYS DA 42 57.46 107.99 -5.30
N ALA DA 43 57.20 106.88 -6.02
CA ALA DA 43 56.16 106.84 -7.03
C ALA DA 43 54.76 106.97 -6.44
N THR DA 44 54.52 106.33 -5.29
CA THR DA 44 53.19 106.40 -4.67
C THR DA 44 52.90 107.79 -4.10
N LYS DA 45 53.90 108.43 -3.49
CA LYS DA 45 53.71 109.78 -2.95
C LYS DA 45 53.54 110.81 -4.07
N ILE DA 46 54.35 110.67 -5.14
CA ILE DA 46 54.23 111.55 -6.30
C ILE DA 46 52.89 111.36 -6.99
N GLY DA 47 52.43 110.10 -7.06
CA GLY DA 47 51.11 109.84 -7.61
C GLY DA 47 49.98 110.37 -6.76
N ALA DA 48 50.11 110.29 -5.42
CA ALA DA 48 49.08 110.81 -4.53
C ALA DA 48 48.97 112.33 -4.62
N LEU DA 49 50.12 113.01 -4.72
CA LEU DA 49 50.12 114.45 -4.95
C LEU DA 49 49.55 114.79 -6.32
N THR DA 50 49.79 113.92 -7.33
CA THR DA 50 49.24 114.13 -8.66
C THR DA 50 47.72 113.98 -8.68
N VAL DA 51 47.19 112.97 -7.98
CA VAL DA 51 45.73 112.77 -7.88
C VAL DA 51 45.06 113.94 -7.16
N GLY DA 52 45.64 114.36 -6.02
CA GLY DA 52 45.07 115.47 -5.29
C GLY DA 52 45.16 116.79 -6.05
N GLY DA 53 46.27 117.01 -6.75
CA GLY DA 53 46.42 118.20 -7.56
C GLY DA 53 45.48 118.24 -8.74
N ALA DA 54 45.29 117.10 -9.41
CA ALA DA 54 44.38 117.04 -10.55
C ALA DA 54 42.93 117.23 -10.13
N MET DA 55 42.50 116.58 -9.05
CA MET DA 55 41.12 116.70 -8.59
C MET DA 55 40.81 118.11 -8.08
N TRP DA 56 41.70 118.66 -7.24
CA TRP DA 56 41.43 119.97 -6.69
C TRP DA 56 41.66 121.08 -7.72
N TRP DA 57 42.54 120.84 -8.71
CA TRP DA 57 42.71 121.79 -9.80
C TRP DA 57 41.47 121.84 -10.68
N TRP DA 58 40.88 120.68 -11.00
CA TRP DA 58 39.64 120.64 -11.76
C TRP DA 58 38.50 121.29 -11.01
N VAL DA 59 38.41 121.04 -9.69
CA VAL DA 59 37.33 121.59 -8.88
C VAL DA 59 37.45 123.12 -8.77
N ILE DA 60 38.65 123.61 -8.43
CA ILE DA 60 38.84 125.06 -8.25
C ILE DA 60 38.76 125.79 -9.60
N TRP DA 61 39.24 125.16 -10.68
CA TRP DA 61 39.11 125.73 -12.02
C TRP DA 61 37.66 125.85 -12.45
N HIS DA 62 36.83 124.88 -12.09
CA HIS DA 62 35.41 124.97 -12.44
C HIS DA 62 34.61 125.87 -11.50
N LEU DA 63 35.13 126.12 -10.29
CA LEU DA 63 34.46 127.08 -9.40
C LEU DA 63 34.84 128.50 -9.85
N TRP DA 64 36.01 128.66 -10.48
CA TRP DA 64 36.35 129.97 -11.00
C TRP DA 64 35.64 130.26 -12.32
N HIS DA 65 35.80 129.37 -13.30
CA HIS DA 65 35.35 129.67 -14.66
C HIS DA 65 33.83 129.56 -14.80
N GLU DA 66 33.21 128.60 -14.12
CA GLU DA 66 31.76 128.43 -14.17
C GLU DA 66 31.19 128.36 -12.76
N PRO DA 67 31.06 129.50 -12.06
CA PRO DA 67 30.38 129.51 -10.76
C PRO DA 67 28.87 129.62 -10.86
N ASP DA 68 28.33 129.56 -12.08
CA ASP DA 68 26.92 129.84 -12.32
C ASP DA 68 26.03 128.64 -12.03
N HIS DA 69 26.61 127.43 -11.99
CA HIS DA 69 25.82 126.23 -11.74
C HIS DA 69 25.43 126.08 -10.28
N ILE DA 70 26.23 126.62 -9.35
CA ILE DA 70 25.98 126.42 -7.93
C ILE DA 70 24.85 127.34 -7.45
N THR DA 71 24.99 128.64 -7.72
CA THR DA 71 23.98 129.60 -7.27
C THR DA 71 22.70 129.48 -8.09
N GLY DA 72 22.84 129.35 -9.42
CA GLY DA 72 21.69 129.30 -10.30
C GLY DA 72 21.95 130.13 -11.54
N GLU DA 73 21.60 129.58 -12.71
CA GLU DA 73 21.95 130.19 -13.99
C GLU DA 73 21.24 131.52 -14.22
N PHE DA 74 20.04 131.68 -13.67
CA PHE DA 74 19.28 132.91 -13.80
C PHE DA 74 18.75 133.33 -12.44
N ASP DA 75 18.61 134.64 -12.25
CA ASP DA 75 18.09 135.18 -11.01
C ASP DA 75 16.59 134.94 -10.93
N TYR DA 76 16.14 134.36 -9.83
CA TYR DA 76 14.73 134.05 -9.66
C TYR DA 76 13.94 135.31 -9.32
N PRO DA 77 12.92 135.65 -10.09
CA PRO DA 77 12.06 136.79 -9.71
C PRO DA 77 11.20 136.43 -8.51
N ASN DA 78 10.87 137.46 -7.73
CA ASN DA 78 10.17 137.23 -6.46
C ASN DA 78 8.69 136.90 -6.68
N SER DA 79 8.08 137.45 -7.74
CA SER DA 79 6.65 137.33 -8.07
C SER DA 79 5.75 137.79 -6.92
N ARG DA 80 6.19 138.80 -6.19
CA ARG DA 80 5.43 139.37 -5.08
C ARG DA 80 5.29 140.88 -5.17
N LYS DA 81 6.32 141.58 -5.66
CA LYS DA 81 6.29 143.03 -5.79
C LYS DA 81 6.04 143.47 -7.24
N TRP DA 82 5.46 142.60 -8.06
CA TRP DA 82 5.11 142.98 -9.43
C TRP DA 82 3.91 143.92 -9.40
N SER DA 83 3.95 144.93 -10.26
CA SER DA 83 2.89 145.94 -10.29
C SER DA 83 1.63 145.38 -10.94
N ASN DA 84 0.48 145.78 -10.42
CA ASN DA 84 -0.79 145.30 -10.93
C ASN DA 84 -1.16 145.95 -12.26
N THR DA 85 -0.60 147.12 -12.57
CA THR DA 85 -0.89 147.79 -13.83
C THR DA 85 -0.20 147.09 -15.00
N GLU DA 86 0.96 146.49 -14.76
CA GLU DA 86 1.65 145.76 -15.83
C GLU DA 86 0.94 144.45 -16.15
N LEU DA 87 0.52 143.72 -15.12
CA LEU DA 87 -0.13 142.43 -15.31
C LEU DA 87 -1.63 142.53 -15.56
N GLY DA 88 -2.21 143.71 -15.37
CA GLY DA 88 -3.65 143.89 -15.58
C GLY DA 88 -4.47 143.42 -14.40
N ALA EA 40 23.94 44.95 -16.22
CA ALA EA 40 25.11 44.07 -16.26
C ALA EA 40 25.63 43.81 -14.85
N LYS EA 41 25.37 44.75 -13.94
CA LYS EA 41 25.84 44.57 -12.56
C LYS EA 41 24.96 43.60 -11.78
N TRP EA 42 23.65 43.62 -12.01
CA TRP EA 42 22.73 42.68 -11.38
C TRP EA 42 22.22 41.67 -12.39
N TYR EA 43 22.17 40.41 -11.96
CA TYR EA 43 21.66 39.29 -12.72
C TYR EA 43 20.73 38.50 -11.80
N PRO EA 44 19.81 37.68 -12.36
CA PRO EA 44 18.88 36.91 -11.51
C PRO EA 44 19.53 35.92 -10.57
N ASP EA 45 19.44 36.24 -9.28
CA ASP EA 45 19.99 35.44 -8.20
C ASP EA 45 19.03 34.29 -7.88
N PRO EA 46 19.46 33.32 -7.07
CA PRO EA 46 18.49 32.30 -6.58
C PRO EA 46 17.35 32.85 -5.74
N GLU EA 47 17.49 34.04 -5.14
CA GLU EA 47 16.35 34.65 -4.45
C GLU EA 47 15.26 35.07 -5.43
N PHE EA 48 15.64 35.45 -6.66
CA PHE EA 48 14.66 35.63 -7.71
C PHE EA 48 14.12 34.28 -8.19
N MET EA 49 14.94 33.23 -8.08
CA MET EA 49 14.51 31.91 -8.53
C MET EA 49 13.57 31.25 -7.53
N LYS EA 50 13.54 31.76 -6.30
CA LYS EA 50 12.82 31.09 -5.21
C LYS EA 50 11.31 31.26 -5.34
N GLN EA 51 10.87 32.40 -5.89
CA GLN EA 51 9.45 32.72 -5.88
C GLN EA 51 8.65 31.85 -6.86
N PHE EA 52 9.32 31.28 -7.85
CA PHE EA 52 8.65 30.35 -8.76
C PHE EA 52 8.73 28.91 -8.24
N SER EA 53 9.49 28.69 -7.17
CA SER EA 53 9.84 27.31 -6.79
C SER EA 53 8.73 26.65 -5.99
N GLY EA 54 7.70 27.40 -5.63
CA GLY EA 54 6.57 26.84 -4.92
C GLY EA 54 5.68 26.01 -5.81
N PRO EA 55 4.67 25.34 -5.22
CA PRO EA 55 3.65 24.67 -6.04
C PRO EA 55 2.84 25.65 -6.89
N VAL EA 56 2.61 26.84 -6.36
CA VAL EA 56 1.92 27.91 -7.08
C VAL EA 56 2.76 29.18 -7.02
N MET EA 57 2.27 30.25 -7.65
CA MET EA 57 2.93 31.55 -7.56
C MET EA 57 2.68 32.20 -6.20
N TYR EA 58 1.44 32.16 -5.72
CA TYR EA 58 1.06 32.85 -4.49
C TYR EA 58 0.46 31.83 -3.52
N PRO EA 59 1.22 31.36 -2.53
CA PRO EA 59 0.70 30.33 -1.61
C PRO EA 59 -0.28 30.92 -0.62
N ASP EA 60 -1.47 30.33 -0.56
CA ASP EA 60 -2.50 30.71 0.40
C ASP EA 60 -2.31 29.89 1.67
N GLU EA 61 -3.30 29.92 2.57
CA GLU EA 61 -3.20 29.13 3.79
C GLU EA 61 -3.40 27.64 3.50
N VAL EA 62 -4.36 27.31 2.64
CA VAL EA 62 -4.60 25.91 2.28
C VAL EA 62 -3.53 25.42 1.33
N THR EA 63 -3.10 26.28 0.40
CA THR EA 63 -2.28 25.84 -0.73
C THR EA 63 -0.82 25.60 -0.33
N SER EA 64 -0.30 26.35 0.64
CA SER EA 64 1.11 26.29 1.02
C SER EA 64 1.52 24.99 1.69
N LEU EA 65 0.57 24.14 2.11
CA LEU EA 65 0.91 22.85 2.67
C LEU EA 65 1.21 21.80 1.60
N TRP EA 66 1.02 22.13 0.32
CA TRP EA 66 1.28 21.22 -0.77
C TRP EA 66 2.79 21.07 -1.00
N THR EA 67 3.15 20.05 -1.77
CA THR EA 67 4.51 19.83 -2.22
C THR EA 67 4.60 20.09 -3.72
N VAL EA 68 5.83 20.18 -4.20
CA VAL EA 68 6.07 20.41 -5.62
C VAL EA 68 5.77 19.12 -6.40
N PRO EA 69 5.09 19.19 -7.55
CA PRO EA 69 5.03 18.02 -8.42
C PRO EA 69 6.41 17.66 -8.92
N PRO EA 70 6.65 16.37 -9.19
CA PRO EA 70 7.98 15.95 -9.66
C PRO EA 70 8.30 16.48 -11.06
N TRP EA 71 9.59 16.74 -11.27
CA TRP EA 71 10.05 17.29 -12.54
C TRP EA 71 9.92 16.27 -13.66
N ASN EA 72 10.18 15.00 -13.37
CA ASN EA 72 9.75 13.93 -14.25
C ASN EA 72 8.24 13.80 -14.16
N SER EA 73 7.58 13.74 -15.32
CA SER EA 73 6.13 13.67 -15.33
C SER EA 73 5.62 12.29 -14.91
N LYS EA 74 6.46 11.27 -14.96
CA LYS EA 74 6.03 9.92 -14.65
C LYS EA 74 6.13 9.66 -13.15
N VAL EA 75 5.02 9.24 -12.55
CA VAL EA 75 4.97 8.81 -11.15
C VAL EA 75 4.63 7.33 -11.14
N THR EA 76 5.58 6.50 -10.73
CA THR EA 76 5.34 5.06 -10.69
C THR EA 76 4.42 4.73 -9.52
N PRO EA 77 3.45 3.83 -9.72
CA PRO EA 77 2.59 3.41 -8.61
C PRO EA 77 3.36 2.57 -7.60
N VAL EA 78 3.00 2.71 -6.34
CA VAL EA 78 3.67 1.97 -5.29
C VAL EA 78 3.16 0.53 -5.24
N GLU EA 79 3.94 -0.35 -4.63
CA GLU EA 79 3.58 -1.74 -4.46
C GLU EA 79 3.00 -1.92 -3.06
N LYS EA 80 1.70 -2.13 -2.98
CA LYS EA 80 0.99 -2.25 -1.72
C LYS EA 80 0.78 -3.72 -1.36
N SER EA 81 0.70 -3.99 -0.06
CA SER EA 81 0.49 -5.34 0.41
C SER EA 81 -0.94 -5.81 0.15
N VAL EA 82 -1.07 -7.06 -0.26
CA VAL EA 82 -2.36 -7.66 -0.61
C VAL EA 82 -2.62 -8.83 0.32
N ARG EA 83 -3.84 -8.90 0.84
CA ARG EA 83 -4.29 -9.99 1.71
C ARG EA 83 -5.28 -10.83 0.92
N ASN EA 84 -4.87 -12.05 0.57
CA ASN EA 84 -5.69 -12.92 -0.26
C ASN EA 84 -6.72 -13.66 0.59
N LEU EA 85 -7.64 -14.34 -0.10
CA LEU EA 85 -8.77 -14.97 0.56
C LEU EA 85 -8.35 -16.29 1.18
N THR EA 86 -8.68 -16.48 2.46
CA THR EA 86 -8.30 -17.69 3.19
C THR EA 86 -9.48 -18.65 3.17
N LEU EA 87 -9.41 -19.65 2.30
CA LEU EA 87 -10.42 -20.69 2.18
C LEU EA 87 -9.80 -22.02 2.53
N ASN EA 88 -10.42 -22.78 3.42
CA ASN EA 88 -9.92 -24.10 3.76
C ASN EA 88 -10.77 -25.19 3.11
N PHE EA 89 -10.11 -26.08 2.38
CA PHE EA 89 -10.71 -27.37 2.12
C PHE EA 89 -10.72 -28.12 3.43
N GLY EA 90 -11.83 -28.02 4.17
CA GLY EA 90 -11.90 -28.60 5.48
C GLY EA 90 -12.21 -30.07 5.40
N PRO EA 91 -12.55 -30.65 6.54
CA PRO EA 91 -12.72 -32.11 6.59
C PRO EA 91 -13.98 -32.62 5.91
N GLN EA 92 -15.04 -31.81 5.81
CA GLN EA 92 -16.28 -32.30 5.25
C GLN EA 92 -16.19 -32.40 3.72
N HIS EA 93 -15.24 -31.68 3.11
CA HIS EA 93 -15.08 -31.63 1.66
C HIS EA 93 -14.72 -33.00 1.09
N PRO EA 94 -15.42 -33.47 0.05
CA PRO EA 94 -15.12 -34.81 -0.48
C PRO EA 94 -13.78 -34.93 -1.17
N ALA EA 95 -13.25 -33.83 -1.71
CA ALA EA 95 -11.90 -33.89 -2.28
C ALA EA 95 -10.82 -33.94 -1.22
N ALA EA 96 -11.14 -33.56 0.02
CA ALA EA 96 -10.19 -33.60 1.12
C ALA EA 96 -10.22 -34.92 1.89
N HIS EA 97 -10.90 -35.94 1.36
CA HIS EA 97 -10.86 -37.34 1.80
C HIS EA 97 -11.38 -37.57 3.21
N GLY EA 98 -12.00 -36.57 3.84
CA GLY EA 98 -12.64 -36.73 5.11
C GLY EA 98 -11.94 -36.07 6.30
N VAL EA 99 -10.61 -36.14 6.36
CA VAL EA 99 -9.88 -35.62 7.52
C VAL EA 99 -8.72 -34.69 7.18
N LEU EA 100 -8.78 -34.00 6.04
CA LEU EA 100 -7.72 -33.09 5.65
C LEU EA 100 -8.24 -31.66 5.64
N ARG EA 101 -7.45 -30.75 6.18
CA ARG EA 101 -7.77 -29.32 6.22
C ARG EA 101 -6.67 -28.57 5.47
N LEU EA 102 -6.93 -28.27 4.20
CA LEU EA 102 -6.02 -27.46 3.40
C LEU EA 102 -6.39 -25.99 3.60
N VAL EA 103 -5.54 -25.24 4.29
CA VAL EA 103 -5.82 -23.82 4.46
C VAL EA 103 -5.27 -23.09 3.25
N LEU EA 104 -6.02 -23.11 2.15
CA LEU EA 104 -5.62 -22.43 0.93
C LEU EA 104 -5.69 -20.92 1.11
N GLU EA 105 -4.68 -20.24 0.60
CA GLU EA 105 -4.66 -18.79 0.44
C GLU EA 105 -4.73 -18.52 -1.06
N LEU EA 106 -5.84 -17.92 -1.48
CA LEU EA 106 -6.29 -17.86 -2.87
C LEU EA 106 -6.40 -16.42 -3.32
N ASP EA 107 -5.79 -16.11 -4.46
CA ASP EA 107 -6.04 -14.87 -5.19
C ASP EA 107 -6.94 -15.22 -6.37
N GLY EA 108 -8.23 -15.11 -6.18
CA GLY EA 108 -9.16 -15.59 -7.18
C GLY EA 108 -9.40 -17.08 -7.03
N GLU EA 109 -9.42 -17.78 -8.16
CA GLU EA 109 -9.58 -19.22 -8.14
C GLU EA 109 -8.23 -19.93 -8.01
N THR EA 110 -7.15 -19.29 -8.44
CA THR EA 110 -5.85 -19.92 -8.36
C THR EA 110 -5.29 -19.80 -6.93
N VAL EA 111 -4.47 -20.78 -6.55
CA VAL EA 111 -3.92 -20.84 -5.20
C VAL EA 111 -2.66 -19.99 -5.17
N MET EA 112 -2.40 -19.38 -4.02
CA MET EA 112 -1.10 -18.77 -3.75
C MET EA 112 -0.33 -19.59 -2.72
N ARG EA 113 -1.00 -20.02 -1.66
CA ARG EA 113 -0.33 -20.78 -0.61
C ARG EA 113 -1.23 -21.88 -0.07
N ALA EA 114 -0.89 -23.13 -0.38
CA ALA EA 114 -1.64 -24.29 0.08
C ALA EA 114 -0.89 -24.92 1.24
N ASP EA 115 -1.47 -24.83 2.44
CA ASP EA 115 -0.85 -25.37 3.65
C ASP EA 115 -1.70 -26.49 4.21
N PRO EA 116 -1.22 -27.73 4.24
CA PRO EA 116 -2.03 -28.83 4.78
C PRO EA 116 -1.98 -28.88 6.30
N HIS EA 117 -3.15 -29.06 6.91
CA HIS EA 117 -3.25 -29.29 8.35
C HIS EA 117 -3.71 -30.72 8.56
N ILE EA 118 -2.95 -31.47 9.35
CA ILE EA 118 -3.19 -32.88 9.61
C ILE EA 118 -3.24 -33.09 11.11
N GLY EA 119 -3.32 -34.35 11.51
CA GLY EA 119 -3.58 -34.71 12.89
C GLY EA 119 -5.04 -34.80 13.23
N LEU EA 120 -5.91 -34.62 12.24
CA LEU EA 120 -7.34 -34.69 12.46
C LEU EA 120 -7.81 -36.12 12.65
N LEU EA 121 -7.03 -37.07 12.15
CA LEU EA 121 -7.24 -38.50 12.38
C LEU EA 121 -6.06 -39.10 13.13
N HIS EA 122 -5.43 -38.30 13.99
CA HIS EA 122 -4.30 -38.77 14.80
C HIS EA 122 -4.85 -39.50 16.00
N ARG EA 123 -4.45 -40.76 16.16
CA ARG EA 123 -5.05 -41.66 17.12
C ARG EA 123 -4.09 -42.09 18.22
N GLY EA 124 -2.87 -41.57 18.23
CA GLY EA 124 -1.86 -41.98 19.19
C GLY EA 124 -1.46 -43.44 19.03
N THR EA 125 -1.18 -43.83 17.79
CA THR EA 125 -0.99 -45.24 17.48
C THR EA 125 0.33 -45.78 18.03
N GLU EA 126 1.43 -45.05 17.85
CA GLU EA 126 2.76 -45.57 18.19
C GLU EA 126 2.97 -45.69 19.70
N LYS EA 127 2.48 -44.72 20.47
CA LYS EA 127 2.48 -44.82 21.93
C LYS EA 127 1.62 -45.99 22.40
N LEU EA 128 0.55 -46.28 21.67
CA LEU EA 128 -0.28 -47.42 22.01
C LEU EA 128 0.39 -48.74 21.64
N ILE EA 129 1.16 -48.78 20.54
CA ILE EA 129 1.95 -49.96 20.16
C ILE EA 129 3.02 -50.23 21.22
N GLU EA 130 3.55 -49.18 21.85
CA GLU EA 130 4.51 -49.32 22.94
C GLU EA 130 3.94 -50.04 24.17
N TYR EA 131 2.61 -50.13 24.30
CA TYR EA 131 1.98 -50.77 25.46
C TYR EA 131 1.44 -52.16 25.20
N LYS EA 132 1.51 -52.67 23.97
CA LYS EA 132 0.94 -53.97 23.63
C LYS EA 132 2.01 -54.99 23.28
N THR EA 133 1.62 -56.25 23.32
CA THR EA 133 2.37 -57.39 22.82
C THR EA 133 2.40 -57.31 21.29
N TYR EA 134 3.41 -57.94 20.66
CA TYR EA 134 3.57 -57.91 19.20
C TYR EA 134 2.38 -58.52 18.47
N THR EA 135 1.81 -59.60 19.03
CA THR EA 135 0.58 -60.17 18.49
C THR EA 135 -0.59 -59.19 18.65
N GLN EA 136 -0.63 -58.47 19.76
CA GLN EA 136 -1.63 -57.42 19.94
C GLN EA 136 -1.31 -56.19 19.10
N ALA EA 137 -0.02 -55.99 18.77
CA ALA EA 137 0.35 -54.82 18.00
C ALA EA 137 0.16 -55.06 16.50
N LEU EA 138 -0.03 -56.32 16.11
CA LEU EA 138 -0.29 -56.63 14.71
C LEU EA 138 -1.61 -56.04 14.14
N PRO EA 139 -2.76 -56.05 14.84
CA PRO EA 139 -3.94 -55.40 14.23
C PRO EA 139 -3.89 -53.88 14.15
N TYR EA 140 -2.88 -53.22 14.75
CA TYR EA 140 -2.68 -51.79 14.56
C TYR EA 140 -2.40 -51.47 13.09
N PHE EA 141 -1.64 -52.35 12.43
CA PHE EA 141 -1.08 -52.04 11.11
C PHE EA 141 -2.12 -52.19 10.02
N ASP EA 142 -3.21 -52.92 10.30
CA ASP EA 142 -4.39 -52.82 9.46
C ASP EA 142 -5.01 -51.43 9.52
N ARG EA 143 -4.80 -50.73 10.64
CA ARG EA 143 -5.41 -49.42 10.80
C ARG EA 143 -4.40 -48.30 10.59
N LEU EA 144 -3.15 -48.62 10.28
CA LEU EA 144 -2.29 -47.57 9.72
C LEU EA 144 -2.75 -47.17 8.34
N ASP EA 145 -2.65 -48.06 7.36
CA ASP EA 145 -3.06 -47.72 6.01
C ASP EA 145 -4.36 -48.47 5.71
N TYR EA 146 -5.31 -47.74 5.13
CA TYR EA 146 -6.71 -48.15 5.20
C TYR EA 146 -7.11 -49.07 4.07
N VAL EA 147 -6.59 -48.85 2.87
CA VAL EA 147 -7.07 -49.55 1.68
C VAL EA 147 -6.07 -50.53 1.13
N SER EA 148 -4.85 -50.58 1.67
CA SER EA 148 -3.99 -51.75 1.52
C SER EA 148 -3.61 -52.23 2.91
N MET EA 149 -3.94 -53.48 3.21
CA MET EA 149 -3.88 -53.99 4.57
C MET EA 149 -2.91 -55.14 4.72
N MET EA 150 -2.98 -56.13 3.82
CA MET EA 150 -2.07 -57.28 3.89
C MET EA 150 -0.65 -56.89 3.54
N CYS EA 151 -0.47 -55.79 2.80
CA CYS EA 151 0.87 -55.22 2.64
C CYS EA 151 1.44 -54.72 3.97
N ASN EA 152 0.63 -54.03 4.77
CA ASN EA 152 1.12 -53.51 6.05
C ASN EA 152 1.37 -54.63 7.05
N GLU EA 153 0.50 -55.65 7.04
CA GLU EA 153 0.77 -56.85 7.84
C GLU EA 153 2.03 -57.56 7.40
N GLN EA 154 2.28 -57.61 6.08
CA GLN EA 154 3.51 -58.18 5.54
C GLN EA 154 4.74 -57.40 6.00
N CYS EA 155 4.66 -56.07 6.00
CA CYS EA 155 5.79 -55.24 6.41
C CYS EA 155 6.10 -55.39 7.89
N TYR EA 156 5.07 -55.39 8.74
CA TYR EA 156 5.28 -55.58 10.17
C TYR EA 156 5.75 -57.00 10.47
N SER EA 157 5.26 -57.98 9.72
CA SER EA 157 5.69 -59.36 9.92
C SER EA 157 7.13 -59.55 9.49
N LEU EA 158 7.57 -58.89 8.40
CA LEU EA 158 8.98 -58.95 8.04
C LEU EA 158 9.86 -58.22 9.05
N ALA EA 159 9.35 -57.16 9.67
CA ALA EA 159 10.09 -56.48 10.75
C ALA EA 159 10.31 -57.42 11.95
N VAL EA 160 9.23 -58.07 12.40
CA VAL EA 160 9.34 -58.97 13.55
C VAL EA 160 10.14 -60.23 13.19
N GLU EA 161 10.03 -60.72 11.96
CA GLU EA 161 10.80 -61.90 11.56
C GLU EA 161 12.28 -61.58 11.36
N LYS EA 162 12.60 -60.34 10.96
CA LYS EA 162 14.00 -59.95 10.89
C LYS EA 162 14.58 -59.76 12.28
N LEU EA 163 13.77 -59.27 13.22
CA LEU EA 163 14.24 -59.16 14.60
C LEU EA 163 14.38 -60.52 15.26
N LEU EA 164 13.53 -61.48 14.90
CA LEU EA 164 13.53 -62.80 15.51
C LEU EA 164 14.46 -63.79 14.81
N ASN EA 165 15.00 -63.41 13.65
CA ASN EA 165 15.90 -64.23 12.82
C ASN EA 165 15.28 -65.57 12.44
N ILE EA 166 14.00 -65.55 12.08
CA ILE EA 166 13.30 -66.75 11.63
C ILE EA 166 12.96 -66.59 10.16
N ASP EA 167 12.59 -67.70 9.53
CA ASP EA 167 12.31 -67.74 8.11
C ASP EA 167 10.93 -68.35 7.86
N VAL EA 168 10.20 -67.76 6.93
CA VAL EA 168 8.87 -68.23 6.54
C VAL EA 168 9.03 -69.35 5.51
N PRO EA 169 8.06 -70.29 5.41
CA PRO EA 169 8.14 -71.31 4.37
C PRO EA 169 7.79 -70.78 2.98
N LEU EA 170 7.88 -71.65 1.97
CA LEU EA 170 7.63 -71.23 0.60
C LEU EA 170 6.15 -71.03 0.33
N ARG EA 171 5.28 -71.85 0.94
CA ARG EA 171 3.85 -71.71 0.75
C ARG EA 171 3.33 -70.42 1.39
N ALA EA 172 3.84 -70.07 2.57
CA ALA EA 172 3.48 -68.80 3.20
C ALA EA 172 4.01 -67.62 2.40
N LYS EA 173 5.18 -67.78 1.77
CA LYS EA 173 5.74 -66.75 0.90
C LYS EA 173 4.86 -66.52 -0.32
N TYR EA 174 4.36 -67.59 -0.93
CA TYR EA 174 3.49 -67.44 -2.10
C TYR EA 174 2.12 -66.90 -1.72
N ILE EA 175 1.61 -67.27 -0.54
CA ILE EA 175 0.35 -66.72 -0.06
C ILE EA 175 0.49 -65.22 0.21
N ARG EA 176 1.60 -64.81 0.82
CA ARG EA 176 1.87 -63.40 1.08
C ARG EA 176 2.03 -62.61 -0.21
N THR EA 177 2.72 -63.19 -1.21
CA THR EA 177 2.89 -62.53 -2.50
C THR EA 177 1.57 -62.39 -3.26
N LEU EA 178 0.77 -63.47 -3.29
CA LEU EA 178 -0.52 -63.47 -3.98
C LEU EA 178 -1.49 -62.47 -3.36
N PHE EA 179 -1.57 -62.47 -2.02
CA PHE EA 179 -2.47 -61.53 -1.38
C PHE EA 179 -1.92 -60.12 -1.35
N ALA EA 180 -0.60 -59.94 -1.47
CA ALA EA 180 -0.04 -58.60 -1.62
C ALA EA 180 -0.40 -58.00 -2.97
N GLU EA 181 -0.41 -58.80 -4.04
CA GLU EA 181 -0.85 -58.25 -5.32
C GLU EA 181 -2.36 -58.11 -5.44
N ILE EA 182 -3.13 -58.97 -4.77
CA ILE EA 182 -4.58 -58.75 -4.66
C ILE EA 182 -4.84 -57.43 -3.93
N THR EA 183 -4.10 -57.19 -2.84
CA THR EA 183 -4.14 -55.95 -2.07
C THR EA 183 -3.73 -54.75 -2.91
N ARG EA 184 -2.76 -54.93 -3.81
CA ARG EA 184 -2.37 -53.89 -4.75
C ARG EA 184 -3.51 -53.54 -5.71
N ILE EA 185 -4.17 -54.55 -6.26
CA ILE EA 185 -5.32 -54.24 -7.15
C ILE EA 185 -6.34 -53.43 -6.34
N LEU EA 186 -6.60 -53.80 -5.10
CA LEU EA 186 -7.62 -53.10 -4.26
C LEU EA 186 -7.22 -51.64 -4.04
N ASN EA 187 -5.95 -51.37 -3.75
CA ASN EA 187 -5.48 -49.98 -3.53
C ASN EA 187 -5.62 -49.20 -4.83
N HIS EA 188 -5.29 -49.82 -5.96
CA HIS EA 188 -5.33 -49.08 -7.25
C HIS EA 188 -6.78 -48.86 -7.62
N ILE EA 189 -7.66 -49.85 -7.43
CA ILE EA 189 -9.07 -49.57 -7.70
C ILE EA 189 -9.56 -48.43 -6.82
N MET EA 190 -9.13 -48.40 -5.55
CA MET EA 190 -9.45 -47.27 -4.67
C MET EA 190 -8.88 -45.95 -5.20
N ALA EA 191 -7.64 -45.96 -5.69
CA ALA EA 191 -7.02 -44.75 -6.22
C ALA EA 191 -7.70 -44.27 -7.49
N VAL EA 192 -8.04 -45.20 -8.39
CA VAL EA 192 -8.71 -44.84 -9.65
C VAL EA 192 -10.12 -44.31 -9.38
N GLY EA 193 -10.87 -44.95 -8.47
CA GLY EA 193 -12.21 -44.47 -8.14
C GLY EA 193 -12.21 -43.14 -7.41
N THR EA 194 -11.25 -42.95 -6.49
CA THR EA 194 -11.11 -41.67 -5.79
C THR EA 194 -10.71 -40.55 -6.74
N HIS EA 195 -9.76 -40.81 -7.64
CA HIS EA 195 -9.36 -39.81 -8.62
C HIS EA 195 -10.47 -39.54 -9.63
N ALA EA 196 -11.31 -40.54 -9.93
CA ALA EA 196 -12.44 -40.32 -10.82
C ALA EA 196 -13.54 -39.49 -10.15
N LEU EA 197 -13.76 -39.68 -8.85
CA LEU EA 197 -14.71 -38.82 -8.14
C LEU EA 197 -14.18 -37.40 -8.00
N ASP EA 198 -12.88 -37.25 -7.77
CA ASP EA 198 -12.31 -35.92 -7.63
C ASP EA 198 -12.29 -35.18 -8.96
N VAL EA 199 -11.97 -35.87 -10.05
CA VAL EA 199 -12.03 -35.27 -11.38
C VAL EA 199 -13.49 -35.05 -11.80
N GLY EA 200 -14.33 -36.06 -11.61
CA GLY EA 200 -15.74 -35.91 -11.91
C GLY EA 200 -16.43 -37.11 -12.51
N ALA EA 201 -15.67 -38.15 -12.85
CA ALA EA 201 -16.23 -39.36 -13.46
C ALA EA 201 -16.88 -40.21 -12.37
N LEU EA 202 -18.21 -40.29 -12.40
CA LEU EA 202 -18.94 -41.03 -11.36
C LEU EA 202 -18.90 -42.54 -11.59
N THR EA 203 -18.82 -42.97 -12.83
CA THR EA 203 -19.09 -44.35 -13.24
C THR EA 203 -17.99 -45.40 -12.97
N PRO EA 204 -16.68 -45.18 -13.25
CA PRO EA 204 -15.70 -46.25 -12.99
C PRO EA 204 -15.46 -46.53 -11.51
N PHE EA 205 -15.85 -45.61 -10.63
CA PHE EA 205 -15.98 -45.85 -9.19
C PHE EA 205 -16.80 -47.12 -8.92
N PHE EA 206 -18.05 -47.14 -9.38
CA PHE EA 206 -18.91 -48.31 -9.16
C PHE EA 206 -18.47 -49.49 -10.00
N TRP EA 207 -18.03 -49.21 -11.24
CA TRP EA 207 -17.63 -50.26 -12.18
C TRP EA 207 -16.43 -51.06 -11.71
N LEU EA 208 -15.54 -50.44 -10.93
CA LEU EA 208 -14.42 -51.15 -10.34
C LEU EA 208 -14.66 -51.53 -8.89
N PHE EA 209 -15.60 -50.89 -8.19
CA PHE EA 209 -15.88 -51.33 -6.83
C PHE EA 209 -16.72 -52.60 -6.78
N GLU EA 210 -17.37 -52.98 -7.88
CA GLU EA 210 -17.94 -54.33 -7.94
C GLU EA 210 -16.85 -55.39 -7.84
N GLU EA 211 -15.76 -55.22 -8.59
CA GLU EA 211 -14.63 -56.13 -8.49
C GLU EA 211 -13.91 -56.00 -7.15
N ARG EA 212 -13.85 -54.79 -6.59
CA ARG EA 212 -13.25 -54.59 -5.27
C ARG EA 212 -14.05 -55.28 -4.18
N GLU EA 213 -15.37 -55.32 -4.33
CA GLU EA 213 -16.19 -56.07 -3.40
C GLU EA 213 -16.04 -57.58 -3.59
N LYS EA 214 -15.75 -58.02 -4.82
CA LYS EA 214 -15.38 -59.42 -5.03
C LYS EA 214 -14.08 -59.77 -4.31
N MET EA 215 -13.10 -58.85 -4.31
CA MET EA 215 -11.85 -59.16 -3.60
C MET EA 215 -12.01 -59.09 -2.09
N MET EA 216 -12.88 -58.21 -1.56
CA MET EA 216 -13.15 -58.29 -0.13
C MET EA 216 -13.97 -59.51 0.25
N GLU EA 217 -14.77 -60.04 -0.68
CA GLU EA 217 -15.38 -61.35 -0.47
C GLU EA 217 -14.32 -62.45 -0.41
N PHE EA 218 -13.27 -62.33 -1.24
CA PHE EA 218 -12.15 -63.26 -1.18
C PHE EA 218 -11.39 -63.16 0.14
N TYR EA 219 -11.24 -61.92 0.63
CA TYR EA 219 -10.62 -61.66 1.94
C TYR EA 219 -11.41 -62.29 3.06
N GLU EA 220 -12.73 -62.16 3.01
CA GLU EA 220 -13.61 -62.78 3.99
C GLU EA 220 -13.55 -64.30 3.90
N ARG EA 221 -13.35 -64.83 2.69
CA ARG EA 221 -13.21 -66.28 2.53
C ARG EA 221 -11.92 -66.79 3.15
N VAL EA 222 -10.83 -66.04 3.01
CA VAL EA 222 -9.54 -66.58 3.48
C VAL EA 222 -9.33 -66.29 4.98
N SER EA 223 -9.79 -65.15 5.50
CA SER EA 223 -9.47 -64.75 6.85
C SER EA 223 -10.66 -64.64 7.79
N GLY EA 224 -11.86 -64.41 7.27
CA GLY EA 224 -13.04 -64.25 8.10
C GLY EA 224 -13.50 -62.83 8.27
N ALA EA 225 -12.69 -61.84 7.90
CA ALA EA 225 -13.11 -60.45 7.91
C ALA EA 225 -13.00 -59.90 6.49
N ARG EA 226 -13.92 -59.01 6.14
CA ARG EA 226 -13.95 -58.49 4.78
C ARG EA 226 -12.80 -57.53 4.52
N MET EA 227 -12.45 -56.71 5.50
CA MET EA 227 -11.41 -55.71 5.29
C MET EA 227 -10.20 -55.97 6.18
N HIS EA 228 -10.33 -55.89 7.51
CA HIS EA 228 -9.18 -55.98 8.40
C HIS EA 228 -8.96 -57.45 8.78
N ALA EA 229 -8.08 -58.09 8.00
CA ALA EA 229 -8.03 -59.54 7.95
C ALA EA 229 -7.39 -60.14 9.20
N ALA EA 230 -6.39 -59.45 9.77
CA ALA EA 230 -5.45 -59.96 10.76
C ALA EA 230 -4.82 -61.28 10.34
N TYR EA 231 -4.44 -61.41 9.05
CA TYR EA 231 -4.12 -62.71 8.49
C TYR EA 231 -2.62 -62.95 8.43
N ILE EA 232 -1.88 -62.03 7.82
CA ILE EA 232 -0.43 -62.19 7.73
C ILE EA 232 0.19 -61.86 9.08
N ARG EA 233 0.93 -62.80 9.63
CA ARG EA 233 1.43 -62.72 10.99
C ARG EA 233 2.94 -62.90 10.95
N PRO EA 234 3.63 -62.52 12.04
CA PRO EA 234 5.03 -62.95 12.18
C PRO EA 234 5.16 -64.46 12.24
N GLY EA 235 5.89 -65.01 11.27
CA GLY EA 235 6.00 -66.45 11.15
C GLY EA 235 4.95 -67.07 10.24
N GLY EA 236 4.77 -66.52 9.05
CA GLY EA 236 3.89 -67.15 8.08
C GLY EA 236 2.52 -66.50 8.04
N VAL EA 237 1.49 -67.32 7.86
CA VAL EA 237 0.10 -66.88 7.89
C VAL EA 237 -0.61 -67.60 9.02
N SER EA 238 -1.77 -67.08 9.42
CA SER EA 238 -2.50 -67.68 10.53
C SER EA 238 -3.20 -68.96 10.12
N LEU EA 239 -3.84 -68.97 8.95
CA LEU EA 239 -4.65 -70.09 8.50
C LEU EA 239 -4.32 -70.44 7.06
N ASP EA 240 -4.54 -71.69 6.71
CA ASP EA 240 -4.44 -72.12 5.31
C ASP EA 240 -5.65 -71.60 4.54
N MET EA 241 -5.46 -71.38 3.24
CA MET EA 241 -6.57 -70.99 2.39
C MET EA 241 -7.59 -72.13 2.29
N PRO EA 242 -8.87 -71.84 2.28
CA PRO EA 242 -9.87 -72.90 2.16
C PRO EA 242 -9.88 -73.50 0.76
N LEU EA 243 -10.46 -74.69 0.67
CA LEU EA 243 -10.54 -75.38 -0.62
C LEU EA 243 -11.50 -74.66 -1.55
N GLY EA 244 -11.15 -74.60 -2.83
CA GLY EA 244 -11.98 -73.96 -3.82
C GLY EA 244 -11.76 -72.48 -3.99
N LEU EA 245 -10.77 -71.88 -3.30
CA LEU EA 245 -10.44 -70.48 -3.53
C LEU EA 245 -9.72 -70.28 -4.86
N MET EA 246 -9.07 -71.33 -5.37
CA MET EA 246 -8.31 -71.27 -6.62
C MET EA 246 -9.22 -70.98 -7.81
N ASP EA 247 -10.35 -71.67 -7.89
CA ASP EA 247 -11.29 -71.48 -9.01
C ASP EA 247 -11.94 -70.11 -8.97
N ASP EA 248 -12.26 -69.61 -7.76
CA ASP EA 248 -12.88 -68.29 -7.62
C ASP EA 248 -11.91 -67.17 -7.99
N ILE EA 249 -10.69 -67.24 -7.46
CA ILE EA 249 -9.66 -66.25 -7.78
C ILE EA 249 -9.28 -66.31 -9.26
N TYR EA 250 -9.28 -67.52 -9.84
CA TYR EA 250 -8.94 -67.67 -11.24
C TYR EA 250 -10.02 -67.12 -12.16
N GLU EA 251 -11.29 -67.33 -11.81
CA GLU EA 251 -12.40 -66.77 -12.60
C GLU EA 251 -12.41 -65.25 -12.52
N PHE EA 252 -12.16 -64.69 -11.33
CA PHE EA 252 -12.05 -63.25 -11.17
C PHE EA 252 -10.89 -62.66 -11.97
N ALA EA 253 -9.73 -63.32 -11.94
CA ALA EA 253 -8.58 -62.82 -12.68
C ALA EA 253 -8.74 -62.99 -14.18
N SER EA 254 -9.58 -63.94 -14.61
CA SER EA 254 -9.88 -64.06 -16.02
C SER EA 254 -10.80 -62.92 -16.49
N LYS EA 255 -11.77 -62.53 -15.67
CA LYS EA 255 -12.69 -61.47 -16.09
C LYS EA 255 -12.15 -60.05 -15.89
N PHE EA 256 -11.18 -59.88 -14.98
CA PHE EA 256 -10.74 -58.54 -14.59
C PHE EA 256 -10.00 -57.80 -15.70
N ALA EA 257 -9.38 -58.53 -16.64
CA ALA EA 257 -8.76 -57.89 -17.79
C ALA EA 257 -9.79 -57.20 -18.67
N GLU EA 258 -10.93 -57.86 -18.90
CA GLU EA 258 -12.00 -57.23 -19.68
C GLU EA 258 -12.65 -56.08 -18.94
N ARG EA 259 -12.75 -56.20 -17.60
CA ARG EA 259 -13.27 -55.07 -16.81
C ARG EA 259 -12.35 -53.85 -16.89
N LEU EA 260 -11.04 -54.08 -16.82
CA LEU EA 260 -10.09 -52.99 -17.00
C LEU EA 260 -10.09 -52.44 -18.42
N ASP EA 261 -10.36 -53.29 -19.42
CA ASP EA 261 -10.46 -52.82 -20.80
C ASP EA 261 -11.65 -51.88 -20.97
N GLU EA 262 -12.78 -52.20 -20.34
CA GLU EA 262 -13.94 -51.31 -20.40
C GLU EA 262 -13.70 -50.00 -19.65
N VAL EA 263 -13.05 -50.08 -18.49
CA VAL EA 263 -12.76 -48.87 -17.70
C VAL EA 263 -11.76 -47.97 -18.42
N GLU EA 264 -10.73 -48.55 -19.04
CA GLU EA 264 -9.81 -47.79 -19.88
C GLU EA 264 -10.43 -47.27 -21.16
N ASP EA 265 -11.44 -47.97 -21.70
CA ASP EA 265 -12.13 -47.46 -22.88
C ASP EA 265 -12.96 -46.22 -22.53
N VAL EA 266 -13.48 -46.16 -21.30
CA VAL EA 266 -14.20 -44.96 -20.89
C VAL EA 266 -13.24 -43.84 -20.52
N LEU EA 267 -12.24 -44.13 -19.67
CA LEU EA 267 -11.49 -43.07 -19.01
C LEU EA 267 -10.25 -42.59 -19.77
N THR EA 268 -9.46 -43.52 -20.32
CA THR EA 268 -8.10 -43.19 -20.74
C THR EA 268 -8.08 -42.35 -22.01
N THR EA 269 -8.90 -42.68 -23.00
CA THR EA 269 -8.83 -42.02 -24.28
C THR EA 269 -9.50 -40.65 -24.31
N ASN EA 270 -10.28 -40.29 -23.28
CA ASN EA 270 -11.13 -39.12 -23.31
C ASN EA 270 -10.33 -37.81 -23.28
N ARG EA 271 -10.86 -36.81 -23.98
CA ARG EA 271 -10.18 -35.51 -24.03
C ARG EA 271 -10.30 -34.74 -22.72
N ILE EA 272 -11.41 -34.94 -21.99
CA ILE EA 272 -11.61 -34.22 -20.73
C ILE EA 272 -10.68 -34.76 -19.65
N TRP EA 273 -10.49 -36.08 -19.62
CA TRP EA 273 -9.56 -36.68 -18.66
C TRP EA 273 -8.11 -36.30 -18.97
N VAL EA 274 -7.77 -36.21 -20.25
CA VAL EA 274 -6.43 -35.77 -20.65
C VAL EA 274 -6.20 -34.31 -20.28
N GLN EA 275 -7.18 -33.45 -20.57
CA GLN EA 275 -7.08 -32.03 -20.22
C GLN EA 275 -7.11 -31.79 -18.71
N ARG EA 276 -7.69 -32.69 -17.95
CA ARG EA 276 -7.73 -32.60 -16.50
C ARG EA 276 -6.54 -33.28 -15.83
N THR EA 277 -5.77 -34.08 -16.57
CA THR EA 277 -4.62 -34.75 -15.97
C THR EA 277 -3.28 -34.31 -16.54
N GLU EA 278 -3.16 -34.19 -17.87
CA GLU EA 278 -1.87 -33.99 -18.51
C GLU EA 278 -1.34 -32.57 -18.29
N ASP EA 279 -0.01 -32.48 -18.11
CA ASP EA 279 0.75 -31.24 -17.85
C ASP EA 279 0.28 -30.53 -16.58
N ILE EA 280 -0.19 -31.31 -15.61
CA ILE EA 280 -0.74 -30.80 -14.35
C ILE EA 280 -0.06 -31.52 -13.20
N GLY EA 281 0.47 -30.75 -12.26
CA GLY EA 281 1.20 -31.33 -11.13
C GLY EA 281 2.50 -31.98 -11.51
N ILE EA 282 3.27 -31.36 -12.41
CA ILE EA 282 4.52 -31.93 -12.88
C ILE EA 282 5.56 -31.78 -11.77
N VAL EA 283 6.13 -32.90 -11.34
CA VAL EA 283 7.18 -32.92 -10.33
C VAL EA 283 8.47 -33.41 -11.00
N THR EA 284 9.56 -32.66 -10.78
CA THR EA 284 10.84 -33.05 -11.34
C THR EA 284 11.45 -34.16 -10.52
N ALA EA 285 12.42 -34.86 -11.11
CA ALA EA 285 13.01 -36.01 -10.45
C ALA EA 285 13.96 -35.63 -9.33
N GLU EA 286 14.68 -34.52 -9.45
CA GLU EA 286 15.53 -34.09 -8.35
C GLU EA 286 14.72 -33.56 -7.17
N GLU EA 287 13.54 -32.99 -7.43
CA GLU EA 287 12.63 -32.63 -6.35
C GLU EA 287 12.03 -33.87 -5.71
N ALA EA 288 11.77 -34.90 -6.52
CA ALA EA 288 11.27 -36.19 -6.01
C ALA EA 288 12.30 -36.87 -5.12
N LEU EA 289 13.58 -36.79 -5.49
CA LEU EA 289 14.61 -37.39 -4.65
C LEU EA 289 14.88 -36.56 -3.41
N ASN EA 290 14.88 -35.23 -3.54
CA ASN EA 290 15.18 -34.36 -2.41
C ASN EA 290 14.06 -34.33 -1.39
N TYR EA 291 12.81 -34.47 -1.83
CA TYR EA 291 11.68 -34.44 -0.91
C TYR EA 291 11.28 -35.83 -0.42
N GLY EA 292 12.10 -36.85 -0.68
CA GLY EA 292 11.85 -38.17 -0.16
C GLY EA 292 10.66 -38.90 -0.71
N PHE EA 293 10.39 -38.78 -2.01
CA PHE EA 293 9.28 -39.49 -2.63
C PHE EA 293 9.55 -40.98 -2.69
N SER EA 294 8.47 -41.74 -2.85
CA SER EA 294 8.56 -43.19 -2.87
C SER EA 294 7.41 -43.76 -3.68
N GLY EA 295 7.72 -44.79 -4.46
CA GLY EA 295 6.68 -45.53 -5.16
C GLY EA 295 6.34 -44.92 -6.49
N VAL EA 296 5.03 -44.78 -6.74
CA VAL EA 296 4.51 -44.35 -8.03
C VAL EA 296 4.92 -42.92 -8.34
N MET EA 297 4.98 -42.08 -7.30
CA MET EA 297 5.43 -40.70 -7.48
C MET EA 297 6.91 -40.63 -7.81
N LEU EA 298 7.69 -41.67 -7.43
CA LEU EA 298 9.01 -41.84 -8.01
C LEU EA 298 8.93 -42.42 -9.42
N ARG EA 299 8.04 -43.38 -9.63
CA ARG EA 299 7.99 -44.09 -10.91
C ARG EA 299 7.33 -43.26 -11.99
N GLY EA 300 6.45 -42.33 -11.63
CA GLY EA 300 5.83 -41.47 -12.61
C GLY EA 300 6.75 -40.39 -13.16
N SER EA 301 7.82 -40.08 -12.43
CA SER EA 301 8.75 -39.02 -12.82
C SER EA 301 9.97 -39.56 -13.56
N GLY EA 302 9.90 -40.78 -14.08
CA GLY EA 302 10.98 -41.34 -14.86
C GLY EA 302 12.01 -42.12 -14.08
N ILE EA 303 11.95 -42.11 -12.75
CA ILE EA 303 12.96 -42.79 -11.93
C ILE EA 303 12.60 -44.27 -11.86
N LYS EA 304 13.53 -45.12 -12.27
CA LYS EA 304 13.33 -46.56 -12.28
C LYS EA 304 13.63 -47.11 -10.89
N TRP EA 305 12.60 -47.25 -10.07
CA TRP EA 305 12.79 -47.72 -8.69
C TRP EA 305 11.54 -48.44 -8.23
N ASP EA 306 11.64 -49.75 -8.08
CA ASP EA 306 10.58 -50.57 -7.51
C ASP EA 306 11.19 -51.47 -6.44
N LEU EA 307 10.63 -51.41 -5.23
CA LEU EA 307 11.20 -52.16 -4.11
C LEU EA 307 10.95 -53.66 -4.20
N ARG EA 308 10.04 -54.10 -5.07
CA ARG EA 308 9.81 -55.52 -5.26
C ARG EA 308 10.91 -56.18 -6.09
N LYS EA 309 11.69 -55.41 -6.83
CA LYS EA 309 12.73 -55.93 -7.71
C LYS EA 309 14.15 -55.66 -7.22
N GLN EA 310 14.41 -54.48 -6.66
CA GLN EA 310 15.76 -54.13 -6.21
C GLN EA 310 16.13 -54.85 -4.92
N GLN EA 311 15.29 -54.71 -3.90
CA GLN EA 311 15.48 -55.44 -2.66
C GLN EA 311 14.31 -56.40 -2.48
N PRO EA 312 14.36 -57.58 -3.08
CA PRO EA 312 13.19 -58.47 -3.08
C PRO EA 312 12.96 -59.11 -1.72
N TYR EA 313 11.69 -59.43 -1.46
CA TYR EA 313 11.25 -59.95 -0.18
C TYR EA 313 10.03 -60.83 -0.43
N ASP EA 314 9.96 -61.94 0.32
CA ASP EA 314 8.80 -62.83 0.39
C ASP EA 314 8.42 -63.41 -0.96
N ALA EA 315 9.42 -64.02 -1.61
CA ALA EA 315 9.36 -64.70 -2.91
C ALA EA 315 8.89 -63.81 -4.06
N TYR EA 316 9.36 -62.55 -4.14
CA TYR EA 316 9.14 -61.78 -5.36
C TYR EA 316 10.17 -62.12 -6.42
N ASN EA 317 11.26 -62.79 -6.03
CA ASN EA 317 12.32 -63.06 -6.99
C ASN EA 317 12.15 -64.41 -7.66
N LEU EA 318 11.11 -65.17 -7.29
CA LEU EA 318 10.76 -66.35 -8.08
C LEU EA 318 9.64 -66.06 -9.08
N VAL EA 319 9.02 -64.89 -9.00
CA VAL EA 319 7.99 -64.49 -9.96
C VAL EA 319 8.54 -63.36 -10.83
N ASN EA 320 8.00 -63.23 -12.04
CA ASN EA 320 8.49 -62.26 -13.00
C ASN EA 320 7.38 -61.31 -13.43
N PHE EA 321 7.74 -60.02 -13.53
CA PHE EA 321 6.80 -58.99 -13.94
C PHE EA 321 7.53 -57.78 -14.51
N ASP EA 322 6.77 -56.72 -14.82
CA ASP EA 322 7.33 -55.51 -15.40
C ASP EA 322 7.07 -54.32 -14.48
N VAL EA 323 8.02 -53.39 -14.48
CA VAL EA 323 7.96 -52.19 -13.64
C VAL EA 323 7.56 -51.02 -14.53
N PRO EA 324 6.39 -50.41 -14.33
CA PRO EA 324 5.98 -49.30 -15.20
C PRO EA 324 6.63 -47.99 -14.79
N ILE EA 325 7.15 -47.27 -15.80
CA ILE EA 325 7.87 -46.02 -15.60
C ILE EA 325 7.15 -44.92 -16.37
N GLY EA 326 6.83 -43.82 -15.69
CA GLY EA 326 6.27 -42.66 -16.33
C GLY EA 326 7.34 -41.84 -17.05
N THR EA 327 6.87 -40.83 -17.78
CA THR EA 327 7.78 -39.96 -18.51
C THR EA 327 7.70 -38.50 -18.07
N LYS EA 328 6.49 -37.92 -18.02
CA LYS EA 328 6.37 -36.49 -17.78
C LYS EA 328 6.32 -36.17 -16.29
N GLY EA 329 5.63 -36.98 -15.50
CA GLY EA 329 5.46 -36.71 -14.10
C GLY EA 329 4.14 -36.08 -13.72
N ASP EA 330 3.20 -35.96 -14.65
CA ASP EA 330 1.91 -35.35 -14.39
C ASP EA 330 0.93 -36.41 -13.89
N CYS EA 331 -0.36 -36.06 -13.85
CA CYS EA 331 -1.37 -36.98 -13.31
C CYS EA 331 -1.65 -38.13 -14.27
N TYR EA 332 -1.55 -37.87 -15.57
CA TYR EA 332 -1.87 -38.88 -16.59
C TYR EA 332 -0.85 -40.00 -16.59
N ASP EA 333 0.43 -39.67 -16.42
CA ASP EA 333 1.49 -40.67 -16.36
C ASP EA 333 1.35 -41.55 -15.12
N ARG EA 334 0.96 -40.95 -13.99
CA ARG EA 334 0.76 -41.73 -12.78
C ARG EA 334 -0.48 -42.61 -12.85
N TYR EA 335 -1.54 -42.13 -13.53
CA TYR EA 335 -2.72 -42.95 -13.75
C TYR EA 335 -2.43 -44.15 -14.65
N LEU EA 336 -1.67 -43.92 -15.73
CA LEU EA 336 -1.26 -45.03 -16.58
C LEU EA 336 -0.30 -45.98 -15.87
N CYS EA 337 0.55 -45.45 -14.98
CA CYS EA 337 1.42 -46.29 -14.17
C CYS EA 337 0.62 -47.16 -13.20
N ARG EA 338 -0.45 -46.61 -12.62
CA ARG EA 338 -1.30 -47.39 -11.73
C ARG EA 338 -2.04 -48.50 -12.48
N VAL EA 339 -2.53 -48.20 -13.68
CA VAL EA 339 -3.20 -49.23 -14.49
C VAL EA 339 -2.21 -50.30 -14.94
N GLU EA 340 -0.97 -49.91 -15.22
CA GLU EA 340 0.03 -50.91 -15.58
C GLU EA 340 0.48 -51.75 -14.38
N GLU EA 341 0.50 -51.16 -13.17
CA GLU EA 341 0.73 -51.97 -11.96
C GLU EA 341 -0.42 -52.93 -11.70
N MET EA 342 -1.64 -52.53 -12.04
CA MET EA 342 -2.81 -53.40 -11.95
C MET EA 342 -2.65 -54.63 -12.84
N ARG EA 343 -2.23 -54.39 -14.09
CA ARG EA 343 -2.07 -55.49 -15.04
C ARG EA 343 -0.88 -56.39 -14.71
N GLN EA 344 0.22 -55.80 -14.21
CA GLN EA 344 1.34 -56.64 -13.79
C GLN EA 344 1.03 -57.38 -12.50
N SER EA 345 0.17 -56.82 -11.64
CA SER EA 345 -0.31 -57.55 -10.47
C SER EA 345 -1.18 -58.73 -10.88
N LEU EA 346 -1.97 -58.57 -11.96
CA LEU EA 346 -2.68 -59.71 -12.53
C LEU EA 346 -1.73 -60.77 -13.05
N ARG EA 347 -0.59 -60.35 -13.63
CA ARG EA 347 0.41 -61.30 -14.09
C ARG EA 347 1.06 -62.07 -12.93
N ILE EA 348 1.38 -61.38 -11.84
CA ILE EA 348 1.96 -62.04 -10.67
C ILE EA 348 0.95 -62.97 -10.00
N ILE EA 349 -0.33 -62.57 -10.00
CA ILE EA 349 -1.41 -63.43 -9.51
C ILE EA 349 -1.53 -64.68 -10.37
N ASP EA 350 -1.36 -64.54 -11.69
CA ASP EA 350 -1.36 -65.68 -12.60
C ASP EA 350 -0.21 -66.64 -12.31
N GLN EA 351 0.98 -66.10 -12.07
CA GLN EA 351 2.14 -66.95 -11.78
C GLN EA 351 2.01 -67.65 -10.43
N CYS EA 352 1.44 -66.96 -9.43
CA CYS EA 352 1.28 -67.56 -8.11
C CYS EA 352 0.15 -68.59 -8.09
N LEU EA 353 -0.87 -68.42 -8.93
CA LEU EA 353 -1.86 -69.47 -9.08
C LEU EA 353 -1.30 -70.64 -9.89
N ASN EA 354 -0.33 -70.36 -10.77
CA ASN EA 354 0.28 -71.42 -11.57
C ASN EA 354 1.16 -72.32 -10.72
N GLN EA 355 2.01 -71.75 -9.87
CA GLN EA 355 2.88 -72.55 -9.02
C GLN EA 355 2.74 -72.14 -7.56
N MET EA 356 2.54 -73.14 -6.70
CA MET EA 356 2.60 -73.12 -5.23
C MET EA 356 2.96 -74.53 -4.81
N PRO EA 357 3.80 -74.70 -3.78
CA PRO EA 357 4.08 -76.04 -3.28
C PRO EA 357 3.08 -76.45 -2.22
N ALA EA 358 3.10 -77.74 -1.91
CA ALA EA 358 2.31 -78.30 -0.83
C ALA EA 358 3.18 -78.39 0.42
N GLY EA 359 2.70 -77.84 1.53
CA GLY EA 359 3.47 -77.86 2.75
C GLY EA 359 2.80 -77.05 3.83
N GLU EA 360 3.62 -76.63 4.79
CA GLU EA 360 3.13 -75.94 5.97
C GLU EA 360 2.78 -74.48 5.62
N ILE EA 361 2.04 -73.86 6.53
CA ILE EA 361 1.60 -72.49 6.35
C ILE EA 361 2.30 -71.51 7.28
N LYS EA 362 2.98 -71.99 8.30
CA LYS EA 362 3.64 -71.14 9.29
C LYS EA 362 4.97 -71.79 9.65
N THR EA 363 5.83 -71.00 10.30
CA THR EA 363 7.09 -71.54 10.78
C THR EA 363 6.85 -72.49 11.95
N ASP EA 364 7.82 -73.36 12.19
CA ASP EA 364 7.66 -74.42 13.18
C ASP EA 364 8.37 -74.11 14.49
N ASP EA 365 8.81 -72.86 14.70
CA ASP EA 365 9.17 -72.43 16.03
C ASP EA 365 7.89 -72.28 16.85
N ALA EA 366 7.67 -73.22 17.78
CA ALA EA 366 6.47 -73.16 18.60
C ALA EA 366 6.57 -72.10 19.70
N LYS EA 367 7.75 -71.52 19.93
CA LYS EA 367 7.88 -70.36 20.79
C LYS EA 367 7.58 -69.06 20.06
N VAL EA 368 7.47 -69.10 18.72
CA VAL EA 368 7.13 -67.92 17.92
C VAL EA 368 5.76 -68.06 17.29
N ALA EA 369 5.55 -69.09 16.48
CA ALA EA 369 4.24 -69.37 15.91
C ALA EA 369 3.39 -70.14 16.91
N PRO EA 370 2.09 -69.83 17.00
CA PRO EA 370 1.22 -70.59 17.91
C PRO EA 370 0.98 -71.99 17.38
N PRO EA 371 0.83 -72.98 18.26
CA PRO EA 371 0.59 -74.36 17.81
C PRO EA 371 -0.86 -74.56 17.37
N SER EA 372 -1.08 -75.67 16.66
CA SER EA 372 -2.39 -76.02 16.17
C SER EA 372 -3.24 -76.63 17.29
N ARG EA 373 -4.51 -76.90 16.96
CA ARG EA 373 -5.45 -77.36 17.98
C ARG EA 373 -5.30 -78.85 18.28
N SER EA 374 -4.78 -79.64 17.33
CA SER EA 374 -4.59 -81.06 17.59
C SER EA 374 -3.47 -81.30 18.59
N GLU EA 375 -2.33 -80.61 18.43
CA GLU EA 375 -1.26 -80.69 19.40
C GLU EA 375 -1.55 -79.86 20.65
N MET EA 376 -2.53 -78.97 20.59
CA MET EA 376 -3.12 -78.41 21.80
C MET EA 376 -3.81 -79.47 22.64
N LYS EA 377 -4.72 -80.24 22.03
CA LYS EA 377 -5.48 -81.21 22.82
C LYS EA 377 -4.64 -82.42 23.20
N THR EA 378 -3.64 -82.77 22.41
CA THR EA 378 -2.84 -83.95 22.75
C THR EA 378 -1.61 -83.61 23.58
N SER EA 379 -0.71 -82.78 23.04
CA SER EA 379 0.59 -82.56 23.66
C SER EA 379 0.52 -81.50 24.76
N MET EA 380 1.56 -81.49 25.59
CA MET EA 380 1.63 -80.68 26.80
C MET EA 380 2.47 -79.42 26.61
N GLU EA 381 3.62 -79.57 25.95
CA GLU EA 381 4.51 -78.43 25.68
C GLU EA 381 3.88 -77.45 24.72
N ALA EA 382 3.05 -77.93 23.80
CA ALA EA 382 2.31 -77.02 22.92
C ALA EA 382 1.27 -76.23 23.69
N LEU EA 383 0.66 -76.83 24.71
CA LEU EA 383 -0.26 -76.08 25.57
C LEU EA 383 0.48 -75.01 26.37
N ILE EA 384 1.69 -75.34 26.85
CA ILE EA 384 2.53 -74.36 27.55
C ILE EA 384 2.89 -73.20 26.63
N HIS EA 385 3.29 -73.53 25.40
CA HIS EA 385 3.69 -72.51 24.44
C HIS EA 385 2.51 -71.67 23.97
N HIS EA 386 1.32 -72.27 23.88
CA HIS EA 386 0.11 -71.50 23.59
C HIS EA 386 -0.17 -70.51 24.72
N PHE EA 387 -0.09 -70.99 25.96
CA PHE EA 387 -0.41 -70.16 27.12
C PHE EA 387 0.54 -68.98 27.25
N LYS EA 388 1.84 -69.23 27.06
CA LYS EA 388 2.81 -68.15 27.14
C LYS EA 388 2.90 -67.32 25.87
N LEU EA 389 2.33 -67.78 24.75
CA LEU EA 389 2.25 -66.93 23.57
C LEU EA 389 0.99 -66.08 23.54
N PHE EA 390 -0.06 -66.48 24.23
CA PHE EA 390 -1.29 -65.70 24.27
C PHE EA 390 -1.50 -64.99 25.60
N THR EA 391 -0.59 -65.13 26.55
CA THR EA 391 -0.56 -64.25 27.71
C THR EA 391 0.51 -63.17 27.59
N GLN EA 392 1.76 -63.57 27.38
CA GLN EA 392 2.86 -62.63 27.29
C GLN EA 392 3.49 -62.56 25.91
N GLY EA 393 3.21 -63.50 25.03
CA GLY EA 393 3.76 -63.47 23.69
C GLY EA 393 5.21 -63.93 23.64
N TYR EA 394 5.76 -63.85 22.43
CA TYR EA 394 7.14 -64.27 22.25
C TYR EA 394 8.09 -63.16 22.69
N GLN EA 395 9.33 -63.56 22.99
CA GLN EA 395 10.38 -62.63 23.39
C GLN EA 395 11.19 -62.28 22.15
N VAL EA 396 11.07 -61.03 21.70
CA VAL EA 396 11.88 -60.53 20.60
C VAL EA 396 13.24 -60.11 21.16
N PRO EA 397 14.36 -60.51 20.54
CA PRO EA 397 15.67 -60.10 21.04
C PRO EA 397 15.87 -58.60 20.89
N PRO EA 398 16.63 -57.97 21.78
CA PRO EA 398 16.74 -56.51 21.75
C PRO EA 398 17.59 -56.02 20.59
N GLY EA 399 17.14 -54.94 19.98
CA GLY EA 399 17.81 -54.40 18.81
C GLY EA 399 16.85 -53.57 17.98
N ALA EA 400 17.41 -53.00 16.93
CA ALA EA 400 16.66 -52.11 16.04
C ALA EA 400 16.70 -52.65 14.62
N THR EA 401 15.61 -52.43 13.90
CA THR EA 401 15.56 -52.76 12.49
C THR EA 401 14.65 -51.77 11.77
N TYR EA 402 14.85 -51.65 10.48
CA TYR EA 402 13.94 -50.90 9.61
C TYR EA 402 13.71 -51.76 8.39
N THR EA 403 12.48 -52.25 8.22
CA THR EA 403 12.11 -53.02 7.05
C THR EA 403 11.13 -52.22 6.21
N ALA EA 404 11.42 -52.08 4.93
CA ALA EA 404 10.62 -51.28 4.01
C ALA EA 404 10.14 -52.16 2.88
N ILE EA 405 8.87 -52.02 2.54
CA ILE EA 405 8.26 -52.77 1.44
C ILE EA 405 7.76 -51.78 0.40
N GLU EA 406 7.27 -52.31 -0.72
CA GLU EA 406 6.57 -51.53 -1.73
C GLU EA 406 5.07 -51.68 -1.50
N ALA EA 407 4.50 -50.76 -0.73
CA ALA EA 407 3.06 -50.58 -0.72
C ALA EA 407 2.65 -49.87 -2.02
N PRO EA 408 1.39 -49.98 -2.43
CA PRO EA 408 0.97 -49.31 -3.67
C PRO EA 408 1.06 -47.79 -3.66
N LYS EA 409 0.93 -47.15 -2.49
CA LYS EA 409 1.17 -45.70 -2.46
C LYS EA 409 2.64 -45.33 -2.38
N GLY EA 410 3.52 -46.25 -2.00
CA GLY EA 410 4.93 -45.94 -1.92
C GLY EA 410 5.65 -46.92 -1.02
N GLU EA 411 6.84 -46.54 -0.59
CA GLU EA 411 7.60 -47.36 0.33
C GLU EA 411 6.96 -47.28 1.72
N PHE EA 412 6.60 -48.43 2.26
CA PHE EA 412 6.03 -48.53 3.60
C PHE EA 412 7.08 -49.13 4.52
N GLY EA 413 7.57 -48.34 5.46
CA GLY EA 413 8.66 -48.75 6.31
C GLY EA 413 8.23 -48.86 7.76
N VAL EA 414 8.84 -49.81 8.47
CA VAL EA 414 8.65 -49.95 9.91
C VAL EA 414 10.02 -49.92 10.54
N TYR EA 415 10.24 -48.96 11.45
CA TYR EA 415 11.43 -48.90 12.28
C TYR EA 415 11.03 -49.44 13.65
N LEU EA 416 11.40 -50.68 13.93
CA LEU EA 416 11.01 -51.37 15.14
C LEU EA 416 12.26 -51.52 16.01
N ILE EA 417 12.22 -50.96 17.22
CA ILE EA 417 13.30 -51.12 18.18
C ILE EA 417 12.73 -51.74 19.45
N SER EA 418 13.44 -52.75 19.97
CA SER EA 418 12.97 -53.60 21.05
C SER EA 418 14.01 -53.67 22.15
N ASP EA 419 13.56 -53.64 23.40
CA ASP EA 419 14.43 -53.71 24.55
C ASP EA 419 14.54 -55.14 25.10
N GLY EA 420 14.14 -56.13 24.33
CA GLY EA 420 14.25 -57.51 24.73
C GLY EA 420 13.11 -58.06 25.55
N SER EA 421 12.12 -57.23 25.88
CA SER EA 421 10.99 -57.67 26.68
C SER EA 421 9.88 -58.17 25.76
N SER EA 422 8.69 -58.39 26.34
CA SER EA 422 7.56 -58.90 25.59
C SER EA 422 6.92 -57.87 24.68
N ARG EA 423 7.16 -56.58 24.93
CA ARG EA 423 6.59 -55.48 24.18
C ARG EA 423 7.66 -54.79 23.36
N PRO EA 424 7.31 -54.23 22.20
CA PRO EA 424 8.28 -53.39 21.48
C PRO EA 424 8.54 -52.09 22.21
N TYR EA 425 9.79 -51.64 22.17
CA TYR EA 425 10.12 -50.39 22.85
C TYR EA 425 9.60 -49.19 22.07
N ARG EA 426 9.79 -49.18 20.75
CA ARG EA 426 9.26 -48.09 19.93
C ARG EA 426 9.11 -48.58 18.50
N CYS EA 427 7.94 -48.34 17.92
CA CYS EA 427 7.67 -48.68 16.53
C CYS EA 427 7.26 -47.42 15.78
N LYS EA 428 8.06 -47.05 14.77
CA LYS EA 428 7.81 -45.88 13.94
C LYS EA 428 7.36 -46.34 12.56
N ILE EA 429 6.25 -45.79 12.09
CA ILE EA 429 5.69 -46.13 10.80
C ILE EA 429 6.01 -45.02 9.81
N LYS EA 430 6.72 -45.36 8.74
CA LYS EA 430 7.00 -44.42 7.66
C LYS EA 430 5.80 -44.37 6.74
N ALA EA 431 5.09 -43.25 6.76
CA ALA EA 431 3.96 -43.07 5.86
C ALA EA 431 4.45 -42.79 4.45
N PRO EA 432 4.01 -43.56 3.44
CA PRO EA 432 4.32 -43.21 2.06
C PRO EA 432 3.74 -41.87 1.62
N GLY EA 433 2.58 -41.49 2.17
CA GLY EA 433 1.95 -40.24 1.79
C GLY EA 433 2.42 -39.01 2.54
N PHE EA 434 3.28 -39.20 3.55
CA PHE EA 434 3.77 -38.07 4.35
C PHE EA 434 4.63 -37.13 3.52
N ALA EA 435 5.60 -37.66 2.77
CA ALA EA 435 6.46 -36.83 1.92
C ALA EA 435 5.69 -36.26 0.74
N HIS EA 436 4.69 -37.01 0.23
CA HIS EA 436 3.84 -36.51 -0.83
C HIS EA 436 3.01 -35.30 -0.37
N LEU EA 437 2.46 -35.38 0.83
CA LEU EA 437 1.70 -34.24 1.33
C LEU EA 437 2.62 -33.12 1.75
N ALA EA 438 3.88 -33.44 2.06
CA ALA EA 438 4.88 -32.40 2.33
C ALA EA 438 5.21 -31.62 1.05
N ALA EA 439 5.41 -32.31 -0.07
CA ALA EA 439 5.71 -31.65 -1.33
C ALA EA 439 4.48 -31.18 -2.09
N LEU EA 440 3.29 -31.41 -1.54
CA LEU EA 440 2.06 -30.79 -2.04
C LEU EA 440 2.13 -29.26 -2.07
N GLU EA 441 2.88 -28.66 -1.13
CA GLU EA 441 3.00 -27.21 -1.06
C GLU EA 441 3.71 -26.64 -2.29
N LYS EA 442 4.71 -27.34 -2.82
CA LYS EA 442 5.36 -26.90 -4.05
C LYS EA 442 4.66 -27.41 -5.30
N ILE EA 443 4.13 -28.64 -5.28
CA ILE EA 443 3.52 -29.21 -6.47
C ILE EA 443 2.20 -28.51 -6.80
N GLY EA 444 1.37 -28.28 -5.79
CA GLY EA 444 0.07 -27.67 -6.02
C GLY EA 444 0.06 -26.17 -6.16
N LYS EA 445 1.18 -25.49 -5.93
CA LYS EA 445 1.25 -24.05 -6.04
C LYS EA 445 1.13 -23.61 -7.51
N GLN EA 446 0.60 -22.38 -7.69
CA GLN EA 446 0.39 -21.73 -9.00
C GLN EA 446 -0.51 -22.56 -9.91
N HIS EA 447 -1.53 -23.18 -9.32
CA HIS EA 447 -2.46 -24.02 -10.06
C HIS EA 447 -3.88 -23.56 -9.79
N MET EA 448 -4.82 -24.15 -10.51
CA MET EA 448 -6.23 -23.90 -10.28
C MET EA 448 -6.70 -24.66 -9.05
N LEU EA 449 -7.88 -24.28 -8.55
CA LEU EA 449 -8.48 -24.97 -7.42
C LEU EA 449 -8.89 -26.39 -7.79
N ALA EA 450 -9.47 -26.55 -8.99
CA ALA EA 450 -9.73 -27.87 -9.55
C ALA EA 450 -8.43 -28.63 -9.82
N ASP EA 451 -7.36 -27.90 -10.13
CA ASP EA 451 -6.07 -28.56 -10.31
C ASP EA 451 -5.49 -29.03 -8.99
N VAL EA 452 -5.76 -28.30 -7.90
CA VAL EA 452 -5.36 -28.77 -6.57
C VAL EA 452 -6.16 -30.01 -6.18
N VAL EA 453 -7.44 -30.07 -6.54
CA VAL EA 453 -8.29 -31.25 -6.17
C VAL EA 453 -7.74 -32.50 -6.84
N ALA EA 454 -7.44 -32.43 -8.14
CA ALA EA 454 -6.86 -33.58 -8.85
C ALA EA 454 -5.49 -33.94 -8.27
N ILE EA 455 -4.67 -32.94 -7.94
CA ILE EA 455 -3.29 -33.22 -7.43
C ILE EA 455 -3.42 -34.00 -6.13
N ILE EA 456 -4.37 -33.64 -5.27
CA ILE EA 456 -4.47 -34.31 -3.94
C ILE EA 456 -4.74 -35.77 -4.22
N GLY EA 457 -5.60 -36.06 -5.18
CA GLY EA 457 -5.84 -37.46 -5.59
C GLY EA 457 -4.61 -38.12 -6.18
N THR EA 458 -3.85 -37.40 -7.01
CA THR EA 458 -2.71 -38.04 -7.72
C THR EA 458 -1.71 -38.51 -6.68
N LEU EA 459 -1.43 -37.69 -5.67
CA LEU EA 459 -0.62 -38.23 -4.56
C LEU EA 459 -1.60 -39.21 -3.95
N ASP EA 460 -1.19 -40.41 -3.55
CA ASP EA 460 -2.23 -41.27 -2.95
C ASP EA 460 -2.02 -41.08 -1.46
N VAL EA 461 -3.08 -40.71 -0.74
CA VAL EA 461 -2.79 -40.34 0.67
C VAL EA 461 -3.96 -40.57 1.61
N VAL EA 462 -4.13 -41.78 2.14
CA VAL EA 462 -5.14 -41.83 3.18
C VAL EA 462 -4.44 -41.40 4.47
N PHE EA 463 -5.15 -40.65 5.29
CA PHE EA 463 -4.50 -39.92 6.36
C PHE EA 463 -4.42 -40.70 7.67
N GLY EA 464 -4.85 -41.96 7.66
CA GLY EA 464 -4.61 -42.82 8.81
C GLY EA 464 -3.13 -43.12 9.00
N GLU EA 465 -2.42 -43.43 7.91
CA GLU EA 465 -0.98 -43.66 8.02
C GLU EA 465 -0.19 -42.37 8.16
N ILE EA 466 -0.70 -41.27 7.60
CA ILE EA 466 -0.03 -39.99 7.71
C ILE EA 466 -0.13 -39.47 9.14
N ASP EA 467 -1.32 -39.56 9.72
CA ASP EA 467 -1.53 -39.12 11.09
C ASP EA 467 -0.99 -40.11 12.12
N ARG EA 468 -0.83 -41.37 11.71
CA ARG EA 468 -0.43 -42.51 12.56
C ARG EA 468 -1.30 -42.64 13.81
N UNK FA 1 19.94 -122.67 52.47
CA UNK FA 1 18.81 -122.80 51.56
C UNK FA 1 18.15 -124.16 51.71
N UNK FA 2 18.96 -125.22 51.67
CA UNK FA 2 18.44 -126.58 51.82
C UNK FA 2 18.04 -126.86 53.25
N UNK FA 3 18.82 -126.37 54.22
CA UNK FA 3 18.55 -126.57 55.64
C UNK FA 3 18.23 -125.24 56.29
N UNK FA 4 17.11 -125.19 57.00
CA UNK FA 4 16.66 -123.99 57.69
C UNK FA 4 16.33 -124.33 59.14
N UNK FA 5 16.68 -123.42 60.04
CA UNK FA 5 16.43 -123.65 61.47
C UNK FA 5 14.98 -123.31 61.83
N UNK FA 6 14.59 -122.05 61.66
CA UNK FA 6 13.24 -121.60 61.99
C UNK FA 6 12.94 -120.35 61.18
N UNK FA 7 11.68 -119.91 61.27
CA UNK FA 7 11.27 -118.68 60.60
C UNK FA 7 11.80 -117.44 61.31
N UNK FA 8 12.17 -117.55 62.58
CA UNK FA 8 12.72 -116.47 63.37
C UNK FA 8 14.16 -116.78 63.80
N UNK FA 9 14.92 -117.44 62.92
CA UNK FA 9 16.27 -117.87 63.26
C UNK FA 9 17.26 -116.71 63.27
N UNK FA 10 17.17 -115.81 62.29
CA UNK FA 10 18.14 -114.72 62.19
C UNK FA 10 17.90 -113.67 63.27
N UNK FA 11 16.63 -113.43 63.64
CA UNK FA 11 16.33 -112.50 64.71
C UNK FA 11 16.78 -113.04 66.06
N UNK FA 12 16.65 -114.35 66.29
CA UNK FA 12 17.16 -114.95 67.52
C UNK FA 12 18.68 -115.01 67.53
N UNK FA 13 19.30 -115.15 66.35
CA UNK FA 13 20.76 -115.11 66.28
C UNK FA 13 21.29 -113.70 66.53
N UNK FA 14 20.57 -112.68 66.08
CA UNK FA 14 20.91 -111.30 66.43
C UNK FA 14 20.64 -111.02 67.90
N UNK FA 15 19.63 -111.67 68.48
CA UNK FA 15 19.41 -111.60 69.91
C UNK FA 15 20.51 -112.31 70.69
N UNK FA 16 21.04 -113.40 70.14
CA UNK FA 16 22.17 -114.08 70.73
C UNK FA 16 23.47 -113.35 70.40
N UNK FA 17 24.56 -113.82 71.04
CA UNK FA 17 25.93 -113.29 70.91
C UNK FA 17 26.03 -111.80 71.22
N UNK FA 18 25.21 -111.33 72.17
CA UNK FA 18 25.26 -109.96 72.64
C UNK FA 18 26.11 -109.79 73.89
N UNK FA 19 26.76 -110.87 74.35
CA UNK FA 19 27.61 -110.78 75.53
C UNK FA 19 28.88 -110.01 75.23
N UNK FA 20 29.36 -110.04 73.99
CA UNK FA 20 30.49 -109.22 73.60
C UNK FA 20 30.06 -107.75 73.51
N UNK FA 21 30.88 -106.88 74.09
CA UNK FA 21 30.52 -105.47 74.17
C UNK FA 21 30.71 -104.79 72.81
N UNK FA 22 29.78 -103.89 72.49
CA UNK FA 22 29.83 -103.13 71.25
C UNK FA 22 30.62 -101.84 71.47
N UNK FA 23 30.80 -101.10 70.37
CA UNK FA 23 31.52 -99.84 70.43
C UNK FA 23 30.71 -98.77 71.16
N UNK FA 24 29.44 -98.62 70.76
CA UNK FA 24 28.45 -97.69 71.35
C UNK FA 24 28.95 -96.25 71.29
N UNK FA 25 29.09 -95.76 70.06
CA UNK FA 25 29.51 -94.39 69.83
C UNK FA 25 28.46 -93.39 70.30
N UNK FA 26 28.92 -92.34 70.99
CA UNK FA 26 28.01 -91.46 71.71
C UNK FA 26 27.23 -90.54 70.76
N UNK FA 27 27.91 -90.01 69.74
CA UNK FA 27 27.40 -88.99 68.80
C UNK FA 27 26.79 -87.77 69.50
N GLY GA 37 51.98 -99.26 44.74
CA GLY GA 37 51.33 -99.65 43.50
C GLY GA 37 52.19 -100.52 42.62
N THR GA 38 52.16 -100.25 41.30
CA THR GA 38 52.89 -100.91 40.23
C THR GA 38 52.70 -102.44 40.23
N PRO GA 39 51.55 -102.94 39.78
CA PRO GA 39 51.39 -104.41 39.66
C PRO GA 39 52.29 -104.97 38.57
N PRO GA 40 52.75 -106.20 38.71
CA PRO GA 40 53.67 -106.78 37.72
C PRO GA 40 52.95 -107.11 36.42
N PRO GA 41 53.66 -107.03 35.29
CA PRO GA 41 53.05 -107.45 34.02
C PRO GA 41 52.88 -108.96 33.94
N GLN GA 42 51.97 -109.39 33.06
CA GLN GA 42 51.62 -110.81 33.01
C GLN GA 42 52.61 -111.60 32.17
N THR GA 43 52.81 -111.18 30.91
CA THR GA 43 53.63 -111.87 29.88
C THR GA 43 53.21 -113.32 29.69
N LYS GA 44 51.90 -113.55 29.56
CA LYS GA 44 51.36 -114.85 29.20
C LYS GA 44 50.45 -114.69 27.99
N THR GA 45 50.65 -115.54 26.98
CA THR GA 45 49.90 -115.39 25.74
C THR GA 45 48.49 -115.94 25.86
N LYS GA 46 48.35 -117.20 26.27
CA LYS GA 46 47.06 -117.86 26.36
C LYS GA 46 46.74 -118.11 27.82
N PHE GA 47 45.49 -117.84 28.19
CA PHE GA 47 45.00 -117.99 29.56
C PHE GA 47 44.11 -119.21 29.63
N GLY GA 48 44.63 -120.29 30.21
CA GLY GA 48 43.92 -121.54 30.27
C GLY GA 48 42.95 -121.63 31.44
N PRO GA 49 42.50 -122.84 31.74
CA PRO GA 49 41.62 -123.04 32.91
C PRO GA 49 42.39 -122.83 34.21
N LEU GA 50 41.66 -122.37 35.23
CA LEU GA 50 42.26 -122.20 36.53
C LEU GA 50 42.46 -123.54 37.22
N ALA GA 51 43.64 -123.74 37.81
CA ALA GA 51 43.92 -124.96 38.54
C ALA GA 51 43.13 -124.98 39.84
N ASP GA 52 42.89 -126.20 40.35
CA ASP GA 52 42.06 -126.35 41.54
C ASP GA 52 42.79 -125.89 42.79
N GLU GA 53 44.13 -125.91 42.76
CA GLU GA 53 44.89 -125.32 43.85
C GLU GA 53 44.88 -123.79 43.78
N ASP GA 54 44.61 -123.24 42.60
CA ASP GA 54 44.48 -121.79 42.46
C ASP GA 54 43.07 -121.29 42.74
N ARG GA 55 42.10 -122.19 42.90
CA ARG GA 55 40.74 -121.78 43.21
C ARG GA 55 40.63 -121.36 44.66
N ILE GA 56 40.12 -120.14 44.89
CA ILE GA 56 40.04 -119.61 46.25
C ILE GA 56 38.87 -120.24 46.99
N PHE GA 57 37.67 -120.18 46.41
CA PHE GA 57 36.47 -120.73 47.03
C PHE GA 57 36.49 -122.23 46.82
N THR GA 58 37.18 -122.95 47.72
CA THR GA 58 37.30 -124.39 47.59
C THR GA 58 36.00 -125.11 47.92
N ASN GA 59 35.21 -124.56 48.84
CA ASN GA 59 33.90 -125.11 49.19
C ASN GA 59 32.78 -124.28 48.60
N LEU GA 60 32.95 -123.82 47.36
CA LEU GA 60 31.89 -123.09 46.66
C LEU GA 60 30.66 -123.96 46.44
N TYR GA 61 30.86 -125.20 46.02
CA TYR GA 61 29.74 -126.06 45.65
C TYR GA 61 29.02 -126.62 46.88
N GLY GA 62 29.74 -126.83 47.97
CA GLY GA 62 29.13 -127.28 49.21
C GLY GA 62 29.39 -128.73 49.54
N ARG GA 63 30.58 -129.22 49.21
CA ARG GA 63 30.96 -130.60 49.50
C ARG GA 63 31.77 -130.73 50.79
N HIS GA 64 32.01 -129.63 51.50
CA HIS GA 64 32.65 -129.67 52.81
C HIS GA 64 31.80 -128.88 53.78
N ASP GA 65 32.27 -128.81 55.03
CA ASP GA 65 31.53 -128.10 56.06
C ASP GA 65 31.67 -126.60 55.90
N TRP GA 66 30.56 -125.88 56.07
CA TRP GA 66 30.59 -124.42 56.02
C TRP GA 66 31.15 -123.83 57.30
N ARG GA 67 31.19 -124.61 58.38
CA ARG GA 67 31.47 -124.08 59.70
C ARG GA 67 32.96 -123.81 59.89
N LEU GA 68 33.30 -123.42 61.12
CA LEU GA 68 34.66 -122.96 61.41
C LEU GA 68 35.64 -124.14 61.43
N LYS GA 69 35.19 -125.32 61.87
CA LYS GA 69 36.07 -126.48 61.93
C LYS GA 69 36.42 -126.97 60.52
N GLY GA 70 35.50 -126.83 59.58
CA GLY GA 70 35.84 -127.12 58.19
C GLY GA 70 36.67 -126.03 57.56
N ALA GA 71 36.44 -124.78 57.96
CA ALA GA 71 37.15 -123.65 57.35
C ALA GA 71 38.60 -123.59 57.80
N LEU GA 72 38.88 -124.02 59.03
CA LEU GA 72 40.28 -124.07 59.49
C LEU GA 72 41.03 -125.19 58.78
N LYS GA 73 40.35 -126.28 58.44
CA LYS GA 73 40.99 -127.34 57.66
C LYS GA 73 41.16 -126.91 56.20
N ARG GA 74 40.25 -126.07 55.70
CA ARG GA 74 40.31 -125.64 54.30
C ARG GA 74 41.31 -124.51 54.06
N GLY GA 75 41.92 -123.96 55.10
CA GLY GA 75 42.92 -122.92 54.95
C GLY GA 75 42.49 -121.53 55.35
N ASP GA 76 41.28 -121.36 55.86
CA ASP GA 76 40.85 -120.05 56.32
C ASP GA 76 41.29 -119.82 57.76
N TRP GA 77 41.34 -118.54 58.15
CA TRP GA 77 41.70 -118.07 59.49
C TRP GA 77 43.09 -118.54 59.92
N TYR GA 78 44.02 -118.57 58.97
CA TYR GA 78 45.39 -119.02 59.22
C TYR GA 78 46.33 -117.82 59.08
N LYS GA 79 47.13 -117.58 60.13
CA LYS GA 79 48.08 -116.48 60.23
C LYS GA 79 47.42 -115.11 60.03
N THR GA 80 46.19 -114.97 60.54
CA THR GA 80 45.50 -113.69 60.47
C THR GA 80 46.14 -112.67 61.42
N LYS GA 81 46.66 -113.16 62.55
CA LYS GA 81 47.29 -112.29 63.55
C LYS GA 81 48.55 -111.62 63.01
N GLU GA 82 49.33 -112.34 62.21
CA GLU GA 82 50.56 -111.78 61.64
C GLU GA 82 50.25 -110.71 60.59
N ILE GA 83 49.23 -110.94 59.75
CA ILE GA 83 48.84 -109.96 58.74
C ILE GA 83 48.23 -108.72 59.39
N VAL GA 84 47.47 -108.92 60.47
CA VAL GA 84 46.88 -107.79 61.18
C VAL GA 84 47.96 -106.97 61.89
N LEU GA 85 48.90 -107.64 62.55
CA LEU GA 85 49.97 -106.96 63.26
C LEU GA 85 51.05 -106.40 62.33
N LYS GA 86 51.07 -106.78 61.05
CA LYS GA 86 52.05 -106.26 60.12
C LYS GA 86 51.77 -104.84 59.67
N GLY GA 87 50.60 -104.30 59.96
CA GLY GA 87 50.30 -102.91 59.68
C GLY GA 87 49.31 -102.75 58.54
N ALA GA 88 48.68 -101.58 58.50
CA ALA GA 88 47.69 -101.29 57.47
C ALA GA 88 48.36 -101.01 56.12
N ASP GA 89 49.52 -100.34 56.15
CA ASP GA 89 50.19 -99.93 54.93
C ASP GA 89 50.73 -101.11 54.13
N TRP GA 90 51.16 -102.18 54.82
CA TRP GA 90 51.61 -103.38 54.12
C TRP GA 90 50.46 -104.08 53.40
N ILE GA 91 49.28 -104.11 54.02
CA ILE GA 91 48.12 -104.74 53.39
C ILE GA 91 47.63 -103.89 52.21
N VAL GA 92 47.65 -102.56 52.35
CA VAL GA 92 47.25 -101.67 51.27
C VAL GA 92 48.24 -101.77 50.09
N ASN GA 93 49.54 -101.85 50.39
CA ASN GA 93 50.54 -102.02 49.34
C ASN GA 93 50.45 -103.41 48.69
N GLU GA 94 50.07 -104.44 49.46
CA GLU GA 94 49.89 -105.77 48.88
C GLU GA 94 48.67 -105.81 47.96
N ILE GA 95 47.60 -105.09 48.32
CA ILE GA 95 46.43 -105.01 47.45
C ILE GA 95 46.75 -104.22 46.19
N LYS GA 96 47.54 -103.14 46.33
CA LYS GA 96 47.94 -102.34 45.17
C LYS GA 96 48.89 -103.12 44.25
N THR GA 97 49.75 -103.95 44.83
CA THR GA 97 50.62 -104.82 44.02
C THR GA 97 49.81 -105.93 43.35
N SER GA 98 48.78 -106.42 44.03
CA SER GA 98 47.92 -107.48 43.48
C SER GA 98 47.07 -107.01 42.31
N GLY GA 99 46.79 -105.71 42.21
CA GLY GA 99 45.96 -105.20 41.14
C GLY GA 99 44.51 -105.63 41.22
N LEU GA 100 43.95 -105.66 42.42
CA LEU GA 100 42.56 -106.03 42.60
C LEU GA 100 41.63 -104.92 42.11
N ARG GA 101 40.59 -105.31 41.38
CA ARG GA 101 39.60 -104.37 40.87
C ARG GA 101 38.26 -104.65 41.53
N GLY GA 102 37.33 -103.72 41.35
CA GLY GA 102 36.03 -103.87 41.98
C GLY GA 102 35.18 -104.91 41.28
N ARG GA 103 34.60 -105.81 42.08
CA ARG GA 103 33.76 -106.88 41.57
C ARG GA 103 32.28 -106.51 41.57
N GLY GA 104 31.91 -105.34 42.08
CA GLY GA 104 30.51 -104.98 42.15
C GLY GA 104 29.96 -104.40 40.87
N GLY GA 105 30.81 -104.15 39.89
CA GLY GA 105 30.41 -103.60 38.63
C GLY GA 105 30.95 -102.22 38.32
N ALA GA 106 31.53 -101.53 39.32
CA ALA GA 106 32.11 -100.22 39.06
C ALA GA 106 33.43 -100.36 38.30
N GLY GA 107 34.22 -101.39 38.61
CA GLY GA 107 35.51 -101.58 38.00
C GLY GA 107 36.62 -100.71 38.54
N PHE GA 108 36.35 -99.92 39.57
CA PHE GA 108 37.37 -99.07 40.16
C PHE GA 108 38.28 -99.93 41.04
N PRO GA 109 39.62 -99.70 41.01
CA PRO GA 109 40.54 -100.54 41.79
C PRO GA 109 40.38 -100.43 43.30
N SER GA 110 40.46 -101.58 43.98
CA SER GA 110 40.23 -101.61 45.43
C SER GA 110 41.40 -101.06 46.22
N GLY GA 111 42.60 -101.01 45.62
CA GLY GA 111 43.74 -100.42 46.31
C GLY GA 111 43.59 -98.93 46.53
N MET GA 112 43.05 -98.22 45.53
CA MET GA 112 42.80 -96.79 45.68
C MET GA 112 41.68 -96.52 46.68
N LYS GA 113 40.64 -97.36 46.67
CA LYS GA 113 39.55 -97.23 47.65
C LYS GA 113 40.04 -97.48 49.07
N TRP GA 114 40.90 -98.47 49.26
CA TRP GA 114 41.42 -98.75 50.59
C TRP GA 114 42.51 -97.76 51.01
N SER GA 115 43.15 -97.08 50.06
CA SER GA 115 44.12 -96.05 50.37
C SER GA 115 43.52 -94.66 50.50
N PHE GA 116 42.25 -94.48 50.12
CA PHE GA 116 41.57 -93.22 50.39
C PHE GA 116 41.34 -93.01 51.88
N MET GA 117 41.22 -94.09 52.64
CA MET GA 117 40.81 -94.03 54.04
C MET GA 117 41.97 -94.20 55.01
N ASN GA 118 43.23 -94.18 54.53
CA ASN GA 118 44.35 -94.28 55.45
C ASN GA 118 44.74 -92.93 56.03
N LYS GA 119 44.10 -91.86 55.55
CA LYS GA 119 44.32 -90.55 56.14
C LYS GA 119 43.72 -90.50 57.55
N PRO GA 120 44.35 -89.80 58.49
CA PRO GA 120 43.85 -89.80 59.87
C PRO GA 120 42.59 -88.95 60.01
N GLY GA 121 41.65 -89.48 60.79
CA GLY GA 121 40.40 -88.79 61.07
C GLY GA 121 40.28 -88.52 62.56
N ASP GA 122 39.87 -87.31 62.90
CA ASP GA 122 39.82 -86.86 64.29
C ASP GA 122 38.38 -86.80 64.77
N GLY GA 123 38.08 -87.52 65.84
CA GLY GA 123 36.79 -87.46 66.48
C GLY GA 123 35.68 -88.25 65.81
N ARG GA 124 35.97 -88.97 64.73
CA ARG GA 124 34.96 -89.71 64.01
C ARG GA 124 35.39 -91.16 63.85
N PRO GA 125 34.52 -92.13 64.15
CA PRO GA 125 34.88 -93.53 63.91
C PRO GA 125 34.86 -93.86 62.43
N LYS GA 126 35.52 -94.96 62.08
CA LYS GA 126 35.68 -95.39 60.71
C LYS GA 126 34.92 -96.69 60.49
N TYR GA 127 34.30 -96.84 59.31
CA TYR GA 127 33.41 -97.96 59.04
C TYR GA 127 33.76 -98.66 57.73
N LEU GA 128 33.82 -99.98 57.80
CA LEU GA 128 33.85 -100.83 56.62
C LEU GA 128 32.44 -101.38 56.40
N VAL GA 129 31.95 -101.28 55.17
CA VAL GA 129 30.58 -101.66 54.86
C VAL GA 129 30.58 -102.64 53.70
N VAL GA 130 29.98 -103.81 53.91
CA VAL GA 130 30.01 -104.84 52.88
C VAL GA 130 28.66 -104.94 52.18
N ASN GA 131 28.69 -104.87 50.85
CA ASN GA 131 27.51 -104.92 49.99
C ASN GA 131 27.31 -106.36 49.55
N ALA GA 132 26.08 -106.87 49.72
CA ALA GA 132 25.77 -108.25 49.39
C ALA GA 132 24.39 -108.45 48.78
N ASP GA 133 23.85 -107.44 48.10
CA ASP GA 133 22.52 -107.61 47.51
C ASP GA 133 22.57 -108.41 46.22
N GLU GA 134 23.25 -107.86 45.19
CA GLU GA 134 23.28 -108.39 43.82
C GLU GA 134 21.88 -108.60 43.27
N GLY GA 135 21.13 -107.50 43.14
CA GLY GA 135 19.82 -107.57 42.52
C GLY GA 135 19.90 -107.51 41.01
N GLU GA 136 21.11 -107.39 40.47
CA GLU GA 136 21.32 -107.55 39.04
C GLU GA 136 20.99 -108.98 38.63
N PRO GA 137 20.11 -109.15 37.65
CA PRO GA 137 19.71 -110.51 37.23
C PRO GA 137 20.86 -111.25 36.55
N GLY GA 138 20.86 -112.57 36.73
CA GLY GA 138 21.97 -113.39 36.33
C GLY GA 138 22.98 -113.66 37.42
N THR GA 139 22.94 -112.92 38.52
CA THR GA 139 23.98 -112.98 39.54
C THR GA 139 23.53 -113.85 40.70
N CYS GA 140 24.36 -114.84 41.04
CA CYS GA 140 24.09 -115.72 42.17
C CYS GA 140 25.33 -116.05 42.98
N LYS GA 141 26.49 -115.48 42.65
CA LYS GA 141 27.78 -116.01 43.11
C LYS GA 141 28.03 -115.72 44.59
N ASP GA 142 27.81 -114.48 45.03
CA ASP GA 142 28.17 -114.14 46.40
C ASP GA 142 27.13 -114.63 47.39
N ARG GA 143 25.92 -114.96 46.92
CA ARG GA 143 24.97 -115.72 47.72
C ARG GA 143 25.55 -117.09 48.08
N GLU GA 144 26.18 -117.75 47.10
CA GLU GA 144 26.84 -119.03 47.37
C GLU GA 144 28.08 -118.84 48.24
N ILE GA 145 28.76 -117.70 48.10
CA ILE GA 145 29.90 -117.39 48.97
C ILE GA 145 29.46 -117.25 50.43
N MET GA 146 28.38 -116.50 50.66
CA MET GA 146 27.87 -116.31 52.02
C MET GA 146 27.25 -117.58 52.59
N ARG GA 147 26.59 -118.39 51.75
CA ARG GA 147 25.97 -119.60 52.26
C ARG GA 147 26.97 -120.73 52.46
N HIS GA 148 28.12 -120.67 51.80
CA HIS GA 148 29.04 -121.80 51.80
C HIS GA 148 30.41 -121.50 52.42
N ASP GA 149 30.97 -120.31 52.19
CA ASP GA 149 32.24 -119.91 52.80
C ASP GA 149 32.09 -118.57 53.52
N PRO GA 150 31.44 -118.56 54.70
CA PRO GA 150 31.22 -117.27 55.39
C PRO GA 150 32.42 -116.80 56.20
N HIS GA 151 33.27 -117.75 56.63
CA HIS GA 151 34.44 -117.39 57.42
C HIS GA 151 35.50 -116.68 56.59
N LYS GA 152 35.51 -116.93 55.27
CA LYS GA 152 36.32 -116.13 54.36
C LYS GA 152 35.85 -114.68 54.36
N LEU GA 153 34.53 -114.46 54.38
CA LEU GA 153 33.97 -113.12 54.43
C LEU GA 153 34.29 -112.43 55.75
N VAL GA 154 34.22 -113.16 56.87
CA VAL GA 154 34.52 -112.56 58.17
C VAL GA 154 36.01 -112.25 58.31
N GLU GA 155 36.88 -113.15 57.82
CA GLU GA 155 38.33 -112.92 57.83
C GLU GA 155 38.70 -111.75 56.93
N GLY GA 156 38.05 -111.63 55.77
CA GLY GA 156 38.26 -110.47 54.92
C GLY GA 156 37.76 -109.18 55.53
N CYS GA 157 36.67 -109.24 56.29
CA CYS GA 157 36.18 -108.07 57.02
C CYS GA 157 37.19 -107.61 58.06
N LEU GA 158 37.80 -108.56 58.78
CA LEU GA 158 38.83 -108.22 59.76
C LEU GA 158 40.09 -107.65 59.09
N ILE GA 159 40.49 -108.25 57.96
CA ILE GA 159 41.69 -107.81 57.24
C ILE GA 159 41.50 -106.41 56.65
N ALA GA 160 40.33 -106.17 56.05
CA ALA GA 160 40.03 -104.85 55.50
C ALA GA 160 39.82 -103.80 56.59
N GLY GA 161 39.28 -104.21 57.74
CA GLY GA 161 39.17 -103.27 58.85
C GLY GA 161 40.52 -102.89 59.44
N ARG GA 162 41.45 -103.84 59.48
CA ARG GA 162 42.81 -103.53 59.91
C ARG GA 162 43.52 -102.64 58.89
N ALA GA 163 43.35 -102.95 57.60
CA ALA GA 163 44.00 -102.19 56.54
C ALA GA 163 43.41 -100.80 56.37
N MET GA 164 42.17 -100.58 56.82
CA MET GA 164 41.44 -99.37 56.53
C MET GA 164 41.34 -98.44 57.74
N GLY GA 165 41.51 -98.97 58.94
CA GLY GA 165 41.27 -98.21 60.16
C GLY GA 165 39.86 -98.31 60.68
N ALA GA 166 39.02 -99.14 60.07
CA ALA GA 166 37.64 -99.29 60.51
C ALA GA 166 37.58 -100.07 61.82
N GLN GA 167 36.65 -99.67 62.67
CA GLN GA 167 36.44 -100.34 63.95
C GLN GA 167 35.20 -101.21 63.99
N ALA GA 168 34.37 -101.18 62.94
CA ALA GA 168 33.16 -102.00 62.91
C ALA GA 168 32.81 -102.31 61.46
N ALA GA 169 32.35 -103.53 61.23
CA ALA GA 169 31.97 -103.99 59.89
C ALA GA 169 30.46 -104.18 59.86
N TYR GA 170 29.80 -103.52 58.90
CA TYR GA 170 28.37 -103.65 58.70
C TYR GA 170 28.13 -104.42 57.40
N ILE GA 171 27.35 -105.49 57.49
CA ILE GA 171 27.07 -106.34 56.34
C ILE GA 171 25.57 -106.28 56.05
N TYR GA 172 25.24 -105.81 54.85
CA TYR GA 172 23.87 -105.69 54.39
C TYR GA 172 23.46 -106.99 53.69
N ILE GA 173 22.18 -107.36 53.81
CA ILE GA 173 21.68 -108.57 53.19
C ILE GA 173 20.25 -108.31 52.71
N ARG GA 174 19.85 -109.03 51.66
CA ARG GA 174 18.50 -108.92 51.13
C ARG GA 174 17.47 -109.48 52.11
N GLY GA 175 16.25 -108.95 52.02
CA GLY GA 175 15.13 -109.54 52.73
C GLY GA 175 14.70 -110.87 52.17
N GLU GA 176 14.93 -111.10 50.87
CA GLU GA 176 14.69 -112.42 50.30
C GLU GA 176 15.75 -113.41 50.73
N PHE GA 177 16.95 -112.93 51.06
CA PHE GA 177 18.05 -113.78 51.51
C PHE GA 177 17.90 -113.98 53.01
N TYR GA 178 17.38 -115.13 53.42
CA TYR GA 178 17.16 -115.38 54.84
C TYR GA 178 17.92 -116.59 55.36
N ASN GA 179 18.00 -117.67 54.58
CA ASN GA 179 18.69 -118.88 55.03
C ASN GA 179 20.20 -118.64 55.13
N GLU GA 180 20.78 -118.00 54.11
CA GLU GA 180 22.18 -117.62 54.21
C GLU GA 180 22.40 -116.44 55.14
N ALA GA 181 21.36 -115.64 55.41
CA ALA GA 181 21.47 -114.61 56.45
C ALA GA 181 21.63 -115.25 57.83
N SER GA 182 20.82 -116.28 58.12
CA SER GA 182 20.98 -117.02 59.37
C SER GA 182 22.28 -117.81 59.40
N ASN GA 183 22.73 -118.30 58.23
CA ASN GA 183 24.01 -119.00 58.13
C ASN GA 183 25.18 -118.08 58.46
N MET GA 184 25.16 -116.86 57.90
CA MET GA 184 26.20 -115.88 58.18
C MET GA 184 26.13 -115.37 59.62
N GLN GA 185 24.93 -115.25 60.18
CA GLN GA 185 24.80 -114.86 61.59
C GLN GA 185 25.35 -115.93 62.52
N LEU GA 186 25.11 -117.20 62.19
CA LEU GA 186 25.66 -118.30 62.98
C LEU GA 186 27.18 -118.38 62.85
N ALA GA 187 27.70 -118.09 61.65
CA ALA GA 187 29.16 -118.07 61.47
C ALA GA 187 29.81 -116.91 62.20
N ILE GA 188 29.15 -115.74 62.23
CA ILE GA 188 29.64 -114.60 62.97
C ILE GA 188 29.63 -114.88 64.47
N ALA GA 189 28.57 -115.54 64.95
CA ALA GA 189 28.50 -115.94 66.36
C ALA GA 189 29.57 -116.97 66.71
N GLU GA 190 29.86 -117.90 65.80
CA GLU GA 190 30.93 -118.86 66.03
C GLU GA 190 32.30 -118.19 66.05
N ALA GA 191 32.48 -117.16 65.23
CA ALA GA 191 33.72 -116.37 65.28
C ALA GA 191 33.82 -115.55 66.57
N TYR GA 192 32.69 -115.13 67.12
CA TYR GA 192 32.70 -114.45 68.42
C TYR GA 192 33.06 -115.40 69.55
N GLN GA 193 32.52 -116.63 69.55
CA GLN GA 193 32.89 -117.59 70.58
C GLN GA 193 34.32 -118.09 70.41
N ALA GA 194 34.83 -118.08 69.17
CA ALA GA 194 36.21 -118.50 68.97
C ALA GA 194 37.20 -117.43 69.43
N GLY GA 195 36.76 -116.17 69.47
CA GLY GA 195 37.63 -115.08 69.82
C GLY GA 195 38.45 -114.52 68.67
N LEU GA 196 38.17 -114.95 67.44
CA LEU GA 196 38.91 -114.44 66.29
C LEU GA 196 38.56 -113.00 65.99
N ILE GA 197 37.29 -112.63 66.17
CA ILE GA 197 36.84 -111.24 66.07
C ILE GA 197 36.18 -110.88 67.38
N GLY GA 198 36.10 -109.59 67.67
CA GLY GA 198 35.51 -109.13 68.90
C GLY GA 198 36.30 -107.99 69.50
N LYS GA 199 36.44 -108.04 70.83
CA LYS GA 199 37.24 -107.04 71.52
C LYS GA 199 38.72 -107.21 71.24
N ASN GA 200 39.20 -108.45 71.31
CA ASN GA 200 40.59 -108.76 70.97
C ASN GA 200 40.60 -109.64 69.74
N ALA GA 201 41.03 -109.08 68.62
CA ALA GA 201 40.99 -109.76 67.32
C ALA GA 201 42.28 -110.54 67.12
N CYS GA 202 42.22 -111.85 67.42
CA CYS GA 202 43.33 -112.81 67.27
C CYS GA 202 44.55 -112.39 68.09
N GLY GA 203 44.31 -111.78 69.24
CA GLY GA 203 45.38 -111.37 70.14
C GLY GA 203 46.27 -110.27 69.62
N THR GA 204 45.70 -109.31 68.89
CA THR GA 204 46.46 -108.20 68.32
C THR GA 204 46.09 -106.89 69.01
N GLY GA 205 45.14 -106.95 69.94
CA GLY GA 205 44.68 -105.77 70.65
C GLY GA 205 43.93 -104.78 69.77
N TYR GA 206 43.16 -105.31 68.81
CA TYR GA 206 42.37 -104.48 67.90
C TYR GA 206 40.89 -104.72 68.18
N ASP GA 207 40.15 -103.63 68.40
CA ASP GA 207 38.72 -103.69 68.63
C ASP GA 207 38.01 -103.69 67.28
N PHE GA 208 37.35 -104.79 66.96
CA PHE GA 208 36.63 -104.93 65.69
C PHE GA 208 35.39 -105.78 65.92
N ASP GA 209 34.24 -105.14 66.07
CA ASP GA 209 32.97 -105.83 66.24
C ASP GA 209 32.25 -105.86 64.89
N VAL GA 210 31.92 -107.07 64.43
CA VAL GA 210 31.28 -107.26 63.13
C VAL GA 210 29.79 -107.43 63.36
N PHE GA 211 29.00 -106.52 62.80
CA PHE GA 211 27.54 -106.59 62.84
C PHE GA 211 27.02 -106.96 61.46
N MET GA 212 25.80 -107.52 61.44
CA MET GA 212 25.16 -107.86 60.19
C MET GA 212 23.76 -107.27 60.16
N HIS GA 213 23.45 -106.51 59.12
CA HIS GA 213 22.21 -105.78 59.00
C HIS GA 213 21.30 -106.44 57.98
N ARG GA 214 20.05 -106.65 58.35
CA ARG GA 214 19.06 -107.21 57.44
C ARG GA 214 18.28 -106.09 56.76
N GLY GA 215 18.39 -106.04 55.45
CA GLY GA 215 17.74 -105.00 54.67
C GLY GA 215 16.65 -105.58 53.80
N ALA GA 216 15.65 -104.76 53.50
CA ALA GA 216 14.52 -105.22 52.70
C ALA GA 216 14.92 -105.37 51.23
N GLY GA 217 14.06 -106.04 50.46
CA GLY GA 217 14.40 -106.36 49.09
C GLY GA 217 14.32 -105.14 48.19
N ALA GA 218 15.49 -104.68 47.73
CA ALA GA 218 15.58 -103.55 46.82
C ALA GA 218 16.86 -103.66 46.02
N TYR GA 219 16.75 -103.46 44.70
CA TYR GA 219 17.93 -103.50 43.86
C TYR GA 219 18.74 -102.20 44.01
N ILE GA 220 18.07 -101.09 44.31
CA ILE GA 220 18.75 -99.81 44.41
C ILE GA 220 19.59 -99.74 45.69
N CYS GA 221 19.26 -100.56 46.69
CA CYS GA 221 20.07 -100.62 47.90
C CYS GA 221 21.42 -101.30 47.69
N GLY GA 222 21.67 -101.88 46.50
CA GLY GA 222 23.02 -102.30 46.18
C GLY GA 222 23.96 -101.18 45.81
N GLU GA 223 23.43 -100.01 45.44
CA GLU GA 223 24.23 -98.81 45.30
C GLU GA 223 24.82 -98.43 46.65
N GLU GA 224 26.07 -97.93 46.65
CA GLU GA 224 26.80 -97.72 47.89
C GLU GA 224 26.16 -96.64 48.75
N THR GA 225 25.81 -95.48 48.17
CA THR GA 225 25.24 -94.39 48.95
C THR GA 225 23.81 -94.69 49.37
N ALA GA 226 23.08 -95.44 48.53
CA ALA GA 226 21.75 -95.88 48.92
C ALA GA 226 21.82 -96.91 50.04
N LEU GA 227 22.89 -97.69 50.08
CA LEU GA 227 23.00 -98.67 51.16
C LEU GA 227 23.39 -97.96 52.46
N ILE GA 228 24.17 -96.88 52.36
CA ILE GA 228 24.39 -95.97 53.48
C ILE GA 228 23.07 -95.41 54.01
N GLU GA 229 22.22 -94.91 53.11
CA GLU GA 229 20.94 -94.35 53.55
C GLU GA 229 19.95 -95.40 54.03
N SER GA 230 20.12 -96.65 53.60
CA SER GA 230 19.34 -97.74 54.20
C SER GA 230 19.88 -98.16 55.56
N LEU GA 231 21.20 -98.09 55.75
CA LEU GA 231 21.79 -98.35 57.07
C LEU GA 231 21.45 -97.28 58.07
N GLU GA 232 21.20 -96.05 57.62
CA GLU GA 232 20.79 -94.96 58.49
C GLU GA 232 19.29 -94.93 58.75
N GLY GA 233 18.54 -95.88 58.20
CA GLY GA 233 17.12 -96.00 58.49
C GLY GA 233 16.21 -95.20 57.60
N LYS GA 234 16.74 -94.48 56.62
CA LYS GA 234 15.90 -93.78 55.67
C LYS GA 234 15.49 -94.70 54.53
N GLN GA 235 14.97 -94.11 53.46
CA GLN GA 235 14.68 -94.88 52.26
C GLN GA 235 15.97 -95.18 51.48
N GLY GA 236 15.80 -95.72 50.27
CA GLY GA 236 16.92 -96.02 49.41
C GLY GA 236 17.69 -94.78 49.01
N LYS GA 237 17.11 -93.98 48.10
CA LYS GA 237 17.43 -92.58 47.89
C LYS GA 237 18.92 -92.20 47.81
N PRO GA 238 19.61 -92.53 46.72
CA PRO GA 238 21.07 -92.46 46.71
C PRO GA 238 21.61 -91.04 46.75
N ARG GA 239 22.67 -90.86 47.54
CA ARG GA 239 23.25 -89.54 47.76
C ARG GA 239 24.02 -89.07 46.54
N LEU GA 240 24.32 -87.78 46.53
CA LEU GA 240 25.12 -87.21 45.46
C LEU GA 240 26.59 -87.56 45.65
N LYS GA 241 27.28 -87.65 44.52
CA LYS GA 241 28.73 -87.91 44.52
C LYS GA 241 29.66 -86.77 44.97
N PRO GA 242 29.32 -85.46 44.89
CA PRO GA 242 30.22 -84.42 45.48
C PRO GA 242 30.53 -84.58 46.95
N PRO GA 243 29.69 -85.22 47.78
CA PRO GA 243 30.27 -85.88 48.96
C PRO GA 243 30.61 -87.33 48.66
N PHE GA 244 31.79 -87.74 49.10
CA PHE GA 244 32.27 -89.10 48.89
C PHE GA 244 32.08 -89.92 50.16
N PRO GA 245 31.92 -91.25 50.03
CA PRO GA 245 31.75 -92.10 51.24
C PRO GA 245 32.97 -92.11 52.16
N ALA GA 246 34.16 -91.87 51.63
CA ALA GA 246 35.34 -91.72 52.48
C ALA GA 246 35.30 -90.42 53.26
N ASP GA 247 34.59 -89.42 52.75
CA ASP GA 247 34.44 -88.16 53.48
C ASP GA 247 33.21 -88.19 54.38
N VAL GA 248 32.03 -88.42 53.80
CA VAL GA 248 30.77 -88.47 54.54
C VAL GA 248 30.06 -89.76 54.15
N GLY GA 249 29.78 -90.61 55.14
CA GLY GA 249 29.17 -91.89 54.85
C GLY GA 249 28.12 -92.32 55.85
N VAL GA 250 28.25 -93.55 56.38
CA VAL GA 250 27.23 -94.06 57.30
C VAL GA 250 27.35 -93.38 58.65
N PHE GA 251 26.20 -92.85 59.13
CA PHE GA 251 26.08 -92.07 60.36
C PHE GA 251 26.96 -90.80 60.33
N GLY GA 252 27.22 -90.28 59.14
CA GLY GA 252 28.08 -89.12 59.00
C GLY GA 252 29.55 -89.38 59.24
N CYS GA 253 29.98 -90.64 59.22
CA CYS GA 253 31.33 -91.08 59.52
C CYS GA 253 32.05 -91.48 58.24
N PRO GA 254 33.39 -91.47 58.22
CA PRO GA 254 34.13 -92.01 57.08
C PRO GA 254 33.94 -93.52 56.97
N THR GA 255 33.52 -93.97 55.79
CA THR GA 255 33.26 -95.38 55.55
C THR GA 255 33.72 -95.77 54.16
N THR GA 256 33.72 -97.08 53.90
CA THR GA 256 34.05 -97.58 52.57
C THR GA 256 33.21 -98.81 52.28
N VAL GA 257 32.49 -98.77 51.15
CA VAL GA 257 31.58 -99.85 50.75
C VAL GA 257 32.32 -100.75 49.76
N THR GA 258 32.44 -102.03 50.10
CA THR GA 258 33.15 -103.02 49.29
C THR GA 258 32.29 -104.26 49.11
N ASN GA 259 32.58 -105.00 48.03
CA ASN GA 259 31.81 -106.18 47.67
C ASN GA 259 32.21 -107.38 48.54
N VAL GA 260 31.37 -108.42 48.49
CA VAL GA 260 31.67 -109.69 49.15
C VAL GA 260 32.86 -110.37 48.49
N GLU GA 261 32.94 -110.31 47.16
CA GLU GA 261 33.98 -111.05 46.43
C GLU GA 261 35.36 -110.44 46.65
N THR GA 262 35.46 -109.11 46.65
CA THR GA 262 36.73 -108.43 46.90
C THR GA 262 37.23 -108.69 48.32
N VAL GA 263 36.32 -108.61 49.29
CA VAL GA 263 36.64 -108.88 50.69
C VAL GA 263 37.00 -110.35 50.90
N ALA GA 264 36.34 -111.25 50.17
CA ALA GA 264 36.61 -112.68 50.31
C ALA GA 264 37.94 -113.08 49.68
N VAL GA 265 38.34 -112.42 48.58
CA VAL GA 265 39.65 -112.73 48.00
C VAL GA 265 40.77 -111.91 48.62
N ALA GA 266 40.46 -110.95 49.51
CA ALA GA 266 41.51 -110.23 50.23
C ALA GA 266 42.43 -111.09 51.11
N PRO GA 267 41.96 -112.03 51.97
CA PRO GA 267 42.94 -112.77 52.78
C PRO GA 267 43.75 -113.78 51.98
N THR GA 268 43.23 -114.28 50.85
CA THR GA 268 44.02 -115.14 49.99
C THR GA 268 45.13 -114.35 49.31
N ILE GA 269 44.88 -113.09 48.97
CA ILE GA 269 45.93 -112.18 48.50
C ILE GA 269 46.95 -111.94 49.60
N CYS GA 270 46.49 -111.71 50.83
CA CYS GA 270 47.41 -111.42 51.94
C CYS GA 270 48.23 -112.64 52.35
N ARG GA 271 47.71 -113.85 52.14
CA ARG GA 271 48.40 -115.06 52.52
C ARG GA 271 49.30 -115.61 51.42
N ARG GA 272 48.85 -115.58 50.17
CA ARG GA 272 49.59 -116.15 49.05
C ARG GA 272 50.32 -115.09 48.23
N GLY GA 273 50.34 -113.84 48.68
CA GLY GA 273 51.09 -112.82 47.99
C GLY GA 273 50.27 -112.16 46.88
N GLY GA 274 50.62 -110.91 46.59
CA GLY GA 274 49.96 -110.19 45.52
C GLY GA 274 50.41 -110.57 44.14
N VAL GA 275 51.62 -111.12 44.01
CA VAL GA 275 52.13 -111.51 42.70
C VAL GA 275 51.42 -112.77 42.19
N TRP GA 276 50.97 -113.64 43.09
CA TRP GA 276 50.21 -114.82 42.68
C TRP GA 276 48.84 -114.41 42.14
N PHE GA 277 48.18 -113.45 42.78
CA PHE GA 277 46.90 -112.96 42.27
C PHE GA 277 47.07 -112.10 41.03
N ALA GA 278 48.24 -111.47 40.88
CA ALA GA 278 48.55 -110.73 39.67
C ALA GA 278 49.07 -111.63 38.55
N SER GA 279 49.31 -112.91 38.83
CA SER GA 279 49.73 -113.86 37.82
C SER GA 279 48.57 -114.48 37.05
N PHE GA 280 47.35 -113.98 37.23
CA PHE GA 280 46.18 -114.46 36.52
C PHE GA 280 45.50 -113.29 35.80
N GLY GA 281 45.35 -113.41 34.49
CA GLY GA 281 44.77 -112.36 33.69
C GLY GA 281 45.80 -111.36 33.20
N ARG GA 282 45.37 -110.49 32.29
CA ARG GA 282 46.25 -109.50 31.68
C ARG GA 282 46.56 -108.36 32.65
N THR GA 283 47.41 -107.44 32.21
CA THR GA 283 47.69 -106.25 33.00
C THR GA 283 46.47 -105.34 33.02
N ARG GA 284 46.27 -104.67 34.17
CA ARG GA 284 45.11 -103.87 34.56
C ARG GA 284 43.81 -104.67 34.60
N ASN GA 285 43.88 -106.01 34.56
CA ASN GA 285 42.74 -106.91 34.58
C ASN GA 285 43.04 -108.11 35.46
N SER GA 286 43.98 -107.96 36.39
CA SER GA 286 44.58 -109.09 37.08
C SER GA 286 43.65 -109.67 38.14
N GLY GA 287 43.64 -111.00 38.24
CA GLY GA 287 42.92 -111.71 39.26
C GLY GA 287 42.08 -112.82 38.69
N THR GA 288 41.32 -113.47 39.56
CA THR GA 288 40.37 -114.50 39.18
C THR GA 288 38.96 -114.01 39.46
N LYS GA 289 38.02 -114.37 38.59
CA LYS GA 289 36.65 -113.93 38.68
C LYS GA 289 35.73 -115.13 38.75
N LEU GA 290 34.65 -114.99 39.53
CA LEU GA 290 33.71 -116.09 39.74
C LEU GA 290 32.55 -115.91 38.78
N PHE GA 291 32.67 -116.53 37.60
CA PHE GA 291 31.69 -116.40 36.54
C PHE GA 291 30.54 -117.36 36.77
N ASN GA 292 29.31 -116.87 36.65
CA ASN GA 292 28.12 -117.72 36.63
C ASN GA 292 27.42 -117.55 35.30
N ILE GA 293 27.09 -118.68 34.67
CA ILE GA 293 26.52 -118.71 33.33
C ILE GA 293 25.14 -119.35 33.44
N SER GA 294 24.12 -118.63 32.95
CA SER GA 294 22.74 -119.08 32.96
C SER GA 294 22.09 -118.70 31.64
N GLY GA 295 20.83 -119.10 31.47
CA GLY GA 295 20.12 -118.85 30.24
C GLY GA 295 19.86 -120.11 29.46
N HIS GA 296 20.04 -120.07 28.14
CA HIS GA 296 19.82 -121.24 27.29
C HIS GA 296 21.09 -122.09 27.26
N VAL GA 297 21.39 -122.68 28.42
CA VAL GA 297 22.58 -123.48 28.65
C VAL GA 297 22.13 -124.83 29.16
N ASN GA 298 22.79 -125.90 28.69
CA ASN GA 298 22.51 -127.25 29.19
C ASN GA 298 22.82 -127.38 30.67
N ARG GA 299 23.95 -126.81 31.11
CA ARG GA 299 24.36 -126.84 32.51
C ARG GA 299 24.66 -125.43 33.00
N PRO GA 300 23.65 -124.69 33.44
CA PRO GA 300 23.90 -123.35 34.01
C PRO GA 300 24.51 -123.46 35.40
N CYS GA 301 25.67 -122.84 35.58
CA CYS GA 301 26.44 -123.07 36.80
C CYS GA 301 27.43 -121.93 37.01
N THR GA 302 28.06 -121.94 38.18
CA THR GA 302 29.09 -120.97 38.53
C THR GA 302 30.43 -121.68 38.74
N VAL GA 303 31.47 -121.11 38.13
CA VAL GA 303 32.85 -121.58 38.28
C VAL GA 303 33.76 -120.39 38.52
N GLU GA 304 34.87 -120.64 39.21
CA GLU GA 304 35.90 -119.63 39.40
C GLU GA 304 36.94 -119.81 38.32
N GLU GA 305 37.19 -118.76 37.53
CA GLU GA 305 38.08 -118.87 36.39
C GLU GA 305 39.03 -117.68 36.32
N GLU GA 306 40.17 -117.93 35.69
CA GLU GA 306 41.13 -116.89 35.38
C GLU GA 306 40.53 -115.89 34.40
N MET GA 307 40.83 -114.62 34.59
CA MET GA 307 40.35 -113.58 33.69
C MET GA 307 41.03 -113.67 32.33
N SER GA 308 40.44 -112.96 31.36
CA SER GA 308 40.78 -113.01 29.92
C SER GA 308 40.69 -114.44 29.38
N ILE GA 309 39.70 -115.18 29.84
CA ILE GA 309 39.35 -116.48 29.29
C ILE GA 309 38.50 -116.21 28.05
N PRO GA 310 38.59 -117.00 26.99
CA PRO GA 310 37.59 -116.91 25.92
C PRO GA 310 36.21 -117.33 26.43
N LEU GA 311 35.20 -116.62 25.93
CA LEU GA 311 33.83 -116.85 26.38
C LEU GA 311 33.32 -118.19 25.86
N LYS GA 312 33.68 -118.53 24.62
CA LYS GA 312 33.28 -119.81 24.02
C LYS GA 312 33.90 -120.99 24.77
N GLU GA 313 35.18 -120.88 25.13
CA GLU GA 313 35.83 -121.91 25.93
C GLU GA 313 35.25 -121.97 27.34
N LEU GA 314 34.83 -120.82 27.89
CA LEU GA 314 34.20 -120.77 29.21
C LEU GA 314 32.88 -121.52 29.24
N ILE GA 315 32.05 -121.35 28.21
CA ILE GA 315 30.79 -122.10 28.17
C ILE GA 315 31.04 -123.56 27.82
N GLU GA 316 31.90 -123.82 26.83
CA GLU GA 316 32.05 -125.18 26.29
C GLU GA 316 32.85 -126.09 27.21
N ARG GA 317 33.65 -125.54 28.13
CA ARG GA 317 34.42 -126.41 29.01
C ARG GA 317 33.63 -126.75 30.27
N HIS GA 318 33.03 -125.75 30.93
CA HIS GA 318 32.39 -125.92 32.22
C HIS GA 318 30.89 -126.15 32.12
N CYS GA 319 30.21 -125.44 31.24
CA CYS GA 319 28.76 -125.38 31.24
C CYS GA 319 28.11 -126.29 30.21
N GLY GA 320 28.88 -127.11 29.50
CA GLY GA 320 28.33 -128.09 28.59
C GLY GA 320 27.91 -127.54 27.24
N GLY GA 321 28.15 -126.26 26.95
CA GLY GA 321 27.83 -125.70 25.67
C GLY GA 321 26.44 -125.10 25.60
N VAL GA 322 26.24 -124.24 24.60
CA VAL GA 322 24.94 -123.64 24.34
C VAL GA 322 24.02 -124.70 23.74
N THR GA 323 22.75 -124.68 24.15
CA THR GA 323 21.76 -125.63 23.65
C THR GA 323 21.52 -125.44 22.16
N GLY GA 324 21.52 -126.53 21.42
CA GLY GA 324 21.45 -126.47 19.97
C GLY GA 324 22.77 -126.23 19.28
N GLY GA 325 23.88 -126.21 20.03
CA GLY GA 325 25.18 -125.95 19.45
C GLY GA 325 25.56 -124.49 19.50
N TRP GA 326 26.79 -124.21 19.07
CA TRP GA 326 27.27 -122.83 19.02
C TRP GA 326 26.63 -122.05 17.88
N ASP GA 327 26.18 -122.75 16.83
CA ASP GA 327 25.52 -122.08 15.72
C ASP GA 327 24.10 -121.63 16.08
N ASN GA 328 23.51 -122.21 17.13
CA ASN GA 328 22.18 -121.81 17.59
C ASN GA 328 22.22 -120.58 18.49
N LEU GA 329 23.40 -120.08 18.84
CA LEU GA 329 23.50 -118.93 19.73
C LEU GA 329 23.11 -117.65 19.02
N LEU GA 330 22.25 -116.86 19.67
CA LEU GA 330 21.86 -115.55 19.17
C LEU GA 330 22.63 -114.44 19.88
N GLY GA 331 22.56 -114.39 21.20
CA GLY GA 331 23.22 -113.31 21.93
C GLY GA 331 23.62 -113.73 23.32
N VAL GA 332 24.56 -112.97 23.89
CA VAL GA 332 24.97 -113.14 25.27
C VAL GA 332 25.02 -111.79 25.97
N ILE GA 333 24.56 -111.75 27.21
CA ILE GA 333 24.70 -110.60 28.09
C ILE GA 333 25.82 -110.92 29.08
N PRO GA 334 26.95 -110.22 29.03
CA PRO GA 334 28.14 -110.71 29.75
C PRO GA 334 28.12 -110.48 31.25
N GLY GA 335 27.40 -109.45 31.71
CA GLY GA 335 27.47 -109.09 33.11
C GLY GA 335 26.15 -108.70 33.75
N GLY GA 336 25.06 -109.28 33.29
CA GLY GA 336 23.77 -108.91 33.82
C GLY GA 336 23.28 -107.60 33.23
N SER GA 337 22.22 -107.08 33.84
CA SER GA 337 21.38 -106.07 33.22
C SER GA 337 22.03 -104.69 33.14
N SER GA 338 23.15 -104.46 33.83
CA SER GA 338 23.84 -103.19 33.70
C SER GA 338 24.58 -103.09 32.37
N THR GA 339 24.84 -104.21 31.72
CA THR GA 339 25.68 -104.30 30.53
C THR GA 339 24.84 -104.53 29.27
N PRO GA 340 25.27 -103.99 28.12
CA PRO GA 340 24.56 -104.28 26.86
C PRO GA 340 24.79 -105.67 26.32
N ILE GA 341 24.27 -105.93 25.12
CA ILE GA 341 24.20 -107.27 24.56
C ILE GA 341 25.38 -107.49 23.62
N ILE GA 342 25.75 -108.75 23.40
CA ILE GA 342 26.79 -109.14 22.47
C ILE GA 342 26.17 -110.09 21.45
N PRO GA 343 26.24 -109.78 20.16
CA PRO GA 343 25.80 -110.73 19.13
C PRO GA 343 26.89 -111.75 18.86
N LYS GA 344 26.57 -112.71 17.98
CA LYS GA 344 27.40 -113.91 17.81
C LYS GA 344 28.75 -113.60 17.18
N ASN GA 345 28.79 -112.67 16.22
CA ASN GA 345 30.04 -112.35 15.52
C ASN GA 345 31.05 -111.68 16.44
N VAL GA 346 30.58 -110.83 17.35
CA VAL GA 346 31.46 -110.28 18.39
C VAL GA 346 31.79 -111.36 19.42
N CYS GA 347 30.82 -112.25 19.70
CA CYS GA 347 30.97 -113.29 20.72
C CYS GA 347 32.03 -114.33 20.36
N ASP GA 348 32.27 -114.55 19.07
CA ASP GA 348 33.17 -115.63 18.65
C ASP GA 348 34.63 -115.33 18.98
N ASP GA 349 35.01 -114.07 19.15
CA ASP GA 349 36.40 -113.69 19.40
C ASP GA 349 36.47 -112.64 20.50
N VAL GA 350 35.79 -112.88 21.62
CA VAL GA 350 35.75 -111.90 22.71
C VAL GA 350 36.40 -112.54 23.94
N ILE GA 351 37.03 -111.70 24.76
CA ILE GA 351 37.64 -112.12 26.01
C ILE GA 351 36.86 -111.50 27.16
N MET GA 352 37.05 -112.06 28.36
CA MET GA 352 36.18 -111.78 29.50
C MET GA 352 36.71 -110.75 30.49
N ASP GA 353 37.80 -110.06 30.18
CA ASP GA 353 38.31 -109.06 31.10
C ASP GA 353 37.57 -107.73 30.95
N PHE GA 354 38.05 -106.70 31.65
CA PHE GA 354 37.45 -105.38 31.52
C PHE GA 354 37.79 -104.74 30.18
N ASP GA 355 39.08 -104.78 29.79
CA ASP GA 355 39.57 -103.92 28.72
C ASP GA 355 39.14 -104.40 27.34
N GLY GA 356 39.21 -105.71 27.08
CA GLY GA 356 38.74 -106.24 25.81
C GLY GA 356 37.23 -106.11 25.65
N LEU GA 357 36.49 -106.24 26.75
CA LEU GA 357 35.04 -106.08 26.68
C LEU GA 357 34.66 -104.62 26.44
N ILE GA 358 35.34 -103.66 27.07
CA ILE GA 358 35.00 -102.27 26.79
C ILE GA 358 35.56 -101.83 25.44
N ALA GA 359 36.52 -102.56 24.88
CA ALA GA 359 36.83 -102.42 23.47
C ALA GA 359 35.71 -102.96 22.59
N ALA GA 360 34.98 -103.97 23.07
CA ALA GA 360 33.81 -104.48 22.37
C ALA GA 360 32.50 -103.83 22.82
N GLN GA 361 32.57 -102.59 23.35
CA GLN GA 361 31.47 -101.67 23.65
C GLN GA 361 30.52 -102.14 24.76
N THR GA 362 30.88 -103.14 25.56
CA THR GA 362 30.04 -103.63 26.65
C THR GA 362 30.86 -103.85 27.91
N SER GA 363 30.36 -103.36 29.05
CA SER GA 363 31.10 -103.52 30.29
C SER GA 363 31.04 -104.96 30.78
N LEU GA 364 32.09 -105.38 31.49
CA LEU GA 364 32.01 -106.67 32.19
C LEU GA 364 31.08 -106.58 33.38
N GLY GA 365 31.26 -105.56 34.22
CA GLY GA 365 30.33 -105.32 35.31
C GLY GA 365 30.43 -106.36 36.41
N THR GA 366 29.34 -107.09 36.60
CA THR GA 366 29.16 -108.03 37.69
C THR GA 366 29.63 -109.43 37.29
N ALA GA 367 29.94 -109.63 36.00
CA ALA GA 367 30.38 -110.90 35.39
C ALA GA 367 29.35 -112.01 35.61
N ALA GA 368 28.16 -111.81 35.05
CA ALA GA 368 27.08 -112.80 35.05
C ALA GA 368 26.58 -112.98 33.63
N ILE GA 369 26.85 -114.15 33.05
CA ILE GA 369 26.62 -114.41 31.64
C ILE GA 369 25.21 -114.97 31.48
N ILE GA 370 24.41 -114.33 30.63
CA ILE GA 370 23.09 -114.82 30.23
C ILE GA 370 23.17 -115.17 28.75
N VAL GA 371 22.81 -116.40 28.39
CA VAL GA 371 22.91 -116.88 27.03
C VAL GA 371 21.51 -117.07 26.45
N MET GA 372 21.23 -116.41 25.33
CA MET GA 372 19.97 -116.57 24.63
C MET GA 372 20.23 -117.11 23.22
N ASP GA 373 19.49 -118.16 22.87
CA ASP GA 373 19.68 -118.83 21.56
C ASP GA 373 18.75 -118.22 20.51
N LYS GA 374 18.63 -118.86 19.35
CA LYS GA 374 17.85 -118.34 18.24
C LYS GA 374 16.35 -118.50 18.43
N SER GA 375 15.92 -119.39 19.34
CA SER GA 375 14.50 -119.57 19.59
C SER GA 375 13.93 -118.54 20.56
N THR GA 376 14.77 -117.66 21.09
CA THR GA 376 14.35 -116.64 22.06
C THR GA 376 14.18 -115.31 21.34
N ASP GA 377 12.99 -114.72 21.45
CA ASP GA 377 12.81 -113.34 21.02
C ASP GA 377 13.50 -112.39 21.99
N VAL GA 378 14.30 -111.48 21.45
CA VAL GA 378 15.16 -110.65 22.29
C VAL GA 378 14.42 -109.40 22.79
N ILE GA 379 13.37 -108.97 22.09
CA ILE GA 379 12.66 -107.74 22.44
C ILE GA 379 11.88 -107.93 23.73
N LYS GA 380 11.33 -109.13 23.96
CA LYS GA 380 10.64 -109.43 25.21
C LYS GA 380 11.61 -109.44 26.38
N ALA GA 381 12.84 -109.93 26.17
CA ALA GA 381 13.84 -109.95 27.23
C ALA GA 381 14.31 -108.54 27.59
N ILE GA 382 14.56 -107.70 26.59
CA ILE GA 382 14.99 -106.33 26.87
C ILE GA 382 13.84 -105.50 27.44
N ALA GA 383 12.59 -105.76 27.01
CA ALA GA 383 11.43 -105.10 27.61
C ALA GA 383 11.23 -105.53 29.06
N ARG GA 384 11.49 -106.80 29.36
CA ARG GA 384 11.46 -107.27 30.75
C ARG GA 384 12.54 -106.61 31.59
N LEU GA 385 13.71 -106.38 31.01
CA LEU GA 385 14.80 -105.75 31.76
C LEU GA 385 14.55 -104.27 31.99
N ILE GA 386 13.95 -103.59 31.01
CA ILE GA 386 13.56 -102.19 31.18
C ILE GA 386 12.43 -102.07 32.19
N SER GA 387 11.51 -103.04 32.21
CA SER GA 387 10.48 -103.08 33.24
C SER GA 387 11.08 -103.35 34.63
N PHE GA 388 12.16 -104.13 34.69
CA PHE GA 388 12.87 -104.34 35.95
C PHE GA 388 13.54 -103.07 36.44
N TYR GA 389 14.13 -102.30 35.51
CA TYR GA 389 14.72 -101.03 35.91
C TYR GA 389 13.66 -100.00 36.26
N LYS GA 390 12.46 -100.12 35.69
CA LYS GA 390 11.36 -99.24 36.07
C LYS GA 390 10.84 -99.59 37.46
N HIS GA 391 10.77 -100.87 37.78
CA HIS GA 391 10.27 -101.29 39.09
C HIS GA 391 11.29 -100.99 40.18
N GLU GA 392 12.58 -101.03 39.85
CA GLU GA 392 13.59 -100.87 40.90
C GLU GA 392 14.24 -99.49 40.87
N SER GA 393 13.72 -98.58 40.04
CA SER GA 393 14.14 -97.18 40.15
C SER GA 393 13.54 -96.58 41.40
N CYS GA 394 14.35 -95.83 42.16
CA CYS GA 394 13.88 -95.33 43.45
C CYS GA 394 12.90 -94.17 43.26
N GLY GA 395 13.13 -93.34 42.27
CA GLY GA 395 12.25 -92.24 41.96
C GLY GA 395 12.71 -90.88 42.47
N GLN GA 396 13.97 -90.74 42.86
CA GLN GA 396 14.43 -89.45 43.35
C GLN GA 396 14.62 -88.46 42.22
N CYS GA 397 15.56 -88.72 41.33
CA CYS GA 397 15.95 -87.75 40.31
C CYS GA 397 15.19 -87.99 39.02
N THR GA 398 14.99 -86.91 38.26
CA THR GA 398 13.99 -86.86 37.19
C THR GA 398 14.17 -87.83 36.03
N PRO GA 399 15.34 -87.96 35.35
CA PRO GA 399 15.37 -88.76 34.11
C PRO GA 399 15.15 -90.25 34.30
N CYS GA 400 15.69 -90.82 35.37
CA CYS GA 400 15.39 -92.21 35.69
C CYS GA 400 14.01 -92.38 36.32
N ARG GA 401 13.43 -91.33 36.89
CA ARG GA 401 12.06 -91.42 37.37
C ARG GA 401 11.07 -91.51 36.21
N GLU GA 402 11.33 -90.79 35.12
CA GLU GA 402 10.34 -90.63 34.06
C GLU GA 402 10.69 -91.38 32.77
N GLY GA 403 11.92 -91.23 32.27
CA GLY GA 403 12.29 -91.83 31.00
C GLY GA 403 12.43 -93.33 31.02
N ILE GA 404 12.60 -93.93 32.20
CA ILE GA 404 12.59 -95.39 32.27
C ILE GA 404 11.18 -95.93 32.06
N GLY GA 405 10.17 -95.25 32.62
CA GLY GA 405 8.80 -95.57 32.28
C GLY GA 405 8.47 -95.29 30.83
N TRP GA 406 9.07 -94.24 30.26
CA TRP GA 406 8.95 -93.97 28.82
C TRP GA 406 9.53 -95.12 27.99
N MET GA 407 10.71 -95.60 28.38
CA MET GA 407 11.32 -96.72 27.68
C MET GA 407 10.53 -98.01 27.87
N ASN GA 408 9.89 -98.20 29.02
CA ASN GA 408 9.06 -99.38 29.22
C ASN GA 408 7.83 -99.33 28.32
N LYS GA 409 7.25 -98.14 28.13
CA LYS GA 409 6.15 -97.98 27.18
C LYS GA 409 6.59 -98.24 25.74
N ILE GA 410 7.78 -97.73 25.37
CA ILE GA 410 8.26 -97.89 24.00
C ILE GA 410 8.63 -99.34 23.71
N MET GA 411 9.28 -100.04 24.65
CA MET GA 411 9.54 -101.46 24.42
C MET GA 411 8.30 -102.34 24.55
N THR GA 412 7.27 -101.91 25.29
CA THR GA 412 5.98 -102.62 25.22
C THR GA 412 5.36 -102.50 23.83
N ARG GA 413 5.45 -101.31 23.23
CA ARG GA 413 5.01 -101.14 21.85
C ARG GA 413 5.90 -101.91 20.87
N PHE GA 414 7.20 -102.04 21.19
CA PHE GA 414 8.11 -102.78 20.32
C PHE GA 414 7.85 -104.28 20.38
N VAL GA 415 7.48 -104.78 21.55
CA VAL GA 415 7.06 -106.18 21.68
C VAL GA 415 5.75 -106.41 20.93
N LYS GA 416 4.78 -105.52 21.11
CA LYS GA 416 3.49 -105.69 20.45
C LYS GA 416 3.56 -105.38 18.96
N GLY GA 417 4.30 -104.35 18.57
CA GLY GA 417 4.44 -103.98 17.17
C GLY GA 417 3.74 -102.72 16.75
N ASP GA 418 3.24 -101.91 17.68
CA ASP GA 418 2.43 -100.75 17.36
C ASP GA 418 3.24 -99.55 16.87
N ALA GA 419 4.56 -99.57 16.99
CA ALA GA 419 5.36 -98.40 16.71
C ALA GA 419 5.74 -98.33 15.23
N GLN GA 420 6.39 -97.23 14.86
CA GLN GA 420 6.97 -96.99 13.55
C GLN GA 420 8.50 -97.07 13.64
N PRO GA 421 9.20 -97.24 12.51
CA PRO GA 421 10.68 -97.25 12.55
C PRO GA 421 11.32 -95.96 13.08
N ALA GA 422 10.68 -94.81 12.87
CA ALA GA 422 11.20 -93.53 13.34
C ALA GA 422 11.19 -93.40 14.86
N GLU GA 423 10.53 -94.30 15.57
CA GLU GA 423 10.65 -94.35 17.03
C GLU GA 423 12.06 -94.76 17.46
N ILE GA 424 12.72 -95.63 16.66
CA ILE GA 424 13.87 -96.42 17.13
C ILE GA 424 15.04 -95.52 17.51
N ASP GA 425 15.44 -94.65 16.58
CA ASP GA 425 16.51 -93.70 16.84
C ASP GA 425 16.12 -92.71 17.93
N MET GA 426 14.82 -92.38 18.00
CA MET GA 426 14.29 -91.56 19.08
C MET GA 426 14.49 -92.25 20.42
N LEU GA 427 14.26 -93.57 20.45
CA LEU GA 427 14.52 -94.35 21.65
C LEU GA 427 15.99 -94.31 22.04
N TRP GA 428 16.86 -94.30 21.02
CA TRP GA 428 18.30 -94.12 21.22
C TRP GA 428 18.58 -92.79 21.92
N GLU GA 429 17.90 -91.73 21.48
CA GLU GA 429 18.11 -90.42 22.09
C GLU GA 429 17.56 -90.37 23.50
N ILE GA 430 16.54 -91.20 23.80
CA ILE GA 430 16.04 -91.30 25.17
C ILE GA 430 17.13 -91.85 26.07
N SER GA 431 17.86 -92.87 25.58
CA SER GA 431 19.05 -93.36 26.27
C SER GA 431 20.10 -92.26 26.34
N LYS GA 432 20.26 -91.48 25.27
CA LYS GA 432 21.20 -90.38 25.27
C LYS GA 432 20.75 -89.22 26.14
N GLN GA 433 19.49 -89.20 26.58
CA GLN GA 433 19.04 -88.20 27.52
C GLN GA 433 19.02 -88.74 28.96
N ILE GA 434 19.47 -89.98 29.18
CA ILE GA 434 19.50 -90.56 30.51
C ILE GA 434 20.91 -90.91 30.96
N GLU GA 435 21.72 -91.45 30.05
CA GLU GA 435 23.10 -91.82 30.36
C GLU GA 435 23.94 -90.58 30.66
N GLY GA 436 24.44 -90.48 31.89
CA GLY GA 436 25.23 -89.34 32.32
C GLY GA 436 24.44 -88.22 32.97
N HIS GA 437 23.11 -88.31 32.99
CA HIS GA 437 22.27 -87.27 33.59
C HIS GA 437 21.52 -87.77 34.80
N THR GA 438 22.09 -88.74 35.52
CA THR GA 438 21.44 -89.35 36.68
C THR GA 438 22.41 -89.40 37.84
N ILE GA 439 21.87 -89.61 39.05
CA ILE GA 439 22.69 -89.73 40.24
C ILE GA 439 23.46 -91.04 40.23
N CYS GA 440 22.78 -92.14 39.91
CA CYS GA 440 23.38 -93.47 39.92
C CYS GA 440 23.99 -93.79 38.57
N ALA GA 441 24.45 -95.03 38.44
CA ALA GA 441 24.65 -95.64 37.15
C ALA GA 441 23.51 -96.58 36.78
N LEU GA 442 22.40 -96.54 37.53
CA LEU GA 442 21.20 -97.29 37.15
C LEU GA 442 20.58 -96.69 35.89
N GLY GA 443 20.62 -95.36 35.77
CA GLY GA 443 20.22 -94.74 34.51
C GLY GA 443 21.17 -95.08 33.38
N ASP GA 444 22.48 -95.11 33.67
CA ASP GA 444 23.45 -95.58 32.70
C ASP GA 444 23.26 -97.07 32.41
N GLY GA 445 22.96 -97.85 33.44
CA GLY GA 445 22.70 -99.27 33.29
C GLY GA 445 21.37 -99.63 32.67
N ALA GA 446 20.49 -98.65 32.46
CA ALA GA 446 19.29 -98.84 31.67
C ALA GA 446 19.42 -98.28 30.27
N ALA GA 447 20.22 -97.22 30.10
CA ALA GA 447 20.49 -96.68 28.78
C ALA GA 447 21.41 -97.58 27.98
N TRP GA 448 22.30 -98.31 28.64
CA TRP GA 448 23.23 -99.22 27.94
C TRP GA 448 22.57 -100.41 27.22
N PRO GA 449 21.66 -101.20 27.81
CA PRO GA 449 21.15 -102.36 27.04
C PRO GA 449 20.21 -101.98 25.90
N VAL GA 450 19.51 -100.84 25.99
CA VAL GA 450 18.72 -100.35 24.87
C VAL GA 450 19.62 -99.96 23.71
N GLN GA 451 20.75 -99.30 24.01
CA GLN GA 451 21.73 -98.97 22.99
C GLN GA 451 22.34 -100.21 22.35
N GLY GA 452 22.66 -101.22 23.16
CA GLY GA 452 23.19 -102.46 22.63
C GLY GA 452 22.19 -103.23 21.77
N LEU GA 453 20.92 -103.26 22.22
CA LEU GA 453 19.86 -103.92 21.47
C LEU GA 453 19.61 -103.22 20.13
N ILE GA 454 19.62 -101.88 20.12
CA ILE GA 454 19.43 -101.13 18.88
C ILE GA 454 20.59 -101.37 17.92
N ARG GA 455 21.83 -101.22 18.41
CA ARG GA 455 23.03 -101.36 17.58
C ARG GA 455 23.22 -102.77 17.05
N HIS GA 456 22.72 -103.78 17.74
CA HIS GA 456 22.93 -105.14 17.25
C HIS GA 456 21.70 -105.76 16.61
N PHE GA 457 20.49 -105.23 16.83
CA PHE GA 457 19.28 -105.86 16.33
C PHE GA 457 18.25 -104.86 15.82
N ARG GA 458 18.69 -103.73 15.25
CA ARG GA 458 17.75 -102.84 14.57
C ARG GA 458 16.98 -103.47 13.39
N PRO GA 459 17.56 -104.28 12.47
CA PRO GA 459 16.71 -104.92 11.45
C PRO GA 459 15.71 -105.94 11.99
N GLU GA 460 15.95 -106.51 13.18
CA GLU GA 460 14.97 -107.43 13.75
C GLU GA 460 13.75 -106.67 14.26
N ILE GA 461 13.97 -105.47 14.83
CA ILE GA 461 12.85 -104.61 15.24
C ILE GA 461 12.10 -104.11 14.00
N GLU GA 462 12.83 -103.80 12.93
CA GLU GA 462 12.20 -103.38 11.68
C GLU GA 462 11.36 -104.50 11.07
N LYS GA 463 11.86 -105.74 11.14
CA LYS GA 463 11.10 -106.89 10.64
C LYS GA 463 9.87 -107.17 11.50
N ARG GA 464 9.99 -106.98 12.83
CA ARG GA 464 8.85 -107.15 13.73
C ARG GA 464 7.76 -106.13 13.45
N MET GA 465 8.14 -104.86 13.24
CA MET GA 465 7.12 -103.85 12.96
C MET GA 465 6.55 -104.00 11.55
N GLN GA 466 7.34 -104.51 10.59
CA GLN GA 466 6.80 -104.80 9.26
C GLN GA 466 5.80 -105.95 9.33
N LEU GA 467 6.09 -106.97 10.15
CA LEU GA 467 5.15 -108.09 10.35
C LEU GA 467 3.87 -107.61 11.01
N HIS GA 468 3.99 -106.73 12.01
CA HIS GA 468 2.78 -106.19 12.65
C HIS GA 468 1.99 -105.27 11.71
N ALA GA 469 2.68 -104.50 10.85
CA ALA GA 469 1.98 -103.67 9.87
C ALA GA 469 1.24 -104.51 8.84
N LYS GA 470 1.86 -105.61 8.39
CA LYS GA 470 1.18 -106.52 7.48
C LYS GA 470 0.04 -107.26 8.18
N ARG GA 471 0.14 -107.45 9.50
CA ARG GA 471 -0.96 -108.06 10.25
C ARG GA 471 -2.15 -107.11 10.38
N VAL GA 472 -1.89 -105.84 10.71
CA VAL GA 472 -2.98 -104.90 10.95
C VAL GA 472 -3.55 -104.38 9.63
N SER GA 473 -2.79 -104.45 8.53
CA SER GA 473 -3.25 -103.93 7.24
C SER GA 473 -4.36 -104.77 6.63
N ASN GA 474 -4.53 -106.02 7.06
CA ASN GA 474 -5.62 -106.85 6.58
C ASN GA 474 -6.82 -106.77 7.54
N MET HA 1 1.91 7.42 -32.51
CA MET HA 1 2.57 8.66 -32.17
C MET HA 1 3.94 8.29 -31.58
N PHE HA 2 4.09 8.12 -30.27
CA PHE HA 2 5.34 7.58 -29.76
C PHE HA 2 5.13 6.10 -29.42
N ASN HA 3 6.21 5.32 -29.53
CA ASN HA 3 6.53 3.96 -29.06
C ASN HA 3 5.58 2.84 -29.51
N ASN HA 4 4.60 3.10 -30.39
CA ASN HA 4 3.68 2.06 -30.82
C ASN HA 4 3.03 2.50 -32.12
N SER HA 5 2.72 1.53 -32.98
CA SER HA 5 1.97 1.79 -34.21
C SER HA 5 0.47 1.84 -33.96
N SER HA 6 0.04 1.26 -32.84
CA SER HA 6 -1.38 1.32 -32.48
C SER HA 6 -1.78 2.74 -32.08
N LYS HA 7 -0.82 3.54 -31.61
CA LYS HA 7 -1.11 4.96 -31.36
C LYS HA 7 -1.27 5.73 -32.67
N ILE HA 8 -0.57 5.30 -33.72
CA ILE HA 8 -0.81 5.86 -35.05
C ILE HA 8 -2.19 5.47 -35.56
N LEU HA 9 -2.62 4.24 -35.24
CA LEU HA 9 -3.99 3.81 -35.54
C LEU HA 9 -5.02 4.63 -34.78
N PHE HA 10 -4.72 4.96 -33.51
CA PHE HA 10 -5.63 5.77 -32.70
C PHE HA 10 -5.71 7.20 -33.21
N ILE HA 11 -4.60 7.74 -33.71
CA ILE HA 11 -4.60 9.04 -34.37
C ILE HA 11 -5.44 9.00 -35.64
N THR HA 12 -5.34 7.91 -36.41
CA THR HA 12 -6.13 7.77 -37.65
C THR HA 12 -7.63 7.73 -37.35
N ILE HA 13 -8.04 6.96 -36.33
CA ILE HA 13 -9.45 6.92 -35.96
C ILE HA 13 -9.89 8.23 -35.29
N MET HA 14 -8.97 8.95 -34.64
CA MET HA 14 -9.23 10.30 -34.14
C MET HA 14 -9.57 11.28 -35.25
N ILE HA 15 -8.76 11.31 -36.31
CA ILE HA 15 -9.02 12.18 -37.45
C ILE HA 15 -10.31 11.77 -38.16
N ILE HA 16 -10.56 10.47 -38.26
CA ILE HA 16 -11.76 9.95 -38.91
C ILE HA 16 -13.01 10.34 -38.12
N GLY HA 17 -12.97 10.22 -36.78
CA GLY HA 17 -14.11 10.58 -35.96
C GLY HA 17 -14.40 12.07 -35.93
N THR HA 18 -13.35 12.90 -35.88
CA THR HA 18 -13.55 14.35 -35.90
C THR HA 18 -14.09 14.82 -37.25
N LEU HA 19 -13.56 14.27 -38.35
CA LEU HA 19 -14.07 14.64 -39.67
C LEU HA 19 -15.44 14.05 -39.95
N ILE HA 20 -15.83 12.97 -39.25
CA ILE HA 20 -17.21 12.50 -39.30
C ILE HA 20 -18.13 13.45 -38.55
N THR HA 21 -17.64 14.01 -37.42
CA THR HA 21 -18.43 14.94 -36.62
C THR HA 21 -18.73 16.22 -37.38
N VAL HA 22 -17.68 16.86 -37.92
CA VAL HA 22 -17.85 18.20 -38.45
C VAL HA 22 -18.55 18.21 -39.81
N THR HA 23 -18.59 17.09 -40.52
CA THR HA 23 -19.24 17.01 -41.82
C THR HA 23 -20.70 16.58 -41.72
N SER HA 24 -21.20 16.29 -40.53
CA SER HA 24 -22.54 15.73 -40.39
C SER HA 24 -23.61 16.78 -40.61
N ASN HA 25 -24.60 16.45 -41.44
CA ASN HA 25 -25.76 17.29 -41.67
C ASN HA 25 -26.90 16.99 -40.71
N SER HA 26 -26.66 16.10 -39.75
CA SER HA 26 -27.62 15.80 -38.69
C SER HA 26 -26.87 15.78 -37.37
N TRP HA 27 -27.59 16.04 -36.29
CA TRP HA 27 -26.97 16.03 -34.97
C TRP HA 27 -26.61 14.63 -34.51
N LEU HA 28 -27.28 13.60 -35.02
CA LEU HA 28 -27.00 12.23 -34.62
C LEU HA 28 -25.68 11.73 -35.21
N GLY HA 29 -25.39 12.10 -36.47
CA GLY HA 29 -24.09 11.78 -37.05
C GLY HA 29 -22.95 12.51 -36.37
N ALA HA 30 -23.21 13.75 -35.96
CA ALA HA 30 -22.22 14.50 -35.19
C ALA HA 30 -21.99 13.86 -33.83
N TRP HA 31 -23.07 13.38 -33.20
CA TRP HA 31 -22.97 12.71 -31.90
C TRP HA 31 -22.16 11.41 -31.99
N MET HA 32 -22.42 10.59 -33.04
CA MET HA 32 -21.66 9.35 -33.15
C MET HA 32 -20.22 9.61 -33.54
N GLY HA 33 -19.95 10.70 -34.27
CA GLY HA 33 -18.56 11.10 -34.49
C GLY HA 33 -17.85 11.51 -33.22
N LEU HA 34 -18.56 12.20 -32.31
CA LEU HA 34 -17.99 12.49 -30.99
C LEU HA 34 -17.74 11.23 -30.18
N GLU HA 35 -18.59 10.21 -30.35
CA GLU HA 35 -18.33 8.92 -29.71
C GLU HA 35 -17.07 8.25 -30.26
N ILE HA 36 -16.86 8.33 -31.58
CA ILE HA 36 -15.64 7.79 -32.20
C ILE HA 36 -14.41 8.55 -31.73
N ASN HA 37 -14.51 9.88 -31.62
CA ASN HA 37 -13.39 10.70 -31.17
C ASN HA 37 -13.04 10.41 -29.71
N LEU HA 38 -14.06 10.23 -28.86
CA LEU HA 38 -13.84 9.85 -27.46
C LEU HA 38 -13.19 8.47 -27.35
N LEU HA 39 -13.67 7.52 -28.16
CA LEU HA 39 -13.07 6.18 -28.20
C LEU HA 39 -11.61 6.23 -28.63
N SER HA 40 -11.28 7.10 -29.57
CA SER HA 40 -9.91 7.22 -30.02
C SER HA 40 -9.01 7.89 -28.98
N PHE HA 41 -9.56 8.81 -28.19
CA PHE HA 41 -8.67 9.63 -27.37
C PHE HA 41 -8.55 9.14 -25.92
N ILE HA 42 -9.40 8.18 -25.49
CA ILE HA 42 -9.15 7.49 -24.21
C ILE HA 42 -7.83 6.69 -24.15
N PRO HA 43 -7.44 5.88 -25.16
CA PRO HA 43 -6.17 5.12 -24.98
C PRO HA 43 -4.91 5.96 -25.09
N LEU HA 44 -4.93 7.00 -25.91
CA LEU HA 44 -3.80 7.93 -25.83
C LEU HA 44 -4.20 8.68 -24.56
N LEU HA 45 -3.26 9.17 -23.75
CA LEU HA 45 -3.61 9.81 -22.45
C LEU HA 45 -3.79 8.74 -21.36
N SER HA 46 -3.57 7.46 -21.67
CA SER HA 46 -3.58 6.44 -20.59
C SER HA 46 -2.21 5.76 -20.53
N ASP HA 47 -1.57 5.70 -19.36
CA ASP HA 47 -0.22 5.09 -19.20
C ASP HA 47 -0.13 4.49 -17.81
N ASN HA 48 0.18 3.20 -17.69
CA ASN HA 48 0.14 2.56 -16.38
C ASN HA 48 1.36 2.84 -15.53
N ASN HA 49 2.44 3.37 -16.10
CA ASN HA 49 3.58 3.81 -15.29
C ASN HA 49 3.44 5.22 -14.76
N ASN HA 50 2.34 5.91 -15.10
CA ASN HA 50 2.03 7.23 -14.57
C ASN HA 50 0.75 7.14 -13.74
N LEU HA 51 0.80 7.60 -12.49
CA LEU HA 51 -0.39 7.43 -11.60
C LEU HA 51 -1.42 8.51 -11.89
N MET HA 52 -0.99 9.65 -12.43
CA MET HA 52 -1.92 10.75 -12.68
C MET HA 52 -2.48 10.78 -14.09
N SER HA 53 -1.87 10.08 -15.05
CA SER HA 53 -2.40 10.05 -16.41
C SER HA 53 -3.71 9.29 -16.49
N THR HA 54 -3.86 8.23 -15.68
CA THR HA 54 -5.11 7.49 -15.64
C THR HA 54 -6.23 8.33 -15.00
N GLU HA 55 -5.89 9.15 -14.00
CA GLU HA 55 -6.87 10.05 -13.40
C GLU HA 55 -7.27 11.14 -14.38
N ALA HA 56 -6.32 11.64 -15.19
CA ALA HA 56 -6.66 12.60 -16.23
C ALA HA 56 -7.56 11.99 -17.30
N SER HA 57 -7.29 10.72 -17.65
CA SER HA 57 -8.15 10.02 -18.61
C SER HA 57 -9.55 9.80 -18.05
N LEU HA 58 -9.64 9.52 -16.75
CA LEU HA 58 -10.94 9.37 -16.10
C LEU HA 58 -11.72 10.69 -16.07
N LYS HA 59 -11.03 11.79 -15.79
CA LYS HA 59 -11.67 13.11 -15.78
C LYS HA 59 -12.18 13.49 -17.15
N TYR HA 60 -11.36 13.24 -18.19
CA TYR HA 60 -11.78 13.45 -19.57
C TYR HA 60 -12.97 12.58 -19.95
N PHE HA 61 -12.95 11.31 -19.51
CA PHE HA 61 -14.03 10.39 -19.84
C PHE HA 61 -15.35 10.82 -19.20
N LEU HA 62 -15.32 11.17 -17.92
CA LEU HA 62 -16.54 11.56 -17.22
C LEU HA 62 -17.11 12.87 -17.77
N THR HA 63 -16.22 13.84 -18.08
CA THR HA 63 -16.66 15.11 -18.64
C THR HA 63 -17.25 14.94 -20.04
N GLN HA 64 -16.61 14.14 -20.90
CA GLN HA 64 -17.12 13.98 -22.26
C GLN HA 64 -18.37 13.11 -22.32
N VAL HA 65 -18.48 12.09 -21.46
CA VAL HA 65 -19.67 11.25 -21.44
C VAL HA 65 -20.87 12.00 -20.88
N LEU HA 66 -20.67 12.86 -19.86
CA LEU HA 66 -21.78 13.68 -19.39
C LEU HA 66 -22.18 14.70 -20.46
N ALA HA 67 -21.21 15.29 -21.16
CA ALA HA 67 -21.53 16.29 -22.16
C ALA HA 67 -22.12 15.69 -23.43
N SER HA 68 -21.77 14.44 -23.76
CA SER HA 68 -22.35 13.81 -24.94
C SER HA 68 -23.77 13.35 -24.71
N THR HA 69 -24.11 12.97 -23.47
CA THR HA 69 -25.47 12.52 -23.19
C THR HA 69 -26.45 13.68 -23.10
N VAL HA 70 -26.01 14.84 -22.59
CA VAL HA 70 -26.84 16.04 -22.63
C VAL HA 70 -27.01 16.53 -24.07
N LEU HA 71 -25.97 16.38 -24.89
CA LEU HA 71 -26.04 16.80 -26.29
C LEU HA 71 -27.04 15.96 -27.08
N LEU HA 72 -27.07 14.64 -26.83
CA LEU HA 72 -28.04 13.79 -27.51
C LEU HA 72 -29.46 14.04 -27.00
N PHE HA 73 -29.59 14.35 -25.71
CA PHE HA 73 -30.89 14.63 -25.08
C PHE HA 73 -31.55 15.85 -25.70
N SER HA 74 -30.82 16.95 -25.79
CA SER HA 74 -31.38 18.15 -26.39
C SER HA 74 -31.50 18.07 -27.89
N SER HA 75 -30.66 17.26 -28.55
CA SER HA 75 -30.85 16.98 -29.98
C SER HA 75 -32.16 16.24 -30.22
N ILE HA 76 -32.46 15.24 -29.39
CA ILE HA 76 -33.72 14.50 -29.50
C ILE HA 76 -34.90 15.42 -29.21
N LEU HA 77 -34.75 16.34 -28.25
CA LEU HA 77 -35.81 17.31 -27.97
C LEU HA 77 -36.03 18.28 -29.14
N LEU HA 78 -34.93 18.69 -29.80
CA LEU HA 78 -35.06 19.55 -30.97
C LEU HA 78 -35.76 18.83 -32.11
N MET HA 79 -35.45 17.55 -32.32
CA MET HA 79 -36.17 16.75 -33.32
C MET HA 79 -37.63 16.52 -32.92
N LEU HA 80 -37.91 16.44 -31.62
CA LEU HA 80 -39.27 16.24 -31.13
C LEU HA 80 -40.14 17.48 -31.36
N LYS HA 81 -39.60 18.67 -31.11
CA LYS HA 81 -40.42 19.88 -31.29
C LYS HA 81 -40.38 20.39 -32.72
N ASN HA 82 -39.19 20.77 -33.22
CA ASN HA 82 -39.03 21.30 -34.56
C ASN HA 82 -38.37 20.23 -35.42
N ASN HA 83 -39.18 19.49 -36.18
CA ASN HA 83 -38.86 18.14 -36.67
C ASN HA 83 -37.71 18.08 -37.66
N MET HA 84 -37.24 19.21 -38.18
CA MET HA 84 -36.03 19.20 -39.01
C MET HA 84 -34.78 19.16 -38.14
N ASN HA 85 -33.62 19.21 -38.78
CA ASN HA 85 -32.36 19.10 -38.05
C ASN HA 85 -31.98 20.37 -37.31
N ASN HA 86 -32.55 21.51 -37.68
CA ASN HA 86 -32.25 22.79 -37.06
C ASN HA 86 -33.53 23.35 -36.44
N GLU HA 87 -33.46 24.60 -35.99
CA GLU HA 87 -34.60 25.28 -35.40
C GLU HA 87 -34.79 26.63 -36.10
N ILE HA 88 -36.05 26.97 -36.38
CA ILE HA 88 -36.34 28.21 -37.09
C ILE HA 88 -36.13 29.41 -36.19
N ASN HA 89 -36.77 29.40 -35.02
CA ASN HA 89 -36.53 30.40 -34.00
C ASN HA 89 -35.80 29.78 -32.81
N GLU HA 90 -34.94 30.57 -32.18
CA GLU HA 90 -34.10 30.06 -31.11
C GLU HA 90 -34.91 29.86 -29.84
N SER HA 91 -34.66 28.75 -29.16
CA SER HA 91 -35.40 28.38 -27.96
C SER HA 91 -34.40 27.83 -26.94
N PHE HA 92 -34.93 27.21 -25.90
CA PHE HA 92 -34.09 26.75 -24.80
C PHE HA 92 -33.32 25.47 -25.13
N THR HA 93 -33.87 24.62 -25.99
CA THR HA 93 -33.17 23.38 -26.35
C THR HA 93 -31.93 23.65 -27.18
N SER HA 94 -31.92 24.74 -27.95
CA SER HA 94 -30.70 25.18 -28.61
C SER HA 94 -29.66 25.65 -27.59
N MET HA 95 -30.11 26.26 -26.49
CA MET HA 95 -29.20 26.62 -25.41
C MET HA 95 -28.65 25.39 -24.70
N ILE HA 96 -29.45 24.33 -24.56
CA ILE HA 96 -28.94 23.09 -23.96
C ILE HA 96 -27.92 22.42 -24.88
N ILE HA 97 -28.17 22.46 -26.21
CA ILE HA 97 -27.18 21.95 -27.18
C ILE HA 97 -25.89 22.75 -27.10
N MET HA 98 -26.00 24.08 -27.00
CA MET HA 98 -24.82 24.93 -26.92
C MET HA 98 -24.06 24.74 -25.61
N SER HA 99 -24.79 24.51 -24.50
CA SER HA 99 -24.13 24.27 -23.22
C SER HA 99 -23.41 22.92 -23.20
N ALA HA 100 -24.03 21.89 -23.79
CA ALA HA 100 -23.37 20.60 -23.88
C ALA HA 100 -22.19 20.62 -24.83
N LEU HA 101 -22.22 21.51 -25.83
CA LEU HA 101 -21.05 21.71 -26.67
C LEU HA 101 -19.96 22.51 -25.95
N LEU HA 102 -20.35 23.44 -25.08
CA LEU HA 102 -19.37 24.23 -24.35
C LEU HA 102 -18.70 23.43 -23.26
N LEU HA 103 -19.36 22.38 -22.74
CA LEU HA 103 -18.67 21.48 -21.84
C LEU HA 103 -17.61 20.64 -22.55
N LYS HA 104 -17.86 20.29 -23.82
CA LYS HA 104 -16.85 19.58 -24.59
C LYS HA 104 -15.67 20.48 -24.95
N SER HA 105 -15.96 21.74 -25.30
CA SER HA 105 -14.91 22.65 -25.73
C SER HA 105 -14.04 23.13 -24.57
N GLY HA 106 -14.58 23.19 -23.37
CA GLY HA 106 -13.81 23.64 -22.22
C GLY HA 106 -13.92 25.11 -21.90
N ALA HA 107 -14.94 25.80 -22.41
CA ALA HA 107 -15.12 27.20 -22.14
C ALA HA 107 -15.78 27.43 -20.78
N ALA HA 108 -15.53 28.60 -20.21
CA ALA HA 108 -16.09 28.96 -18.92
C ALA HA 108 -17.60 29.17 -19.03
N PRO HA 109 -18.37 28.86 -17.97
CA PRO HA 109 -18.02 28.35 -16.63
C PRO HA 109 -17.93 26.83 -16.55
N PHE HA 110 -17.90 26.15 -17.71
CA PHE HA 110 -17.75 24.70 -17.77
C PHE HA 110 -16.29 24.32 -18.08
N HIS HA 111 -15.36 25.15 -17.64
CA HIS HA 111 -13.93 25.06 -17.90
C HIS HA 111 -13.16 24.26 -16.87
N PHE HA 112 -13.81 23.87 -15.77
CA PHE HA 112 -13.10 23.48 -14.56
C PHE HA 112 -12.39 22.15 -14.69
N TRP HA 113 -12.83 21.30 -15.62
CA TRP HA 113 -12.16 20.02 -15.82
C TRP HA 113 -10.83 20.19 -16.54
N PHE HA 114 -10.68 21.28 -17.28
CA PHE HA 114 -9.66 21.36 -18.33
C PHE HA 114 -8.24 21.57 -17.76
N PRO HA 115 -7.96 22.61 -16.94
CA PRO HA 115 -6.61 22.67 -16.35
C PRO HA 115 -6.41 21.75 -15.17
N ASN HA 116 -7.49 21.29 -14.52
CA ASN HA 116 -7.34 20.28 -13.48
C ASN HA 116 -6.98 18.92 -14.06
N MET HA 117 -7.33 18.67 -15.32
CA MET HA 117 -6.92 17.43 -15.94
C MET HA 117 -5.57 17.54 -16.64
N MET HA 118 -5.20 18.74 -17.14
CA MET HA 118 -3.94 18.90 -17.87
C MET HA 118 -2.68 18.72 -17.02
N GLU HA 119 -2.78 18.69 -15.69
CA GLU HA 119 -1.61 18.38 -14.87
C GLU HA 119 -1.17 16.93 -15.05
N GLY HA 120 -2.10 16.03 -15.41
CA GLY HA 120 -1.79 14.63 -15.55
C GLY HA 120 -1.22 14.18 -16.88
N LEU HA 121 -1.03 15.09 -17.82
CA LEU HA 121 -0.69 14.73 -19.19
C LEU HA 121 0.79 14.92 -19.50
N THR HA 122 1.18 14.42 -20.66
CA THR HA 122 2.42 14.81 -21.32
C THR HA 122 2.15 16.05 -22.15
N TRP HA 123 3.12 16.43 -22.99
CA TRP HA 123 2.94 17.66 -23.75
C TRP HA 123 2.27 17.41 -25.10
N MET HA 124 2.53 16.25 -25.72
CA MET HA 124 1.95 15.96 -27.03
C MET HA 124 0.45 15.70 -26.92
N ASN HA 125 0.04 14.97 -25.88
CA ASN HA 125 -1.39 14.75 -25.64
C ASN HA 125 -2.09 16.02 -25.19
N ALA HA 126 -1.37 16.93 -24.53
CA ALA HA 126 -1.91 18.26 -24.24
C ALA HA 126 -2.19 19.02 -25.52
N LEU HA 127 -1.26 18.96 -26.47
CA LEU HA 127 -1.42 19.63 -27.77
C LEU HA 127 -2.58 19.02 -28.56
N MET HA 128 -2.74 17.69 -28.50
CA MET HA 128 -3.91 17.08 -29.14
C MET HA 128 -5.21 17.42 -28.42
N LEU HA 129 -5.15 17.65 -27.10
CA LEU HA 129 -6.35 17.98 -26.36
C LEU HA 129 -6.83 19.40 -26.62
N MET HA 130 -5.93 20.38 -26.64
CA MET HA 130 -6.36 21.77 -26.76
C MET HA 130 -6.28 22.32 -28.18
N THR HA 131 -5.95 21.50 -29.18
CA THR HA 131 -6.10 21.92 -30.57
C THR HA 131 -7.10 21.06 -31.33
N TRP HA 132 -6.90 19.76 -31.42
CA TRP HA 132 -7.74 18.98 -32.32
C TRP HA 132 -9.08 18.63 -31.70
N GLN HA 133 -9.12 18.39 -30.38
CA GLN HA 133 -10.37 18.14 -29.67
C GLN HA 133 -11.24 19.38 -29.52
N LYS HA 134 -10.76 20.56 -29.91
CA LYS HA 134 -11.59 21.73 -30.04
C LYS HA 134 -12.05 21.98 -31.47
N ILE HA 135 -11.78 21.06 -32.39
CA ILE HA 135 -12.37 21.18 -33.72
C ILE HA 135 -13.85 20.84 -33.68
N ALA HA 136 -14.18 19.70 -33.07
CA ALA HA 136 -15.53 19.15 -33.20
C ALA HA 136 -16.59 19.90 -32.37
N PRO HA 137 -16.38 20.32 -31.11
CA PRO HA 137 -17.43 21.11 -30.47
C PRO HA 137 -17.53 22.54 -30.98
N LEU HA 138 -16.43 23.16 -31.39
CA LEU HA 138 -16.50 24.55 -31.83
C LEU HA 138 -17.14 24.68 -33.20
N MET HA 139 -16.93 23.70 -34.09
CA MET HA 139 -17.55 23.75 -35.40
C MET HA 139 -19.05 23.44 -35.34
N LEU HA 140 -19.50 22.73 -34.30
CA LEU HA 140 -20.91 22.48 -34.08
C LEU HA 140 -21.62 23.62 -33.38
N ILE HA 141 -20.86 24.55 -32.78
CA ILE HA 141 -21.45 25.75 -32.20
C ILE HA 141 -21.92 26.70 -33.30
N SER HA 142 -21.28 26.62 -34.47
CA SER HA 142 -21.57 27.49 -35.62
C SER HA 142 -22.98 27.32 -36.17
N TYR HA 143 -23.63 26.18 -35.91
CA TYR HA 143 -24.98 25.96 -36.39
C TYR HA 143 -26.05 26.64 -35.53
N LEU HA 144 -25.65 27.25 -34.41
CA LEU HA 144 -26.59 27.83 -33.46
C LEU HA 144 -26.40 29.35 -33.43
N ASN HA 145 -27.49 30.08 -33.67
CA ASN HA 145 -27.47 31.53 -33.70
C ASN HA 145 -27.98 32.08 -32.37
N ILE HA 146 -27.17 31.87 -31.33
CA ILE HA 146 -27.48 32.36 -29.99
C ILE HA 146 -26.41 33.37 -29.60
N LYS HA 147 -26.84 34.56 -29.18
CA LYS HA 147 -25.94 35.67 -28.91
C LYS HA 147 -25.64 35.87 -27.43
N TYR HA 148 -26.66 35.78 -26.57
CA TYR HA 148 -26.45 36.04 -25.14
C TYR HA 148 -25.64 34.93 -24.46
N LEU HA 149 -25.96 33.66 -24.74
CA LEU HA 149 -25.24 32.56 -24.12
C LEU HA 149 -23.80 32.48 -24.60
N LEU HA 150 -23.59 32.68 -25.90
CA LEU HA 150 -22.25 32.75 -26.45
C LEU HA 150 -21.47 33.95 -25.93
N LEU HA 151 -22.14 35.08 -25.73
CA LEU HA 151 -21.49 36.28 -25.22
C LEU HA 151 -21.09 36.12 -23.76
N ILE HA 152 -21.95 35.47 -22.97
CA ILE HA 152 -21.62 35.15 -21.58
C ILE HA 152 -20.44 34.19 -21.52
N SER HA 153 -20.41 33.19 -22.41
CA SER HA 153 -19.29 32.26 -22.48
C SER HA 153 -18.00 32.95 -22.89
N VAL HA 154 -18.08 33.91 -23.82
CA VAL HA 154 -16.91 34.66 -24.28
C VAL HA 154 -16.34 35.50 -23.14
N ILE HA 155 -17.21 36.25 -22.45
CA ILE HA 155 -16.79 37.14 -21.37
C ILE HA 155 -16.21 36.35 -20.20
N LEU HA 156 -16.88 35.25 -19.82
CA LEU HA 156 -16.40 34.40 -18.73
C LEU HA 156 -15.10 33.71 -19.09
N SER HA 157 -14.94 33.29 -20.35
CA SER HA 157 -13.71 32.61 -20.77
C SER HA 157 -12.53 33.57 -20.79
N VAL HA 158 -12.72 34.79 -21.31
CA VAL HA 158 -11.59 35.71 -21.36
C VAL HA 158 -11.29 36.30 -19.98
N ILE HA 159 -12.27 36.37 -19.08
CA ILE HA 159 -11.98 36.84 -17.73
C ILE HA 159 -11.25 35.76 -16.93
N ILE HA 160 -11.75 34.51 -16.98
CA ILE HA 160 -11.22 33.46 -16.13
C ILE HA 160 -9.87 32.96 -16.64
N GLY HA 161 -9.76 32.73 -17.96
CA GLY HA 161 -8.53 32.22 -18.54
C GLY HA 161 -7.35 33.16 -18.46
N ALA HA 162 -7.60 34.45 -18.23
CA ALA HA 162 -6.53 35.40 -17.95
C ALA HA 162 -6.21 35.43 -16.45
N ILE HA 163 -7.24 35.52 -15.60
CA ILE HA 163 -7.05 35.63 -14.16
C ILE HA 163 -6.51 34.32 -13.59
N GLY HA 164 -7.06 33.20 -14.03
CA GLY HA 164 -6.73 31.90 -13.47
C GLY HA 164 -5.31 31.43 -13.75
N GLY HA 165 -4.72 31.88 -14.84
CA GLY HA 165 -3.37 31.48 -15.18
C GLY HA 165 -2.26 32.18 -14.43
N LEU HA 166 -2.59 33.13 -13.56
CA LEU HA 166 -1.57 33.84 -12.79
C LEU HA 166 -1.02 32.98 -11.65
N ASN HA 167 -1.86 32.15 -11.04
CA ASN HA 167 -1.46 31.44 -9.83
C ASN HA 167 -0.56 30.25 -10.11
N GLN HA 168 -0.79 29.52 -11.21
CA GLN HA 168 -0.04 28.29 -11.45
C GLN HA 168 1.34 28.59 -11.99
N THR HA 169 2.35 27.97 -11.38
CA THR HA 169 3.70 28.00 -11.90
C THR HA 169 4.03 26.79 -12.77
N SER HA 170 3.14 25.80 -12.81
CA SER HA 170 3.33 24.67 -13.72
C SER HA 170 2.93 25.07 -15.13
N LEU HA 171 3.74 24.66 -16.10
CA LEU HA 171 3.56 25.12 -17.48
C LEU HA 171 2.34 24.49 -18.15
N ARG HA 172 1.95 23.28 -17.74
CA ARG HA 172 0.82 22.61 -18.37
C ARG HA 172 -0.50 23.25 -17.98
N LYS HA 173 -0.68 23.56 -16.69
CA LYS HA 173 -1.91 24.22 -16.26
C LYS HA 173 -1.96 25.67 -16.70
N LEU HA 174 -0.80 26.34 -16.74
CA LEU HA 174 -0.73 27.70 -17.27
C LEU HA 174 -1.07 27.74 -18.76
N MET HA 175 -0.59 26.76 -19.52
CA MET HA 175 -0.89 26.73 -20.94
C MET HA 175 -2.34 26.30 -21.20
N ALA HA 176 -2.90 25.49 -20.29
CA ALA HA 176 -4.34 25.18 -20.34
C ALA HA 176 -5.20 26.42 -20.09
N PHE HA 177 -4.81 27.24 -19.11
CA PHE HA 177 -5.51 28.48 -18.86
C PHE HA 177 -5.30 29.50 -19.98
N SER HA 178 -4.16 29.43 -20.67
CA SER HA 178 -3.97 30.22 -21.88
C SER HA 178 -4.88 29.73 -23.00
N SER HA 179 -5.09 28.43 -23.10
CA SER HA 179 -5.99 27.88 -24.11
C SER HA 179 -7.45 28.20 -23.81
N ILE HA 180 -7.79 28.39 -22.53
CA ILE HA 180 -9.13 28.86 -22.18
C ILE HA 180 -9.30 30.32 -22.63
N ASN HA 181 -8.26 31.14 -22.47
CA ASN HA 181 -8.32 32.54 -22.87
C ASN HA 181 -8.37 32.68 -24.39
N HIS HA 182 -7.63 31.84 -25.11
CA HIS HA 182 -7.71 31.85 -26.56
C HIS HA 182 -8.97 31.18 -27.08
N LEU HA 183 -9.67 30.41 -26.25
CA LEU HA 183 -10.97 29.87 -26.63
C LEU HA 183 -12.03 30.95 -26.70
N GLY HA 184 -11.95 31.96 -25.82
CA GLY HA 184 -12.89 33.06 -25.86
C GLY HA 184 -12.77 33.92 -27.09
N TRP HA 185 -11.55 34.10 -27.59
CA TRP HA 185 -11.35 34.79 -28.87
C TRP HA 185 -11.90 33.98 -30.04
N MET HA 186 -11.85 32.66 -29.95
CA MET HA 186 -12.43 31.81 -30.99
C MET HA 186 -13.95 31.87 -30.95
N LEU HA 187 -14.54 31.84 -29.76
CA LEU HA 187 -16.00 31.89 -29.64
C LEU HA 187 -16.55 33.27 -29.95
N SER HA 188 -15.73 34.32 -29.75
CA SER HA 188 -16.17 35.66 -30.15
C SER HA 188 -16.18 35.81 -31.65
N SER HA 189 -15.28 35.11 -32.35
CA SER HA 189 -15.28 35.11 -33.80
C SER HA 189 -16.31 34.15 -34.40
N LEU HA 190 -16.90 33.27 -33.60
CA LEU HA 190 -17.78 32.24 -34.13
C LEU HA 190 -19.14 32.78 -34.55
N MET HA 191 -19.55 33.95 -34.05
CA MET HA 191 -20.84 34.51 -34.40
C MET HA 191 -20.73 35.74 -35.28
N ILE HA 192 -19.55 36.02 -35.86
CA ILE HA 192 -19.41 37.05 -36.87
C ILE HA 192 -18.93 36.46 -38.20
N SER HA 193 -18.02 35.49 -38.17
CA SER HA 193 -17.42 34.94 -39.37
C SER HA 193 -16.78 33.59 -39.10
N GLU HA 194 -17.23 32.55 -39.80
CA GLU HA 194 -16.68 31.21 -39.59
C GLU HA 194 -15.28 31.09 -40.17
N SER HA 195 -14.99 31.82 -41.24
CA SER HA 195 -13.66 31.81 -41.84
C SER HA 195 -12.63 32.48 -40.92
N ILE HA 196 -13.01 33.59 -40.29
CA ILE HA 196 -12.11 34.28 -39.35
C ILE HA 196 -11.86 33.42 -38.12
N TRP HA 197 -12.86 32.65 -37.68
CA TRP HA 197 -12.64 31.65 -36.64
C TRP HA 197 -11.66 30.58 -37.09
N LEU HA 198 -11.79 30.11 -38.34
CA LEU HA 198 -10.87 29.10 -38.85
C LEU HA 198 -9.44 29.60 -38.91
N ILE HA 199 -9.27 30.88 -39.23
CA ILE HA 199 -7.94 31.48 -39.30
C ILE HA 199 -7.34 31.66 -37.91
N TYR HA 200 -8.15 32.14 -36.95
CA TYR HA 200 -7.67 32.26 -35.57
C TYR HA 200 -7.35 30.89 -34.99
N PHE HA 201 -8.14 29.88 -35.33
CA PHE HA 201 -7.87 28.53 -34.85
C PHE HA 201 -6.61 27.95 -35.48
N PHE HA 202 -6.40 28.20 -36.77
CA PHE HA 202 -5.20 27.68 -37.44
C PHE HA 202 -3.93 28.33 -36.91
N PHE HA 203 -3.95 29.64 -36.68
CA PHE HA 203 -2.76 30.29 -36.16
C PHE HA 203 -2.56 30.01 -34.68
N TYR HA 204 -3.65 29.83 -33.92
CA TYR HA 204 -3.52 29.42 -32.52
C TYR HA 204 -2.99 28.01 -32.40
N SER HA 205 -3.42 27.11 -33.29
CA SER HA 205 -2.89 25.75 -33.30
C SER HA 205 -1.46 25.72 -33.80
N PHE HA 206 -1.09 26.65 -34.69
CA PHE HA 206 0.29 26.78 -35.14
C PHE HA 206 1.21 27.22 -34.00
N LEU HA 207 0.77 28.22 -33.22
CA LEU HA 207 1.58 28.70 -32.11
C LEU HA 207 1.61 27.70 -30.96
N SER HA 208 0.50 26.98 -30.75
CA SER HA 208 0.49 25.87 -29.80
C SER HA 208 1.38 24.73 -30.26
N PHE HA 209 1.41 24.45 -31.56
CA PHE HA 209 2.16 23.35 -32.13
C PHE HA 209 3.64 23.65 -32.21
N VAL HA 210 4.03 24.92 -32.16
CA VAL HA 210 5.44 25.25 -32.02
C VAL HA 210 5.85 25.44 -30.56
N LEU HA 211 4.94 25.84 -29.67
CA LEU HA 211 5.30 25.93 -28.25
C LEU HA 211 5.28 24.59 -27.54
N THR HA 212 4.56 23.60 -28.08
CA THR HA 212 4.63 22.26 -27.52
C THR HA 212 5.98 21.62 -27.81
N PHE HA 213 6.53 21.85 -29.01
CA PHE HA 213 7.79 21.23 -29.42
C PHE HA 213 8.97 21.72 -28.61
N MET HA 214 8.93 22.94 -28.08
CA MET HA 214 10.00 23.38 -27.21
C MET HA 214 9.90 22.72 -25.85
N PHE HA 215 8.69 22.44 -25.39
CA PHE HA 215 8.48 21.76 -24.11
C PHE HA 215 8.52 20.24 -24.21
N ASN HA 216 8.17 19.66 -25.37
CA ASN HA 216 8.20 18.21 -25.50
C ASN HA 216 9.62 17.68 -25.64
N ILE HA 217 10.47 18.41 -26.37
CA ILE HA 217 11.83 17.93 -26.65
C ILE HA 217 12.68 17.98 -25.38
N PHE HA 218 12.63 19.10 -24.68
CA PHE HA 218 13.51 19.33 -23.54
C PHE HA 218 12.87 18.98 -22.19
N LYS HA 219 11.60 18.55 -22.19
CA LYS HA 219 10.85 18.10 -21.02
C LYS HA 219 10.77 19.17 -19.93
N LEU HA 220 10.11 20.27 -20.27
CA LEU HA 220 10.00 21.44 -19.42
C LEU HA 220 8.59 21.47 -18.84
N PHE HA 221 8.43 20.81 -17.68
CA PHE HA 221 7.14 20.70 -17.03
C PHE HA 221 6.94 21.72 -15.91
N HIS HA 222 7.89 22.62 -15.71
CA HIS HA 222 7.82 23.58 -14.61
C HIS HA 222 8.45 24.89 -15.07
N LEU HA 223 8.20 25.95 -14.30
CA LEU HA 223 8.70 27.27 -14.70
C LEU HA 223 10.19 27.40 -14.44
N ASN HA 224 10.69 26.83 -13.34
CA ASN HA 224 12.11 26.93 -13.05
C ASN HA 224 12.94 25.94 -13.84
N GLN HA 225 12.32 24.97 -14.51
CA GLN HA 225 13.04 24.15 -15.48
C GLN HA 225 13.45 24.95 -16.70
N LEU HA 226 12.72 26.03 -17.01
CA LEU HA 226 13.13 26.97 -18.04
C LEU HA 226 14.37 27.76 -17.61
N PHE HA 227 14.45 28.13 -16.34
CA PHE HA 227 15.60 28.87 -15.84
C PHE HA 227 16.83 28.00 -15.75
N SER HA 228 16.66 26.70 -15.50
CA SER HA 228 17.76 25.75 -15.46
C SER HA 228 18.05 25.10 -16.81
N TRP HA 229 17.28 25.45 -17.84
CA TRP HA 229 17.45 24.86 -19.17
C TRP HA 229 18.75 25.36 -19.79
N PHE HA 230 19.60 24.44 -20.22
CA PHE HA 230 20.91 24.78 -20.75
C PHE HA 230 20.84 24.97 -22.26
N VAL HA 231 21.39 26.08 -22.72
CA VAL HA 231 21.59 26.33 -24.14
C VAL HA 231 23.07 26.66 -24.35
N ASN HA 232 23.56 26.34 -25.53
CA ASN HA 232 24.96 26.59 -25.83
C ASN HA 232 25.23 28.04 -26.24
N SER HA 233 24.19 28.81 -26.48
CA SER HA 233 24.31 30.25 -26.72
C SER HA 233 23.06 30.91 -26.17
N LYS HA 234 23.26 31.98 -25.39
CA LYS HA 234 22.13 32.66 -24.76
C LYS HA 234 21.32 33.49 -25.74
N ILE HA 235 21.89 33.79 -26.92
CA ILE HA 235 21.13 34.47 -27.96
C ILE HA 235 20.12 33.50 -28.59
N LEU HA 236 20.42 32.20 -28.59
CA LEU HA 236 19.48 31.20 -29.09
C LEU HA 236 18.27 31.08 -28.18
N LYS HA 237 18.48 31.10 -26.87
CA LYS HA 237 17.36 31.07 -25.93
C LYS HA 237 16.55 32.37 -25.98
N PHE HA 238 17.22 33.49 -26.29
CA PHE HA 238 16.53 34.77 -26.44
C PHE HA 238 15.61 34.75 -27.65
N THR HA 239 16.04 34.11 -28.74
CA THR HA 239 15.23 34.02 -29.95
C THR HA 239 14.11 33.00 -29.80
N LEU HA 240 14.38 31.87 -29.12
CA LEU HA 240 13.38 30.82 -28.96
C LEU HA 240 12.23 31.22 -28.04
N PHE HA 241 12.44 32.23 -27.19
CA PHE HA 241 11.42 32.66 -26.24
C PHE HA 241 10.58 33.81 -26.79
N MET HA 242 10.76 34.18 -28.05
CA MET HA 242 9.94 35.21 -28.68
C MET HA 242 8.58 34.70 -29.12
N ASN HA 243 8.35 33.38 -29.07
CA ASN HA 243 7.05 32.84 -29.45
C ASN HA 243 5.98 33.12 -28.40
N PHE HA 244 6.37 33.41 -27.17
CA PHE HA 244 5.40 33.80 -26.15
C PHE HA 244 4.91 35.23 -26.37
N LEU HA 245 5.78 36.12 -26.84
CA LEU HA 245 5.32 37.43 -27.28
C LEU HA 245 4.51 37.33 -28.57
N SER HA 246 4.73 36.30 -29.38
CA SER HA 246 3.88 36.06 -30.53
C SER HA 246 2.49 35.62 -30.10
N LEU HA 247 2.41 34.66 -29.17
CA LEU HA 247 1.11 34.19 -28.68
C LEU HA 247 0.41 35.23 -27.82
N GLY HA 248 1.14 36.19 -27.27
CA GLY HA 248 0.51 37.30 -26.58
C GLY HA 248 -0.11 38.35 -27.49
N GLY HA 249 0.11 38.24 -28.80
CA GLY HA 249 -0.48 39.17 -29.74
C GLY HA 249 0.34 40.41 -30.02
N LEU HA 250 1.63 40.38 -29.73
CA LEU HA 250 2.47 41.57 -29.90
C LEU HA 250 2.96 41.66 -31.33
N PRO HA 251 2.69 42.75 -32.05
CA PRO HA 251 3.31 42.94 -33.35
C PRO HA 251 4.78 43.29 -33.20
N PRO HA 252 5.61 42.99 -34.21
CA PRO HA 252 5.37 42.47 -35.55
C PRO HA 252 5.51 40.96 -35.70
N PHE HA 253 5.08 40.20 -34.69
CA PHE HA 253 5.16 38.76 -34.79
C PHE HA 253 3.93 38.20 -35.51
N LEU HA 254 3.93 36.89 -35.70
CA LEU HA 254 2.88 36.24 -36.48
C LEU HA 254 1.55 36.22 -35.74
N GLY HA 255 1.60 36.08 -34.42
CA GLY HA 255 0.38 35.95 -33.64
C GLY HA 255 -0.40 37.23 -33.46
N PHE HA 256 0.15 38.38 -33.87
CA PHE HA 256 -0.64 39.59 -33.94
C PHE HA 256 -1.69 39.50 -35.04
N LEU HA 257 -1.36 38.80 -36.13
CA LEU HA 257 -2.27 38.68 -37.28
C LEU HA 257 -3.63 38.01 -37.01
N PRO HA 258 -3.76 36.87 -36.30
CA PRO HA 258 -5.12 36.34 -36.11
C PRO HA 258 -5.96 37.13 -35.13
N LYS HA 259 -5.35 37.65 -34.06
CA LYS HA 259 -6.03 38.55 -33.14
C LYS HA 259 -6.48 39.81 -33.85
N TRP HA 260 -5.60 40.36 -34.69
CA TRP HA 260 -5.91 41.53 -35.51
C TRP HA 260 -7.03 41.30 -36.51
N LEU HA 261 -7.09 40.13 -37.13
CA LEU HA 261 -8.21 39.87 -38.04
C LEU HA 261 -9.51 39.67 -37.29
N VAL HA 262 -9.45 39.12 -36.07
CA VAL HA 262 -10.64 39.02 -35.24
C VAL HA 262 -11.14 40.41 -34.81
N ILE HA 263 -10.21 41.30 -34.41
CA ILE HA 263 -10.55 42.67 -34.02
C ILE HA 263 -11.10 43.46 -35.20
N GLN HA 264 -10.54 43.26 -36.40
CA GLN HA 264 -11.06 43.94 -37.58
C GLN HA 264 -12.44 43.44 -37.96
N GLN HA 265 -12.65 42.11 -37.90
CA GLN HA 265 -13.97 41.59 -38.25
C GLN HA 265 -15.00 41.88 -37.16
N LEU HA 266 -14.58 42.04 -35.91
CA LEU HA 266 -15.53 42.40 -34.85
C LEU HA 266 -15.97 43.85 -34.96
N THR HA 267 -15.06 44.75 -35.34
CA THR HA 267 -15.39 46.16 -35.43
C THR HA 267 -16.22 46.46 -36.68
N LEU HA 268 -16.02 45.68 -37.74
CA LEU HA 268 -16.87 45.79 -38.92
C LEU HA 268 -18.31 45.34 -38.63
N CYS HA 269 -18.47 44.39 -37.72
CA CYS HA 269 -19.78 43.88 -37.34
C CYS HA 269 -20.38 44.60 -36.15
N ASN HA 270 -19.80 45.75 -35.76
CA ASN HA 270 -20.34 46.69 -34.77
C ASN HA 270 -20.45 46.07 -33.37
N GLN HA 271 -19.43 45.31 -32.97
CA GLN HA 271 -19.23 44.93 -31.57
C GLN HA 271 -18.01 45.65 -31.05
N TYR HA 272 -18.19 46.43 -29.99
CA TYR HA 272 -17.11 47.25 -29.44
C TYR HA 272 -16.88 47.00 -27.96
N PHE HA 273 -17.92 46.68 -27.19
CA PHE HA 273 -17.78 46.58 -25.74
C PHE HA 273 -17.09 45.29 -25.33
N MET HA 274 -17.49 44.15 -25.91
CA MET HA 274 -16.83 42.90 -25.57
C MET HA 274 -15.44 42.82 -26.18
N LEU HA 275 -15.20 43.56 -27.27
CA LEU HA 275 -13.85 43.69 -27.80
C LEU HA 275 -12.95 44.43 -26.83
N THR HA 276 -13.45 45.50 -26.21
CA THR HA 276 -12.72 46.22 -25.18
C THR HA 276 -12.52 45.36 -23.93
N LEU HA 277 -13.51 44.52 -23.59
CA LEU HA 277 -13.35 43.56 -22.51
C LEU HA 277 -12.30 42.51 -22.82
N MET HA 278 -12.13 42.15 -24.09
CA MET HA 278 -11.06 41.25 -24.49
C MET HA 278 -9.71 41.95 -24.68
N MET HA 279 -9.67 43.28 -24.72
CA MET HA 279 -8.38 43.98 -24.68
C MET HA 279 -7.75 43.87 -23.30
N MET HA 280 -8.53 44.13 -22.25
CA MET HA 280 -8.04 43.99 -20.87
C MET HA 280 -7.73 42.54 -20.50
N SER HA 281 -8.32 41.57 -21.18
CA SER HA 281 -8.05 40.17 -20.87
C SER HA 281 -6.67 39.75 -21.37
N THR HA 282 -6.31 40.15 -22.59
CA THR HA 282 -5.07 39.70 -23.20
C THR HA 282 -3.83 40.41 -22.63
N LEU HA 283 -4.01 41.46 -21.85
CA LEU HA 283 -2.87 42.02 -21.12
C LEU HA 283 -2.44 41.11 -19.98
N ILE HA 284 -3.41 40.47 -19.32
CA ILE HA 284 -3.08 39.55 -18.23
C ILE HA 284 -2.47 38.27 -18.79
N THR HA 285 -2.94 37.84 -19.97
CA THR HA 285 -2.34 36.69 -20.66
C THR HA 285 -0.90 36.99 -21.08
N LEU HA 286 -0.66 38.21 -21.57
CA LEU HA 286 0.69 38.64 -21.85
C LEU HA 286 1.52 38.81 -20.57
N PHE HA 287 0.87 39.07 -19.44
CA PHE HA 287 1.59 39.19 -18.19
C PHE HA 287 2.06 37.83 -17.70
N PHE HA 288 1.21 36.80 -17.74
CA PHE HA 288 1.75 35.51 -17.33
C PHE HA 288 2.52 34.83 -18.45
N TYR HA 289 2.51 35.36 -19.68
CA TYR HA 289 3.49 34.94 -20.66
C TYR HA 289 4.88 35.47 -20.35
N LEU HA 290 4.96 36.65 -19.73
CA LEU HA 290 6.23 37.30 -19.46
C LEU HA 290 7.01 36.66 -18.32
N ARG HA 291 6.33 35.87 -17.48
CA ARG HA 291 7.05 35.16 -16.43
C ARG HA 291 7.85 33.99 -16.98
N ILE HA 292 7.37 33.37 -18.06
CA ILE HA 292 8.22 32.51 -18.88
C ILE HA 292 9.34 33.31 -19.52
N CYS HA 293 9.02 34.49 -20.05
CA CYS HA 293 10.00 35.32 -20.75
C CYS HA 293 11.04 35.96 -19.83
N TYR HA 294 10.88 35.84 -18.52
CA TYR HA 294 11.96 36.18 -17.60
C TYR HA 294 13.16 35.25 -17.74
N SER HA 295 12.93 34.01 -18.20
CA SER HA 295 13.98 32.99 -18.28
C SER HA 295 14.93 33.17 -19.46
N ALA HA 296 14.69 34.14 -20.34
CA ALA HA 296 15.60 34.37 -21.45
C ALA HA 296 15.92 35.82 -21.72
N PHE HA 297 15.24 36.79 -21.12
CA PHE HA 297 15.40 38.18 -21.51
C PHE HA 297 16.43 38.93 -20.70
N MET HA 298 16.93 38.35 -19.60
CA MET HA 298 17.92 39.00 -18.77
C MET HA 298 19.35 38.64 -19.14
N MET HA 299 19.54 37.72 -20.09
CA MET HA 299 20.77 37.37 -20.82
C MET HA 299 21.83 36.65 -19.98
N ASN HA 300 21.66 36.51 -18.66
CA ASN HA 300 22.64 35.85 -17.82
C ASN HA 300 21.93 35.40 -16.55
N TYR HA 301 22.12 34.14 -16.17
CA TYR HA 301 21.38 33.57 -15.06
C TYR HA 301 22.30 32.74 -14.18
N PHE HA 302 21.97 32.73 -12.88
CA PHE HA 302 22.62 31.83 -11.95
C PHE HA 302 22.13 30.42 -12.21
N GLU HA 303 22.86 29.67 -13.03
CA GLU HA 303 22.40 28.39 -13.55
C GLU HA 303 23.09 27.25 -12.82
N ASN HA 304 22.45 26.07 -12.87
CA ASN HA 304 23.03 24.87 -12.29
C ASN HA 304 24.27 24.45 -13.07
N ASN HA 305 25.20 23.80 -12.37
CA ASN HA 305 26.58 23.73 -12.86
C ASN HA 305 26.82 22.37 -13.51
N TRP HA 306 26.07 21.34 -13.12
CA TRP HA 306 26.45 19.97 -13.48
C TRP HA 306 26.16 19.65 -14.94
N ILE HA 307 25.11 20.24 -15.52
CA ILE HA 307 24.75 19.92 -16.89
C ILE HA 307 25.57 20.78 -17.85
N MET HA 308 26.07 20.16 -18.91
CA MET HA 308 26.97 20.85 -19.84
C MET HA 308 26.59 20.77 -21.30
N LYS HA 309 25.80 19.78 -21.72
CA LYS HA 309 25.41 19.66 -23.12
C LYS HA 309 23.92 19.45 -23.20
N MET HA 310 23.28 20.10 -24.16
CA MET HA 310 21.87 19.94 -24.40
C MET HA 310 21.63 18.94 -25.52
N ASN HA 311 20.55 18.19 -25.41
CA ASN HA 311 20.24 17.09 -26.31
C ASN HA 311 18.85 17.25 -26.87
N MET HA 312 18.67 16.87 -28.12
CA MET HA 312 17.41 17.06 -28.82
C MET HA 312 17.25 15.97 -29.88
N ASN HA 313 16.02 15.78 -30.33
CA ASN HA 313 15.76 14.90 -31.45
C ASN HA 313 16.21 15.55 -32.75
N SER HA 314 16.33 14.73 -33.80
CA SER HA 314 16.75 15.26 -35.08
C SER HA 314 15.58 15.89 -35.83
N ILE HA 315 14.57 15.08 -36.15
CA ILE HA 315 13.46 15.53 -36.97
C ILE HA 315 12.55 16.48 -36.20
N ASN HA 316 12.40 16.29 -34.88
CA ASN HA 316 11.53 17.14 -34.08
C ASN HA 316 12.12 18.55 -33.92
N TYR HA 317 13.40 18.64 -33.63
CA TYR HA 317 14.07 19.94 -33.58
C TYR HA 317 14.30 20.55 -34.97
N ASN HA 318 14.34 19.73 -36.02
CA ASN HA 318 14.39 20.29 -37.36
C ASN HA 318 13.06 20.92 -37.75
N MET HA 319 11.95 20.26 -37.41
CA MET HA 319 10.62 20.81 -37.69
C MET HA 319 10.26 21.95 -36.74
N TYR HA 320 10.86 21.99 -35.55
CA TYR HA 320 10.60 23.06 -34.59
C TYR HA 320 11.12 24.41 -35.09
N MET HA 321 12.29 24.42 -35.71
CA MET HA 321 12.93 25.67 -36.08
C MET HA 321 12.44 26.23 -37.41
N ILE HA 322 11.72 25.44 -38.19
CA ILE HA 322 11.02 25.98 -39.36
C ILE HA 322 9.91 26.91 -38.89
N MET HA 323 9.15 26.49 -37.88
CA MET HA 323 7.98 27.21 -37.42
C MET HA 323 8.32 28.32 -36.44
N THR HA 324 9.47 28.24 -35.76
CA THR HA 324 9.91 29.33 -34.91
C THR HA 324 10.33 30.53 -35.74
N PHE HA 325 10.88 30.28 -36.93
CA PHE HA 325 11.15 31.36 -37.88
C PHE HA 325 9.87 32.02 -38.35
N PHE HA 326 8.83 31.22 -38.61
CA PHE HA 326 7.57 31.77 -39.07
C PHE HA 326 6.69 32.31 -37.94
N SER HA 327 7.03 32.02 -36.68
CA SER HA 327 6.33 32.63 -35.56
C SER HA 327 6.94 33.96 -35.14
N ILE HA 328 8.06 34.35 -35.74
CA ILE HA 328 8.70 35.63 -35.49
C ILE HA 328 8.61 36.55 -36.70
N PHE HA 329 9.04 36.06 -37.86
CA PHE HA 329 9.06 36.82 -39.10
C PHE HA 329 7.91 36.40 -40.01
N GLY HA 330 6.76 36.10 -39.42
CA GLY HA 330 5.62 35.65 -40.20
C GLY HA 330 4.75 36.74 -40.76
N LEU HA 331 5.00 38.00 -40.40
CA LEU HA 331 4.22 39.10 -40.95
C LEU HA 331 4.74 39.58 -42.30
N PHE HA 332 5.85 39.02 -42.80
CA PHE HA 332 6.28 39.27 -44.16
C PHE HA 332 5.50 38.46 -45.18
N LEU HA 333 4.69 37.51 -44.73
CA LEU HA 333 3.80 36.73 -45.59
C LEU HA 333 2.39 37.31 -45.62
N ILE HA 334 2.24 38.59 -45.27
CA ILE HA 334 0.92 39.22 -45.26
C ILE HA 334 0.43 39.47 -46.68
N SER HA 335 1.35 39.62 -47.65
CA SER HA 335 0.97 39.82 -49.04
C SER HA 335 0.60 38.51 -49.72
N LEU HA 336 1.10 37.38 -49.22
CA LEU HA 336 0.87 36.08 -49.86
C LEU HA 336 -0.54 35.56 -49.60
N PHE HA 337 -1.10 35.88 -48.45
CA PHE HA 337 -2.38 35.33 -48.04
C PHE HA 337 -3.54 35.91 -48.86
N TYR HA 338 -4.52 35.05 -49.18
CA TYR HA 338 -5.69 35.52 -49.91
C TYR HA 338 -7.00 35.04 -49.32
N PHE HA 339 -7.00 34.46 -48.12
CA PHE HA 339 -8.25 34.11 -47.45
C PHE HA 339 -9.08 35.30 -47.01
N MET HA 340 -8.45 36.42 -46.66
CA MET HA 340 -9.11 37.48 -45.91
C MET HA 340 -9.75 38.53 -46.80
N PHE HA 341 -10.05 38.19 -48.05
CA PHE HA 341 -10.67 39.12 -48.97
C PHE HA 341 -12.06 38.63 -49.34
N LEU IA 4 -29.68 -71.54 -18.88
CA LEU IA 4 -28.79 -72.00 -17.82
C LEU IA 4 -28.42 -70.84 -16.90
N ARG IA 5 -27.99 -69.73 -17.49
CA ARG IA 5 -27.62 -68.53 -16.76
C ARG IA 5 -28.52 -67.38 -17.19
N ARG IA 6 -28.88 -66.51 -16.23
CA ARG IA 6 -29.80 -65.42 -16.51
C ARG IA 6 -29.09 -64.32 -17.27
N ASP IA 7 -29.58 -64.01 -18.46
CA ASP IA 7 -29.08 -62.91 -19.27
C ASP IA 7 -30.20 -62.39 -20.15
N VAL IA 8 -29.86 -61.44 -21.02
CA VAL IA 8 -30.82 -60.90 -21.97
C VAL IA 8 -30.89 -61.83 -23.17
N SER IA 9 -31.89 -61.61 -24.04
CA SER IA 9 -32.01 -62.37 -25.27
C SER IA 9 -30.85 -62.01 -26.21
N PRO IA 10 -30.45 -62.92 -27.11
CA PRO IA 10 -29.21 -62.70 -27.90
C PRO IA 10 -29.24 -61.53 -28.89
N LEU IA 11 -30.40 -60.92 -29.16
CA LEU IA 11 -30.41 -59.68 -29.93
C LEU IA 11 -29.80 -58.54 -29.12
N ILE IA 12 -30.21 -58.40 -27.86
CA ILE IA 12 -29.63 -57.39 -26.98
C ILE IA 12 -28.19 -57.76 -26.63
N GLN IA 13 -27.86 -59.06 -26.59
CA GLN IA 13 -26.47 -59.48 -26.42
C GLN IA 13 -25.59 -59.08 -27.60
N ARG IA 14 -26.11 -59.20 -28.83
CA ARG IA 14 -25.35 -58.77 -29.99
C ARG IA 14 -25.25 -57.25 -30.07
N ILE IA 15 -26.30 -56.54 -29.63
CA ILE IA 15 -26.25 -55.08 -29.55
C ILE IA 15 -25.20 -54.62 -28.53
N ARG IA 16 -25.14 -55.29 -27.38
CA ARG IA 16 -24.15 -55.00 -26.35
C ARG IA 16 -22.73 -55.35 -26.82
N ALA IA 17 -22.58 -56.45 -27.57
CA ALA IA 17 -21.27 -56.81 -28.09
C ALA IA 17 -20.81 -55.87 -29.19
N PHE IA 18 -21.75 -55.31 -29.97
CA PHE IA 18 -21.38 -54.31 -30.95
C PHE IA 18 -20.99 -52.99 -30.28
N LEU IA 19 -21.75 -52.58 -29.25
CA LEU IA 19 -21.48 -51.30 -28.60
C LEU IA 19 -20.24 -51.37 -27.70
N LEU IA 20 -19.87 -52.56 -27.22
CA LEU IA 20 -18.68 -52.67 -26.39
C LEU IA 20 -17.41 -52.56 -27.21
N GLY IA 21 -17.46 -52.93 -28.49
CA GLY IA 21 -16.27 -53.01 -29.31
C GLY IA 21 -15.48 -54.29 -29.15
N ARG IA 22 -15.95 -55.22 -28.34
CA ARG IA 22 -15.26 -56.48 -28.11
C ARG IA 22 -16.30 -57.52 -27.72
N GLU IA 23 -15.87 -58.79 -27.74
CA GLU IA 23 -16.73 -59.85 -27.26
C GLU IA 23 -16.85 -59.78 -25.74
N HIS IA 24 -18.05 -60.04 -25.24
CA HIS IA 24 -18.39 -59.80 -23.85
C HIS IA 24 -18.42 -61.10 -23.07
N ASN IA 25 -17.65 -61.15 -21.99
CA ASN IA 25 -17.73 -62.22 -21.00
C ASN IA 25 -18.46 -61.69 -19.78
N LEU IA 26 -19.30 -62.53 -19.18
CA LEU IA 26 -20.19 -62.10 -18.12
C LEU IA 26 -19.41 -61.80 -16.83
N ALA IA 27 -19.53 -60.55 -16.37
CA ALA IA 27 -18.87 -60.15 -15.13
C ALA IA 27 -19.50 -60.80 -13.91
N LEU IA 28 -20.79 -61.09 -13.98
CA LEU IA 28 -21.51 -61.61 -12.83
C LEU IA 28 -21.19 -63.08 -12.61
N ARG IA 29 -20.96 -63.43 -11.35
CA ARG IA 29 -20.63 -64.80 -10.99
C ARG IA 29 -21.87 -65.66 -10.93
N PHE IA 30 -21.69 -66.96 -11.18
CA PHE IA 30 -22.79 -67.92 -11.15
C PHE IA 30 -22.36 -69.15 -10.37
N GLU IA 31 -23.36 -69.97 -10.00
CA GLU IA 31 -23.11 -71.15 -9.20
C GLU IA 31 -22.36 -72.23 -9.98
N ASP IA 32 -22.51 -72.29 -11.29
CA ASP IA 32 -21.81 -73.28 -12.09
C ASP IA 32 -20.33 -72.93 -12.24
N GLY IA 33 -19.99 -71.64 -12.23
CA GLY IA 33 -18.61 -71.24 -12.41
C GLY IA 33 -17.76 -71.26 -11.15
N LEU IA 34 -18.40 -71.27 -9.99
CA LEU IA 34 -17.68 -71.28 -8.72
C LEU IA 34 -17.55 -72.70 -8.17
N ALA IA 35 -16.72 -72.84 -7.14
CA ALA IA 35 -16.55 -74.12 -6.48
C ALA IA 35 -17.68 -74.36 -5.48
N ASP IA 36 -17.72 -75.58 -4.95
CA ASP IA 36 -18.75 -75.95 -4.00
C ASP IA 36 -18.49 -75.30 -2.64
N ARG IA 37 -19.57 -74.97 -1.94
CA ARG IA 37 -19.45 -74.34 -0.63
C ARG IA 37 -19.07 -75.36 0.44
N THR IA 38 -19.56 -76.60 0.33
CA THR IA 38 -19.13 -77.68 1.19
C THR IA 38 -18.05 -78.48 0.48
N GLN IA 39 -16.89 -78.57 1.12
CA GLN IA 39 -15.71 -79.24 0.59
C GLN IA 39 -15.34 -80.38 1.53
N PRO IA 40 -14.63 -81.41 1.04
CA PRO IA 40 -14.12 -82.45 1.93
C PRO IA 40 -13.09 -81.90 2.91
N GLN IA 41 -13.02 -82.55 4.07
CA GLN IA 41 -12.25 -82.05 5.19
C GLN IA 41 -10.75 -82.22 4.92
N PRO IA 42 -9.97 -81.14 4.90
CA PRO IA 42 -8.57 -81.25 4.46
C PRO IA 42 -7.64 -81.69 5.58
N GLU IA 43 -6.45 -82.12 5.16
CA GLU IA 43 -5.37 -82.51 6.07
C GLU IA 43 -4.16 -81.66 5.75
N ILE IA 44 -3.80 -80.77 6.67
CA ILE IA 44 -2.62 -79.90 6.49
C ILE IA 44 -1.37 -80.73 6.74
N PRO IA 45 -0.45 -80.80 5.78
CA PRO IA 45 0.75 -81.61 5.96
C PRO IA 45 1.73 -80.97 6.94
N ASP IA 46 2.55 -81.83 7.55
CA ASP IA 46 3.53 -81.38 8.51
C ASP IA 46 4.70 -80.69 7.80
N GLY IA 47 5.37 -79.80 8.53
CA GLY IA 47 6.50 -79.07 8.03
C GLY IA 47 7.80 -79.83 8.16
N PRO IA 48 8.92 -79.12 8.11
CA PRO IA 48 10.23 -79.80 8.09
C PRO IA 48 10.68 -80.35 9.42
N SER IA 49 10.20 -79.81 10.54
CA SER IA 49 10.69 -80.23 11.85
C SER IA 49 9.60 -80.84 12.74
N HIS IA 50 8.57 -81.45 12.16
CA HIS IA 50 7.66 -82.28 12.94
C HIS IA 50 8.11 -83.73 12.97
N LEU IA 51 9.31 -84.02 12.47
CA LEU IA 51 9.88 -85.34 12.68
C LEU IA 51 10.29 -85.48 14.14
N LEU IA 52 10.05 -86.66 14.71
CA LEU IA 52 10.20 -86.81 16.15
C LEU IA 52 11.59 -87.31 16.52
N SER IA 53 12.34 -87.86 15.56
CA SER IA 53 13.63 -88.47 15.90
C SER IA 53 14.75 -87.43 15.93
N ALA IA 54 15.04 -86.81 14.79
CA ALA IA 54 16.36 -86.21 14.60
C ALA IA 54 16.49 -84.82 15.22
N ASN IA 55 15.39 -84.07 15.30
CA ASN IA 55 15.51 -82.66 15.61
C ASN IA 55 15.65 -82.36 17.11
N TYR IA 56 16.50 -81.38 17.41
CA TYR IA 56 16.63 -80.72 18.71
C TYR IA 56 16.42 -79.24 18.49
N TYR IA 57 16.01 -78.53 19.55
CA TYR IA 57 15.72 -77.11 19.38
C TYR IA 57 16.98 -76.27 19.32
N CYS IA 58 18.10 -76.80 19.85
CA CYS IA 58 19.35 -76.04 19.91
C CYS IA 58 19.94 -75.81 18.53
N GLN IA 59 19.65 -76.70 17.58
CA GLN IA 59 20.06 -76.48 16.20
C GLN IA 59 19.00 -75.72 15.41
N ARG IA 60 17.84 -75.42 15.99
CA ARG IA 60 16.78 -74.72 15.27
C ARG IA 60 16.39 -73.41 15.93
N ASP IA 61 17.15 -72.93 16.91
CA ASP IA 61 16.77 -71.75 17.68
C ASP IA 61 17.33 -70.52 16.99
N GLY IA 62 16.50 -69.84 16.19
CA GLY IA 62 16.91 -68.61 15.56
C GLY IA 62 16.96 -67.42 16.47
N ARG IA 63 16.26 -67.46 17.60
CA ARG IA 63 16.23 -66.34 18.53
C ARG IA 63 17.51 -66.21 19.33
N ARG IA 64 18.25 -67.30 19.51
CA ARG IA 64 19.49 -67.25 20.28
C ARG IA 64 20.73 -67.08 19.42
N GLU IA 65 20.60 -67.19 18.10
CA GLU IA 65 21.76 -67.05 17.22
C GLU IA 65 22.05 -65.60 16.87
N VAL IA 66 21.20 -64.66 17.30
CA VAL IA 66 21.50 -63.25 17.10
C VAL IA 66 22.57 -62.81 18.09
N LEU IA 67 23.22 -61.70 17.78
CA LEU IA 67 24.33 -61.16 18.53
C LEU IA 67 24.14 -59.67 18.71
N PRO IA 68 24.82 -59.05 19.67
CA PRO IA 68 24.89 -57.59 19.70
C PRO IA 68 25.62 -57.06 18.49
N PRO IA 69 25.31 -55.83 18.06
CA PRO IA 69 25.92 -55.29 16.84
C PRO IA 69 27.43 -55.08 16.95
N ILE IA 70 28.11 -55.26 15.83
CA ILE IA 70 29.56 -55.33 15.79
C ILE IA 70 30.12 -53.94 15.55
N ASP IA 71 30.99 -53.48 16.45
CA ASP IA 71 31.74 -52.25 16.22
C ASP IA 71 32.77 -52.50 15.14
N LEU IA 72 32.63 -51.82 14.00
CA LEU IA 72 33.42 -52.16 12.82
C LEU IA 72 34.86 -51.67 12.95
N VAL IA 73 35.06 -50.51 13.59
CA VAL IA 73 36.41 -50.02 13.82
C VAL IA 73 37.15 -50.92 14.82
N GLU IA 74 36.44 -51.37 15.86
CA GLU IA 74 37.02 -52.31 16.81
C GLU IA 74 37.27 -53.67 16.18
N GLN IA 75 36.37 -54.11 15.29
CA GLN IA 75 36.57 -55.38 14.58
C GLN IA 75 37.78 -55.32 13.66
N GLN IA 76 37.96 -54.20 12.95
CA GLN IA 76 39.15 -54.03 12.11
C GLN IA 76 40.42 -53.94 12.95
N LYS IA 77 40.34 -53.28 14.13
CA LYS IA 77 41.48 -53.19 15.02
C LYS IA 77 41.89 -54.56 15.58
N GLN IA 78 40.91 -55.41 15.89
CA GLN IA 78 41.23 -56.74 16.38
C GLN IA 78 41.72 -57.66 15.26
N LEU IA 79 41.14 -57.57 14.07
CA LEU IA 79 41.52 -58.48 12.99
C LEU IA 79 42.71 -58.00 12.16
N ALA IA 80 43.20 -56.78 12.38
CA ALA IA 80 44.40 -56.31 11.70
C ALA IA 80 45.58 -56.16 12.65
N ALA IA 81 45.48 -56.70 13.87
CA ALA IA 81 46.57 -56.61 14.83
C ALA IA 81 46.59 -57.84 15.75
N SER IA 91 43.05 -50.31 -5.96
CA SER IA 91 41.80 -50.87 -5.48
C SER IA 91 40.66 -49.87 -5.64
N LYS IA 92 39.43 -50.38 -5.65
CA LYS IA 92 38.24 -49.54 -5.75
C LYS IA 92 37.79 -49.10 -4.37
N LEU IA 93 37.15 -47.93 -4.32
CA LEU IA 93 36.69 -47.38 -3.05
C LEU IA 93 35.46 -48.13 -2.56
N PRO IA 94 35.25 -48.20 -1.24
CA PRO IA 94 34.10 -48.93 -0.71
C PRO IA 94 32.77 -48.26 -1.03
N THR IA 95 31.83 -49.07 -1.51
CA THR IA 95 30.47 -48.70 -1.87
C THR IA 95 29.49 -49.37 -0.92
N PRO IA 96 28.30 -48.78 -0.71
CA PRO IA 96 27.30 -49.45 0.13
C PRO IA 96 26.71 -50.70 -0.50
N GLY IA 97 26.80 -50.84 -1.81
CA GLY IA 97 26.27 -52.03 -2.47
C GLY IA 97 26.62 -52.05 -3.92
N LYS IA 98 25.94 -52.92 -4.66
CA LYS IA 98 26.11 -52.98 -6.10
C LYS IA 98 25.51 -51.75 -6.76
N VAL IA 99 26.17 -51.29 -7.82
CA VAL IA 99 25.75 -50.06 -8.51
C VAL IA 99 24.54 -50.39 -9.38
N TYR IA 100 23.42 -49.72 -9.10
CA TYR IA 100 22.19 -49.87 -9.88
C TYR IA 100 21.94 -48.58 -10.64
N ALA IA 101 21.66 -48.71 -11.93
CA ALA IA 101 21.39 -47.57 -12.80
C ALA IA 101 19.89 -47.37 -12.88
N TRP IA 102 19.39 -46.33 -12.18
CA TRP IA 102 17.99 -45.95 -12.27
C TRP IA 102 17.75 -44.87 -13.32
N ASP IA 103 18.75 -44.57 -14.14
CA ASP IA 103 18.64 -43.56 -15.18
C ASP IA 103 18.24 -44.17 -16.52
N SER JA 11 3.83 -26.49 -44.45
CA SER JA 11 4.55 -26.34 -43.20
C SER JA 11 3.62 -25.86 -42.08
N LEU JA 12 3.08 -24.66 -42.26
CA LEU JA 12 2.14 -24.11 -41.28
C LEU JA 12 0.76 -24.72 -41.39
N LEU JA 13 0.44 -25.35 -42.52
CA LEU JA 13 -0.85 -26.02 -42.64
C LEU JA 13 -0.90 -27.30 -41.84
N LYS JA 14 0.24 -28.01 -41.73
CA LYS JA 14 0.27 -29.23 -40.94
C LYS JA 14 0.21 -28.94 -39.45
N ARG JA 15 0.84 -27.84 -39.01
CA ARG JA 15 0.75 -27.44 -37.60
C ARG JA 15 -0.67 -27.01 -37.23
N ALA JA 16 -1.33 -26.27 -38.12
CA ALA JA 16 -2.71 -25.86 -37.88
C ALA JA 16 -3.67 -27.03 -37.98
N TRP JA 17 -3.37 -28.00 -38.84
CA TRP JA 17 -4.21 -29.19 -38.97
C TRP JA 17 -3.96 -30.21 -37.87
N ASN JA 18 -2.82 -30.11 -37.17
CA ASN JA 18 -2.56 -30.96 -36.02
C ASN JA 18 -3.09 -30.36 -34.72
N GLU JA 19 -2.89 -29.06 -34.51
CA GLU JA 19 -3.22 -28.47 -33.22
C GLU JA 19 -4.65 -27.92 -33.16
N ILE JA 20 -5.11 -27.26 -34.22
CA ILE JA 20 -6.46 -26.69 -34.28
C ILE JA 20 -7.22 -27.17 -35.52
N PRO JA 21 -7.64 -28.44 -35.55
CA PRO JA 21 -8.26 -28.97 -36.78
C PRO JA 21 -9.66 -28.45 -37.04
N ASP JA 22 -10.40 -28.06 -35.99
CA ASP JA 22 -11.72 -27.48 -36.18
C ASP JA 22 -11.64 -26.11 -36.85
N ILE JA 23 -10.56 -25.37 -36.61
CA ILE JA 23 -10.37 -24.08 -37.29
C ILE JA 23 -10.11 -24.30 -38.77
N VAL JA 24 -9.35 -25.35 -39.12
CA VAL JA 24 -9.08 -25.67 -40.52
C VAL JA 24 -10.35 -26.15 -41.23
N GLY JA 25 -11.15 -26.97 -40.55
CA GLY JA 25 -12.42 -27.40 -41.12
C GLY JA 25 -13.41 -26.26 -41.27
N GLY JA 26 -13.45 -25.35 -40.30
CA GLY JA 26 -14.28 -24.16 -40.42
C GLY JA 26 -13.81 -23.22 -41.51
N SER JA 27 -12.49 -23.11 -41.71
CA SER JA 27 -11.97 -22.27 -42.79
C SER JA 27 -12.30 -22.86 -44.16
N ALA JA 28 -12.27 -24.20 -44.27
CA ALA JA 28 -12.72 -24.85 -45.50
C ALA JA 28 -14.21 -24.64 -45.74
N LEU JA 29 -15.03 -24.72 -44.68
CA LEU JA 29 -16.46 -24.47 -44.79
C LEU JA 29 -16.77 -23.02 -45.15
N ALA JA 30 -16.00 -22.08 -44.59
CA ALA JA 30 -16.20 -20.67 -44.89
C ALA JA 30 -15.73 -20.31 -46.30
N LEU JA 31 -14.66 -20.94 -46.78
CA LEU JA 31 -14.24 -20.73 -48.16
C LEU JA 31 -15.24 -21.31 -49.14
N ALA JA 32 -15.82 -22.48 -48.81
CA ALA JA 32 -16.90 -23.04 -49.63
C ALA JA 32 -18.13 -22.15 -49.61
N GLY JA 33 -18.43 -21.53 -48.45
CA GLY JA 33 -19.53 -20.60 -48.37
C GLY JA 33 -19.29 -19.33 -49.17
N ILE JA 34 -18.06 -18.84 -49.20
CA ILE JA 34 -17.73 -17.66 -50.01
C ILE JA 34 -17.85 -17.97 -51.50
N VAL JA 35 -17.39 -19.15 -51.91
CA VAL JA 35 -17.54 -19.60 -53.31
C VAL JA 35 -19.00 -19.75 -53.69
N MET JA 36 -19.82 -20.33 -52.79
CA MET JA 36 -21.24 -20.50 -53.08
C MET JA 36 -21.98 -19.17 -53.06
N ALA JA 37 -21.54 -18.21 -52.25
CA ALA JA 37 -22.12 -16.87 -52.28
C ALA JA 37 -21.81 -16.15 -53.59
N THR JA 38 -20.58 -16.30 -54.09
CA THR JA 38 -20.22 -15.74 -55.39
C THR JA 38 -21.03 -16.37 -56.52
N ILE JA 39 -21.20 -17.70 -56.47
CA ILE JA 39 -21.99 -18.42 -57.47
C ILE JA 39 -23.46 -18.02 -57.38
N GLY JA 40 -23.99 -17.86 -56.18
CA GLY JA 40 -25.38 -17.44 -56.02
C GLY JA 40 -25.66 -16.03 -56.47
N VAL JA 41 -24.72 -15.10 -56.20
CA VAL JA 41 -24.86 -13.72 -56.65
C VAL JA 41 -24.75 -13.63 -58.18
N ALA JA 42 -23.81 -14.38 -58.77
CA ALA JA 42 -23.67 -14.39 -60.22
C ALA JA 42 -24.85 -15.05 -60.91
N ASN JA 43 -25.43 -16.07 -60.29
CA ASN JA 43 -26.63 -16.70 -60.85
C ASN JA 43 -27.87 -15.82 -60.66
N TYR JA 44 -27.92 -15.05 -59.58
CA TYR JA 44 -29.04 -14.14 -59.35
C TYR JA 44 -29.01 -12.97 -60.33
N TYR JA 45 -27.82 -12.44 -60.61
CA TYR JA 45 -27.70 -11.29 -61.49
C TYR JA 45 -27.46 -11.67 -62.95
N ALA JA 46 -27.27 -12.96 -63.24
CA ALA JA 46 -27.18 -13.38 -64.64
C ALA JA 46 -28.54 -13.28 -65.32
N LYS JA 47 -29.58 -13.78 -64.66
CA LYS JA 47 -30.94 -13.57 -65.10
C LYS JA 47 -31.48 -12.27 -64.50
N ASP JA 48 -32.76 -11.99 -64.75
CA ASP JA 48 -33.39 -10.78 -64.21
C ASP JA 48 -33.88 -11.08 -62.80
N GLY JA 49 -32.93 -11.10 -61.86
CA GLY JA 49 -33.24 -11.42 -60.48
C GLY JA 49 -33.93 -10.32 -59.72
N ASP JA 50 -33.72 -9.06 -60.11
CA ASP JA 50 -34.39 -7.95 -59.45
C ASP JA 50 -35.88 -7.92 -59.76
N ASN JA 51 -36.26 -8.40 -60.93
CA ASN JA 51 -37.66 -8.48 -61.34
C ASN JA 51 -38.14 -9.89 -61.02
N ARG JA 52 -38.62 -10.07 -59.78
CA ARG JA 52 -39.04 -11.37 -59.31
C ARG JA 52 -40.39 -11.74 -59.90
N ARG JA 53 -40.65 -13.06 -59.98
CA ARG JA 53 -41.86 -13.55 -60.64
C ARG JA 53 -43.11 -13.26 -59.81
N TYR JA 54 -43.07 -13.54 -58.52
CA TYR JA 54 -44.18 -13.26 -57.63
C TYR JA 54 -43.84 -12.03 -56.79
N LYS JA 55 -44.75 -11.06 -56.76
CA LYS JA 55 -44.50 -9.78 -56.13
C LYS JA 55 -45.36 -9.62 -54.88
N LEU JA 56 -44.72 -9.14 -53.81
CA LEU JA 56 -45.41 -8.84 -52.57
C LEU JA 56 -46.36 -7.66 -52.75
N GLY JA 57 -47.49 -7.71 -52.07
CA GLY JA 57 -48.51 -6.71 -52.23
C GLY JA 57 -49.34 -6.95 -53.46
N TYR JA 58 -50.25 -6.02 -53.72
CA TYR JA 58 -51.12 -6.06 -54.88
C TYR JA 58 -50.68 -4.93 -55.81
N VAL JA 59 -49.92 -5.27 -56.85
CA VAL JA 59 -49.40 -4.29 -57.79
C VAL JA 59 -50.17 -4.38 -59.11
N VAL JA 60 -50.59 -3.23 -59.61
CA VAL JA 60 -51.26 -3.12 -60.91
C VAL JA 60 -50.50 -2.09 -61.73
N TYR JA 61 -50.18 -2.44 -62.97
CA TYR JA 61 -49.51 -1.54 -63.89
C TYR JA 61 -50.41 -1.24 -65.08
N ARG JA 62 -50.41 0.02 -65.52
CA ARG JA 62 -51.09 0.37 -66.76
C ARG JA 62 -50.28 -0.11 -67.95
N HIS JA 63 -50.91 -0.12 -69.13
CA HIS JA 63 -50.25 -0.64 -70.32
C HIS JA 63 -49.18 0.31 -70.85
N ASP JA 64 -49.30 1.60 -70.57
CA ASP JA 64 -48.31 2.55 -71.07
C ASP JA 64 -47.16 2.72 -70.09
N ASP JA 65 -47.21 2.02 -68.95
CA ASP JA 65 -46.16 2.14 -67.95
C ASP JA 65 -44.90 1.44 -68.42
N PRO JA 66 -43.71 1.99 -68.14
CA PRO JA 66 -42.47 1.29 -68.51
C PRO JA 66 -42.20 0.03 -67.68
N ARG JA 67 -42.89 -0.16 -66.56
CA ARG JA 67 -42.71 -1.37 -65.78
C ARG JA 67 -43.61 -2.49 -66.28
N ALA JA 68 -44.47 -2.20 -67.25
CA ALA JA 68 -45.46 -3.19 -67.70
C ALA JA 68 -44.83 -4.25 -68.60
N LEU JA 69 -43.89 -3.86 -69.47
CA LEU JA 69 -43.32 -4.82 -70.41
C LEU JA 69 -42.21 -5.64 -69.76
N LYS JA 70 -41.81 -5.28 -68.53
CA LYS JA 70 -40.82 -6.07 -67.82
C LYS JA 70 -41.46 -7.23 -67.06
N VAL JA 71 -42.79 -7.31 -67.06
CA VAL JA 71 -43.49 -8.33 -66.28
C VAL JA 71 -43.33 -9.69 -66.94
N ARG JA 72 -42.87 -10.66 -66.15
CA ARG JA 72 -42.62 -12.02 -66.63
C ARG JA 72 -43.94 -12.74 -66.93
N ASN JA 73 -43.85 -13.74 -67.79
CA ASN JA 73 -45.00 -14.57 -68.14
C ASN JA 73 -44.64 -16.05 -68.09
N ASP JA 74 -43.97 -16.47 -67.02
CA ASP JA 74 -43.49 -17.83 -66.90
C ASP JA 74 -44.60 -18.76 -66.42
N GLU JA 75 -44.26 -20.02 -66.22
CA GLU JA 75 -45.20 -21.05 -65.80
C GLU JA 75 -44.87 -21.52 -64.39
N ASP JA 76 -45.90 -21.67 -63.57
CA ASP JA 76 -45.73 -22.15 -62.20
C ASP JA 76 -45.57 -23.66 -62.15
N MET KA 1 -48.58 21.99 -23.17
CA MET KA 1 -49.50 20.94 -22.79
C MET KA 1 -49.19 19.66 -23.56
N ILE KA 2 -48.97 19.80 -24.86
CA ILE KA 2 -48.66 18.65 -25.71
C ILE KA 2 -47.27 18.11 -25.40
N MET KA 3 -46.33 19.03 -25.16
CA MET KA 3 -45.02 18.64 -24.62
C MET KA 3 -45.12 18.11 -23.20
N ILE KA 4 -46.19 18.43 -22.47
CA ILE KA 4 -46.36 17.95 -21.10
C ILE KA 4 -47.02 16.56 -21.09
N LEU KA 5 -48.04 16.36 -21.91
CA LEU KA 5 -48.74 15.07 -21.91
C LEU KA 5 -47.93 13.97 -22.58
N TYR KA 6 -47.10 14.30 -23.56
CA TYR KA 6 -46.26 13.33 -24.24
C TYR KA 6 -44.81 13.73 -24.08
N TRP KA 7 -43.97 12.74 -23.76
CA TRP KA 7 -42.51 12.78 -23.63
C TRP KA 7 -41.98 13.78 -22.60
N SER KA 8 -42.82 14.32 -21.71
CA SER KA 8 -42.29 15.12 -20.61
C SER KA 8 -41.68 14.26 -19.53
N LEU KA 9 -42.20 13.04 -19.38
CA LEU KA 9 -41.69 12.10 -18.37
C LEU KA 9 -40.22 11.71 -18.55
N PRO KA 10 -39.73 11.27 -19.73
CA PRO KA 10 -38.31 10.86 -19.79
C PRO KA 10 -37.32 12.02 -19.68
N MET KA 11 -37.74 13.27 -19.89
CA MET KA 11 -36.89 14.40 -19.52
C MET KA 11 -36.67 14.46 -18.02
N ILE KA 12 -37.74 14.23 -17.25
CA ILE KA 12 -37.63 14.23 -15.79
C ILE KA 12 -36.78 13.05 -15.31
N LEU KA 13 -36.97 11.89 -15.92
CA LEU KA 13 -36.16 10.73 -15.53
C LEU KA 13 -34.71 10.86 -15.98
N PHE KA 14 -34.45 11.54 -17.11
CA PHE KA 14 -33.09 11.82 -17.51
C PHE KA 14 -32.43 12.83 -16.60
N ILE KA 15 -33.18 13.82 -16.10
CA ILE KA 15 -32.66 14.77 -15.13
C ILE KA 15 -32.34 14.07 -13.80
N LEU KA 16 -33.20 13.13 -13.38
CA LEU KA 16 -32.93 12.34 -12.18
C LEU KA 16 -31.73 11.44 -12.37
N GLY KA 17 -31.54 10.88 -13.57
CA GLY KA 17 -30.35 10.10 -13.85
C GLY KA 17 -29.09 10.93 -13.89
N LEU KA 18 -29.19 12.16 -14.39
CA LEU KA 18 -28.04 13.07 -14.38
C LEU KA 18 -27.67 13.47 -12.96
N PHE KA 19 -28.67 13.66 -12.09
CA PHE KA 19 -28.41 13.97 -10.70
C PHE KA 19 -27.86 12.75 -9.95
N CYS KA 20 -28.24 11.55 -10.39
CA CYS KA 20 -27.63 10.34 -9.83
C CYS KA 20 -26.20 10.15 -10.32
N PHE KA 21 -25.89 10.65 -11.52
CA PHE KA 21 -24.54 10.52 -12.06
C PHE KA 21 -23.56 11.44 -11.35
N VAL KA 22 -24.00 12.60 -10.89
CA VAL KA 22 -23.12 13.62 -10.33
C VAL KA 22 -23.21 13.70 -8.82
N SER KA 23 -23.99 12.83 -8.18
CA SER KA 23 -24.11 12.84 -6.73
C SER KA 23 -22.84 12.32 -6.08
N ASN KA 24 -22.63 12.74 -4.83
CA ASN KA 24 -21.42 12.38 -4.10
C ASN KA 24 -21.52 10.92 -3.67
N ARG KA 25 -20.98 10.03 -4.49
CA ARG KA 25 -20.95 8.61 -4.20
C ARG KA 25 -19.51 8.17 -3.95
N LYS KA 26 -19.36 7.09 -3.19
CA LYS KA 26 -18.05 6.62 -2.79
C LYS KA 26 -17.31 5.92 -3.93
N HIS KA 27 -18.02 5.29 -4.87
CA HIS KA 27 -17.40 4.44 -5.87
C HIS KA 27 -17.76 4.90 -7.28
N LEU KA 28 -16.87 4.56 -8.22
CA LEU KA 28 -17.02 4.87 -9.63
C LEU KA 28 -18.06 3.98 -10.31
N LEU KA 29 -18.28 2.78 -9.77
CA LEU KA 29 -19.16 1.82 -10.43
C LEU KA 29 -20.63 2.21 -10.27
N SER KA 30 -20.94 2.97 -9.21
CA SER KA 30 -22.26 3.59 -9.10
C SER KA 30 -22.48 4.64 -10.19
N MET KA 31 -21.44 5.39 -10.55
CA MET KA 31 -21.54 6.31 -11.67
C MET KA 31 -21.67 5.58 -13.00
N LEU KA 32 -21.03 4.42 -13.13
CA LEU KA 32 -21.21 3.58 -14.31
C LEU KA 32 -22.65 3.06 -14.42
N LEU KA 33 -23.25 2.70 -13.28
CA LEU KA 33 -24.65 2.27 -13.29
C LEU KA 33 -25.60 3.43 -13.60
N SER KA 34 -25.27 4.63 -13.12
CA SER KA 34 -26.05 5.81 -13.48
C SER KA 34 -25.91 6.15 -14.95
N LEU KA 35 -24.73 5.88 -15.53
CA LEU KA 35 -24.55 5.96 -16.98
C LEU KA 35 -25.45 4.98 -17.71
N GLU KA 36 -25.57 3.75 -17.19
CA GLU KA 36 -26.47 2.78 -17.82
C GLU KA 36 -27.94 3.23 -17.74
N PHE KA 37 -28.32 3.88 -16.64
CA PHE KA 37 -29.67 4.41 -16.51
C PHE KA 37 -29.92 5.56 -17.50
N ILE KA 38 -28.94 6.46 -17.68
CA ILE KA 38 -29.19 7.54 -18.65
C ILE KA 38 -29.10 7.05 -20.09
N VAL KA 39 -28.38 5.94 -20.36
CA VAL KA 39 -28.51 5.23 -21.63
C VAL KA 39 -29.94 4.72 -21.84
N LEU KA 40 -30.54 4.16 -20.78
CA LEU KA 40 -31.92 3.67 -20.87
C LEU KA 40 -32.91 4.79 -21.18
N MET KA 41 -32.75 5.94 -20.53
CA MET KA 41 -33.72 7.02 -20.77
C MET KA 41 -33.47 7.74 -22.09
N LEU KA 42 -32.20 7.84 -22.53
CA LEU KA 42 -31.92 8.32 -23.88
C LEU KA 42 -32.46 7.36 -24.94
N PHE KA 43 -32.46 6.06 -24.66
CA PHE KA 43 -33.08 5.07 -25.53
C PHE KA 43 -34.59 5.29 -25.61
N PHE KA 44 -35.21 5.61 -24.48
CA PHE KA 44 -36.64 5.92 -24.44
C PHE KA 44 -36.99 7.13 -25.31
N MET KA 45 -36.23 8.22 -25.16
CA MET KA 45 -36.53 9.45 -25.89
C MET KA 45 -36.21 9.32 -27.38
N LEU KA 46 -35.06 8.70 -27.72
CA LEU KA 46 -34.73 8.41 -29.10
C LEU KA 46 -35.71 7.44 -29.73
N PHE KA 47 -36.29 6.54 -28.94
CA PHE KA 47 -37.24 5.58 -29.46
C PHE KA 47 -38.58 6.24 -29.74
N ILE KA 48 -38.96 7.23 -28.92
CA ILE KA 48 -40.15 8.05 -29.20
C ILE KA 48 -39.97 8.83 -30.50
N TYR KA 49 -38.78 9.43 -30.70
CA TYR KA 49 -38.51 10.15 -31.95
C TYR KA 49 -38.49 9.23 -33.16
N LEU KA 50 -37.83 8.07 -33.05
CA LEU KA 50 -37.76 7.16 -34.19
C LEU KA 50 -39.05 6.39 -34.43
N ASN KA 51 -40.00 6.43 -33.49
CA ASN KA 51 -41.30 5.82 -33.74
C ASN KA 51 -42.38 6.82 -34.11
N MET KA 52 -42.12 8.13 -34.04
CA MET KA 52 -42.99 9.03 -34.79
C MET KA 52 -42.83 8.77 -36.29
N LEU KA 53 -41.60 8.62 -36.74
CA LEU KA 53 -41.30 8.25 -38.12
C LEU KA 53 -41.54 6.75 -38.26
N ASN KA 54 -41.84 6.30 -39.49
CA ASN KA 54 -42.34 4.94 -39.67
C ASN KA 54 -41.22 3.91 -39.60
N TYR KA 55 -40.31 3.93 -40.56
CA TYR KA 55 -39.34 2.85 -40.76
C TYR KA 55 -37.91 3.28 -40.52
N GLU KA 56 -37.70 4.19 -39.57
CA GLU KA 56 -36.37 4.66 -39.23
C GLU KA 56 -35.93 4.20 -37.85
N SER KA 57 -36.42 3.04 -37.40
CA SER KA 57 -36.05 2.53 -36.08
C SER KA 57 -34.78 1.70 -36.14
N TYR KA 58 -34.15 1.59 -37.32
CA TYR KA 58 -32.90 0.87 -37.46
C TYR KA 58 -31.75 1.59 -36.76
N PHE KA 59 -31.89 2.90 -36.56
CA PHE KA 59 -30.88 3.72 -35.90
C PHE KA 59 -30.77 3.39 -34.41
N SER KA 60 -31.85 2.83 -33.85
CA SER KA 60 -31.92 2.54 -32.42
C SER KA 60 -30.93 1.47 -31.98
N MET KA 61 -30.42 0.62 -32.88
CA MET KA 61 -29.31 -0.27 -32.56
C MET KA 61 -27.96 0.39 -32.60
N MET KA 62 -27.77 1.43 -33.43
CA MET KA 62 -26.47 2.10 -33.49
C MET KA 62 -26.18 2.84 -32.19
N PHE KA 63 -27.20 3.50 -31.63
CA PHE KA 63 -27.07 4.18 -30.33
C PHE KA 63 -26.73 3.19 -29.23
N LEU KA 64 -27.31 1.98 -29.30
CA LEU KA 64 -26.95 0.91 -28.38
C LEU KA 64 -25.48 0.52 -28.51
N THR KA 65 -24.96 0.51 -29.74
CA THR KA 65 -23.57 0.11 -29.94
C THR KA 65 -22.60 1.15 -29.43
N PHE KA 66 -22.88 2.44 -29.70
CA PHE KA 66 -22.02 3.50 -29.18
C PHE KA 66 -22.12 3.63 -27.66
N SER KA 67 -23.29 3.31 -27.09
CA SER KA 67 -23.44 3.34 -25.64
C SER KA 67 -22.73 2.17 -24.96
N VAL KA 68 -22.77 0.98 -25.57
CA VAL KA 68 -22.06 -0.16 -25.01
C VAL KA 68 -20.55 0.06 -25.11
N CYS KA 69 -20.08 0.69 -26.18
CA CYS KA 69 -18.66 1.00 -26.26
C CYS KA 69 -18.27 2.11 -25.28
N GLU KA 70 -19.19 3.03 -24.95
CA GLU KA 70 -18.98 3.94 -23.84
C GLU KA 70 -18.85 3.21 -22.50
N GLY KA 71 -19.73 2.23 -22.28
CA GLY KA 71 -19.66 1.44 -21.04
C GLY KA 71 -18.42 0.58 -20.95
N ALA KA 72 -17.97 0.06 -22.10
CA ALA KA 72 -16.73 -0.70 -22.15
C ALA KA 72 -15.52 0.19 -21.90
N LEU KA 73 -15.56 1.43 -22.40
CA LEU KA 73 -14.52 2.41 -22.08
C LEU KA 73 -14.49 2.73 -20.59
N GLY KA 74 -15.67 2.88 -19.98
CA GLY KA 74 -15.72 3.12 -18.54
C GLY KA 74 -15.24 1.94 -17.72
N LEU KA 75 -15.56 0.73 -18.18
CA LEU KA 75 -15.10 -0.47 -17.48
C LEU KA 75 -13.60 -0.66 -17.60
N SER KA 76 -13.02 -0.31 -18.76
CA SER KA 76 -11.58 -0.39 -18.93
C SER KA 76 -10.85 0.73 -18.18
N ILE KA 77 -11.50 1.88 -18.01
CA ILE KA 77 -10.94 2.92 -17.14
C ILE KA 77 -10.96 2.44 -15.69
N LEU KA 78 -12.02 1.74 -15.30
CA LEU KA 78 -12.10 1.14 -13.96
C LEU KA 78 -11.05 0.06 -13.74
N VAL KA 79 -10.67 -0.66 -14.80
CA VAL KA 79 -9.54 -1.59 -14.69
C VAL KA 79 -8.23 -0.82 -14.55
N SER KA 80 -8.07 0.27 -15.32
CA SER KA 80 -6.84 1.04 -15.31
C SER KA 80 -6.63 1.84 -14.03
N MET KA 81 -7.69 2.01 -13.22
CA MET KA 81 -7.51 2.56 -11.88
C MET KA 81 -6.73 1.60 -10.98
N ILE KA 82 -6.94 0.30 -11.16
CA ILE KA 82 -6.27 -0.72 -10.36
C ILE KA 82 -4.80 -0.85 -10.76
N ARG KA 83 -4.45 -0.46 -11.99
CA ARG KA 83 -3.06 -0.48 -12.42
C ARG KA 83 -2.23 0.60 -11.70
N THR KA 84 -2.87 1.67 -11.24
CA THR KA 84 -2.18 2.75 -10.55
C THR KA 84 -2.54 2.88 -9.08
N HIS KA 85 -3.82 2.76 -8.74
CA HIS KA 85 -4.27 2.81 -7.36
C HIS KA 85 -4.67 1.42 -6.91
N GLY KA 86 -4.98 1.30 -5.62
CA GLY KA 86 -5.51 0.05 -5.12
C GLY KA 86 -7.01 0.02 -4.93
N ASN KA 87 -7.71 1.00 -5.48
CA ASN KA 87 -9.09 1.27 -5.09
C ASN KA 87 -9.80 2.03 -6.19
N ASP KA 88 -11.12 2.17 -6.06
CA ASP KA 88 -11.91 3.04 -6.92
C ASP KA 88 -12.61 4.15 -6.14
N TYR KA 89 -12.04 4.55 -5.01
CA TYR KA 89 -12.61 5.66 -4.26
C TYR KA 89 -12.38 6.96 -5.03
N PHE KA 90 -13.43 7.75 -5.20
CA PHE KA 90 -13.29 9.03 -5.87
C PHE KA 90 -12.58 10.05 -5.00
N GLN KA 91 -12.57 9.86 -3.69
CA GLN KA 91 -11.76 10.70 -2.81
C GLN KA 91 -10.29 10.37 -2.92
N SER KA 92 -9.95 9.12 -3.29
CA SER KA 92 -8.57 8.69 -3.40
C SER KA 92 -7.87 9.22 -4.65
N PHE KA 93 -8.61 9.66 -5.66
CA PHE KA 93 -8.01 10.21 -6.85
C PHE KA 93 -7.53 11.64 -6.60
N SER KA 94 -6.65 12.12 -7.46
CA SER KA 94 -6.09 13.45 -7.32
C SER KA 94 -7.11 14.51 -7.73
N ILE KA 95 -7.31 15.50 -6.85
CA ILE KA 95 -8.23 16.60 -7.16
C ILE KA 95 -7.60 17.62 -8.11
N MET KA 96 -6.30 17.54 -8.33
CA MET KA 96 -5.62 18.45 -9.25
C MET KA 96 -4.55 17.71 -10.05
N MET LA 1 -54.30 1.32 -19.74
CA MET LA 1 -54.21 1.07 -18.31
C MET LA 1 -52.85 0.51 -17.94
N ILE LA 2 -52.34 -0.40 -18.78
CA ILE LA 2 -51.03 -1.00 -18.54
C ILE LA 2 -49.92 0.01 -18.76
N GLN LA 3 -50.10 0.91 -19.73
CA GLN LA 3 -49.09 1.94 -20.01
C GLN LA 3 -48.97 2.93 -18.87
N LEU LA 4 -50.09 3.32 -18.26
CA LEU LA 4 -50.05 4.20 -17.09
C LEU LA 4 -49.48 3.50 -15.88
N MET LA 5 -49.73 2.19 -15.75
CA MET LA 5 -49.12 1.40 -14.69
C MET LA 5 -47.60 1.32 -14.86
N LEU LA 6 -47.13 1.20 -16.12
CA LEU LA 6 -45.71 1.20 -16.39
C LEU LA 6 -45.08 2.57 -16.14
N TYR LA 7 -45.84 3.65 -16.42
CA TYR LA 7 -45.43 5.00 -16.05
C TYR LA 7 -45.21 5.12 -14.54
N SER LA 8 -46.18 4.66 -13.75
CA SER LA 8 -46.10 4.75 -12.30
C SER LA 8 -44.97 3.90 -11.74
N LEU LA 9 -44.77 2.70 -12.29
CA LEU LA 9 -43.69 1.83 -11.84
C LEU LA 9 -42.32 2.39 -12.21
N ILE LA 10 -42.20 3.02 -13.38
CA ILE LA 10 -40.94 3.62 -13.80
C ILE LA 10 -40.62 4.85 -12.95
N ILE LA 11 -41.64 5.63 -12.58
CA ILE LA 11 -41.45 6.79 -11.70
C ILE LA 11 -41.00 6.35 -10.31
N THR LA 12 -41.65 5.31 -9.77
CA THR LA 12 -41.31 4.82 -8.43
C THR LA 12 -39.91 4.20 -8.39
N THR LA 13 -39.56 3.42 -9.42
CA THR LA 13 -38.21 2.86 -9.48
C THR LA 13 -37.15 3.91 -9.78
N SER LA 14 -37.52 5.02 -10.43
CA SER LA 14 -36.55 6.11 -10.61
C SER LA 14 -36.30 6.86 -9.31
N ILE LA 15 -37.34 7.03 -8.48
CA ILE LA 15 -37.16 7.60 -7.14
C ILE LA 15 -36.28 6.69 -6.29
N ILE LA 16 -36.50 5.37 -6.40
CA ILE LA 16 -35.68 4.39 -5.67
C ILE LA 16 -34.23 4.42 -6.16
N PHE LA 17 -34.03 4.48 -7.49
CA PHE LA 17 -32.69 4.54 -8.08
C PHE LA 17 -31.96 5.83 -7.71
N LEU LA 18 -32.66 6.93 -7.51
CA LEU LA 18 -31.89 8.16 -7.20
C LEU LA 18 -31.40 8.08 -5.76
N ASN LA 19 -32.07 7.30 -4.91
CA ASN LA 19 -31.74 7.27 -3.46
C ASN LA 19 -30.89 6.06 -3.02
N MET LA 20 -30.35 5.21 -3.91
CA MET LA 20 -29.62 4.03 -3.39
C MET LA 20 -28.10 4.19 -3.43
N ILE LA 21 -27.45 4.22 -2.26
CA ILE LA 21 -25.95 4.23 -2.18
C ILE LA 21 -25.30 2.93 -2.67
N HIS LA 22 -25.85 1.76 -2.32
CA HIS LA 22 -25.16 0.47 -2.60
C HIS LA 22 -25.28 0.05 -4.06
N PRO LA 23 -24.17 -0.37 -4.73
CA PRO LA 23 -24.20 -0.72 -6.17
C PRO LA 23 -25.14 -1.85 -6.52
N LEU LA 24 -25.40 -2.77 -5.60
CA LEU LA 24 -26.31 -3.87 -5.91
C LEU LA 24 -27.77 -3.43 -5.86
N ALA LA 25 -28.09 -2.47 -5.00
CA ALA LA 25 -29.41 -1.85 -5.03
C ALA LA 25 -29.64 -1.13 -6.35
N LEU LA 26 -28.61 -0.44 -6.85
CA LEU LA 26 -28.69 0.19 -8.17
C LEU LA 26 -28.82 -0.84 -9.28
N GLY LA 27 -28.14 -1.98 -9.14
CA GLY LA 27 -28.23 -3.03 -10.14
C GLY LA 27 -29.61 -3.67 -10.21
N LEU LA 28 -30.21 -3.98 -9.05
CA LEU LA 28 -31.54 -4.57 -9.03
C LEU LA 28 -32.60 -3.55 -9.47
N THR LA 29 -32.42 -2.29 -9.06
CA THR LA 29 -33.33 -1.24 -9.47
C THR LA 29 -33.27 -1.00 -10.97
N LEU LA 30 -32.07 -1.11 -11.57
CA LEU LA 30 -32.01 -0.91 -13.00
C LEU LA 30 -32.39 -2.19 -13.75
N LEU LA 31 -32.35 -3.35 -13.08
CA LEU LA 31 -32.97 -4.56 -13.64
C LEU LA 31 -34.47 -4.39 -13.83
N ILE LA 32 -35.17 -3.96 -12.77
CA ILE LA 32 -36.61 -3.79 -12.92
C ILE LA 32 -36.93 -2.57 -13.78
N GLN LA 33 -36.04 -1.57 -13.79
CA GLN LA 33 -36.19 -0.43 -14.69
C GLN LA 33 -36.06 -0.83 -16.16
N THR LA 34 -35.08 -1.68 -16.50
CA THR LA 34 -34.96 -2.08 -17.89
C THR LA 34 -36.03 -3.07 -18.29
N ILE LA 35 -36.61 -3.83 -17.33
CA ILE LA 35 -37.78 -4.65 -17.65
C ILE LA 35 -38.97 -3.77 -18.01
N PHE LA 36 -39.24 -2.73 -17.20
CA PHE LA 36 -40.38 -1.87 -17.47
C PHE LA 36 -40.16 -0.99 -18.69
N VAL LA 37 -38.92 -0.56 -18.94
CA VAL LA 37 -38.60 0.24 -20.12
C VAL LA 37 -38.70 -0.61 -21.38
N CYS LA 38 -38.29 -1.88 -21.32
CA CYS LA 38 -38.44 -2.80 -22.45
C CYS LA 38 -39.90 -3.03 -22.78
N LEU LA 39 -40.75 -3.22 -21.78
CA LEU LA 39 -42.17 -3.39 -22.11
C LEU LA 39 -42.72 -2.07 -22.70
N LEU LA 40 -42.41 -0.92 -22.11
CA LEU LA 40 -42.99 0.37 -22.59
C LEU LA 40 -42.55 0.66 -24.03
N THR LA 41 -41.29 0.40 -24.38
CA THR LA 41 -40.75 0.67 -25.74
C THR LA 41 -41.52 -0.21 -26.73
N GLY LA 42 -41.86 -1.42 -26.33
CA GLY LA 42 -42.59 -2.35 -27.20
C GLY LA 42 -43.93 -1.78 -27.58
N LEU LA 43 -44.59 -1.07 -26.66
CA LEU LA 43 -45.95 -0.56 -26.92
C LEU LA 43 -45.91 0.37 -28.13
N MET LA 44 -44.86 1.17 -28.27
CA MET LA 44 -44.77 2.17 -29.38
C MET LA 44 -44.53 1.56 -30.77
N THR LA 45 -43.78 0.46 -30.92
CA THR LA 45 -43.48 -0.01 -32.26
C THR LA 45 -44.47 -1.11 -32.67
N LYS LA 46 -44.66 -1.24 -34.00
CA LYS LA 46 -45.50 -2.28 -34.57
C LYS LA 46 -45.03 -3.68 -34.17
N SER LA 47 -43.72 -3.88 -34.09
CA SER LA 47 -43.16 -5.17 -33.68
C SER LA 47 -42.38 -4.99 -32.38
N PHE LA 48 -41.96 -6.11 -31.81
CA PHE LA 48 -41.41 -6.15 -30.46
C PHE LA 48 -39.92 -6.49 -30.48
N TRP LA 49 -39.23 -6.05 -31.53
CA TRP LA 49 -37.85 -6.50 -31.77
C TRP LA 49 -36.86 -5.77 -30.87
N TYR LA 50 -36.94 -4.44 -30.84
CA TYR LA 50 -35.92 -3.63 -30.19
C TYR LA 50 -35.99 -3.72 -28.67
N SER LA 51 -37.15 -4.07 -28.11
CA SER LA 51 -37.23 -4.40 -26.69
C SER LA 51 -36.41 -5.63 -26.36
N TYR LA 52 -36.50 -6.66 -27.21
CA TYR LA 52 -35.71 -7.87 -27.03
C TYR LA 52 -34.22 -7.59 -27.19
N ILE LA 53 -33.87 -6.77 -28.20
CA ILE LA 53 -32.48 -6.40 -28.42
C ILE LA 53 -31.91 -5.61 -27.25
N LEU LA 54 -32.67 -4.64 -26.73
CA LEU LA 54 -32.26 -3.86 -25.57
C LEU LA 54 -32.15 -4.71 -24.32
N PHE LA 55 -32.97 -5.76 -24.21
CA PHE LA 55 -32.88 -6.64 -23.05
C PHE LA 55 -31.62 -7.53 -23.11
N LEU LA 56 -31.28 -8.05 -24.29
CA LEU LA 56 -29.99 -8.75 -24.44
C LEU LA 56 -28.80 -7.83 -24.19
N ILE LA 57 -28.88 -6.57 -24.64
CA ILE LA 57 -27.82 -5.61 -24.38
C ILE LA 57 -27.68 -5.32 -22.88
N PHE LA 58 -28.77 -5.03 -22.21
CA PHE LA 58 -28.66 -4.64 -20.80
C PHE LA 58 -28.62 -5.82 -19.85
N LEU LA 59 -28.73 -7.05 -20.36
CA LEU LA 59 -28.34 -8.20 -19.56
C LEU LA 59 -26.94 -8.70 -19.87
N GLY LA 60 -26.38 -8.33 -21.03
CA GLY LA 60 -24.98 -8.60 -21.28
C GLY LA 60 -24.04 -7.61 -20.63
N GLY LA 61 -24.55 -6.46 -20.19
CA GLY LA 61 -23.72 -5.41 -19.63
C GLY LA 61 -23.53 -5.51 -18.12
N MET LA 62 -24.62 -5.72 -17.40
CA MET LA 62 -24.59 -5.80 -15.95
C MET LA 62 -24.15 -7.16 -15.44
N LEU LA 63 -24.04 -8.14 -16.34
CA LEU LA 63 -23.41 -9.41 -15.99
C LEU LA 63 -21.94 -9.21 -15.65
N VAL LA 64 -21.29 -8.30 -16.39
CA VAL LA 64 -19.90 -7.92 -16.15
C VAL LA 64 -19.80 -7.03 -14.91
N LEU LA 65 -20.78 -6.14 -14.73
CA LEU LA 65 -20.75 -5.16 -13.64
C LEU LA 65 -20.88 -5.80 -12.28
N PHE LA 66 -21.52 -6.97 -12.19
CA PHE LA 66 -21.56 -7.68 -10.91
C PHE LA 66 -20.20 -8.26 -10.57
N ILE LA 67 -19.42 -8.68 -11.56
CA ILE LA 67 -18.07 -9.15 -11.29
C ILE LA 67 -17.22 -8.00 -10.78
N TYR LA 68 -17.40 -6.81 -11.36
CA TYR LA 68 -16.74 -5.65 -10.76
C TYR LA 68 -17.32 -5.23 -9.42
N VAL LA 69 -18.58 -5.54 -9.11
CA VAL LA 69 -19.09 -5.36 -7.74
C VAL LA 69 -18.36 -6.29 -6.77
N THR LA 70 -18.23 -7.57 -7.13
CA THR LA 70 -17.56 -8.52 -6.25
C THR LA 70 -16.05 -8.32 -6.19
N SER LA 71 -15.47 -7.60 -7.16
CA SER LA 71 -14.05 -7.32 -7.11
C SER LA 71 -13.74 -5.97 -6.47
N LEU LA 72 -14.65 -5.00 -6.58
CA LEU LA 72 -14.46 -3.66 -6.05
C LEU LA 72 -15.78 -3.22 -5.45
N ALA LA 73 -15.74 -2.76 -4.19
CA ALA LA 73 -16.91 -2.55 -3.32
C ALA LA 73 -17.75 -3.83 -3.20
N SER LA 74 -17.09 -4.91 -2.78
CA SER LA 74 -17.83 -6.11 -2.39
C SER LA 74 -18.40 -5.97 -0.99
N ASN LA 75 -17.71 -5.26 -0.10
CA ASN LA 75 -18.10 -5.12 1.30
C ASN LA 75 -18.62 -3.70 1.52
N GLU LA 76 -19.95 -3.55 1.52
CA GLU LA 76 -20.57 -2.26 1.78
C GLU LA 76 -21.95 -2.51 2.38
N MET LA 77 -22.33 -1.67 3.33
CA MET LA 77 -23.49 -1.91 4.19
C MET LA 77 -24.78 -1.44 3.51
N PHE LA 78 -25.79 -2.31 3.51
CA PHE LA 78 -27.14 -1.91 3.12
C PHE LA 78 -27.82 -1.20 4.27
N ASN LA 79 -28.58 -0.16 3.93
CA ASN LA 79 -29.32 0.63 4.93
C ASN LA 79 -30.76 0.83 4.44
N LEU LA 80 -31.67 0.00 4.93
CA LEU LA 80 -33.09 0.21 4.65
C LEU LA 80 -33.60 1.40 5.45
N SER LA 81 -34.45 2.20 4.83
CA SER LA 81 -35.04 3.38 5.47
C SER LA 81 -36.55 3.31 5.32
N MET LA 82 -37.26 3.58 6.44
CA MET LA 82 -38.72 3.54 6.41
C MET LA 82 -39.31 4.72 5.64
N LYS LA 83 -38.59 5.84 5.59
CA LYS LA 83 -39.07 7.02 4.88
C LYS LA 83 -39.17 6.77 3.38
N LEU LA 84 -38.18 6.08 2.80
CA LEU LA 84 -38.20 5.78 1.37
C LEU LA 84 -39.30 4.77 1.02
N THR LA 85 -39.51 3.76 1.88
CA THR LA 85 -40.58 2.79 1.66
C THR LA 85 -41.95 3.44 1.76
N LEU LA 86 -42.15 4.32 2.75
CA LEU LA 86 -43.42 5.03 2.89
C LEU LA 86 -43.66 5.99 1.73
N PHE LA 87 -42.61 6.69 1.29
CA PHE LA 87 -42.71 7.62 0.17
C PHE LA 87 -43.03 6.89 -1.13
N SER LA 88 -42.34 5.78 -1.39
CA SER LA 88 -42.57 5.00 -2.61
C SER LA 88 -43.95 4.36 -2.61
N SER LA 89 -44.40 3.86 -1.45
CA SER LA 89 -45.73 3.25 -1.35
C SER LA 89 -46.83 4.29 -1.54
N LEU LA 90 -46.68 5.47 -0.91
CA LEU LA 90 -47.71 6.52 -1.04
C LEU LA 90 -47.77 7.07 -2.45
N ILE LA 91 -46.62 7.30 -3.08
CA ILE LA 91 -46.57 7.78 -4.47
C ILE LA 91 -47.10 6.72 -5.43
N LEU LA 92 -46.83 5.43 -5.16
CA LEU LA 92 -47.30 4.37 -6.04
C LEU LA 92 -48.81 4.20 -5.97
N ILE LA 93 -49.38 4.18 -4.76
CA ILE LA 93 -50.84 4.08 -4.62
C ILE LA 93 -51.53 5.34 -5.15
N PHE LA 94 -50.91 6.52 -4.97
CA PHE LA 94 -51.47 7.76 -5.51
C PHE LA 94 -51.48 7.76 -7.03
N MET LA 95 -50.42 7.26 -7.67
CA MET LA 95 -50.41 7.23 -9.13
C MET LA 95 -51.27 6.10 -9.71
N LEU LA 96 -51.45 4.98 -9.00
CA LEU LA 96 -52.44 4.00 -9.46
C LEU LA 96 -53.87 4.53 -9.34
N ILE LA 97 -54.17 5.30 -8.28
CA ILE LA 97 -55.48 5.94 -8.16
C ILE LA 97 -55.67 6.98 -9.25
N LEU LA 98 -54.65 7.81 -9.50
CA LEU LA 98 -54.70 8.83 -10.53
C LEU LA 98 -54.79 8.25 -11.93
N SER LA 99 -54.16 7.10 -12.17
CA SER LA 99 -54.29 6.42 -13.45
C SER LA 99 -55.63 5.74 -13.61
N PHE LA 100 -56.23 5.29 -12.50
CA PHE LA 100 -57.56 4.70 -12.57
C PHE LA 100 -58.63 5.75 -12.84
N ILE LA 101 -58.46 6.97 -12.33
CA ILE LA 101 -59.48 8.00 -12.51
C ILE LA 101 -59.20 8.86 -13.75
N MET LA 102 -58.21 8.47 -14.54
CA MET LA 102 -57.84 9.22 -15.73
C MET LA 102 -58.49 8.63 -16.98
N ASP LA 103 -58.76 9.51 -17.95
CA ASP LA 103 -59.16 9.05 -19.27
C ASP LA 103 -57.94 8.50 -20.00
N LYS LA 104 -58.01 7.25 -20.42
CA LYS LA 104 -56.85 6.57 -21.00
C LYS LA 104 -56.70 6.81 -22.49
N THR LA 105 -57.67 7.46 -23.14
CA THR LA 105 -57.49 7.85 -24.53
C THR LA 105 -56.58 9.07 -24.65
N SER LA 106 -56.69 10.01 -23.71
CA SER LA 106 -55.83 11.19 -23.73
C SER LA 106 -54.41 10.86 -23.30
N SER LA 107 -54.24 9.93 -22.37
CA SER LA 107 -52.93 9.57 -21.86
C SER LA 107 -52.23 8.51 -22.69
N SER LA 108 -52.89 7.96 -23.70
CA SER LA 108 -52.25 6.97 -24.57
C SER LA 108 -51.25 7.64 -25.50
N LEU LA 109 -50.28 6.86 -25.96
CA LEU LA 109 -49.27 7.39 -26.86
C LEU LA 109 -49.82 7.55 -28.27
N PHE LA 110 -49.39 8.61 -28.96
CA PHE LA 110 -49.83 8.86 -30.32
C PHE LA 110 -49.03 8.07 -31.35
N LEU LA 111 -48.00 7.33 -30.93
CA LEU LA 111 -47.21 6.54 -31.85
C LEU LA 111 -48.01 5.33 -32.32
N MET LA 112 -47.86 5.01 -33.60
CA MET LA 112 -48.75 4.06 -34.24
C MET LA 112 -48.26 2.63 -34.04
N ASN LA 113 -49.17 1.76 -33.61
CA ASN LA 113 -48.88 0.36 -33.38
C ASN LA 113 -49.08 -0.40 -34.69
N ASN LA 114 -49.00 -1.73 -34.66
CA ASN LA 114 -49.25 -2.51 -35.86
C ASN LA 114 -50.73 -2.54 -36.23
N ASP LA 115 -51.62 -2.41 -35.24
CA ASP LA 115 -53.05 -2.38 -35.51
C ASP LA 115 -53.60 -0.97 -35.59
N MET LA 116 -52.86 0.03 -35.08
CA MET LA 116 -53.29 1.41 -35.26
C MET LA 116 -53.08 1.89 -36.69
N GLN LA 117 -52.20 1.24 -37.45
CA GLN LA 117 -52.06 1.55 -38.87
C GLN LA 117 -53.30 1.10 -39.63
N SER LA 118 -53.63 1.86 -40.67
CA SER LA 118 -54.84 1.62 -41.42
C SER LA 118 -54.71 0.40 -42.31
N ILE LA 119 -55.85 -0.06 -42.82
CA ILE LA 119 -55.92 -1.26 -43.65
C ILE LA 119 -55.27 -1.02 -45.01
N ILE LA 120 -55.32 0.22 -45.52
CA ILE LA 120 -54.83 0.54 -46.87
C ILE LA 120 -53.31 0.50 -46.96
N ASN LA 121 -52.63 0.49 -45.81
CA ASN LA 121 -51.17 0.42 -45.77
C ASN LA 121 -50.73 -0.97 -46.20
N MET LA 122 -50.21 -1.08 -47.43
CA MET LA 122 -49.74 -2.37 -47.92
C MET LA 122 -48.39 -2.73 -47.34
N ASN LA 123 -47.68 -1.74 -46.80
CA ASN LA 123 -46.39 -2.03 -46.17
C ASN LA 123 -46.58 -2.66 -44.79
N SER LA 124 -47.78 -2.52 -44.22
CA SER LA 124 -48.05 -3.11 -42.91
C SER LA 124 -48.32 -4.60 -43.01
N TYR LA 125 -48.66 -5.08 -44.21
CA TYR LA 125 -49.01 -6.49 -44.39
C TYR LA 125 -47.79 -7.38 -44.59
N PHE LA 126 -46.59 -6.83 -44.61
CA PHE LA 126 -45.39 -7.63 -44.81
C PHE LA 126 -44.97 -8.29 -43.49
N MET LA 127 -43.78 -8.89 -43.49
CA MET LA 127 -43.26 -9.44 -42.26
C MET LA 127 -42.83 -8.31 -41.34
N GLU LA 128 -43.04 -8.49 -40.04
CA GLU LA 128 -43.26 -7.36 -39.14
C GLU LA 128 -42.00 -6.57 -38.86
N ASN LA 129 -40.82 -7.18 -39.01
CA ASN LA 129 -39.57 -6.48 -38.78
C ASN LA 129 -38.72 -6.36 -40.03
N SER LA 130 -39.33 -6.42 -41.21
CA SER LA 130 -38.55 -6.38 -42.44
C SER LA 130 -38.18 -4.97 -42.83
N LEU LA 131 -39.18 -4.10 -42.97
CA LEU LA 131 -38.94 -2.77 -43.52
C LEU LA 131 -38.34 -1.84 -42.46
N SER LA 132 -38.46 -2.20 -41.18
CA SER LA 132 -37.86 -1.39 -40.13
C SER LA 132 -36.35 -1.58 -40.10
N LEU LA 133 -35.88 -2.82 -40.21
CA LEU LA 133 -34.47 -3.14 -40.14
C LEU LA 133 -33.80 -3.20 -41.49
N ASN LA 134 -34.49 -2.78 -42.57
CA ASN LA 134 -33.96 -2.94 -43.91
C ASN LA 134 -32.77 -2.04 -44.16
N LYS LA 135 -32.80 -0.82 -43.61
CA LYS LA 135 -31.85 0.21 -44.02
C LYS LA 135 -30.47 0.01 -43.37
N LEU LA 136 -30.35 -0.96 -42.47
CA LEU LA 136 -29.03 -1.39 -42.00
C LEU LA 136 -28.25 -2.04 -43.13
N TYR LA 137 -28.94 -2.72 -44.04
CA TYR LA 137 -28.24 -3.50 -45.05
C TYR LA 137 -28.54 -2.99 -46.46
N ASN LA 138 -29.14 -1.81 -46.58
CA ASN LA 138 -29.40 -1.24 -47.89
C ASN LA 138 -28.26 -0.33 -48.33
N PHE LA 139 -28.35 0.13 -49.59
CA PHE LA 139 -27.26 0.88 -50.21
C PHE LA 139 -26.90 2.23 -49.57
N PRO LA 140 -27.83 3.13 -49.15
CA PRO LA 140 -27.36 4.40 -48.59
C PRO LA 140 -26.67 4.29 -47.24
N THR LA 141 -27.08 3.35 -46.38
CA THR LA 141 -26.53 3.30 -45.02
C THR LA 141 -25.87 1.97 -44.70
N ASN LA 142 -25.33 1.26 -45.68
CA ASN LA 142 -24.46 0.12 -45.35
C ASN LA 142 -23.10 0.60 -44.89
N PHE LA 143 -22.70 1.80 -45.32
CA PHE LA 143 -21.38 2.31 -44.98
C PHE LA 143 -21.31 2.74 -43.51
N ILE LA 144 -22.45 3.15 -42.95
CA ILE LA 144 -22.52 3.38 -41.51
C ILE LA 144 -22.36 2.06 -40.75
N THR LA 145 -22.92 0.98 -41.29
CA THR LA 145 -22.72 -0.33 -40.69
C THR LA 145 -21.27 -0.78 -40.79
N ILE LA 146 -20.61 -0.47 -41.92
CA ILE LA 146 -19.17 -0.72 -42.12
C ILE LA 146 -18.36 0.01 -41.07
N LEU LA 147 -18.71 1.27 -40.84
CA LEU LA 147 -18.11 2.14 -39.84
C LEU LA 147 -18.32 1.58 -38.45
N LEU LA 148 -19.49 0.96 -38.20
CA LEU LA 148 -19.73 0.33 -36.90
C LEU LA 148 -18.91 -0.94 -36.69
N MET LA 149 -18.69 -1.74 -37.75
CA MET LA 149 -17.79 -2.90 -37.63
C MET LA 149 -16.37 -2.46 -37.30
N ASN LA 150 -15.87 -1.47 -38.04
CA ASN LA 150 -14.53 -0.95 -37.78
C ASN LA 150 -14.44 -0.25 -36.43
N TYR LA 151 -15.53 0.39 -36.00
CA TYR LA 151 -15.58 1.04 -34.69
C TYR LA 151 -15.53 0.02 -33.57
N LEU LA 152 -16.20 -1.13 -33.74
CA LEU LA 152 -16.15 -2.16 -32.72
C LEU LA 152 -14.79 -2.85 -32.67
N LEU LA 153 -14.14 -3.00 -33.83
CA LEU LA 153 -12.77 -3.53 -33.85
C LEU LA 153 -11.80 -2.57 -33.18
N ILE LA 154 -11.94 -1.26 -33.43
CA ILE LA 154 -11.09 -0.26 -32.79
C ILE LA 154 -11.39 -0.21 -31.29
N THR LA 155 -12.65 -0.40 -30.89
CA THR LA 155 -13.04 -0.48 -29.48
C THR LA 155 -12.35 -1.64 -28.78
N LEU LA 156 -12.35 -2.80 -29.43
CA LEU LA 156 -11.68 -3.98 -28.88
C LEU LA 156 -10.17 -3.78 -28.77
N ILE LA 157 -9.56 -3.11 -29.75
CA ILE LA 157 -8.13 -2.79 -29.70
C ILE LA 157 -7.83 -1.84 -28.54
N VAL LA 158 -8.72 -0.87 -28.30
CA VAL LA 158 -8.57 0.07 -27.18
C VAL LA 158 -8.67 -0.65 -25.84
N ILE LA 159 -9.64 -1.59 -25.72
CA ILE LA 159 -9.83 -2.36 -24.49
C ILE LA 159 -8.62 -3.24 -24.20
N VAL LA 160 -8.05 -3.86 -25.24
CA VAL LA 160 -6.84 -4.67 -25.08
C VAL LA 160 -5.64 -3.81 -24.68
N LYS LA 161 -5.52 -2.61 -25.26
CA LYS LA 161 -4.39 -1.73 -24.92
C LYS LA 161 -4.46 -1.17 -23.51
N ILE LA 162 -5.64 -0.76 -23.03
CA ILE LA 162 -5.69 -0.11 -21.72
C ILE LA 162 -6.16 -1.04 -20.61
N THR LA 163 -6.35 -2.33 -20.89
CA THR LA 163 -6.44 -3.37 -19.87
C THR LA 163 -5.31 -4.34 -20.17
N LYS LA 164 -4.13 -4.08 -19.61
CA LYS LA 164 -2.98 -4.93 -19.84
C LYS LA 164 -3.15 -6.24 -19.08
N LEU LA 165 -3.27 -7.34 -19.83
CA LEU LA 165 -3.52 -8.64 -19.22
C LEU LA 165 -2.29 -9.17 -18.51
N PHE LA 166 -1.09 -8.74 -18.92
CA PHE LA 166 0.14 -9.26 -18.35
C PHE LA 166 0.55 -8.55 -17.06
N LYS LA 167 -0.19 -7.53 -16.65
CA LYS LA 167 0.09 -6.87 -15.38
C LYS LA 167 -0.54 -7.60 -14.18
N GLY LA 168 -1.44 -8.54 -14.43
CA GLY LA 168 -2.00 -9.35 -13.37
C GLY LA 168 -3.48 -9.12 -13.16
N PRO LA 169 -4.07 -9.87 -12.23
CA PRO LA 169 -5.51 -9.70 -11.94
C PRO LA 169 -5.76 -8.42 -11.16
N ILE LA 170 -7.04 -8.02 -11.15
CA ILE LA 170 -7.46 -6.78 -10.54
C ILE LA 170 -8.30 -7.09 -9.30
N ARG LA 171 -8.03 -6.36 -8.22
CA ARG LA 171 -8.82 -6.43 -7.00
C ARG LA 171 -8.60 -5.14 -6.22
N MET LA 172 -9.22 -5.06 -5.04
CA MET LA 172 -8.92 -3.97 -4.12
C MET LA 172 -7.56 -4.20 -3.48
N MET LA 173 -6.75 -3.13 -3.42
CA MET LA 173 -5.38 -3.12 -2.88
C MET LA 173 -4.49 -4.14 -3.59
N SER LA 174 -4.46 -4.06 -4.92
CA SER LA 174 -3.67 -4.98 -5.72
C SER LA 174 -2.19 -4.61 -5.69
N MET MA 1 -48.77 -9.51 -25.50
CA MET MA 1 -47.69 -9.15 -24.59
C MET MA 1 -48.36 -8.80 -23.28
N PHE MA 2 -49.60 -8.32 -23.36
CA PHE MA 2 -50.39 -8.10 -22.16
C PHE MA 2 -50.79 -9.42 -21.49
N SER MA 3 -50.96 -10.48 -22.29
CA SER MA 3 -51.22 -11.79 -21.71
C SER MA 3 -49.96 -12.39 -21.11
N ILE MA 4 -48.80 -12.09 -21.68
CA ILE MA 4 -47.53 -12.58 -21.15
C ILE MA 4 -47.22 -11.94 -19.81
N ILE MA 5 -47.59 -10.66 -19.64
CA ILE MA 5 -47.45 -9.95 -18.36
C ILE MA 5 -48.30 -10.62 -17.28
N PHE MA 6 -49.55 -10.94 -17.62
CA PHE MA 6 -50.47 -11.53 -16.66
C PHE MA 6 -50.06 -12.96 -16.29
N ILE MA 7 -49.57 -13.73 -17.27
CA ILE MA 7 -49.17 -15.08 -16.94
C ILE MA 7 -47.80 -15.09 -16.22
N ALA MA 8 -46.95 -14.09 -16.45
CA ALA MA 8 -45.71 -13.98 -15.68
C ALA MA 8 -46.01 -13.60 -14.24
N LEU MA 9 -46.98 -12.71 -14.03
CA LEU MA 9 -47.42 -12.39 -12.66
C LEU MA 9 -48.08 -13.59 -12.00
N LEU MA 10 -48.78 -14.43 -12.76
CA LEU MA 10 -49.39 -15.63 -12.18
C LEU MA 10 -48.35 -16.68 -11.81
N ILE MA 11 -47.30 -16.84 -12.64
CA ILE MA 11 -46.23 -17.78 -12.31
C ILE MA 11 -45.46 -17.30 -11.08
N LEU MA 12 -45.20 -15.98 -10.99
CA LEU MA 12 -44.56 -15.42 -9.81
C LEU MA 12 -45.41 -15.59 -8.56
N LEU MA 13 -46.74 -15.41 -8.70
CA LEU MA 13 -47.65 -15.63 -7.58
C LEU MA 13 -47.68 -17.08 -7.14
N ILE MA 14 -47.71 -18.01 -8.11
CA ILE MA 14 -47.77 -19.44 -7.80
C ILE MA 14 -46.48 -19.90 -7.14
N THR MA 15 -45.33 -19.40 -7.60
CA THR MA 15 -44.06 -19.75 -6.97
C THR MA 15 -43.92 -19.16 -5.58
N THR MA 16 -44.46 -17.96 -5.33
CA THR MA 16 -44.43 -17.41 -3.97
C THR MA 16 -45.36 -18.19 -3.04
N ILE MA 17 -46.51 -18.64 -3.53
CA ILE MA 17 -47.40 -19.50 -2.73
C ILE MA 17 -46.73 -20.85 -2.44
N VAL MA 18 -45.98 -21.39 -3.41
CA VAL MA 18 -45.27 -22.65 -3.22
C VAL MA 18 -44.16 -22.50 -2.18
N MET MA 19 -43.40 -21.39 -2.24
CA MET MA 19 -42.35 -21.15 -1.26
C MET MA 19 -42.91 -20.86 0.13
N PHE MA 20 -44.04 -20.16 0.21
CA PHE MA 20 -44.66 -19.89 1.50
C PHE MA 20 -45.29 -21.16 2.08
N LEU MA 21 -45.79 -22.06 1.23
CA LEU MA 21 -46.28 -23.34 1.71
C LEU MA 21 -45.14 -24.24 2.17
N ALA MA 22 -43.97 -24.12 1.53
CA ALA MA 22 -42.80 -24.84 2.01
C ALA MA 22 -42.30 -24.28 3.34
N SER MA 23 -42.46 -22.97 3.55
CA SER MA 23 -42.03 -22.36 4.81
C SER MA 23 -43.01 -22.65 5.94
N ILE MA 24 -44.30 -22.70 5.64
CA ILE MA 24 -45.31 -22.94 6.67
C ILE MA 24 -45.26 -24.38 7.15
N LEU MA 25 -45.19 -25.33 6.21
CA LEU MA 25 -45.17 -26.75 6.55
C LEU MA 25 -43.79 -27.24 6.98
N SER MA 26 -42.78 -26.38 7.02
CA SER MA 26 -41.46 -26.76 7.48
C SER MA 26 -41.47 -27.03 8.99
N LYS MA 27 -40.51 -27.84 9.44
CA LYS MA 27 -40.36 -28.09 10.86
C LYS MA 27 -39.79 -26.86 11.54
N LYS MA 28 -40.44 -26.42 12.61
CA LYS MA 28 -40.08 -25.19 13.31
C LYS MA 28 -39.32 -25.58 14.58
N ALA MA 29 -38.00 -25.61 14.47
CA ALA MA 29 -37.13 -25.86 15.61
C ALA MA 29 -36.45 -24.55 16.00
N LEU MA 30 -35.95 -24.53 17.24
CA LEU MA 30 -35.30 -23.34 17.76
C LEU MA 30 -33.93 -23.13 17.12
N ILE MA 31 -33.60 -21.87 16.89
CA ILE MA 31 -32.38 -21.52 16.17
C ILE MA 31 -31.20 -21.55 17.14
N ASP MA 32 -30.22 -22.39 16.84
CA ASP MA 32 -29.02 -22.50 17.65
C ASP MA 32 -28.05 -21.39 17.23
N ARG MA 33 -27.07 -21.11 18.10
CA ARG MA 33 -26.07 -20.08 17.82
C ARG MA 33 -25.19 -20.43 16.64
N GLU MA 34 -24.68 -21.66 16.60
CA GLU MA 34 -23.77 -22.09 15.55
C GLU MA 34 -24.46 -22.86 14.43
N LYS MA 35 -25.78 -22.99 14.48
CA LYS MA 35 -26.52 -23.56 13.36
C LYS MA 35 -26.56 -22.60 12.19
N SER MA 36 -26.79 -21.32 12.46
CA SER MA 36 -26.94 -20.29 11.44
C SER MA 36 -25.63 -19.88 10.78
N SER MA 37 -24.49 -20.29 11.35
CA SER MA 37 -23.18 -19.83 10.88
C SER MA 37 -22.90 -20.36 9.47
N PRO MA 38 -22.09 -19.63 8.69
CA PRO MA 38 -21.69 -20.13 7.37
C PRO MA 38 -20.87 -21.40 7.48
N PHE MA 39 -20.99 -22.25 6.46
CA PHE MA 39 -20.52 -23.63 6.57
C PHE MA 39 -18.99 -23.69 6.61
N GLU MA 40 -18.34 -23.27 5.52
CA GLU MA 40 -16.88 -23.16 5.39
C GLU MA 40 -16.16 -24.48 5.68
N CYS MA 41 -16.83 -25.58 5.31
CA CYS MA 41 -16.39 -26.96 5.52
C CYS MA 41 -16.08 -27.27 6.98
N GLY MA 42 -17.00 -26.90 7.87
CA GLY MA 42 -16.98 -27.37 9.23
C GLY MA 42 -16.11 -26.59 10.20
N PHE MA 43 -15.38 -25.57 9.74
CA PHE MA 43 -14.48 -24.81 10.60
C PHE MA 43 -14.82 -23.33 10.54
N ASP MA 44 -14.07 -22.56 11.32
CA ASP MA 44 -14.26 -21.12 11.35
C ASP MA 44 -13.79 -20.49 10.04
N PRO MA 45 -14.42 -19.40 9.59
CA PRO MA 45 -14.15 -18.93 8.21
C PRO MA 45 -12.81 -18.25 7.99
N LYS MA 46 -12.37 -17.38 8.92
CA LYS MA 46 -11.20 -16.47 8.97
C LYS MA 46 -11.43 -15.25 8.06
N SER MA 47 -12.41 -15.29 7.17
CA SER MA 47 -12.66 -14.19 6.26
C SER MA 47 -14.09 -14.28 5.77
N SER MA 48 -14.71 -13.12 5.61
CA SER MA 48 -16.07 -13.03 5.08
C SER MA 48 -15.99 -13.19 3.58
N SER MA 49 -17.10 -13.57 2.96
CA SER MA 49 -17.15 -13.67 1.50
C SER MA 49 -17.36 -12.32 0.83
N ARG MA 50 -17.54 -11.25 1.60
CA ARG MA 50 -17.53 -9.89 1.11
C ARG MA 50 -16.12 -9.33 0.95
N LEU MA 51 -15.10 -10.14 1.21
CA LEU MA 51 -13.73 -9.77 0.87
C LEU MA 51 -13.60 -9.68 -0.65
N PRO MA 52 -12.78 -8.75 -1.17
CA PRO MA 52 -12.68 -8.57 -2.62
C PRO MA 52 -12.10 -9.78 -3.34
N PHE MA 53 -12.66 -10.07 -4.50
CA PHE MA 53 -12.36 -11.25 -5.29
C PHE MA 53 -11.51 -10.87 -6.50
N SER MA 54 -10.47 -11.65 -6.77
CA SER MA 54 -9.56 -11.34 -7.86
C SER MA 54 -10.15 -11.76 -9.18
N LEU MA 55 -10.09 -10.87 -10.17
CA LEU MA 55 -10.66 -11.08 -11.49
C LEU MA 55 -9.52 -11.32 -12.48
N ARG MA 56 -9.44 -12.53 -13.01
CA ARG MA 56 -8.42 -12.90 -13.98
C ARG MA 56 -8.95 -12.93 -15.40
N PHE MA 57 -10.21 -12.58 -15.62
CA PHE MA 57 -10.84 -12.67 -16.94
C PHE MA 57 -11.59 -11.38 -17.26
N PHE MA 58 -11.02 -10.25 -16.83
CA PHE MA 58 -11.62 -8.93 -17.07
C PHE MA 58 -11.65 -8.59 -18.56
N LEU MA 59 -10.56 -8.92 -19.28
CA LEU MA 59 -10.50 -8.67 -20.71
C LEU MA 59 -11.48 -9.56 -21.46
N ILE MA 60 -11.67 -10.79 -20.99
CA ILE MA 60 -12.62 -11.71 -21.60
C ILE MA 60 -14.05 -11.22 -21.38
N THR MA 61 -14.33 -10.64 -20.20
CA THR MA 61 -15.67 -10.09 -19.95
C THR MA 61 -15.98 -8.87 -20.83
N ILE MA 62 -15.01 -7.96 -20.97
CA ILE MA 62 -15.29 -6.79 -21.81
C ILE MA 62 -15.33 -7.16 -23.30
N ILE MA 63 -14.52 -8.14 -23.73
CA ILE MA 63 -14.62 -8.68 -25.08
C ILE MA 63 -15.96 -9.41 -25.28
N PHE MA 64 -16.49 -10.03 -24.23
CA PHE MA 64 -17.83 -10.64 -24.28
C PHE MA 64 -18.92 -9.58 -24.47
N LEU MA 65 -18.78 -8.44 -23.78
CA LEU MA 65 -19.76 -7.35 -23.94
C LEU MA 65 -19.71 -6.76 -25.33
N ILE MA 66 -18.50 -6.54 -25.86
CA ILE MA 66 -18.31 -6.05 -27.23
C ILE MA 66 -18.85 -7.05 -28.24
N PHE MA 67 -18.59 -8.34 -28.03
CA PHE MA 67 -19.10 -9.34 -28.96
C PHE MA 67 -20.60 -9.51 -28.85
N ASP MA 68 -21.19 -9.25 -27.68
CA ASP MA 68 -22.65 -9.35 -27.55
C ASP MA 68 -23.36 -8.20 -28.26
N VAL MA 69 -22.79 -6.99 -28.23
CA VAL MA 69 -23.45 -5.94 -29.00
C VAL MA 69 -23.16 -6.15 -30.51
N GLU MA 70 -22.06 -6.84 -30.85
CA GLU MA 70 -21.92 -7.35 -32.21
C GLU MA 70 -22.97 -8.40 -32.57
N ILE MA 71 -23.42 -9.22 -31.59
CA ILE MA 71 -24.53 -10.16 -31.84
C ILE MA 71 -25.80 -9.39 -32.15
N ALA MA 72 -26.00 -8.24 -31.48
CA ALA MA 72 -27.20 -7.43 -31.66
C ALA MA 72 -27.35 -6.83 -33.07
N LEU MA 73 -26.30 -6.84 -33.89
CA LEU MA 73 -26.39 -6.38 -35.28
C LEU MA 73 -26.39 -7.51 -36.30
N ILE MA 74 -26.30 -8.76 -35.88
CA ILE MA 74 -26.36 -9.89 -36.83
C ILE MA 74 -27.80 -10.35 -37.03
N LEU MA 75 -28.55 -10.47 -35.95
CA LEU MA 75 -29.96 -10.88 -35.87
C LEU MA 75 -30.95 -10.22 -36.84
N PRO MA 76 -30.79 -8.96 -37.30
CA PRO MA 76 -31.68 -8.50 -38.38
C PRO MA 76 -31.62 -9.26 -39.70
N MET MA 77 -30.44 -9.71 -40.16
CA MET MA 77 -30.31 -9.99 -41.60
C MET MA 77 -30.91 -11.32 -42.03
N ILE MA 78 -31.54 -12.07 -41.12
CA ILE MA 78 -32.41 -13.18 -41.52
C ILE MA 78 -33.56 -12.66 -42.37
N ILE MA 79 -34.17 -11.56 -41.94
CA ILE MA 79 -35.35 -11.01 -42.59
C ILE MA 79 -34.98 -10.20 -43.82
N ILE MA 80 -33.79 -9.60 -43.83
CA ILE MA 80 -33.45 -8.54 -44.78
C ILE MA 80 -33.02 -9.12 -46.13
N MET MA 81 -32.76 -10.44 -46.19
CA MET MA 81 -32.28 -11.06 -47.42
C MET MA 81 -33.34 -11.07 -48.52
N LYS MA 82 -34.60 -11.29 -48.17
CA LYS MA 82 -35.66 -11.37 -49.16
C LYS MA 82 -36.14 -10.02 -49.66
N TYR MA 83 -35.71 -8.92 -49.03
CA TYR MA 83 -36.27 -7.60 -49.29
C TYR MA 83 -35.24 -6.55 -49.69
N SER MA 84 -34.00 -6.95 -49.97
CA SER MA 84 -32.94 -5.98 -50.23
C SER MA 84 -32.18 -6.36 -51.49
N ASN MA 85 -31.21 -5.52 -51.81
CA ASN MA 85 -30.26 -5.84 -52.87
C ASN MA 85 -29.37 -6.98 -52.41
N ILE MA 86 -29.24 -8.01 -53.25
CA ILE MA 86 -28.49 -9.20 -52.88
C ILE MA 86 -27.00 -8.90 -52.80
N MET MA 87 -26.50 -8.06 -53.71
CA MET MA 87 -25.08 -7.67 -53.73
C MET MA 87 -24.68 -6.93 -52.45
N ILE MA 88 -25.46 -5.93 -52.05
CA ILE MA 88 -25.17 -5.14 -50.85
C ILE MA 88 -25.29 -6.00 -49.59
N TRP MA 89 -26.27 -6.90 -49.57
CA TRP MA 89 -26.47 -7.80 -48.43
C TRP MA 89 -25.29 -8.75 -48.27
N THR MA 90 -24.78 -9.30 -49.38
CA THR MA 90 -23.63 -10.18 -49.28
C THR MA 90 -22.34 -9.44 -48.91
N ILE MA 91 -22.12 -8.23 -49.47
CA ILE MA 91 -20.95 -7.45 -49.09
C ILE MA 91 -20.95 -7.12 -47.60
N THR MA 92 -22.12 -6.71 -47.07
CA THR MA 92 -22.23 -6.45 -45.63
C THR MA 92 -22.08 -7.70 -44.77
N SER MA 93 -22.68 -8.83 -45.19
CA SER MA 93 -22.67 -10.01 -44.33
C SER MA 93 -21.31 -10.71 -44.29
N ILE MA 94 -20.73 -10.99 -45.47
CA ILE MA 94 -19.39 -11.58 -45.50
C ILE MA 94 -18.34 -10.62 -44.94
N ILE MA 95 -18.46 -9.31 -45.16
CA ILE MA 95 -17.51 -8.39 -44.53
C ILE MA 95 -17.68 -8.33 -43.00
N PHE MA 96 -18.91 -8.44 -42.49
CA PHE MA 96 -19.15 -8.50 -41.04
C PHE MA 96 -18.47 -9.73 -40.42
N ILE MA 97 -18.73 -10.91 -40.98
CA ILE MA 97 -18.19 -12.13 -40.37
C ILE MA 97 -16.68 -12.22 -40.56
N LEU MA 98 -16.14 -11.69 -41.67
CA LEU MA 98 -14.69 -11.70 -41.83
C LEU MA 98 -14.00 -10.71 -40.89
N ILE MA 99 -14.62 -9.56 -40.61
CA ILE MA 99 -14.03 -8.63 -39.63
C ILE MA 99 -14.08 -9.24 -38.23
N LEU MA 100 -15.13 -9.98 -37.90
CA LEU MA 100 -15.17 -10.66 -36.60
C LEU MA 100 -14.11 -11.75 -36.52
N LEU MA 101 -13.85 -12.44 -37.63
CA LEU MA 101 -12.81 -13.47 -37.65
C LEU MA 101 -11.41 -12.87 -37.55
N ILE MA 102 -11.18 -11.70 -38.19
CA ILE MA 102 -9.91 -10.98 -38.04
C ILE MA 102 -9.69 -10.57 -36.59
N GLY MA 103 -10.73 -10.02 -35.94
CA GLY MA 103 -10.58 -9.60 -34.55
C GLY MA 103 -10.35 -10.74 -33.59
N LEU MA 104 -11.13 -11.82 -33.74
CA LEU MA 104 -11.00 -12.97 -32.84
C LEU MA 104 -9.69 -13.71 -33.06
N TYR MA 105 -9.26 -13.90 -34.31
CA TYR MA 105 -8.00 -14.57 -34.56
C TYR MA 105 -6.80 -13.71 -34.20
N HIS MA 106 -6.94 -12.38 -34.30
CA HIS MA 106 -5.85 -11.49 -33.88
C HIS MA 106 -5.67 -11.51 -32.37
N GLU MA 107 -6.78 -11.53 -31.62
CA GLU MA 107 -6.63 -11.66 -30.17
C GLU MA 107 -6.26 -13.05 -29.73
N TRP MA 108 -6.56 -14.07 -30.54
CA TRP MA 108 -6.02 -15.40 -30.29
C TRP MA 108 -4.51 -15.41 -30.52
N ASN MA 109 -4.04 -14.69 -31.54
CA ASN MA 109 -2.61 -14.59 -31.84
C ASN MA 109 -1.87 -13.87 -30.72
N GLN MA 110 -2.45 -12.79 -30.17
CA GLN MA 110 -1.81 -12.11 -29.06
C GLN MA 110 -1.92 -12.87 -27.75
N GLY MA 111 -2.84 -13.83 -27.64
CA GLY MA 111 -3.04 -14.53 -26.40
C GLY MA 111 -3.86 -13.77 -25.38
N MET MA 112 -4.69 -12.83 -25.83
CA MET MA 112 -5.53 -12.06 -24.92
C MET MA 112 -6.80 -12.79 -24.52
N LEU MA 113 -7.10 -13.93 -25.14
CA LEU MA 113 -8.16 -14.80 -24.68
C LEU MA 113 -7.71 -15.75 -23.59
N ASN MA 114 -6.44 -15.67 -23.19
CA ASN MA 114 -5.97 -16.48 -22.04
C ASN MA 114 -6.18 -15.67 -20.76
N TRP MA 115 -6.50 -16.32 -19.66
CA TRP MA 115 -6.76 -15.61 -18.38
C TRP MA 115 -5.48 -14.96 -17.88
N SER MA 116 -5.58 -13.78 -17.26
CA SER MA 116 -4.40 -13.13 -16.66
C SER MA 116 -3.90 -14.01 -15.52
N ASN MA 117 -2.58 -14.13 -15.36
CA ASN MA 117 -2.00 -15.13 -14.43
C ASN MA 117 -0.48 -14.99 -14.42
N ILE NA 4 24.05 -36.68 -33.85
CA ILE NA 4 24.09 -37.68 -32.80
C ILE NA 4 23.86 -37.01 -31.46
N ILE NA 5 22.62 -37.13 -30.95
CA ILE NA 5 22.24 -36.51 -29.69
C ILE NA 5 21.10 -37.33 -29.09
N LYS NA 6 21.04 -37.37 -27.77
CA LYS NA 6 19.95 -38.05 -27.07
C LYS NA 6 18.67 -37.28 -27.23
N ALA NA 7 17.58 -37.98 -27.56
CA ALA NA 7 16.28 -37.34 -27.70
C ALA NA 7 15.73 -36.91 -26.34
N SER NA 8 15.77 -37.81 -25.36
CA SER NA 8 15.36 -37.50 -24.01
C SER NA 8 16.09 -38.42 -23.05
N THR NA 9 16.14 -38.00 -21.79
CA THR NA 9 16.78 -38.80 -20.75
C THR NA 9 15.86 -39.85 -20.14
N GLY NA 10 14.57 -39.83 -20.48
CA GLY NA 10 13.62 -40.71 -19.84
C GLY NA 10 13.35 -40.35 -18.39
N LEU NA 11 13.56 -39.10 -18.03
CA LEU NA 11 13.61 -38.70 -16.62
C LEU NA 11 13.36 -37.20 -16.59
N THR NA 12 12.22 -36.80 -16.05
CA THR NA 12 11.79 -35.41 -16.14
C THR NA 12 12.61 -34.52 -15.19
N GLY NA 13 12.67 -33.24 -15.53
CA GLY NA 13 13.39 -32.26 -14.75
C GLY NA 13 14.83 -32.05 -15.17
N LEU NA 14 15.41 -32.98 -15.91
CA LEU NA 14 16.77 -32.85 -16.42
C LEU NA 14 16.74 -32.90 -17.93
N ALA NA 15 17.00 -31.75 -18.57
CA ALA NA 15 17.14 -31.71 -20.01
C ALA NA 15 18.50 -32.25 -20.42
N VAL NA 16 18.64 -32.54 -21.71
CA VAL NA 16 19.91 -33.05 -22.21
C VAL NA 16 20.95 -31.92 -22.24
N SER NA 17 22.22 -32.32 -22.18
CA SER NA 17 23.32 -31.39 -22.11
C SER NA 17 24.01 -31.26 -23.46
N THR NA 18 24.27 -30.02 -23.88
CA THR NA 18 24.90 -29.78 -25.17
C THR NA 18 26.36 -30.20 -25.16
N ASN NA 19 27.11 -29.79 -24.12
CA ASN NA 19 28.51 -30.15 -23.97
C ASN NA 19 28.69 -30.74 -22.57
N PRO NA 20 28.53 -32.05 -22.42
CA PRO NA 20 28.67 -32.67 -21.09
C PRO NA 20 30.12 -32.80 -20.65
N HIS NA 21 31.03 -32.95 -21.63
CA HIS NA 21 32.44 -33.19 -21.34
C HIS NA 21 33.09 -31.97 -20.70
N HIS NA 22 32.84 -30.78 -21.24
CA HIS NA 22 33.45 -29.58 -20.68
C HIS NA 22 32.85 -29.22 -19.32
N THR NA 23 31.55 -29.46 -19.15
CA THR NA 23 30.91 -29.23 -17.85
C THR NA 23 31.47 -30.18 -16.79
N LEU NA 24 31.64 -31.45 -17.15
CA LEU NA 24 32.23 -32.43 -16.23
C LEU NA 24 33.69 -32.10 -15.92
N SER NA 25 34.46 -31.69 -16.92
CA SER NA 25 35.87 -31.35 -16.69
C SER NA 25 36.03 -30.09 -15.85
N ALA NA 26 35.15 -29.10 -16.07
CA ALA NA 26 35.19 -27.89 -15.26
C ALA NA 26 34.80 -28.16 -13.81
N LEU NA 27 33.77 -29.00 -13.60
CA LEU NA 27 33.39 -29.37 -12.23
C LEU NA 27 34.46 -30.20 -11.55
N TYR NA 28 35.16 -31.05 -12.29
CA TYR NA 28 36.23 -31.85 -11.71
C TYR NA 28 37.45 -31.01 -11.37
N GLY NA 29 37.76 -30.01 -12.22
CA GLY NA 29 38.82 -29.07 -11.89
C GLY NA 29 38.49 -28.21 -10.69
N LYS NA 30 37.22 -27.82 -10.55
CA LYS NA 30 36.81 -27.06 -9.37
C LYS NA 30 36.82 -27.91 -8.11
N ILE NA 31 36.54 -29.21 -8.23
CA ILE NA 31 36.65 -30.12 -7.09
C ILE NA 31 38.11 -30.28 -6.67
N LEU NA 32 39.03 -30.38 -7.65
CA LEU NA 32 40.46 -30.39 -7.34
C LEU NA 32 40.93 -29.09 -6.69
N ARG NA 33 40.41 -27.95 -7.16
CA ARG NA 33 40.78 -26.67 -6.55
C ARG NA 33 40.22 -26.52 -5.14
N ALA NA 34 39.06 -27.09 -4.86
CA ALA NA 34 38.51 -27.03 -3.51
C ALA NA 34 39.20 -28.02 -2.57
N VAL NA 35 39.62 -29.17 -3.08
CA VAL NA 35 40.25 -30.21 -2.27
C VAL NA 35 41.74 -29.91 -2.05
N SER NA 36 42.36 -29.09 -2.91
CA SER NA 36 43.77 -28.73 -2.74
C SER NA 36 44.02 -27.85 -1.50
N LYS NA 37 42.99 -27.22 -0.95
CA LYS NA 37 43.12 -26.48 0.31
C LYS NA 37 42.97 -27.37 1.54
N MET NA 38 42.54 -28.62 1.38
CA MET NA 38 42.43 -29.53 2.50
C MET NA 38 43.81 -29.98 2.95
N PRO NA 39 43.97 -30.34 4.21
CA PRO NA 39 45.24 -30.94 4.65
C PRO NA 39 45.46 -32.31 4.04
N GLN NA 40 46.74 -32.66 3.86
CA GLN NA 40 47.10 -33.91 3.20
C GLN NA 40 46.83 -35.12 4.08
N ASP NA 41 46.84 -34.95 5.40
CA ASP NA 41 46.59 -36.06 6.32
C ASP NA 41 45.12 -36.48 6.36
N ALA NA 42 44.20 -35.64 5.89
CA ALA NA 42 42.79 -35.98 5.87
C ALA NA 42 42.51 -37.02 4.79
N SER NA 43 41.81 -38.09 5.17
CA SER NA 43 41.54 -39.18 4.24
C SER NA 43 40.48 -38.82 3.21
N TYR NA 44 39.61 -37.85 3.52
CA TYR NA 44 38.58 -37.41 2.58
C TYR NA 44 39.18 -36.73 1.36
N ARG NA 45 40.27 -35.99 1.54
CA ARG NA 45 40.98 -35.37 0.42
C ARG NA 45 41.57 -36.42 -0.50
N LYS NA 46 42.17 -37.48 0.05
CA LYS NA 46 42.76 -38.54 -0.75
C LYS NA 46 41.69 -39.33 -1.50
N TYR NA 47 40.56 -39.61 -0.83
CA TYR NA 47 39.48 -40.35 -1.46
C TYR NA 47 38.83 -39.54 -2.58
N THR NA 48 38.60 -38.23 -2.34
CA THR NA 48 38.01 -37.38 -3.36
C THR NA 48 38.96 -37.17 -4.54
N GLU NA 49 40.26 -37.05 -4.27
CA GLU NA 49 41.24 -36.92 -5.34
C GLU NA 49 41.32 -38.19 -6.19
N GLN NA 50 41.26 -39.36 -5.55
CA GLN NA 50 41.27 -40.63 -6.29
C GLN NA 50 40.03 -40.78 -7.16
N LEU NA 51 38.85 -40.44 -6.59
CA LEU NA 51 37.58 -40.50 -7.32
C LEU NA 51 37.58 -39.57 -8.53
N VAL NA 52 37.92 -38.30 -8.31
CA VAL NA 52 37.77 -37.32 -9.37
C VAL NA 52 38.91 -37.42 -10.37
N LYS NA 53 40.07 -37.96 -9.98
CA LYS NA 53 41.11 -38.27 -10.95
C LYS NA 53 40.70 -39.44 -11.85
N GLN NA 54 40.08 -40.49 -11.27
CA GLN NA 54 39.59 -41.60 -12.07
C GLN NA 54 38.47 -41.16 -13.02
N ARG NA 55 37.57 -40.30 -12.53
CA ARG NA 55 36.49 -39.79 -13.37
C ARG NA 55 37.01 -38.84 -14.45
N ALA NA 56 38.05 -38.05 -14.15
CA ALA NA 56 38.61 -37.16 -15.15
C ALA NA 56 39.37 -37.92 -16.22
N ASP NA 57 40.04 -39.01 -15.84
CA ASP NA 57 40.65 -39.88 -16.85
C ASP NA 57 39.59 -40.58 -17.70
N SER NA 58 38.45 -40.94 -17.10
CA SER NA 58 37.35 -41.51 -17.87
C SER NA 58 36.73 -40.51 -18.83
N VAL NA 59 36.62 -39.24 -18.43
CA VAL NA 59 36.10 -38.20 -19.33
C VAL NA 59 37.10 -37.90 -20.44
N ALA NA 60 38.39 -37.78 -20.11
CA ALA NA 60 39.39 -37.42 -21.12
C ALA NA 60 39.70 -38.57 -22.07
N GLN NA 61 39.53 -39.81 -21.63
CA GLN NA 61 39.82 -40.95 -22.49
C GLN NA 61 38.71 -41.19 -23.52
N HIS NA 62 37.47 -40.95 -23.17
CA HIS NA 62 36.32 -41.28 -24.01
C HIS NA 62 35.69 -40.00 -24.57
N LYS NA 63 35.55 -39.93 -25.88
CA LYS NA 63 34.95 -38.77 -26.52
C LYS NA 63 33.46 -38.94 -26.80
N ASP NA 64 32.98 -40.18 -26.93
CA ASP NA 64 31.57 -40.43 -27.15
C ASP NA 64 30.81 -40.38 -25.83
N ILE NA 65 29.54 -39.99 -25.91
CA ILE NA 65 28.76 -39.75 -24.69
C ILE NA 65 28.34 -41.08 -24.05
N THR NA 66 27.79 -42.00 -24.85
CA THR NA 66 27.32 -43.27 -24.29
C THR NA 66 28.49 -44.19 -23.96
N ALA NA 67 29.62 -44.01 -24.65
CA ALA NA 67 30.84 -44.72 -24.26
C ALA NA 67 31.37 -44.22 -22.93
N LEU NA 68 31.24 -42.91 -22.68
CA LEU NA 68 31.60 -42.34 -21.38
C LEU NA 68 30.67 -42.85 -20.28
N GLU NA 69 29.37 -42.97 -20.59
CA GLU NA 69 28.40 -43.46 -19.62
C GLU NA 69 28.61 -44.93 -19.30
N LYS NA 70 29.06 -45.71 -20.29
CA LYS NA 70 29.37 -47.11 -20.04
C LYS NA 70 30.69 -47.26 -19.29
N ALA NA 71 31.67 -46.40 -19.59
CA ALA NA 71 32.99 -46.52 -18.98
C ALA NA 71 32.97 -46.07 -17.52
N VAL NA 72 32.25 -45.00 -17.22
CA VAL NA 72 32.05 -44.61 -15.82
C VAL NA 72 31.17 -45.64 -15.12
N GLY NA 73 30.05 -46.00 -15.74
CA GLY NA 73 29.18 -47.03 -15.22
C GLY NA 73 28.23 -46.59 -14.12
N CYS NA 74 28.31 -45.33 -13.68
CA CYS NA 74 27.43 -44.87 -12.62
C CYS NA 74 26.02 -44.61 -13.16
N GLY NA 75 25.91 -44.00 -14.33
CA GLY NA 75 24.62 -43.70 -14.91
C GLY NA 75 24.76 -42.84 -16.15
N GLN NA 76 23.68 -42.16 -16.48
CA GLN NA 76 23.72 -41.23 -17.60
C GLN NA 76 24.51 -39.98 -17.24
N VAL NA 77 24.96 -39.26 -18.26
CA VAL NA 77 25.97 -38.21 -18.08
C VAL NA 77 25.39 -36.97 -17.40
N GLU NA 78 24.07 -36.74 -17.51
CA GLU NA 78 23.44 -35.64 -16.80
C GLU NA 78 23.43 -35.90 -15.29
N GLU NA 79 23.23 -37.15 -14.90
CA GLU NA 79 23.33 -37.50 -13.48
C GLU NA 79 24.77 -37.45 -13.01
N LEU NA 80 25.74 -37.67 -13.91
CA LEU NA 80 27.15 -37.45 -13.56
C LEU NA 80 27.44 -35.97 -13.30
N ILE NA 81 26.81 -35.09 -14.10
CA ILE NA 81 26.93 -33.65 -13.87
C ILE NA 81 26.30 -33.27 -12.53
N VAL NA 82 25.16 -33.87 -12.21
CA VAL NA 82 24.48 -33.64 -10.92
C VAL NA 82 25.34 -34.11 -9.76
N GLN NA 83 25.96 -35.29 -9.89
CA GLN NA 83 26.84 -35.82 -8.85
C GLN NA 83 28.09 -34.96 -8.66
N ALA NA 84 28.66 -34.47 -9.76
CA ALA NA 84 29.83 -33.61 -9.67
C ALA NA 84 29.51 -32.26 -9.05
N GLU NA 85 28.32 -31.72 -9.35
CA GLU NA 85 27.87 -30.48 -8.71
C GLU NA 85 27.63 -30.67 -7.22
N ASN NA 86 27.04 -31.80 -6.83
CA ASN NA 86 26.82 -32.10 -5.42
C ASN NA 86 28.13 -32.27 -4.67
N GLU NA 87 29.11 -32.95 -5.29
CA GLU NA 87 30.40 -33.11 -4.64
C GLU NA 87 31.19 -31.80 -4.62
N LEU NA 88 30.95 -30.90 -5.57
CA LEU NA 88 31.56 -29.58 -5.51
C LEU NA 88 30.99 -28.75 -4.36
N ILE NA 89 29.66 -28.84 -4.14
CA ILE NA 89 29.03 -28.18 -2.99
C ILE NA 89 29.56 -28.76 -1.68
N LEU NA 90 29.75 -30.09 -1.64
CA LEU NA 90 30.32 -30.73 -0.47
C LEU NA 90 31.78 -30.31 -0.23
N ALA NA 91 32.58 -30.23 -1.29
CA ALA NA 91 33.98 -29.84 -1.14
C ALA NA 91 34.12 -28.37 -0.78
N ARG NA 92 33.14 -27.54 -1.14
CA ARG NA 92 33.13 -26.17 -0.65
C ARG NA 92 32.73 -26.11 0.82
N LYS NA 93 31.79 -26.96 1.23
CA LYS NA 93 31.29 -26.89 2.61
C LYS NA 93 32.25 -27.50 3.62
N MET NA 94 32.97 -28.57 3.25
CA MET NA 94 33.78 -29.28 4.24
C MET NA 94 35.06 -28.54 4.60
N LEU NA 95 35.42 -27.48 3.86
CA LEU NA 95 36.49 -26.59 4.32
C LEU NA 95 36.05 -25.83 5.56
N GLY NA 96 34.78 -25.44 5.62
CA GLY NA 96 34.27 -24.73 6.79
C GLY NA 96 33.78 -25.65 7.88
N TRP NA 97 33.34 -26.87 7.54
CA TRP NA 97 32.82 -27.76 8.58
C TRP NA 97 33.94 -28.41 9.39
N LYS NA 98 35.16 -28.45 8.85
CA LYS NA 98 36.41 -28.92 9.47
C LYS NA 98 36.33 -30.34 10.01
N PRO NA 99 36.26 -31.38 9.15
CA PRO NA 99 35.98 -32.73 9.68
C PRO NA 99 37.20 -33.49 10.16
N TRP NA 100 38.41 -33.04 9.80
CA TRP NA 100 39.58 -33.91 9.98
C TRP NA 100 40.11 -33.91 11.41
N GLU NA 101 39.56 -33.07 12.28
CA GLU NA 101 40.05 -33.02 13.66
C GLU NA 101 39.43 -34.13 14.50
N LYS NA 102 39.70 -34.06 15.80
CA LYS NA 102 39.24 -35.10 16.72
C LYS NA 102 37.76 -34.93 17.05
N LEU NA 103 37.29 -35.78 17.97
CA LEU NA 103 35.87 -35.80 18.33
C LEU NA 103 35.47 -34.52 19.07
N VAL NA 104 34.38 -33.90 18.60
CA VAL NA 104 33.93 -32.65 19.19
C VAL NA 104 33.26 -32.90 20.54
N GLN NA 105 32.64 -34.07 20.70
CA GLN NA 105 31.96 -34.43 21.94
C GLN NA 105 32.27 -35.88 22.28
N ALA NA 106 32.70 -36.12 23.51
CA ALA NA 106 32.97 -37.48 23.96
C ALA NA 106 31.68 -38.22 24.25
N ALA NA 107 31.80 -39.53 24.42
CA ALA NA 107 30.64 -40.38 24.67
C ALA NA 107 30.15 -40.21 26.11
N PRO NA 108 28.87 -39.87 26.33
CA PRO NA 108 28.35 -39.84 27.69
C PRO NA 108 28.19 -41.24 28.27
N ALA NA 109 28.05 -41.34 29.58
CA ALA NA 109 27.92 -42.64 30.23
C ALA NA 109 26.54 -43.23 29.95
N LYS NA 110 26.53 -44.51 29.56
CA LYS NA 110 25.33 -45.30 29.23
C LYS NA 110 24.49 -44.63 28.14
N GLN NA 111 25.17 -44.09 27.11
CA GLN NA 111 24.45 -43.40 26.04
C GLN NA 111 24.06 -44.35 24.92
N TRP NA 112 24.91 -45.32 24.59
CA TRP NA 112 24.61 -46.23 23.50
C TRP NA 112 24.52 -47.66 23.97
N ASP NA 113 23.82 -47.89 25.09
CA ASP NA 113 23.64 -49.21 25.65
C ASP NA 113 22.22 -49.68 25.40
N TRP NA 114 22.09 -50.89 24.85
CA TRP NA 114 20.78 -51.48 24.59
C TRP NA 114 20.79 -52.94 25.04
N PRO NA 115 19.86 -53.36 25.93
CA PRO NA 115 18.76 -52.68 26.62
C PRO NA 115 19.20 -51.68 27.69
N PRO NA 116 18.46 -50.58 27.85
CA PRO NA 116 18.97 -49.46 28.64
C PRO NA 116 18.65 -49.50 30.12
N ALA NA 117 17.72 -50.36 30.52
CA ALA NA 117 17.18 -50.34 31.88
C ALA NA 117 17.99 -51.17 32.87
N GLN NA 118 19.07 -51.81 32.44
CA GLN NA 118 19.80 -52.72 33.31
C GLN NA 118 20.64 -51.95 34.33
N ILE NA 119 20.94 -52.62 35.45
CA ILE NA 119 21.78 -52.01 36.48
C ILE NA 119 23.25 -52.02 36.07
N MET NA 120 23.73 -53.19 35.64
CA MET NA 120 25.14 -53.56 35.38
C MET NA 120 26.16 -52.98 36.35
N ILE OA 40 24.23 -18.47 -19.72
CA ILE OA 40 25.04 -17.76 -20.70
C ILE OA 40 26.23 -18.61 -21.11
N SER OA 41 26.14 -19.27 -22.27
CA SER OA 41 27.17 -20.19 -22.71
C SER OA 41 28.43 -19.44 -23.15
N GLY OA 42 29.58 -19.98 -22.76
CA GLY OA 42 30.85 -19.37 -23.08
C GLY OA 42 31.35 -19.74 -24.47
N LYS OA 43 32.62 -19.46 -24.71
CA LYS OA 43 33.23 -19.75 -26.00
C LYS OA 43 33.50 -21.24 -26.19
N THR OA 44 33.75 -21.97 -25.09
CA THR OA 44 34.17 -23.36 -25.20
C THR OA 44 32.99 -24.31 -25.39
N MET OA 45 31.91 -24.10 -24.62
CA MET OA 45 30.72 -24.96 -24.75
C MET OA 45 30.00 -24.71 -26.07
N ARG OA 46 30.14 -23.52 -26.65
CA ARG OA 46 29.51 -23.21 -27.92
C ARG OA 46 30.22 -23.87 -29.10
N GLY OA 47 31.46 -24.31 -28.92
CA GLY OA 47 32.23 -24.90 -29.99
C GLY OA 47 32.99 -23.92 -30.86
N GLY OA 48 32.93 -22.62 -30.56
CA GLY OA 48 33.64 -21.63 -31.32
C GLY OA 48 33.19 -20.23 -31.02
N PRO OA 49 33.48 -19.29 -31.92
CA PRO OA 49 32.94 -17.93 -31.81
C PRO OA 49 31.42 -17.90 -31.90
N ARG OA 50 30.84 -16.88 -31.27
CA ARG OA 50 29.39 -16.73 -31.24
C ARG OA 50 28.87 -16.29 -32.60
N VAL OA 51 27.81 -16.95 -33.05
CA VAL OA 51 27.13 -16.55 -34.28
C VAL OA 51 25.87 -15.78 -33.91
N PRO OA 52 25.57 -14.68 -34.61
CA PRO OA 52 24.34 -13.94 -34.33
C PRO OA 52 23.11 -14.67 -34.86
N LYS OA 53 22.00 -14.48 -34.16
CA LYS OA 53 20.74 -15.08 -34.58
C LYS OA 53 20.13 -14.36 -35.78
N ALA OA 54 20.47 -13.09 -35.98
CA ALA OA 54 20.00 -12.33 -37.13
C ALA OA 54 21.02 -11.25 -37.44
N ALA OA 55 20.70 -10.41 -38.42
CA ALA OA 55 21.60 -9.34 -38.81
C ALA OA 55 21.60 -8.22 -37.76
N PRO OA 56 22.76 -7.71 -37.37
CA PRO OA 56 22.79 -6.63 -36.38
C PRO OA 56 22.33 -5.30 -36.97
N TYR OA 57 21.56 -4.57 -36.19
CA TYR OA 57 21.03 -3.28 -36.63
C TYR OA 57 22.09 -2.20 -36.48
N PRO OA 58 22.33 -1.38 -37.51
CA PRO OA 58 23.28 -0.27 -37.37
C PRO OA 58 22.70 0.87 -36.54
N TYR OA 59 22.75 0.72 -35.22
CA TYR OA 59 22.09 1.67 -34.33
C TYR OA 59 22.84 2.99 -34.21
N LYS OA 60 24.13 3.02 -34.53
CA LYS OA 60 24.89 4.26 -34.50
C LYS OA 60 24.75 5.06 -35.78
N THR OA 61 24.21 4.46 -36.84
CA THR OA 61 24.10 5.11 -38.16
C THR OA 61 22.66 5.29 -38.60
N LYS OA 62 21.79 4.30 -38.37
CA LYS OA 62 20.40 4.38 -38.76
C LYS OA 62 19.54 4.64 -37.53
N LYS OA 63 18.63 5.60 -37.63
CA LYS OA 63 17.76 5.95 -36.52
C LYS OA 63 16.60 4.97 -36.44
N TYR OA 64 16.38 4.41 -35.25
CA TYR OA 64 15.28 3.49 -35.01
C TYR OA 64 14.14 4.25 -34.35
N SER OA 65 12.97 4.21 -34.98
CA SER OA 65 11.82 4.99 -34.55
C SER OA 65 10.59 4.10 -34.61
N VAL OA 66 9.42 4.73 -34.51
CA VAL OA 66 8.15 3.99 -34.52
C VAL OA 66 7.89 3.41 -35.90
N PHE OA 67 8.16 4.19 -36.96
CA PHE OA 67 7.94 3.71 -38.32
C PHE OA 67 8.99 2.69 -38.75
N ASN OA 68 10.14 2.66 -38.09
CA ASN OA 68 11.14 1.62 -38.34
C ASN OA 68 10.87 0.35 -37.55
N ALA OA 69 9.90 0.35 -36.64
CA ALA OA 69 9.63 -0.81 -35.81
C ALA OA 69 8.79 -1.86 -36.51
N ILE OA 70 8.18 -1.53 -37.65
CA ILE OA 70 7.37 -2.51 -38.37
C ILE OA 70 8.28 -3.50 -39.09
N PHE OA 71 9.26 -3.00 -39.83
CA PHE OA 71 10.12 -3.86 -40.64
C PHE OA 71 11.17 -4.60 -39.82
N ASP OA 72 11.68 -3.98 -38.75
CA ASP OA 72 12.69 -4.58 -37.89
C ASP OA 72 12.12 -4.83 -36.51
N LYS OA 73 12.29 -6.05 -36.01
CA LYS OA 73 11.76 -6.45 -34.72
C LYS OA 73 12.92 -6.75 -33.77
N THR OA 74 12.71 -6.41 -32.49
CA THR OA 74 13.79 -6.45 -31.51
C THR OA 74 14.16 -7.87 -31.10
N SER OA 75 13.16 -8.73 -30.84
CA SER OA 75 13.40 -10.03 -30.22
C SER OA 75 13.83 -11.11 -31.20
N LYS OA 76 14.06 -10.77 -32.47
CA LYS OA 76 14.60 -11.73 -33.42
C LYS OA 76 16.10 -11.95 -33.26
N ARG OA 77 16.78 -11.14 -32.45
CA ARG OA 77 18.22 -11.24 -32.25
C ARG OA 77 18.60 -11.76 -30.87
N PHE OA 78 17.66 -11.86 -29.94
CA PHE OA 78 17.99 -12.19 -28.57
C PHE OA 78 18.26 -13.68 -28.39
N ASP OA 79 19.20 -13.99 -27.51
CA ASP OA 79 19.62 -15.35 -27.23
C ASP OA 79 20.03 -15.43 -25.77
N GLU OA 80 20.74 -16.50 -25.40
CA GLU OA 80 21.20 -16.65 -24.02
C GLU OA 80 22.39 -15.74 -23.72
N ASN OA 81 23.12 -15.29 -24.73
CA ASN OA 81 24.26 -14.40 -24.55
C ASN OA 81 23.88 -12.93 -24.52
N SER OA 82 22.60 -12.60 -24.70
CA SER OA 82 22.15 -11.22 -24.76
C SER OA 82 21.68 -10.74 -23.39
N LYS OA 83 22.64 -10.67 -22.46
CA LYS OA 83 22.36 -10.25 -21.09
C LYS OA 83 23.39 -9.21 -20.65
N VAL OA 84 22.98 -8.36 -19.72
CA VAL OA 84 23.84 -7.31 -19.19
C VAL OA 84 24.55 -7.83 -17.95
N ILE OA 85 25.87 -7.86 -17.99
CA ILE OA 85 26.69 -8.28 -16.86
C ILE OA 85 27.49 -7.08 -16.38
N CYS OA 86 27.35 -6.75 -15.10
CA CYS OA 86 28.09 -5.63 -14.51
C CYS OA 86 29.08 -6.18 -13.50
N VAL OA 87 30.36 -5.98 -13.76
CA VAL OA 87 31.37 -6.32 -12.76
C VAL OA 87 31.47 -5.16 -11.77
N GLU OA 88 31.89 -5.47 -10.56
CA GLU OA 88 31.77 -4.53 -9.45
C GLU OA 88 33.03 -4.57 -8.62
N GLY OA 89 33.01 -3.84 -7.50
CA GLY OA 89 34.06 -3.96 -6.52
C GLY OA 89 34.56 -2.64 -5.95
N PRO OA 90 35.62 -2.72 -5.14
CA PRO OA 90 36.21 -1.52 -4.54
C PRO OA 90 37.08 -0.72 -5.50
N ILE OA 91 37.84 0.23 -4.93
CA ILE OA 91 38.66 1.17 -5.71
C ILE OA 91 39.70 0.43 -6.54
N ALA OA 92 40.43 -0.50 -5.94
CA ALA OA 92 41.48 -1.23 -6.64
C ALA OA 92 41.22 -2.73 -6.50
N ALA OA 93 40.66 -3.33 -7.55
CA ALA OA 93 40.33 -4.75 -7.50
C ALA OA 93 40.63 -5.47 -8.81
N GLY OA 94 41.30 -4.83 -9.76
CA GLY OA 94 41.54 -5.43 -11.06
C GLY OA 94 40.28 -5.63 -11.89
N LYS OA 95 39.41 -4.62 -11.92
CA LYS OA 95 38.14 -4.77 -12.62
C LYS OA 95 38.30 -4.69 -14.15
N SER OA 96 39.27 -3.90 -14.62
CA SER OA 96 39.40 -3.66 -16.05
C SER OA 96 39.91 -4.90 -16.80
N LYS OA 97 40.96 -5.54 -16.28
CA LYS OA 97 41.52 -6.72 -16.92
C LYS OA 97 40.57 -7.91 -16.82
N PHE OA 98 39.92 -8.07 -15.67
CA PHE OA 98 38.95 -9.15 -15.48
C PHE OA 98 37.71 -8.95 -16.36
N ALA OA 99 37.25 -7.70 -16.50
CA ALA OA 99 36.10 -7.43 -17.35
C ALA OA 99 36.44 -7.59 -18.83
N LYS OA 100 37.66 -7.24 -19.24
CA LYS OA 100 38.09 -7.48 -20.61
C LYS OA 100 38.20 -8.96 -20.92
N GLU OA 101 38.73 -9.75 -19.97
CA GLU OA 101 38.80 -11.20 -20.16
C GLU OA 101 37.42 -11.84 -20.15
N LEU OA 102 36.49 -11.32 -19.34
CA LEU OA 102 35.12 -11.82 -19.33
C LEU OA 102 34.40 -11.47 -20.62
N ALA OA 103 34.70 -10.31 -21.21
CA ALA OA 103 34.14 -9.95 -22.51
C ALA OA 103 34.70 -10.83 -23.61
N GLU OA 104 35.99 -11.18 -23.51
CA GLU OA 104 36.61 -12.03 -24.52
C GLU OA 104 36.10 -13.46 -24.44
N GLU OA 105 35.91 -13.98 -23.23
CA GLU OA 105 35.51 -15.38 -23.08
C GLU OA 105 34.02 -15.61 -23.36
N LEU OA 106 33.17 -14.64 -23.04
CA LEU OA 106 31.72 -14.79 -23.21
C LEU OA 106 31.20 -14.19 -24.52
N ASP OA 107 32.10 -13.67 -25.37
CA ASP OA 107 31.77 -12.99 -26.63
C ASP OA 107 30.79 -11.83 -26.43
N MET OA 108 31.19 -10.91 -25.55
CA MET OA 108 30.41 -9.73 -25.25
C MET OA 108 31.21 -8.46 -25.52
N GLU OA 109 30.50 -7.35 -25.58
CA GLU OA 109 31.12 -6.03 -25.77
C GLU OA 109 31.60 -5.49 -24.44
N TYR OA 110 32.85 -5.01 -24.40
CA TYR OA 110 33.44 -4.50 -23.17
C TYR OA 110 33.18 -3.01 -23.05
N TYR OA 111 32.65 -2.60 -21.91
CA TYR OA 111 32.40 -1.19 -21.62
C TYR OA 111 33.12 -0.79 -20.34
N PRO OA 112 34.25 -0.08 -20.43
CA PRO OA 112 35.00 0.30 -19.22
C PRO OA 112 34.30 1.41 -18.47
N ALA OA 113 34.82 1.70 -17.28
CA ALA OA 113 34.24 2.75 -16.45
C ALA OA 113 34.55 4.11 -17.05
N VAL OA 114 33.53 4.95 -17.06
CA VAL OA 114 33.64 6.27 -17.68
C VAL OA 114 34.43 7.18 -16.76
N ASP OA 115 35.40 7.89 -17.34
CA ASP OA 115 36.17 8.91 -16.65
C ASP OA 115 35.85 10.26 -17.26
N LEU OA 116 36.45 11.30 -16.71
CA LEU OA 116 36.15 12.66 -17.14
C LEU OA 116 37.00 13.12 -18.31
N ASP OA 117 37.71 12.21 -18.97
CA ASP OA 117 38.36 12.51 -20.24
C ASP OA 117 37.42 12.39 -21.42
N LEU OA 118 36.17 11.99 -21.18
CA LEU OA 118 35.20 11.94 -22.27
C LEU OA 118 34.64 13.31 -22.62
N ILE OA 119 34.63 14.24 -21.66
CA ILE OA 119 34.13 15.58 -21.91
C ILE OA 119 35.22 16.65 -21.82
N TYR OA 120 36.29 16.40 -21.06
CA TYR OA 120 37.40 17.34 -21.06
C TYR OA 120 38.26 17.18 -22.31
N ILE OA 121 38.33 15.98 -22.88
CA ILE OA 121 38.92 15.76 -24.19
C ILE OA 121 37.76 15.49 -25.14
N ASN OA 122 37.59 16.38 -26.13
CA ASN OA 122 36.47 16.30 -27.05
C ASN OA 122 36.79 15.30 -28.17
N SER OA 123 35.98 15.33 -29.23
CA SER OA 123 36.17 14.41 -30.35
C SER OA 123 37.39 14.72 -31.19
N TYR OA 124 37.96 15.92 -31.05
CA TYR OA 124 39.15 16.31 -31.81
C TYR OA 124 40.44 16.12 -31.02
N GLY OA 125 40.37 15.60 -29.80
CA GLY OA 125 41.55 15.33 -29.02
C GLY OA 125 42.08 16.48 -28.20
N TYR OA 126 41.45 17.65 -28.29
CA TYR OA 126 41.90 18.81 -27.52
C TYR OA 126 41.44 18.66 -26.07
N ASP OA 127 42.39 18.59 -25.16
CA ASP OA 127 42.06 18.56 -23.74
C ASP OA 127 41.68 19.95 -23.25
N MET OA 128 40.55 20.04 -22.55
CA MET OA 128 40.05 21.32 -22.06
C MET OA 128 40.53 21.62 -20.65
N ARG OA 129 41.50 20.87 -20.15
CA ARG OA 129 42.13 21.15 -18.87
C ARG OA 129 43.17 22.26 -18.97
N LYS OA 130 43.51 22.70 -20.18
CA LYS OA 130 44.44 23.80 -20.39
C LYS OA 130 43.74 25.15 -20.48
N LEU OA 131 42.42 25.18 -20.37
CA LEU OA 131 41.66 26.42 -20.43
C LEU OA 131 41.51 27.10 -19.07
N ASP OA 132 41.94 26.45 -18.00
CA ASP OA 132 41.78 27.00 -16.65
C ASP OA 132 42.47 28.32 -16.24
N PRO OA 133 43.48 28.89 -16.94
CA PRO OA 133 43.81 30.29 -16.60
C PRO OA 133 42.71 31.28 -16.96
N GLN OA 134 42.07 31.11 -18.12
CA GLN OA 134 41.04 32.04 -18.56
C GLN OA 134 39.73 31.85 -17.80
N LEU OA 135 39.48 30.65 -17.32
CA LEU OA 135 38.22 30.33 -16.65
C LEU OA 135 38.22 30.89 -15.22
N PRO OA 136 37.03 31.18 -14.67
CA PRO OA 136 36.94 31.57 -13.26
C PRO OA 136 37.25 30.39 -12.35
N PRO OA 137 37.67 30.66 -11.10
CA PRO OA 137 37.99 29.54 -10.18
C PRO OA 137 36.80 28.69 -9.78
N SER OA 138 35.57 29.19 -9.91
CA SER OA 138 34.39 28.37 -9.71
C SER OA 138 34.00 27.59 -10.97
N CYS OA 139 34.68 27.83 -12.09
CA CYS OA 139 34.39 27.16 -13.35
C CYS OA 139 35.59 26.41 -13.89
N ARG OA 140 36.60 26.17 -13.05
CA ARG OA 140 37.82 25.52 -13.51
C ARG OA 140 37.61 24.01 -13.66
N SER OA 141 38.57 23.36 -14.31
CA SER OA 141 38.50 21.94 -14.54
C SER OA 141 38.72 21.16 -13.25
N TYR OA 142 37.91 20.12 -13.04
CA TYR OA 142 37.98 19.31 -11.84
C TYR OA 142 37.76 17.85 -12.23
N ASP OA 143 38.83 17.06 -12.15
CA ASP OA 143 38.81 15.65 -12.51
C ASP OA 143 39.16 14.79 -11.28
N VAL OA 144 39.45 13.52 -11.53
CA VAL OA 144 39.68 12.53 -10.47
C VAL OA 144 40.91 12.91 -9.64
N ARG OA 145 42.00 13.30 -10.31
CA ARG OA 145 43.21 13.70 -9.60
C ARG OA 145 43.01 15.03 -8.85
N ASN OA 146 42.11 15.89 -9.36
CA ASN OA 146 41.77 17.10 -8.62
C ASN OA 146 40.95 16.78 -7.38
N PHE OA 147 40.16 15.70 -7.42
CA PHE OA 147 39.49 15.24 -6.21
C PHE OA 147 40.50 14.66 -5.22
N CYS OA 148 41.49 13.92 -5.73
CA CYS OA 148 42.45 13.26 -4.85
C CYS OA 148 43.39 14.27 -4.19
N LEU OA 149 43.80 15.31 -4.91
CA LEU OA 149 44.65 16.33 -4.30
C LEU OA 149 43.86 17.24 -3.38
N ASP OA 150 42.65 17.66 -3.79
CA ASP OA 150 41.83 18.58 -3.01
C ASP OA 150 40.47 17.93 -2.78
N PRO OA 151 40.30 17.19 -1.67
CA PRO OA 151 39.01 16.51 -1.43
C PRO OA 151 37.90 17.44 -0.99
N SER OA 152 38.24 18.50 -0.26
CA SER OA 152 37.26 19.37 0.38
C SER OA 152 36.76 20.49 -0.53
N HIS OA 153 37.03 20.41 -1.83
CA HIS OA 153 36.58 21.42 -2.76
C HIS OA 153 35.08 21.30 -3.00
N ASP OA 154 34.46 22.41 -3.39
CA ASP OA 154 33.02 22.43 -3.60
C ASP OA 154 32.62 21.66 -4.86
N LEU OA 155 33.34 21.90 -5.96
CA LEU OA 155 32.99 21.33 -7.27
C LEU OA 155 33.15 19.82 -7.33
N ALA OA 156 33.86 19.24 -6.35
CA ALA OA 156 33.94 17.79 -6.19
C ALA OA 156 32.56 17.17 -6.06
N ALA OA 157 31.64 17.84 -5.36
CA ALA OA 157 30.25 17.41 -5.29
C ALA OA 157 29.63 17.38 -6.68
N GLN OA 158 29.86 18.45 -7.46
CA GLN OA 158 29.48 18.50 -8.86
C GLN OA 158 30.10 17.37 -9.65
N PHE OA 159 31.38 17.07 -9.34
CA PHE OA 159 32.11 15.99 -9.98
C PHE OA 159 31.41 14.66 -9.78
N GLN OA 160 30.91 14.41 -8.56
CA GLN OA 160 30.20 13.18 -8.27
C GLN OA 160 28.92 13.09 -9.08
N ILE OA 161 28.18 14.22 -9.15
CA ILE OA 161 26.97 14.29 -9.95
C ILE OA 161 27.29 14.09 -11.42
N ARG OA 162 28.42 14.67 -11.86
CA ARG OA 162 28.85 14.59 -13.23
C ARG OA 162 29.18 13.15 -13.60
N MET OA 163 29.78 12.42 -12.64
CA MET OA 163 30.17 11.04 -12.88
C MET OA 163 28.94 10.17 -13.08
N TYR OA 164 27.87 10.48 -12.33
CA TYR OA 164 26.62 9.73 -12.46
C TYR OA 164 26.03 9.92 -13.85
N MET OA 165 26.09 11.16 -14.36
CA MET OA 165 25.60 11.45 -15.70
C MET OA 165 26.41 10.70 -16.74
N LEU OA 166 27.72 10.60 -16.52
CA LEU OA 166 28.59 9.89 -17.45
C LEU OA 166 28.27 8.40 -17.42
N ARG OA 167 27.96 7.85 -16.24
CA ARG OA 167 27.57 6.46 -16.16
C ARG OA 167 26.22 6.25 -16.84
N TYR OA 168 25.33 7.24 -16.69
CA TYR OA 168 24.06 7.22 -17.40
C TYR OA 168 24.31 7.27 -18.90
N SER OA 169 25.31 8.08 -19.31
CA SER OA 169 25.67 8.22 -20.70
C SER OA 169 26.30 6.96 -21.28
N GLN OA 170 26.71 5.99 -20.45
CA GLN OA 170 27.11 4.73 -21.04
C GLN OA 170 26.03 3.66 -20.92
N TYR OA 171 25.10 3.81 -19.97
CA TYR OA 171 24.18 2.70 -19.69
C TYR OA 171 23.14 2.55 -20.79
N ILE OA 172 22.62 3.67 -21.29
CA ILE OA 172 21.83 3.66 -22.51
C ILE OA 172 22.65 3.15 -23.68
N ASP OA 173 23.95 3.51 -23.71
CA ASP OA 173 24.86 2.93 -24.70
C ASP OA 173 25.10 1.45 -24.45
N ALA OA 174 24.91 0.98 -23.22
CA ALA OA 174 24.81 -0.46 -23.01
C ALA OA 174 23.51 -1.00 -23.57
N LEU OA 175 22.39 -0.32 -23.27
CA LEU OA 175 21.08 -0.85 -23.64
C LEU OA 175 20.76 -0.63 -25.11
N GLN OA 176 21.49 0.26 -25.79
CA GLN OA 176 21.42 0.30 -27.24
C GLN OA 176 22.11 -0.91 -27.86
N HIS OA 177 23.10 -1.48 -27.18
CA HIS OA 177 23.86 -2.58 -27.75
C HIS OA 177 23.15 -3.92 -27.57
N VAL OA 178 22.51 -4.13 -26.43
CA VAL OA 178 21.83 -5.40 -26.17
C VAL OA 178 20.57 -5.53 -27.04
N LEU OA 179 19.77 -4.46 -27.11
CA LEU OA 179 18.47 -4.55 -27.78
C LEU OA 179 18.60 -4.55 -29.29
N SER OA 180 19.52 -3.75 -29.85
CA SER OA 180 19.56 -3.56 -31.29
C SER OA 180 20.43 -4.59 -32.01
N THR OA 181 21.51 -5.07 -31.40
CA THR OA 181 22.38 -6.04 -32.05
C THR OA 181 22.18 -7.45 -31.53
N GLY OA 182 21.74 -7.61 -30.29
CA GLY OA 182 21.55 -8.92 -29.71
C GLY OA 182 22.75 -9.51 -29.01
N GLN OA 183 23.81 -8.75 -28.84
CA GLN OA 183 25.00 -9.18 -28.12
C GLN OA 183 25.06 -8.47 -26.78
N GLY OA 184 25.25 -9.23 -25.71
CA GLY OA 184 25.26 -8.65 -24.38
C GLY OA 184 26.51 -7.82 -24.13
N VAL OA 185 26.46 -7.08 -23.03
CA VAL OA 185 27.55 -6.16 -22.69
C VAL OA 185 28.04 -6.46 -21.29
N VAL OA 186 29.27 -6.04 -21.00
CA VAL OA 186 29.82 -6.06 -19.66
C VAL OA 186 30.21 -4.63 -19.30
N LEU OA 187 29.88 -4.25 -18.07
CA LEU OA 187 30.03 -2.88 -17.59
C LEU OA 187 31.01 -2.89 -16.43
N GLU OA 188 32.01 -2.00 -16.46
CA GLU OA 188 32.97 -2.00 -15.37
C GLU OA 188 32.36 -1.39 -14.11
N ARG OA 189 31.43 -0.44 -14.26
CA ARG OA 189 30.66 0.10 -13.15
C ARG OA 189 29.29 0.52 -13.66
N SER OA 190 28.35 0.67 -12.75
CA SER OA 190 26.95 0.92 -13.07
C SER OA 190 26.48 2.26 -12.54
N PRO OA 191 25.46 2.88 -13.18
CA PRO OA 191 24.83 4.06 -12.58
C PRO OA 191 24.11 3.77 -11.28
N TYR OA 192 23.65 2.54 -11.08
CA TYR OA 192 23.14 2.11 -9.78
C TYR OA 192 24.24 2.09 -8.72
N SER OA 193 25.49 1.90 -9.12
CA SER OA 193 26.62 1.74 -8.23
C SER OA 193 27.31 3.05 -7.88
N ASP OA 194 26.63 4.18 -8.00
CA ASP OA 194 27.28 5.47 -7.81
C ASP OA 194 26.75 6.29 -6.66
N PHE OA 195 25.62 5.91 -6.06
CA PHE OA 195 25.15 6.61 -4.87
C PHE OA 195 25.97 6.23 -3.64
N VAL OA 196 26.63 5.06 -3.67
CA VAL OA 196 27.50 4.65 -2.57
C VAL OA 196 28.72 5.55 -2.49
N PHE OA 197 29.22 6.03 -3.63
CA PHE OA 197 30.32 6.99 -3.64
C PHE OA 197 29.87 8.33 -3.07
N MET OA 198 28.63 8.74 -3.37
CA MET OA 198 28.06 9.97 -2.82
C MET OA 198 27.94 9.90 -1.31
N GLU OA 199 27.44 8.78 -0.79
CA GLU OA 199 27.34 8.61 0.66
C GLU OA 199 28.70 8.43 1.32
N ALA OA 200 29.68 7.92 0.59
CA ALA OA 200 31.04 7.82 1.11
C ALA OA 200 31.70 9.19 1.24
N MET OA 201 31.46 10.08 0.27
CA MET OA 201 31.91 11.46 0.45
C MET OA 201 31.12 12.18 1.54
N PHE OA 202 29.84 11.85 1.69
CA PHE OA 202 29.01 12.54 2.68
C PHE OA 202 29.40 12.17 4.11
N ARG OA 203 29.67 10.89 4.37
CA ARG OA 203 30.04 10.49 5.72
C ARG OA 203 31.45 10.91 6.08
N GLN OA 204 32.32 11.11 5.09
CA GLN OA 204 33.65 11.61 5.35
C GLN OA 204 33.69 13.13 5.48
N GLY OA 205 32.60 13.82 5.14
CA GLY OA 205 32.52 15.26 5.29
C GLY OA 205 32.82 16.07 4.04
N TYR OA 206 33.01 15.42 2.90
CA TYR OA 206 33.31 16.14 1.68
C TYR OA 206 32.08 16.74 1.01
N LEU OA 207 30.89 16.32 1.42
CA LEU OA 207 29.63 16.82 0.86
C LEU OA 207 28.74 17.31 1.99
N SER OA 208 27.90 18.29 1.68
CA SER OA 208 26.95 18.81 2.64
C SER OA 208 25.63 18.04 2.54
N ARG OA 209 24.65 18.47 3.33
CA ARG OA 209 23.31 17.90 3.22
C ARG OA 209 22.62 18.32 1.92
N GLY OA 210 22.93 19.52 1.44
CA GLY OA 210 22.28 20.02 0.23
C GLY OA 210 22.69 19.28 -1.02
N ALA OA 211 23.97 18.96 -1.16
CA ALA OA 211 24.42 18.20 -2.32
C ALA OA 211 23.93 16.76 -2.28
N ARG OA 212 23.81 16.19 -1.08
CA ARG OA 212 23.20 14.87 -0.93
C ARG OA 212 21.74 14.88 -1.34
N SER OA 213 21.00 15.93 -0.94
CA SER OA 213 19.59 16.05 -1.31
C SER OA 213 19.44 16.26 -2.82
N VAL OA 214 20.35 17.03 -3.43
CA VAL OA 214 20.32 17.25 -4.87
C VAL OA 214 20.59 15.95 -5.63
N TYR OA 215 21.62 15.20 -5.22
CA TYR OA 215 21.96 13.97 -5.91
C TYR OA 215 20.90 12.90 -5.70
N ASN OA 216 20.25 12.89 -4.52
CA ASN OA 216 19.12 12.01 -4.29
C ASN OA 216 17.93 12.39 -5.18
N GLU OA 217 17.73 13.69 -5.41
CA GLU OA 217 16.62 14.11 -6.26
C GLU OA 217 16.87 13.76 -7.73
N LEU OA 218 18.12 13.93 -8.21
CA LEU OA 218 18.45 13.47 -9.57
C LEU OA 218 18.39 11.95 -9.70
N ARG OA 219 18.77 11.21 -8.65
CA ARG OA 219 18.67 9.76 -8.71
C ARG OA 219 17.21 9.30 -8.73
N GLN OA 220 16.35 9.93 -7.93
CA GLN OA 220 14.93 9.62 -7.97
C GLN OA 220 14.29 10.03 -9.30
N ASN OA 221 14.80 11.11 -9.90
CA ASN OA 221 14.30 11.57 -11.19
C ASN OA 221 14.73 10.65 -12.34
N THR OA 222 15.91 10.05 -12.26
CA THR OA 222 16.51 9.45 -13.44
C THR OA 222 16.67 7.93 -13.42
N ILE OA 223 16.79 7.28 -12.25
CA ILE OA 223 17.19 5.87 -12.26
C ILE OA 223 16.02 4.96 -12.60
N GLY OA 224 14.78 5.47 -12.48
CA GLY OA 224 13.60 4.65 -12.72
C GLY OA 224 13.31 4.36 -14.17
N GLU OA 225 13.99 5.04 -15.09
CA GLU OA 225 13.84 4.79 -16.52
C GLU OA 225 14.79 3.73 -17.03
N LEU OA 226 15.74 3.28 -16.22
CA LEU OA 226 16.70 2.28 -16.65
C LEU OA 226 16.21 0.87 -16.32
N LEU OA 227 16.73 -0.10 -17.07
CA LEU OA 227 16.49 -1.51 -16.80
C LEU OA 227 17.63 -2.05 -15.95
N LYS OA 228 17.28 -2.76 -14.88
CA LYS OA 228 18.29 -3.31 -13.99
C LYS OA 228 19.06 -4.43 -14.70
N PRO OA 229 20.35 -4.60 -14.39
CA PRO OA 229 21.17 -5.56 -15.14
C PRO OA 229 20.80 -7.00 -14.82
N HIS OA 230 21.18 -7.90 -15.74
CA HIS OA 230 20.88 -9.31 -15.58
C HIS OA 230 21.71 -9.95 -14.48
N LEU OA 231 23.02 -9.68 -14.47
CA LEU OA 231 23.92 -10.35 -13.55
C LEU OA 231 24.97 -9.36 -13.08
N VAL OA 232 25.35 -9.48 -11.81
CA VAL OA 232 26.38 -8.63 -11.22
C VAL OA 232 27.44 -9.51 -10.56
N ILE OA 233 28.70 -9.12 -10.76
CA ILE OA 233 29.84 -9.81 -10.17
C ILE OA 233 30.56 -8.84 -9.26
N TYR OA 234 30.57 -9.14 -7.96
CA TYR OA 234 31.23 -8.31 -6.97
C TYR OA 234 32.52 -8.99 -6.54
N LEU OA 235 33.63 -8.27 -6.65
CA LEU OA 235 34.95 -8.77 -6.26
C LEU OA 235 35.21 -8.31 -4.83
N ASP OA 236 34.93 -9.19 -3.87
CA ASP OA 236 35.05 -8.83 -2.47
C ASP OA 236 36.52 -8.74 -2.05
N LEU OA 237 36.84 -7.68 -1.31
CA LEU OA 237 38.20 -7.43 -0.82
C LEU OA 237 38.12 -6.80 0.56
N PRO OA 238 39.10 -7.03 1.42
CA PRO OA 238 39.14 -6.34 2.71
C PRO OA 238 39.54 -4.88 2.54
N VAL OA 239 39.43 -4.14 3.65
CA VAL OA 239 39.73 -2.71 3.63
C VAL OA 239 41.23 -2.45 3.47
N ASP OA 240 42.08 -3.28 4.08
CA ASP OA 240 43.53 -3.05 4.01
C ASP OA 240 44.13 -3.46 2.68
N ALA OA 241 43.64 -4.58 2.11
CA ALA OA 241 44.26 -5.18 0.93
C ALA OA 241 44.11 -4.30 -0.30
N VAL OA 242 42.98 -3.58 -0.41
CA VAL OA 242 42.78 -2.58 -1.46
C VAL OA 242 43.85 -1.50 -1.37
N LYS OA 243 44.19 -1.09 -0.13
CA LYS OA 243 45.30 -0.15 0.08
C LYS OA 243 46.62 -0.75 -0.39
N LYS OA 244 46.80 -2.06 -0.15
CA LYS OA 244 47.95 -2.77 -0.70
C LYS OA 244 47.92 -2.77 -2.22
N GLN OA 245 46.72 -2.92 -2.80
CA GLN OA 245 46.58 -2.82 -4.25
C GLN OA 245 46.80 -1.40 -4.76
N ILE OA 246 46.62 -0.39 -3.88
CA ILE OA 246 47.04 0.97 -4.24
C ILE OA 246 48.54 1.00 -4.46
N LYS OA 247 49.30 0.32 -3.60
CA LYS OA 247 50.73 0.16 -3.82
C LYS OA 247 51.05 -0.77 -4.98
N ALA OA 248 50.07 -1.53 -5.47
CA ALA OA 248 50.26 -2.27 -6.70
C ALA OA 248 50.07 -1.41 -7.95
N ARG OA 249 49.55 -0.19 -7.80
CA ARG OA 249 49.32 0.67 -8.94
C ARG OA 249 50.42 1.73 -9.11
N ASN OA 250 50.90 2.28 -7.98
CA ASN OA 250 52.05 3.19 -7.90
C ASN OA 250 51.85 4.49 -8.69
N VAL OA 251 50.59 4.91 -8.86
CA VAL OA 251 50.33 6.23 -9.42
C VAL OA 251 50.44 7.27 -8.30
N ASP OA 252 50.90 8.46 -8.66
CA ASP OA 252 51.33 9.43 -7.65
C ASP OA 252 50.15 10.08 -6.94
N TYR OA 253 49.09 10.43 -7.69
CA TYR OA 253 47.98 11.16 -7.10
C TYR OA 253 47.09 10.30 -6.22
N GLU OA 254 47.22 8.98 -6.28
CA GLU OA 254 46.49 8.10 -5.37
C GLU OA 254 47.34 7.63 -4.19
N VAL OA 255 48.63 7.92 -4.18
CA VAL OA 255 49.47 7.55 -3.04
C VAL OA 255 49.83 8.77 -2.19
N GLN OA 256 49.85 9.97 -2.78
CA GLN OA 256 50.09 11.18 -2.00
C GLN OA 256 48.80 11.84 -1.52
N SER OA 257 47.66 11.21 -1.77
CA SER OA 257 46.36 11.78 -1.44
C SER OA 257 46.02 11.53 0.03
N LYS OA 258 44.77 11.83 0.39
CA LYS OA 258 44.28 11.71 1.75
C LYS OA 258 43.02 10.84 1.85
N VAL OA 259 42.24 10.73 0.76
CA VAL OA 259 40.94 10.07 0.79
C VAL OA 259 41.05 8.56 1.00
N PHE OA 260 42.11 7.94 0.49
CA PHE OA 260 42.25 6.49 0.57
C PHE OA 260 42.79 6.12 1.95
N SER OA 261 41.88 6.09 2.92
CA SER OA 261 42.18 5.80 4.31
C SER OA 261 41.39 4.58 4.77
N ASP OA 262 41.48 4.28 6.07
CA ASP OA 262 40.82 3.10 6.61
C ASP OA 262 39.31 3.29 6.73
N ALA OA 263 38.87 4.50 7.08
CA ALA OA 263 37.45 4.73 7.31
C ALA OA 263 36.69 4.84 5.99
N TYR OA 264 37.31 5.40 4.95
CA TYR OA 264 36.63 5.64 3.69
C TYR OA 264 36.37 4.35 2.92
N LEU OA 265 37.37 3.48 2.84
CA LEU OA 265 37.19 2.21 2.14
C LEU OA 265 36.28 1.26 2.90
N SER OA 266 36.31 1.34 4.24
CA SER OA 266 35.33 0.62 5.04
C SER OA 266 33.92 1.17 4.82
N ASP OA 267 33.81 2.48 4.57
CA ASP OA 267 32.51 3.07 4.27
C ASP OA 267 31.98 2.59 2.92
N LEU OA 268 32.84 2.48 1.90
CA LEU OA 268 32.43 1.88 0.63
C LEU OA 268 32.04 0.42 0.79
N GLU OA 269 32.81 -0.36 1.56
CA GLU OA 269 32.52 -1.79 1.75
C GLU OA 269 31.19 -1.99 2.47
N GLN OA 270 30.95 -1.19 3.52
CA GLN OA 270 29.68 -1.24 4.25
C GLN OA 270 28.51 -0.80 3.37
N LEU OA 271 28.70 0.27 2.58
CA LEU OA 271 27.64 0.81 1.74
C LEU OA 271 27.24 -0.18 0.65
N TYR OA 272 28.23 -0.75 -0.05
CA TYR OA 272 28.03 -1.82 -1.02
C TYR OA 272 27.30 -3.01 -0.43
N LYS OA 273 27.92 -3.69 0.54
CA LYS OA 273 27.41 -4.95 1.04
C LYS OA 273 26.20 -4.81 1.95
N GLN OA 274 25.81 -3.60 2.36
CA GLN OA 274 24.64 -3.45 3.20
C GLN OA 274 23.47 -2.74 2.54
N GLN OA 275 23.69 -1.99 1.47
CA GLN OA 275 22.57 -1.39 0.76
C GLN OA 275 22.48 -1.86 -0.69
N TYR OA 276 23.57 -1.76 -1.43
CA TYR OA 276 23.47 -1.74 -2.88
C TYR OA 276 23.29 -3.15 -3.43
N LEU OA 277 24.09 -4.10 -2.93
CA LEU OA 277 24.03 -5.46 -3.44
C LEU OA 277 22.76 -6.15 -2.96
N LYS OA 278 22.29 -5.81 -1.76
CA LYS OA 278 21.02 -6.31 -1.25
C LYS OA 278 19.83 -5.72 -2.02
N ASP OA 279 19.96 -4.49 -2.53
CA ASP OA 279 18.91 -3.95 -3.40
C ASP OA 279 18.92 -4.55 -4.80
N ILE OA 280 20.10 -4.88 -5.32
CA ILE OA 280 20.19 -5.44 -6.67
C ILE OA 280 19.88 -6.94 -6.71
N SER OA 281 20.18 -7.68 -5.64
CA SER OA 281 19.98 -9.13 -5.61
C SER OA 281 18.52 -9.57 -5.66
N THR OA 282 17.57 -8.64 -5.48
CA THR OA 282 16.17 -8.91 -5.78
C THR OA 282 15.86 -8.93 -7.27
N HIS OA 283 16.78 -8.46 -8.11
CA HIS OA 283 16.62 -8.49 -9.56
C HIS OA 283 17.71 -9.26 -10.29
N ALA OA 284 18.97 -9.11 -9.90
CA ALA OA 284 20.09 -9.68 -10.62
C ALA OA 284 20.70 -10.84 -9.84
N GLU OA 285 21.21 -11.84 -10.56
CA GLU OA 285 21.90 -12.96 -9.94
C GLU OA 285 23.28 -12.49 -9.50
N LEU OA 286 23.45 -12.34 -8.20
CA LEU OA 286 24.68 -11.81 -7.62
C LEU OA 286 25.72 -12.90 -7.47
N LEU OA 287 26.96 -12.61 -7.86
CA LEU OA 287 28.08 -13.53 -7.70
C LEU OA 287 29.20 -12.82 -6.97
N ILE OA 288 29.53 -13.27 -5.77
CA ILE OA 288 30.55 -12.65 -4.94
C ILE OA 288 31.76 -13.56 -4.89
N TYR OA 289 32.92 -13.03 -5.27
CA TYR OA 289 34.18 -13.75 -5.21
C TYR OA 289 35.16 -13.02 -4.29
N ASP OA 290 36.03 -13.79 -3.66
CA ASP OA 290 37.16 -13.21 -2.95
C ASP OA 290 38.33 -13.03 -3.91
N TRP OA 291 38.86 -11.82 -3.98
CA TRP OA 291 39.93 -11.49 -4.91
C TRP OA 291 41.18 -11.00 -4.20
N THR OA 292 41.51 -11.58 -3.05
CA THR OA 292 42.78 -11.29 -2.39
C THR OA 292 43.95 -11.83 -3.22
N ALA OA 293 43.76 -12.98 -3.85
CA ALA OA 293 44.74 -13.50 -4.78
C ALA OA 293 44.56 -12.85 -6.15
N GLY OA 294 45.36 -13.32 -7.12
CA GLY OA 294 45.26 -12.81 -8.47
C GLY OA 294 43.96 -13.23 -9.16
N GLY OA 295 43.55 -14.48 -8.96
CA GLY OA 295 42.32 -14.97 -9.55
C GLY OA 295 42.50 -15.39 -11.00
N GLU OA 296 41.50 -16.11 -11.49
CA GLU OA 296 41.48 -16.55 -12.87
C GLU OA 296 40.05 -16.43 -13.40
N THR OA 297 39.93 -15.90 -14.62
CA THR OA 297 38.64 -15.59 -15.20
C THR OA 297 37.89 -16.81 -15.71
N GLU OA 298 38.54 -17.97 -15.83
CA GLU OA 298 37.88 -19.13 -16.41
C GLU OA 298 36.90 -19.79 -15.46
N VAL OA 299 37.23 -19.85 -14.15
CA VAL OA 299 36.28 -20.40 -13.19
C VAL OA 299 35.11 -19.44 -12.98
N VAL OA 300 35.36 -18.14 -13.12
CA VAL OA 300 34.28 -17.15 -13.06
C VAL OA 300 33.35 -17.29 -14.26
N VAL OA 301 33.91 -17.65 -15.41
CA VAL OA 301 33.09 -17.98 -16.58
C VAL OA 301 32.30 -19.25 -16.33
N GLU OA 302 32.94 -20.28 -15.75
CA GLU OA 302 32.30 -21.57 -15.58
C GLU OA 302 31.24 -21.59 -14.48
N ASP OA 303 31.26 -20.62 -13.56
CA ASP OA 303 30.13 -20.48 -12.64
C ASP OA 303 28.90 -19.89 -13.29
N ILE OA 304 29.03 -19.23 -14.45
CA ILE OA 304 27.89 -18.55 -15.07
C ILE OA 304 26.96 -19.56 -15.73
N GLU OA 305 27.51 -20.58 -16.40
CA GLU OA 305 26.65 -21.56 -17.07
C GLU OA 305 25.94 -22.50 -16.11
N ARG OA 306 26.36 -22.55 -14.84
CA ARG OA 306 25.63 -23.34 -13.86
C ARG OA 306 24.36 -22.66 -13.39
N ILE OA 307 24.17 -21.38 -13.72
CA ILE OA 307 22.96 -20.65 -13.37
C ILE OA 307 21.89 -20.92 -14.42
N ASP OA 308 20.72 -21.34 -13.97
CA ASP OA 308 19.57 -21.50 -14.85
C ASP OA 308 18.81 -20.17 -14.90
N PHE OA 309 18.82 -19.54 -16.08
CA PHE OA 309 18.13 -18.27 -16.25
C PHE OA 309 16.69 -18.43 -16.70
N ASN OA 310 16.25 -19.65 -16.96
CA ASN OA 310 14.87 -19.91 -17.37
C ASN OA 310 13.96 -20.25 -16.21
N GLN OA 311 14.49 -20.32 -14.98
CA GLN OA 311 13.65 -20.61 -13.82
C GLN OA 311 12.88 -19.39 -13.36
N PHE OA 312 13.24 -18.19 -13.81
CA PHE OA 312 12.53 -16.98 -13.46
C PHE OA 312 11.38 -16.67 -14.41
N GLU OA 313 11.25 -17.42 -15.51
CA GLU OA 313 10.21 -17.19 -16.49
C GLU OA 313 8.94 -17.97 -16.21
N ALA OA 314 8.91 -18.76 -15.13
CA ALA OA 314 7.69 -19.50 -14.79
C ALA OA 314 6.63 -18.56 -14.21
N ASP OA 315 7.06 -17.56 -13.44
CA ASP OA 315 6.17 -16.57 -12.88
C ASP OA 315 6.36 -15.25 -13.61
N ILE OA 316 5.27 -14.66 -14.08
CA ILE OA 316 5.35 -13.39 -14.78
C ILE OA 316 5.50 -12.22 -13.81
N HIS OA 317 5.25 -12.45 -12.51
CA HIS OA 317 5.41 -11.42 -11.49
C HIS OA 317 6.65 -11.64 -10.63
N ASN OA 318 7.61 -12.41 -11.12
CA ASN OA 318 8.84 -12.65 -10.38
C ASN OA 318 9.70 -11.39 -10.36
N LYS OA 319 10.28 -11.11 -9.19
CA LYS OA 319 11.11 -9.92 -9.05
C LYS OA 319 12.44 -10.07 -9.77
N LYS OA 320 12.95 -11.30 -9.89
CA LYS OA 320 14.14 -11.54 -10.69
C LYS OA 320 13.78 -11.44 -12.17
N MET OA 321 14.60 -10.69 -12.92
CA MET OA 321 14.47 -10.44 -14.36
C MET OA 321 13.12 -9.82 -14.70
N LEU OA 322 12.63 -8.93 -13.83
CA LEU OA 322 11.31 -8.34 -14.03
C LEU OA 322 11.35 -7.27 -15.13
N ASP OA 323 12.40 -6.45 -15.13
CA ASP OA 323 12.49 -5.37 -16.10
C ASP OA 323 12.84 -5.85 -17.50
N TRP OA 324 13.38 -7.06 -17.63
CA TRP OA 324 13.86 -7.57 -18.91
C TRP OA 324 12.92 -8.58 -19.54
N ARG OA 325 11.76 -8.85 -18.95
CA ARG OA 325 10.79 -9.73 -19.58
C ARG OA 325 9.75 -8.90 -20.33
N PHE OA 326 9.38 -9.37 -21.51
CA PHE OA 326 8.43 -8.66 -22.35
C PHE OA 326 7.50 -9.69 -23.00
N PRO OA 327 6.19 -9.56 -22.81
CA PRO OA 327 5.27 -10.61 -23.28
C PRO OA 327 5.04 -10.60 -24.78
N LEU OA 328 5.24 -9.47 -25.45
CA LEU OA 328 5.00 -9.35 -26.87
C LEU OA 328 6.23 -8.78 -27.56
N GLU OA 329 6.29 -8.99 -28.88
CA GLU OA 329 7.34 -8.37 -29.70
C GLU OA 329 7.19 -6.86 -29.73
N ALA OA 330 5.96 -6.37 -29.65
CA ALA OA 330 5.72 -4.93 -29.65
C ALA OA 330 6.21 -4.26 -28.38
N GLU OA 331 6.23 -4.98 -27.25
CA GLU OA 331 6.82 -4.41 -26.04
C GLU OA 331 8.34 -4.36 -26.13
N TRP OA 332 8.95 -5.35 -26.81
CA TRP OA 332 10.38 -5.31 -27.09
C TRP OA 332 10.75 -4.12 -27.97
N CYS OA 333 9.95 -3.89 -29.02
CA CYS OA 333 10.17 -2.74 -29.89
C CYS OA 333 9.86 -1.43 -29.17
N GLU OA 334 8.92 -1.45 -28.22
CA GLU OA 334 8.62 -0.29 -27.39
C GLU OA 334 9.80 0.10 -26.51
N ALA OA 335 10.45 -0.90 -25.90
CA ALA OA 335 11.64 -0.65 -25.10
C ALA OA 335 12.82 -0.21 -25.97
N ARG OA 336 12.95 -0.78 -27.18
CA ARG OA 336 14.04 -0.38 -28.08
C ARG OA 336 13.84 1.04 -28.60
N ILE OA 337 12.59 1.44 -28.85
CA ILE OA 337 12.28 2.81 -29.23
C ILE OA 337 12.58 3.76 -28.08
N LYS OA 338 12.22 3.36 -26.85
CA LYS OA 338 12.51 4.18 -25.67
C LYS OA 338 14.01 4.33 -25.42
N TYR OA 339 14.82 3.33 -25.79
CA TYR OA 339 16.23 3.39 -25.49
C TYR OA 339 17.10 3.83 -26.66
N CYS OA 340 16.52 3.96 -27.86
CA CYS OA 340 17.24 4.44 -29.03
C CYS OA 340 16.78 5.82 -29.47
N HIS OA 341 15.48 6.03 -29.62
CA HIS OA 341 14.95 7.29 -30.08
C HIS OA 341 14.69 8.29 -28.95
N GLU OA 342 14.77 7.87 -27.70
CA GLU OA 342 14.49 8.73 -26.57
C GLU OA 342 15.67 8.79 -25.60
N LYS OA 343 16.88 8.80 -26.14
CA LYS OA 343 18.06 9.10 -25.33
C LYS OA 343 18.21 10.61 -25.05
N PRO OA 344 17.88 11.55 -25.96
CA PRO OA 344 17.73 12.94 -25.51
C PRO OA 344 16.64 13.15 -24.46
N ASP OA 345 15.60 12.32 -24.45
CA ASP OA 345 14.60 12.36 -23.38
C ASP OA 345 15.21 12.04 -22.02
N LEU OA 346 15.98 10.95 -21.96
CA LEU OA 346 16.59 10.53 -20.69
C LEU OA 346 17.73 11.45 -20.29
N MET OA 347 18.40 12.09 -21.25
CA MET OA 347 19.40 13.08 -20.90
C MET OA 347 18.79 14.42 -20.52
N ASN OA 348 17.59 14.74 -21.00
CA ASN OA 348 16.89 15.95 -20.61
C ASN OA 348 16.07 15.77 -19.34
N TYR OA 349 15.95 14.55 -18.83
CA TYR OA 349 15.41 14.35 -17.48
C TYR OA 349 16.32 14.86 -16.37
N PHE OA 350 17.60 15.13 -16.66
CA PHE OA 350 18.52 15.69 -15.67
C PHE OA 350 18.29 17.17 -15.42
N ASN OA 351 17.50 17.84 -16.26
CA ASN OA 351 17.24 19.27 -16.12
C ASN OA 351 16.26 19.49 -14.98
N VAL OA 352 16.78 19.56 -13.76
CA VAL OA 352 15.95 19.87 -12.59
C VAL OA 352 16.49 21.13 -11.94
N PRO OA 353 15.65 21.98 -11.38
CA PRO OA 353 16.14 23.20 -10.73
C PRO OA 353 16.44 23.02 -9.26
N ARG OA 354 17.67 23.32 -8.85
CA ARG OA 354 18.06 23.32 -7.45
C ARG OA 354 18.99 24.49 -7.21
N PHE OA 355 18.50 25.51 -6.52
CA PHE OA 355 19.23 26.76 -6.36
C PHE OA 355 19.58 27.08 -4.92
N ASP OA 356 19.12 26.29 -3.94
CA ASP OA 356 19.40 26.58 -2.55
C ASP OA 356 20.84 26.27 -2.17
N VAL OA 357 21.51 25.37 -2.89
CA VAL OA 357 22.90 25.03 -2.62
C VAL OA 357 23.81 26.10 -3.20
N PRO OA 358 24.93 26.43 -2.54
CA PRO OA 358 25.90 27.32 -3.16
C PRO OA 358 27.11 26.63 -3.81
N GLU OA 359 27.10 25.30 -3.88
CA GLU OA 359 28.19 24.56 -4.48
C GLU OA 359 27.89 24.21 -5.94
N LEU OA 360 26.62 24.15 -6.30
CA LEU OA 360 26.18 23.67 -7.60
C LEU OA 360 25.58 24.78 -8.46
N VAL OA 361 25.66 26.03 -8.01
CA VAL OA 361 25.09 27.16 -8.73
C VAL OA 361 26.25 27.98 -9.29
N ARG OA 362 26.29 28.11 -10.61
CA ARG OA 362 27.32 28.89 -11.28
C ARG OA 362 26.90 30.35 -11.35
N SER OA 363 27.86 31.23 -11.11
CA SER OA 363 27.60 32.67 -11.18
C SER OA 363 27.34 33.10 -12.62
N ALA OA 364 26.52 34.15 -12.77
CA ALA OA 364 26.09 34.55 -14.11
C ALA OA 364 27.18 35.27 -14.87
N ASP OA 365 28.01 36.05 -14.18
CA ASP OA 365 29.19 36.63 -14.83
C ASP OA 365 30.22 35.54 -15.12
N ASP OA 366 30.41 34.62 -14.17
CA ASP OA 366 31.28 33.48 -14.39
C ASP OA 366 30.74 32.55 -15.46
N GLY OA 367 29.40 32.44 -15.58
CA GLY OA 367 28.81 31.64 -16.63
C GLY OA 367 29.04 32.22 -18.02
N LYS OA 368 28.94 33.54 -18.16
CA LYS OA 368 29.19 34.19 -19.45
C LYS OA 368 30.67 34.12 -19.81
N VAL OA 369 31.56 34.31 -18.82
CA VAL OA 369 32.99 34.18 -19.07
C VAL OA 369 33.35 32.74 -19.45
N TRP OA 370 32.73 31.76 -18.78
CA TRP OA 370 32.94 30.35 -19.10
C TRP OA 370 32.43 30.03 -20.50
N ARG OA 371 31.30 30.61 -20.91
CA ARG OA 371 30.78 30.37 -22.25
C ARG OA 371 31.70 30.95 -23.31
N ASP OA 372 32.16 32.18 -23.11
CA ASP OA 372 33.02 32.84 -24.10
C ASP OA 372 34.45 32.30 -24.11
N VAL OA 373 34.86 31.52 -23.11
CA VAL OA 373 36.13 30.79 -23.17
C VAL OA 373 35.94 29.37 -23.71
N TRP OA 374 34.96 28.64 -23.18
CA TRP OA 374 34.80 27.22 -23.48
C TRP OA 374 34.27 26.99 -24.88
N PHE OA 375 33.26 27.77 -25.30
CA PHE OA 375 32.66 27.54 -26.60
C PHE OA 375 33.42 28.28 -27.70
N ASN OA 376 34.37 29.13 -27.34
CA ASN OA 376 35.22 29.74 -28.36
C ASN OA 376 36.56 29.02 -28.46
N ALA OA 377 36.72 27.94 -27.70
CA ALA OA 377 37.95 27.16 -27.76
C ALA OA 377 38.00 26.37 -29.06
N PRO OA 378 39.20 26.01 -29.54
CA PRO OA 378 39.29 25.12 -30.70
C PRO OA 378 38.74 23.73 -30.40
N GLY OA 379 37.96 23.20 -31.33
CA GLY OA 379 37.35 21.90 -31.19
C GLY OA 379 35.91 21.89 -30.73
N MET OA 380 35.42 22.99 -30.14
CA MET OA 380 34.01 23.09 -29.77
C MET OA 380 33.39 24.43 -30.14
N LYS OA 381 33.83 25.06 -31.23
CA LYS OA 381 33.15 26.27 -31.69
C LYS OA 381 31.79 25.93 -32.28
N TYR OA 382 31.69 24.80 -32.95
CA TYR OA 382 30.46 24.34 -33.57
C TYR OA 382 30.17 22.91 -33.14
N ARG OA 383 29.20 22.29 -33.81
CA ARG OA 383 28.94 20.88 -33.65
C ARG OA 383 30.15 20.08 -34.14
N PRO OA 384 30.49 18.96 -33.47
CA PRO OA 384 31.77 18.26 -33.77
C PRO OA 384 31.91 17.69 -35.17
N GLY OA 385 30.82 17.50 -35.90
CA GLY OA 385 30.94 17.18 -37.31
C GLY OA 385 31.42 18.36 -38.15
N TYR OA 386 30.83 19.53 -37.92
CA TYR OA 386 31.04 20.70 -38.76
C TYR OA 386 32.00 21.71 -38.12
N ASN OA 387 33.27 21.35 -38.00
CA ASN OA 387 34.27 22.25 -37.45
C ASN OA 387 35.40 22.42 -38.45
N ALA OA 388 35.47 23.59 -39.08
CA ALA OA 388 36.47 23.85 -40.10
C ALA OA 388 37.85 24.13 -39.52
N ASP OA 389 37.94 24.48 -38.24
CA ASP OA 389 39.23 24.80 -37.63
C ASP OA 389 40.08 23.57 -37.36
N MET OA 390 39.48 22.37 -37.34
CA MET OA 390 40.21 21.14 -37.07
C MET OA 390 40.35 20.26 -38.30
N GLY OA 391 40.23 20.83 -39.49
CA GLY OA 391 40.55 20.11 -40.71
C GLY OA 391 39.43 19.31 -41.34
N ASP OA 392 38.18 19.59 -40.98
CA ASP OA 392 37.07 18.90 -41.62
C ASP OA 392 36.80 19.49 -42.99
N GLU OA 393 36.66 18.62 -43.99
CA GLU OA 393 36.53 19.03 -45.37
C GLU OA 393 35.14 18.68 -45.89
N GLY OA 394 34.77 19.32 -47.00
CA GLY OA 394 33.48 19.10 -47.62
C GLY OA 394 32.30 19.59 -46.81
N LEU OA 395 32.44 20.74 -46.15
CA LEU OA 395 31.36 21.27 -45.34
C LEU OA 395 30.28 21.95 -46.16
N LEU OA 396 30.55 22.24 -47.43
CA LEU OA 396 29.60 22.97 -48.26
C LEU OA 396 28.41 22.12 -48.69
N THR OA 397 28.56 20.80 -48.80
CA THR OA 397 27.49 19.91 -49.21
C THR OA 397 27.06 18.93 -48.13
N LYS OA 398 27.48 19.14 -46.88
CA LYS OA 398 27.21 18.18 -45.81
C LYS OA 398 26.03 18.64 -44.98
N THR OA 399 25.02 17.78 -44.86
CA THR OA 399 23.83 18.06 -44.06
C THR OA 399 23.47 16.92 -43.12
N LYS OA 400 24.43 16.09 -42.73
CA LYS OA 400 24.17 14.94 -41.87
C LYS OA 400 24.59 15.25 -40.43
N ILE OA 401 23.80 14.75 -39.47
CA ILE OA 401 24.09 14.91 -38.06
C ILE OA 401 24.07 13.55 -37.40
N GLY OA 402 24.76 13.46 -36.26
CA GLY OA 402 24.85 12.19 -35.55
C GLY OA 402 23.62 11.92 -34.71
N ILE OA 403 23.21 10.66 -34.69
CA ILE OA 403 22.08 10.22 -33.89
C ILE OA 403 22.55 10.04 -32.45
N ASN OA 404 21.83 10.68 -31.51
CA ASN OA 404 22.14 10.72 -30.08
C ASN OA 404 23.55 11.27 -29.84
N GLN OA 405 23.75 12.50 -30.32
CA GLN OA 405 25.04 13.17 -30.27
C GLN OA 405 24.92 14.42 -29.42
N GLY OA 406 25.88 14.61 -28.50
CA GLY OA 406 25.90 15.82 -27.70
C GLY OA 406 26.32 17.02 -28.55
N ILE OA 407 25.49 18.05 -28.53
CA ILE OA 407 25.73 19.24 -29.35
C ILE OA 407 26.78 20.12 -28.69
N ALA PA 10 25.56 -26.72 39.35
CA ALA PA 10 26.99 -26.79 39.05
C ALA PA 10 27.31 -25.98 37.79
N VAL PA 11 27.97 -26.62 36.83
CA VAL PA 11 28.35 -25.96 35.59
C VAL PA 11 28.12 -26.93 34.44
N GLN PA 12 27.65 -26.40 33.31
CA GLN PA 12 27.38 -27.22 32.12
C GLN PA 12 27.44 -26.31 30.91
N GLN PA 13 28.03 -26.80 29.83
CA GLN PA 13 28.15 -26.06 28.58
C GLN PA 13 27.20 -26.67 27.57
N VAL PA 14 26.12 -25.95 27.24
CA VAL PA 14 25.09 -26.43 26.34
C VAL PA 14 24.91 -25.42 25.20
N ARG PA 15 24.25 -25.87 24.15
CA ARG PA 15 23.88 -24.98 23.05
C ARG PA 15 22.68 -24.13 23.45
N PRO PA 16 22.69 -22.83 23.18
CA PRO PA 16 21.58 -21.97 23.58
C PRO PA 16 20.41 -22.04 22.61
N ILE PA 17 19.26 -21.57 23.08
CA ILE PA 17 18.08 -21.42 22.24
C ILE PA 17 17.64 -19.95 22.15
N LEU PA 18 18.04 -19.30 21.06
CA LEU PA 18 17.67 -17.97 20.59
C LEU PA 18 18.15 -16.83 21.49
N SER PA 19 18.84 -17.10 22.60
CA SER PA 19 19.31 -16.07 23.50
C SER PA 19 20.50 -16.58 24.29
N VAL PA 20 21.43 -15.69 24.59
CA VAL PA 20 22.62 -16.08 25.34
C VAL PA 20 22.43 -15.84 26.83
N ASP PA 21 21.94 -14.66 27.21
CA ASP PA 21 21.81 -14.30 28.61
C ASP PA 21 20.33 -14.10 28.96
N ARG PA 22 20.07 -13.68 30.20
CA ARG PA 22 18.73 -13.49 30.72
C ARG PA 22 18.03 -12.26 30.18
N GLU PA 23 18.79 -11.22 29.80
CA GLU PA 23 18.20 -9.96 29.33
C GLU PA 23 17.50 -10.13 27.99
N GLU PA 24 18.09 -10.92 27.09
CA GLU PA 24 17.45 -11.20 25.79
C GLU PA 24 16.19 -12.04 25.95
N ALA PA 25 16.20 -12.99 26.91
CA ALA PA 25 15.01 -13.78 27.18
C ALA PA 25 13.90 -12.94 27.80
N ARG PA 26 14.26 -11.99 28.66
CA ARG PA 26 13.29 -11.04 29.20
C ARG PA 26 12.71 -10.15 28.12
N LYS PA 27 13.56 -9.73 27.16
CA LYS PA 27 13.08 -8.93 26.02
C LYS PA 27 12.13 -9.73 25.14
N ARG PA 28 12.41 -11.03 24.96
CA ARG PA 28 11.52 -11.88 24.17
C ARG PA 28 10.19 -12.12 24.88
N ALA PA 29 10.21 -12.25 26.21
CA ALA PA 29 8.97 -12.38 26.98
C ALA PA 29 8.13 -11.10 26.91
N LEU PA 30 8.79 -9.94 26.97
CA LEU PA 30 8.07 -8.67 26.84
C LEU PA 30 7.53 -8.48 25.41
N ASN PA 31 8.25 -8.99 24.41
CA ASN PA 31 7.74 -8.98 23.04
C ASN PA 31 6.51 -9.88 22.89
N LEU PA 32 6.52 -11.03 23.59
CA LEU PA 32 5.32 -11.87 23.65
C LEU PA 32 4.14 -11.14 24.28
N TYR PA 33 4.39 -10.41 25.37
CA TYR PA 33 3.31 -9.67 26.04
C TYR PA 33 2.75 -8.57 25.14
N LYS PA 34 3.62 -7.87 24.42
CA LYS PA 34 3.17 -6.83 23.49
C LYS PA 34 2.38 -7.42 22.32
N ALA PA 35 2.86 -8.52 21.74
CA ALA PA 35 2.16 -9.14 20.61
C ALA PA 35 0.84 -9.77 21.04
N TRP PA 36 0.78 -10.34 22.25
CA TRP PA 36 -0.49 -10.88 22.75
C TRP PA 36 -1.47 -9.77 23.08
N TYR PA 37 -0.97 -8.63 23.56
CA TYR PA 37 -1.83 -7.47 23.80
C TYR PA 37 -2.44 -6.96 22.50
N ARG PA 38 -1.64 -6.89 21.44
CA ARG PA 38 -2.18 -6.49 20.15
C ARG PA 38 -3.13 -7.54 19.56
N GLN PA 39 -2.89 -8.82 19.86
CA GLN PA 39 -3.70 -9.88 19.28
C GLN PA 39 -5.00 -10.13 20.03
N ILE PA 40 -5.11 -9.68 21.28
CA ILE PA 40 -6.35 -9.89 22.05
C ILE PA 40 -7.60 -9.21 21.46
N PRO PA 41 -7.59 -7.92 21.04
CA PRO PA 41 -8.83 -7.35 20.46
C PRO PA 41 -9.23 -7.97 19.12
N TYR PA 42 -8.30 -8.54 18.36
CA TYR PA 42 -8.68 -9.31 17.18
C TYR PA 42 -9.14 -10.71 17.53
N ILE PA 43 -8.72 -11.24 18.68
CA ILE PA 43 -9.23 -12.52 19.16
C ILE PA 43 -10.69 -12.37 19.60
N VAL PA 44 -11.00 -11.26 20.28
CA VAL PA 44 -12.32 -11.08 20.89
C VAL PA 44 -13.40 -10.90 19.82
N MET PA 45 -13.13 -10.06 18.82
CA MET PA 45 -14.15 -9.75 17.82
C MET PA 45 -14.37 -10.85 16.80
N ASP PA 46 -13.49 -11.83 16.73
CA ASP PA 46 -13.53 -12.82 15.65
C ASP PA 46 -13.91 -14.21 16.12
N TYR PA 47 -13.49 -14.62 17.31
CA TYR PA 47 -13.59 -16.02 17.69
C TYR PA 47 -14.96 -16.43 18.22
N ASP PA 48 -15.85 -15.46 18.48
CA ASP PA 48 -17.18 -15.68 19.07
C ASP PA 48 -17.05 -16.39 20.43
N ILE PA 49 -16.44 -15.68 21.37
CA ILE PA 49 -16.23 -16.20 22.73
C ILE PA 49 -16.93 -15.26 23.71
N PRO PA 50 -17.43 -15.76 24.85
CA PRO PA 50 -18.12 -14.86 25.79
C PRO PA 50 -17.20 -14.17 26.78
N MET PA 51 -16.06 -13.64 26.32
CA MET PA 51 -15.09 -13.02 27.20
C MET PA 51 -14.83 -11.59 26.73
N THR PA 52 -14.92 -10.66 27.67
CA THR PA 52 -14.63 -9.25 27.43
C THR PA 52 -13.12 -9.10 27.24
N VAL PA 53 -12.73 -8.03 26.53
CA VAL PA 53 -11.32 -7.74 26.24
C VAL PA 53 -10.50 -7.57 27.52
N GLU PA 54 -11.09 -6.92 28.54
CA GLU PA 54 -10.39 -6.74 29.81
C GLU PA 54 -10.22 -8.06 30.55
N GLN PA 55 -11.21 -8.96 30.46
CA GLN PA 55 -11.06 -10.30 31.03
C GLN PA 55 -9.99 -11.10 30.30
N CYS PA 56 -9.89 -10.91 28.98
CA CYS PA 56 -8.85 -11.57 28.20
C CYS PA 56 -7.46 -11.07 28.59
N ARG PA 57 -7.31 -9.76 28.81
CA ARG PA 57 -6.03 -9.21 29.24
C ARG PA 57 -5.68 -9.63 30.66
N ASP PA 58 -6.68 -9.76 31.54
CA ASP PA 58 -6.45 -10.27 32.89
C ASP PA 58 -6.01 -11.73 32.86
N LYS PA 59 -6.60 -12.53 31.97
CA LYS PA 59 -6.18 -13.92 31.83
C LYS PA 59 -4.76 -14.02 31.26
N LEU PA 60 -4.41 -13.13 30.32
CA LEU PA 60 -3.04 -13.09 29.80
C LEU PA 60 -2.04 -12.72 30.89
N ARG PA 61 -2.42 -11.77 31.75
CA ARG PA 61 -1.57 -11.40 32.89
C ARG PA 61 -1.41 -12.57 33.87
N GLU PA 62 -2.48 -13.33 34.11
CA GLU PA 62 -2.40 -14.49 35.01
C GLU PA 62 -1.54 -15.61 34.41
N GLU PA 63 -1.62 -15.81 33.08
CA GLU PA 63 -0.77 -16.79 32.40
C GLU PA 63 0.70 -16.40 32.47
N PHE PA 64 1.01 -15.09 32.44
CA PHE PA 64 2.40 -14.70 32.62
C PHE PA 64 2.83 -14.79 34.08
N VAL PA 65 1.91 -14.53 35.01
CA VAL PA 65 2.21 -14.53 36.44
C VAL PA 65 2.54 -15.94 36.94
N LYS PA 66 1.84 -16.95 36.42
CA LYS PA 66 2.12 -18.30 36.89
C LYS PA 66 3.41 -18.86 36.28
N HIS PA 67 3.98 -18.17 35.28
CA HIS PA 67 5.32 -18.48 34.80
C HIS PA 67 6.38 -17.44 35.14
N ARG PA 68 6.09 -16.49 36.05
CA ARG PA 68 7.15 -15.61 36.55
C ARG PA 68 8.18 -16.33 37.41
N ASN PA 69 7.83 -17.51 37.95
CA ASN PA 69 8.67 -18.10 39.00
C ASN PA 69 9.91 -18.79 38.45
N VAL PA 70 9.92 -19.11 37.15
CA VAL PA 70 11.05 -19.83 36.57
C VAL PA 70 12.24 -18.89 36.39
N THR PA 71 13.45 -19.46 36.47
CA THR PA 71 14.69 -18.68 36.40
C THR PA 71 15.63 -19.12 35.28
N ASP PA 72 15.52 -20.36 34.80
CA ASP PA 72 16.46 -20.87 33.81
C ASP PA 72 16.10 -20.31 32.44
N ILE PA 73 17.15 -19.85 31.73
CA ILE PA 73 16.96 -19.15 30.46
C ILE PA 73 16.48 -20.09 29.35
N ARG PA 74 16.87 -21.37 29.39
CA ARG PA 74 16.38 -22.31 28.37
C ARG PA 74 14.91 -22.64 28.60
N VAL PA 75 14.48 -22.72 29.86
CA VAL PA 75 13.07 -22.91 30.19
C VAL PA 75 12.26 -21.69 29.77
N ILE PA 76 12.81 -20.49 30.01
CA ILE PA 76 12.15 -19.24 29.62
C ILE PA 76 12.02 -19.15 28.10
N ASP PA 77 13.07 -19.53 27.37
CA ASP PA 77 13.02 -19.46 25.91
C ASP PA 77 12.14 -20.55 25.30
N MET PA 78 12.03 -21.72 25.94
CA MET PA 78 11.05 -22.73 25.52
C MET PA 78 9.64 -22.22 25.72
N LEU PA 79 9.39 -21.52 26.83
CA LEU PA 79 8.09 -20.89 27.05
C LEU PA 79 7.82 -19.78 26.02
N VAL PA 80 8.86 -19.05 25.62
CA VAL PA 80 8.73 -18.02 24.58
C VAL PA 80 8.38 -18.66 23.23
N ILE PA 81 9.02 -19.79 22.91
CA ILE PA 81 8.73 -20.50 21.66
C ILE PA 81 7.31 -21.04 21.64
N LYS PA 82 6.85 -21.59 22.77
CA LYS PA 82 5.48 -22.10 22.84
C LYS PA 82 4.45 -20.98 22.81
N GLY PA 83 4.73 -19.85 23.46
CA GLY PA 83 3.83 -18.70 23.38
C GLY PA 83 3.78 -18.09 22.00
N GLN PA 84 4.90 -18.10 21.29
CA GLN PA 84 4.91 -17.67 19.89
C GLN PA 84 4.12 -18.61 19.00
N MET PA 85 4.14 -19.91 19.32
CA MET PA 85 3.29 -20.86 18.58
C MET PA 85 1.81 -20.61 18.81
N GLU PA 86 1.42 -20.31 20.06
CA GLU PA 86 0.01 -19.98 20.31
C GLU PA 86 -0.38 -18.64 19.68
N LEU PA 87 0.55 -17.69 19.63
CA LEU PA 87 0.31 -16.43 18.93
C LEU PA 87 0.11 -16.65 17.42
N LYS PA 88 0.95 -17.51 16.82
CA LYS PA 88 0.81 -17.82 15.40
C LYS PA 88 -0.45 -18.63 15.13
N GLU PA 89 -0.90 -19.43 16.09
CA GLU PA 89 -2.19 -20.09 15.98
C GLU PA 89 -3.36 -19.17 16.31
N SER PA 90 -3.11 -17.95 16.77
CA SER PA 90 -4.16 -16.97 16.97
C SER PA 90 -4.14 -15.80 15.99
N VAL PA 91 -3.06 -15.58 15.25
CA VAL PA 91 -3.06 -14.54 14.22
C VAL PA 91 -3.83 -15.06 13.02
N GLU PA 92 -3.34 -16.14 12.40
CA GLU PA 92 -4.22 -17.00 11.61
C GLU PA 92 -5.15 -17.70 12.59
N ILE PA 93 -6.39 -17.97 12.15
CA ILE PA 93 -7.41 -18.37 13.12
C ILE PA 93 -7.15 -19.78 13.64
N TRP PA 94 -6.84 -20.75 12.74
CA TRP PA 94 -6.18 -22.05 12.99
C TRP PA 94 -6.72 -22.86 14.19
N LYS PA 95 -7.95 -22.61 14.59
CA LYS PA 95 -8.46 -23.03 15.90
C LYS PA 95 -9.94 -22.73 15.91
N GLN PA 96 -10.61 -23.16 16.99
CA GLN PA 96 -12.02 -22.87 17.19
C GLN PA 96 -12.21 -22.14 18.50
N LYS PA 97 -13.48 -21.83 18.80
CA LYS PA 97 -13.79 -21.12 20.04
C LYS PA 97 -13.72 -22.04 21.25
N GLY PA 98 -13.77 -23.36 21.02
CA GLY PA 98 -13.68 -24.32 22.11
C GLY PA 98 -12.29 -24.40 22.71
N HIS PA 99 -11.27 -24.06 21.93
CA HIS PA 99 -9.90 -24.14 22.39
C HIS PA 99 -9.36 -22.83 22.94
N ILE PA 100 -9.95 -21.70 22.52
CA ILE PA 100 -9.55 -20.41 23.05
C ILE PA 100 -9.99 -20.28 24.51
N MET PA 101 -11.20 -20.75 24.83
CA MET PA 101 -11.74 -20.70 26.18
C MET PA 101 -11.09 -21.70 27.14
N ARG PA 102 -10.20 -22.56 26.65
CA ARG PA 102 -9.51 -23.54 27.48
C ARG PA 102 -8.59 -22.91 28.51
N TYR PA 103 -8.12 -21.67 28.25
CA TYR PA 103 -7.30 -20.98 29.23
C TYR PA 103 -8.10 -20.58 30.47
N TRP PA 104 -9.38 -20.26 30.29
CA TRP PA 104 -10.21 -19.84 31.40
C TRP PA 104 -10.73 -21.00 32.22
N LYS PA 105 -10.76 -22.21 31.65
CA LYS PA 105 -11.34 -23.42 32.23
C LYS PA 105 -12.79 -23.20 32.64
N GLU PA 106 -13.62 -22.89 31.64
CA GLU PA 106 -14.97 -22.43 31.89
C GLU PA 106 -15.95 -23.54 32.25
N SER PA 107 -15.57 -24.80 32.04
CA SER PA 107 -16.46 -25.92 32.33
C SER PA 107 -16.17 -26.61 33.65
N GLN PA 108 -14.95 -26.50 34.16
CA GLN PA 108 -14.58 -27.14 35.43
C GLN PA 108 -15.16 -26.35 36.59
N ASP PA 109 -16.00 -27.01 37.39
CA ASP PA 109 -16.47 -26.41 38.63
C ASP PA 109 -15.33 -26.34 39.64
N PRO PA 110 -15.16 -25.21 40.32
CA PRO PA 110 -14.06 -25.08 41.28
C PRO PA 110 -14.24 -25.96 42.51
N LYS PA 111 -13.11 -26.44 43.04
CA LYS PA 111 -13.09 -27.30 44.20
C LYS PA 111 -12.62 -26.53 45.43
N PRO PA 112 -13.17 -26.82 46.61
CA PRO PA 112 -12.74 -26.11 47.82
C PRO PA 112 -11.35 -26.55 48.27
N THR PA 113 -10.69 -25.67 49.03
CA THR PA 113 -9.35 -25.90 49.50
C THR PA 113 -9.26 -26.19 51.00
N ASP PA 114 -10.30 -25.87 51.77
CA ASP PA 114 -10.29 -26.18 53.20
C ASP PA 114 -10.42 -27.67 53.43
N PHE PA 115 -9.83 -28.14 54.53
CA PHE PA 115 -9.75 -29.58 54.78
C PHE PA 115 -11.10 -30.18 55.17
N LEU PA 116 -11.99 -29.39 55.76
CA LEU PA 116 -13.30 -29.92 56.17
C LEU PA 116 -14.17 -30.20 54.94
N SER PA 117 -14.18 -29.29 53.97
CA SER PA 117 -14.98 -29.51 52.76
C SER PA 117 -14.38 -30.61 51.90
N LYS PA 118 -13.04 -30.71 51.86
CA LYS PA 118 -12.39 -31.81 51.16
C LYS PA 118 -12.64 -33.14 51.87
N PHE PA 119 -12.78 -33.13 53.19
CA PHE PA 119 -13.13 -34.35 53.93
C PHE PA 119 -14.56 -34.76 53.67
N ILE PA 120 -15.47 -33.78 53.58
CA ILE PA 120 -16.88 -34.08 53.34
C ILE PA 120 -17.10 -34.59 51.92
N GLN PA 121 -16.46 -33.95 50.94
CA GLN PA 121 -16.78 -34.23 49.54
C GLN PA 121 -16.20 -35.56 49.07
N GLY PA 122 -14.89 -35.71 49.08
CA GLY PA 122 -14.29 -36.94 48.59
C GLY PA 122 -12.78 -36.94 48.76
N VAL PA 123 -12.21 -38.15 48.69
CA VAL PA 123 -10.79 -38.37 48.91
C VAL PA 123 -10.06 -38.01 47.62
N ASN PA 124 -9.56 -36.78 47.55
CA ASN PA 124 -8.75 -36.33 46.41
C ASN PA 124 -7.73 -35.25 46.79
N PRO QA 68 -1.30 18.40 12.82
CA PRO QA 68 -1.51 19.55 13.69
C PRO QA 68 -0.19 20.14 14.16
N PRO QA 69 -0.25 21.14 15.03
CA PRO QA 69 0.93 21.80 15.58
C PRO QA 69 1.17 21.27 16.98
N LEU QA 70 2.13 20.36 17.11
CA LEU QA 70 2.44 19.76 18.40
C LEU QA 70 3.25 20.74 19.26
N SER QA 71 3.23 20.48 20.57
CA SER QA 71 3.97 21.30 21.51
C SER QA 71 4.33 20.46 22.73
N LEU QA 72 5.30 20.96 23.50
CA LEU QA 72 5.79 20.24 24.67
C LEU QA 72 4.77 20.25 25.81
N LYS QA 73 4.01 21.33 25.97
CA LYS QA 73 2.97 21.37 27.00
C LYS QA 73 1.81 20.45 26.68
N LEU QA 74 1.45 20.34 25.38
CA LEU QA 74 0.37 19.46 24.97
C LEU QA 74 0.74 17.99 25.17
N ILE QA 75 1.98 17.61 24.87
CA ILE QA 75 2.37 16.22 25.08
C ILE QA 75 2.57 15.93 26.57
N ASN QA 76 2.93 16.95 27.37
CA ASN QA 76 2.91 16.78 28.83
C ASN QA 76 1.49 16.52 29.34
N GLU QA 77 0.51 17.26 28.81
CA GLU QA 77 -0.88 17.07 29.24
C GLU QA 77 -1.41 15.71 28.80
N ARG QA 78 -1.05 15.26 27.59
CA ARG QA 78 -1.49 13.95 27.11
C ARG QA 78 -0.86 12.81 27.90
N VAL QA 79 0.47 12.90 28.15
CA VAL QA 79 1.18 11.87 28.91
C VAL QA 79 0.67 11.82 30.36
N LEU QA 80 0.44 12.99 30.97
CA LEU QA 80 -0.08 13.04 32.32
C LEU QA 80 -1.52 12.53 32.41
N LEU QA 81 -2.34 12.80 31.38
CA LEU QA 81 -3.71 12.29 31.36
C LEU QA 81 -3.74 10.78 31.23
N VAL QA 82 -2.92 10.20 30.35
CA VAL QA 82 -2.87 8.76 30.19
C VAL QA 82 -2.27 8.09 31.44
N LEU QA 83 -1.27 8.74 32.05
CA LEU QA 83 -0.65 8.20 33.25
C LEU QA 83 -1.60 8.25 34.45
N LYS QA 84 -2.45 9.29 34.52
CA LYS QA 84 -3.47 9.37 35.55
C LYS QA 84 -4.66 8.47 35.26
N LEU QA 85 -4.86 8.06 34.01
CA LEU QA 85 -5.98 7.21 33.63
C LEU QA 85 -5.66 5.72 33.73
N TYR QA 86 -4.76 5.33 34.62
CA TYR QA 86 -4.41 3.94 34.84
C TYR QA 86 -4.94 3.49 36.20
N ASP QA 87 -5.31 2.20 36.28
CA ASP QA 87 -5.93 1.68 37.49
C ASP QA 87 -4.91 1.49 38.60
N LYS QA 88 -3.71 1.01 38.27
CA LYS QA 88 -2.72 0.69 39.28
C LYS QA 88 -1.92 1.91 39.73
N ILE QA 89 -2.13 3.08 39.13
CA ILE QA 89 -1.40 4.29 39.48
C ILE QA 89 -2.32 5.18 40.30
N ASP QA 90 -1.81 5.64 41.44
CA ASP QA 90 -2.56 6.54 42.30
C ASP QA 90 -2.69 7.93 41.64
N PRO QA 91 -3.79 8.64 41.88
CA PRO QA 91 -3.92 10.01 41.35
C PRO QA 91 -2.98 11.02 41.96
N SER QA 92 -2.37 10.72 43.11
CA SER QA 92 -1.33 11.56 43.69
C SER QA 92 0.04 11.00 43.31
N LYS QA 93 1.09 11.73 43.71
CA LYS QA 93 2.51 11.39 43.51
C LYS QA 93 2.85 11.24 42.02
N LEU QA 94 2.64 12.31 41.26
CA LEU QA 94 3.02 12.36 39.85
C LEU QA 94 4.21 13.29 39.66
N ASN QA 95 5.19 12.84 38.90
CA ASN QA 95 6.37 13.64 38.58
C ASN QA 95 6.89 13.20 37.22
N VAL QA 96 7.44 14.16 36.47
CA VAL QA 96 8.01 13.85 35.17
C VAL QA 96 9.37 13.17 35.29
N GLU QA 97 10.02 13.26 36.45
CA GLU QA 97 11.30 12.60 36.70
C GLU QA 97 11.13 11.35 37.55
N SER QA 98 9.90 10.86 37.71
CA SER QA 98 9.60 9.75 38.60
C SER QA 98 10.05 8.41 38.00
N HIS QA 99 9.97 7.37 38.82
CA HIS QA 99 10.35 6.02 38.43
C HIS QA 99 9.15 5.10 38.56
N PHE QA 100 9.01 4.16 37.61
CA PHE QA 100 7.84 3.29 37.60
C PHE QA 100 8.03 2.07 38.48
N ILE QA 101 9.27 1.59 38.63
CA ILE QA 101 9.51 0.29 39.26
C ILE QA 101 9.43 0.40 40.77
N ASN QA 102 10.27 1.24 41.37
CA ASN QA 102 10.37 1.33 42.83
C ASN QA 102 9.64 2.51 43.44
N ASP QA 103 9.62 3.66 42.76
CA ASP QA 103 8.92 4.82 43.30
C ASP QA 103 7.41 4.60 43.18
N LEU QA 104 6.96 4.12 42.02
CA LEU QA 104 5.56 3.76 41.83
C LEU QA 104 5.39 2.25 42.02
N GLY QA 105 4.14 1.83 42.12
CA GLY QA 105 3.82 0.45 42.38
C GLY QA 105 3.80 -0.46 41.17
N LEU QA 106 4.13 0.07 39.98
CA LEU QA 106 4.06 -0.73 38.77
C LEU QA 106 5.24 -1.70 38.70
N ASP QA 107 4.97 -2.90 38.20
CA ASP QA 107 5.99 -3.92 38.05
C ASP QA 107 6.62 -3.83 36.65
N SER QA 108 7.37 -4.86 36.26
CA SER QA 108 8.01 -4.89 34.95
C SER QA 108 7.02 -5.09 33.81
N LEU QA 109 5.84 -5.64 34.10
CA LEU QA 109 4.84 -5.83 33.06
C LEU QA 109 4.04 -4.55 32.81
N ASP QA 110 3.74 -3.80 33.87
CA ASP QA 110 2.90 -2.63 33.74
C ASP QA 110 3.65 -1.44 33.13
N HIS QA 111 4.98 -1.41 33.28
CA HIS QA 111 5.79 -0.39 32.62
C HIS QA 111 5.72 -0.54 31.11
N VAL QA 112 5.74 -1.79 30.62
CA VAL QA 112 5.55 -2.08 29.21
C VAL QA 112 4.17 -1.63 28.75
N GLU QA 113 3.16 -1.84 29.60
CA GLU QA 113 1.79 -1.42 29.29
C GLU QA 113 1.68 0.10 29.21
N VAL QA 114 2.42 0.81 30.05
CA VAL QA 114 2.46 2.28 29.99
C VAL QA 114 3.15 2.74 28.70
N ILE QA 115 4.26 2.08 28.32
CA ILE QA 115 5.02 2.41 27.12
C ILE QA 115 4.16 2.23 25.86
N MET QA 116 3.45 1.12 25.79
CA MET QA 116 2.60 0.81 24.65
C MET QA 116 1.21 1.43 24.73
N ALA QA 117 0.80 1.97 25.88
CA ALA QA 117 -0.32 2.91 25.89
C ALA QA 117 0.09 4.26 25.30
N MET QA 118 1.34 4.69 25.56
CA MET QA 118 1.86 5.86 24.87
C MET QA 118 2.00 5.62 23.37
N GLU QA 119 2.34 4.39 22.98
CA GLU QA 119 2.30 4.00 21.56
C GLU QA 119 0.89 4.12 21.00
N ASP QA 120 -0.12 3.68 21.76
CA ASP QA 120 -1.51 3.75 21.30
C ASP QA 120 -1.99 5.19 21.15
N GLU QA 121 -1.65 6.06 22.10
CA GLU QA 121 -2.16 7.43 22.01
C GLU QA 121 -1.35 8.26 21.01
N PHE QA 122 -0.07 7.93 20.81
CA PHE QA 122 0.77 8.75 19.94
C PHE QA 122 0.93 8.17 18.54
N GLY QA 123 0.65 6.89 18.33
CA GLY QA 123 0.57 6.33 17.00
C GLY QA 123 1.82 5.69 16.45
N PHE QA 124 2.97 5.84 17.11
CA PHE QA 124 4.20 5.21 16.66
C PHE QA 124 4.57 4.07 17.59
N GLU QA 125 5.19 3.03 17.02
CA GLU QA 125 5.61 1.88 17.80
C GLU QA 125 6.97 2.15 18.44
N ILE QA 126 7.05 1.98 19.75
CA ILE QA 126 8.29 2.14 20.49
C ILE QA 126 9.02 0.80 20.50
N PRO QA 127 10.27 0.72 20.03
CA PRO QA 127 10.97 -0.57 20.00
C PRO QA 127 11.43 -1.04 21.37
N ASP QA 128 12.02 -2.23 21.43
CA ASP QA 128 12.40 -2.83 22.71
C ASP QA 128 13.58 -2.10 23.34
N SER QA 129 14.52 -1.62 22.53
CA SER QA 129 15.62 -0.81 23.03
C SER QA 129 15.12 0.51 23.60
N ASP QA 130 14.14 1.12 22.95
CA ASP QA 130 13.49 2.28 23.53
C ASP QA 130 12.52 1.91 24.64
N ALA QA 131 12.03 0.67 24.68
CA ALA QA 131 11.21 0.24 25.80
C ALA QA 131 12.02 0.14 27.08
N GLU QA 132 13.25 -0.36 26.99
CA GLU QA 132 14.14 -0.36 28.14
C GLU QA 132 14.88 0.95 28.31
N LYS QA 133 14.84 1.85 27.32
CA LYS QA 133 15.49 3.15 27.44
C LYS QA 133 14.57 4.20 28.07
N LEU QA 134 13.33 4.31 27.57
CA LEU QA 134 12.35 5.24 28.14
C LEU QA 134 11.84 4.72 29.49
N LEU QA 135 12.54 5.09 30.56
CA LEU QA 135 12.22 4.63 31.91
C LEU QA 135 11.47 5.68 32.73
N LYS QA 136 11.81 6.95 32.58
CA LYS QA 136 11.15 8.04 33.28
C LYS QA 136 10.20 8.78 32.34
N PRO QA 137 9.19 9.48 32.89
CA PRO QA 137 8.33 10.32 32.02
C PRO QA 137 9.05 11.47 31.33
N ALA QA 138 10.19 11.92 31.86
CA ALA QA 138 11.04 12.86 31.13
C ALA QA 138 11.57 12.23 29.85
N ASP QA 139 11.94 10.95 29.89
CA ASP QA 139 12.37 10.25 28.68
C ASP QA 139 11.20 10.04 27.73
N ILE QA 140 9.98 9.87 28.28
CA ILE QA 140 8.77 9.76 27.46
C ILE QA 140 8.54 11.04 26.68
N ILE QA 141 8.54 12.19 27.36
CA ILE QA 141 8.27 13.45 26.67
C ILE QA 141 9.45 13.88 25.81
N LYS QA 142 10.66 13.42 26.12
CA LYS QA 142 11.81 13.72 25.25
C LYS QA 142 11.74 12.91 23.96
N TYR QA 143 11.36 11.63 24.05
CA TYR QA 143 11.29 10.80 22.85
C TYR QA 143 10.08 11.15 21.99
N VAL QA 144 8.98 11.60 22.60
CA VAL QA 144 7.89 12.16 21.81
C VAL QA 144 8.32 13.49 21.18
N ALA QA 145 9.10 14.29 21.92
CA ALA QA 145 9.60 15.55 21.37
C ALA QA 145 10.65 15.33 20.28
N ASP QA 146 11.43 14.26 20.38
CA ASP QA 146 12.48 14.02 19.40
C ASP QA 146 11.97 13.38 18.11
N LYS QA 147 10.83 12.68 18.17
CA LYS QA 147 10.41 11.89 17.02
C LYS QA 147 9.79 12.75 15.92
N GLU QA 148 8.85 13.63 16.28
CA GLU QA 148 8.29 14.56 15.31
C GLU QA 148 9.09 15.85 15.20
N ASP QA 149 10.14 16.01 16.01
CA ASP QA 149 11.09 17.13 15.98
C ASP QA 149 10.38 18.48 16.19
N VAL QA 150 9.71 18.60 17.33
CA VAL QA 150 9.00 19.83 17.67
C VAL QA 150 10.00 20.94 18.02
N TYR QA 151 11.12 20.61 18.64
CA TYR QA 151 12.12 21.60 19.02
C TYR QA 151 13.49 21.27 18.42
#